data_9CCA
#
_entry.id   9CCA
#
_cell.length_a   1.00
_cell.length_b   1.00
_cell.length_c   1.00
_cell.angle_alpha   90.00
_cell.angle_beta   90.00
_cell.angle_gamma   90.00
#
_symmetry.space_group_name_H-M   'P 1'
#
loop_
_entity.id
_entity.type
_entity.pdbx_description
1 polymer "Circumsporozoite protein,Pyridoxal 5'-phosphate synthase subunit Pdx1"
2 polymer "Circumsporozoite protein,Pyridoxal 5'-phosphate synthase subunit PDX2"
#
loop_
_entity_poly.entity_id
_entity_poly.type
_entity_poly.pdbx_seq_one_letter_code
_entity_poly.pdbx_strand_id
1 'polypeptide(L)'
;MTGNPDPNANPNVDPNANPNANPNANPNANPNANPNAEPSDKHIKEYLNKIQNSLSTEWSPCSVTCGNGIQVRIKPGSAN
KPKDELDYANDIEKKICKMEKCSSVFNVVNSGGSGTENHKDDAVLLKHGWCEMLKGGVIMDVKSVEQAKIAEEAGAIGVM
VLENIPSELRNKEGVARSVDPSKVEEIKKCVSINVLARVRIGHFVEAQILEELKIDMIDESEVLTIADEMHHIDKHKFKT
PFVCGCTNLGEALRRISEGASMIRTKGEAGTGNIIEAIKHIRTVNNEICYLCCLSDSEVYHFAKKINAPIDLVLLTKKLK
RLPVVNFAAGGVATPADAAMCMQLGMDGVFVGSGIFESENPRKMAASIVSAVSNFNNPKILLDVSMNLGKAMCGSTRVSD
KWKNKNEEHTKFLTPQTGNPDPNANPNVDPNANPNANPNANPNANPNANPNAEPSDKHIKEYLNKIQNSLSTEWSPCSVT
CGNGIQVRIKPGSANKPKDELDYANDIEKKICKMEKCSSVFNVVNSGGSLEHHHHHH
;
A,B,C,D,E,F,M,N,O,P,Q,R
2 'polypeptide(L)'
;MTGNPDPNANPNVDPNANPNANPNANPNANPNANPNAEPSDKHIKEYLNKIQNSLSTEWSPCSVTCGNGIQVRIKPGSAN
KPKDELDYANDIEKKICKMEKCSSVFNVVNSGGSGTEITIGVLSLQGDFEPHINHFIKLQIPSLNIIQVRNVHDLGLCDG
LVIPGGESTTVRRCCAYEQDTLYNALVHFIHVLKKPIWGTCAGCILLSKNVENIKLYSNFGNKFSFGGLDITICRNFYGS
QQDSFICSLNIISDSSAFKKDLTAACIRAPYIREILSDEVKVLATFSHESYGPNIIAAVEQNNCLGTVFNPELLPHTAFQ
QYFYEKVKNYKYSTGNPDPNANPNVDPNANPNANPNANPNANPNANPNAEPSDKHIKEYLNKIQNSLSTEWSPCSVTCGN
GIQVRIKPGSANKPKDELDYANDIEKKICKMEKCSSVFNVVNSGGSLEHHHHHH
;
G,H,I,J,K,L,S,T,U,V,W,X
#
# COMPACT_ATOMS: atom_id res chain seq x y z
N VAL A 124 -50.75 10.95 -19.60
CA VAL A 124 -49.46 10.70 -20.25
C VAL A 124 -49.68 10.03 -21.60
N LEU A 125 -50.83 9.37 -21.77
CA LEU A 125 -51.12 8.69 -23.03
C LEU A 125 -51.17 9.68 -24.19
N LEU A 126 -51.73 10.87 -23.95
CA LEU A 126 -51.77 11.88 -24.99
C LEU A 126 -50.36 12.31 -25.38
N LYS A 127 -49.48 12.44 -24.38
CA LYS A 127 -48.08 12.80 -24.68
C LYS A 127 -47.41 11.72 -25.51
N HIS A 128 -47.66 10.45 -25.19
CA HIS A 128 -47.09 9.36 -25.98
C HIS A 128 -47.60 9.39 -27.41
N GLY A 129 -48.89 9.67 -27.59
CA GLY A 129 -49.44 9.73 -28.93
C GLY A 129 -48.78 10.80 -29.78
N TRP A 130 -48.56 11.97 -29.21
CA TRP A 130 -47.89 13.04 -29.96
C TRP A 130 -46.46 12.65 -30.31
N CYS A 131 -45.72 12.10 -29.34
CA CYS A 131 -44.37 11.65 -29.63
C CYS A 131 -44.36 10.55 -30.66
N GLU A 132 -45.41 9.71 -30.69
CA GLU A 132 -45.50 8.64 -31.67
C GLU A 132 -45.52 9.18 -33.09
N MET A 133 -45.85 10.45 -33.28
CA MET A 133 -45.78 11.09 -34.58
C MET A 133 -44.40 11.67 -34.86
N LEU A 134 -43.48 11.63 -33.89
CA LEU A 134 -42.14 12.17 -34.05
C LEU A 134 -41.15 11.14 -34.57
N LYS A 135 -41.59 9.92 -34.85
CA LYS A 135 -40.67 8.87 -35.28
C LYS A 135 -40.09 9.20 -36.66
N GLY A 136 -38.84 8.81 -36.86
CA GLY A 136 -38.20 8.98 -38.15
C GLY A 136 -37.84 10.40 -38.52
N GLY A 137 -37.72 11.30 -37.55
CA GLY A 137 -37.43 12.69 -37.79
C GLY A 137 -36.07 13.12 -37.25
N VAL A 138 -35.73 14.36 -37.57
CA VAL A 138 -34.46 14.97 -37.19
C VAL A 138 -34.76 16.26 -36.44
N ILE A 139 -34.14 16.42 -35.28
CA ILE A 139 -34.29 17.62 -34.44
C ILE A 139 -32.95 18.33 -34.40
N MET A 140 -32.90 19.53 -34.99
CA MET A 140 -31.65 20.29 -35.10
C MET A 140 -31.61 21.36 -34.02
N ASP A 141 -30.49 21.40 -33.29
CA ASP A 141 -30.32 22.36 -32.20
C ASP A 141 -29.92 23.71 -32.79
N VAL A 142 -30.91 24.57 -32.98
CA VAL A 142 -30.69 25.87 -33.61
C VAL A 142 -30.42 26.92 -32.54
N LYS A 143 -29.86 28.05 -32.97
CA LYS A 143 -29.45 29.11 -32.09
C LYS A 143 -30.14 30.44 -32.35
N SER A 144 -30.89 30.57 -33.44
CA SER A 144 -31.48 31.84 -33.82
C SER A 144 -32.66 31.57 -34.74
N VAL A 145 -33.15 32.61 -35.39
CA VAL A 145 -34.30 32.48 -36.27
C VAL A 145 -33.89 32.05 -37.67
N GLU A 146 -32.77 32.58 -38.17
CA GLU A 146 -32.31 32.13 -39.49
C GLU A 146 -31.93 30.66 -39.47
N GLN A 147 -31.27 30.20 -38.40
CA GLN A 147 -30.97 28.78 -38.30
C GLN A 147 -32.24 27.97 -38.18
N ALA A 148 -33.22 28.46 -37.42
CA ALA A 148 -34.48 27.73 -37.27
C ALA A 148 -35.23 27.67 -38.60
N LYS A 149 -35.14 28.73 -39.40
CA LYS A 149 -35.76 28.70 -40.72
C LYS A 149 -35.05 27.73 -41.65
N ILE A 150 -33.73 27.65 -41.57
CA ILE A 150 -32.99 26.68 -42.36
C ILE A 150 -33.42 25.26 -41.99
N ALA A 151 -33.48 24.98 -40.70
CA ALA A 151 -33.83 23.64 -40.25
C ALA A 151 -35.27 23.27 -40.61
N GLU A 152 -36.15 24.27 -40.69
CA GLU A 152 -37.52 23.98 -41.10
C GLU A 152 -37.58 23.63 -42.59
N GLU A 153 -36.92 24.43 -43.43
CA GLU A 153 -36.93 24.14 -44.86
C GLU A 153 -36.14 22.87 -45.17
N ALA A 154 -35.14 22.55 -44.35
CA ALA A 154 -34.37 21.33 -44.54
C ALA A 154 -35.17 20.08 -44.22
N GLY A 155 -36.36 20.22 -43.64
CA GLY A 155 -37.22 19.09 -43.37
C GLY A 155 -37.19 18.56 -41.95
N ALA A 156 -36.60 19.30 -41.01
CA ALA A 156 -36.59 18.85 -39.63
C ALA A 156 -38.01 18.82 -39.08
N ILE A 157 -38.23 17.94 -38.10
CA ILE A 157 -39.52 17.92 -37.42
C ILE A 157 -39.57 18.87 -36.24
N GLY A 158 -38.42 19.22 -35.67
CA GLY A 158 -38.39 20.15 -34.54
C GLY A 158 -37.03 20.79 -34.43
N VAL A 159 -37.01 21.92 -33.73
CA VAL A 159 -35.80 22.70 -33.53
C VAL A 159 -35.62 22.91 -32.04
N MET A 160 -34.42 22.62 -31.54
CA MET A 160 -34.11 22.83 -30.13
C MET A 160 -33.42 24.17 -29.98
N VAL A 161 -34.05 25.09 -29.25
CA VAL A 161 -33.53 26.43 -29.12
C VAL A 161 -32.37 26.45 -28.14
N LEU A 162 -31.28 27.09 -28.52
CA LEU A 162 -30.04 27.10 -27.75
C LEU A 162 -29.67 28.53 -27.36
N GLU A 163 -28.72 28.62 -26.43
CA GLU A 163 -28.17 29.92 -26.03
C GLU A 163 -27.12 30.33 -27.04
N ASN A 164 -27.33 31.49 -27.67
CA ASN A 164 -26.42 32.01 -28.69
C ASN A 164 -25.22 32.65 -28.01
N ILE A 165 -24.24 31.84 -27.64
CA ILE A 165 -23.01 32.34 -27.03
C ILE A 165 -22.09 32.89 -28.11
N GLY A 174 -19.28 30.67 -15.55
CA GLY A 174 -19.28 29.62 -16.55
C GLY A 174 -20.37 28.60 -16.31
N VAL A 175 -21.55 29.08 -15.91
CA VAL A 175 -22.70 28.23 -15.66
C VAL A 175 -23.69 28.42 -16.79
N ALA A 176 -24.11 27.33 -17.40
CA ALA A 176 -25.06 27.36 -18.51
C ALA A 176 -26.48 27.18 -17.95
N ARG A 177 -27.31 28.20 -18.12
CA ARG A 177 -28.68 28.20 -17.65
C ARG A 177 -29.62 28.03 -18.83
N SER A 178 -30.91 27.90 -18.53
CA SER A 178 -31.91 27.81 -19.57
C SER A 178 -31.95 29.11 -20.37
N VAL A 179 -32.15 28.97 -21.69
CA VAL A 179 -32.19 30.13 -22.56
C VAL A 179 -33.31 31.06 -22.14
N ASP A 180 -33.15 32.34 -22.48
CA ASP A 180 -34.14 33.34 -22.11
C ASP A 180 -35.46 33.04 -22.81
N PRO A 181 -36.58 32.99 -22.09
CA PRO A 181 -37.85 32.63 -22.74
C PRO A 181 -38.27 33.58 -23.85
N SER A 182 -37.73 34.79 -23.91
CA SER A 182 -38.06 35.68 -25.02
C SER A 182 -37.45 35.18 -26.32
N LYS A 183 -36.31 34.50 -26.24
CA LYS A 183 -35.73 33.90 -27.44
C LYS A 183 -36.57 32.71 -27.91
N VAL A 184 -36.94 31.83 -26.98
CA VAL A 184 -37.76 30.67 -27.34
C VAL A 184 -39.09 31.11 -27.92
N GLU A 185 -39.65 32.19 -27.39
CA GLU A 185 -40.93 32.68 -27.90
C GLU A 185 -40.78 33.30 -29.29
N GLU A 186 -39.62 33.88 -29.58
CA GLU A 186 -39.38 34.43 -30.90
C GLU A 186 -39.37 33.35 -31.96
N ILE A 187 -38.59 32.28 -31.72
CA ILE A 187 -38.51 31.19 -32.69
C ILE A 187 -39.86 30.50 -32.84
N LYS A 188 -40.55 30.29 -31.72
CA LYS A 188 -41.82 29.57 -31.76
C LYS A 188 -42.79 30.20 -32.74
N LYS A 189 -42.71 31.52 -32.92
CA LYS A 189 -43.60 32.23 -33.82
C LYS A 189 -43.07 32.35 -35.23
N CYS A 190 -41.83 31.94 -35.49
CA CYS A 190 -41.22 32.03 -36.80
C CYS A 190 -41.04 30.67 -37.47
N VAL A 191 -41.46 29.58 -36.84
CA VAL A 191 -41.37 28.25 -37.41
C VAL A 191 -42.65 27.49 -37.10
N SER A 192 -43.14 26.72 -38.06
CA SER A 192 -44.37 25.96 -37.91
C SER A 192 -44.12 24.55 -37.40
N ILE A 193 -42.89 24.22 -37.03
CA ILE A 193 -42.53 22.90 -36.54
C ILE A 193 -42.36 22.96 -35.03
N ASN A 194 -42.20 21.80 -34.42
CA ASN A 194 -42.06 21.73 -32.97
C ASN A 194 -40.87 22.56 -32.52
N VAL A 195 -41.00 23.16 -31.33
CA VAL A 195 -39.93 23.92 -30.69
C VAL A 195 -39.66 23.28 -29.34
N LEU A 196 -38.40 22.96 -29.07
CA LEU A 196 -37.98 22.39 -27.81
C LEU A 196 -37.13 23.40 -27.06
N ALA A 197 -36.93 23.13 -25.77
CA ALA A 197 -36.10 23.99 -24.95
C ALA A 197 -35.45 23.16 -23.85
N ARG A 198 -34.39 23.72 -23.30
CA ARG A 198 -33.51 23.01 -22.38
C ARG A 198 -33.68 23.59 -20.98
N VAL A 199 -33.80 22.70 -19.99
CA VAL A 199 -33.86 23.11 -18.59
C VAL A 199 -32.88 22.25 -17.81
N ARG A 200 -32.21 22.87 -16.86
CA ARG A 200 -31.20 22.16 -16.09
C ARG A 200 -31.83 21.00 -15.35
N ILE A 201 -31.01 20.01 -15.03
CA ILE A 201 -31.50 18.79 -14.38
C ILE A 201 -31.97 19.16 -12.97
N GLY A 202 -33.27 19.08 -12.75
CA GLY A 202 -33.85 19.31 -11.45
C GLY A 202 -34.49 20.66 -11.26
N HIS A 203 -34.18 21.63 -12.13
CA HIS A 203 -34.74 22.96 -12.00
C HIS A 203 -36.20 22.93 -12.42
N PHE A 204 -37.09 22.77 -11.45
CA PHE A 204 -38.50 22.62 -11.73
C PHE A 204 -39.23 23.94 -11.87
N VAL A 205 -38.52 25.06 -11.78
CA VAL A 205 -39.11 26.36 -12.00
C VAL A 205 -38.76 26.93 -13.37
N GLU A 206 -37.65 26.53 -13.97
CA GLU A 206 -37.44 26.80 -15.38
C GLU A 206 -38.48 26.07 -16.22
N ALA A 207 -38.79 24.83 -15.88
CA ALA A 207 -39.83 24.08 -16.58
C ALA A 207 -41.17 24.77 -16.45
N GLN A 208 -41.49 25.26 -15.25
CA GLN A 208 -42.76 25.94 -15.05
C GLN A 208 -42.86 27.19 -15.90
N ILE A 209 -41.72 27.86 -16.13
CA ILE A 209 -41.72 29.04 -17.00
C ILE A 209 -42.00 28.62 -18.44
N LEU A 210 -41.32 27.58 -18.91
CA LEU A 210 -41.48 27.13 -20.29
C LEU A 210 -42.88 26.59 -20.53
N GLU A 211 -43.41 25.81 -19.58
CA GLU A 211 -44.77 25.29 -19.75
C GLU A 211 -45.77 26.42 -19.88
N GLU A 212 -45.58 27.51 -19.14
CA GLU A 212 -46.42 28.68 -19.31
C GLU A 212 -46.23 29.30 -20.70
N LEU A 213 -45.12 29.01 -21.36
CA LEU A 213 -44.84 29.54 -22.68
C LEU A 213 -45.52 28.75 -23.79
N LYS A 214 -46.18 27.64 -23.47
CA LYS A 214 -46.86 26.80 -24.46
C LYS A 214 -45.85 26.28 -25.48
N ILE A 215 -44.70 25.84 -24.97
CA ILE A 215 -43.67 25.23 -25.80
C ILE A 215 -44.17 23.84 -26.19
N ASP A 216 -43.45 23.18 -27.11
CA ASP A 216 -43.92 21.89 -27.61
C ASP A 216 -43.32 20.70 -26.87
N MET A 217 -42.09 20.83 -26.35
CA MET A 217 -41.47 19.70 -25.68
C MET A 217 -40.22 20.15 -24.95
N ILE A 218 -40.11 19.85 -23.66
CA ILE A 218 -39.02 20.32 -22.83
C ILE A 218 -37.97 19.22 -22.73
N ASP A 219 -36.71 19.62 -22.55
CA ASP A 219 -35.61 18.68 -22.48
C ASP A 219 -34.81 18.94 -21.21
N GLU A 220 -34.83 17.98 -20.29
CA GLU A 220 -34.10 18.08 -19.03
C GLU A 220 -32.68 17.58 -19.28
N SER A 221 -31.77 18.50 -19.56
CA SER A 221 -30.52 18.18 -20.22
C SER A 221 -29.32 18.26 -19.29
N GLU A 222 -28.36 17.37 -19.55
CA GLU A 222 -27.10 17.33 -18.84
C GLU A 222 -26.03 18.20 -19.47
N VAL A 223 -26.27 18.74 -20.67
CA VAL A 223 -25.34 19.72 -21.23
C VAL A 223 -25.33 20.98 -20.38
N LEU A 224 -26.50 21.43 -19.95
CA LEU A 224 -26.58 22.55 -19.03
C LEU A 224 -26.12 22.12 -17.64
N THR A 225 -25.71 23.10 -16.84
CA THR A 225 -25.24 22.81 -15.50
C THR A 225 -26.36 22.20 -14.66
N ILE A 226 -25.98 21.29 -13.76
CA ILE A 226 -26.95 20.52 -12.99
C ILE A 226 -27.45 21.39 -11.84
N ALA A 227 -28.73 21.75 -11.87
CA ALA A 227 -29.29 22.56 -10.79
C ALA A 227 -29.49 21.72 -9.54
N ASP A 228 -29.99 20.50 -9.68
CA ASP A 228 -30.18 19.57 -8.56
C ASP A 228 -29.49 18.27 -8.93
N GLU A 229 -28.30 18.06 -8.39
CA GLU A 229 -27.53 16.87 -8.72
C GLU A 229 -28.18 15.59 -8.23
N MET A 230 -29.17 15.70 -7.36
CA MET A 230 -29.67 14.57 -6.60
C MET A 230 -31.07 14.14 -7.04
N HIS A 231 -31.82 15.02 -7.70
CA HIS A 231 -33.19 14.74 -8.10
C HIS A 231 -33.39 15.10 -9.57
N HIS A 232 -34.56 14.73 -10.09
CA HIS A 232 -34.99 15.07 -11.43
C HIS A 232 -36.41 15.62 -11.35
N ILE A 233 -36.71 16.61 -12.19
CA ILE A 233 -38.01 17.26 -12.19
C ILE A 233 -39.09 16.19 -12.10
N ASP A 234 -40.15 16.48 -11.35
CA ASP A 234 -41.31 15.57 -11.32
C ASP A 234 -42.15 15.88 -12.54
N LYS A 235 -41.94 15.11 -13.60
CA LYS A 235 -42.50 15.41 -14.89
C LYS A 235 -43.97 15.01 -15.02
N HIS A 236 -44.54 14.41 -13.97
CA HIS A 236 -45.97 14.13 -13.97
C HIS A 236 -46.81 15.37 -13.75
N LYS A 237 -46.24 16.41 -13.14
CA LYS A 237 -46.99 17.61 -12.80
C LYS A 237 -47.16 18.56 -13.98
N PHE A 238 -46.51 18.29 -15.10
CA PHE A 238 -46.53 19.18 -16.26
C PHE A 238 -47.36 18.57 -17.37
N LYS A 239 -48.01 19.43 -18.15
CA LYS A 239 -48.70 18.99 -19.35
C LYS A 239 -47.78 18.87 -20.55
N THR A 240 -46.57 19.43 -20.47
CA THR A 240 -45.66 19.46 -21.60
C THR A 240 -44.77 18.23 -21.57
N PRO A 241 -44.72 17.43 -22.64
CA PRO A 241 -43.87 16.24 -22.62
C PRO A 241 -42.40 16.59 -22.44
N PHE A 242 -41.70 15.71 -21.72
CA PHE A 242 -40.29 15.88 -21.42
C PHE A 242 -39.48 14.84 -22.19
N VAL A 243 -38.18 15.13 -22.36
CA VAL A 243 -37.21 14.18 -22.86
C VAL A 243 -36.01 14.21 -21.94
N CYS A 244 -35.45 13.04 -21.65
CA CYS A 244 -34.34 12.92 -20.73
C CYS A 244 -33.29 11.99 -21.33
N GLY A 245 -32.04 12.19 -20.92
CA GLY A 245 -30.97 11.35 -21.39
C GLY A 245 -31.01 9.97 -20.78
N CYS A 246 -30.19 9.09 -21.33
CA CYS A 246 -30.12 7.72 -20.83
C CYS A 246 -28.87 7.05 -21.39
N THR A 247 -28.16 6.33 -20.54
CA THR A 247 -26.99 5.58 -20.93
C THR A 247 -27.18 4.07 -20.83
N ASN A 248 -28.24 3.60 -20.17
CA ASN A 248 -28.53 2.19 -20.08
C ASN A 248 -30.03 2.02 -19.93
N LEU A 249 -30.48 0.76 -19.98
CA LEU A 249 -31.92 0.50 -19.87
C LEU A 249 -32.45 0.85 -18.49
N GLY A 250 -31.65 0.64 -17.44
CA GLY A 250 -32.11 0.99 -16.12
C GLY A 250 -32.38 2.47 -15.97
N GLU A 251 -31.46 3.30 -16.47
CA GLU A 251 -31.64 4.74 -16.41
C GLU A 251 -32.82 5.19 -17.27
N ALA A 252 -32.98 4.59 -18.45
CA ALA A 252 -34.09 4.96 -19.31
C ALA A 252 -35.43 4.59 -18.69
N LEU A 253 -35.49 3.46 -17.98
CA LEU A 253 -36.74 3.04 -17.37
C LEU A 253 -37.07 3.87 -16.14
N ARG A 254 -36.06 4.34 -15.43
CA ARG A 254 -36.31 5.21 -14.28
C ARG A 254 -36.91 6.53 -14.74
N ARG A 255 -36.35 7.14 -15.79
CA ARG A 255 -36.86 8.40 -16.28
C ARG A 255 -38.28 8.26 -16.80
N ILE A 256 -38.60 7.13 -17.43
CA ILE A 256 -39.96 6.92 -17.90
C ILE A 256 -40.91 6.75 -16.73
N SER A 257 -40.42 6.23 -15.61
CA SER A 257 -41.23 6.16 -14.41
C SER A 257 -41.56 7.55 -13.89
N GLU A 258 -40.58 8.46 -13.90
CA GLU A 258 -40.81 9.81 -13.41
C GLU A 258 -41.71 10.61 -14.34
N GLY A 259 -41.84 10.21 -15.60
CA GLY A 259 -42.81 10.83 -16.48
C GLY A 259 -42.27 11.31 -17.81
N ALA A 260 -41.07 10.87 -18.19
CA ALA A 260 -40.50 11.28 -19.46
C ALA A 260 -41.27 10.63 -20.61
N SER A 261 -41.64 11.43 -21.60
CA SER A 261 -42.37 10.97 -22.77
C SER A 261 -41.47 10.60 -23.94
N MET A 262 -40.17 10.82 -23.81
CA MET A 262 -39.21 10.47 -24.85
C MET A 262 -37.86 10.29 -24.19
N ILE A 263 -36.97 9.58 -24.86
CA ILE A 263 -35.62 9.35 -24.36
C ILE A 263 -34.64 9.63 -25.47
N ARG A 264 -33.39 9.90 -25.09
CA ARG A 264 -32.32 10.06 -26.05
C ARG A 264 -31.02 9.59 -25.40
N THR A 265 -30.14 9.01 -26.20
CA THR A 265 -28.89 8.50 -25.69
C THR A 265 -27.92 9.65 -25.47
N LYS A 266 -27.42 9.77 -24.23
CA LYS A 266 -26.61 10.93 -23.86
C LYS A 266 -25.47 11.16 -24.84
N GLY A 267 -24.77 10.08 -25.19
CA GLY A 267 -23.63 10.24 -26.09
C GLY A 267 -22.56 11.11 -25.47
N GLU A 268 -21.91 11.90 -26.31
CA GLU A 268 -20.84 12.82 -25.88
C GLU A 268 -21.02 14.12 -26.65
N ALA A 269 -21.75 15.06 -26.04
CA ALA A 269 -22.10 16.29 -26.74
C ALA A 269 -20.88 17.19 -26.93
N GLY A 270 -20.82 17.83 -28.09
CA GLY A 270 -19.78 18.80 -28.38
C GLY A 270 -18.50 18.23 -28.97
N THR A 271 -18.37 16.91 -29.04
CA THR A 271 -17.15 16.28 -29.54
C THR A 271 -17.27 15.81 -30.98
N GLY A 272 -18.47 15.50 -31.45
CA GLY A 272 -18.65 14.96 -32.78
C GLY A 272 -18.31 13.50 -32.91
N ASN A 273 -17.95 12.82 -31.83
CA ASN A 273 -17.59 11.41 -31.87
C ASN A 273 -18.83 10.58 -31.59
N ILE A 274 -19.16 9.68 -32.51
CA ILE A 274 -20.34 8.85 -32.41
C ILE A 274 -20.03 7.60 -31.60
N ILE A 275 -18.84 7.57 -30.98
CA ILE A 275 -18.42 6.38 -30.24
C ILE A 275 -19.36 6.11 -29.08
N GLU A 276 -19.70 7.15 -28.33
CA GLU A 276 -20.55 6.97 -27.16
C GLU A 276 -22.00 6.69 -27.55
N ALA A 277 -22.51 7.41 -28.54
CA ALA A 277 -23.89 7.21 -28.96
C ALA A 277 -24.10 5.77 -29.42
N ILE A 278 -23.17 5.25 -30.21
CA ILE A 278 -23.29 3.87 -30.68
C ILE A 278 -23.12 2.89 -29.53
N LYS A 279 -22.21 3.19 -28.60
CA LYS A 279 -22.02 2.32 -27.45
C LYS A 279 -23.28 2.24 -26.62
N HIS A 280 -23.93 3.38 -26.39
CA HIS A 280 -25.15 3.39 -25.58
C HIS A 280 -26.31 2.74 -26.33
N ILE A 281 -26.40 2.95 -27.64
CA ILE A 281 -27.49 2.34 -28.41
C ILE A 281 -27.41 0.82 -28.31
N ARG A 282 -26.20 0.27 -28.46
CA ARG A 282 -26.03 -1.17 -28.35
C ARG A 282 -26.35 -1.66 -26.95
N THR A 283 -25.85 -0.95 -25.93
CA THR A 283 -26.08 -1.37 -24.56
C THR A 283 -27.56 -1.47 -24.24
N VAL A 284 -28.33 -0.44 -24.61
CA VAL A 284 -29.76 -0.46 -24.36
C VAL A 284 -30.43 -1.55 -25.19
N ASN A 285 -30.02 -1.70 -26.45
CA ASN A 285 -30.63 -2.69 -27.31
C ASN A 285 -30.34 -4.11 -26.84
N ASN A 286 -29.11 -4.35 -26.38
CA ASN A 286 -28.76 -5.68 -25.88
C ASN A 286 -29.56 -6.02 -24.63
N GLU A 287 -29.67 -5.07 -23.70
CA GLU A 287 -30.38 -5.34 -22.46
C GLU A 287 -31.85 -5.64 -22.70
N ILE A 288 -32.49 -4.90 -23.60
CA ILE A 288 -33.91 -5.14 -23.86
C ILE A 288 -34.13 -6.53 -24.43
N CYS A 289 -33.26 -6.95 -25.36
CA CYS A 289 -33.43 -8.26 -25.97
C CYS A 289 -33.06 -9.36 -25.00
N TYR A 290 -31.95 -9.20 -24.27
CA TYR A 290 -31.61 -10.16 -23.23
C TYR A 290 -32.75 -10.31 -22.24
N LEU A 291 -33.44 -9.22 -21.95
CA LEU A 291 -34.62 -9.27 -21.09
C LEU A 291 -35.70 -10.15 -21.71
N CYS A 292 -36.02 -9.92 -22.98
CA CYS A 292 -37.09 -10.68 -23.62
C CYS A 292 -36.75 -12.16 -23.70
N CYS A 293 -35.48 -12.51 -23.57
CA CYS A 293 -35.03 -13.89 -23.61
C CYS A 293 -34.99 -14.54 -22.23
N LEU A 294 -35.35 -13.80 -21.18
CA LEU A 294 -35.28 -14.27 -19.81
C LEU A 294 -36.55 -15.03 -19.46
N SER A 295 -36.74 -15.32 -18.18
CA SER A 295 -37.92 -16.05 -17.68
C SER A 295 -38.67 -15.18 -16.68
N ASP A 296 -39.80 -15.71 -16.20
CA ASP A 296 -40.69 -14.92 -15.37
C ASP A 296 -40.10 -14.72 -13.97
N SER A 297 -39.47 -15.75 -13.41
CA SER A 297 -38.88 -15.62 -12.08
C SER A 297 -37.56 -14.88 -12.08
N GLU A 298 -36.88 -14.78 -13.23
CA GLU A 298 -35.62 -14.07 -13.30
C GLU A 298 -35.79 -12.59 -13.56
N VAL A 299 -36.99 -12.15 -13.95
CA VAL A 299 -37.20 -10.73 -14.20
C VAL A 299 -37.03 -9.93 -12.92
N TYR A 300 -37.44 -10.48 -11.79
CA TYR A 300 -37.40 -9.74 -10.54
C TYR A 300 -35.97 -9.38 -10.17
N HIS A 301 -35.05 -10.33 -10.33
CA HIS A 301 -33.66 -10.02 -10.02
C HIS A 301 -33.07 -9.05 -11.02
N PHE A 302 -33.44 -9.17 -12.30
CA PHE A 302 -32.93 -8.24 -13.30
C PHE A 302 -33.36 -6.82 -12.99
N ALA A 303 -34.64 -6.62 -12.66
CA ALA A 303 -35.10 -5.29 -12.30
C ALA A 303 -34.27 -4.70 -11.17
N LYS A 304 -33.95 -5.53 -10.18
CA LYS A 304 -33.10 -5.05 -9.08
C LYS A 304 -31.71 -4.71 -9.58
N LYS A 305 -31.14 -5.53 -10.48
CA LYS A 305 -29.77 -5.31 -10.91
C LYS A 305 -29.64 -4.00 -11.68
N ILE A 306 -30.51 -3.78 -12.68
CA ILE A 306 -30.51 -2.51 -13.38
C ILE A 306 -31.12 -1.38 -12.57
N ASN A 307 -31.82 -1.72 -11.47
CA ASN A 307 -32.44 -0.72 -10.61
C ASN A 307 -33.53 0.04 -11.35
N ALA A 308 -34.54 -0.71 -11.79
CA ALA A 308 -35.66 -0.14 -12.52
C ALA A 308 -36.97 -0.65 -11.94
N PRO A 309 -38.05 0.13 -12.09
CA PRO A 309 -39.34 -0.36 -11.60
C PRO A 309 -39.76 -1.64 -12.32
N ILE A 310 -40.34 -2.56 -11.55
CA ILE A 310 -40.68 -3.86 -12.11
C ILE A 310 -41.79 -3.72 -13.14
N ASP A 311 -42.71 -2.78 -12.95
CA ASP A 311 -43.82 -2.64 -13.88
C ASP A 311 -43.34 -2.31 -15.28
N LEU A 312 -42.41 -1.37 -15.40
CA LEU A 312 -41.87 -1.03 -16.71
C LEU A 312 -41.03 -2.16 -17.28
N VAL A 313 -40.25 -2.83 -16.42
CA VAL A 313 -39.39 -3.91 -16.89
C VAL A 313 -40.23 -4.98 -17.59
N LEU A 314 -41.40 -5.28 -17.03
CA LEU A 314 -42.30 -6.22 -17.69
C LEU A 314 -42.88 -5.61 -18.97
N LEU A 315 -43.14 -4.30 -18.97
CA LEU A 315 -43.67 -3.66 -20.17
C LEU A 315 -42.64 -3.68 -21.30
N THR A 316 -41.37 -3.44 -20.97
CA THR A 316 -40.33 -3.53 -21.98
C THR A 316 -40.24 -4.94 -22.54
N LYS A 317 -40.34 -5.95 -21.66
CA LYS A 317 -40.35 -7.34 -22.12
C LYS A 317 -41.52 -7.60 -23.05
N LYS A 318 -42.71 -7.13 -22.68
CA LYS A 318 -43.89 -7.38 -23.51
C LYS A 318 -43.75 -6.75 -24.88
N LEU A 319 -43.25 -5.53 -24.94
CA LEU A 319 -43.11 -4.82 -26.21
C LEU A 319 -41.80 -5.11 -26.92
N LYS A 320 -40.81 -5.64 -26.20
CA LYS A 320 -39.49 -5.96 -26.74
C LYS A 320 -38.69 -4.72 -27.13
N ARG A 321 -39.18 -3.53 -26.77
CA ARG A 321 -38.48 -2.28 -27.05
C ARG A 321 -38.80 -1.29 -25.94
N LEU A 322 -38.12 -0.16 -25.97
CA LEU A 322 -38.36 0.86 -24.96
C LEU A 322 -39.81 1.32 -25.03
N PRO A 323 -40.51 1.47 -23.89
CA PRO A 323 -41.93 1.80 -23.96
C PRO A 323 -42.23 3.15 -24.61
N VAL A 324 -41.23 4.02 -24.73
CA VAL A 324 -41.43 5.38 -25.24
C VAL A 324 -40.50 5.62 -26.42
N VAL A 325 -40.84 6.61 -27.23
CA VAL A 325 -40.02 6.96 -28.37
C VAL A 325 -38.57 7.14 -27.92
N ASN A 326 -37.64 6.70 -28.75
CA ASN A 326 -36.22 6.75 -28.44
C ASN A 326 -35.48 7.38 -29.60
N PHE A 327 -34.73 8.43 -29.31
CA PHE A 327 -33.93 9.16 -30.29
C PHE A 327 -32.46 8.98 -29.98
N ALA A 328 -31.63 9.34 -30.94
CA ALA A 328 -30.18 9.26 -30.80
C ALA A 328 -29.61 10.66 -30.76
N ALA A 329 -28.72 10.92 -29.80
CA ALA A 329 -28.18 12.26 -29.60
C ALA A 329 -26.71 12.16 -29.26
N GLY A 330 -25.92 13.09 -29.82
CA GLY A 330 -24.53 13.21 -29.45
C GLY A 330 -23.59 12.53 -30.42
N GLY A 331 -22.96 13.31 -31.28
CA GLY A 331 -21.99 12.79 -32.24
C GLY A 331 -22.49 12.68 -33.65
N VAL A 332 -23.80 12.73 -33.88
CA VAL A 332 -24.33 12.61 -35.23
C VAL A 332 -23.97 13.87 -36.01
N ALA A 333 -22.98 13.77 -36.90
CA ALA A 333 -22.51 14.91 -37.66
C ALA A 333 -22.51 14.70 -39.17
N THR A 334 -22.72 13.48 -39.65
CA THR A 334 -22.64 13.15 -41.05
C THR A 334 -23.85 12.33 -41.46
N PRO A 335 -24.26 12.39 -42.72
CA PRO A 335 -25.37 11.52 -43.15
C PRO A 335 -25.13 10.05 -42.83
N ALA A 336 -23.88 9.58 -42.89
CA ALA A 336 -23.59 8.21 -42.49
C ALA A 336 -23.83 7.99 -41.01
N ASP A 337 -23.44 8.96 -40.18
CA ASP A 337 -23.65 8.82 -38.74
C ASP A 337 -25.13 8.75 -38.42
N ALA A 338 -25.94 9.60 -39.06
CA ALA A 338 -27.37 9.57 -38.82
C ALA A 338 -27.99 8.24 -39.22
N ALA A 339 -27.59 7.73 -40.39
CA ALA A 339 -28.18 6.48 -40.87
C ALA A 339 -27.71 5.28 -40.06
N MET A 340 -26.48 5.32 -39.56
CA MET A 340 -26.01 4.24 -38.71
C MET A 340 -26.86 4.13 -37.46
N CYS A 341 -27.16 5.27 -36.83
CA CYS A 341 -28.00 5.24 -35.63
C CYS A 341 -29.39 4.71 -35.94
N MET A 342 -29.96 5.12 -37.07
CA MET A 342 -31.28 4.65 -37.44
C MET A 342 -31.26 3.19 -37.86
N GLN A 343 -30.14 2.70 -38.37
CA GLN A 343 -30.01 1.29 -38.71
C GLN A 343 -29.83 0.42 -37.47
N LEU A 344 -29.51 1.02 -36.34
CA LEU A 344 -29.41 0.32 -35.07
C LEU A 344 -30.71 0.36 -34.28
N GLY A 345 -31.79 0.88 -34.86
CA GLY A 345 -33.11 0.74 -34.30
C GLY A 345 -33.69 1.95 -33.62
N MET A 346 -33.05 3.11 -33.70
CA MET A 346 -33.61 4.30 -33.08
C MET A 346 -34.76 4.83 -33.93
N ASP A 347 -35.51 5.77 -33.35
CA ASP A 347 -36.66 6.36 -34.01
C ASP A 347 -36.37 7.73 -34.61
N GLY A 348 -35.16 8.24 -34.46
CA GLY A 348 -34.83 9.55 -34.96
C GLY A 348 -33.47 9.96 -34.49
N VAL A 349 -33.10 11.20 -34.79
CA VAL A 349 -31.78 11.71 -34.47
C VAL A 349 -31.90 13.12 -33.90
N PHE A 350 -31.15 13.38 -32.83
CA PHE A 350 -30.89 14.72 -32.34
C PHE A 350 -29.53 15.15 -32.88
N VAL A 351 -29.51 16.27 -33.61
CA VAL A 351 -28.33 16.71 -34.33
C VAL A 351 -27.90 18.06 -33.77
N GLY A 352 -26.64 18.16 -33.38
CA GLY A 352 -26.13 19.37 -32.75
C GLY A 352 -26.01 20.56 -33.68
N SER A 353 -25.11 21.48 -33.36
CA SER A 353 -24.93 22.71 -34.13
C SER A 353 -23.88 22.58 -35.22
N GLY A 354 -23.29 21.41 -35.40
CA GLY A 354 -22.25 21.26 -36.40
C GLY A 354 -22.70 21.59 -37.81
N ILE A 355 -24.00 21.50 -38.08
CA ILE A 355 -24.49 21.74 -39.44
C ILE A 355 -24.27 23.18 -39.84
N PHE A 356 -24.47 24.10 -38.91
CA PHE A 356 -24.42 25.53 -39.23
C PHE A 356 -23.03 26.11 -39.11
N GLU A 357 -22.09 25.37 -38.52
CA GLU A 357 -20.67 25.70 -38.60
C GLU A 357 -20.00 24.88 -39.69
N SER A 358 -20.52 25.00 -40.91
CA SER A 358 -20.00 24.24 -42.04
C SER A 358 -20.24 25.02 -43.32
N GLU A 359 -19.53 24.63 -44.37
CA GLU A 359 -19.57 25.36 -45.64
C GLU A 359 -21.01 25.64 -46.06
N ASN A 360 -21.78 24.59 -46.29
CA ASN A 360 -23.18 24.73 -46.67
C ASN A 360 -24.07 24.21 -45.54
N PRO A 361 -24.72 25.09 -44.77
CA PRO A 361 -25.60 24.58 -43.72
C PRO A 361 -26.91 24.04 -44.26
N ARG A 362 -27.46 24.68 -45.29
CA ARG A 362 -28.74 24.21 -45.84
C ARG A 362 -28.59 22.86 -46.50
N LYS A 363 -27.49 22.64 -47.25
CA LYS A 363 -27.29 21.37 -47.91
C LYS A 363 -26.93 20.27 -46.92
N MET A 364 -26.03 20.56 -45.98
CA MET A 364 -25.69 19.55 -44.99
C MET A 364 -26.90 19.16 -44.17
N ALA A 365 -27.77 20.14 -43.87
CA ALA A 365 -28.98 19.84 -43.11
C ALA A 365 -29.90 18.91 -43.89
N ALA A 366 -30.18 19.25 -45.14
CA ALA A 366 -31.06 18.41 -45.95
C ALA A 366 -30.46 17.04 -46.18
N SER A 367 -29.13 16.92 -46.11
CA SER A 367 -28.48 15.63 -46.26
C SER A 367 -28.79 14.73 -45.07
N ILE A 368 -28.66 15.26 -43.85
CA ILE A 368 -28.91 14.45 -42.67
C ILE A 368 -30.39 14.10 -42.58
N VAL A 369 -31.27 14.96 -43.09
CA VAL A 369 -32.69 14.66 -43.12
C VAL A 369 -32.96 13.50 -44.07
N SER A 370 -32.35 13.53 -45.26
CA SER A 370 -32.57 12.46 -46.22
C SER A 370 -31.95 11.15 -45.75
N ALA A 371 -30.82 11.23 -45.03
CA ALA A 371 -30.20 10.03 -44.51
C ALA A 371 -31.14 9.32 -43.54
N VAL A 372 -31.79 10.07 -42.66
CA VAL A 372 -32.70 9.46 -41.70
C VAL A 372 -33.95 8.94 -42.39
N SER A 373 -34.43 9.67 -43.40
CA SER A 373 -35.61 9.22 -44.12
C SER A 373 -35.33 7.98 -44.97
N ASN A 374 -34.10 7.87 -45.49
CA ASN A 374 -33.72 6.76 -46.36
C ASN A 374 -32.51 6.03 -45.80
N PHE A 375 -32.53 5.71 -44.51
CA PHE A 375 -31.37 5.14 -43.85
C PHE A 375 -31.02 3.75 -44.35
N ASN A 376 -31.91 3.10 -45.09
CA ASN A 376 -31.69 1.73 -45.56
C ASN A 376 -31.36 1.67 -47.04
N ASN A 377 -31.09 2.80 -47.69
CA ASN A 377 -30.85 2.85 -49.12
C ASN A 377 -29.44 3.36 -49.36
N PRO A 378 -28.47 2.47 -49.61
CA PRO A 378 -27.09 2.93 -49.79
C PRO A 378 -26.92 3.88 -50.96
N LYS A 379 -27.78 3.79 -51.99
CA LYS A 379 -27.66 4.70 -53.11
C LYS A 379 -27.91 6.14 -52.69
N ILE A 380 -28.95 6.35 -51.87
CA ILE A 380 -29.24 7.71 -51.40
C ILE A 380 -28.15 8.19 -50.46
N LEU A 381 -27.68 7.33 -49.56
CA LEU A 381 -26.66 7.74 -48.61
C LEU A 381 -25.39 8.17 -49.32
N LEU A 382 -25.02 7.47 -50.39
CA LEU A 382 -23.88 7.91 -51.18
C LEU A 382 -24.17 9.26 -51.82
N ASP A 383 -25.36 9.41 -52.39
CA ASP A 383 -25.67 10.63 -53.14
C ASP A 383 -25.58 11.86 -52.25
N VAL A 384 -26.12 11.78 -51.04
CA VAL A 384 -26.12 12.92 -50.14
C VAL A 384 -24.75 13.14 -49.49
N SER A 385 -23.90 12.12 -49.48
CA SER A 385 -22.57 12.25 -48.88
C SER A 385 -21.56 12.88 -49.83
N MET A 386 -21.86 12.93 -51.12
CA MET A 386 -20.92 13.44 -52.10
C MET A 386 -20.94 14.96 -52.15
N ASN A 387 -19.77 15.55 -52.36
CA ASN A 387 -19.64 17.00 -52.50
C ASN A 387 -20.16 17.72 -51.26
N LEU A 388 -19.80 17.19 -50.09
CA LEU A 388 -20.23 17.78 -48.83
C LEU A 388 -19.09 18.55 -48.17
N VAL B 124 -16.00 -15.45 -50.81
CA VAL B 124 -14.77 -14.87 -50.30
C VAL B 124 -13.58 -15.38 -51.11
N LEU B 125 -13.76 -16.54 -51.76
CA LEU B 125 -12.67 -17.11 -52.55
C LEU B 125 -12.26 -16.18 -53.67
N LEU B 126 -13.23 -15.53 -54.33
CA LEU B 126 -12.89 -14.58 -55.38
C LEU B 126 -12.10 -13.40 -54.82
N LYS B 127 -12.45 -12.95 -53.61
CA LYS B 127 -11.70 -11.86 -52.99
C LYS B 127 -10.25 -12.26 -52.74
N HIS B 128 -10.02 -13.49 -52.27
CA HIS B 128 -8.65 -13.97 -52.12
C HIS B 128 -7.98 -14.13 -53.47
N GLY B 129 -8.72 -14.59 -54.47
CA GLY B 129 -8.14 -14.73 -55.80
C GLY B 129 -7.67 -13.42 -56.38
N TRP B 130 -8.38 -12.33 -56.10
CA TRP B 130 -7.95 -11.02 -56.55
C TRP B 130 -6.86 -10.43 -55.66
N CYS B 131 -6.87 -10.73 -54.37
CA CYS B 131 -5.87 -10.15 -53.47
C CYS B 131 -4.48 -10.71 -53.74
N GLU B 132 -4.39 -11.99 -54.14
CA GLU B 132 -3.09 -12.56 -54.45
C GLU B 132 -2.40 -11.82 -55.58
N MET B 133 -3.16 -11.08 -56.40
CA MET B 133 -2.54 -10.22 -57.40
C MET B 133 -1.73 -9.10 -56.76
N LEU B 134 -2.04 -8.76 -55.51
CA LEU B 134 -1.41 -7.63 -54.84
C LEU B 134 -0.07 -7.99 -54.20
N LYS B 135 0.35 -9.25 -54.27
CA LYS B 135 1.60 -9.64 -53.63
C LYS B 135 2.79 -8.95 -54.27
N GLY B 136 3.75 -8.57 -53.44
CA GLY B 136 4.97 -7.95 -53.92
C GLY B 136 4.82 -6.53 -54.43
N GLY B 137 3.81 -5.79 -53.96
CA GLY B 137 3.54 -4.45 -54.42
C GLY B 137 3.57 -3.44 -53.29
N VAL B 138 3.46 -2.17 -53.66
CA VAL B 138 3.51 -1.04 -52.75
C VAL B 138 2.23 -0.24 -52.89
N ILE B 139 1.59 0.05 -51.75
CA ILE B 139 0.37 0.85 -51.71
C ILE B 139 0.72 2.18 -51.05
N MET B 140 0.57 3.27 -51.81
CA MET B 140 0.97 4.60 -51.36
C MET B 140 -0.26 5.37 -50.89
N ASP B 141 -0.21 5.88 -49.67
CA ASP B 141 -1.32 6.63 -49.10
C ASP B 141 -1.27 8.05 -49.64
N VAL B 142 -2.04 8.31 -50.69
CA VAL B 142 -2.00 9.58 -51.38
C VAL B 142 -3.12 10.48 -50.85
N LYS B 143 -3.02 11.77 -51.15
CA LYS B 143 -3.94 12.77 -50.65
C LYS B 143 -4.68 13.55 -51.74
N SER B 144 -4.30 13.40 -52.99
CA SER B 144 -4.88 14.20 -54.06
C SER B 144 -4.68 13.45 -55.37
N VAL B 145 -4.93 14.14 -56.49
CA VAL B 145 -4.79 13.51 -57.80
C VAL B 145 -3.35 13.58 -58.29
N GLU B 146 -2.65 14.69 -58.04
CA GLU B 146 -1.25 14.76 -58.42
C GLU B 146 -0.42 13.72 -57.67
N GLN B 147 -0.69 13.55 -56.38
CA GLN B 147 0.00 12.50 -55.63
C GLN B 147 -0.39 11.13 -56.14
N ALA B 148 -1.67 10.92 -56.45
CA ALA B 148 -2.11 9.64 -56.96
C ALA B 148 -1.49 9.33 -58.31
N LYS B 149 -1.24 10.36 -59.12
CA LYS B 149 -0.61 10.13 -60.41
C LYS B 149 0.89 9.90 -60.26
N ILE B 150 1.52 10.53 -59.27
CA ILE B 150 2.92 10.24 -58.98
C ILE B 150 3.08 8.79 -58.57
N ALA B 151 2.22 8.32 -57.67
CA ALA B 151 2.31 6.95 -57.19
C ALA B 151 1.97 5.93 -58.28
N GLU B 152 1.19 6.33 -59.29
CA GLU B 152 0.91 5.40 -60.38
C GLU B 152 2.13 5.26 -61.28
N GLU B 153 2.76 6.38 -61.62
CA GLU B 153 3.95 6.32 -62.47
C GLU B 153 5.12 5.70 -61.73
N ALA B 154 5.18 5.85 -60.40
CA ALA B 154 6.24 5.26 -59.61
C ALA B 154 6.13 3.75 -59.53
N GLY B 155 5.04 3.15 -59.99
CA GLY B 155 4.89 1.72 -60.02
C GLY B 155 4.08 1.12 -58.90
N ALA B 156 3.38 1.92 -58.11
CA ALA B 156 2.55 1.37 -57.05
C ALA B 156 1.43 0.53 -57.64
N ILE B 157 0.97 -0.45 -56.87
CA ILE B 157 -0.18 -1.24 -57.28
C ILE B 157 -1.50 -0.62 -56.85
N GLY B 158 -1.49 0.20 -55.81
CA GLY B 158 -2.72 0.82 -55.35
C GLY B 158 -2.40 2.08 -54.56
N VAL B 159 -3.42 2.93 -54.43
CA VAL B 159 -3.30 4.20 -53.72
C VAL B 159 -4.42 4.26 -52.70
N MET B 160 -4.06 4.55 -51.46
CA MET B 160 -5.03 4.72 -50.38
C MET B 160 -5.34 6.21 -50.27
N VAL B 161 -6.61 6.55 -50.47
CA VAL B 161 -7.01 7.96 -50.51
C VAL B 161 -7.14 8.49 -49.09
N LEU B 162 -6.52 9.64 -48.83
CA LEU B 162 -6.48 10.27 -47.53
C LEU B 162 -7.24 11.59 -47.56
N GLU B 163 -7.36 12.21 -46.39
CA GLU B 163 -7.99 13.51 -46.26
C GLU B 163 -6.93 14.59 -46.43
N ASN B 164 -7.09 15.44 -47.46
CA ASN B 164 -6.14 16.50 -47.76
C ASN B 164 -6.30 17.61 -46.73
N ILE B 165 -5.75 17.38 -45.55
CA ILE B 165 -5.83 18.32 -44.45
C ILE B 165 -4.44 18.86 -44.13
N GLY B 174 -9.74 16.78 -32.48
CA GLY B 174 -10.42 16.53 -33.75
C GLY B 174 -10.83 15.09 -33.92
N VAL B 175 -11.80 14.86 -34.79
CA VAL B 175 -12.30 13.52 -35.09
C VAL B 175 -12.04 13.24 -36.56
N ALA B 176 -11.36 12.13 -36.84
CA ALA B 176 -11.02 11.75 -38.20
C ALA B 176 -12.10 10.82 -38.74
N ARG B 177 -12.69 11.19 -39.87
CA ARG B 177 -13.78 10.44 -40.48
C ARG B 177 -13.38 10.02 -41.88
N SER B 178 -14.18 9.13 -42.47
CA SER B 178 -13.95 8.70 -43.83
C SER B 178 -14.01 9.90 -44.76
N VAL B 179 -13.14 9.91 -45.77
CA VAL B 179 -13.06 11.04 -46.68
C VAL B 179 -14.37 11.19 -47.46
N ASP B 180 -14.53 12.35 -48.06
CA ASP B 180 -15.72 12.63 -48.86
C ASP B 180 -15.73 11.72 -50.07
N PRO B 181 -16.77 10.91 -50.29
CA PRO B 181 -16.75 10.00 -51.45
C PRO B 181 -16.56 10.70 -52.78
N SER B 182 -16.72 12.02 -52.86
CA SER B 182 -16.45 12.71 -54.11
C SER B 182 -14.95 12.79 -54.36
N LYS B 183 -14.14 12.84 -53.30
CA LYS B 183 -12.70 12.79 -53.46
C LYS B 183 -12.25 11.41 -53.93
N VAL B 184 -12.74 10.36 -53.29
CA VAL B 184 -12.39 9.01 -53.70
C VAL B 184 -12.86 8.75 -55.12
N GLU B 185 -14.01 9.31 -55.49
CA GLU B 185 -14.50 9.15 -56.87
C GLU B 185 -13.61 9.89 -57.85
N GLU B 186 -13.05 11.03 -57.45
CA GLU B 186 -12.19 11.79 -58.33
C GLU B 186 -10.91 11.01 -58.65
N ILE B 187 -10.24 10.52 -57.61
CA ILE B 187 -8.99 9.78 -57.82
C ILE B 187 -9.27 8.50 -58.59
N LYS B 188 -10.35 7.80 -58.25
CA LYS B 188 -10.63 6.52 -58.87
C LYS B 188 -10.72 6.63 -60.39
N LYS B 189 -11.07 7.80 -60.90
CA LYS B 189 -11.19 7.99 -62.34
C LYS B 189 -9.94 8.57 -62.98
N CYS B 190 -8.93 8.95 -62.19
CA CYS B 190 -7.70 9.52 -62.71
C CYS B 190 -6.51 8.57 -62.58
N VAL B 191 -6.72 7.36 -62.08
CA VAL B 191 -5.66 6.37 -61.96
C VAL B 191 -6.22 5.01 -62.34
N SER B 192 -5.43 4.22 -63.06
CA SER B 192 -5.84 2.89 -63.49
C SER B 192 -5.44 1.80 -62.50
N ILE B 193 -4.89 2.17 -61.35
CA ILE B 193 -4.48 1.22 -60.34
C ILE B 193 -5.56 1.15 -59.27
N ASN B 194 -5.47 0.15 -58.40
CA ASN B 194 -6.46 -0.01 -57.34
C ASN B 194 -6.57 1.27 -56.53
N VAL B 195 -7.75 1.49 -55.95
CA VAL B 195 -8.01 2.61 -55.07
C VAL B 195 -8.60 2.06 -53.78
N LEU B 196 -8.04 2.47 -52.66
CA LEU B 196 -8.49 2.05 -51.35
C LEU B 196 -9.05 3.24 -50.60
N ALA B 197 -9.76 2.96 -49.51
CA ALA B 197 -10.31 4.01 -48.67
C ALA B 197 -10.44 3.49 -47.25
N ARG B 198 -10.51 4.41 -46.31
CA ARG B 198 -10.48 4.09 -44.89
C ARG B 198 -11.84 4.39 -44.27
N VAL B 199 -12.30 3.48 -43.43
CA VAL B 199 -13.55 3.64 -42.70
C VAL B 199 -13.29 3.34 -41.24
N ARG B 200 -13.90 4.12 -40.37
CA ARG B 200 -13.66 3.97 -38.95
C ARG B 200 -14.04 2.56 -38.50
N ILE B 201 -13.36 2.08 -37.45
CA ILE B 201 -13.61 0.74 -36.96
C ILE B 201 -15.05 0.63 -36.51
N GLY B 202 -15.81 -0.24 -37.17
CA GLY B 202 -17.18 -0.52 -36.79
C GLY B 202 -18.21 0.27 -37.56
N HIS B 203 -17.83 1.36 -38.21
CA HIS B 203 -18.78 2.19 -38.93
C HIS B 203 -19.17 1.47 -40.22
N PHE B 204 -20.28 0.74 -40.16
CA PHE B 204 -20.70 -0.10 -41.26
C PHE B 204 -21.57 0.63 -42.27
N VAL B 205 -21.76 1.95 -42.12
CA VAL B 205 -22.54 2.72 -43.08
C VAL B 205 -21.60 3.52 -43.95
N GLU B 206 -20.42 3.86 -43.44
CA GLU B 206 -19.38 4.38 -44.32
C GLU B 206 -18.95 3.32 -45.32
N ALA B 207 -18.81 2.07 -44.88
CA ALA B 207 -18.47 1.00 -45.80
C ALA B 207 -19.55 0.82 -46.85
N GLN B 208 -20.82 0.91 -46.46
CA GLN B 208 -21.90 0.78 -47.42
C GLN B 208 -21.86 1.90 -48.45
N ILE B 209 -21.44 3.09 -48.03
CA ILE B 209 -21.31 4.19 -48.98
C ILE B 209 -20.21 3.90 -49.98
N LEU B 210 -19.06 3.42 -49.50
CA LEU B 210 -17.93 3.14 -50.37
C LEU B 210 -18.22 1.97 -51.30
N GLU B 211 -18.84 0.92 -50.77
CA GLU B 211 -19.19 -0.22 -51.61
C GLU B 211 -20.08 0.20 -52.77
N GLU B 212 -21.00 1.14 -52.54
CA GLU B 212 -21.79 1.68 -53.63
C GLU B 212 -20.95 2.48 -54.60
N LEU B 213 -19.76 2.92 -54.17
CA LEU B 213 -18.87 3.69 -55.02
C LEU B 213 -18.02 2.81 -55.93
N LYS B 214 -18.07 1.49 -55.77
CA LYS B 214 -17.29 0.57 -56.59
C LYS B 214 -15.80 0.79 -56.39
N ILE B 215 -15.40 0.93 -55.12
CA ILE B 215 -14.01 1.07 -54.74
C ILE B 215 -13.36 -0.32 -54.86
N ASP B 216 -12.04 -0.38 -54.76
CA ASP B 216 -11.33 -1.65 -54.95
C ASP B 216 -11.03 -2.38 -53.66
N MET B 217 -10.88 -1.68 -52.53
CA MET B 217 -10.72 -2.35 -51.26
C MET B 217 -10.89 -1.33 -50.15
N ILE B 218 -11.64 -1.70 -49.12
CA ILE B 218 -11.91 -0.83 -47.99
C ILE B 218 -10.94 -1.20 -46.87
N ASP B 219 -10.73 -0.27 -45.94
CA ASP B 219 -9.71 -0.41 -44.92
C ASP B 219 -10.27 0.00 -43.58
N GLU B 220 -10.50 -0.96 -42.69
CA GLU B 220 -10.98 -0.67 -41.35
C GLU B 220 -9.81 -0.12 -40.54
N SER B 221 -9.71 1.19 -40.49
CA SER B 221 -8.50 1.86 -40.04
C SER B 221 -8.55 2.23 -38.57
N GLU B 222 -7.46 1.95 -37.86
CA GLU B 222 -7.25 2.42 -36.51
C GLU B 222 -6.64 3.82 -36.47
N VAL B 223 -6.21 4.35 -37.61
CA VAL B 223 -5.75 5.73 -37.66
C VAL B 223 -6.93 6.68 -37.48
N LEU B 224 -8.06 6.37 -38.10
CA LEU B 224 -9.28 7.15 -37.92
C LEU B 224 -9.89 6.86 -36.56
N THR B 225 -10.67 7.82 -36.07
CA THR B 225 -11.31 7.66 -34.77
C THR B 225 -12.24 6.45 -34.79
N ILE B 226 -12.28 5.74 -33.67
CA ILE B 226 -13.06 4.51 -33.57
C ILE B 226 -14.54 4.87 -33.46
N ALA B 227 -15.37 4.29 -34.33
CA ALA B 227 -16.80 4.50 -34.25
C ALA B 227 -17.47 3.52 -33.30
N ASP B 228 -17.04 2.26 -33.30
CA ASP B 228 -17.57 1.23 -32.41
C ASP B 228 -16.39 0.54 -31.74
N GLU B 229 -16.13 0.88 -30.48
CA GLU B 229 -15.00 0.35 -29.77
C GLU B 229 -15.12 -1.14 -29.50
N MET B 230 -16.31 -1.72 -29.64
CA MET B 230 -16.55 -3.10 -29.26
C MET B 230 -16.71 -4.04 -30.45
N HIS B 231 -17.06 -3.52 -31.62
CA HIS B 231 -17.38 -4.35 -32.77
C HIS B 231 -16.56 -3.92 -33.98
N HIS B 232 -16.48 -4.83 -34.95
CA HIS B 232 -15.85 -4.60 -36.23
C HIS B 232 -16.86 -4.92 -37.32
N ILE B 233 -16.86 -4.13 -38.39
CA ILE B 233 -17.80 -4.29 -39.49
C ILE B 233 -17.92 -5.78 -39.81
N ASP B 234 -19.13 -6.25 -40.07
CA ASP B 234 -19.34 -7.63 -40.49
C ASP B 234 -19.02 -7.69 -41.97
N LYS B 235 -17.76 -7.96 -42.27
CA LYS B 235 -17.24 -7.87 -43.62
C LYS B 235 -17.74 -8.98 -44.54
N HIS B 236 -18.56 -9.89 -44.03
CA HIS B 236 -19.15 -10.92 -44.88
C HIS B 236 -20.28 -10.38 -45.73
N LYS B 237 -20.89 -9.26 -45.33
CA LYS B 237 -22.05 -8.72 -46.02
C LYS B 237 -21.69 -7.85 -47.21
N PHE B 238 -20.41 -7.62 -47.46
CA PHE B 238 -19.95 -6.72 -48.51
C PHE B 238 -19.28 -7.52 -49.61
N LYS B 239 -19.45 -7.07 -50.85
CA LYS B 239 -18.70 -7.64 -51.96
C LYS B 239 -17.29 -7.11 -52.06
N THR B 240 -17.03 -5.94 -51.50
CA THR B 240 -15.72 -5.31 -51.59
C THR B 240 -14.78 -5.89 -50.55
N PRO B 241 -13.58 -6.35 -50.94
CA PRO B 241 -12.66 -6.91 -49.94
C PRO B 241 -12.20 -5.87 -48.93
N PHE B 242 -11.96 -6.34 -47.71
CA PHE B 242 -11.53 -5.49 -46.62
C PHE B 242 -10.09 -5.83 -46.23
N VAL B 243 -9.39 -4.84 -45.70
CA VAL B 243 -8.07 -5.03 -45.11
C VAL B 243 -8.12 -4.47 -43.70
N CYS B 244 -7.61 -5.24 -42.74
CA CYS B 244 -7.72 -4.88 -41.33
C CYS B 244 -6.36 -5.02 -40.66
N GLY B 245 -6.14 -4.24 -39.63
CA GLY B 245 -4.88 -4.28 -38.92
C GLY B 245 -4.75 -5.53 -38.06
N CYS B 246 -3.56 -5.70 -37.50
CA CYS B 246 -3.28 -6.85 -36.66
C CYS B 246 -1.95 -6.65 -35.97
N THR B 247 -1.86 -7.11 -34.72
CA THR B 247 -0.62 -7.06 -33.97
C THR B 247 -0.15 -8.42 -33.50
N ASN B 248 -0.97 -9.47 -33.62
CA ASN B 248 -0.56 -10.82 -33.28
C ASN B 248 -1.36 -11.78 -34.14
N LEU B 249 -0.97 -13.06 -34.08
CA LEU B 249 -1.66 -14.06 -34.88
C LEU B 249 -3.12 -14.21 -34.46
N GLY B 250 -3.38 -14.15 -33.15
CA GLY B 250 -4.75 -14.29 -32.70
C GLY B 250 -5.66 -13.22 -33.26
N GLU B 251 -5.20 -11.97 -33.21
CA GLU B 251 -5.99 -10.85 -33.75
C GLU B 251 -6.13 -10.97 -35.26
N ALA B 252 -5.08 -11.39 -35.96
CA ALA B 252 -5.17 -11.55 -37.40
C ALA B 252 -6.14 -12.65 -37.78
N LEU B 253 -6.19 -13.72 -36.99
CA LEU B 253 -7.09 -14.83 -37.30
C LEU B 253 -8.54 -14.47 -36.98
N ARG B 254 -8.76 -13.63 -35.97
CA ARG B 254 -10.12 -13.19 -35.68
C ARG B 254 -10.68 -12.36 -36.82
N ARG B 255 -9.88 -11.42 -37.34
CA ARG B 255 -10.36 -10.57 -38.42
C ARG B 255 -10.56 -11.34 -39.71
N ILE B 256 -9.79 -12.40 -39.94
CA ILE B 256 -10.02 -13.22 -41.11
C ILE B 256 -11.31 -14.02 -40.94
N SER B 257 -11.66 -14.36 -39.71
CA SER B 257 -12.93 -15.02 -39.46
C SER B 257 -14.09 -14.10 -39.79
N GLU B 258 -13.98 -12.82 -39.41
CA GLU B 258 -15.04 -11.87 -39.68
C GLU B 258 -15.18 -11.56 -41.16
N GLY B 259 -14.14 -11.76 -41.96
CA GLY B 259 -14.25 -11.65 -43.40
C GLY B 259 -13.18 -10.81 -44.07
N ALA B 260 -12.12 -10.46 -43.35
CA ALA B 260 -11.05 -9.68 -43.94
C ALA B 260 -10.32 -10.49 -45.01
N SER B 261 -10.06 -9.86 -46.15
CA SER B 261 -9.38 -10.50 -47.26
C SER B 261 -7.88 -10.18 -47.31
N MET B 262 -7.41 -9.29 -46.45
CA MET B 262 -6.00 -8.96 -46.36
C MET B 262 -5.75 -8.46 -44.96
N ILE B 263 -4.49 -8.53 -44.53
CA ILE B 263 -4.10 -8.06 -43.21
C ILE B 263 -2.89 -7.16 -43.37
N ARG B 264 -2.68 -6.30 -42.38
CA ARG B 264 -1.49 -5.48 -42.31
C ARG B 264 -1.13 -5.26 -40.86
N THR B 265 0.16 -5.11 -40.59
CA THR B 265 0.63 -4.93 -39.22
C THR B 265 0.44 -3.48 -38.80
N LYS B 266 -0.28 -3.28 -37.70
CA LYS B 266 -0.66 -1.94 -37.28
C LYS B 266 0.55 -1.02 -37.21
N GLY B 267 1.65 -1.50 -36.63
CA GLY B 267 2.82 -0.66 -36.50
C GLY B 267 2.54 0.57 -35.66
N GLU B 268 3.10 1.71 -36.08
CA GLU B 268 2.94 2.99 -35.39
C GLU B 268 2.85 4.07 -36.45
N ALA B 269 1.62 4.43 -36.83
CA ALA B 269 1.42 5.36 -37.93
C ALA B 269 1.84 6.78 -37.54
N GLY B 270 2.43 7.49 -38.50
CA GLY B 270 2.77 8.89 -38.34
C GLY B 270 4.10 9.16 -37.69
N THR B 271 4.82 8.12 -37.23
CA THR B 271 6.08 8.30 -36.54
C THR B 271 7.30 8.00 -37.40
N GLY B 272 7.16 7.18 -38.43
CA GLY B 272 8.29 6.75 -39.22
C GLY B 272 9.16 5.72 -38.53
N ASN B 273 8.73 5.19 -37.40
CA ASN B 273 9.50 4.22 -36.65
C ASN B 273 9.09 2.81 -37.06
N ILE B 274 10.04 2.04 -37.57
CA ILE B 274 9.82 0.68 -38.02
C ILE B 274 9.94 -0.28 -36.84
N ILE B 275 10.08 0.27 -35.63
CA ILE B 275 10.27 -0.59 -34.47
C ILE B 275 9.05 -1.46 -34.25
N GLU B 276 7.86 -0.86 -34.33
CA GLU B 276 6.63 -1.62 -34.08
C GLU B 276 6.31 -2.56 -35.23
N ALA B 277 6.48 -2.10 -36.47
CA ALA B 277 6.18 -2.96 -37.61
C ALA B 277 7.06 -4.21 -37.58
N ILE B 278 8.34 -4.04 -37.28
CA ILE B 278 9.23 -5.20 -37.22
C ILE B 278 8.89 -6.07 -36.01
N LYS B 279 8.53 -5.46 -34.89
CA LYS B 279 8.15 -6.24 -33.72
C LYS B 279 6.93 -7.10 -34.01
N HIS B 280 5.94 -6.54 -34.70
CA HIS B 280 4.72 -7.29 -34.99
C HIS B 280 4.97 -8.34 -36.07
N ILE B 281 5.82 -8.05 -37.04
CA ILE B 281 6.12 -9.03 -38.08
C ILE B 281 6.75 -10.27 -37.47
N ARG B 282 7.69 -10.07 -36.56
CA ARG B 282 8.33 -11.19 -35.89
C ARG B 282 7.33 -11.95 -35.02
N THR B 283 6.52 -11.22 -34.25
CA THR B 283 5.57 -11.87 -33.36
C THR B 283 4.63 -12.78 -34.13
N VAL B 284 4.09 -12.30 -35.25
CA VAL B 284 3.18 -13.12 -36.05
C VAL B 284 3.93 -14.28 -36.68
N ASN B 285 5.15 -14.04 -37.18
CA ASN B 285 5.91 -15.11 -37.81
C ASN B 285 6.32 -16.17 -36.81
N ASN B 286 6.72 -15.77 -35.60
CA ASN B 286 7.11 -16.74 -34.59
C ASN B 286 5.92 -17.60 -34.19
N GLU B 287 4.76 -16.99 -33.98
CA GLU B 287 3.59 -17.75 -33.56
C GLU B 287 3.16 -18.75 -34.61
N ILE B 288 3.19 -18.36 -35.88
CA ILE B 288 2.75 -19.27 -36.94
C ILE B 288 3.67 -20.49 -37.00
N CYS B 289 4.98 -20.27 -36.89
CA CYS B 289 5.91 -21.39 -36.97
C CYS B 289 5.86 -22.24 -35.70
N TYR B 290 5.86 -21.58 -34.53
CA TYR B 290 5.66 -22.32 -33.28
C TYR B 290 4.41 -23.19 -33.36
N LEU B 291 3.36 -22.66 -33.96
CA LEU B 291 2.14 -23.43 -34.18
C LEU B 291 2.41 -24.66 -35.04
N CYS B 292 3.12 -24.49 -36.16
CA CYS B 292 3.39 -25.62 -37.03
C CYS B 292 4.28 -26.66 -36.39
N CYS B 293 4.99 -26.29 -35.33
CA CYS B 293 5.87 -27.19 -34.62
C CYS B 293 5.16 -27.90 -33.47
N LEU B 294 3.86 -27.66 -33.29
CA LEU B 294 3.08 -28.19 -32.19
C LEU B 294 2.50 -29.55 -32.58
N SER B 295 1.56 -30.06 -31.78
CA SER B 295 0.90 -31.33 -32.04
C SER B 295 -0.62 -31.14 -32.02
N ASP B 296 -1.32 -32.19 -32.44
CA ASP B 296 -2.76 -32.08 -32.64
C ASP B 296 -3.51 -31.82 -31.34
N SER B 297 -3.10 -32.46 -30.26
CA SER B 297 -3.79 -32.26 -28.98
C SER B 297 -3.53 -30.87 -28.42
N GLU B 298 -2.35 -30.30 -28.68
CA GLU B 298 -2.00 -28.99 -28.15
C GLU B 298 -2.59 -27.84 -28.94
N VAL B 299 -3.06 -28.09 -30.17
CA VAL B 299 -3.60 -27.02 -30.99
C VAL B 299 -4.82 -26.40 -30.31
N TYR B 300 -5.64 -27.24 -29.67
CA TYR B 300 -6.87 -26.74 -29.06
C TYR B 300 -6.58 -25.75 -27.95
N HIS B 301 -5.57 -26.04 -27.12
CA HIS B 301 -5.23 -25.11 -26.06
C HIS B 301 -4.56 -23.85 -26.61
N PHE B 302 -3.78 -23.98 -27.69
CA PHE B 302 -3.19 -22.79 -28.29
C PHE B 302 -4.27 -21.86 -28.83
N ALA B 303 -5.25 -22.42 -29.56
CA ALA B 303 -6.32 -21.59 -30.09
C ALA B 303 -6.99 -20.79 -28.98
N LYS B 304 -7.25 -21.44 -27.85
CA LYS B 304 -7.83 -20.73 -26.72
C LYS B 304 -6.91 -19.64 -26.21
N LYS B 305 -5.61 -19.92 -26.16
CA LYS B 305 -4.67 -18.95 -25.59
C LYS B 305 -4.61 -17.68 -26.43
N ILE B 306 -4.44 -17.83 -27.75
CA ILE B 306 -4.44 -16.67 -28.63
C ILE B 306 -5.84 -16.16 -28.90
N ASN B 307 -6.88 -16.92 -28.53
CA ASN B 307 -8.26 -16.51 -28.74
C ASN B 307 -8.58 -16.40 -30.23
N ALA B 308 -8.45 -17.51 -30.93
CA ALA B 308 -8.71 -17.56 -32.35
C ALA B 308 -9.60 -18.75 -32.67
N PRO B 309 -10.37 -18.66 -33.76
CA PRO B 309 -11.19 -19.82 -34.16
C PRO B 309 -10.31 -21.01 -34.48
N ILE B 310 -10.75 -22.20 -34.05
CA ILE B 310 -9.95 -23.39 -34.23
C ILE B 310 -9.80 -23.73 -35.70
N ASP B 311 -10.82 -23.45 -36.51
CA ASP B 311 -10.77 -23.81 -37.92
C ASP B 311 -9.61 -23.09 -38.62
N LEU B 312 -9.47 -21.80 -38.36
CA LEU B 312 -8.38 -21.05 -38.97
C LEU B 312 -7.03 -21.47 -38.40
N VAL B 313 -6.96 -21.73 -37.10
CA VAL B 313 -5.72 -22.14 -36.47
C VAL B 313 -5.16 -23.37 -37.16
N LEU B 314 -6.04 -24.32 -37.48
CA LEU B 314 -5.59 -25.50 -38.23
C LEU B 314 -5.20 -25.13 -39.66
N LEU B 315 -5.90 -24.17 -40.25
CA LEU B 315 -5.56 -23.75 -41.61
C LEU B 315 -4.21 -23.07 -41.66
N THR B 316 -3.91 -22.23 -40.65
CA THR B 316 -2.58 -21.62 -40.58
C THR B 316 -1.51 -22.68 -40.43
N LYS B 317 -1.76 -23.70 -39.60
CA LYS B 317 -0.81 -24.79 -39.44
C LYS B 317 -0.57 -25.52 -40.74
N LYS B 318 -1.64 -25.80 -41.49
CA LYS B 318 -1.50 -26.54 -42.74
C LYS B 318 -0.71 -25.75 -43.76
N LEU B 319 -1.01 -24.46 -43.90
CA LEU B 319 -0.33 -23.63 -44.89
C LEU B 319 0.99 -23.08 -44.38
N LYS B 320 1.21 -23.06 -43.07
CA LYS B 320 2.44 -22.56 -42.46
C LYS B 320 2.60 -21.06 -42.61
N ARG B 321 1.54 -20.36 -43.01
CA ARG B 321 1.56 -18.91 -43.13
C ARG B 321 0.13 -18.41 -42.94
N LEU B 322 -0.01 -17.09 -42.87
CA LEU B 322 -1.32 -16.51 -42.68
C LEU B 322 -2.21 -16.89 -43.87
N PRO B 323 -3.46 -17.29 -43.62
CA PRO B 323 -4.29 -17.76 -44.75
C PRO B 323 -4.54 -16.71 -45.81
N VAL B 324 -4.36 -15.43 -45.51
CA VAL B 324 -4.67 -14.35 -46.43
C VAL B 324 -3.42 -13.50 -46.66
N VAL B 325 -3.44 -12.72 -47.74
CA VAL B 325 -2.32 -11.84 -48.04
C VAL B 325 -2.01 -10.99 -46.84
N ASN B 326 -0.72 -10.74 -46.61
CA ASN B 326 -0.26 -9.99 -45.46
C ASN B 326 0.69 -8.90 -45.93
N PHE B 327 0.42 -7.67 -45.54
CA PHE B 327 1.23 -6.52 -45.90
C PHE B 327 1.83 -5.91 -44.64
N ALA B 328 2.79 -5.03 -44.82
CA ALA B 328 3.46 -4.34 -43.73
C ALA B 328 3.11 -2.87 -43.78
N ALA B 329 2.72 -2.31 -42.64
CA ALA B 329 2.27 -0.93 -42.59
C ALA B 329 2.81 -0.26 -41.33
N GLY B 330 3.22 1.00 -41.48
CA GLY B 330 3.61 1.79 -40.33
C GLY B 330 5.10 1.84 -40.11
N GLY B 331 5.73 2.93 -40.51
CA GLY B 331 7.14 3.13 -40.33
C GLY B 331 7.98 2.95 -41.58
N VAL B 332 7.43 2.33 -42.62
CA VAL B 332 8.19 2.12 -43.84
C VAL B 332 8.40 3.47 -44.53
N ALA B 333 9.61 4.00 -44.44
CA ALA B 333 9.92 5.31 -44.99
C ALA B 333 11.14 5.34 -45.89
N THR B 334 11.93 4.28 -45.94
CA THR B 334 13.17 4.24 -46.69
C THR B 334 13.23 2.95 -47.50
N PRO B 335 13.94 2.95 -48.62
CA PRO B 335 14.08 1.69 -49.36
C PRO B 335 14.62 0.55 -48.51
N ALA B 336 15.48 0.85 -47.54
CA ALA B 336 15.92 -0.18 -46.61
C ALA B 336 14.78 -0.68 -45.74
N ASP B 337 13.91 0.21 -45.28
CA ASP B 337 12.80 -0.21 -44.45
C ASP B 337 11.85 -1.12 -45.22
N ALA B 338 11.56 -0.76 -46.48
CA ALA B 338 10.67 -1.58 -47.29
C ALA B 338 11.26 -2.96 -47.53
N ALA B 339 12.55 -3.03 -47.85
CA ALA B 339 13.18 -4.31 -48.15
C ALA B 339 13.31 -5.17 -46.90
N MET B 340 13.54 -4.54 -45.74
CA MET B 340 13.63 -5.31 -44.51
C MET B 340 12.32 -6.04 -44.24
N CYS B 341 11.19 -5.34 -44.42
CA CYS B 341 9.89 -5.97 -44.19
C CYS B 341 9.67 -7.13 -45.15
N MET B 342 10.03 -6.96 -46.42
CA MET B 342 9.87 -8.03 -47.39
C MET B 342 10.83 -9.18 -47.12
N GLN B 343 12.02 -8.89 -46.60
CA GLN B 343 12.95 -9.95 -46.24
C GLN B 343 12.49 -10.72 -45.01
N LEU B 344 11.54 -10.18 -44.25
CA LEU B 344 10.96 -10.87 -43.12
C LEU B 344 9.69 -11.63 -43.49
N GLY B 345 9.32 -11.67 -44.76
CA GLY B 345 8.29 -12.57 -45.23
C GLY B 345 6.96 -11.95 -45.60
N MET B 346 6.83 -10.63 -45.57
CA MET B 346 5.57 -10.01 -45.97
C MET B 346 5.41 -10.05 -47.47
N ASP B 347 4.18 -9.74 -47.93
CA ASP B 347 3.86 -9.75 -49.34
C ASP B 347 3.87 -8.36 -49.96
N GLY B 348 4.17 -7.33 -49.19
CA GLY B 348 4.15 -5.98 -49.69
C GLY B 348 4.23 -5.00 -48.54
N VAL B 349 4.14 -3.72 -48.88
CA VAL B 349 4.27 -2.65 -47.89
C VAL B 349 3.22 -1.58 -48.13
N PHE B 350 2.76 -1.01 -47.02
CA PHE B 350 1.93 0.20 -47.01
C PHE B 350 2.84 1.34 -46.61
N VAL B 351 3.06 2.29 -47.52
CA VAL B 351 3.94 3.42 -47.28
C VAL B 351 3.07 4.66 -47.11
N GLY B 352 3.32 5.41 -46.04
CA GLY B 352 2.50 6.55 -45.70
C GLY B 352 2.69 7.74 -46.61
N SER B 353 2.52 8.95 -46.07
CA SER B 353 2.63 10.17 -46.85
C SER B 353 4.03 10.77 -46.84
N GLY B 354 4.98 10.16 -46.12
CA GLY B 354 6.33 10.68 -46.10
C GLY B 354 6.98 10.68 -47.46
N ILE B 355 6.51 9.84 -48.39
CA ILE B 355 7.15 9.76 -49.70
C ILE B 355 7.01 11.08 -50.45
N PHE B 356 5.98 11.87 -50.12
CA PHE B 356 5.70 13.10 -50.85
C PHE B 356 6.16 14.35 -50.11
N GLU B 357 6.30 14.30 -48.79
CA GLU B 357 6.91 15.38 -48.03
C GLU B 357 8.42 15.22 -48.02
N SER B 358 9.01 15.25 -49.21
CA SER B 358 10.44 15.08 -49.36
C SER B 358 10.88 15.76 -50.65
N GLU B 359 12.19 15.98 -50.77
CA GLU B 359 12.73 16.73 -51.89
C GLU B 359 12.18 16.23 -53.21
N ASN B 360 12.43 14.96 -53.53
CA ASN B 360 11.97 14.37 -54.77
C ASN B 360 10.92 13.31 -54.46
N PRO B 361 9.63 13.58 -54.71
CA PRO B 361 8.63 12.54 -54.43
C PRO B 361 8.61 11.43 -55.45
N ARG B 362 8.85 11.74 -56.72
CA ARG B 362 8.83 10.70 -57.74
C ARG B 362 10.00 9.74 -57.57
N LYS B 363 11.19 10.27 -57.29
CA LYS B 363 12.35 9.41 -57.12
C LYS B 363 12.28 8.61 -55.83
N MET B 364 11.87 9.24 -54.74
CA MET B 364 11.74 8.50 -53.49
C MET B 364 10.68 7.42 -53.61
N ALA B 365 9.60 7.70 -54.34
CA ALA B 365 8.56 6.70 -54.55
C ALA B 365 9.08 5.53 -55.37
N ALA B 366 9.71 5.81 -56.50
CA ALA B 366 10.24 4.74 -57.33
C ALA B 366 11.34 3.97 -56.62
N SER B 367 11.98 4.59 -55.63
CA SER B 367 13.00 3.89 -54.85
C SER B 367 12.36 2.81 -53.98
N ILE B 368 11.28 3.16 -53.27
CA ILE B 368 10.62 2.17 -52.42
C ILE B 368 9.96 1.09 -53.26
N VAL B 369 9.50 1.44 -54.46
CA VAL B 369 8.93 0.42 -55.35
C VAL B 369 9.99 -0.57 -55.77
N SER B 370 11.18 -0.08 -56.15
CA SER B 370 12.25 -0.97 -56.58
C SER B 370 12.81 -1.77 -55.42
N ALA B 371 12.82 -1.20 -54.21
CA ALA B 371 13.27 -1.95 -53.05
C ALA B 371 12.41 -3.18 -52.82
N VAL B 372 11.09 -3.03 -52.94
CA VAL B 372 10.20 -4.16 -52.73
C VAL B 372 10.33 -5.17 -53.86
N SER B 373 10.49 -4.69 -55.09
CA SER B 373 10.62 -5.59 -56.22
C SER B 373 11.94 -6.36 -56.16
N ASN B 374 12.99 -5.75 -55.62
CA ASN B 374 14.33 -6.33 -55.57
C ASN B 374 14.84 -6.34 -54.14
N PHE B 375 14.00 -6.81 -53.21
CA PHE B 375 14.35 -6.74 -51.80
C PHE B 375 15.51 -7.66 -51.42
N ASN B 376 15.89 -8.59 -52.27
CA ASN B 376 16.95 -9.53 -51.98
C ASN B 376 18.24 -9.22 -52.74
N ASN B 377 18.34 -8.03 -53.32
CA ASN B 377 19.46 -7.65 -54.20
C ASN B 377 20.17 -6.46 -53.57
N PRO B 378 21.21 -6.69 -52.76
CA PRO B 378 21.87 -5.56 -52.09
C PRO B 378 22.45 -4.54 -53.05
N LYS B 379 22.83 -4.95 -54.26
CA LYS B 379 23.36 -4.00 -55.23
C LYS B 379 22.32 -2.95 -55.60
N ILE B 380 21.08 -3.39 -55.86
CA ILE B 380 20.03 -2.47 -56.24
C ILE B 380 19.60 -1.63 -55.04
N LEU B 381 19.53 -2.24 -53.86
CA LEU B 381 19.14 -1.50 -52.67
C LEU B 381 20.10 -0.35 -52.40
N LEU B 382 21.39 -0.58 -52.59
CA LEU B 382 22.36 0.51 -52.48
C LEU B 382 22.09 1.56 -53.54
N ASP B 383 21.84 1.13 -54.78
CA ASP B 383 21.71 2.07 -55.88
C ASP B 383 20.55 3.02 -55.67
N VAL B 384 19.42 2.51 -55.20
CA VAL B 384 18.25 3.35 -54.99
C VAL B 384 18.35 4.16 -53.71
N SER B 385 19.19 3.75 -52.76
CA SER B 385 19.36 4.49 -51.52
C SER B 385 20.31 5.66 -51.64
N MET B 386 21.09 5.74 -52.71
CA MET B 386 22.09 6.79 -52.85
C MET B 386 21.45 8.06 -53.42
N ASN B 387 21.78 9.19 -52.82
CA ASN B 387 21.27 10.49 -53.25
C ASN B 387 19.76 10.60 -53.09
N LEU B 388 19.22 9.90 -52.08
CA LEU B 388 17.79 9.92 -51.82
C LEU B 388 17.31 11.25 -51.23
N GLY B 389 18.22 12.05 -50.68
CA GLY B 389 17.86 13.32 -50.09
C GLY B 389 17.99 14.47 -51.08
N VAL C 124 36.42 -14.76 -39.15
CA VAL C 124 36.41 -13.70 -38.17
C VAL C 124 37.83 -13.36 -37.71
N LEU C 125 38.72 -14.35 -37.85
CA LEU C 125 40.10 -14.14 -37.43
C LEU C 125 40.75 -13.02 -38.23
N LEU C 126 40.46 -12.95 -39.53
CA LEU C 126 41.00 -11.87 -40.35
C LEU C 126 40.48 -10.52 -39.88
N LYS C 127 39.21 -10.45 -39.49
CA LYS C 127 38.65 -9.20 -38.97
C LYS C 127 39.34 -8.77 -37.69
N HIS C 128 39.60 -9.73 -36.79
CA HIS C 128 40.30 -9.39 -35.55
C HIS C 128 41.72 -8.94 -35.83
N GLY C 129 42.41 -9.61 -36.75
CA GLY C 129 43.76 -9.19 -37.09
C GLY C 129 43.82 -7.77 -37.61
N TRP C 130 42.85 -7.39 -38.44
CA TRP C 130 42.80 -6.01 -38.92
C TRP C 130 42.52 -5.05 -37.79
N CYS C 131 41.70 -5.45 -36.81
CA CYS C 131 41.39 -4.56 -35.71
C CYS C 131 42.60 -4.32 -34.81
N GLU C 132 43.58 -5.23 -34.82
CA GLU C 132 44.78 -5.02 -34.02
C GLU C 132 45.50 -3.75 -34.44
N MET C 133 45.44 -3.42 -35.74
CA MET C 133 46.05 -2.19 -36.22
C MET C 133 45.36 -0.95 -35.64
N LEU C 134 44.16 -1.12 -35.09
CA LEU C 134 43.39 0.00 -34.57
C LEU C 134 43.70 0.31 -33.11
N LYS C 135 44.58 -0.45 -32.46
CA LYS C 135 44.89 -0.21 -31.07
C LYS C 135 45.61 1.13 -30.89
N GLY C 136 45.29 1.83 -29.81
CA GLY C 136 45.94 3.08 -29.50
C GLY C 136 45.61 4.22 -30.42
N GLY C 137 44.43 4.22 -31.04
CA GLY C 137 44.06 5.24 -31.99
C GLY C 137 42.80 5.99 -31.56
N VAL C 138 42.47 7.02 -32.32
CA VAL C 138 41.35 7.91 -32.05
C VAL C 138 40.44 7.93 -33.26
N ILE C 139 39.14 7.76 -33.03
CA ILE C 139 38.13 7.77 -34.08
C ILE C 139 37.22 8.95 -33.82
N MET C 140 37.24 9.94 -34.71
CA MET C 140 36.45 11.16 -34.56
C MET C 140 35.18 11.05 -35.39
N ASP C 141 34.04 11.35 -34.76
CA ASP C 141 32.74 11.27 -35.42
C ASP C 141 32.55 12.54 -36.24
N VAL C 142 32.94 12.50 -37.50
CA VAL C 142 32.90 13.65 -38.37
C VAL C 142 31.55 13.73 -39.06
N LYS C 143 31.24 14.92 -39.60
CA LYS C 143 29.95 15.19 -40.22
C LYS C 143 30.04 15.59 -41.68
N SER C 144 31.23 15.78 -42.23
CA SER C 144 31.37 16.28 -43.59
C SER C 144 32.78 15.97 -44.07
N VAL C 145 33.15 16.53 -45.22
CA VAL C 145 34.46 16.27 -45.79
C VAL C 145 35.53 17.16 -45.17
N GLU C 146 35.19 18.42 -44.86
CA GLU C 146 36.16 19.28 -44.20
C GLU C 146 36.49 18.76 -42.81
N GLN C 147 35.47 18.30 -42.07
CA GLN C 147 35.72 17.72 -40.77
C GLN C 147 36.54 16.44 -40.89
N ALA C 148 36.22 15.61 -41.89
CA ALA C 148 36.99 14.39 -42.10
C ALA C 148 38.43 14.69 -42.46
N LYS C 149 38.65 15.74 -43.25
CA LYS C 149 40.02 16.13 -43.58
C LYS C 149 40.76 16.62 -42.34
N ILE C 150 40.09 17.37 -41.48
CA ILE C 150 40.72 17.83 -40.24
C ILE C 150 41.13 16.63 -39.39
N ALA C 151 40.22 15.67 -39.24
CA ALA C 151 40.50 14.51 -38.40
C ALA C 151 41.58 13.63 -39.00
N GLU C 152 41.75 13.65 -40.32
CA GLU C 152 42.84 12.88 -40.91
C GLU C 152 44.19 13.54 -40.64
N GLU C 153 44.27 14.85 -40.81
CA GLU C 153 45.51 15.57 -40.55
C GLU C 153 45.84 15.60 -39.06
N ALA C 154 44.82 15.57 -38.20
CA ALA C 154 45.04 15.52 -36.76
C ALA C 154 45.60 14.19 -36.29
N GLY C 155 45.65 13.18 -37.15
CA GLY C 155 46.24 11.91 -36.80
C GLY C 155 45.29 10.82 -36.40
N ALA C 156 43.98 10.99 -36.63
CA ALA C 156 43.03 9.95 -36.29
C ALA C 156 43.26 8.73 -37.17
N ILE C 157 42.85 7.57 -36.64
CA ILE C 157 42.91 6.33 -37.43
C ILE C 157 41.65 6.10 -38.24
N GLY C 158 40.52 6.67 -37.83
CA GLY C 158 39.28 6.48 -38.56
C GLY C 158 38.32 7.60 -38.23
N VAL C 159 37.31 7.74 -39.10
CA VAL C 159 36.29 8.77 -38.95
C VAL C 159 34.93 8.10 -39.07
N MET C 160 34.07 8.35 -38.09
CA MET C 160 32.71 7.82 -38.11
C MET C 160 31.81 8.86 -38.77
N VAL C 161 31.26 8.52 -39.93
CA VAL C 161 30.46 9.47 -40.68
C VAL C 161 29.11 9.66 -40.01
N LEU C 162 28.70 10.91 -39.84
CA LEU C 162 27.52 11.29 -39.08
C LEU C 162 26.52 11.98 -40.00
N GLU C 163 25.35 12.29 -39.45
CA GLU C 163 24.33 13.04 -40.17
C GLU C 163 24.54 14.54 -39.93
N ASN C 164 24.75 15.28 -41.01
CA ASN C 164 25.03 16.71 -40.93
C ASN C 164 23.73 17.45 -40.63
N ILE C 165 23.46 17.67 -39.34
CA ILE C 165 22.32 18.44 -38.91
C ILE C 165 22.79 19.56 -37.98
N GLY C 174 13.40 13.66 -34.38
CA GLY C 174 12.39 12.65 -34.61
C GLY C 174 12.94 11.24 -34.55
N VAL C 175 13.23 10.67 -35.72
CA VAL C 175 13.79 9.34 -35.84
C VAL C 175 15.13 9.45 -36.55
N ALA C 176 16.17 8.89 -35.94
CA ALA C 176 17.52 8.94 -36.51
C ALA C 176 17.78 7.65 -37.27
N ARG C 177 18.03 7.77 -38.57
CA ARG C 177 18.30 6.64 -39.44
C ARG C 177 19.76 6.67 -39.89
N SER C 178 20.17 5.60 -40.56
CA SER C 178 21.50 5.55 -41.13
C SER C 178 21.67 6.66 -42.16
N VAL C 179 22.87 7.24 -42.21
CA VAL C 179 23.11 8.33 -43.14
C VAL C 179 22.96 7.86 -44.58
N ASP C 180 22.77 8.82 -45.47
CA ASP C 180 22.65 8.51 -46.88
C ASP C 180 23.96 7.94 -47.40
N PRO C 181 23.96 6.75 -48.00
CA PRO C 181 25.24 6.16 -48.44
C PRO C 181 26.02 7.02 -49.41
N SER C 182 25.40 8.00 -50.05
CA SER C 182 26.18 8.88 -50.94
C SER C 182 27.06 9.81 -50.13
N LYS C 183 26.65 10.15 -48.91
CA LYS C 183 27.52 10.94 -48.04
C LYS C 183 28.71 10.11 -47.58
N VAL C 184 28.47 8.87 -47.15
CA VAL C 184 29.56 8.00 -46.74
C VAL C 184 30.50 7.75 -47.91
N GLU C 185 29.97 7.68 -49.13
CA GLU C 185 30.82 7.46 -50.29
C GLU C 185 31.74 8.65 -50.54
N GLU C 186 31.24 9.87 -50.38
CA GLU C 186 32.08 11.03 -50.65
C GLU C 186 33.22 11.14 -49.66
N ILE C 187 32.96 10.87 -48.38
CA ILE C 187 34.01 10.90 -47.39
C ILE C 187 35.01 9.78 -47.62
N LYS C 188 34.52 8.58 -47.91
CA LYS C 188 35.41 7.45 -48.12
C LYS C 188 36.42 7.73 -49.22
N LYS C 189 36.06 8.56 -50.20
CA LYS C 189 36.95 8.87 -51.31
C LYS C 189 37.82 10.09 -51.06
N CYS C 190 37.60 10.82 -49.96
CA CYS C 190 38.35 12.02 -49.65
C CYS C 190 39.28 11.85 -48.45
N VAL C 191 39.36 10.65 -47.87
CA VAL C 191 40.25 10.38 -46.75
C VAL C 191 40.85 9.01 -46.93
N SER C 192 42.13 8.87 -46.60
CA SER C 192 42.85 7.62 -46.75
C SER C 192 42.83 6.78 -45.48
N ILE C 193 42.04 7.17 -44.48
CA ILE C 193 41.94 6.44 -43.23
C ILE C 193 40.61 5.69 -43.21
N ASN C 194 40.45 4.85 -42.19
CA ASN C 194 39.24 4.05 -42.09
C ASN C 194 38.00 4.95 -42.05
N VAL C 195 36.91 4.45 -42.61
CA VAL C 195 35.62 5.13 -42.58
C VAL C 195 34.61 4.17 -41.97
N LEU C 196 33.90 4.63 -40.96
CA LEU C 196 32.88 3.85 -40.29
C LEU C 196 31.52 4.48 -40.54
N ALA C 197 30.47 3.73 -40.22
CA ALA C 197 29.11 4.23 -40.36
C ALA C 197 28.22 3.53 -39.36
N ARG C 198 27.09 4.16 -39.08
CA ARG C 198 26.18 3.73 -38.03
C ARG C 198 24.92 3.13 -38.65
N VAL C 199 24.45 2.04 -38.09
CA VAL C 199 23.21 1.40 -38.51
C VAL C 199 22.39 1.10 -37.27
N ARG C 200 21.08 1.31 -37.37
CA ARG C 200 20.21 1.12 -36.23
C ARG C 200 20.31 -0.31 -35.72
N ILE C 201 20.08 -0.49 -34.42
CA ILE C 201 20.20 -1.79 -33.79
C ILE C 201 19.17 -2.74 -34.39
N GLY C 202 19.64 -3.76 -35.09
CA GLY C 202 18.78 -4.77 -35.65
C GLY C 202 18.46 -4.58 -37.11
N HIS C 203 18.66 -3.38 -37.66
CA HIS C 203 18.36 -3.13 -39.06
C HIS C 203 19.41 -3.79 -39.93
N PHE C 204 19.14 -5.01 -40.37
CA PHE C 204 20.11 -5.80 -41.12
C PHE C 204 20.09 -5.51 -42.61
N VAL C 205 19.31 -4.53 -43.06
CA VAL C 205 19.32 -4.14 -44.46
C VAL C 205 20.07 -2.83 -44.68
N GLU C 206 20.16 -1.97 -43.67
CA GLU C 206 21.12 -0.87 -43.75
C GLU C 206 22.54 -1.42 -43.78
N ALA C 207 22.82 -2.44 -42.97
CA ALA C 207 24.14 -3.05 -42.99
C ALA C 207 24.46 -3.64 -44.36
N GLN C 208 23.48 -4.29 -44.99
CA GLN C 208 23.71 -4.85 -46.32
C GLN C 208 23.99 -3.76 -47.34
N ILE C 209 23.39 -2.59 -47.17
CA ILE C 209 23.66 -1.46 -48.06
C ILE C 209 25.10 -1.00 -47.88
N LEU C 210 25.51 -0.82 -46.62
CA LEU C 210 26.86 -0.35 -46.32
C LEU C 210 27.92 -1.37 -46.74
N GLU C 211 27.66 -2.66 -46.48
CA GLU C 211 28.60 -3.69 -46.90
C GLU C 211 28.83 -3.64 -48.40
N GLU C 212 27.78 -3.38 -49.17
CA GLU C 212 27.94 -3.21 -50.61
C GLU C 212 28.74 -1.96 -50.93
N LEU C 213 28.85 -1.03 -50.00
CA LEU C 213 29.61 0.20 -50.19
C LEU C 213 31.10 0.03 -49.94
N LYS C 214 31.53 -1.13 -49.45
CA LYS C 214 32.93 -1.39 -49.14
C LYS C 214 33.44 -0.42 -48.07
N ILE C 215 32.64 -0.26 -47.02
CA ILE C 215 33.00 0.55 -45.88
C ILE C 215 34.02 -0.23 -45.06
N ASP C 216 34.63 0.42 -44.06
CA ASP C 216 35.68 -0.23 -43.29
C ASP C 216 35.19 -0.84 -41.97
N MET C 217 34.13 -0.31 -41.39
CA MET C 217 33.58 -0.90 -40.18
C MET C 217 32.19 -0.33 -39.93
N ILE C 218 31.23 -1.20 -39.67
CA ILE C 218 29.86 -0.78 -39.39
C ILE C 218 29.69 -0.72 -37.89
N ASP C 219 28.78 0.12 -37.42
CA ASP C 219 28.61 0.42 -36.00
C ASP C 219 27.15 0.27 -35.63
N GLU C 220 26.78 -0.86 -35.04
CA GLU C 220 25.40 -1.09 -34.62
C GLU C 220 25.14 -0.22 -33.39
N SER C 221 24.49 0.91 -33.60
CA SER C 221 24.55 2.03 -32.67
C SER C 221 23.24 2.22 -31.93
N GLU C 222 23.35 2.45 -30.62
CA GLU C 222 22.22 2.80 -29.77
C GLU C 222 21.89 4.29 -29.82
N VAL C 223 22.79 5.11 -30.36
CA VAL C 223 22.48 6.52 -30.55
C VAL C 223 21.34 6.69 -31.54
N LEU C 224 21.40 5.94 -32.65
CA LEU C 224 20.31 5.93 -33.60
C LEU C 224 19.11 5.20 -33.02
N THR C 225 17.93 5.51 -33.56
CA THR C 225 16.71 4.88 -33.10
C THR C 225 16.77 3.37 -33.32
N ILE C 226 16.22 2.61 -32.38
CA ILE C 226 16.28 1.16 -32.41
C ILE C 226 15.28 0.65 -33.45
N ALA C 227 15.77 -0.14 -34.41
CA ALA C 227 14.88 -0.71 -35.42
C ALA C 227 14.27 -2.02 -34.94
N ASP C 228 15.05 -2.85 -34.24
CA ASP C 228 14.58 -4.12 -33.70
C ASP C 228 14.99 -4.16 -32.23
N GLU C 229 14.04 -3.86 -31.35
CA GLU C 229 14.33 -3.80 -29.92
C GLU C 229 14.71 -5.15 -29.35
N MET C 230 14.42 -6.23 -30.05
CA MET C 230 14.58 -7.57 -29.50
C MET C 230 15.81 -8.29 -30.03
N HIS C 231 16.30 -7.93 -31.22
CA HIS C 231 17.37 -8.65 -31.88
C HIS C 231 18.50 -7.69 -32.23
N HIS C 232 19.65 -8.28 -32.54
CA HIS C 232 20.81 -7.58 -33.05
C HIS C 232 21.25 -8.24 -34.35
N ILE C 233 21.73 -7.42 -35.29
CA ILE C 233 22.13 -7.95 -36.58
C ILE C 233 22.94 -9.22 -36.39
N ASP C 234 22.77 -10.18 -37.30
CA ASP C 234 23.60 -11.39 -37.27
C ASP C 234 24.88 -11.07 -38.00
N LYS C 235 25.88 -10.61 -37.25
CA LYS C 235 27.10 -10.09 -37.82
C LYS C 235 27.99 -11.16 -38.39
N HIS C 236 27.60 -12.43 -38.31
CA HIS C 236 28.38 -13.49 -38.93
C HIS C 236 28.21 -13.54 -40.44
N LYS C 237 27.10 -13.01 -40.96
CA LYS C 237 26.80 -13.08 -42.38
C LYS C 237 27.49 -12.01 -43.20
N PHE C 238 28.20 -11.09 -42.56
CA PHE C 238 28.82 -9.96 -43.22
C PHE C 238 30.33 -10.12 -43.24
N LYS C 239 30.94 -9.66 -44.33
CA LYS C 239 32.40 -9.61 -44.42
C LYS C 239 32.99 -8.39 -43.74
N THR C 240 32.17 -7.40 -43.42
CA THR C 240 32.64 -6.14 -42.85
C THR C 240 32.60 -6.21 -41.33
N PRO C 241 33.70 -5.92 -40.63
CA PRO C 241 33.69 -6.00 -39.17
C PRO C 241 32.71 -5.02 -38.54
N PHE C 242 32.12 -5.44 -37.43
CA PHE C 242 31.14 -4.66 -36.70
C PHE C 242 31.71 -4.22 -35.36
N VAL C 243 31.21 -3.10 -34.85
CA VAL C 243 31.51 -2.64 -33.50
C VAL C 243 30.18 -2.39 -32.80
N CYS C 244 30.08 -2.86 -31.56
CA CYS C 244 28.82 -2.78 -30.82
C CYS C 244 29.09 -2.27 -29.42
N GLY C 245 28.10 -1.63 -28.84
CA GLY C 245 28.24 -1.09 -27.50
C GLY C 245 28.20 -2.18 -26.45
N CYS C 246 28.50 -1.77 -25.22
CA CYS C 246 28.53 -2.70 -24.10
C CYS C 246 28.62 -1.91 -22.80
N THR C 247 27.92 -2.39 -21.78
CA THR C 247 27.96 -1.78 -20.46
C THR C 247 28.45 -2.72 -19.38
N ASN C 248 28.57 -4.02 -19.66
CA ASN C 248 29.13 -4.97 -18.72
C ASN C 248 29.79 -6.09 -19.50
N LEU C 249 30.50 -6.97 -18.78
CA LEU C 249 31.19 -8.07 -19.44
C LEU C 249 30.21 -9.04 -20.08
N GLY C 250 29.05 -9.26 -19.45
CA GLY C 250 28.08 -10.17 -20.04
C GLY C 250 27.58 -9.68 -21.38
N GLU C 251 27.24 -8.38 -21.45
CA GLU C 251 26.76 -7.81 -22.71
C GLU C 251 27.86 -7.80 -23.76
N ALA C 252 29.10 -7.50 -23.35
CA ALA C 252 30.21 -7.50 -24.31
C ALA C 252 30.46 -8.90 -24.85
N LEU C 253 30.32 -9.92 -24.00
CA LEU C 253 30.58 -11.29 -24.44
C LEU C 253 29.46 -11.81 -25.34
N ARG C 254 28.23 -11.36 -25.10
CA ARG C 254 27.13 -11.77 -25.97
C ARG C 254 27.33 -11.24 -27.38
N ARG C 255 27.70 -9.96 -27.50
CA ARG C 255 27.88 -9.37 -28.83
C ARG C 255 29.07 -9.96 -29.56
N ILE C 256 30.09 -10.40 -28.84
CA ILE C 256 31.21 -11.05 -29.49
C ILE C 256 30.81 -12.42 -30.01
N SER C 257 29.89 -13.10 -29.31
CA SER C 257 29.36 -14.36 -29.81
C SER C 257 28.58 -14.14 -31.10
N GLU C 258 27.79 -13.07 -31.18
CA GLU C 258 27.03 -12.78 -32.38
C GLU C 258 27.92 -12.40 -33.56
N GLY C 259 29.13 -11.91 -33.31
CA GLY C 259 30.08 -11.68 -34.38
C GLY C 259 30.74 -10.32 -34.38
N ALA C 260 30.60 -9.56 -33.30
CA ALA C 260 31.21 -8.24 -33.23
C ALA C 260 32.73 -8.37 -33.16
N SER C 261 33.42 -7.61 -34.00
CA SER C 261 34.88 -7.63 -34.04
C SER C 261 35.51 -6.56 -33.17
N MET C 262 34.71 -5.69 -32.55
CA MET C 262 35.23 -4.65 -31.67
C MET C 262 34.10 -4.28 -30.71
N ILE C 263 34.46 -3.71 -29.58
CA ILE C 263 33.49 -3.28 -28.59
C ILE C 263 33.82 -1.85 -28.18
N ARG C 264 32.82 -1.16 -27.64
CA ARG C 264 33.02 0.15 -27.06
C ARG C 264 32.03 0.33 -25.92
N THR C 265 32.40 1.16 -24.96
CA THR C 265 31.53 1.39 -23.80
C THR C 265 30.47 2.42 -24.14
N LYS C 266 29.21 2.05 -23.94
CA LYS C 266 28.10 2.90 -24.36
C LYS C 266 28.25 4.32 -23.82
N GLY C 267 28.62 4.45 -22.55
CA GLY C 267 28.78 5.77 -21.99
C GLY C 267 27.47 6.53 -21.99
N GLU C 268 27.55 7.84 -22.27
CA GLU C 268 26.38 8.72 -22.33
C GLU C 268 26.66 9.74 -23.44
N ALA C 269 26.14 9.46 -24.63
CA ALA C 269 26.43 10.29 -25.79
C ALA C 269 25.71 11.63 -25.70
N GLY C 270 26.39 12.69 -26.13
CA GLY C 270 25.81 14.01 -26.22
C GLY C 270 25.88 14.83 -24.95
N THR C 271 26.32 14.25 -23.84
CA THR C 271 26.39 14.96 -22.57
C THR C 271 27.78 15.49 -22.25
N GLY C 272 28.83 14.83 -22.74
CA GLY C 272 30.18 15.23 -22.42
C GLY C 272 30.65 14.79 -21.05
N ASN C 273 29.83 14.06 -20.30
CA ASN C 273 30.18 13.62 -18.96
C ASN C 273 30.78 12.22 -19.05
N ILE C 274 32.00 12.09 -18.53
CA ILE C 274 32.77 10.86 -18.63
C ILE C 274 32.42 9.93 -17.47
N ILE C 275 31.38 10.27 -16.71
CA ILE C 275 31.05 9.47 -15.54
C ILE C 275 30.65 8.06 -15.95
N GLU C 276 29.80 7.96 -16.97
CA GLU C 276 29.31 6.65 -17.38
C GLU C 276 30.40 5.84 -18.07
N ALA C 277 31.20 6.48 -18.92
CA ALA C 277 32.27 5.75 -19.59
C ALA C 277 33.25 5.17 -18.59
N ILE C 278 33.62 5.95 -17.58
CA ILE C 278 34.55 5.45 -16.57
C ILE C 278 33.88 4.40 -15.70
N LYS C 279 32.59 4.56 -15.40
CA LYS C 279 31.88 3.56 -14.63
C LYS C 279 31.84 2.24 -15.37
N HIS C 280 31.58 2.27 -16.67
CA HIS C 280 31.52 1.05 -17.45
C HIS C 280 32.90 0.42 -17.63
N ILE C 281 33.92 1.25 -17.82
CA ILE C 281 35.27 0.71 -17.99
C ILE C 281 35.69 -0.06 -16.74
N ARG C 282 35.41 0.50 -15.57
CA ARG C 282 35.75 -0.18 -14.32
C ARG C 282 34.93 -1.46 -14.17
N THR C 283 33.63 -1.40 -14.45
CA THR C 283 32.78 -2.56 -14.29
C THR C 283 33.28 -3.73 -15.13
N VAL C 284 33.59 -3.47 -16.40
CA VAL C 284 34.08 -4.54 -17.26
C VAL C 284 35.45 -5.02 -16.79
N ASN C 285 36.32 -4.09 -16.40
CA ASN C 285 37.66 -4.47 -15.96
C ASN C 285 37.61 -5.28 -14.67
N ASN C 286 36.74 -4.89 -13.74
CA ASN C 286 36.63 -5.63 -12.49
C ASN C 286 36.12 -7.05 -12.74
N GLU C 287 35.09 -7.19 -13.58
CA GLU C 287 34.51 -8.51 -13.82
C GLU C 287 35.52 -9.44 -14.48
N ILE C 288 36.31 -8.94 -15.43
CA ILE C 288 37.27 -9.79 -16.12
C ILE C 288 38.31 -10.32 -15.14
N CYS C 289 38.80 -9.45 -14.24
CA CYS C 289 39.81 -9.89 -13.30
C CYS C 289 39.20 -10.79 -12.22
N TYR C 290 38.05 -10.40 -11.66
CA TYR C 290 37.36 -11.29 -10.73
C TYR C 290 37.16 -12.66 -11.33
N LEU C 291 36.82 -12.71 -12.62
CA LEU C 291 36.74 -13.97 -13.33
C LEU C 291 38.08 -14.70 -13.30
N CYS C 292 39.17 -13.99 -13.60
CA CYS C 292 40.48 -14.63 -13.62
C CYS C 292 40.88 -15.15 -12.25
N CYS C 293 40.28 -14.61 -11.21
CA CYS C 293 40.59 -14.99 -9.83
C CYS C 293 39.70 -16.12 -9.33
N LEU C 294 38.81 -16.63 -10.17
CA LEU C 294 37.83 -17.65 -9.79
C LEU C 294 38.44 -19.04 -10.00
N SER C 295 37.60 -20.07 -9.94
CA SER C 295 38.02 -21.45 -10.14
C SER C 295 37.17 -22.10 -11.21
N ASP C 296 37.55 -23.32 -11.60
CA ASP C 296 36.94 -23.96 -12.76
C ASP C 296 35.48 -24.35 -12.50
N SER C 297 35.15 -24.73 -11.28
CA SER C 297 33.78 -25.12 -10.99
C SER C 297 32.84 -23.92 -10.88
N GLU C 298 33.36 -22.76 -10.49
CA GLU C 298 32.54 -21.57 -10.36
C GLU C 298 32.35 -20.82 -11.66
N VAL C 299 33.12 -21.14 -12.69
CA VAL C 299 32.99 -20.44 -13.96
C VAL C 299 31.60 -20.65 -14.54
N TYR C 300 31.07 -21.86 -14.42
CA TYR C 300 29.75 -22.14 -14.99
C TYR C 300 28.68 -21.30 -14.30
N HIS C 301 28.74 -21.18 -12.98
CA HIS C 301 27.76 -20.37 -12.28
C HIS C 301 27.89 -18.90 -12.68
N PHE C 302 29.13 -18.41 -12.82
CA PHE C 302 29.33 -17.03 -13.22
C PHE C 302 28.73 -16.77 -14.59
N ALA C 303 29.06 -17.63 -15.56
CA ALA C 303 28.55 -17.43 -16.91
C ALA C 303 27.03 -17.29 -16.91
N LYS C 304 26.35 -18.11 -16.11
CA LYS C 304 24.91 -17.97 -15.99
C LYS C 304 24.54 -16.62 -15.38
N LYS C 305 25.30 -16.17 -14.38
CA LYS C 305 24.95 -14.93 -13.69
C LYS C 305 25.04 -13.74 -14.64
N ILE C 306 26.17 -13.60 -15.34
CA ILE C 306 26.30 -12.53 -16.32
C ILE C 306 25.54 -12.84 -17.61
N ASN C 307 25.11 -14.08 -17.80
CA ASN C 307 24.36 -14.48 -18.98
C ASN C 307 25.22 -14.33 -20.24
N ALA C 308 26.32 -15.07 -20.27
CA ALA C 308 27.25 -15.04 -21.39
C ALA C 308 27.59 -16.45 -21.82
N PRO C 309 27.96 -16.64 -23.09
CA PRO C 309 28.35 -17.99 -23.52
C PRO C 309 29.55 -18.49 -22.74
N ILE C 310 29.51 -19.77 -22.40
CA ILE C 310 30.58 -20.34 -21.57
C ILE C 310 31.89 -20.36 -22.32
N ASP C 311 31.86 -20.57 -23.63
CA ASP C 311 33.10 -20.67 -24.39
C ASP C 311 33.89 -19.37 -24.32
N LEU C 312 33.22 -18.23 -24.48
CA LEU C 312 33.91 -16.95 -24.39
C LEU C 312 34.36 -16.65 -22.98
N VAL C 313 33.54 -17.00 -21.98
CA VAL C 313 33.90 -16.76 -20.59
C VAL C 313 35.24 -17.41 -20.28
N LEU C 314 35.44 -18.64 -20.73
CA LEU C 314 36.73 -19.29 -20.55
C LEU C 314 37.81 -18.60 -21.36
N LEU C 315 37.48 -18.09 -22.54
CA LEU C 315 38.46 -17.38 -23.35
C LEU C 315 38.88 -16.08 -22.68
N THR C 316 37.93 -15.35 -22.10
CA THR C 316 38.29 -14.14 -21.35
C THR C 316 39.19 -14.48 -20.18
N LYS C 317 38.90 -15.57 -19.47
CA LYS C 317 39.75 -15.99 -18.36
C LYS C 317 41.15 -16.31 -18.84
N LYS C 318 41.28 -17.06 -19.94
CA LYS C 318 42.60 -17.43 -20.42
C LYS C 318 43.39 -16.21 -20.87
N LEU C 319 42.75 -15.29 -21.59
CA LEU C 319 43.43 -14.11 -22.09
C LEU C 319 43.55 -13.01 -21.05
N LYS C 320 42.75 -13.06 -19.99
CA LYS C 320 42.75 -12.07 -18.91
C LYS C 320 42.22 -10.71 -19.36
N ARG C 321 41.70 -10.61 -20.58
CA ARG C 321 41.13 -9.37 -21.09
C ARG C 321 40.01 -9.72 -22.06
N LEU C 322 39.34 -8.70 -22.57
CA LEU C 322 38.27 -8.94 -23.53
C LEU C 322 38.85 -9.59 -24.79
N PRO C 323 38.19 -10.60 -25.36
CA PRO C 323 38.77 -11.30 -26.51
C PRO C 323 38.98 -10.42 -27.72
N VAL C 324 38.32 -9.26 -27.81
CA VAL C 324 38.37 -8.40 -28.98
C VAL C 324 38.77 -7.00 -28.57
N VAL C 325 39.24 -6.22 -29.54
CA VAL C 325 39.64 -4.85 -29.27
C VAL C 325 38.53 -4.13 -28.53
N ASN C 326 38.91 -3.25 -27.63
CA ASN C 326 37.96 -2.53 -26.79
C ASN C 326 38.31 -1.05 -26.82
N PHE C 327 37.32 -0.21 -27.13
CA PHE C 327 37.49 1.22 -27.23
C PHE C 327 36.60 1.90 -26.20
N ALA C 328 36.89 3.18 -25.96
CA ALA C 328 36.11 3.99 -25.02
C ALA C 328 35.29 5.00 -25.82
N ALA C 329 34.02 5.13 -25.46
CA ALA C 329 33.12 6.02 -26.19
C ALA C 329 32.15 6.68 -25.23
N GLY C 330 31.90 7.96 -25.46
CA GLY C 330 30.89 8.68 -24.71
C GLY C 330 31.46 9.49 -23.57
N GLY C 331 31.58 10.80 -23.77
CA GLY C 331 32.07 11.70 -22.76
C GLY C 331 33.49 12.17 -22.95
N VAL C 332 34.28 11.51 -23.80
CA VAL C 332 35.66 11.92 -24.01
C VAL C 332 35.67 13.24 -24.75
N ALA C 333 36.00 14.33 -24.05
CA ALA C 333 35.98 15.66 -24.62
C ALA C 333 37.26 16.44 -24.41
N THR C 334 38.18 15.98 -23.57
CA THR C 334 39.38 16.70 -23.21
C THR C 334 40.57 15.76 -23.30
N PRO C 335 41.77 16.29 -23.56
CA PRO C 335 42.95 15.42 -23.56
C PRO C 335 43.09 14.62 -22.27
N ALA C 336 42.68 15.19 -21.14
CA ALA C 336 42.72 14.45 -19.89
C ALA C 336 41.73 13.30 -19.91
N ASP C 337 40.54 13.53 -20.46
CA ASP C 337 39.53 12.47 -20.52
C ASP C 337 40.01 11.31 -21.38
N ALA C 338 40.63 11.61 -22.52
CA ALA C 338 41.14 10.56 -23.38
C ALA C 338 42.24 9.75 -22.69
N ALA C 339 43.18 10.44 -22.04
CA ALA C 339 44.27 9.74 -21.39
C ALA C 339 43.79 8.95 -20.18
N MET C 340 42.79 9.46 -19.47
CA MET C 340 42.25 8.73 -18.34
C MET C 340 41.67 7.39 -18.80
N CYS C 341 40.92 7.42 -19.89
CA CYS C 341 40.33 6.18 -20.41
C CYS C 341 41.41 5.18 -20.82
N MET C 342 42.46 5.67 -21.48
CA MET C 342 43.54 4.79 -21.91
C MET C 342 44.41 4.34 -20.74
N GLN C 343 44.43 5.09 -19.64
CA GLN C 343 45.14 4.66 -18.45
C GLN C 343 44.36 3.59 -17.68
N LEU C 344 43.09 3.40 -18.01
CA LEU C 344 42.26 2.37 -17.40
C LEU C 344 42.22 1.09 -18.24
N GLY C 345 42.99 1.01 -19.33
CA GLY C 345 43.18 -0.22 -20.06
C GLY C 345 42.72 -0.16 -21.51
N MET C 346 41.67 0.61 -21.79
CA MET C 346 41.06 0.61 -23.12
C MET C 346 42.13 0.73 -24.20
N ASP C 347 41.80 0.21 -25.39
CA ASP C 347 42.73 0.17 -26.51
C ASP C 347 42.67 1.41 -27.39
N GLY C 348 41.75 2.32 -27.12
CA GLY C 348 41.58 3.49 -27.94
C GLY C 348 40.40 4.28 -27.45
N VAL C 349 40.07 5.33 -28.19
CA VAL C 349 39.03 6.26 -27.74
C VAL C 349 38.17 6.68 -28.93
N PHE C 350 36.86 6.73 -28.70
CA PHE C 350 35.89 7.30 -29.64
C PHE C 350 35.57 8.71 -29.19
N VAL C 351 35.74 9.68 -30.09
CA VAL C 351 35.55 11.09 -29.77
C VAL C 351 34.37 11.61 -30.57
N GLY C 352 33.43 12.25 -29.87
CA GLY C 352 32.23 12.76 -30.49
C GLY C 352 32.47 13.97 -31.36
N SER C 353 31.44 14.78 -31.56
CA SER C 353 31.52 15.96 -32.43
C SER C 353 31.91 17.23 -31.68
N GLY C 354 32.09 17.16 -30.36
CA GLY C 354 32.48 18.34 -29.61
C GLY C 354 33.81 18.92 -30.04
N ILE C 355 34.64 18.13 -30.72
CA ILE C 355 35.96 18.62 -31.11
C ILE C 355 35.83 19.73 -32.13
N PHE C 356 34.80 19.67 -32.98
CA PHE C 356 34.64 20.64 -34.05
C PHE C 356 33.71 21.79 -33.69
N GLU C 357 32.94 21.66 -32.61
CA GLU C 357 32.18 22.78 -32.05
C GLU C 357 33.00 23.47 -30.96
N SER C 358 34.21 23.88 -31.33
CA SER C 358 35.12 24.51 -30.39
C SER C 358 35.95 25.55 -31.14
N GLU C 359 36.69 26.35 -30.38
CA GLU C 359 37.39 27.49 -30.96
C GLU C 359 38.38 27.03 -32.02
N ASN C 360 39.21 26.04 -31.70
CA ASN C 360 40.20 25.51 -32.63
C ASN C 360 39.96 24.03 -32.83
N PRO C 361 39.31 23.61 -33.93
CA PRO C 361 39.10 22.17 -34.13
C PRO C 361 40.37 21.41 -34.40
N ARG C 362 41.30 21.99 -35.17
CA ARG C 362 42.52 21.28 -35.52
C ARG C 362 43.40 21.07 -34.29
N LYS C 363 43.59 22.11 -33.49
CA LYS C 363 44.43 21.98 -32.30
C LYS C 363 43.80 21.08 -31.26
N MET C 364 42.50 21.24 -31.01
CA MET C 364 41.83 20.38 -30.05
C MET C 364 41.88 18.94 -30.50
N ALA C 365 41.70 18.70 -31.81
CA ALA C 365 41.76 17.34 -32.32
C ALA C 365 43.14 16.73 -32.13
N ALA C 366 44.19 17.46 -32.53
CA ALA C 366 45.53 16.95 -32.38
C ALA C 366 45.91 16.77 -30.92
N SER C 367 45.25 17.50 -30.02
CA SER C 367 45.50 17.33 -28.60
C SER C 367 45.01 15.97 -28.11
N ILE C 368 43.79 15.60 -28.49
CA ILE C 368 43.25 14.32 -28.05
C ILE C 368 44.02 13.18 -28.70
N VAL C 369 44.54 13.38 -29.90
CA VAL C 369 45.36 12.36 -30.55
C VAL C 369 46.66 12.16 -29.77
N SER C 370 47.31 13.25 -29.36
CA SER C 370 48.55 13.14 -28.62
C SER C 370 48.33 12.62 -27.22
N ALA C 371 47.18 12.92 -26.62
CA ALA C 371 46.87 12.38 -25.30
C ALA C 371 46.79 10.86 -25.34
N VAL C 372 46.13 10.32 -26.36
CA VAL C 372 46.01 8.86 -26.47
C VAL C 372 47.36 8.24 -26.79
N SER C 373 48.15 8.90 -27.64
CA SER C 373 49.46 8.37 -27.99
C SER C 373 50.42 8.43 -26.82
N ASN C 374 50.28 9.44 -25.95
CA ASN C 374 51.19 9.63 -24.82
C ASN C 374 50.42 9.70 -23.52
N PHE C 375 49.52 8.74 -23.31
CA PHE C 375 48.62 8.79 -22.15
C PHE C 375 49.34 8.60 -20.83
N ASN C 376 50.59 8.15 -20.83
CA ASN C 376 51.34 7.90 -19.61
C ASN C 376 52.40 8.96 -19.34
N ASN C 377 52.35 10.09 -20.05
CA ASN C 377 53.39 11.11 -19.99
C ASN C 377 52.76 12.40 -19.48
N PRO C 378 52.80 12.66 -18.17
CA PRO C 378 52.15 13.87 -17.65
C PRO C 378 52.68 15.16 -18.24
N LYS C 379 53.96 15.18 -18.64
CA LYS C 379 54.52 16.41 -19.21
C LYS C 379 53.81 16.76 -20.52
N ILE C 380 53.58 15.75 -21.37
CA ILE C 380 52.91 16.01 -22.65
C ILE C 380 51.44 16.32 -22.43
N LEU C 381 50.80 15.62 -21.50
CA LEU C 381 49.39 15.88 -21.23
C LEU C 381 49.17 17.31 -20.78
N LEU C 382 50.06 17.84 -19.94
CA LEU C 382 49.98 19.25 -19.60
C LEU C 382 50.19 20.12 -20.82
N ASP C 383 51.16 19.79 -21.67
CA ASP C 383 51.49 20.63 -22.80
C ASP C 383 50.31 20.77 -23.75
N VAL C 384 49.63 19.67 -24.04
CA VAL C 384 48.51 19.71 -24.97
C VAL C 384 47.26 20.31 -24.34
N SER C 385 47.13 20.25 -23.01
CA SER C 385 45.99 20.84 -22.32
C SER C 385 46.12 22.35 -22.16
N MET C 386 47.30 22.91 -22.39
CA MET C 386 47.53 24.33 -22.19
C MET C 386 46.96 25.12 -23.37
N ASN C 387 46.17 26.14 -23.07
CA ASN C 387 45.62 27.04 -24.08
C ASN C 387 44.71 26.27 -25.05
N LEU C 388 43.95 25.32 -24.52
CA LEU C 388 43.04 24.54 -25.34
C LEU C 388 41.82 25.33 -25.78
N GLY C 389 41.55 26.47 -25.14
CA GLY C 389 40.41 27.29 -25.49
C GLY C 389 40.73 28.33 -26.54
N VAL D 124 54.05 12.38 3.78
CA VAL D 124 52.83 13.13 4.05
C VAL D 124 53.07 14.12 5.19
N LEU D 125 54.06 13.82 6.03
CA LEU D 125 54.36 14.71 7.15
C LEU D 125 54.76 16.10 6.66
N LEU D 126 55.54 16.17 5.58
CA LEU D 126 55.89 17.46 5.01
C LEU D 126 54.65 18.19 4.53
N LYS D 127 53.72 17.47 3.90
CA LYS D 127 52.46 18.08 3.49
C LYS D 127 51.67 18.56 4.68
N HIS D 128 51.64 17.77 5.76
CA HIS D 128 50.95 18.19 6.98
C HIS D 128 51.61 19.42 7.58
N GLY D 129 52.94 19.48 7.59
CA GLY D 129 53.61 20.65 8.11
C GLY D 129 53.27 21.91 7.34
N TRP D 130 53.31 21.83 6.01
CA TRP D 130 52.96 23.00 5.20
C TRP D 130 51.52 23.42 5.43
N CYS D 131 50.60 22.45 5.49
CA CYS D 131 49.19 22.80 5.69
C CYS D 131 48.99 23.50 7.01
N GLU D 132 49.64 23.03 8.07
CA GLU D 132 49.49 23.69 9.37
C GLU D 132 49.94 25.14 9.31
N MET D 133 50.78 25.49 8.33
CA MET D 133 51.12 26.88 8.09
C MET D 133 49.91 27.68 7.61
N LEU D 134 48.86 27.01 7.16
CA LEU D 134 47.67 27.68 6.64
C LEU D 134 46.63 27.96 7.72
N LYS D 135 46.92 27.66 8.99
CA LYS D 135 45.93 27.83 10.03
C LYS D 135 45.56 29.31 10.19
N GLY D 136 44.27 29.55 10.42
CA GLY D 136 43.80 30.91 10.66
C GLY D 136 43.77 31.81 9.44
N GLY D 137 43.70 31.25 8.24
CA GLY D 137 43.72 32.02 7.02
C GLY D 137 42.40 31.94 6.25
N VAL D 138 42.36 32.74 5.17
CA VAL D 138 41.20 32.84 4.31
C VAL D 138 41.63 32.53 2.87
N ILE D 139 40.88 31.65 2.21
CA ILE D 139 41.15 31.28 0.83
C ILE D 139 39.98 31.74 -0.01
N MET D 140 40.22 32.67 -0.92
CA MET D 140 39.19 33.28 -1.75
C MET D 140 39.19 32.66 -3.14
N ASP D 141 38.02 32.22 -3.59
CA ASP D 141 37.88 31.57 -4.88
C ASP D 141 37.83 32.64 -5.97
N VAL D 142 38.98 32.94 -6.56
CA VAL D 142 39.09 34.01 -7.54
C VAL D 142 38.88 33.42 -8.94
N LYS D 143 38.58 34.31 -9.89
CA LYS D 143 38.27 33.92 -11.25
C LYS D 143 39.21 34.49 -12.29
N SER D 144 40.10 35.40 -11.92
CA SER D 144 40.95 36.07 -12.89
C SER D 144 42.19 36.59 -12.16
N VAL D 145 42.99 37.39 -12.87
CA VAL D 145 44.21 37.92 -12.26
C VAL D 145 43.87 39.10 -11.36
N GLU D 146 43.00 39.99 -11.81
CA GLU D 146 42.66 41.16 -10.98
C GLU D 146 42.01 40.73 -9.67
N GLN D 147 41.11 39.74 -9.72
CA GLN D 147 40.53 39.23 -8.48
C GLN D 147 41.60 38.61 -7.60
N ALA D 148 42.54 37.88 -8.21
CA ALA D 148 43.62 37.29 -7.42
C ALA D 148 44.49 38.36 -6.79
N LYS D 149 44.72 39.48 -7.48
CA LYS D 149 45.48 40.56 -6.89
C LYS D 149 44.72 41.22 -5.76
N ILE D 150 43.41 41.37 -5.90
CA ILE D 150 42.60 41.91 -4.81
C ILE D 150 42.71 41.02 -3.58
N ALA D 151 42.54 39.72 -3.77
CA ALA D 151 42.58 38.79 -2.64
C ALA D 151 43.97 38.70 -2.03
N GLU D 152 45.02 38.99 -2.80
CA GLU D 152 46.36 38.98 -2.22
C GLU D 152 46.56 40.18 -1.32
N GLU D 153 46.18 41.37 -1.79
CA GLU D 153 46.34 42.57 -0.97
C GLU D 153 45.33 42.60 0.19
N ALA D 154 44.20 41.93 0.05
CA ALA D 154 43.24 41.83 1.13
C ALA D 154 43.73 40.96 2.27
N GLY D 155 44.83 40.24 2.09
CA GLY D 155 45.40 39.44 3.14
C GLY D 155 45.10 37.96 3.09
N ALA D 156 44.54 37.45 1.99
CA ALA D 156 44.27 36.03 1.88
C ALA D 156 45.58 35.25 1.90
N ILE D 157 45.51 34.00 2.36
CA ILE D 157 46.67 33.13 2.30
C ILE D 157 46.75 32.34 1.00
N GLY D 158 45.62 32.16 0.31
CA GLY D 158 45.62 31.45 -0.94
C GLY D 158 44.41 31.80 -1.76
N VAL D 159 44.50 31.53 -3.06
CA VAL D 159 43.43 31.84 -4.01
C VAL D 159 43.11 30.58 -4.77
N MET D 160 41.83 30.21 -4.81
CA MET D 160 41.38 29.06 -5.58
C MET D 160 40.97 29.55 -6.97
N VAL D 161 41.68 29.09 -7.99
CA VAL D 161 41.41 29.53 -9.35
C VAL D 161 40.16 28.83 -9.86
N LEU D 162 39.26 29.61 -10.45
CA LEU D 162 37.95 29.16 -10.89
C LEU D 162 37.79 29.34 -12.38
N GLU D 163 36.70 28.79 -12.91
CA GLU D 163 36.36 28.94 -14.31
C GLU D 163 35.59 30.25 -14.49
N ASN D 164 36.18 31.18 -15.24
CA ASN D 164 35.58 32.50 -15.44
C ASN D 164 34.37 32.38 -16.35
N ILE D 165 33.18 32.41 -15.77
CA ILE D 165 31.94 32.37 -16.54
C ILE D 165 31.00 33.45 -16.02
N GLY D 174 25.26 21.11 -19.18
CA GLY D 174 26.42 21.79 -18.63
C GLY D 174 27.23 20.91 -17.71
N VAL D 175 28.48 20.68 -18.08
CA VAL D 175 29.41 19.86 -17.30
C VAL D 175 30.57 20.76 -16.88
N ALA D 176 30.85 20.79 -15.58
CA ALA D 176 31.92 21.61 -15.04
C ALA D 176 33.19 20.77 -14.97
N ARG D 177 34.23 21.23 -15.67
CA ARG D 177 35.50 20.53 -15.74
C ARG D 177 36.59 21.39 -15.10
N SER D 178 37.74 20.76 -14.86
CA SER D 178 38.87 21.49 -14.30
C SER D 178 39.25 22.65 -15.22
N VAL D 179 39.55 23.79 -14.60
CA VAL D 179 39.90 24.98 -15.36
C VAL D 179 41.14 24.70 -16.22
N ASP D 180 41.25 25.48 -17.29
CA ASP D 180 42.35 25.29 -18.23
C ASP D 180 43.67 25.60 -17.53
N PRO D 181 44.67 24.70 -17.60
CA PRO D 181 45.92 24.95 -16.87
C PRO D 181 46.63 26.22 -17.28
N SER D 182 46.32 26.80 -18.43
CA SER D 182 46.95 28.08 -18.80
C SER D 182 46.45 29.20 -17.92
N LYS D 183 45.20 29.11 -17.46
CA LYS D 183 44.68 30.10 -16.52
C LYS D 183 45.36 29.98 -15.16
N VAL D 184 45.44 28.75 -14.64
CA VAL D 184 46.09 28.54 -13.35
C VAL D 184 47.54 28.97 -13.42
N GLU D 185 48.19 28.76 -14.55
CA GLU D 185 49.59 29.15 -14.70
C GLU D 185 49.75 30.66 -14.68
N GLU D 186 48.81 31.39 -15.29
CA GLU D 186 48.92 32.85 -15.33
C GLU D 186 48.75 33.45 -13.95
N ILE D 187 47.80 32.94 -13.16
CA ILE D 187 47.59 33.46 -11.82
C ILE D 187 48.76 33.10 -10.92
N LYS D 188 49.28 31.88 -11.06
CA LYS D 188 50.38 31.44 -10.22
C LYS D 188 51.60 32.34 -10.33
N LYS D 189 51.75 33.06 -11.44
CA LYS D 189 52.89 33.93 -11.64
C LYS D 189 52.58 35.40 -11.34
N CYS D 190 51.35 35.71 -10.92
CA CYS D 190 50.96 37.06 -10.59
C CYS D 190 50.62 37.26 -9.12
N VAL D 191 50.69 36.21 -8.30
CA VAL D 191 50.43 36.30 -6.87
C VAL D 191 51.48 35.48 -6.14
N SER D 192 51.96 36.02 -5.03
CA SER D 192 52.99 35.36 -4.23
C SER D 192 52.40 34.47 -3.14
N ILE D 193 51.09 34.27 -3.15
CA ILE D 193 50.42 33.44 -2.16
C ILE D 193 50.06 32.10 -2.80
N ASN D 194 49.60 31.17 -1.97
CA ASN D 194 49.27 29.85 -2.47
C ASN D 194 48.24 29.94 -3.58
N VAL D 195 48.31 29.00 -4.52
CA VAL D 195 47.35 28.87 -5.60
C VAL D 195 46.79 27.47 -5.56
N LEU D 196 45.47 27.35 -5.53
CA LEU D 196 44.78 26.09 -5.50
C LEU D 196 44.04 25.89 -6.82
N ALA D 197 43.60 24.65 -7.06
CA ALA D 197 42.84 24.35 -8.26
C ALA D 197 41.92 23.20 -7.98
N ARG D 198 40.87 23.10 -8.79
CA ARG D 198 39.78 22.17 -8.61
C ARG D 198 39.90 21.06 -9.63
N VAL D 199 39.74 19.81 -9.19
CA VAL D 199 39.68 18.67 -10.08
C VAL D 199 38.49 17.83 -9.71
N ARG D 200 37.83 17.27 -10.72
CA ARG D 200 36.63 16.50 -10.48
C ARG D 200 36.94 15.30 -9.59
N ILE D 201 35.89 14.79 -8.95
CA ILE D 201 36.05 13.68 -8.00
C ILE D 201 36.42 12.43 -8.79
N GLY D 202 37.64 11.95 -8.63
CA GLY D 202 38.10 10.72 -9.23
C GLY D 202 38.93 10.90 -10.47
N HIS D 203 38.90 12.08 -11.09
CA HIS D 203 39.64 12.31 -12.33
C HIS D 203 41.10 12.45 -11.98
N PHE D 204 41.81 11.32 -11.95
CA PHE D 204 43.20 11.35 -11.52
C PHE D 204 44.13 11.91 -12.57
N VAL D 205 43.68 12.03 -13.83
CA VAL D 205 44.57 12.57 -14.85
C VAL D 205 44.54 14.09 -14.87
N GLU D 206 43.45 14.71 -14.43
CA GLU D 206 43.48 16.15 -14.21
C GLU D 206 44.47 16.50 -13.11
N ALA D 207 44.49 15.72 -12.04
CA ALA D 207 45.46 15.94 -10.97
C ALA D 207 46.89 15.80 -11.49
N GLN D 208 47.13 14.79 -12.32
CA GLN D 208 48.47 14.60 -12.87
C GLN D 208 48.90 15.81 -13.70
N ILE D 209 47.94 16.45 -14.38
CA ILE D 209 48.25 17.65 -15.15
C ILE D 209 48.64 18.79 -14.21
N LEU D 210 47.84 18.98 -13.17
CA LEU D 210 48.10 20.08 -12.23
C LEU D 210 49.38 19.88 -11.46
N GLU D 211 49.63 18.65 -10.99
CA GLU D 211 50.87 18.39 -10.27
C GLU D 211 52.09 18.68 -11.14
N GLU D 212 51.98 18.45 -12.45
CA GLU D 212 53.06 18.85 -13.35
C GLU D 212 53.17 20.36 -13.43
N LEU D 213 52.14 21.09 -13.06
CA LEU D 213 52.13 22.55 -13.09
C LEU D 213 52.77 23.16 -11.85
N LYS D 214 53.15 22.36 -10.86
CA LYS D 214 53.75 22.87 -9.64
C LYS D 214 52.80 23.81 -8.91
N ILE D 215 51.56 23.37 -8.76
CA ILE D 215 50.53 24.11 -8.04
C ILE D 215 50.77 23.88 -6.56
N ASP D 216 50.08 24.62 -5.70
CA ASP D 216 50.33 24.52 -4.26
C ASP D 216 49.39 23.57 -3.54
N MET D 217 48.17 23.36 -4.03
CA MET D 217 47.28 22.40 -3.41
C MET D 217 46.10 22.16 -4.32
N ILE D 218 45.75 20.90 -4.51
CA ILE D 218 44.67 20.50 -5.40
C ILE D 218 43.43 20.25 -4.56
N ASP D 219 42.26 20.38 -5.17
CA ASP D 219 41.00 20.29 -4.45
C ASP D 219 40.07 19.33 -5.17
N GLU D 220 39.95 18.11 -4.66
CA GLU D 220 39.06 17.10 -5.24
C GLU D 220 37.64 17.50 -4.87
N SER D 221 36.98 18.24 -5.76
CA SER D 221 35.83 19.04 -5.40
C SER D 221 34.53 18.48 -5.96
N GLU D 222 33.47 18.59 -5.16
CA GLU D 222 32.13 18.16 -5.52
C GLU D 222 31.33 19.24 -6.25
N VAL D 223 31.83 20.48 -6.28
CA VAL D 223 31.19 21.51 -7.09
C VAL D 223 31.26 21.15 -8.57
N LEU D 224 32.43 20.66 -9.01
CA LEU D 224 32.57 20.18 -10.37
C LEU D 224 31.86 18.84 -10.53
N THR D 225 31.53 18.50 -11.78
CA THR D 225 30.85 17.25 -12.06
C THR D 225 31.73 16.07 -11.67
N ILE D 226 31.08 15.01 -11.20
CA ILE D 226 31.78 13.84 -10.68
C ILE D 226 32.27 12.99 -11.85
N ALA D 227 33.59 12.85 -11.98
CA ALA D 227 34.14 12.00 -13.02
C ALA D 227 34.02 10.53 -12.65
N ASP D 228 34.24 10.18 -11.39
CA ASP D 228 34.11 8.82 -10.89
C ASP D 228 33.19 8.85 -9.67
N GLU D 229 31.94 8.42 -9.86
CA GLU D 229 30.99 8.39 -8.76
C GLU D 229 31.41 7.41 -7.69
N MET D 230 32.34 6.50 -8.01
CA MET D 230 32.59 5.33 -7.19
C MET D 230 33.90 5.42 -6.42
N HIS D 231 34.90 6.13 -6.96
CA HIS D 231 36.23 6.21 -6.37
C HIS D 231 36.65 7.66 -6.19
N HIS D 232 37.66 7.85 -5.33
CA HIS D 232 38.35 9.12 -5.16
C HIS D 232 39.82 8.93 -5.52
N ILE D 233 40.42 9.99 -6.07
CA ILE D 233 41.81 9.95 -6.50
C ILE D 233 42.64 9.28 -5.41
N ASP D 234 43.66 8.53 -5.79
CA ASP D 234 44.59 7.94 -4.84
C ASP D 234 45.64 8.99 -4.53
N LYS D 235 45.36 9.81 -3.52
CA LYS D 235 46.17 10.99 -3.24
C LYS D 235 47.52 10.65 -2.64
N HIS D 236 47.84 9.38 -2.44
CA HIS D 236 49.17 8.99 -1.98
C HIS D 236 50.21 9.05 -3.09
N LYS D 237 49.78 9.00 -4.36
CA LYS D 237 50.71 8.96 -5.47
C LYS D 237 51.18 10.33 -5.91
N PHE D 238 50.65 11.40 -5.31
CA PHE D 238 50.98 12.77 -5.70
C PHE D 238 51.81 13.44 -4.62
N LYS D 239 52.73 14.30 -5.05
CA LYS D 239 53.46 15.14 -4.11
C LYS D 239 52.65 16.34 -3.66
N THR D 240 51.70 16.79 -4.45
CA THR D 240 50.93 17.99 -4.14
C THR D 240 49.84 17.66 -3.12
N PRO D 241 49.76 18.40 -2.02
CA PRO D 241 48.72 18.11 -1.03
C PRO D 241 47.32 18.33 -1.58
N PHE D 242 46.39 17.50 -1.13
CA PHE D 242 45.00 17.55 -1.56
C PHE D 242 44.12 18.05 -0.43
N VAL D 243 43.01 18.68 -0.79
CA VAL D 243 41.97 19.07 0.15
C VAL D 243 40.66 18.49 -0.35
N CYS D 244 39.91 17.86 0.55
CA CYS D 244 38.71 17.14 0.17
C CYS D 244 37.57 17.53 1.10
N GLY D 245 36.35 17.44 0.59
CA GLY D 245 35.19 17.80 1.38
C GLY D 245 34.86 16.73 2.41
N CYS D 246 33.91 17.06 3.27
CA CYS D 246 33.50 16.15 4.32
C CYS D 246 32.23 16.69 4.98
N THR D 247 31.33 15.78 5.33
CA THR D 247 30.10 16.14 6.02
C THR D 247 29.96 15.48 7.38
N ASN D 248 30.80 14.51 7.71
CA ASN D 248 30.80 13.88 9.03
C ASN D 248 32.21 13.40 9.32
N LEU D 249 32.42 12.93 10.56
CA LEU D 249 33.75 12.46 10.94
C LEU D 249 34.14 11.21 10.18
N GLY D 250 33.19 10.33 9.89
CA GLY D 250 33.53 9.13 9.14
C GLY D 250 34.05 9.46 7.75
N GLU D 251 33.38 10.38 7.06
CA GLU D 251 33.81 10.78 5.73
C GLU D 251 35.15 11.50 5.78
N ALA D 252 35.36 12.35 6.79
CA ALA D 252 36.62 13.07 6.91
C ALA D 252 37.76 12.10 7.18
N LEU D 253 37.52 11.06 7.98
CA LEU D 253 38.58 10.12 8.31
C LEU D 253 38.90 9.21 7.13
N ARG D 254 37.91 8.89 6.31
CA ARG D 254 38.18 8.09 5.12
C ARG D 254 39.07 8.85 4.14
N ARG D 255 38.76 10.12 3.90
CA ARG D 255 39.56 10.91 2.97
C ARG D 255 40.99 11.08 3.48
N ILE D 256 41.16 11.20 4.79
CA ILE D 256 42.51 11.31 5.33
C ILE D 256 43.24 9.99 5.17
N SER D 257 42.51 8.88 5.18
CA SER D 257 43.13 7.58 4.90
C SER D 257 43.66 7.54 3.48
N GLU D 258 42.89 8.04 2.52
CA GLU D 258 43.30 8.02 1.13
C GLU D 258 44.45 8.97 0.86
N GLY D 259 44.68 9.98 1.70
CA GLY D 259 45.85 10.81 1.59
C GLY D 259 45.58 12.30 1.56
N ALA D 260 44.38 12.73 1.94
CA ALA D 260 44.07 14.15 1.97
C ALA D 260 44.85 14.84 3.08
N SER D 261 45.49 15.95 2.76
CA SER D 261 46.26 16.72 3.72
C SER D 261 45.46 17.84 4.36
N MET D 262 44.22 18.05 3.95
CA MET D 262 43.36 19.08 4.52
C MET D 262 41.92 18.65 4.27
N ILE D 263 41.01 19.21 5.05
CA ILE D 263 39.60 18.92 4.91
C ILE D 263 38.83 20.22 4.93
N ARG D 264 37.63 20.20 4.37
CA ARG D 264 36.72 21.33 4.44
C ARG D 264 35.29 20.81 4.49
N THR D 265 34.41 21.55 5.15
CA THR D 265 33.03 21.12 5.28
C THR D 265 32.25 21.49 4.03
N LYS D 266 31.65 20.48 3.40
CA LYS D 266 31.01 20.69 2.10
C LYS D 266 30.05 21.86 2.14
N GLY D 267 29.23 21.96 3.18
CA GLY D 267 28.25 23.02 3.23
C GLY D 267 27.29 22.96 2.07
N GLU D 268 26.99 24.12 1.48
CA GLU D 268 26.08 24.24 0.35
C GLU D 268 26.60 25.36 -0.54
N ALA D 269 27.35 24.98 -1.57
CA ALA D 269 28.02 25.96 -2.42
C ALA D 269 27.01 26.70 -3.29
N GLY D 270 27.24 28.01 -3.46
CA GLY D 270 26.46 28.82 -4.36
C GLY D 270 25.18 29.40 -3.78
N THR D 271 24.82 29.04 -2.55
CA THR D 271 23.59 29.50 -1.93
C THR D 271 23.79 30.64 -0.96
N GLY D 272 24.97 30.75 -0.34
CA GLY D 272 25.21 31.77 0.65
C GLY D 272 24.61 31.46 2.01
N ASN D 273 24.00 30.29 2.19
CA ASN D 273 23.38 29.91 3.45
C ASN D 273 24.39 29.13 4.27
N ILE D 274 24.66 29.61 5.47
CA ILE D 274 25.65 29.02 6.36
C ILE D 274 25.01 27.90 7.17
N ILE D 275 23.76 27.55 6.85
CA ILE D 275 23.06 26.55 7.63
C ILE D 275 23.78 25.21 7.54
N GLU D 276 24.18 24.81 6.35
CA GLU D 276 24.82 23.51 6.18
C GLU D 276 26.23 23.51 6.76
N ALA D 277 26.99 24.58 6.53
CA ALA D 277 28.35 24.64 7.06
C ALA D 277 28.34 24.53 8.58
N ILE D 278 27.43 25.25 9.24
CA ILE D 278 27.35 25.18 10.69
C ILE D 278 26.84 23.82 11.14
N LYS D 279 25.90 23.25 10.40
CA LYS D 279 25.39 21.93 10.76
C LYS D 279 26.49 20.89 10.69
N HIS D 280 27.33 20.95 9.65
CA HIS D 280 28.41 19.98 9.50
C HIS D 280 29.52 20.22 10.51
N ILE D 281 29.82 21.49 10.82
CA ILE D 281 30.87 21.78 11.79
C ILE D 281 30.50 21.20 13.15
N ARG D 282 29.23 21.38 13.55
CA ARG D 282 28.79 20.82 14.83
C ARG D 282 28.83 19.30 14.80
N THR D 283 28.33 18.70 13.71
CA THR D 283 28.30 17.24 13.63
C THR D 283 29.69 16.64 13.79
N VAL D 284 30.68 17.18 13.07
CA VAL D 284 32.03 16.68 13.19
C VAL D 284 32.59 16.95 14.59
N ASN D 285 32.32 18.14 15.12
CA ASN D 285 32.85 18.48 16.45
C ASN D 285 32.22 17.61 17.53
N ASN D 286 30.93 17.33 17.43
CA ASN D 286 30.28 16.49 18.42
C ASN D 286 30.83 15.07 18.39
N GLU D 287 31.00 14.51 17.18
CA GLU D 287 31.47 13.15 17.06
C GLU D 287 32.87 12.98 17.61
N ILE D 288 33.76 13.95 17.35
CA ILE D 288 35.12 13.84 17.85
C ILE D 288 35.14 13.85 19.37
N CYS D 289 34.37 14.74 19.98
CA CYS D 289 34.37 14.81 21.44
C CYS D 289 33.67 13.60 22.05
N TYR D 290 32.54 13.17 21.47
CA TYR D 290 31.89 11.96 21.93
C TYR D 290 32.84 10.77 21.87
N LEU D 291 33.68 10.73 20.84
CA LEU D 291 34.70 9.68 20.76
C LEU D 291 35.67 9.78 21.92
N CYS D 292 36.18 10.98 22.21
CA CYS D 292 37.17 11.12 23.27
C CYS D 292 36.58 10.75 24.63
N CYS D 293 35.26 10.74 24.75
CA CYS D 293 34.56 10.39 25.98
C CYS D 293 34.24 8.89 26.05
N LEU D 294 34.56 8.12 25.01
CA LEU D 294 34.22 6.71 24.93
C LEU D 294 35.28 5.89 25.67
N SER D 295 35.25 4.57 25.48
CA SER D 295 36.19 3.66 26.12
C SER D 295 36.89 2.82 25.06
N ASP D 296 37.92 2.09 25.49
CA ASP D 296 38.79 1.39 24.55
C ASP D 296 38.05 0.30 23.79
N SER D 297 37.19 -0.46 24.49
CA SER D 297 36.45 -1.52 23.82
C SER D 297 35.31 -1.01 22.95
N GLU D 298 34.80 0.19 23.23
CA GLU D 298 33.74 0.76 22.42
C GLU D 298 34.23 1.46 21.17
N VAL D 299 35.53 1.74 21.09
CA VAL D 299 36.05 2.42 19.91
C VAL D 299 35.90 1.54 18.68
N TYR D 300 36.04 0.23 18.84
CA TYR D 300 35.99 -0.66 17.68
C TYR D 300 34.63 -0.63 17.01
N HIS D 301 33.55 -0.59 17.78
CA HIS D 301 32.24 -0.45 17.15
C HIS D 301 32.10 0.93 16.51
N PHE D 302 32.53 1.98 17.20
CA PHE D 302 32.37 3.32 16.66
C PHE D 302 32.99 3.43 15.29
N ALA D 303 34.20 2.91 15.14
CA ALA D 303 34.83 2.89 13.82
C ALA D 303 33.92 2.22 12.80
N LYS D 304 33.30 1.11 13.19
CA LYS D 304 32.44 0.39 12.26
C LYS D 304 31.21 1.21 11.88
N LYS D 305 30.56 1.85 12.86
CA LYS D 305 29.29 2.50 12.58
C LYS D 305 29.49 3.75 11.74
N ILE D 306 30.55 4.53 12.02
CA ILE D 306 30.87 5.65 11.14
C ILE D 306 31.62 5.20 9.89
N ASN D 307 32.10 3.96 9.87
CA ASN D 307 32.79 3.40 8.71
C ASN D 307 34.09 4.16 8.43
N ALA D 308 34.99 4.12 9.42
CA ALA D 308 36.27 4.79 9.32
C ALA D 308 37.38 3.83 9.73
N PRO D 309 38.60 4.03 9.21
CA PRO D 309 39.71 3.17 9.64
C PRO D 309 39.96 3.31 11.13
N ILE D 310 40.25 2.18 11.77
CA ILE D 310 40.42 2.17 13.22
C ILE D 310 41.66 2.96 13.62
N ASP D 311 42.70 2.93 12.79
CA ASP D 311 43.94 3.61 13.15
C ASP D 311 43.71 5.11 13.31
N LEU D 312 42.99 5.72 12.38
CA LEU D 312 42.72 7.15 12.46
C LEU D 312 41.77 7.47 13.61
N VAL D 313 40.76 6.63 13.83
CA VAL D 313 39.80 6.87 14.89
C VAL D 313 40.51 6.99 16.23
N LEU D 314 41.49 6.13 16.47
CA LEU D 314 42.29 6.24 17.68
C LEU D 314 43.14 7.50 17.67
N LEU D 315 43.63 7.89 16.49
CA LEU D 315 44.43 9.12 16.39
C LEU D 315 43.57 10.34 16.68
N THR D 316 42.35 10.37 16.17
CA THR D 316 41.44 11.46 16.49
C THR D 316 41.15 11.51 17.99
N LYS D 317 40.94 10.34 18.60
CA LYS D 317 40.72 10.29 20.04
C LYS D 317 41.94 10.82 20.80
N LYS D 318 43.14 10.43 20.39
CA LYS D 318 44.33 10.87 21.11
C LYS D 318 44.51 12.38 20.98
N LEU D 319 44.32 12.93 19.78
CA LEU D 319 44.49 14.35 19.56
C LEU D 319 43.26 15.15 19.94
N LYS D 320 42.10 14.51 20.05
CA LYS D 320 40.84 15.16 20.39
C LYS D 320 40.33 16.08 19.30
N ARG D 321 40.96 16.07 18.13
CA ARG D 321 40.53 16.89 17.00
C ARG D 321 40.89 16.14 15.72
N LEU D 322 40.45 16.69 14.60
CA LEU D 322 40.74 16.06 13.31
C LEU D 322 42.24 16.01 13.11
N PRO D 323 42.80 14.88 12.64
CA PRO D 323 44.26 14.78 12.53
C PRO D 323 44.87 15.78 11.57
N VAL D 324 44.09 16.39 10.68
CA VAL D 324 44.61 17.28 9.65
C VAL D 324 43.89 18.62 9.73
N VAL D 325 44.53 19.64 9.17
CA VAL D 325 43.92 20.98 9.16
C VAL D 325 42.50 20.88 8.65
N ASN D 326 41.63 21.72 9.20
CA ASN D 326 40.21 21.69 8.87
C ASN D 326 39.75 23.11 8.62
N PHE D 327 39.20 23.36 7.44
CA PHE D 327 38.69 24.66 7.03
C PHE D 327 37.18 24.58 6.89
N ALA D 328 36.55 25.74 6.82
CA ALA D 328 35.11 25.85 6.65
C ALA D 328 34.81 26.40 5.27
N ALA D 329 33.88 25.77 4.57
CA ALA D 329 33.57 26.15 3.20
C ALA D 329 32.07 26.07 2.95
N GLY D 330 31.55 27.04 2.21
CA GLY D 330 30.17 27.00 1.79
C GLY D 330 29.25 27.83 2.65
N GLY D 331 28.88 29.01 2.17
CA GLY D 331 27.97 29.89 2.86
C GLY D 331 28.61 31.07 3.55
N VAL D 332 29.92 31.05 3.75
CA VAL D 332 30.59 32.16 4.42
C VAL D 332 30.56 33.36 3.49
N ALA D 333 29.73 34.36 3.81
CA ALA D 333 29.58 35.54 2.98
C ALA D 333 29.74 36.85 3.73
N THR D 334 29.76 36.84 5.05
CA THR D 334 29.81 38.04 5.86
C THR D 334 30.88 37.89 6.92
N PRO D 335 31.46 39.00 7.39
CA PRO D 335 32.42 38.88 8.50
C PRO D 335 31.88 38.13 9.70
N ALA D 336 30.58 38.25 9.96
CA ALA D 336 29.97 37.48 11.04
C ALA D 336 29.99 35.99 10.74
N ASP D 337 29.68 35.62 9.50
CA ASP D 337 29.70 34.21 9.12
C ASP D 337 31.09 33.61 9.27
N ALA D 338 32.11 34.36 8.83
CA ALA D 338 33.48 33.87 8.95
C ALA D 338 33.88 33.67 10.40
N ALA D 339 33.54 34.64 11.26
CA ALA D 339 33.94 34.55 12.66
C ALA D 339 33.14 33.48 13.40
N MET D 340 31.89 33.26 13.01
CA MET D 340 31.12 32.20 13.64
C MET D 340 31.77 30.85 13.39
N CYS D 341 32.19 30.59 12.16
CA CYS D 341 32.85 29.34 11.83
C CYS D 341 34.14 29.18 12.63
N MET D 342 34.93 30.26 12.74
CA MET D 342 36.18 30.18 13.47
C MET D 342 35.93 30.09 14.98
N GLN D 343 34.80 30.60 15.46
CA GLN D 343 34.45 30.45 16.87
C GLN D 343 33.95 29.06 17.19
N LEU D 344 33.59 28.27 16.19
CA LEU D 344 33.21 26.88 16.36
C LEU D 344 34.38 25.92 16.21
N GLY D 345 35.61 26.44 16.08
CA GLY D 345 36.79 25.62 16.17
C GLY D 345 37.50 25.30 14.88
N MET D 346 37.10 25.89 13.75
CA MET D 346 37.77 25.62 12.50
C MET D 346 39.11 26.33 12.47
N ASP D 347 39.92 26.00 11.47
CA ASP D 347 41.25 26.57 11.31
C ASP D 347 41.30 27.66 10.25
N GLY D 348 40.20 27.92 9.56
CA GLY D 348 40.21 28.91 8.50
C GLY D 348 38.89 28.87 7.76
N VAL D 349 38.81 29.65 6.69
CA VAL D 349 37.57 29.81 5.94
C VAL D 349 37.87 29.75 4.45
N PHE D 350 37.01 29.06 3.71
CA PHE D 350 36.94 29.14 2.26
C PHE D 350 35.79 30.06 1.89
N VAL D 351 36.09 31.11 1.14
CA VAL D 351 35.09 32.11 0.77
C VAL D 351 34.88 32.05 -0.73
N GLY D 352 33.62 31.94 -1.14
CA GLY D 352 33.28 31.82 -2.56
C GLY D 352 33.53 33.11 -3.32
N SER D 353 32.80 33.28 -4.42
CA SER D 353 32.96 34.46 -5.27
C SER D 353 32.04 35.61 -4.86
N GLY D 354 31.25 35.44 -3.80
CA GLY D 354 30.36 36.50 -3.37
C GLY D 354 31.08 37.78 -3.01
N ILE D 355 32.36 37.71 -2.65
CA ILE D 355 33.09 38.91 -2.29
C ILE D 355 33.18 39.86 -3.46
N PHE D 356 33.45 39.33 -4.65
CA PHE D 356 33.72 40.16 -5.81
C PHE D 356 32.46 40.55 -6.58
N GLU D 357 31.33 39.90 -6.31
CA GLU D 357 30.04 40.34 -6.82
C GLU D 357 29.33 41.21 -5.78
N SER D 358 30.01 42.28 -5.38
CA SER D 358 29.50 43.18 -4.36
C SER D 358 30.02 44.58 -4.63
N GLU D 359 29.43 45.55 -3.92
CA GLU D 359 29.73 46.95 -4.20
C GLU D 359 31.21 47.24 -4.06
N ASN D 360 31.80 46.85 -2.93
CA ASN D 360 33.23 47.02 -2.69
C ASN D 360 33.87 45.65 -2.51
N PRO D 361 34.57 45.12 -3.52
CA PRO D 361 35.21 43.81 -3.33
C PRO D 361 36.45 43.90 -2.46
N ARG D 362 37.23 44.96 -2.58
CA ARG D 362 38.44 45.08 -1.79
C ARG D 362 38.14 45.26 -0.31
N LYS D 363 37.12 46.07 0.00
CA LYS D 363 36.77 46.29 1.41
C LYS D 363 36.11 45.05 2.02
N MET D 364 35.19 44.43 1.30
CA MET D 364 34.55 43.23 1.83
C MET D 364 35.59 42.13 2.03
N ALA D 365 36.56 42.02 1.13
CA ALA D 365 37.61 41.01 1.28
C ALA D 365 38.43 41.25 2.53
N ALA D 366 38.92 42.47 2.71
CA ALA D 366 39.73 42.78 3.89
C ALA D 366 38.92 42.64 5.16
N SER D 367 37.60 42.80 5.09
CA SER D 367 36.75 42.64 6.25
C SER D 367 36.67 41.18 6.68
N ILE D 368 36.48 40.27 5.73
CA ILE D 368 36.41 38.86 6.07
C ILE D 368 37.76 38.37 6.56
N VAL D 369 38.85 38.93 6.05
CA VAL D 369 40.17 38.58 6.54
C VAL D 369 40.34 39.00 8.00
N SER D 370 39.91 40.23 8.32
CA SER D 370 40.03 40.70 9.70
C SER D 370 39.11 39.94 10.63
N ALA D 371 37.95 39.52 10.16
CA ALA D 371 37.05 38.73 10.99
C ALA D 371 37.70 37.42 11.41
N VAL D 372 38.37 36.74 10.47
CA VAL D 372 39.01 35.48 10.79
C VAL D 372 40.22 35.71 11.69
N SER D 373 40.95 36.80 11.47
CA SER D 373 42.11 37.09 12.31
C SER D 373 41.69 37.50 13.72
N ASN D 374 40.53 38.16 13.86
CA ASN D 374 40.07 38.66 15.14
C ASN D 374 38.68 38.13 15.45
N PHE D 375 38.49 36.82 15.29
CA PHE D 375 37.15 36.24 15.43
C PHE D 375 36.63 36.30 16.86
N ASN D 376 37.48 36.57 17.84
CA ASN D 376 37.07 36.61 19.24
C ASN D 376 36.94 38.03 19.78
N ASN D 377 36.94 39.03 18.91
CA ASN D 377 36.95 40.43 19.30
C ASN D 377 35.67 41.08 18.78
N PRO D 378 34.60 41.15 19.58
CA PRO D 378 33.36 41.74 19.07
C PRO D 378 33.51 43.18 18.64
N LYS D 379 34.42 43.94 19.24
CA LYS D 379 34.60 45.33 18.83
C LYS D 379 35.06 45.41 17.38
N ILE D 380 36.02 44.58 17.00
CA ILE D 380 36.52 44.60 15.63
C ILE D 380 35.48 44.04 14.67
N LEU D 381 34.78 42.99 15.07
CA LEU D 381 33.75 42.41 14.20
C LEU D 381 32.67 43.44 13.88
N LEU D 382 32.28 44.24 14.86
CA LEU D 382 31.35 45.34 14.58
C LEU D 382 31.97 46.34 13.61
N ASP D 383 33.24 46.69 13.84
CA ASP D 383 33.86 47.74 13.04
C ASP D 383 33.90 47.36 11.58
N VAL D 384 34.26 46.11 11.27
CA VAL D 384 34.35 45.68 9.88
C VAL D 384 32.99 45.41 9.26
N SER D 385 31.96 45.18 10.09
CA SER D 385 30.62 44.93 9.56
C SER D 385 29.87 46.20 9.21
N MET D 386 30.33 47.35 9.68
CA MET D 386 29.63 48.61 9.42
C MET D 386 29.96 49.12 8.04
N ASN D 387 28.93 49.56 7.32
CA ASN D 387 29.09 50.15 5.99
C ASN D 387 29.72 49.15 5.02
N LEU D 388 29.35 47.87 5.17
CA LEU D 388 29.88 46.82 4.30
C LEU D 388 29.36 46.92 2.87
N GLY D 389 28.35 47.74 2.62
CA GLY D 389 27.81 47.90 1.28
C GLY D 389 26.30 47.96 1.25
N VAL E 124 19.03 38.46 35.20
CA VAL E 124 17.92 38.50 34.24
C VAL E 124 16.82 39.39 34.76
N LEU E 125 16.78 39.60 36.08
CA LEU E 125 15.74 40.44 36.68
C LEU E 125 15.81 41.86 36.16
N LEU E 126 17.03 42.37 35.95
CA LEU E 126 17.19 43.71 35.41
C LEU E 126 16.56 43.83 34.03
N LYS E 127 16.77 42.82 33.19
CA LYS E 127 16.12 42.80 31.88
C LYS E 127 14.61 42.68 32.02
N HIS E 128 14.14 41.88 32.97
CA HIS E 128 12.71 41.74 33.19
C HIS E 128 12.07 43.05 33.62
N GLY E 129 12.77 43.80 34.48
CA GLY E 129 12.24 45.08 34.91
C GLY E 129 12.03 46.03 33.74
N TRP E 130 13.01 46.09 32.83
CA TRP E 130 12.86 46.92 31.65
C TRP E 130 11.72 46.44 30.77
N CYS E 131 11.62 45.13 30.56
CA CYS E 131 10.57 44.60 29.70
C CYS E 131 9.18 44.87 30.28
N GLU E 132 9.02 44.69 31.59
CA GLU E 132 7.72 44.95 32.19
C GLU E 132 7.30 46.41 32.00
N MET E 133 8.27 47.32 31.87
CA MET E 133 7.97 48.69 31.49
C MET E 133 7.51 48.78 30.04
N LEU E 134 7.66 47.70 29.28
CA LEU E 134 7.35 47.66 27.86
C LEU E 134 5.91 47.20 27.58
N LYS E 135 5.12 46.97 28.62
CA LYS E 135 3.77 46.44 28.44
C LYS E 135 2.85 47.48 27.82
N GLY E 136 1.87 47.00 27.06
CA GLY E 136 0.82 47.83 26.53
C GLY E 136 1.20 48.72 25.37
N GLY E 137 2.31 48.44 24.69
CA GLY E 137 2.79 49.28 23.61
C GLY E 137 2.77 48.58 22.26
N VAL E 138 3.17 49.35 21.25
CA VAL E 138 3.20 48.90 19.86
C VAL E 138 4.60 49.05 19.34
N ILE E 139 5.12 47.99 18.70
CA ILE E 139 6.46 47.99 18.12
C ILE E 139 6.28 47.89 16.60
N MET E 140 6.71 48.94 15.90
CA MET E 140 6.52 49.04 14.45
C MET E 140 7.80 48.64 13.74
N ASP E 141 7.70 47.69 12.82
CA ASP E 141 8.85 47.22 12.06
C ASP E 141 9.14 48.20 10.95
N VAL E 142 10.08 49.12 11.19
CA VAL E 142 10.39 50.20 10.26
C VAL E 142 11.56 49.79 9.39
N LYS E 143 11.75 50.53 8.30
CA LYS E 143 12.77 50.22 7.30
C LYS E 143 13.77 51.36 7.07
N SER E 144 13.53 52.54 7.61
CA SER E 144 14.37 53.69 7.32
C SER E 144 14.23 54.68 8.47
N VAL E 145 14.75 55.89 8.27
CA VAL E 145 14.68 56.90 9.31
C VAL E 145 13.37 57.67 9.26
N GLU E 146 12.85 57.95 8.07
CA GLU E 146 11.55 58.60 7.99
C GLU E 146 10.45 57.71 8.56
N GLN E 147 10.50 56.41 8.27
CA GLN E 147 9.52 55.50 8.86
C GLN E 147 9.70 55.44 10.37
N ALA E 148 10.93 55.42 10.84
CA ALA E 148 11.17 55.38 12.28
C ALA E 148 10.68 56.66 12.95
N LYS E 149 10.81 57.80 12.27
CA LYS E 149 10.28 59.04 12.82
C LYS E 149 8.77 59.03 12.86
N ILE E 150 8.13 58.47 11.83
CA ILE E 150 6.67 58.35 11.84
C ILE E 150 6.22 57.49 13.01
N ALA E 151 6.86 56.33 13.19
CA ALA E 151 6.47 55.44 14.26
C ALA E 151 6.72 56.04 15.63
N GLU E 152 7.69 56.94 15.75
CA GLU E 152 7.88 57.63 17.02
C GLU E 152 6.78 58.66 17.26
N GLU E 153 6.43 59.41 16.22
CA GLU E 153 5.34 60.38 16.34
C GLU E 153 4.03 59.68 16.60
N ALA E 154 3.78 58.56 15.93
CA ALA E 154 2.54 57.82 16.11
C ALA E 154 2.38 57.31 17.53
N GLY E 155 3.46 57.25 18.30
CA GLY E 155 3.38 56.82 19.68
C GLY E 155 3.88 55.43 19.98
N ALA E 156 4.62 54.81 19.05
CA ALA E 156 5.15 53.49 19.31
C ALA E 156 6.15 53.53 20.45
N ILE E 157 6.31 52.40 21.12
CA ILE E 157 7.33 52.30 22.17
C ILE E 157 8.68 51.90 21.61
N GLY E 158 8.69 51.20 20.47
CA GLY E 158 9.94 50.77 19.88
C GLY E 158 9.78 50.53 18.41
N VAL E 159 10.90 50.57 17.69
CA VAL E 159 10.94 50.37 16.25
C VAL E 159 11.91 49.23 15.97
N MET E 160 11.46 48.25 15.20
CA MET E 160 12.30 47.13 14.79
C MET E 160 12.87 47.44 13.42
N VAL E 161 14.19 47.54 13.34
CA VAL E 161 14.85 47.96 12.11
C VAL E 161 14.90 46.78 11.14
N LEU E 162 14.54 47.05 9.89
CA LEU E 162 14.43 46.04 8.84
C LEU E 162 15.44 46.33 7.73
N GLU E 163 15.56 45.37 6.82
CA GLU E 163 16.38 45.54 5.63
C GLU E 163 15.53 46.14 4.52
N ASN E 164 15.95 47.30 4.02
CA ASN E 164 15.21 48.03 3.00
C ASN E 164 15.46 47.38 1.65
N ILE E 165 14.68 46.32 1.38
CA ILE E 165 14.77 45.58 0.13
C ILE E 165 13.42 45.59 -0.57
N GLY E 174 16.52 35.65 -1.71
CA GLY E 174 17.50 34.59 -1.55
C GLY E 174 17.69 34.19 -0.09
N VAL E 175 18.69 34.79 0.55
CA VAL E 175 19.00 34.54 1.95
C VAL E 175 18.89 35.87 2.70
N ALA E 176 18.06 35.88 3.74
CA ALA E 176 17.85 37.08 4.54
C ALA E 176 18.78 37.06 5.74
N ARG E 177 19.62 38.09 5.86
CA ARG E 177 20.60 38.19 6.93
C ARG E 177 20.29 39.39 7.79
N SER E 178 21.00 39.48 8.92
CA SER E 178 20.84 40.61 9.81
C SER E 178 21.17 41.91 9.08
N VAL E 179 20.38 42.94 9.34
CA VAL E 179 20.59 44.22 8.68
C VAL E 179 21.98 44.76 9.02
N ASP E 180 22.50 45.61 8.13
CA ASP E 180 23.82 46.18 8.33
C ASP E 180 23.85 47.03 9.59
N PRO E 181 24.78 46.80 10.51
CA PRO E 181 24.77 47.57 11.76
C PRO E 181 24.88 49.07 11.58
N SER E 182 25.34 49.55 10.42
CA SER E 182 25.38 50.99 10.20
C SER E 182 23.98 51.55 10.01
N LYS E 183 23.06 50.74 9.48
CA LYS E 183 21.67 51.15 9.39
C LYS E 183 21.02 51.23 10.76
N VAL E 184 21.22 50.19 11.58
CA VAL E 184 20.68 50.19 12.94
C VAL E 184 21.26 51.34 13.74
N GLU E 185 22.54 51.66 13.52
CA GLU E 185 23.17 52.75 14.26
C GLU E 185 22.57 54.09 13.88
N GLU E 186 22.21 54.29 12.62
CA GLU E 186 21.66 55.57 12.19
C GLU E 186 20.28 55.80 12.79
N ILE E 187 19.44 54.76 12.78
CA ILE E 187 18.10 54.90 13.36
C ILE E 187 18.20 55.12 14.87
N LYS E 188 19.08 54.38 15.53
CA LYS E 188 19.21 54.51 16.98
C LYS E 188 19.47 55.94 17.40
N LYS E 189 20.18 56.70 16.57
CA LYS E 189 20.51 58.08 16.91
C LYS E 189 19.44 59.08 16.48
N CYS E 190 18.46 58.66 15.71
CA CYS E 190 17.42 59.55 15.19
C CYS E 190 16.06 59.33 15.86
N VAL E 191 15.97 58.42 16.82
CA VAL E 191 14.73 58.17 17.54
C VAL E 191 15.06 57.99 19.02
N SER E 192 14.22 58.54 19.88
CA SER E 192 14.41 58.46 21.33
C SER E 192 13.71 57.26 21.94
N ILE E 193 13.15 56.37 21.13
CA ILE E 193 12.46 55.20 21.60
C ILE E 193 13.34 53.98 21.40
N ASN E 194 12.92 52.85 21.94
CA ASN E 194 13.72 51.64 21.84
C ASN E 194 13.92 51.25 20.38
N VAL E 195 15.07 50.64 20.10
CA VAL E 195 15.42 50.14 18.79
C VAL E 195 15.73 48.66 18.91
N LEU E 196 15.10 47.85 18.08
CA LEU E 196 15.29 46.41 18.05
C LEU E 196 15.96 46.02 16.74
N ALA E 197 16.44 44.78 16.69
CA ALA E 197 17.06 44.26 15.48
C ALA E 197 16.90 42.76 15.46
N ARG E 198 17.03 42.20 14.26
CA ARG E 198 16.78 40.78 14.02
C ARG E 198 18.08 40.06 13.72
N VAL E 199 18.25 38.89 14.30
CA VAL E 199 19.40 38.04 14.05
C VAL E 199 18.90 36.64 13.76
N ARG E 200 19.52 35.98 12.79
CA ARG E 200 19.06 34.67 12.37
C ARG E 200 19.07 33.71 13.55
N ILE E 201 18.25 32.67 13.47
CA ILE E 201 18.09 31.73 14.57
C ILE E 201 19.42 30.97 14.72
N GLY E 202 20.09 31.19 15.83
CA GLY E 202 21.31 30.48 16.15
C GLY E 202 22.57 31.25 15.84
N HIS E 203 22.49 32.31 15.04
CA HIS E 203 23.69 33.05 14.67
C HIS E 203 24.17 33.88 15.84
N PHE E 204 24.97 33.27 16.71
CA PHE E 204 25.41 33.91 17.94
C PHE E 204 26.52 34.91 17.72
N VAL E 205 26.90 35.22 16.49
CA VAL E 205 27.91 36.24 16.22
C VAL E 205 27.32 37.51 15.64
N GLU E 206 26.14 37.45 15.01
CA GLU E 206 25.41 38.68 14.73
C GLU E 206 24.97 39.34 16.03
N ALA E 207 24.55 38.53 17.01
CA ALA E 207 24.14 39.08 18.30
C ALA E 207 25.28 39.83 18.98
N GLN E 208 26.50 39.29 18.92
CA GLN E 208 27.63 39.97 19.54
C GLN E 208 27.93 41.28 18.85
N ILE E 209 27.68 41.35 17.54
CA ILE E 209 27.85 42.61 16.83
C ILE E 209 26.85 43.64 17.32
N LEU E 210 25.59 43.22 17.45
CA LEU E 210 24.54 44.12 17.90
C LEU E 210 24.73 44.51 19.36
N GLU E 211 25.07 43.55 20.21
CA GLU E 211 25.32 43.87 21.61
C GLU E 211 26.43 44.90 21.75
N GLU E 212 27.45 44.82 20.90
CA GLU E 212 28.48 45.85 20.89
C GLU E 212 27.94 47.19 20.41
N LEU E 213 26.80 47.18 19.73
CA LEU E 213 26.18 48.40 19.22
C LEU E 213 25.30 49.10 20.26
N LYS E 214 25.08 48.49 21.42
CA LYS E 214 24.25 49.06 22.48
C LYS E 214 22.82 49.23 21.99
N ILE E 215 22.29 48.20 21.35
CA ILE E 215 20.91 48.16 20.89
C ILE E 215 20.03 47.93 22.12
N ASP E 216 18.72 48.06 21.96
CA ASP E 216 17.83 47.95 23.11
C ASP E 216 17.24 46.56 23.30
N MET E 217 17.02 45.80 22.23
CA MET E 217 16.61 44.41 22.36
C MET E 217 16.84 43.70 21.04
N ILE E 218 17.45 42.53 21.10
CA ILE E 218 17.70 41.72 19.93
C ILE E 218 16.53 40.77 19.74
N ASP E 219 16.35 40.27 18.52
CA ASP E 219 15.18 39.47 18.18
C ASP E 219 15.63 38.28 17.36
N GLU E 220 15.61 37.10 17.95
CA GLU E 220 16.00 35.87 17.25
C GLU E 220 14.83 35.47 16.35
N SER E 221 14.95 35.80 15.07
CA SER E 221 13.79 35.83 14.17
C SER E 221 13.77 34.63 13.24
N GLU E 222 12.57 34.07 13.05
CA GLU E 222 12.31 33.06 12.05
C GLU E 222 11.93 33.65 10.70
N VAL E 223 11.74 34.96 10.62
CA VAL E 223 11.55 35.60 9.33
C VAL E 223 12.83 35.53 8.51
N LEU E 224 13.98 35.70 9.17
CA LEU E 224 15.27 35.58 8.52
C LEU E 224 15.64 34.11 8.39
N THR E 225 16.51 33.83 7.42
CA THR E 225 16.93 32.45 7.18
C THR E 225 17.60 31.88 8.42
N ILE E 226 17.33 30.60 8.69
CA ILE E 226 17.88 29.95 9.88
C ILE E 226 19.37 29.70 9.68
N ALA E 227 20.18 30.13 10.64
CA ALA E 227 21.61 29.85 10.60
C ALA E 227 21.95 28.51 11.25
N ASP E 228 21.24 28.12 12.30
CA ASP E 228 21.45 26.85 12.98
C ASP E 228 20.09 26.22 13.22
N GLU E 229 19.76 25.18 12.46
CA GLU E 229 18.45 24.55 12.58
C GLU E 229 18.26 23.85 13.92
N MET E 230 19.34 23.58 14.63
CA MET E 230 19.29 22.80 15.86
C MET E 230 19.27 23.67 17.11
N HIS E 231 20.10 24.72 17.15
CA HIS E 231 20.36 25.47 18.37
C HIS E 231 19.78 26.87 18.28
N HIS E 232 19.65 27.49 19.44
CA HIS E 232 19.28 28.89 19.58
C HIS E 232 20.34 29.58 20.41
N ILE E 233 20.62 30.84 20.09
CA ILE E 233 21.66 31.60 20.76
C ILE E 233 21.55 31.36 22.26
N ASP E 234 22.67 31.25 22.94
CA ASP E 234 22.67 31.14 24.40
C ASP E 234 22.51 32.53 24.96
N LYS E 235 21.25 32.93 25.13
CA LYS E 235 20.92 34.31 25.48
C LYS E 235 21.31 34.66 26.90
N HIS E 236 21.88 33.73 27.67
CA HIS E 236 22.38 34.04 28.99
C HIS E 236 23.70 34.80 28.96
N LYS E 237 24.45 34.71 27.88
CA LYS E 237 25.77 35.30 27.77
C LYS E 237 25.74 36.77 27.37
N PHE E 238 24.56 37.32 27.10
CA PHE E 238 24.42 38.68 26.61
C PHE E 238 23.76 39.55 27.66
N LYS E 239 24.17 40.81 27.72
CA LYS E 239 23.50 41.79 28.56
C LYS E 239 22.25 42.37 27.91
N THR E 240 22.06 42.17 26.61
CA THR E 240 20.94 42.74 25.87
C THR E 240 19.77 41.76 25.87
N PRO E 241 18.57 42.19 26.28
CA PRO E 241 17.44 41.26 26.31
C PRO E 241 17.08 40.77 24.92
N PHE E 242 16.58 39.53 24.87
CA PHE E 242 16.20 38.89 23.63
C PHE E 242 14.69 38.69 23.60
N VAL E 243 14.13 38.69 22.39
CA VAL E 243 12.74 38.33 22.16
C VAL E 243 12.72 37.20 21.15
N CYS E 244 11.93 36.16 21.44
CA CYS E 244 11.92 34.95 20.63
C CYS E 244 10.49 34.55 20.34
N GLY E 245 10.28 33.88 19.22
CA GLY E 245 8.96 33.45 18.84
C GLY E 245 8.48 32.26 19.66
N CYS E 246 7.21 31.91 19.46
CA CYS E 246 6.61 30.81 20.18
C CYS E 246 5.26 30.49 19.57
N THR E 247 4.94 29.20 19.50
CA THR E 247 3.65 28.76 19.02
C THR E 247 2.87 27.95 20.04
N ASN E 248 3.48 27.56 21.14
CA ASN E 248 2.80 26.85 22.21
C ASN E 248 3.50 27.16 23.52
N LEU E 249 2.89 26.74 24.63
CA LEU E 249 3.48 27.02 25.94
C LEU E 249 4.80 26.30 26.12
N GLY E 250 4.93 25.07 25.61
CA GLY E 250 6.18 24.35 25.76
C GLY E 250 7.32 25.07 25.08
N GLU E 251 7.11 25.54 23.86
CA GLU E 251 8.15 26.27 23.14
C GLU E 251 8.46 27.60 23.81
N ALA E 252 7.45 28.29 24.33
CA ALA E 252 7.68 29.55 25.02
C ALA E 252 8.48 29.34 26.30
N LEU E 253 8.22 28.23 27.00
CA LEU E 253 8.93 27.98 28.25
C LEU E 253 10.36 27.54 27.99
N ARG E 254 10.60 26.85 26.87
CA ARG E 254 11.98 26.49 26.53
C ARG E 254 12.82 27.72 26.23
N ARG E 255 12.27 28.66 25.45
CA ARG E 255 13.02 29.87 25.12
C ARG E 255 13.29 30.71 26.36
N ILE E 256 12.34 30.73 27.30
CA ILE E 256 12.58 31.47 28.55
C ILE E 256 13.66 30.78 29.36
N SER E 257 13.77 29.45 29.25
CA SER E 257 14.85 28.74 29.91
C SER E 257 16.20 29.16 29.36
N GLU E 258 16.29 29.30 28.04
CA GLU E 258 17.55 29.68 27.40
C GLU E 258 17.93 31.12 27.69
N GLY E 259 16.98 31.97 28.03
CA GLY E 259 17.29 33.32 28.48
C GLY E 259 16.50 34.43 27.81
N ALA E 260 15.43 34.09 27.09
CA ALA E 260 14.61 35.11 26.45
C ALA E 260 13.89 35.95 27.50
N SER E 261 13.92 37.27 27.31
CA SER E 261 13.26 38.20 28.21
C SER E 261 11.89 38.63 27.74
N MET E 262 11.48 38.21 26.55
CA MET E 262 10.16 38.51 26.02
C MET E 262 9.82 37.43 25.01
N ILE E 263 8.52 37.26 24.75
CA ILE E 263 8.06 36.27 23.79
C ILE E 263 7.07 36.96 22.86
N ARG E 264 6.90 36.38 21.68
CA ARG E 264 5.88 36.82 20.75
C ARG E 264 5.38 35.61 19.98
N THR E 265 4.13 35.68 19.52
CA THR E 265 3.52 34.58 18.80
C THR E 265 3.94 34.63 17.34
N LYS E 266 4.54 33.54 16.85
CA LYS E 266 5.10 33.54 15.51
C LYS E 266 4.08 34.02 14.48
N GLY E 267 2.85 33.53 14.56
CA GLY E 267 1.85 33.92 13.59
C GLY E 267 2.25 33.50 12.19
N GLU E 268 2.00 34.40 11.23
CA GLU E 268 2.32 34.16 9.82
C GLU E 268 2.71 35.51 9.21
N ALA E 269 4.01 35.77 9.16
CA ALA E 269 4.50 37.07 8.73
C ALA E 269 4.31 37.25 7.22
N GLY E 270 3.97 38.47 6.82
CA GLY E 270 3.89 38.84 5.42
C GLY E 270 2.54 38.58 4.78
N THR E 271 1.61 37.92 5.47
CA THR E 271 0.32 37.58 4.90
C THR E 271 -0.80 38.51 5.34
N GLY E 272 -0.68 39.12 6.52
CA GLY E 272 -1.75 39.95 7.04
C GLY E 272 -2.90 39.17 7.62
N ASN E 273 -2.81 37.85 7.69
CA ASN E 273 -3.89 37.02 8.21
C ASN E 273 -3.64 36.77 9.69
N ILE E 274 -4.62 37.16 10.51
CA ILE E 274 -4.49 37.10 11.97
C ILE E 274 -4.94 35.73 12.46
N ILE E 275 -5.19 34.80 11.54
CA ILE E 275 -5.69 33.49 11.94
C ILE E 275 -4.66 32.76 12.79
N GLU E 276 -3.39 32.80 12.38
CA GLU E 276 -2.37 32.07 13.12
C GLU E 276 -2.05 32.75 14.45
N ALA E 277 -1.97 34.08 14.45
CA ALA E 277 -1.69 34.78 15.71
C ALA E 277 -2.78 34.50 16.73
N ILE E 278 -4.05 34.53 16.30
CA ILE E 278 -5.15 34.26 17.23
C ILE E 278 -5.15 32.79 17.64
N LYS E 279 -4.82 31.90 16.70
CA LYS E 279 -4.77 30.48 17.05
C LYS E 279 -3.69 30.21 18.09
N HIS E 280 -2.53 30.84 17.94
CA HIS E 280 -1.45 30.63 18.90
C HIS E 280 -1.75 31.31 20.23
N ILE E 281 -2.39 32.47 20.21
CA ILE E 281 -2.72 33.15 21.46
C ILE E 281 -3.65 32.29 22.29
N ARG E 282 -4.67 31.69 21.66
CA ARG E 282 -5.59 30.83 22.38
C ARG E 282 -4.87 29.58 22.88
N THR E 283 -4.05 28.96 22.04
CA THR E 283 -3.37 27.73 22.43
C THR E 283 -2.53 27.96 23.69
N VAL E 284 -1.75 29.04 23.71
CA VAL E 284 -0.92 29.33 24.87
C VAL E 284 -1.78 29.65 26.08
N ASN E 285 -2.84 30.43 25.88
CA ASN E 285 -3.71 30.80 27.00
C ASN E 285 -4.43 29.58 27.57
N ASN E 286 -4.91 28.69 26.70
CA ASN E 286 -5.59 27.50 27.19
C ASN E 286 -4.65 26.62 27.99
N GLU E 287 -3.43 26.40 27.48
CA GLU E 287 -2.49 25.53 28.17
C GLU E 287 -2.11 26.08 29.53
N ILE E 288 -1.90 27.40 29.63
CA ILE E 288 -1.50 27.99 30.90
C ILE E 288 -2.60 27.80 31.93
N CYS E 289 -3.86 28.01 31.55
CA CYS E 289 -4.95 27.87 32.49
C CYS E 289 -5.21 26.41 32.82
N TYR E 290 -5.22 25.54 31.81
CA TYR E 290 -5.33 24.11 32.05
C TYR E 290 -4.28 23.65 33.05
N LEU E 291 -3.07 24.18 32.94
CA LEU E 291 -2.03 23.89 33.91
C LEU E 291 -2.44 24.34 35.30
N CYS E 292 -3.00 25.54 35.41
CA CYS E 292 -3.39 26.06 36.72
C CYS E 292 -4.49 25.23 37.34
N CYS E 293 -5.27 24.53 36.52
CA CYS E 293 -6.41 23.74 36.98
C CYS E 293 -6.03 22.28 37.22
N LEU E 294 -4.74 21.98 37.39
CA LEU E 294 -4.21 20.64 37.55
C LEU E 294 -3.77 20.43 39.00
N SER E 295 -3.20 19.27 39.28
CA SER E 295 -2.71 18.92 40.62
C SER E 295 -1.20 18.80 40.60
N ASP E 296 -0.63 18.63 41.80
CA ASP E 296 0.83 18.64 41.93
C ASP E 296 1.47 17.40 41.34
N SER E 297 0.81 16.25 41.40
CA SER E 297 1.37 15.04 40.82
C SER E 297 1.28 15.03 39.30
N GLU E 298 0.28 15.69 38.72
CA GLU E 298 0.13 15.71 37.28
C GLU E 298 1.03 16.73 36.59
N VAL E 299 1.60 17.68 37.34
CA VAL E 299 2.43 18.70 36.72
C VAL E 299 3.65 18.06 36.08
N TYR E 300 4.21 17.04 36.73
CA TYR E 300 5.42 16.41 36.20
C TYR E 300 5.16 15.77 34.84
N HIS E 301 4.02 15.10 34.68
CA HIS E 301 3.70 14.53 33.38
C HIS E 301 3.42 15.63 32.35
N PHE E 302 2.76 16.70 32.77
CA PHE E 302 2.48 17.79 31.83
C PHE E 302 3.78 18.40 31.31
N ALA E 303 4.74 18.65 32.20
CA ALA E 303 6.01 19.19 31.76
C ALA E 303 6.64 18.31 30.70
N LYS E 304 6.62 17.00 30.90
CA LYS E 304 7.14 16.09 29.89
C LYS E 304 6.32 16.17 28.61
N LYS E 305 4.99 16.27 28.74
CA LYS E 305 4.14 16.28 27.55
C LYS E 305 4.46 17.47 26.66
N ILE E 306 4.48 18.68 27.22
CA ILE E 306 4.84 19.86 26.44
C ILE E 306 6.35 19.99 26.25
N ASN E 307 7.14 19.20 26.97
CA ASN E 307 8.59 19.24 26.86
C ASN E 307 9.15 20.59 27.29
N ALA E 308 8.91 20.93 28.55
CA ALA E 308 9.37 22.18 29.13
C ALA E 308 10.04 21.92 30.45
N PRO E 309 10.95 22.80 30.87
CA PRO E 309 11.58 22.63 32.19
C PRO E 309 10.53 22.65 33.29
N ILE E 310 10.70 21.77 34.27
CA ILE E 310 9.72 21.65 35.34
C ILE E 310 9.69 22.92 36.19
N ASP E 311 10.85 23.56 36.35
CA ASP E 311 10.91 24.75 37.20
C ASP E 311 10.01 25.85 36.66
N LEU E 312 10.05 26.09 35.35
CA LEU E 312 9.22 27.13 34.76
C LEU E 312 7.75 26.75 34.76
N VAL E 313 7.44 25.48 34.50
CA VAL E 313 6.06 25.04 34.48
C VAL E 313 5.39 25.34 35.82
N LEU E 314 6.11 25.10 36.91
CA LEU E 314 5.59 25.47 38.22
C LEU E 314 5.46 26.98 38.36
N LEU E 315 6.41 27.73 37.81
CA LEU E 315 6.34 29.19 37.88
C LEU E 315 5.17 29.72 37.08
N THR E 316 4.91 29.15 35.90
CA THR E 316 3.75 29.55 35.12
C THR E 316 2.46 29.26 35.89
N LYS E 317 2.40 28.09 36.54
CA LYS E 317 1.24 27.76 37.36
C LYS E 317 1.07 28.75 38.50
N LYS E 318 2.15 29.10 39.18
CA LYS E 318 2.04 30.01 40.31
C LYS E 318 1.57 31.39 39.87
N LEU E 319 2.12 31.91 38.78
CA LEU E 319 1.75 33.23 38.29
C LEU E 319 0.50 33.22 37.44
N LYS E 320 0.08 32.06 36.95
CA LYS E 320 -1.12 31.90 36.14
C LYS E 320 -0.97 32.53 34.76
N ARG E 321 0.22 32.98 34.39
CA ARG E 321 0.47 33.57 33.08
C ARG E 321 1.92 33.29 32.72
N LEU E 322 2.30 33.67 31.50
CA LEU E 322 3.67 33.45 31.06
C LEU E 322 4.62 34.23 31.95
N PRO E 323 5.75 33.64 32.37
CA PRO E 323 6.63 34.35 33.31
C PRO E 323 7.20 35.64 32.78
N VAL E 324 7.19 35.85 31.46
CA VAL E 324 7.84 37.00 30.83
C VAL E 324 6.81 37.73 29.97
N VAL E 325 7.11 39.00 29.68
CA VAL E 325 6.24 39.79 28.84
C VAL E 325 5.93 39.03 27.55
N ASN E 326 4.71 39.15 27.08
CA ASN E 326 4.26 38.42 25.90
C ASN E 326 3.58 39.41 24.95
N PHE E 327 4.05 39.45 23.72
CA PHE E 327 3.52 40.32 22.68
C PHE E 327 2.89 39.48 21.59
N ALA E 328 2.14 40.14 20.71
CA ALA E 328 1.47 39.49 19.59
C ALA E 328 2.12 39.97 18.30
N ALA E 329 2.43 39.02 17.41
CA ALA E 329 3.11 39.34 16.17
C ALA E 329 2.55 38.50 15.04
N GLY E 330 2.40 39.14 13.88
CA GLY E 330 2.03 38.41 12.68
C GLY E 330 0.56 38.51 12.34
N GLY E 331 0.22 39.38 11.39
CA GLY E 331 -1.14 39.54 10.94
C GLY E 331 -1.84 40.79 11.44
N VAL E 332 -1.30 41.44 12.47
CA VAL E 332 -1.94 42.63 13.00
C VAL E 332 -1.79 43.77 12.00
N ALA E 333 -2.89 44.10 11.32
CA ALA E 333 -2.87 45.12 10.28
C ALA E 333 -3.93 46.20 10.44
N THR E 334 -4.90 46.02 11.34
CA THR E 334 -6.00 46.94 11.49
C THR E 334 -6.19 47.25 12.97
N PRO E 335 -6.73 48.42 13.30
CA PRO E 335 -7.02 48.70 14.72
C PRO E 335 -7.86 47.63 15.38
N ALA E 336 -8.76 46.98 14.64
CA ALA E 336 -9.52 45.88 15.20
C ALA E 336 -8.63 44.69 15.49
N ASP E 337 -7.68 44.38 14.61
CA ASP E 337 -6.78 43.26 14.84
C ASP E 337 -5.92 43.50 16.08
N ALA E 338 -5.41 44.71 16.24
CA ALA E 338 -4.60 45.02 17.41
C ALA E 338 -5.40 44.88 18.69
N ALA E 339 -6.62 45.40 18.71
CA ALA E 339 -7.44 45.36 19.91
C ALA E 339 -7.89 43.94 20.22
N MET E 340 -8.15 43.14 19.19
CA MET E 340 -8.52 41.75 19.44
C MET E 340 -7.43 41.01 20.16
N CYS E 341 -6.17 41.20 19.74
CA CYS E 341 -5.05 40.53 20.40
C CYS E 341 -4.92 40.98 21.84
N MET E 342 -5.10 42.27 22.10
CA MET E 342 -4.98 42.78 23.47
C MET E 342 -6.16 42.34 24.32
N GLN E 343 -7.32 42.13 23.71
CA GLN E 343 -8.48 41.60 24.44
C GLN E 343 -8.34 40.14 24.77
N LEU E 344 -7.39 39.43 24.15
CA LEU E 344 -7.11 38.04 24.46
C LEU E 344 -5.96 37.88 25.44
N GLY E 345 -5.44 38.97 25.99
CA GLY E 345 -4.49 38.89 27.08
C GLY E 345 -3.12 39.48 26.80
N MET E 346 -2.68 39.43 25.56
CA MET E 346 -1.32 39.85 25.21
C MET E 346 -1.00 41.21 25.80
N ASP E 347 0.27 41.46 26.02
CA ASP E 347 0.74 42.70 26.64
C ASP E 347 1.07 43.78 25.62
N GLY E 348 1.00 43.50 24.33
CA GLY E 348 1.34 44.47 23.32
C GLY E 348 1.22 43.85 21.95
N VAL E 349 1.63 44.61 20.95
CA VAL E 349 1.47 44.21 19.55
C VAL E 349 2.75 44.51 18.79
N PHE E 350 3.14 43.56 17.93
CA PHE E 350 4.17 43.77 16.92
C PHE E 350 3.47 44.02 15.59
N VAL E 351 3.76 45.15 14.97
CA VAL E 351 3.10 45.56 13.74
C VAL E 351 4.12 45.55 12.60
N GLY E 352 3.78 44.89 11.51
CA GLY E 352 4.67 44.76 10.37
C GLY E 352 4.84 46.06 9.61
N SER E 353 5.19 45.94 8.34
CA SER E 353 5.44 47.09 7.48
C SER E 353 4.22 47.55 6.71
N GLY E 354 3.08 46.86 6.85
CA GLY E 354 1.89 47.28 6.15
C GLY E 354 1.40 48.66 6.53
N ILE E 355 1.83 49.18 7.67
CA ILE E 355 1.35 50.47 8.12
C ILE E 355 1.84 51.58 7.20
N PHE E 356 2.99 51.38 6.57
CA PHE E 356 3.58 52.41 5.71
C PHE E 356 3.32 52.17 4.23
N GLU E 357 2.94 50.97 3.84
CA GLU E 357 2.44 50.71 2.49
C GLU E 357 0.94 50.95 2.41
N SER E 358 0.51 52.14 2.82
CA SER E 358 -0.91 52.47 2.84
C SER E 358 -1.05 53.97 2.65
N GLU E 359 -2.28 54.39 2.32
CA GLU E 359 -2.54 55.79 1.97
C GLU E 359 -1.92 56.74 2.99
N ASN E 360 -2.38 56.65 4.24
CA ASN E 360 -1.87 57.51 5.30
C ASN E 360 -1.08 56.66 6.29
N PRO E 361 0.25 56.79 6.34
CA PRO E 361 1.02 56.00 7.30
C PRO E 361 0.94 56.56 8.71
N ARG E 362 0.89 57.89 8.83
CA ARG E 362 0.84 58.50 10.15
C ARG E 362 -0.51 58.22 10.82
N LYS E 363 -1.61 58.42 10.09
CA LYS E 363 -2.92 58.19 10.68
C LYS E 363 -3.14 56.72 10.96
N MET E 364 -2.77 55.84 10.03
CA MET E 364 -2.95 54.41 10.26
C MET E 364 -2.10 53.96 11.44
N ALA E 365 -0.89 54.52 11.59
CA ALA E 365 -0.04 54.16 12.71
C ALA E 365 -0.65 54.63 14.03
N ALA E 366 -1.03 55.90 14.10
CA ALA E 366 -1.62 56.43 15.33
C ALA E 366 -2.91 55.71 15.67
N SER E 367 -3.59 55.16 14.68
CA SER E 367 -4.82 54.42 14.94
C SER E 367 -4.53 53.09 15.62
N ILE E 368 -3.51 52.36 15.16
CA ILE E 368 -3.17 51.10 15.81
C ILE E 368 -2.63 51.35 17.20
N VAL E 369 -1.94 52.47 17.41
CA VAL E 369 -1.47 52.81 18.76
C VAL E 369 -2.65 53.05 19.68
N SER E 370 -3.67 53.79 19.21
CA SER E 370 -4.82 54.07 20.06
C SER E 370 -5.67 52.83 20.29
N ALA E 371 -5.70 51.91 19.32
CA ALA E 371 -6.43 50.66 19.52
C ALA E 371 -5.84 49.87 20.67
N VAL E 372 -4.52 49.78 20.74
CA VAL E 372 -3.88 49.03 21.81
C VAL E 372 -4.05 49.76 23.15
N SER E 373 -3.99 51.08 23.12
CA SER E 373 -4.14 51.84 24.36
C SER E 373 -5.57 51.79 24.89
N ASN E 374 -6.55 51.70 23.99
CA ASN E 374 -7.97 51.72 24.34
C ASN E 374 -8.67 50.50 23.77
N PHE E 375 -8.09 49.32 23.98
CA PHE E 375 -8.61 48.10 23.38
C PHE E 375 -9.95 47.67 23.96
N ASN E 376 -10.38 48.25 25.09
CA ASN E 376 -11.63 47.90 25.74
C ASN E 376 -12.73 48.93 25.50
N ASN E 377 -12.50 49.87 24.59
CA ASN E 377 -13.40 51.01 24.39
C ASN E 377 -13.94 50.95 22.96
N PRO E 378 -15.10 50.33 22.74
CA PRO E 378 -15.61 50.22 21.37
C PRO E 378 -15.86 51.56 20.71
N LYS E 379 -16.15 52.60 21.48
CA LYS E 379 -16.36 53.91 20.89
C LYS E 379 -15.10 54.42 20.21
N ILE E 380 -13.96 54.27 20.88
CA ILE E 380 -12.70 54.73 20.29
C ILE E 380 -12.28 53.84 19.14
N LEU E 381 -12.48 52.52 19.29
CA LEU E 381 -12.12 51.61 18.21
C LEU E 381 -12.87 51.94 16.93
N LEU E 382 -14.15 52.27 17.05
CA LEU E 382 -14.89 52.72 15.88
C LEU E 382 -14.30 54.02 15.33
N ASP E 383 -13.99 54.96 16.21
CA ASP E 383 -13.55 56.27 15.77
C ASP E 383 -12.25 56.17 14.95
N VAL E 384 -11.30 55.35 15.42
CA VAL E 384 -10.03 55.22 14.72
C VAL E 384 -10.14 54.33 13.49
N SER E 385 -11.17 53.49 13.40
CA SER E 385 -11.35 52.62 12.26
C SER E 385 -12.03 53.31 11.08
N MET E 386 -12.61 54.48 11.28
CA MET E 386 -13.37 55.16 10.25
C MET E 386 -12.45 56.02 9.40
N ASN E 387 -12.64 55.95 8.08
CA ASN E 387 -11.86 56.73 7.12
C ASN E 387 -10.38 56.35 7.19
N LEU E 388 -10.11 55.06 7.38
CA LEU E 388 -8.74 54.57 7.41
C LEU E 388 -8.12 54.42 6.03
N GLY E 389 -8.91 54.58 4.97
CA GLY E 389 -8.41 54.45 3.62
C GLY E 389 -8.41 53.01 3.13
N VAL F 124 -33.36 38.28 23.34
CA VAL F 124 -33.18 37.65 22.03
C VAL F 124 -34.52 37.55 21.32
N LEU F 125 -35.61 37.53 22.09
CA LEU F 125 -36.94 37.42 21.49
C LEU F 125 -37.23 38.64 20.60
N LEU F 126 -36.80 39.82 21.03
CA LEU F 126 -36.99 41.01 20.21
C LEU F 126 -36.23 40.91 18.90
N LYS F 127 -35.02 40.33 18.93
CA LYS F 127 -34.27 40.11 17.70
C LYS F 127 -35.01 39.16 16.77
N HIS F 128 -35.59 38.10 17.32
CA HIS F 128 -36.39 37.19 16.51
C HIS F 128 -37.65 37.86 16.00
N GLY F 129 -38.26 38.73 16.81
CA GLY F 129 -39.42 39.45 16.35
C GLY F 129 -39.13 40.34 15.15
N TRP F 130 -38.01 41.06 15.20
CA TRP F 130 -37.61 41.87 14.06
C TRP F 130 -37.32 40.99 12.84
N CYS F 131 -36.65 39.86 13.05
CA CYS F 131 -36.32 38.99 11.93
C CYS F 131 -37.57 38.42 11.29
N GLU F 132 -38.56 38.00 12.09
CA GLU F 132 -39.78 37.45 11.52
C GLU F 132 -40.48 38.46 10.62
N MET F 133 -40.26 39.76 10.87
CA MET F 133 -40.76 40.80 9.99
C MET F 133 -39.98 40.86 8.69
N LEU F 134 -38.87 40.12 8.58
CA LEU F 134 -38.03 40.11 7.39
C LEU F 134 -38.35 38.97 6.45
N LYS F 135 -39.43 38.24 6.69
CA LYS F 135 -39.75 37.08 5.88
C LYS F 135 -40.18 37.49 4.47
N GLY F 136 -39.83 36.65 3.50
CA GLY F 136 -40.28 36.86 2.14
C GLY F 136 -39.62 37.99 1.40
N GLY F 137 -38.43 38.42 1.82
CA GLY F 137 -37.75 39.53 1.20
C GLY F 137 -36.45 39.12 0.51
N VAL F 138 -35.85 40.11 -0.15
CA VAL F 138 -34.61 39.94 -0.89
C VAL F 138 -33.57 40.91 -0.34
N ILE F 139 -32.37 40.39 -0.08
CA ILE F 139 -31.26 41.19 0.43
C ILE F 139 -30.19 41.20 -0.64
N MET F 140 -29.90 42.38 -1.17
CA MET F 140 -28.96 42.55 -2.27
C MET F 140 -27.61 43.01 -1.73
N ASP F 141 -26.54 42.29 -2.09
CA ASP F 141 -25.20 42.62 -1.63
C ASP F 141 -24.66 43.76 -2.49
N VAL F 142 -24.89 44.98 -2.02
CA VAL F 142 -24.52 46.17 -2.77
C VAL F 142 -23.10 46.58 -2.42
N LYS F 143 -22.51 47.44 -3.26
CA LYS F 143 -21.13 47.86 -3.13
C LYS F 143 -20.95 49.35 -2.96
N SER F 144 -22.00 50.15 -3.10
CA SER F 144 -21.86 51.60 -3.08
C SER F 144 -23.22 52.20 -2.80
N VAL F 145 -23.32 53.52 -2.94
CA VAL F 145 -24.59 54.20 -2.65
C VAL F 145 -25.53 54.11 -3.85
N GLU F 146 -25.01 54.21 -5.07
CA GLU F 146 -25.86 54.07 -6.24
C GLU F 146 -26.45 52.67 -6.31
N GLN F 147 -25.66 51.64 -6.03
CA GLN F 147 -26.19 50.29 -6.00
C GLN F 147 -27.20 50.13 -4.88
N ALA F 148 -26.93 50.71 -3.72
CA ALA F 148 -27.87 50.63 -2.61
C ALA F 148 -29.17 51.34 -2.93
N LYS F 149 -29.08 52.46 -3.66
CA LYS F 149 -30.30 53.16 -4.06
C LYS F 149 -31.10 52.34 -5.06
N ILE F 150 -30.41 51.65 -5.99
CA ILE F 150 -31.10 50.78 -6.93
C ILE F 150 -31.84 49.68 -6.19
N ALA F 151 -31.15 49.03 -5.25
CA ALA F 151 -31.76 47.92 -4.54
C ALA F 151 -32.89 48.38 -3.63
N GLU F 152 -32.88 49.64 -3.21
CA GLU F 152 -34.00 50.14 -2.42
C GLU F 152 -35.23 50.37 -3.30
N GLU F 153 -35.04 50.98 -4.46
CA GLU F 153 -36.16 51.20 -5.36
C GLU F 153 -36.66 49.90 -5.97
N ALA F 154 -35.76 48.92 -6.15
CA ALA F 154 -36.17 47.63 -6.67
C ALA F 154 -37.02 46.85 -5.69
N GLY F 155 -37.13 47.28 -4.44
CA GLY F 155 -38.01 46.65 -3.48
C GLY F 155 -37.33 45.71 -2.50
N ALA F 156 -36.00 45.74 -2.40
CA ALA F 156 -35.31 44.90 -1.45
C ALA F 156 -35.66 45.32 -0.03
N ILE F 157 -35.56 44.37 0.91
CA ILE F 157 -35.76 44.70 2.32
C ILE F 157 -34.47 45.12 3.00
N GLY F 158 -33.32 44.73 2.47
CA GLY F 158 -32.05 45.12 3.06
C GLY F 158 -30.94 44.99 2.06
N VAL F 159 -29.83 45.65 2.37
CA VAL F 159 -28.65 45.66 1.50
C VAL F 159 -27.45 45.28 2.34
N MET F 160 -26.67 44.31 1.88
CA MET F 160 -25.45 43.92 2.56
C MET F 160 -24.30 44.71 1.96
N VAL F 161 -23.69 45.58 2.76
CA VAL F 161 -22.63 46.44 2.25
C VAL F 161 -21.37 45.61 2.02
N LEU F 162 -20.77 45.81 0.85
CA LEU F 162 -19.66 45.00 0.38
C LEU F 162 -18.41 45.87 0.22
N GLU F 163 -17.28 45.21 -0.03
CA GLU F 163 -16.02 45.89 -0.29
C GLU F 163 -15.92 46.18 -1.79
N ASN F 164 -15.82 47.46 -2.15
CA ASN F 164 -15.78 47.88 -3.55
C ASN F 164 -14.35 47.69 -4.07
N ILE F 165 -14.04 46.46 -4.43
CA ILE F 165 -12.74 46.14 -5.01
C ILE F 165 -12.81 46.33 -6.52
N GLY F 174 -4.00 39.09 -0.26
CA GLY F 174 -5.26 38.47 -0.63
C GLY F 174 -6.07 38.04 0.58
N VAL F 175 -6.28 38.98 1.50
CA VAL F 175 -7.05 38.73 2.73
C VAL F 175 -8.24 39.67 2.72
N ALA F 176 -9.44 39.10 2.83
CA ALA F 176 -10.66 39.88 2.84
C ALA F 176 -11.03 40.24 4.28
N ARG F 177 -11.21 41.52 4.55
CA ARG F 177 -11.50 42.03 5.88
C ARG F 177 -12.83 42.77 5.86
N SER F 178 -13.35 43.03 7.06
CA SER F 178 -14.57 43.78 7.17
C SER F 178 -14.42 45.14 6.51
N VAL F 179 -15.45 45.53 5.76
CA VAL F 179 -15.41 46.80 5.05
C VAL F 179 -15.22 47.95 6.04
N ASP F 180 -14.68 49.06 5.53
CA ASP F 180 -14.42 50.21 6.37
C ASP F 180 -15.73 50.76 6.93
N PRO F 181 -15.86 50.95 8.24
CA PRO F 181 -17.14 51.41 8.79
C PRO F 181 -17.61 52.75 8.25
N SER F 182 -16.73 53.55 7.65
CA SER F 182 -17.19 54.80 7.06
C SER F 182 -18.01 54.55 5.80
N LYS F 183 -17.72 53.46 5.09
CA LYS F 183 -18.55 53.08 3.96
C LYS F 183 -19.93 52.61 4.42
N VAL F 184 -19.96 51.75 5.44
CA VAL F 184 -21.25 51.28 5.97
C VAL F 184 -22.05 52.45 6.52
N GLU F 185 -21.37 53.42 7.12
CA GLU F 185 -22.07 54.58 7.68
C GLU F 185 -22.69 55.43 6.59
N GLU F 186 -22.03 55.56 5.44
CA GLU F 186 -22.58 56.40 4.38
C GLU F 186 -23.81 55.77 3.75
N ILE F 187 -23.78 54.45 3.52
CA ILE F 187 -24.94 53.78 2.95
C ILE F 187 -26.11 53.80 3.93
N LYS F 188 -25.83 53.58 5.21
CA LYS F 188 -26.90 53.56 6.21
C LYS F 188 -27.69 54.86 6.19
N LYS F 189 -27.06 55.97 5.85
CA LYS F 189 -27.74 57.26 5.82
C LYS F 189 -28.38 57.56 4.48
N CYS F 190 -28.13 56.76 3.45
CA CYS F 190 -28.67 57.00 2.12
C CYS F 190 -29.75 56.00 1.73
N VAL F 191 -30.16 55.11 2.63
CA VAL F 191 -31.20 54.14 2.35
C VAL F 191 -32.05 53.97 3.60
N SER F 192 -33.35 53.80 3.38
CA SER F 192 -34.31 53.62 4.47
C SER F 192 -34.55 52.16 4.81
N ILE F 193 -33.86 51.24 4.15
CA ILE F 193 -34.03 49.82 4.38
C ILE F 193 -32.89 49.32 5.26
N ASN F 194 -33.03 48.10 5.76
CA ASN F 194 -32.00 47.54 6.63
C ASN F 194 -30.64 47.60 5.95
N VAL F 195 -29.59 47.68 6.76
CA VAL F 195 -28.22 47.65 6.29
C VAL F 195 -27.49 46.56 7.06
N LEU F 196 -26.81 45.68 6.34
CA LEU F 196 -26.07 44.58 6.93
C LEU F 196 -24.59 44.78 6.63
N ALA F 197 -23.75 44.05 7.37
CA ALA F 197 -22.32 44.10 7.16
C ALA F 197 -21.73 42.76 7.54
N ARG F 198 -20.54 42.49 7.02
CA ARG F 198 -19.90 41.19 7.15
C ARG F 198 -18.67 41.31 8.03
N VAL F 199 -18.50 40.36 8.95
CA VAL F 199 -17.35 40.30 9.83
C VAL F 199 -16.77 38.91 9.75
N ARG F 200 -15.45 38.82 9.78
CA ARG F 200 -14.80 37.53 9.63
C ARG F 200 -15.23 36.59 10.75
N ILE F 201 -15.15 35.29 10.47
CA ILE F 201 -15.61 34.29 11.41
C ILE F 201 -14.72 34.32 12.64
N GLY F 202 -15.28 34.74 13.77
CA GLY F 202 -14.58 34.75 15.02
C GLY F 202 -14.05 36.11 15.43
N HIS F 203 -13.95 37.05 14.50
CA HIS F 203 -13.42 38.37 14.82
C HIS F 203 -14.47 39.15 15.61
N PHE F 204 -14.37 39.10 16.94
CA PHE F 204 -15.36 39.69 17.81
C PHE F 204 -15.10 41.16 18.09
N VAL F 205 -14.09 41.76 17.48
CA VAL F 205 -13.85 43.18 17.61
C VAL F 205 -14.30 43.97 16.38
N GLU F 206 -14.36 43.34 15.21
CA GLU F 206 -15.08 43.96 14.10
C GLU F 206 -16.56 44.08 14.43
N ALA F 207 -17.14 43.04 15.05
CA ALA F 207 -18.53 43.10 15.44
C ALA F 207 -18.77 44.21 16.45
N GLN F 208 -17.86 44.39 17.41
CA GLN F 208 -18.01 45.46 18.38
C GLN F 208 -17.95 46.83 17.72
N ILE F 209 -17.16 46.95 16.65
CA ILE F 209 -17.12 48.22 15.91
C ILE F 209 -18.44 48.48 15.24
N LEU F 210 -18.99 47.46 14.56
CA LEU F 210 -20.25 47.61 13.85
C LEU F 210 -21.40 47.85 14.80
N GLU F 211 -21.44 47.12 15.90
CA GLU F 211 -22.51 47.33 16.88
C GLU F 211 -22.50 48.77 17.39
N GLU F 212 -21.32 49.36 17.55
CA GLU F 212 -21.25 50.77 17.91
C GLU F 212 -21.76 51.66 16.80
N LEU F 213 -21.83 51.15 15.57
CA LEU F 213 -22.31 51.89 14.43
C LEU F 213 -23.83 51.89 14.29
N LYS F 214 -24.54 51.11 15.11
CA LYS F 214 -25.99 51.01 15.04
C LYS F 214 -26.43 50.45 13.70
N ILE F 215 -25.79 49.36 13.29
CA ILE F 215 -26.13 48.66 12.06
C ILE F 215 -27.38 47.84 12.34
N ASP F 216 -27.98 47.26 11.31
CA ASP F 216 -29.22 46.50 11.48
C ASP F 216 -29.01 45.01 11.61
N MET F 217 -27.97 44.46 11.00
CA MET F 217 -27.65 43.05 11.18
C MET F 217 -26.20 42.83 10.81
N ILE F 218 -25.58 41.85 11.45
CA ILE F 218 -24.18 41.52 11.22
C ILE F 218 -24.11 40.11 10.68
N ASP F 219 -23.20 39.87 9.75
CA ASP F 219 -23.14 38.62 9.01
C ASP F 219 -21.78 37.99 9.21
N GLU F 220 -21.71 36.97 10.06
CA GLU F 220 -20.46 36.26 10.29
C GLU F 220 -20.16 35.43 9.05
N SER F 221 -19.38 35.98 8.14
CA SER F 221 -19.31 35.50 6.77
C SER F 221 -18.10 34.59 6.55
N GLU F 222 -18.34 33.50 5.83
CA GLU F 222 -17.28 32.62 5.35
C GLU F 222 -16.68 33.10 4.04
N VAL F 223 -17.30 34.10 3.39
CA VAL F 223 -16.70 34.69 2.20
C VAL F 223 -15.43 35.44 2.57
N LEU F 224 -15.44 36.14 3.70
CA LEU F 224 -14.27 36.82 4.21
C LEU F 224 -13.32 35.81 4.84
N THR F 225 -12.04 36.17 4.90
CA THR F 225 -11.04 35.28 5.46
C THR F 225 -11.37 34.99 6.93
N ILE F 226 -11.10 33.77 7.35
CA ILE F 226 -11.44 33.31 8.69
C ILE F 226 -10.44 33.88 9.68
N ALA F 227 -10.93 34.71 10.61
CA ALA F 227 -10.05 35.24 11.66
C ALA F 227 -9.79 34.21 12.75
N ASP F 228 -10.79 33.39 13.08
CA ASP F 228 -10.67 32.35 14.11
C ASP F 228 -11.34 31.09 13.59
N GLU F 229 -10.56 30.20 12.97
CA GLU F 229 -11.11 28.96 12.47
C GLU F 229 -11.58 28.03 13.58
N MET F 230 -11.19 28.31 14.82
CA MET F 230 -11.53 27.48 15.96
C MET F 230 -12.88 27.84 16.57
N HIS F 231 -13.18 29.13 16.69
CA HIS F 231 -14.35 29.62 17.42
C HIS F 231 -15.25 30.44 16.50
N HIS F 232 -16.37 30.85 17.08
CA HIS F 232 -17.36 31.72 16.45
C HIS F 232 -17.75 32.79 17.46
N ILE F 233 -17.96 34.01 16.96
CA ILE F 233 -18.30 35.12 17.86
C ILE F 233 -19.36 34.68 18.84
N ASP F 234 -19.26 35.13 20.08
CA ASP F 234 -20.29 34.87 21.08
C ASP F 234 -21.39 35.89 20.89
N LYS F 235 -22.38 35.55 20.08
CA LYS F 235 -23.39 36.49 19.64
C LYS F 235 -24.40 36.83 20.73
N HIS F 236 -24.27 36.25 21.92
CA HIS F 236 -25.14 36.61 23.02
C HIS F 236 -24.79 37.96 23.63
N LYS F 237 -23.54 38.40 23.48
CA LYS F 237 -23.08 39.63 24.11
C LYS F 237 -23.44 40.88 23.33
N PHE F 238 -24.02 40.73 22.14
CA PHE F 238 -24.32 41.85 21.26
C PHE F 238 -25.82 42.08 21.23
N LYS F 239 -26.21 43.36 21.13
CA LYS F 239 -27.61 43.70 20.93
C LYS F 239 -28.03 43.61 19.48
N THR F 240 -27.09 43.53 18.56
CA THR F 240 -27.37 43.52 17.13
C THR F 240 -27.55 42.08 16.64
N PRO F 241 -28.66 41.77 15.97
CA PRO F 241 -28.86 40.38 15.52
C PRO F 241 -27.80 39.95 14.52
N PHE F 242 -27.46 38.66 14.58
CA PHE F 242 -26.44 38.08 13.74
C PHE F 242 -27.08 37.08 12.78
N VAL F 243 -26.52 36.97 11.58
CA VAL F 243 -26.90 35.94 10.63
C VAL F 243 -25.65 35.12 10.33
N CYS F 244 -25.83 33.81 10.24
CA CYS F 244 -24.69 32.90 10.12
C CYS F 244 -25.02 31.83 9.10
N GLY F 245 -23.99 31.31 8.45
CA GLY F 245 -24.17 30.29 7.45
C GLY F 245 -24.48 28.93 8.05
N CYS F 246 -24.82 27.99 7.18
CA CYS F 246 -25.14 26.64 7.61
C CYS F 246 -25.24 25.75 6.39
N THR F 247 -24.83 24.50 6.56
CA THR F 247 -24.94 23.50 5.51
C THR F 247 -25.74 22.27 5.92
N ASN F 248 -26.06 22.12 7.20
CA ASN F 248 -26.91 21.03 7.67
C ASN F 248 -27.64 21.48 8.92
N LEU F 249 -28.62 20.68 9.33
CA LEU F 249 -29.39 21.03 10.52
C LEU F 249 -28.52 21.03 11.77
N GLY F 250 -27.54 20.13 11.85
CA GLY F 250 -26.69 20.10 13.02
C GLY F 250 -25.81 21.31 13.18
N GLU F 251 -25.53 22.02 12.09
CA GLU F 251 -24.74 23.24 12.12
C GLU F 251 -25.59 24.49 12.26
N ALA F 252 -26.80 24.48 11.71
CA ALA F 252 -27.72 25.59 11.94
C ALA F 252 -28.17 25.65 13.40
N LEU F 253 -28.31 24.48 14.03
CA LEU F 253 -28.75 24.45 15.43
C LEU F 253 -27.63 24.88 16.36
N ARG F 254 -26.38 24.58 16.02
CA ARG F 254 -25.26 25.05 16.84
C ARG F 254 -25.17 26.56 16.80
N ARG F 255 -25.28 27.16 15.62
CA ARG F 255 -25.18 28.61 15.50
C ARG F 255 -26.33 29.30 16.22
N ILE F 256 -27.52 28.70 16.21
CA ILE F 256 -28.63 29.28 16.95
C ILE F 256 -28.39 29.17 18.44
N SER F 257 -27.68 28.12 18.87
CA SER F 257 -27.28 28.04 20.27
C SER F 257 -26.33 29.17 20.64
N GLU F 258 -25.38 29.48 19.76
CA GLU F 258 -24.43 30.55 20.04
C GLU F 258 -25.13 31.91 20.10
N GLY F 259 -26.23 32.08 19.36
CA GLY F 259 -27.01 33.30 19.47
C GLY F 259 -27.43 33.89 18.14
N ALA F 260 -27.25 33.17 17.04
CA ALA F 260 -27.65 33.67 15.74
C ALA F 260 -29.15 33.84 15.66
N SER F 261 -29.59 34.98 15.13
CA SER F 261 -31.01 35.28 14.98
C SER F 261 -31.55 34.97 13.60
N MET F 262 -30.69 34.58 12.66
CA MET F 262 -31.11 34.22 11.32
C MET F 262 -30.06 33.27 10.77
N ILE F 263 -30.45 32.46 9.79
CA ILE F 263 -29.54 31.52 9.17
C ILE F 263 -29.66 31.68 7.65
N ARG F 264 -28.62 31.25 6.96
CA ARG F 264 -28.63 31.19 5.50
C ARG F 264 -27.79 30.01 5.06
N THR F 265 -28.11 29.47 3.89
CA THR F 265 -27.39 28.32 3.37
C THR F 265 -26.12 28.77 2.66
N LYS F 266 -24.98 28.24 3.11
CA LYS F 266 -23.69 28.70 2.60
C LYS F 266 -23.65 28.68 1.08
N GLY F 267 -24.15 27.60 0.47
CA GLY F 267 -24.10 27.51 -0.98
C GLY F 267 -22.68 27.55 -1.50
N GLU F 268 -22.48 28.31 -2.57
CA GLU F 268 -21.17 28.47 -3.22
C GLU F 268 -21.12 29.89 -3.79
N ALA F 269 -20.51 30.80 -3.02
CA ALA F 269 -20.52 32.21 -3.40
C ALA F 269 -19.57 32.46 -4.57
N GLY F 270 -20.00 33.34 -5.47
CA GLY F 270 -19.18 33.78 -6.58
C GLY F 270 -19.25 32.91 -7.82
N THR F 271 -19.94 31.78 -7.77
CA THR F 271 -20.02 30.86 -8.90
C THR F 271 -21.31 31.01 -9.69
N GLY F 272 -22.40 31.43 -9.06
CA GLY F 272 -23.67 31.52 -9.72
C GLY F 272 -24.37 30.18 -9.88
N ASN F 273 -23.81 29.11 -9.35
CA ASN F 273 -24.40 27.77 -9.47
C ASN F 273 -25.26 27.51 -8.24
N ILE F 274 -26.52 27.20 -8.48
CA ILE F 274 -27.50 27.00 -7.41
C ILE F 274 -27.46 25.55 -6.95
N ILE F 275 -26.46 24.79 -7.42
CA ILE F 275 -26.39 23.38 -7.08
C ILE F 275 -26.22 23.20 -5.58
N GLU F 276 -25.33 23.97 -4.97
CA GLU F 276 -25.05 23.80 -3.55
C GLU F 276 -26.18 24.35 -2.69
N ALA F 277 -26.74 25.50 -3.07
CA ALA F 277 -27.83 26.08 -2.29
C ALA F 277 -29.01 25.14 -2.25
N ILE F 278 -29.36 24.54 -3.39
CA ILE F 278 -30.48 23.61 -3.42
C ILE F 278 -30.14 22.33 -2.68
N LYS F 279 -28.90 21.87 -2.79
CA LYS F 279 -28.49 20.67 -2.06
C LYS F 279 -28.61 20.88 -0.56
N HIS F 280 -28.19 22.05 -0.09
CA HIS F 280 -28.25 22.32 1.35
C HIS F 280 -29.68 22.56 1.80
N ILE F 281 -30.50 23.20 0.99
CA ILE F 281 -31.89 23.43 1.36
C ILE F 281 -32.61 22.11 1.56
N ARG F 282 -32.38 21.16 0.65
CA ARG F 282 -33.00 19.85 0.79
C ARG F 282 -32.47 19.11 2.02
N THR F 283 -31.15 19.15 2.23
CA THR F 283 -30.57 18.44 3.36
C THR F 283 -31.16 18.91 4.67
N VAL F 284 -31.24 20.22 4.86
CA VAL F 284 -31.82 20.76 6.09
C VAL F 284 -33.30 20.42 6.18
N ASN F 285 -34.02 20.54 5.07
CA ASN F 285 -35.46 20.26 5.09
C ASN F 285 -35.73 18.79 5.36
N ASN F 286 -34.93 17.89 4.79
CA ASN F 286 -35.13 16.47 5.02
C ASN F 286 -34.87 16.12 6.48
N GLU F 287 -33.80 16.65 7.05
CA GLU F 287 -33.45 16.33 8.43
C GLU F 287 -34.51 16.79 9.41
N ILE F 288 -35.05 17.99 9.19
CA ILE F 288 -36.06 18.51 10.10
C ILE F 288 -37.30 17.63 10.07
N CYS F 289 -37.73 17.21 8.88
CA CYS F 289 -38.92 16.37 8.79
C CYS F 289 -38.64 14.96 9.31
N TYR F 290 -37.49 14.38 8.94
CA TYR F 290 -37.11 13.10 9.52
C TYR F 290 -37.12 13.16 11.04
N LEU F 291 -36.70 14.29 11.59
CA LEU F 291 -36.80 14.51 13.03
C LEU F 291 -38.25 14.44 13.49
N CYS F 292 -39.14 15.16 12.81
CA CYS F 292 -40.53 15.21 13.23
C CYS F 292 -41.18 13.84 13.18
N CYS F 293 -40.62 12.92 12.40
CA CYS F 293 -41.16 11.58 12.23
C CYS F 293 -40.54 10.58 13.21
N LEU F 294 -39.63 11.03 14.07
CA LEU F 294 -38.90 10.17 14.99
C LEU F 294 -39.66 10.02 16.31
N SER F 295 -39.17 9.13 17.16
CA SER F 295 -39.79 8.88 18.45
C SER F 295 -39.17 9.79 19.50
N ASP F 296 -39.48 9.55 20.78
CA ASP F 296 -38.98 10.39 21.86
C ASP F 296 -37.67 9.90 22.44
N SER F 297 -37.44 8.59 22.44
CA SER F 297 -36.16 8.04 22.89
C SER F 297 -35.10 8.07 21.81
N GLU F 298 -35.49 8.24 20.54
CA GLU F 298 -34.54 8.32 19.45
C GLU F 298 -34.00 9.73 19.24
N VAL F 299 -34.65 10.74 19.80
CA VAL F 299 -34.18 12.11 19.60
C VAL F 299 -32.82 12.29 20.24
N TYR F 300 -32.57 11.63 21.38
CA TYR F 300 -31.31 11.84 22.07
C TYR F 300 -30.13 11.38 21.24
N HIS F 301 -30.27 10.26 20.54
CA HIS F 301 -29.18 9.80 19.68
C HIS F 301 -29.05 10.69 18.45
N PHE F 302 -30.17 11.17 17.88
CA PHE F 302 -30.07 12.04 16.72
C PHE F 302 -29.31 13.30 17.06
N ALA F 303 -29.63 13.91 18.21
CA ALA F 303 -28.90 15.10 18.61
C ALA F 303 -27.40 14.83 18.66
N LYS F 304 -27.02 13.64 19.14
CA LYS F 304 -25.60 13.30 19.22
C LYS F 304 -24.98 13.20 17.84
N LYS F 305 -25.66 12.53 16.91
CA LYS F 305 -25.04 12.25 15.62
C LYS F 305 -24.91 13.51 14.77
N ILE F 306 -25.93 14.38 14.79
CA ILE F 306 -25.79 15.68 14.14
C ILE F 306 -24.99 16.65 14.98
N ASN F 307 -24.77 16.34 16.26
CA ASN F 307 -23.97 17.18 17.15
C ASN F 307 -24.64 18.54 17.36
N ALA F 308 -25.85 18.50 17.90
CA ALA F 308 -26.62 19.70 18.18
C ALA F 308 -27.16 19.67 19.59
N PRO F 309 -27.38 20.83 20.19
CA PRO F 309 -27.97 20.85 21.55
C PRO F 309 -29.33 20.19 21.56
N ILE F 310 -29.59 19.42 22.62
CA ILE F 310 -30.84 18.68 22.70
C ILE F 310 -32.02 19.62 22.84
N ASP F 311 -31.85 20.75 23.51
CA ASP F 311 -32.97 21.66 23.73
C ASP F 311 -33.51 22.18 22.41
N LEU F 312 -32.61 22.58 21.50
CA LEU F 312 -33.05 23.09 20.21
C LEU F 312 -33.64 21.98 19.35
N VAL F 313 -33.03 20.79 19.38
CA VAL F 313 -33.52 19.68 18.58
C VAL F 313 -34.99 19.42 18.90
N LEU F 314 -35.34 19.42 20.18
CA LEU F 314 -36.73 19.27 20.56
C LEU F 314 -37.56 20.44 20.07
N LEU F 315 -37.01 21.65 20.12
CA LEU F 315 -37.74 22.82 19.64
C LEU F 315 -37.97 22.74 18.13
N THR F 316 -36.98 22.28 17.38
CA THR F 316 -37.18 22.09 15.94
C THR F 316 -38.27 21.06 15.68
N LYS F 317 -38.27 19.97 16.45
CA LYS F 317 -39.32 18.96 16.30
C LYS F 317 -40.70 19.55 16.58
N LYS F 318 -40.82 20.30 17.67
CA LYS F 318 -42.12 20.86 18.03
C LYS F 318 -42.61 21.85 16.98
N LEU F 319 -41.71 22.71 16.49
CA LEU F 319 -42.07 23.71 15.49
C LEU F 319 -42.15 23.14 14.09
N LYS F 320 -41.48 22.01 13.83
CA LYS F 320 -41.45 21.35 12.53
C LYS F 320 -40.60 22.10 11.51
N ARG F 321 -39.93 23.18 11.92
CA ARG F 321 -39.08 23.95 11.03
C ARG F 321 -37.94 24.53 11.86
N LEU F 322 -37.02 25.22 11.20
CA LEU F 322 -35.91 25.83 11.90
C LEU F 322 -36.42 26.87 12.89
N PRO F 323 -35.89 26.93 14.11
CA PRO F 323 -36.46 27.87 15.10
C PRO F 323 -36.33 29.33 14.70
N VAL F 324 -35.46 29.66 13.75
CA VAL F 324 -35.18 31.05 13.39
C VAL F 324 -35.37 31.22 11.89
N VAL F 325 -35.57 32.47 11.48
CA VAL F 325 -35.73 32.77 10.06
C VAL F 325 -34.61 32.14 9.27
N ASN F 326 -34.93 31.64 8.08
CA ASN F 326 -33.97 30.95 7.23
C ASN F 326 -34.04 31.54 5.83
N PHE F 327 -32.89 31.97 5.32
CA PHE F 327 -32.78 32.58 4.00
C PHE F 327 -31.92 31.69 3.12
N ALA F 328 -31.98 31.94 1.82
CA ALA F 328 -31.21 31.21 0.83
C ALA F 328 -30.11 32.13 0.31
N ALA F 329 -28.89 31.61 0.22
CA ALA F 329 -27.76 32.41 -0.21
C ALA F 329 -26.82 31.57 -1.06
N GLY F 330 -26.31 32.17 -2.12
CA GLY F 330 -25.28 31.54 -2.93
C GLY F 330 -25.83 30.87 -4.17
N GLY F 331 -25.69 31.53 -5.32
CA GLY F 331 -26.11 31.00 -6.59
C GLY F 331 -27.38 31.59 -7.14
N VAL F 332 -28.15 32.30 -6.33
CA VAL F 332 -29.41 32.86 -6.82
C VAL F 332 -29.07 34.01 -7.77
N ALA F 333 -29.24 33.79 -9.07
CA ALA F 333 -28.91 34.79 -10.08
C ALA F 333 -30.04 35.09 -11.04
N THR F 334 -31.13 34.32 -11.03
CA THR F 334 -32.21 34.47 -11.99
C THR F 334 -33.54 34.46 -11.24
N PRO F 335 -34.57 35.10 -11.78
CA PRO F 335 -35.89 35.01 -11.13
C PRO F 335 -36.34 33.58 -10.90
N ALA F 336 -35.96 32.65 -11.77
CA ALA F 336 -36.30 31.26 -11.56
C ALA F 336 -35.55 30.70 -10.35
N ASP F 337 -34.27 31.06 -10.19
CA ASP F 337 -33.51 30.57 -9.06
C ASP F 337 -34.09 31.06 -7.74
N ALA F 338 -34.49 32.33 -7.70
CA ALA F 338 -35.07 32.88 -6.48
C ALA F 338 -36.37 32.17 -6.12
N ALA F 339 -37.24 31.96 -7.12
CA ALA F 339 -38.52 31.32 -6.85
C ALA F 339 -38.36 29.85 -6.53
N MET F 340 -37.36 29.18 -7.12
CA MET F 340 -37.12 27.79 -6.77
C MET F 340 -36.78 27.64 -5.30
N CYS F 341 -35.92 28.53 -4.79
CA CYS F 341 -35.54 28.46 -3.37
C CYS F 341 -36.75 28.69 -2.48
N MET F 342 -37.59 29.67 -2.83
CA MET F 342 -38.78 29.93 -2.03
C MET F 342 -39.79 28.79 -2.12
N GLN F 343 -39.88 28.13 -3.28
CA GLN F 343 -40.76 26.98 -3.40
C GLN F 343 -40.26 25.78 -2.60
N LEU F 344 -39.02 25.82 -2.10
CA LEU F 344 -38.47 24.78 -1.27
C LEU F 344 -38.52 25.13 0.21
N GLY F 345 -39.20 26.22 0.58
CA GLY F 345 -39.51 26.53 1.97
C GLY F 345 -38.85 27.79 2.50
N MET F 346 -37.66 28.12 2.01
CA MET F 346 -36.88 29.22 2.55
C MET F 346 -37.73 30.47 2.70
N ASP F 347 -37.34 31.36 3.61
CA ASP F 347 -38.12 32.56 3.92
C ASP F 347 -37.69 33.77 3.12
N GLY F 348 -36.66 33.67 2.31
CA GLY F 348 -36.16 34.81 1.57
C GLY F 348 -34.92 34.41 0.81
N VAL F 349 -34.31 35.40 0.17
CA VAL F 349 -33.18 35.15 -0.72
C VAL F 349 -32.09 36.18 -0.48
N PHE F 350 -30.85 35.72 -0.47
CA PHE F 350 -29.66 36.56 -0.51
C PHE F 350 -29.12 36.52 -1.94
N VAL F 351 -29.16 37.66 -2.64
CA VAL F 351 -28.72 37.74 -4.02
C VAL F 351 -27.41 38.51 -4.06
N GLY F 352 -26.41 37.94 -4.72
CA GLY F 352 -25.08 38.53 -4.75
C GLY F 352 -24.99 39.77 -5.60
N SER F 353 -23.81 40.03 -6.16
CA SER F 353 -23.57 41.24 -6.95
C SER F 353 -23.84 41.05 -8.44
N GLY F 354 -24.24 39.86 -8.87
CA GLY F 354 -24.53 39.65 -10.26
C GLY F 354 -25.66 40.51 -10.79
N ILE F 355 -26.54 40.98 -9.90
CA ILE F 355 -27.68 41.78 -10.34
C ILE F 355 -27.22 43.08 -10.97
N PHE F 356 -26.06 43.59 -10.56
CA PHE F 356 -25.58 44.88 -11.03
C PHE F 356 -24.54 44.77 -12.14
N GLU F 357 -23.89 43.62 -12.28
CA GLU F 357 -23.03 43.35 -13.43
C GLU F 357 -23.86 42.74 -14.57
N SER F 358 -24.90 43.46 -14.95
CA SER F 358 -25.83 43.00 -15.97
C SER F 358 -26.30 44.19 -16.78
N GLU F 359 -26.90 43.90 -17.94
CA GLU F 359 -27.31 44.96 -18.86
C GLU F 359 -28.22 45.96 -18.18
N ASN F 360 -29.26 45.48 -17.50
CA ASN F 360 -30.19 46.32 -16.76
C ASN F 360 -30.18 45.93 -15.30
N PRO F 361 -29.54 46.71 -14.42
CA PRO F 361 -29.55 46.35 -13.00
C PRO F 361 -30.88 46.58 -12.34
N ARG F 362 -31.57 47.66 -12.67
CA ARG F 362 -32.86 47.95 -12.04
C ARG F 362 -33.90 46.90 -12.44
N LYS F 363 -33.93 46.52 -13.71
CA LYS F 363 -34.92 45.55 -14.15
C LYS F 363 -34.62 44.16 -13.61
N MET F 364 -33.35 43.74 -13.68
CA MET F 364 -33.00 42.44 -13.12
C MET F 364 -33.26 42.40 -11.63
N ALA F 365 -33.00 43.50 -10.93
CA ALA F 365 -33.26 43.55 -9.49
C ALA F 365 -34.75 43.42 -9.21
N ALA F 366 -35.58 44.23 -9.87
CA ALA F 366 -37.02 44.16 -9.63
C ALA F 366 -37.58 42.82 -10.05
N SER F 367 -36.91 42.13 -10.98
CA SER F 367 -37.35 40.81 -11.39
C SER F 367 -37.21 39.81 -10.25
N ILE F 368 -36.04 39.79 -9.60
CA ILE F 368 -35.81 38.85 -8.52
C ILE F 368 -36.68 39.20 -7.32
N VAL F 369 -36.99 40.48 -7.13
CA VAL F 369 -37.90 40.87 -6.06
C VAL F 369 -39.29 40.33 -6.32
N SER F 370 -39.77 40.45 -7.56
CA SER F 370 -41.11 39.96 -7.89
C SER F 370 -41.17 38.44 -7.89
N ALA F 371 -40.07 37.78 -8.26
CA ALA F 371 -40.05 36.33 -8.20
C ALA F 371 -40.25 35.83 -6.77
N VAL F 372 -39.59 36.45 -5.81
CA VAL F 372 -39.73 36.04 -4.43
C VAL F 372 -41.12 36.39 -3.90
N SER F 373 -41.65 37.54 -4.31
CA SER F 373 -42.98 37.93 -3.86
C SER F 373 -44.07 37.04 -4.45
N ASN F 374 -43.86 36.55 -5.67
CA ASN F 374 -44.84 35.75 -6.41
C ASN F 374 -44.23 34.43 -6.85
N PHE F 375 -43.57 33.75 -5.92
CA PHE F 375 -42.83 32.54 -6.26
C PHE F 375 -43.72 31.38 -6.66
N ASN F 376 -45.03 31.46 -6.43
CA ASN F 376 -45.95 30.39 -6.76
C ASN F 376 -46.84 30.72 -7.95
N ASN F 377 -46.48 31.73 -8.74
CA ASN F 377 -47.31 32.23 -9.83
C ASN F 377 -46.52 32.07 -11.12
N PRO F 378 -46.69 30.96 -11.85
CA PRO F 378 -45.89 30.77 -13.07
C PRO F 378 -46.10 31.86 -14.11
N LYS F 379 -47.27 32.47 -14.15
CA LYS F 379 -47.51 33.53 -15.12
C LYS F 379 -46.59 34.72 -14.88
N ILE F 380 -46.44 35.12 -13.61
CA ILE F 380 -45.58 36.25 -13.30
C ILE F 380 -44.12 35.88 -13.47
N LEU F 381 -43.74 34.66 -13.09
CA LEU F 381 -42.36 34.24 -13.24
C LEU F 381 -41.93 34.26 -14.70
N LEU F 382 -42.81 33.85 -15.60
CA LEU F 382 -42.51 33.98 -17.02
C LEU F 382 -42.38 35.44 -17.41
N ASP F 383 -43.29 36.28 -16.93
CA ASP F 383 -43.30 37.68 -17.35
C ASP F 383 -42.00 38.38 -16.99
N VAL F 384 -41.51 38.15 -15.77
CA VAL F 384 -40.28 38.82 -15.33
C VAL F 384 -39.04 38.20 -15.93
N SER F 385 -39.12 36.95 -16.41
CA SER F 385 -37.97 36.28 -17.01
C SER F 385 -37.76 36.67 -18.47
N MET F 386 -38.75 37.28 -19.11
CA MET F 386 -38.65 37.60 -20.52
C MET F 386 -37.88 38.91 -20.71
N ASN F 387 -36.95 38.90 -21.67
CA ASN F 387 -36.14 40.08 -21.99
C ASN F 387 -35.31 40.51 -20.78
N LEU F 388 -34.79 39.54 -20.03
CA LEU F 388 -33.96 39.83 -18.87
C LEU F 388 -32.56 40.29 -19.25
N GLY F 389 -32.18 40.17 -20.52
CA GLY F 389 -30.86 40.59 -20.96
C GLY F 389 -30.82 42.05 -21.35
N ILE G 118 57.96 36.97 33.17
CA ILE G 118 58.11 35.71 32.47
C ILE G 118 56.84 35.40 31.70
N THR G 119 56.54 36.22 30.70
CA THR G 119 55.34 36.06 29.89
C THR G 119 55.69 36.35 28.43
N ILE G 120 55.70 35.31 27.60
CA ILE G 120 56.02 35.43 26.19
C ILE G 120 54.75 35.18 25.39
N GLY G 121 54.59 35.95 24.32
CA GLY G 121 53.41 35.84 23.48
C GLY G 121 53.69 35.32 22.09
N VAL G 122 52.66 34.84 21.41
CA VAL G 122 52.77 34.32 20.05
C VAL G 122 51.76 35.07 19.19
N LEU G 123 52.24 35.73 18.14
CA LEU G 123 51.35 36.44 17.24
C LEU G 123 50.36 35.45 16.62
N SER G 124 49.08 35.81 16.64
CA SER G 124 48.01 34.88 16.28
C SER G 124 47.07 35.46 15.24
N LEU G 125 47.56 36.36 14.39
CA LEU G 125 46.81 36.80 13.22
C LEU G 125 47.15 35.98 11.98
N GLN G 126 47.94 34.92 12.14
CA GLN G 126 48.42 34.12 11.03
C GLN G 126 48.34 32.65 11.44
N GLY G 127 49.00 31.78 10.67
CA GLY G 127 49.05 30.37 10.97
C GLY G 127 50.36 29.97 11.64
N ASP G 128 50.37 28.73 12.14
CA ASP G 128 51.51 28.11 12.80
C ASP G 128 51.70 28.61 14.23
N PHE G 129 50.78 29.40 14.78
CA PHE G 129 50.94 29.84 16.16
C PHE G 129 50.72 28.70 17.14
N GLU G 130 49.81 27.77 16.82
CA GLU G 130 49.53 26.67 17.74
C GLU G 130 50.74 25.79 17.97
N PRO G 131 51.47 25.31 16.95
CA PRO G 131 52.69 24.54 17.22
C PRO G 131 53.70 25.31 18.05
N HIS G 132 53.83 26.62 17.83
CA HIS G 132 54.76 27.42 18.61
C HIS G 132 54.34 27.46 20.08
N ILE G 133 53.04 27.68 20.33
CA ILE G 133 52.55 27.71 21.71
C ILE G 133 52.72 26.34 22.35
N ASN G 134 52.36 25.28 21.62
CA ASN G 134 52.41 23.94 22.21
C ASN G 134 53.82 23.58 22.64
N HIS G 135 54.80 23.77 21.76
CA HIS G 135 56.17 23.38 22.08
C HIS G 135 56.79 24.27 23.15
N PHE G 136 56.31 25.50 23.30
CA PHE G 136 56.73 26.31 24.44
C PHE G 136 56.18 25.76 25.74
N ILE G 137 54.92 25.30 25.72
CA ILE G 137 54.30 24.76 26.93
C ILE G 137 54.94 23.45 27.34
N LYS G 138 55.32 22.63 26.36
CA LYS G 138 55.87 21.31 26.67
C LYS G 138 57.11 21.40 27.53
N LEU G 139 57.79 22.55 27.52
CA LEU G 139 58.98 22.72 28.35
C LEU G 139 58.67 22.59 29.83
N GLN G 140 57.40 22.74 30.22
CA GLN G 140 56.93 22.43 31.58
C GLN G 140 57.69 23.27 32.62
N ILE G 141 57.41 24.58 32.56
CA ILE G 141 57.88 25.53 33.56
C ILE G 141 56.66 26.27 34.09
N PRO G 142 56.36 26.18 35.40
CA PRO G 142 55.16 26.89 35.91
C PRO G 142 55.24 28.39 35.73
N SER G 143 56.43 28.99 35.82
CA SER G 143 56.55 30.43 35.73
C SER G 143 56.34 30.93 34.30
N LEU G 144 56.49 30.07 33.30
CA LEU G 144 56.36 30.47 31.90
C LEU G 144 54.90 30.34 31.49
N ASN G 145 54.33 31.43 30.98
CA ASN G 145 52.97 31.45 30.50
C ASN G 145 52.94 32.03 29.09
N ILE G 146 52.09 31.46 28.24
CA ILE G 146 52.00 31.83 26.83
C ILE G 146 50.58 32.29 26.54
N ILE G 147 50.44 33.42 25.87
CA ILE G 147 49.15 33.97 25.49
C ILE G 147 49.20 34.39 24.02
N GLN G 148 48.04 34.36 23.38
CA GLN G 148 47.95 34.82 22.00
C GLN G 148 48.07 36.34 21.93
N VAL G 149 48.62 36.82 20.82
CA VAL G 149 48.85 38.25 20.62
C VAL G 149 48.22 38.63 19.28
N ARG G 150 47.11 39.36 19.34
CA ARG G 150 46.45 39.85 18.14
C ARG G 150 46.15 41.35 18.18
N ASN G 151 46.32 42.01 19.31
CA ASN G 151 46.00 43.42 19.47
C ASN G 151 47.07 44.08 20.32
N VAL G 152 47.00 45.41 20.39
CA VAL G 152 48.00 46.16 21.15
C VAL G 152 47.96 45.77 22.62
N HIS G 153 46.76 45.50 23.15
CA HIS G 153 46.64 45.13 24.56
C HIS G 153 47.47 43.90 24.88
N ASP G 154 47.35 42.85 24.05
CA ASP G 154 48.15 41.65 24.28
C ASP G 154 49.63 41.92 24.08
N LEU G 155 49.98 42.74 23.10
CA LEU G 155 51.38 43.04 22.84
C LEU G 155 52.04 43.66 24.06
N GLY G 156 51.37 44.64 24.67
CA GLY G 156 51.91 45.25 25.88
C GLY G 156 51.97 44.30 27.05
N LEU G 157 51.02 43.37 27.14
CA LEU G 157 50.97 42.46 28.27
C LEU G 157 52.21 41.57 28.32
N CYS G 158 52.64 41.05 27.19
CA CYS G 158 53.77 40.14 27.16
C CYS G 158 55.10 40.89 27.24
N ASP G 159 56.10 40.22 27.80
CA ASP G 159 57.46 40.74 27.84
C ASP G 159 58.30 40.28 26.66
N GLY G 160 57.79 39.35 25.85
CA GLY G 160 58.47 38.90 24.66
C GLY G 160 57.49 38.65 23.53
N LEU G 161 57.94 38.07 22.43
CA LEU G 161 57.05 37.80 21.31
C LEU G 161 57.76 36.92 20.30
N VAL G 162 57.03 35.95 19.75
CA VAL G 162 57.52 35.09 18.68
C VAL G 162 56.52 35.16 17.54
N ILE G 163 57.01 35.42 16.33
CA ILE G 163 56.16 35.53 15.15
C ILE G 163 56.12 34.17 14.48
N PRO G 164 54.99 33.47 14.47
CA PRO G 164 54.95 32.15 13.82
C PRO G 164 55.13 32.28 12.32
N GLY G 165 55.65 31.21 11.73
CA GLY G 165 56.00 31.23 10.32
C GLY G 165 54.83 30.98 9.39
N GLY G 166 53.76 31.74 9.55
CA GLY G 166 52.63 31.63 8.65
C GLY G 166 52.89 32.40 7.37
N GLU G 167 51.87 33.06 6.84
CA GLU G 167 52.04 33.91 5.67
C GLU G 167 52.66 35.25 6.07
N SER G 168 53.41 35.84 5.15
CA SER G 168 53.98 37.16 5.37
C SER G 168 53.01 38.26 4.97
N THR G 169 52.30 38.07 3.84
CA THR G 169 51.30 39.05 3.42
C THR G 169 50.18 39.15 4.44
N THR G 170 49.71 38.01 4.95
CA THR G 170 48.60 38.03 5.90
C THR G 170 48.97 38.79 7.17
N VAL G 171 50.18 38.54 7.68
CA VAL G 171 50.60 39.19 8.92
C VAL G 171 50.63 40.70 8.74
N ARG G 172 51.19 41.17 7.63
CA ARG G 172 51.33 42.61 7.44
C ARG G 172 49.98 43.28 7.23
N ARG G 173 49.11 42.68 6.41
CA ARG G 173 47.79 43.26 6.21
C ARG G 173 47.01 43.28 7.51
N CYS G 174 47.03 42.18 8.26
CA CYS G 174 46.34 42.12 9.54
C CYS G 174 47.01 42.98 10.61
N CYS G 175 48.25 43.40 10.39
CA CYS G 175 48.94 44.31 11.29
C CYS G 175 48.73 45.77 10.90
N ALA G 176 47.94 46.04 9.87
CA ALA G 176 47.67 47.39 9.39
C ALA G 176 46.20 47.74 9.57
N TYR G 177 45.63 47.35 10.71
CA TYR G 177 44.23 47.63 11.01
C TYR G 177 44.12 48.92 11.80
N GLU G 178 43.17 49.77 11.42
CA GLU G 178 42.95 51.06 12.04
C GLU G 178 44.22 51.92 11.98
N GLN G 179 44.67 52.16 10.75
CA GLN G 179 45.81 53.04 10.49
C GLN G 179 47.07 52.53 11.19
N ASP G 180 47.44 51.30 10.85
CA ASP G 180 48.69 50.70 11.33
C ASP G 180 48.78 50.69 12.85
N THR G 181 47.66 50.48 13.53
CA THR G 181 47.65 50.49 14.99
C THR G 181 48.55 49.38 15.53
N LEU G 182 48.39 48.16 15.03
CA LEU G 182 49.23 47.06 15.49
C LEU G 182 50.64 47.18 14.92
N TYR G 183 50.77 47.56 13.65
CA TYR G 183 52.08 47.69 13.05
C TYR G 183 52.92 48.73 13.79
N ASN G 184 52.33 49.88 14.09
CA ASN G 184 53.05 50.90 14.84
C ASN G 184 53.41 50.40 16.25
N ALA G 185 52.50 49.67 16.87
CA ALA G 185 52.78 49.10 18.19
C ALA G 185 53.97 48.16 18.13
N LEU G 186 54.00 47.28 17.13
CA LEU G 186 55.11 46.34 17.00
C LEU G 186 56.41 47.05 16.65
N VAL G 187 56.35 47.98 15.68
CA VAL G 187 57.56 48.69 15.28
C VAL G 187 58.11 49.48 16.46
N HIS G 188 57.25 50.21 17.16
CA HIS G 188 57.67 50.90 18.37
C HIS G 188 58.08 49.91 19.44
N PHE G 189 57.43 48.74 19.48
CA PHE G 189 57.75 47.74 20.49
C PHE G 189 59.19 47.26 20.36
N ILE G 190 59.61 46.92 19.14
CA ILE G 190 60.94 46.37 18.93
C ILE G 190 62.00 47.46 19.02
N HIS G 191 61.71 48.63 18.46
CA HIS G 191 62.72 49.66 18.28
C HIS G 191 62.89 50.59 19.48
N VAL G 192 62.03 50.48 20.50
CA VAL G 192 62.14 51.35 21.67
C VAL G 192 62.33 50.50 22.93
N LEU G 193 61.33 49.69 23.26
CA LEU G 193 61.47 48.83 24.44
C LEU G 193 62.53 47.76 24.23
N LYS G 194 62.87 47.43 22.99
CA LYS G 194 63.98 46.52 22.69
C LYS G 194 63.80 45.20 23.43
N LYS G 195 62.57 44.72 23.47
CA LYS G 195 62.27 43.47 24.15
C LYS G 195 62.58 42.28 23.25
N PRO G 196 62.80 41.10 23.82
CA PRO G 196 63.12 39.93 22.99
C PRO G 196 62.01 39.64 21.99
N ILE G 197 62.41 39.36 20.75
CA ILE G 197 61.48 38.99 19.70
C ILE G 197 62.12 37.89 18.86
N TRP G 198 61.26 37.03 18.30
CA TRP G 198 61.71 35.90 17.48
C TRP G 198 60.87 35.83 16.23
N GLY G 199 61.51 35.52 15.10
CA GLY G 199 60.80 35.38 13.84
C GLY G 199 61.22 34.15 13.07
N THR G 200 60.27 33.27 12.77
CA THR G 200 60.52 32.06 12.01
C THR G 200 59.86 32.17 10.64
N CYS G 201 60.53 31.59 9.64
CA CYS G 201 60.03 31.65 8.26
C CYS G 201 59.62 33.07 7.92
N ALA G 202 58.31 33.33 7.82
CA ALA G 202 57.85 34.70 7.54
C ALA G 202 58.32 35.67 8.60
N GLY G 203 58.57 35.20 9.82
CA GLY G 203 59.06 36.08 10.87
C GLY G 203 60.37 36.74 10.47
N CYS G 204 61.27 35.98 9.86
CA CYS G 204 62.52 36.56 9.38
C CYS G 204 62.25 37.60 8.29
N ILE G 205 61.30 37.32 7.41
CA ILE G 205 60.96 38.28 6.35
C ILE G 205 60.51 39.59 6.97
N LEU G 206 59.68 39.53 8.01
CA LEU G 206 59.20 40.75 8.66
C LEU G 206 60.27 41.39 9.52
N LEU G 207 61.25 40.61 9.99
CA LEU G 207 62.31 41.13 10.85
C LEU G 207 63.52 41.64 10.07
N SER G 208 63.52 41.52 8.74
CA SER G 208 64.62 41.98 7.92
C SER G 208 64.35 43.39 7.43
N LYS G 209 65.39 44.23 7.40
CA LYS G 209 65.20 45.62 6.97
C LYS G 209 64.91 45.71 5.48
N ASN G 210 65.46 44.82 4.67
CA ASN G 210 65.31 44.86 3.22
C ASN G 210 64.89 43.49 2.70
N VAL G 211 63.83 43.44 1.91
CA VAL G 211 63.39 42.23 1.24
C VAL G 211 63.02 42.59 -0.19
N GLU G 212 63.41 41.73 -1.12
CA GLU G 212 63.26 41.99 -2.55
C GLU G 212 62.48 40.84 -3.21
N ASN G 213 62.49 40.83 -4.54
CA ASN G 213 61.71 39.87 -5.34
C ASN G 213 60.22 40.11 -5.19
N ILE G 214 59.84 41.35 -4.89
CA ILE G 214 58.44 41.74 -4.80
C ILE G 214 58.10 42.43 -6.13
N LYS G 215 57.55 41.64 -7.06
CA LYS G 215 57.29 42.17 -8.40
C LYS G 215 56.25 43.30 -8.35
N LEU G 216 55.21 43.15 -7.54
CA LEU G 216 54.20 44.19 -7.42
C LEU G 216 54.82 45.42 -6.77
N TYR G 217 54.57 46.59 -7.37
CA TYR G 217 55.15 47.85 -6.89
C TYR G 217 54.26 48.41 -5.79
N SER G 218 54.39 47.82 -4.60
CA SER G 218 53.60 48.26 -3.45
C SER G 218 54.11 49.60 -2.93
N ASN G 219 53.18 50.42 -2.47
CA ASN G 219 53.55 51.68 -1.82
C ASN G 219 54.17 51.47 -0.45
N PHE G 220 54.14 50.25 0.07
CA PHE G 220 54.75 49.99 1.38
C PHE G 220 56.24 50.32 1.37
N GLY G 221 56.94 49.91 0.31
CA GLY G 221 58.37 50.16 0.26
C GLY G 221 59.09 49.42 1.37
N ASN G 222 59.93 50.15 2.11
CA ASN G 222 60.74 49.55 3.16
C ASN G 222 60.01 49.42 4.49
N LYS G 223 58.80 49.96 4.62
CA LYS G 223 58.03 49.84 5.85
C LYS G 223 57.16 48.59 5.88
N PHE G 224 57.20 47.78 4.83
CA PHE G 224 56.49 46.49 4.86
C PHE G 224 57.05 45.60 5.95
N SER G 225 58.37 45.56 6.10
CA SER G 225 59.03 44.74 7.10
C SER G 225 59.20 45.52 8.39
N PHE G 226 59.02 44.83 9.52
CA PHE G 226 59.21 45.49 10.81
C PHE G 226 60.63 45.98 10.97
N GLY G 227 61.60 45.18 10.53
CA GLY G 227 63.01 45.53 10.70
C GLY G 227 63.56 45.02 12.02
N GLY G 228 64.88 45.20 12.16
CA GLY G 228 65.56 44.77 13.36
C GLY G 228 66.79 43.94 13.06
N LEU G 229 66.74 43.15 12.00
CA LEU G 229 67.86 42.33 11.55
C LEU G 229 68.44 42.95 10.30
N ASP G 230 69.74 43.27 10.34
CA ASP G 230 70.41 43.91 9.21
C ASP G 230 70.81 42.82 8.22
N ILE G 231 69.83 42.42 7.40
CA ILE G 231 70.01 41.35 6.43
C ILE G 231 69.05 41.57 5.27
N THR G 232 69.38 40.99 4.13
CA THR G 232 68.54 41.02 2.94
C THR G 232 68.05 39.61 2.67
N ILE G 233 66.73 39.47 2.46
CA ILE G 233 66.10 38.16 2.38
C ILE G 233 65.35 38.04 1.05
N CYS G 234 65.27 36.81 0.55
CA CYS G 234 64.51 36.49 -0.65
C CYS G 234 63.63 35.28 -0.33
N ARG G 235 62.31 35.50 -0.26
CA ARG G 235 61.41 34.41 0.11
C ARG G 235 61.43 33.30 -0.93
N ASN G 236 61.46 33.66 -2.22
CA ASN G 236 61.48 32.67 -3.29
C ASN G 236 62.88 32.49 -3.86
N ASP G 243 58.56 23.96 -2.08
CA ASP G 243 59.93 23.50 -2.06
C ASP G 243 60.44 23.40 -0.62
N SER G 244 60.55 22.16 -0.12
CA SER G 244 60.92 21.93 1.27
C SER G 244 61.85 20.73 1.35
N PHE G 245 62.53 20.62 2.48
CA PHE G 245 63.47 19.53 2.74
C PHE G 245 63.83 19.56 4.22
N ILE G 246 64.75 18.69 4.62
CA ILE G 246 65.25 18.62 6.00
C ILE G 246 66.76 18.80 5.95
N CYS G 247 67.27 19.64 6.85
CA CYS G 247 68.70 19.94 6.91
C CYS G 247 69.19 19.81 8.35
N SER G 248 70.34 19.16 8.53
CA SER G 248 70.95 19.08 9.84
C SER G 248 71.52 20.44 10.24
N LEU G 249 71.31 20.81 11.50
CA LEU G 249 71.71 22.12 12.00
C LEU G 249 73.13 22.02 12.54
N ASN G 250 74.09 22.55 11.77
CA ASN G 250 75.47 22.65 12.23
C ASN G 250 75.66 24.00 12.93
N ILE G 251 75.06 24.09 14.11
CA ILE G 251 75.06 25.35 14.86
C ILE G 251 76.49 25.75 15.16
N ILE G 252 76.83 27.00 14.86
CA ILE G 252 78.17 27.52 15.13
C ILE G 252 78.19 28.16 16.52
N ALA G 264 66.01 20.34 11.47
CA ALA G 264 65.30 21.53 11.03
C ALA G 264 64.52 21.26 9.76
N ALA G 265 63.19 21.33 9.85
CA ALA G 265 62.31 21.07 8.72
C ALA G 265 62.04 22.40 8.03
N CYS G 266 62.76 22.64 6.93
CA CYS G 266 62.62 23.89 6.17
C CYS G 266 61.43 23.77 5.24
N ILE G 267 60.28 24.29 5.65
CA ILE G 267 59.08 24.27 4.84
C ILE G 267 59.05 25.61 4.09
N ARG G 268 59.65 25.61 2.90
CA ARG G 268 59.72 26.82 2.08
C ARG G 268 60.48 27.92 2.81
N ALA G 269 61.66 27.55 3.31
CA ALA G 269 62.46 28.48 4.10
C ALA G 269 62.99 29.60 3.20
N PRO G 270 62.85 30.87 3.60
CA PRO G 270 63.43 31.95 2.78
C PRO G 270 64.94 31.87 2.77
N TYR G 271 65.53 32.36 1.68
CA TYR G 271 66.98 32.36 1.49
C TYR G 271 67.52 33.76 1.76
N ILE G 272 68.51 33.85 2.64
CA ILE G 272 69.13 35.14 2.97
C ILE G 272 70.20 35.43 1.91
N ARG G 273 70.11 36.61 1.29
CA ARG G 273 71.02 36.99 0.22
C ARG G 273 72.21 37.79 0.76
N GLU G 274 71.93 38.91 1.41
CA GLU G 274 72.97 39.82 1.89
C GLU G 274 72.89 39.94 3.41
N ILE G 275 73.97 40.46 3.99
CA ILE G 275 74.03 40.70 5.43
C ILE G 275 74.23 42.18 5.71
N LYS G 281 75.75 38.57 14.55
CA LYS G 281 76.42 37.29 14.66
C LYS G 281 75.48 36.15 14.29
N VAL G 282 75.98 35.19 13.52
CA VAL G 282 75.18 34.06 13.05
C VAL G 282 75.16 33.01 14.14
N LEU G 283 73.99 32.81 14.75
CA LEU G 283 73.86 31.82 15.82
C LEU G 283 74.06 30.40 15.31
N ALA G 284 73.47 30.08 14.16
CA ALA G 284 73.51 28.73 13.62
C ALA G 284 73.65 28.77 12.10
N THR G 285 74.14 27.66 11.55
CA THR G 285 74.31 27.53 10.11
C THR G 285 74.21 26.06 9.74
N PHE G 286 73.91 25.81 8.46
CA PHE G 286 73.85 24.45 7.95
C PHE G 286 74.44 24.40 6.54
N ILE G 296 74.15 29.82 6.87
CA ILE G 296 73.41 30.65 7.80
C ILE G 296 72.02 30.06 8.04
N ALA G 297 71.76 29.65 9.28
CA ALA G 297 70.49 29.04 9.66
C ALA G 297 69.74 29.87 10.67
N ALA G 298 70.37 30.24 11.79
CA ALA G 298 69.77 31.09 12.80
C ALA G 298 70.66 32.30 13.02
N VAL G 299 70.05 33.48 13.01
CA VAL G 299 70.78 34.75 13.17
C VAL G 299 70.17 35.47 14.37
N GLU G 300 71.01 35.87 15.31
CA GLU G 300 70.60 36.59 16.50
C GLU G 300 71.36 37.89 16.57
N GLN G 301 70.67 39.00 16.34
CA GLN G 301 71.25 40.34 16.45
C GLN G 301 70.47 41.12 17.50
N ASN G 302 71.15 41.51 18.56
CA ASN G 302 70.50 42.24 19.66
C ASN G 302 69.37 41.35 20.18
N ASN G 303 68.26 41.97 20.61
CA ASN G 303 67.12 41.21 21.12
C ASN G 303 66.43 40.38 20.06
N CYS G 304 66.75 40.59 18.78
CA CYS G 304 66.03 39.96 17.68
C CYS G 304 66.68 38.62 17.32
N LEU G 305 65.86 37.60 17.16
CA LEU G 305 66.29 36.27 16.73
C LEU G 305 65.53 35.88 15.47
N GLY G 306 66.23 35.24 14.54
CA GLY G 306 65.62 34.84 13.29
C GLY G 306 66.06 33.46 12.83
N THR G 307 65.10 32.61 12.50
CA THR G 307 65.35 31.24 12.06
C THR G 307 64.55 30.98 10.79
N VAL G 308 65.25 30.71 9.68
CA VAL G 308 64.58 30.41 8.42
C VAL G 308 63.88 29.06 8.43
N PHE G 309 64.11 28.24 9.44
CA PHE G 309 63.51 26.92 9.54
C PHE G 309 62.34 26.97 10.53
N ASN G 310 61.74 25.80 10.77
CA ASN G 310 60.56 25.67 11.63
C ASN G 310 60.88 24.68 12.74
N PRO G 311 61.48 25.14 13.85
CA PRO G 311 61.78 24.20 14.95
C PRO G 311 60.54 23.53 15.52
N GLU G 312 59.42 24.24 15.55
CA GLU G 312 58.20 23.71 16.15
C GLU G 312 57.61 22.54 15.37
N LEU G 313 58.14 22.24 14.18
CA LEU G 313 57.69 21.09 13.41
C LEU G 313 58.42 19.80 13.77
N LEU G 314 59.38 19.86 14.69
CA LEU G 314 60.15 18.71 15.10
C LEU G 314 59.95 18.44 16.59
N PRO G 315 60.08 17.19 17.04
CA PRO G 315 59.81 16.90 18.46
C PRO G 315 60.67 17.71 19.43
N HIS G 316 61.94 17.92 19.11
CA HIS G 316 62.83 18.59 20.05
C HIS G 316 62.43 20.05 20.21
N THR G 317 62.47 20.54 21.46
CA THR G 317 62.09 21.90 21.79
C THR G 317 63.29 22.70 22.29
N ALA G 318 64.48 22.40 21.77
CA ALA G 318 65.68 23.09 22.24
C ALA G 318 65.61 24.58 21.94
N PHE G 319 65.15 24.94 20.74
CA PHE G 319 65.12 26.36 20.36
C PHE G 319 64.08 27.14 21.15
N GLN G 320 62.95 26.51 21.48
CA GLN G 320 61.96 27.18 22.32
C GLN G 320 62.56 27.52 23.67
N GLN G 321 63.31 26.59 24.26
CA GLN G 321 64.02 26.88 25.50
C GLN G 321 65.09 27.95 25.29
N TYR G 322 65.72 27.96 24.12
CA TYR G 322 66.76 28.94 23.85
C TYR G 322 66.20 30.36 23.89
N PHE G 323 65.05 30.57 23.27
CA PHE G 323 64.43 31.90 23.31
C PHE G 323 63.93 32.23 24.71
N TYR G 324 63.43 31.24 25.44
CA TYR G 324 63.03 31.48 26.83
C TYR G 324 64.22 31.92 27.66
N GLU G 325 65.38 31.28 27.46
CA GLU G 325 66.60 31.73 28.13
C GLU G 325 66.95 33.15 27.72
N LYS G 326 66.79 33.48 26.44
CA LYS G 326 67.03 34.84 25.98
C LYS G 326 66.09 35.82 26.66
N VAL G 327 64.82 35.45 26.79
CA VAL G 327 63.85 36.33 27.45
C VAL G 327 64.22 36.49 28.93
N LYS G 328 64.59 35.40 29.59
CA LYS G 328 64.97 35.48 30.99
C LYS G 328 66.21 36.35 31.17
N ASN G 329 67.20 36.20 30.27
CA ASN G 329 68.41 37.02 30.36
C ASN G 329 68.09 38.50 30.22
N TYR G 330 67.21 38.85 29.27
CA TYR G 330 66.80 40.24 29.11
C TYR G 330 66.09 40.75 30.36
N LYS G 331 65.22 39.93 30.93
CA LYS G 331 64.47 40.31 32.13
C LYS G 331 65.43 40.67 33.26
N ILE H 118 -11.52 57.62 48.95
CA ILE H 118 -10.37 56.72 49.07
C ILE H 118 -10.32 55.82 47.83
N THR H 119 -10.09 56.45 46.67
CA THR H 119 -10.01 55.72 45.40
C THR H 119 -8.92 56.37 44.55
N ILE H 120 -7.87 55.61 44.27
CA ILE H 120 -6.75 56.08 43.46
C ILE H 120 -6.76 55.32 42.15
N GLY H 121 -6.17 55.93 41.12
CA GLY H 121 -6.14 55.34 39.80
C GLY H 121 -4.73 55.31 39.25
N VAL H 122 -4.56 54.47 38.22
CA VAL H 122 -3.28 54.30 37.53
C VAL H 122 -3.51 54.58 36.05
N LEU H 123 -2.74 55.50 35.49
CA LEU H 123 -2.86 55.83 34.07
C LEU H 123 -2.38 54.63 33.25
N SER H 124 -3.30 53.99 32.52
CA SER H 124 -3.04 52.73 31.85
C SER H 124 -2.98 52.86 30.34
N LEU H 125 -2.52 54.01 29.84
CA LEU H 125 -2.22 54.13 28.41
C LEU H 125 -0.82 53.62 28.07
N GLN H 126 -0.04 53.24 29.09
CA GLN H 126 1.36 52.86 28.91
C GLN H 126 1.64 51.52 29.58
N GLY H 127 2.92 51.16 29.71
CA GLY H 127 3.30 50.01 30.49
C GLY H 127 3.62 50.37 31.93
N ASP H 128 3.87 49.34 32.73
CA ASP H 128 4.22 49.44 34.14
C ASP H 128 3.01 49.81 35.01
N PHE H 129 1.80 49.80 34.47
CA PHE H 129 0.63 50.05 35.31
C PHE H 129 0.29 48.82 36.16
N GLU H 130 0.49 47.62 35.62
CA GLU H 130 0.15 46.42 36.37
C GLU H 130 0.99 46.29 37.64
N PRO H 131 2.32 46.42 37.60
CA PRO H 131 3.08 46.36 38.86
C PRO H 131 2.65 47.41 39.87
N HIS H 132 2.31 48.62 39.41
CA HIS H 132 1.84 49.65 40.33
C HIS H 132 0.54 49.24 40.99
N ILE H 133 -0.40 48.69 40.21
CA ILE H 133 -1.66 48.23 40.77
C ILE H 133 -1.44 47.06 41.71
N ASN H 134 -0.55 46.14 41.33
CA ASN H 134 -0.32 44.96 42.14
C ASN H 134 0.16 45.34 43.54
N HIS H 135 1.17 46.22 43.62
CA HIS H 135 1.73 46.58 44.92
C HIS H 135 0.74 47.41 45.74
N PHE H 136 -0.01 48.30 45.08
CA PHE H 136 -1.00 49.09 45.80
C PHE H 136 -2.06 48.19 46.42
N ILE H 137 -2.54 47.20 45.66
CA ILE H 137 -3.51 46.26 46.21
C ILE H 137 -2.87 45.37 47.27
N LYS H 138 -1.62 44.96 47.04
CA LYS H 138 -0.94 44.10 48.00
C LYS H 138 -0.88 44.74 49.38
N LEU H 139 -0.89 46.08 49.44
CA LEU H 139 -0.84 46.77 50.73
C LEU H 139 -1.99 46.36 51.63
N GLN H 140 -3.05 45.77 51.07
CA GLN H 140 -4.11 45.13 51.85
C GLN H 140 -4.86 46.14 52.73
N ILE H 141 -5.50 47.10 52.06
CA ILE H 141 -6.39 48.05 52.72
C ILE H 141 -7.76 47.95 52.07
N PRO H 142 -8.79 47.46 52.76
CA PRO H 142 -10.09 47.30 52.10
C PRO H 142 -10.66 48.61 51.59
N SER H 143 -10.43 49.72 52.29
CA SER H 143 -10.94 51.01 51.82
C SER H 143 -10.25 51.44 50.53
N LEU H 144 -8.98 51.10 50.37
CA LEU H 144 -8.25 51.50 49.18
C LEU H 144 -8.84 50.84 47.94
N ASN H 145 -9.05 51.65 46.90
CA ASN H 145 -9.63 51.17 45.64
C ASN H 145 -8.73 51.61 44.50
N ILE H 146 -8.46 50.69 43.57
CA ILE H 146 -7.57 50.94 42.44
C ILE H 146 -8.32 50.62 41.15
N ILE H 147 -8.26 51.56 40.19
CA ILE H 147 -8.86 51.37 38.88
C ILE H 147 -7.89 51.90 37.83
N GLN H 148 -8.10 51.45 36.59
CA GLN H 148 -7.31 51.96 35.47
C GLN H 148 -7.89 53.27 34.98
N VAL H 149 -6.99 54.16 34.54
CA VAL H 149 -7.36 55.50 34.08
C VAL H 149 -6.88 55.61 32.64
N ARG H 150 -7.81 55.53 31.69
CA ARG H 150 -7.51 55.72 30.28
C ARG H 150 -8.34 56.80 29.63
N ASN H 151 -9.39 57.29 30.28
CA ASN H 151 -10.29 58.28 29.71
C ASN H 151 -10.65 59.29 30.79
N VAL H 152 -11.32 60.37 30.35
CA VAL H 152 -11.69 61.42 31.29
C VAL H 152 -12.62 60.89 32.37
N HIS H 153 -13.51 59.97 32.02
CA HIS H 153 -14.46 59.44 32.99
C HIS H 153 -13.74 58.76 34.15
N ASP H 154 -12.74 57.92 33.84
CA ASP H 154 -11.98 57.27 34.89
C ASP H 154 -11.21 58.29 35.72
N LEU H 155 -10.65 59.30 35.07
CA LEU H 155 -9.88 60.32 35.79
C LEU H 155 -10.77 61.03 36.81
N GLY H 156 -11.99 61.38 36.42
CA GLY H 156 -12.91 62.03 37.34
C GLY H 156 -13.41 61.10 38.44
N LEU H 157 -13.30 59.79 38.24
CA LEU H 157 -13.75 58.84 39.26
C LEU H 157 -12.79 58.80 40.44
N CYS H 158 -11.49 58.85 40.17
CA CYS H 158 -10.49 58.68 41.22
C CYS H 158 -10.22 60.01 41.92
N ASP H 159 -9.84 59.91 43.20
CA ASP H 159 -9.41 61.06 43.98
C ASP H 159 -7.91 61.29 43.91
N GLY H 160 -7.16 60.37 43.30
CA GLY H 160 -5.74 60.53 43.10
C GLY H 160 -5.31 59.99 41.76
N LEU H 161 -4.01 59.82 41.54
CA LEU H 161 -3.52 59.27 40.29
C LEU H 161 -2.04 58.99 40.41
N VAL H 162 -1.58 57.90 39.80
CA VAL H 162 -0.17 57.56 39.71
C VAL H 162 0.14 57.25 38.25
N ILE H 163 1.17 57.90 37.72
CA ILE H 163 1.59 57.72 36.32
C ILE H 163 2.65 56.63 36.30
N PRO H 164 2.36 55.44 35.77
CA PRO H 164 3.39 54.39 35.75
C PRO H 164 4.53 54.74 34.81
N GLY H 165 5.70 54.20 35.13
CA GLY H 165 6.91 54.52 34.40
C GLY H 165 7.04 53.76 33.10
N GLY H 166 6.17 54.03 32.14
CA GLY H 166 6.28 53.44 30.82
C GLY H 166 7.06 54.35 29.89
N GLU H 167 6.56 54.55 28.68
CA GLU H 167 7.16 55.47 27.73
C GLU H 167 6.55 56.86 27.88
N SER H 168 7.41 57.87 27.81
CA SER H 168 6.91 59.24 27.87
C SER H 168 6.26 59.67 26.55
N THR H 169 6.86 59.29 25.42
CA THR H 169 6.27 59.64 24.13
C THR H 169 4.91 58.97 23.95
N THR H 170 4.81 57.69 24.32
CA THR H 170 3.54 56.97 24.16
C THR H 170 2.45 57.62 24.99
N VAL H 171 2.77 57.99 26.23
CA VAL H 171 1.77 58.56 27.12
C VAL H 171 1.23 59.86 26.55
N ARG H 172 2.14 60.73 26.07
CA ARG H 172 1.71 62.03 25.59
C ARG H 172 0.85 61.90 24.33
N ARG H 173 1.24 61.03 23.40
CA ARG H 173 0.44 60.84 22.20
C ARG H 173 -0.94 60.30 22.55
N CYS H 174 -1.00 59.29 23.44
CA CYS H 174 -2.28 58.74 23.85
C CYS H 174 -3.11 59.76 24.61
N CYS H 175 -2.47 60.64 25.37
CA CYS H 175 -3.17 61.71 26.07
C CYS H 175 -3.56 62.85 25.15
N ALA H 176 -3.11 62.83 23.90
CA ALA H 176 -3.46 63.86 22.91
C ALA H 176 -4.52 63.38 21.93
N TYR H 177 -5.43 62.53 22.40
CA TYR H 177 -6.49 61.99 21.55
C TYR H 177 -7.71 62.88 21.61
N GLU H 178 -8.32 63.10 20.44
CA GLU H 178 -9.49 63.96 20.31
C GLU H 178 -9.21 65.35 20.88
N GLN H 179 -8.24 66.03 20.25
CA GLN H 179 -7.89 67.40 20.60
C GLN H 179 -7.52 67.52 22.07
N ASP H 180 -6.56 66.69 22.50
CA ASP H 180 -5.98 66.78 23.84
C ASP H 180 -7.06 66.69 24.92
N THR H 181 -8.07 65.85 24.68
CA THR H 181 -9.14 65.71 25.65
C THR H 181 -8.63 65.17 26.98
N LEU H 182 -7.89 64.06 26.94
CA LEU H 182 -7.31 63.52 28.17
C LEU H 182 -6.23 64.43 28.72
N TYR H 183 -5.41 65.01 27.85
CA TYR H 183 -4.32 65.88 28.31
C TYR H 183 -4.88 67.07 29.08
N ASN H 184 -5.91 67.71 28.54
CA ASN H 184 -6.50 68.86 29.24
C ASN H 184 -7.11 68.43 30.57
N ALA H 185 -7.77 67.27 30.60
CA ALA H 185 -8.38 66.80 31.83
C ALA H 185 -7.32 66.57 32.91
N LEU H 186 -6.20 65.93 32.54
CA LEU H 186 -5.13 65.72 33.49
C LEU H 186 -4.52 67.05 33.93
N VAL H 187 -4.32 67.97 32.98
CA VAL H 187 -3.71 69.26 33.31
C VAL H 187 -4.57 70.00 34.33
N HIS H 188 -5.88 70.03 34.10
CA HIS H 188 -6.79 70.66 35.06
C HIS H 188 -6.77 69.90 36.38
N PHE H 189 -6.72 68.56 36.31
CA PHE H 189 -6.69 67.76 37.53
C PHE H 189 -5.50 68.14 38.40
N ILE H 190 -4.33 68.30 37.80
CA ILE H 190 -3.13 68.65 38.56
C ILE H 190 -3.19 70.08 39.06
N HIS H 191 -3.59 71.01 38.18
CA HIS H 191 -3.46 72.43 38.45
C HIS H 191 -4.72 73.09 39.00
N VAL H 192 -5.88 72.46 38.87
CA VAL H 192 -7.15 73.02 39.35
C VAL H 192 -7.64 72.26 40.58
N LEU H 193 -7.92 70.97 40.44
CA LEU H 193 -8.36 70.19 41.59
C LEU H 193 -7.25 69.98 42.61
N LYS H 194 -5.99 70.06 42.18
CA LYS H 194 -4.84 69.95 43.08
C LYS H 194 -4.88 68.65 43.88
N LYS H 195 -5.41 67.59 43.27
CA LYS H 195 -5.47 66.31 43.94
C LYS H 195 -4.10 65.63 43.90
N PRO H 196 -3.87 64.65 44.78
CA PRO H 196 -2.57 63.96 44.79
C PRO H 196 -2.27 63.31 43.45
N ILE H 197 -1.01 63.38 43.05
CA ILE H 197 -0.55 62.76 41.82
C ILE H 197 0.89 62.29 42.03
N TRP H 198 1.23 61.19 41.34
CA TRP H 198 2.55 60.57 41.46
C TRP H 198 3.11 60.30 40.07
N GLY H 199 4.40 60.50 39.91
CA GLY H 199 5.07 60.19 38.66
C GLY H 199 6.37 59.44 38.86
N THR H 200 6.46 58.25 38.27
CA THR H 200 7.65 57.42 38.36
C THR H 200 8.32 57.33 37.00
N CYS H 201 9.66 57.32 36.99
CA CYS H 201 10.41 57.28 35.75
C CYS H 201 9.86 58.32 34.77
N ALA H 202 9.17 57.88 33.72
CA ALA H 202 8.56 58.82 32.78
C ALA H 202 7.59 59.76 33.47
N GLY H 203 7.00 59.33 34.58
CA GLY H 203 6.04 60.18 35.27
C GLY H 203 6.65 61.52 35.67
N CYS H 204 7.89 61.50 36.15
CA CYS H 204 8.56 62.74 36.50
C CYS H 204 8.77 63.61 35.26
N ILE H 205 9.05 62.99 34.11
CA ILE H 205 9.25 63.76 32.89
C ILE H 205 8.00 64.55 32.55
N LEU H 206 6.83 63.91 32.67
CA LEU H 206 5.56 64.60 32.44
C LEU H 206 5.19 65.53 33.57
N LEU H 207 5.73 65.32 34.77
CA LEU H 207 5.45 66.19 35.91
C LEU H 207 6.48 67.31 36.06
N SER H 208 7.47 67.39 35.18
CA SER H 208 8.47 68.45 35.22
C SER H 208 8.09 69.56 34.25
N LYS H 209 8.22 70.81 34.71
CA LYS H 209 7.83 71.95 33.88
C LYS H 209 8.72 72.10 32.67
N ASN H 210 10.02 71.81 32.81
CA ASN H 210 10.98 71.97 31.72
C ASN H 210 11.73 70.67 31.52
N VAL H 211 11.71 70.16 30.29
CA VAL H 211 12.46 68.97 29.91
C VAL H 211 13.22 69.28 28.63
N GLU H 212 14.49 68.88 28.58
CA GLU H 212 15.34 69.22 27.45
C GLU H 212 15.97 67.97 26.85
N ASN H 213 16.97 68.16 25.98
CA ASN H 213 17.59 67.07 25.21
C ASN H 213 16.61 66.46 24.22
N ILE H 214 15.65 67.24 23.76
CA ILE H 214 14.68 66.81 22.74
C ILE H 214 15.20 67.38 21.42
N LYS H 215 15.95 66.56 20.69
CA LYS H 215 16.56 67.03 19.45
C LYS H 215 15.52 67.42 18.42
N LEU H 216 14.45 66.64 18.31
CA LEU H 216 13.40 66.96 17.35
C LEU H 216 12.68 68.23 17.78
N TYR H 217 12.50 69.16 16.83
CA TYR H 217 11.90 70.46 17.11
C TYR H 217 10.39 70.33 17.05
N SER H 218 9.83 69.76 18.12
CA SER H 218 8.38 69.58 18.20
C SER H 218 7.69 70.90 18.49
N ASN H 219 6.50 71.08 17.92
CA ASN H 219 5.69 72.25 18.22
C ASN H 219 5.10 72.21 19.63
N PHE H 220 5.24 71.08 20.33
CA PHE H 220 4.68 70.98 21.67
C PHE H 220 5.30 72.01 22.60
N GLY H 221 6.61 72.18 22.53
CA GLY H 221 7.27 73.14 23.41
C GLY H 221 7.12 72.73 24.86
N ASN H 222 6.67 73.68 25.69
CA ASN H 222 6.54 73.46 27.13
C ASN H 222 5.24 72.78 27.52
N LYS H 223 4.31 72.59 26.58
CA LYS H 223 3.05 71.91 26.88
C LYS H 223 3.15 70.40 26.70
N PHE H 224 4.31 69.89 26.29
CA PHE H 224 4.47 68.44 26.21
C PHE H 224 4.34 67.79 27.57
N SER H 225 4.87 68.44 28.62
CA SER H 225 4.81 67.92 29.98
C SER H 225 3.63 68.54 30.72
N PHE H 226 2.97 67.73 31.55
CA PHE H 226 1.86 68.25 32.34
C PHE H 226 2.33 69.36 33.27
N GLY H 227 3.48 69.17 33.91
CA GLY H 227 4.00 70.10 34.88
C GLY H 227 3.50 69.82 36.28
N GLY H 228 4.03 70.58 37.23
CA GLY H 228 3.66 70.42 38.63
C GLY H 228 4.85 70.45 39.55
N LEU H 229 5.98 69.92 39.09
CA LEU H 229 7.22 69.94 39.84
C LEU H 229 8.18 70.91 39.16
N ASP H 230 8.61 71.94 39.90
CA ASP H 230 9.49 72.97 39.35
C ASP H 230 10.92 72.43 39.35
N ILE H 231 11.21 71.63 38.33
CA ILE H 231 12.51 70.98 38.18
C ILE H 231 12.79 70.82 36.69
N THR H 232 14.03 70.45 36.37
CA THR H 232 14.44 70.14 35.01
C THR H 232 14.95 68.71 34.96
N ILE H 233 14.52 67.97 33.94
CA ILE H 233 14.77 66.53 33.86
C ILE H 233 15.38 66.22 32.49
N CYS H 234 16.45 65.42 32.49
CA CYS H 234 17.05 64.88 31.27
C CYS H 234 16.82 63.37 31.28
N ARG H 235 16.03 62.89 30.32
CA ARG H 235 15.74 61.46 30.28
C ARG H 235 17.01 60.64 30.03
N ASN H 236 17.86 61.10 29.12
CA ASN H 236 19.09 60.38 28.81
C ASN H 236 20.32 61.21 29.17
N ASP H 243 20.52 51.52 30.27
CA ASP H 243 21.44 51.87 31.35
C ASP H 243 20.71 51.79 32.69
N SER H 244 20.97 50.72 33.43
CA SER H 244 20.28 50.44 34.69
C SER H 244 21.27 50.42 35.83
N PHE H 245 20.73 50.39 37.06
CA PHE H 245 21.54 50.42 38.27
C PHE H 245 20.64 50.22 39.47
N ILE H 246 21.24 49.78 40.57
CA ILE H 246 20.55 49.63 41.85
C ILE H 246 21.25 50.54 42.86
N CYS H 247 20.48 51.42 43.50
CA CYS H 247 21.02 52.40 44.43
C CYS H 247 20.30 52.31 45.76
N SER H 248 21.05 52.42 46.85
CA SER H 248 20.46 52.48 48.18
C SER H 248 19.83 53.84 48.41
N LEU H 249 18.60 53.84 48.90
CA LEU H 249 17.84 55.08 49.08
C LEU H 249 18.22 55.71 50.41
N ASN H 250 19.01 56.77 50.36
CA ASN H 250 19.34 57.55 51.56
C ASN H 250 18.30 58.66 51.73
N ILE H 251 17.09 58.22 52.11
CA ILE H 251 15.98 59.15 52.24
C ILE H 251 16.30 60.20 53.28
N ILE H 252 16.09 61.46 52.93
CA ILE H 252 16.34 62.57 53.85
C ILE H 252 15.03 62.95 54.53
N ALA H 264 16.04 50.63 45.40
CA ALA H 264 15.47 51.33 44.26
C ALA H 264 16.09 50.84 42.96
N ALA H 265 15.25 50.36 42.04
CA ALA H 265 15.71 49.83 40.76
C ALA H 265 15.62 50.95 39.73
N CYS H 266 16.77 51.54 39.41
CA CYS H 266 16.84 52.64 38.45
C CYS H 266 16.93 52.08 37.03
N ILE H 267 15.79 51.57 36.56
CA ILE H 267 15.68 51.00 35.23
C ILE H 267 15.56 52.18 34.26
N ARG H 268 16.68 52.59 33.68
CA ARG H 268 16.72 53.73 32.76
C ARG H 268 16.09 54.96 33.41
N ALA H 269 16.56 55.25 34.62
CA ALA H 269 16.00 56.36 35.38
C ALA H 269 16.40 57.69 34.74
N PRO H 270 15.48 58.65 34.66
CA PRO H 270 15.87 59.99 34.19
C PRO H 270 16.67 60.74 35.24
N TYR H 271 17.36 61.78 34.77
CA TYR H 271 18.23 62.59 35.62
C TYR H 271 17.67 64.00 35.72
N ILE H 272 17.54 64.49 36.96
CA ILE H 272 17.07 65.84 37.21
C ILE H 272 18.28 66.77 37.15
N ARG H 273 18.37 67.56 36.07
CA ARG H 273 19.54 68.41 35.87
C ARG H 273 19.63 69.51 36.91
N GLU H 274 18.52 70.23 37.12
CA GLU H 274 18.51 71.36 38.04
C GLU H 274 17.13 71.48 38.66
N ILE H 275 16.98 72.48 39.53
CA ILE H 275 15.72 72.72 40.22
C ILE H 275 15.17 74.09 39.85
N LYS H 281 10.73 70.58 48.28
CA LYS H 281 11.55 69.84 49.24
C LYS H 281 11.85 68.44 48.73
N VAL H 282 13.11 68.02 48.84
CA VAL H 282 13.54 66.72 48.33
C VAL H 282 13.19 65.67 49.38
N LEU H 283 12.22 64.81 49.05
CA LEU H 283 11.81 63.79 50.00
C LEU H 283 12.91 62.76 50.23
N ALA H 284 13.60 62.34 49.17
CA ALA H 284 14.60 61.29 49.27
C ALA H 284 15.76 61.61 48.33
N THR H 285 16.91 61.00 48.62
CA THR H 285 18.10 61.18 47.81
C THR H 285 18.99 59.95 47.97
N PHE H 286 19.90 59.78 47.01
CA PHE H 286 20.87 58.69 47.06
C PHE H 286 22.22 59.16 46.54
N ILE H 296 19.54 63.42 44.52
CA ILE H 296 18.10 63.60 44.60
C ILE H 296 17.40 62.39 44.00
N ALA H 297 16.54 61.75 44.81
CA ALA H 297 15.84 60.54 44.41
C ALA H 297 14.33 60.74 44.31
N ALA H 298 13.70 61.22 45.38
CA ALA H 298 12.27 61.51 45.38
C ALA H 298 12.06 62.98 45.72
N VAL H 299 11.21 63.64 44.93
CA VAL H 299 10.93 65.06 45.09
C VAL H 299 9.42 65.23 45.23
N GLU H 300 8.99 65.96 46.26
CA GLU H 300 7.58 66.21 46.52
C GLU H 300 7.35 67.72 46.54
N GLN H 301 6.36 68.18 45.79
CA GLN H 301 5.99 69.60 45.75
C GLN H 301 4.48 69.69 45.71
N ASN H 302 3.90 70.31 46.73
CA ASN H 302 2.45 70.48 46.86
C ASN H 302 1.82 69.09 46.85
N ASN H 303 0.96 68.75 45.90
CA ASN H 303 0.31 67.44 45.85
C ASN H 303 1.00 66.49 44.89
N CYS H 304 2.17 66.86 44.36
CA CYS H 304 2.85 66.10 43.33
C CYS H 304 4.05 65.38 43.91
N LEU H 305 4.16 64.09 43.64
CA LEU H 305 5.29 63.27 44.04
C LEU H 305 6.01 62.78 42.79
N GLY H 306 7.34 62.82 42.83
CA GLY H 306 8.13 62.40 41.69
C GLY H 306 9.33 61.56 42.07
N THR H 307 9.42 60.35 41.52
CA THR H 307 10.50 59.42 41.80
C THR H 307 11.15 59.00 40.50
N VAL H 308 12.48 59.10 40.43
CA VAL H 308 13.21 58.66 39.24
C VAL H 308 13.42 57.16 39.19
N PHE H 309 13.07 56.44 40.25
CA PHE H 309 13.25 55.01 40.35
C PHE H 309 11.90 54.31 40.19
N ASN H 310 11.90 52.99 40.35
CA ASN H 310 10.72 52.15 40.16
C ASN H 310 10.48 51.35 41.44
N PRO H 311 9.78 51.92 42.43
CA PRO H 311 9.51 51.15 43.66
C PRO H 311 8.76 49.87 43.41
N GLU H 312 7.84 49.87 42.44
CA GLU H 312 7.01 48.69 42.18
C GLU H 312 7.83 47.52 41.63
N LEU H 313 9.07 47.73 41.24
CA LEU H 313 9.95 46.64 40.83
C LEU H 313 10.69 46.01 42.00
N LEU H 314 10.50 46.52 43.23
CA LEU H 314 11.12 45.95 44.42
C LEU H 314 10.04 45.47 45.38
N PRO H 315 10.30 44.40 46.14
CA PRO H 315 9.25 43.85 47.00
C PRO H 315 8.65 44.86 47.97
N HIS H 316 9.48 45.71 48.57
CA HIS H 316 8.97 46.66 49.55
C HIS H 316 8.10 47.71 48.88
N THR H 317 6.96 48.02 49.50
CA THR H 317 6.02 49.01 48.98
C THR H 317 5.80 50.15 49.96
N ALA H 318 6.85 50.53 50.70
CA ALA H 318 6.73 51.67 51.61
C ALA H 318 6.34 52.94 50.87
N PHE H 319 6.83 53.11 49.63
CA PHE H 319 6.49 54.28 48.84
C PHE H 319 5.04 54.25 48.38
N GLN H 320 4.54 53.09 47.98
CA GLN H 320 3.14 53.00 47.59
C GLN H 320 2.22 53.34 48.76
N GLN H 321 2.54 52.84 49.95
CA GLN H 321 1.80 53.23 51.13
C GLN H 321 2.01 54.70 51.47
N TYR H 322 3.20 55.22 51.19
CA TYR H 322 3.47 56.64 51.44
C TYR H 322 2.55 57.52 50.60
N PHE H 323 2.34 57.17 49.33
CA PHE H 323 1.41 57.93 48.51
C PHE H 323 -0.03 57.73 48.97
N TYR H 324 -0.36 56.54 49.48
CA TYR H 324 -1.69 56.33 50.06
C TYR H 324 -1.90 57.24 51.25
N GLU H 325 -0.89 57.37 52.11
CA GLU H 325 -0.98 58.33 53.21
C GLU H 325 -1.09 59.75 52.67
N LYS H 326 -0.38 60.05 51.59
CA LYS H 326 -0.50 61.36 50.95
C LYS H 326 -1.93 61.61 50.48
N VAL H 327 -2.57 60.59 49.90
CA VAL H 327 -3.95 60.74 49.44
C VAL H 327 -4.89 60.87 50.63
N LYS H 328 -4.70 60.05 51.66
CA LYS H 328 -5.58 60.11 52.82
C LYS H 328 -5.51 61.46 53.51
N ASN H 329 -4.31 62.01 53.66
CA ASN H 329 -4.16 63.31 54.30
C ASN H 329 -4.88 64.40 53.52
N TYR H 330 -4.78 64.36 52.19
CA TYR H 330 -5.45 65.34 51.35
C TYR H 330 -6.96 65.25 51.53
N ILE I 118 15.68 -27.59 -69.57
CA ILE I 118 14.37 -27.74 -68.96
C ILE I 118 14.29 -26.88 -67.70
N THR I 119 14.43 -25.56 -67.89
CA THR I 119 14.39 -24.60 -66.80
C THR I 119 13.51 -23.43 -67.21
N ILE I 120 12.41 -23.24 -66.49
CA ILE I 120 11.46 -22.16 -66.75
C ILE I 120 11.49 -21.21 -65.56
N GLY I 121 11.15 -19.94 -65.83
CA GLY I 121 11.16 -18.93 -64.80
C GLY I 121 9.85 -18.17 -64.76
N VAL I 122 9.65 -17.44 -63.66
CA VAL I 122 8.46 -16.64 -63.42
C VAL I 122 8.91 -15.23 -63.08
N LEU I 123 8.46 -14.25 -63.85
CA LEU I 123 8.79 -12.86 -63.55
C LEU I 123 8.26 -12.48 -62.18
N SER I 124 9.15 -12.13 -61.27
CA SER I 124 8.82 -11.95 -59.85
C SER I 124 9.01 -10.52 -59.38
N LEU I 125 8.78 -9.54 -60.27
CA LEU I 125 8.73 -8.15 -59.88
C LEU I 125 7.31 -7.67 -59.62
N GLN I 126 6.34 -8.59 -59.60
CA GLN I 126 4.94 -8.26 -59.45
C GLN I 126 4.31 -9.31 -58.52
N GLY I 127 2.98 -9.34 -58.49
CA GLY I 127 2.26 -10.33 -57.72
C GLY I 127 1.79 -11.49 -58.58
N ASP I 128 1.34 -12.55 -57.89
CA ASP I 128 0.80 -13.77 -58.46
C ASP I 128 1.89 -14.70 -58.98
N PHE I 129 3.18 -14.39 -58.76
CA PHE I 129 4.23 -15.31 -59.18
C PHE I 129 4.21 -16.59 -58.36
N GLU I 130 3.97 -16.50 -57.05
CA GLU I 130 4.00 -17.67 -56.20
C GLU I 130 3.00 -18.73 -56.64
N PRO I 131 1.72 -18.42 -56.88
CA PRO I 131 0.81 -19.44 -57.39
C PRO I 131 1.29 -20.08 -58.68
N HIS I 132 1.88 -19.31 -59.58
CA HIS I 132 2.40 -19.87 -60.82
C HIS I 132 3.51 -20.89 -60.52
N ILE I 133 4.41 -20.55 -59.60
CA ILE I 133 5.47 -21.47 -59.24
C ILE I 133 4.90 -22.70 -58.55
N ASN I 134 3.91 -22.50 -57.66
CA ASN I 134 3.35 -23.62 -56.91
C ASN I 134 2.72 -24.64 -57.85
N HIS I 135 1.92 -24.17 -58.81
CA HIS I 135 1.25 -25.10 -59.72
C HIS I 135 2.24 -25.77 -60.67
N PHE I 136 3.27 -25.03 -61.11
CA PHE I 136 4.30 -25.65 -61.95
C PHE I 136 5.03 -26.75 -61.21
N ILE I 137 5.35 -26.54 -59.93
CA ILE I 137 5.95 -27.59 -59.13
C ILE I 137 4.96 -28.72 -58.91
N LYS I 138 3.67 -28.38 -58.77
CA LYS I 138 2.65 -29.40 -58.58
C LYS I 138 2.59 -30.37 -59.75
N LEU I 139 3.05 -29.94 -60.93
CA LEU I 139 3.04 -30.81 -62.10
C LEU I 139 3.94 -32.04 -61.88
N GLN I 140 4.92 -31.93 -60.99
CA GLN I 140 5.72 -33.06 -60.54
C GLN I 140 6.48 -33.73 -61.70
N ILE I 141 7.36 -32.95 -62.30
CA ILE I 141 8.35 -33.44 -63.26
C ILE I 141 9.73 -33.09 -62.69
N PRO I 142 10.55 -34.06 -62.31
CA PRO I 142 11.83 -33.72 -61.67
C PRO I 142 12.75 -32.88 -62.54
N SER I 143 12.73 -33.11 -63.86
CA SER I 143 13.58 -32.32 -64.75
C SER I 143 13.16 -30.86 -64.81
N LEU I 144 11.97 -30.53 -64.33
CA LEU I 144 11.45 -29.17 -64.37
C LEU I 144 11.87 -28.44 -63.10
N ASN I 145 12.57 -27.32 -63.28
CA ASN I 145 12.99 -26.48 -62.16
C ASN I 145 12.53 -25.05 -62.42
N ILE I 146 12.01 -24.41 -61.38
CA ILE I 146 11.43 -23.07 -61.47
C ILE I 146 12.22 -22.11 -60.61
N ILE I 147 12.53 -20.94 -61.17
CA ILE I 147 13.23 -19.88 -60.46
C ILE I 147 12.45 -18.58 -60.64
N GLN I 148 12.88 -17.56 -59.91
CA GLN I 148 12.26 -16.24 -59.97
C GLN I 148 13.13 -15.33 -60.83
N VAL I 149 12.52 -14.72 -61.85
CA VAL I 149 13.23 -13.86 -62.79
C VAL I 149 12.98 -12.41 -62.37
N ARG I 150 14.02 -11.77 -61.85
CA ARG I 150 13.98 -10.34 -61.54
C ARG I 150 15.13 -9.56 -62.15
N ASN I 151 16.21 -10.21 -62.54
CA ASN I 151 17.36 -9.55 -63.14
C ASN I 151 17.65 -10.19 -64.50
N VAL I 152 18.50 -9.53 -65.27
CA VAL I 152 18.88 -10.07 -66.58
C VAL I 152 19.57 -11.42 -66.42
N HIS I 153 20.33 -11.59 -65.34
CA HIS I 153 21.03 -12.84 -65.12
C HIS I 153 20.05 -14.01 -64.99
N ASP I 154 18.99 -13.82 -64.20
CA ASP I 154 17.99 -14.87 -64.06
C ASP I 154 17.30 -15.16 -65.39
N LEU I 155 17.00 -14.11 -66.16
CA LEU I 155 16.35 -14.31 -67.45
C LEU I 155 17.22 -15.15 -68.37
N GLY I 156 18.52 -14.87 -68.41
CA GLY I 156 19.43 -15.67 -69.21
C GLY I 156 19.59 -17.10 -68.71
N LEU I 157 19.28 -17.34 -67.44
CA LEU I 157 19.36 -18.70 -66.90
C LEU I 157 18.23 -19.57 -67.44
N CYS I 158 17.05 -19.00 -67.66
CA CYS I 158 15.88 -19.77 -68.03
C CYS I 158 15.82 -20.01 -69.54
N ASP I 159 15.20 -21.13 -69.91
CA ASP I 159 14.87 -21.42 -71.30
C ASP I 159 13.43 -21.05 -71.65
N GLY I 160 12.63 -20.66 -70.66
CA GLY I 160 11.28 -20.19 -70.88
C GLY I 160 10.96 -19.05 -69.95
N LEU I 161 9.70 -18.62 -69.90
CA LEU I 161 9.31 -17.55 -69.00
C LEU I 161 7.79 -17.43 -68.98
N VAL I 162 7.23 -17.15 -67.81
CA VAL I 162 5.82 -16.87 -67.64
C VAL I 162 5.68 -15.58 -66.85
N ILE I 163 4.85 -14.67 -67.35
CA ILE I 163 4.61 -13.38 -66.70
C ILE I 163 3.37 -13.52 -65.83
N PRO I 164 3.49 -13.54 -64.51
CA PRO I 164 2.29 -13.68 -63.68
C PRO I 164 1.36 -12.49 -63.83
N GLY I 165 0.07 -12.75 -63.65
CA GLY I 165 -0.93 -11.72 -63.89
C GLY I 165 -1.06 -10.74 -62.76
N GLY I 166 0.03 -10.02 -62.46
CA GLY I 166 -0.02 -9.00 -61.43
C GLY I 166 -0.53 -7.68 -61.98
N GLU I 167 0.22 -6.61 -61.74
CA GLU I 167 -0.12 -5.29 -62.25
C GLU I 167 0.73 -4.97 -63.47
N SER I 168 0.08 -4.60 -64.58
CA SER I 168 0.83 -4.27 -65.78
C SER I 168 1.73 -3.05 -65.55
N THR I 169 1.21 -2.03 -64.87
CA THR I 169 2.00 -0.83 -64.61
C THR I 169 3.22 -1.16 -63.76
N THR I 170 3.04 -1.97 -62.71
CA THR I 170 4.16 -2.31 -61.85
C THR I 170 5.22 -3.08 -62.61
N VAL I 171 4.80 -4.04 -63.43
CA VAL I 171 5.76 -4.84 -64.19
C VAL I 171 6.58 -3.95 -65.12
N ARG I 172 5.92 -3.01 -65.78
CA ARG I 172 6.63 -2.17 -66.75
C ARG I 172 7.62 -1.25 -66.06
N ARG I 173 7.20 -0.59 -64.97
CA ARG I 173 8.11 0.30 -64.27
C ARG I 173 9.30 -0.47 -63.70
N CYS I 174 9.04 -1.61 -63.07
CA CYS I 174 10.11 -2.44 -62.54
C CYS I 174 10.98 -3.03 -63.63
N CYS I 175 10.45 -3.17 -64.84
CA CYS I 175 11.23 -3.61 -65.99
C CYS I 175 11.98 -2.47 -66.66
N ALA I 176 11.80 -1.23 -66.20
CA ALA I 176 12.46 -0.06 -66.77
C ALA I 176 13.50 0.51 -65.81
N TYR I 177 14.20 -0.37 -65.10
CA TYR I 177 15.23 0.02 -64.16
C TYR I 177 16.58 0.05 -64.85
N GLU I 178 17.36 1.09 -64.56
CA GLU I 178 18.68 1.29 -65.17
C GLU I 178 18.57 1.28 -66.69
N GLN I 179 17.82 2.25 -67.21
CA GLN I 179 17.69 2.48 -68.64
C GLN I 179 17.18 1.22 -69.35
N ASP I 180 16.03 0.74 -68.89
CA ASP I 180 15.31 -0.36 -69.54
C ASP I 180 16.21 -1.58 -69.70
N THR I 181 17.03 -1.86 -68.69
CA THR I 181 17.94 -3.00 -68.77
C THR I 181 17.16 -4.31 -68.85
N LEU I 182 16.21 -4.52 -67.93
CA LEU I 182 15.40 -5.73 -67.97
C LEU I 182 14.45 -5.72 -69.16
N TYR I 183 13.86 -4.56 -69.46
CA TYR I 183 12.93 -4.47 -70.58
C TYR I 183 13.59 -4.89 -71.88
N ASN I 184 14.79 -4.36 -72.15
CA ASN I 184 15.49 -4.74 -73.37
C ASN I 184 15.83 -6.22 -73.38
N ALA I 185 16.23 -6.76 -72.22
CA ALA I 185 16.57 -8.17 -72.14
C ALA I 185 15.35 -9.05 -72.47
N LEU I 186 14.18 -8.69 -71.94
CA LEU I 186 12.98 -9.44 -72.26
C LEU I 186 12.63 -9.31 -73.74
N VAL I 187 12.75 -8.10 -74.30
CA VAL I 187 12.48 -7.92 -75.72
C VAL I 187 13.41 -8.80 -76.55
N HIS I 188 14.70 -8.85 -76.18
CA HIS I 188 15.63 -9.74 -76.86
C HIS I 188 15.25 -11.19 -76.65
N PHE I 189 14.71 -11.52 -75.47
CA PHE I 189 14.31 -12.90 -75.19
C PHE I 189 13.17 -13.33 -76.10
N ILE I 190 12.18 -12.45 -76.32
CA ILE I 190 11.01 -12.83 -77.10
C ILE I 190 11.28 -12.68 -78.59
N HIS I 191 12.02 -11.64 -78.99
CA HIS I 191 12.22 -11.34 -80.40
C HIS I 191 13.39 -12.12 -80.99
N VAL I 192 14.55 -12.10 -80.33
CA VAL I 192 15.75 -12.73 -80.86
C VAL I 192 15.76 -14.21 -80.50
N LEU I 193 15.77 -14.52 -79.21
CA LEU I 193 15.83 -15.91 -78.79
C LEU I 193 14.56 -16.68 -79.18
N LYS I 194 13.42 -16.00 -79.23
CA LYS I 194 12.17 -16.61 -79.65
C LYS I 194 11.79 -17.80 -78.76
N LYS I 195 12.22 -17.77 -77.50
CA LYS I 195 11.90 -18.84 -76.59
C LYS I 195 10.44 -18.75 -76.13
N PRO I 196 9.82 -19.88 -75.78
CA PRO I 196 8.42 -19.83 -75.34
C PRO I 196 8.24 -18.90 -74.15
N ILE I 197 7.17 -18.10 -74.21
CA ILE I 197 6.84 -17.15 -73.15
C ILE I 197 5.33 -17.16 -72.96
N TRP I 198 4.90 -17.07 -71.71
CA TRP I 198 3.49 -17.13 -71.36
C TRP I 198 3.04 -15.82 -70.71
N GLY I 199 1.80 -15.43 -71.00
CA GLY I 199 1.23 -14.24 -70.40
C GLY I 199 -0.17 -14.45 -69.85
N THR I 200 -0.32 -14.27 -68.55
CA THR I 200 -1.60 -14.40 -67.87
C THR I 200 -2.32 -13.04 -67.89
N CYS I 201 -3.31 -12.88 -67.03
CA CYS I 201 -4.16 -11.68 -67.00
C CYS I 201 -3.39 -10.41 -67.33
N ALA I 202 -2.29 -10.17 -66.63
CA ALA I 202 -1.45 -9.02 -66.93
C ALA I 202 -0.39 -9.32 -67.99
N GLY I 203 0.00 -10.58 -68.12
CA GLY I 203 1.01 -10.93 -69.11
C GLY I 203 0.53 -10.70 -70.53
N CYS I 204 -0.75 -10.99 -70.79
CA CYS I 204 -1.28 -10.80 -72.14
C CYS I 204 -1.23 -9.32 -72.54
N ILE I 205 -1.42 -8.42 -71.57
CA ILE I 205 -1.38 -6.99 -71.88
C ILE I 205 0.00 -6.61 -72.40
N LEU I 206 1.06 -7.10 -71.74
CA LEU I 206 2.41 -6.75 -72.15
C LEU I 206 2.80 -7.50 -73.43
N LEU I 207 2.36 -8.74 -73.58
CA LEU I 207 2.66 -9.50 -74.78
C LEU I 207 1.86 -9.04 -76.00
N SER I 208 0.84 -8.22 -75.80
CA SER I 208 0.03 -7.75 -76.91
C SER I 208 0.80 -6.74 -77.76
N LYS I 209 0.40 -6.63 -79.03
CA LYS I 209 1.05 -5.69 -79.93
C LYS I 209 0.89 -4.26 -79.44
N ASN I 210 -0.30 -3.90 -79.00
CA ASN I 210 -0.56 -2.55 -78.48
C ASN I 210 -1.95 -2.54 -77.87
N VAL I 211 -2.11 -1.71 -76.84
CA VAL I 211 -3.37 -1.59 -76.12
C VAL I 211 -3.82 -0.13 -76.16
N GLU I 212 -5.05 0.09 -75.69
CA GLU I 212 -5.66 1.41 -75.71
C GLU I 212 -6.41 1.60 -74.40
N ASN I 213 -7.30 2.60 -74.36
CA ASN I 213 -8.02 2.97 -73.14
C ASN I 213 -7.06 3.49 -72.08
N ILE I 214 -5.94 4.07 -72.51
CA ILE I 214 -4.97 4.68 -71.61
C ILE I 214 -5.20 6.18 -71.71
N LYS I 215 -6.00 6.72 -70.78
CA LYS I 215 -6.36 8.13 -70.82
C LYS I 215 -5.13 9.02 -70.68
N LEU I 216 -4.23 8.67 -69.77
CA LEU I 216 -3.01 9.46 -69.59
C LEU I 216 -2.14 9.36 -70.84
N TYR I 217 -1.68 10.51 -71.32
CA TYR I 217 -0.90 10.58 -72.56
C TYR I 217 0.57 10.29 -72.23
N SER I 218 0.86 9.01 -72.02
CA SER I 218 2.22 8.60 -71.70
C SER I 218 3.11 8.67 -72.94
N ASN I 219 4.37 9.05 -72.73
CA ASN I 219 5.34 9.05 -73.82
C ASN I 219 5.75 7.63 -74.23
N PHE I 220 5.34 6.61 -73.47
CA PHE I 220 5.71 5.25 -73.82
C PHE I 220 5.17 4.85 -75.19
N GLY I 221 3.93 5.23 -75.48
CA GLY I 221 3.36 4.87 -76.78
C GLY I 221 3.26 3.37 -76.94
N ASN I 222 3.74 2.88 -78.07
CA ASN I 222 3.63 1.46 -78.41
C ASN I 222 4.73 0.60 -77.80
N LYS I 223 5.74 1.20 -77.18
CA LYS I 223 6.81 0.44 -76.54
C LYS I 223 6.48 0.04 -75.12
N PHE I 224 5.32 0.45 -74.59
CA PHE I 224 4.91 0.02 -73.26
C PHE I 224 4.73 -1.49 -73.22
N SER I 225 4.13 -2.06 -74.27
CA SER I 225 3.90 -3.50 -74.34
C SER I 225 5.10 -4.19 -74.98
N PHE I 226 5.44 -5.37 -74.46
CA PHE I 226 6.55 -6.13 -75.03
C PHE I 226 6.28 -6.48 -76.49
N GLY I 227 5.06 -6.90 -76.79
CA GLY I 227 4.71 -7.31 -78.13
C GLY I 227 4.89 -8.81 -78.34
N GLY I 228 4.51 -9.24 -79.54
CA GLY I 228 4.62 -10.65 -79.91
C GLY I 228 3.30 -11.24 -80.37
N LEU I 229 2.20 -10.78 -79.78
CA LEU I 229 0.86 -11.22 -80.14
C LEU I 229 0.18 -10.09 -80.90
N ASP I 230 -0.24 -10.37 -82.14
CA ASP I 230 -0.87 -9.37 -82.99
C ASP I 230 -2.33 -9.24 -82.58
N ILE I 231 -2.55 -8.53 -81.48
CA ILE I 231 -3.87 -8.34 -80.93
C ILE I 231 -3.90 -7.03 -80.15
N THR I 232 -5.08 -6.42 -80.07
CA THR I 232 -5.31 -5.22 -79.29
C THR I 232 -6.15 -5.59 -78.08
N ILE I 233 -5.73 -5.12 -76.89
CA ILE I 233 -6.32 -5.54 -75.63
C ILE I 233 -6.85 -4.32 -74.90
N CYS I 234 -8.04 -4.47 -74.30
CA CYS I 234 -8.65 -3.45 -73.46
C CYS I 234 -8.76 -4.02 -72.05
N ARG I 235 -7.93 -3.51 -71.14
CA ARG I 235 -7.94 -4.02 -69.77
C ARG I 235 -9.27 -3.77 -69.09
N ASN I 236 -9.85 -2.59 -69.29
CA ASN I 236 -11.13 -2.25 -68.68
C ASN I 236 -12.25 -2.24 -69.71
N ASP I 243 -17.02 -7.55 -62.36
CA ASP I 243 -15.77 -7.57 -63.12
C ASP I 243 -15.11 -8.94 -63.08
N SER I 244 -15.60 -9.81 -62.20
CA SER I 244 -15.04 -11.14 -62.01
C SER I 244 -16.14 -12.18 -62.04
N PHE I 245 -15.79 -13.38 -62.52
CA PHE I 245 -16.73 -14.48 -62.63
C PHE I 245 -15.96 -15.74 -62.99
N ILE I 246 -16.68 -16.83 -63.21
CA ILE I 246 -16.11 -18.11 -63.60
C ILE I 246 -16.75 -18.53 -64.92
N CYS I 247 -15.91 -18.92 -65.88
CA CYS I 247 -16.37 -19.32 -67.21
C CYS I 247 -15.83 -20.70 -67.55
N SER I 248 -16.70 -21.54 -68.11
CA SER I 248 -16.26 -22.83 -68.61
C SER I 248 -15.43 -22.64 -69.88
N LEU I 249 -14.28 -23.32 -69.94
CA LEU I 249 -13.35 -23.17 -71.06
C LEU I 249 -13.76 -24.13 -72.16
N ASN I 250 -14.40 -23.59 -73.21
CA ASN I 250 -14.74 -24.37 -74.39
C ASN I 250 -13.57 -24.31 -75.38
N ILE I 251 -12.49 -24.98 -74.99
CA ILE I 251 -11.26 -24.93 -75.77
C ILE I 251 -11.52 -25.48 -77.16
N ILE I 252 -11.06 -24.75 -78.18
CA ILE I 252 -11.23 -25.17 -79.56
C ILE I 252 -9.97 -25.91 -80.01
N ALA I 264 -12.02 -21.61 -65.30
CA ALA I 264 -11.19 -20.43 -65.48
C ALA I 264 -11.74 -19.26 -64.67
N ALA I 265 -10.95 -18.79 -63.70
CA ALA I 265 -11.35 -17.69 -62.83
C ALA I 265 -10.87 -16.39 -63.47
N CYS I 266 -11.77 -15.73 -64.20
CA CYS I 266 -11.45 -14.47 -64.88
C CYS I 266 -11.51 -13.34 -63.86
N ILE I 267 -10.40 -13.16 -63.15
CA ILE I 267 -10.29 -12.10 -62.15
C ILE I 267 -9.89 -10.81 -62.86
N ARG I 268 -10.89 -10.00 -63.22
CA ARG I 268 -10.64 -8.75 -63.93
C ARG I 268 -9.85 -9.01 -65.22
N ALA I 269 -10.30 -10.02 -65.95
CA ALA I 269 -9.58 -10.43 -67.15
C ALA I 269 -9.66 -9.35 -68.22
N PRO I 270 -8.56 -9.01 -68.89
CA PRO I 270 -8.64 -8.05 -70.00
C PRO I 270 -9.38 -8.65 -71.19
N TYR I 271 -9.89 -7.76 -72.04
CA TYR I 271 -10.66 -8.14 -73.21
C TYR I 271 -9.86 -7.88 -74.47
N ILE I 272 -9.83 -8.86 -75.37
CA ILE I 272 -9.15 -8.73 -76.66
C ILE I 272 -10.10 -7.98 -77.59
N ARG I 273 -9.90 -6.67 -77.72
CA ARG I 273 -10.81 -5.85 -78.51
C ARG I 273 -10.78 -6.23 -79.98
N GLU I 274 -9.58 -6.45 -80.53
CA GLU I 274 -9.44 -6.78 -81.94
C GLU I 274 -8.24 -7.70 -82.11
N ILE I 275 -8.10 -8.23 -83.33
CA ILE I 275 -7.02 -9.14 -83.66
C ILE I 275 -6.11 -8.51 -84.71
N LYS I 281 -3.65 -18.30 -84.18
CA LYS I 281 -4.67 -19.31 -83.93
C LYS I 281 -5.16 -19.24 -82.49
N VAL I 282 -6.48 -19.22 -82.32
CA VAL I 282 -7.08 -19.11 -80.99
C VAL I 282 -7.08 -20.51 -80.36
N LEU I 283 -6.20 -20.71 -79.38
CA LEU I 283 -6.10 -22.02 -78.74
C LEU I 283 -7.39 -22.38 -78.01
N ALA I 284 -7.97 -21.43 -77.29
CA ALA I 284 -9.15 -21.69 -76.48
C ALA I 284 -10.11 -20.52 -76.57
N THR I 285 -11.38 -20.79 -76.28
CA THR I 285 -12.41 -19.77 -76.27
C THR I 285 -13.52 -20.20 -75.33
N PHE I 286 -14.30 -19.22 -74.89
CA PHE I 286 -15.44 -19.48 -74.02
C PHE I 286 -16.63 -18.61 -74.41
N ILE I 296 -12.95 -15.37 -77.15
CA ILE I 296 -11.56 -15.80 -77.14
C ILE I 296 -11.07 -15.94 -75.70
N ALA I 297 -10.44 -17.06 -75.40
CA ALA I 297 -9.93 -17.35 -74.06
C ALA I 297 -8.42 -17.44 -74.03
N ALA I 298 -7.82 -18.32 -74.85
CA ALA I 298 -6.38 -18.47 -74.94
C ALA I 298 -5.93 -18.25 -76.37
N VAL I 299 -4.85 -17.49 -76.55
CA VAL I 299 -4.30 -17.18 -77.86
C VAL I 299 -2.84 -17.59 -77.87
N GLU I 300 -2.45 -18.40 -78.85
CA GLU I 300 -1.07 -18.84 -79.00
C GLU I 300 -0.59 -18.43 -80.40
N GLN I 301 0.53 -17.73 -80.45
CA GLN I 301 1.12 -17.27 -81.70
C GLN I 301 2.62 -17.40 -81.61
N ASN I 302 3.20 -18.24 -82.47
CA ASN I 302 4.64 -18.49 -82.48
C ASN I 302 5.02 -18.99 -81.09
N ASN I 303 6.03 -18.42 -80.43
CA ASN I 303 6.46 -18.86 -79.11
C ASN I 303 5.64 -18.24 -77.98
N CYS I 304 4.74 -17.32 -78.28
CA CYS I 304 4.01 -16.57 -77.27
C CYS I 304 2.67 -17.22 -76.98
N LEU I 305 2.34 -17.34 -75.70
CA LEU I 305 1.05 -17.85 -75.24
C LEU I 305 0.41 -16.80 -74.35
N GLY I 306 -0.90 -16.59 -74.54
CA GLY I 306 -1.62 -15.59 -73.77
C GLY I 306 -2.97 -16.06 -73.30
N THR I 307 -3.22 -15.94 -72.00
CA THR I 307 -4.49 -16.34 -71.39
C THR I 307 -5.02 -15.19 -70.56
N VAL I 308 -6.23 -14.73 -70.89
CA VAL I 308 -6.84 -13.65 -70.14
C VAL I 308 -7.34 -14.13 -68.78
N PHE I 309 -7.39 -15.44 -68.55
CA PHE I 309 -7.84 -16.00 -67.30
C PHE I 309 -6.64 -16.37 -66.42
N ASN I 310 -6.91 -16.96 -65.27
CA ASN I 310 -5.90 -17.28 -64.26
C ASN I 310 -5.97 -18.77 -63.94
N PRO I 311 -5.30 -19.62 -64.72
CA PRO I 311 -5.34 -21.06 -64.42
C PRO I 311 -4.81 -21.40 -63.04
N GLU I 312 -3.80 -20.69 -62.54
CA GLU I 312 -3.19 -21.02 -61.27
C GLU I 312 -4.13 -20.80 -60.08
N LEU I 313 -5.26 -20.13 -60.28
CA LEU I 313 -6.24 -19.95 -59.23
C LEU I 313 -7.18 -21.13 -59.07
N LEU I 314 -7.06 -22.16 -59.92
CA LEU I 314 -7.89 -23.34 -59.86
C LEU I 314 -7.04 -24.58 -59.60
N PRO I 315 -7.60 -25.62 -58.99
CA PRO I 315 -6.79 -26.81 -58.67
C PRO I 315 -6.11 -27.44 -59.87
N HIS I 316 -6.80 -27.51 -61.01
CA HIS I 316 -6.24 -28.21 -62.16
C HIS I 316 -5.05 -27.44 -62.72
N THR I 317 -4.02 -28.19 -63.13
CA THR I 317 -2.78 -27.63 -63.64
C THR I 317 -2.55 -28.04 -65.09
N ALA I 318 -3.65 -28.17 -65.86
CA ALA I 318 -3.52 -28.59 -67.24
C ALA I 318 -2.74 -27.58 -68.07
N PHE I 319 -3.01 -26.29 -67.88
CA PHE I 319 -2.34 -25.28 -68.68
C PHE I 319 -0.86 -25.16 -68.34
N GLN I 320 -0.50 -25.34 -67.06
CA GLN I 320 0.91 -25.30 -66.69
C GLN I 320 1.69 -26.40 -67.40
N GLN I 321 1.11 -27.61 -67.48
CA GLN I 321 1.74 -28.68 -68.25
C GLN I 321 1.75 -28.35 -69.74
N TYR I 322 0.75 -27.62 -70.22
CA TYR I 322 0.72 -27.23 -71.63
C TYR I 322 1.91 -26.37 -71.98
N PHE I 323 2.24 -25.40 -71.12
CA PHE I 323 3.39 -24.54 -71.39
C PHE I 323 4.70 -25.30 -71.21
N TYR I 324 4.75 -26.25 -70.26
CA TYR I 324 5.94 -27.07 -70.12
C TYR I 324 6.21 -27.86 -71.39
N GLU I 325 5.17 -28.41 -72.00
CA GLU I 325 5.32 -29.06 -73.29
C GLU I 325 5.80 -28.07 -74.34
N LYS I 326 5.27 -26.85 -74.30
CA LYS I 326 5.73 -25.82 -75.24
C LYS I 326 7.20 -25.51 -75.02
N VAL I 327 7.64 -25.40 -73.76
CA VAL I 327 9.04 -25.15 -73.48
C VAL I 327 9.90 -26.30 -73.97
N LYS I 328 9.45 -27.54 -73.73
CA LYS I 328 10.20 -28.70 -74.20
C LYS I 328 10.29 -28.70 -75.73
N ASN I 329 9.29 -28.14 -76.42
CA ASN I 329 9.32 -28.11 -77.87
C ASN I 329 10.51 -27.29 -78.37
N TYR I 330 10.79 -26.16 -77.73
CA TYR I 330 11.91 -25.32 -78.12
C TYR I 330 13.24 -26.03 -77.87
N ILE J 118 71.51 -5.57 -26.18
CA ILE J 118 70.47 -6.53 -26.52
C ILE J 118 69.12 -6.01 -26.02
N THR J 119 68.76 -4.82 -26.49
CA THR J 119 67.49 -4.18 -26.12
C THR J 119 66.87 -3.60 -27.37
N ILE J 120 65.71 -4.15 -27.77
CA ILE J 120 64.96 -3.67 -28.93
C ILE J 120 63.68 -3.03 -28.42
N GLY J 121 63.18 -2.06 -29.19
CA GLY J 121 61.98 -1.34 -28.82
C GLY J 121 60.95 -1.41 -29.94
N VAL J 122 59.70 -1.17 -29.55
CA VAL J 122 58.57 -1.17 -30.47
C VAL J 122 57.93 0.21 -30.41
N LEU J 123 57.87 0.89 -31.54
CA LEU J 123 57.22 2.20 -31.58
C LEU J 123 55.75 2.05 -31.19
N SER J 124 55.34 2.72 -30.13
CA SER J 124 54.04 2.52 -29.51
C SER J 124 53.21 3.79 -29.54
N LEU J 125 53.25 4.52 -30.65
CA LEU J 125 52.34 5.63 -30.89
C LEU J 125 51.21 5.25 -31.82
N GLN J 126 51.02 3.96 -32.07
CA GLN J 126 50.03 3.46 -33.02
C GLN J 126 49.53 2.12 -32.51
N GLY J 127 48.88 1.35 -33.39
CA GLY J 127 48.42 0.02 -33.05
C GLY J 127 49.36 -1.06 -33.55
N ASP J 128 49.08 -2.28 -33.10
CA ASP J 128 49.82 -3.49 -33.45
C ASP J 128 51.19 -3.55 -32.80
N PHE J 129 51.47 -2.72 -31.80
CA PHE J 129 52.72 -2.88 -31.06
C PHE J 129 52.65 -4.06 -30.10
N GLU J 130 51.47 -4.36 -29.55
CA GLU J 130 51.34 -5.45 -28.59
C GLU J 130 51.68 -6.80 -29.23
N PRO J 131 51.12 -7.18 -30.37
CA PRO J 131 51.52 -8.47 -30.97
C PRO J 131 53.02 -8.56 -31.24
N HIS J 132 53.65 -7.47 -31.66
CA HIS J 132 55.10 -7.50 -31.87
C HIS J 132 55.84 -7.78 -30.57
N ILE J 133 55.44 -7.12 -29.49
CA ILE J 133 56.09 -7.36 -28.21
C ILE J 133 55.81 -8.78 -27.73
N ASN J 134 54.59 -9.27 -27.97
CA ASN J 134 54.23 -10.62 -27.51
C ASN J 134 55.14 -11.67 -28.14
N HIS J 135 55.35 -11.57 -29.45
CA HIS J 135 56.13 -12.61 -30.14
C HIS J 135 57.62 -12.48 -29.85
N PHE J 136 58.12 -11.26 -29.69
CA PHE J 136 59.51 -11.08 -29.30
C PHE J 136 59.76 -11.70 -27.92
N ILE J 137 58.85 -11.49 -26.98
CA ILE J 137 58.97 -12.13 -25.67
C ILE J 137 58.79 -13.63 -25.80
N LYS J 138 57.86 -14.06 -26.66
CA LYS J 138 57.62 -15.49 -26.85
C LYS J 138 58.85 -16.21 -27.39
N LEU J 139 59.82 -15.47 -27.94
CA LEU J 139 61.06 -16.09 -28.39
C LEU J 139 61.86 -16.63 -27.21
N GLN J 140 61.59 -16.16 -26.00
CA GLN J 140 62.18 -16.68 -24.77
C GLN J 140 63.72 -16.57 -24.80
N ILE J 141 64.17 -15.32 -24.81
CA ILE J 141 65.60 -15.01 -24.65
C ILE J 141 65.75 -14.11 -23.43
N PRO J 142 66.38 -14.58 -22.35
CA PRO J 142 66.50 -13.71 -21.16
C PRO J 142 67.26 -12.42 -21.43
N SER J 143 68.26 -12.46 -22.30
CA SER J 143 69.02 -11.25 -22.61
C SER J 143 68.20 -10.26 -23.42
N LEU J 144 67.23 -10.75 -24.19
CA LEU J 144 66.41 -9.88 -25.04
C LEU J 144 65.31 -9.25 -24.22
N ASN J 145 65.29 -7.92 -24.16
CA ASN J 145 64.29 -7.16 -23.43
C ASN J 145 63.60 -6.18 -24.39
N ILE J 146 62.28 -6.07 -24.26
CA ILE J 146 61.47 -5.25 -25.16
C ILE J 146 60.80 -4.17 -24.33
N ILE J 147 60.89 -2.92 -24.82
CA ILE J 147 60.27 -1.78 -24.17
C ILE J 147 59.52 -0.96 -25.21
N GLN J 148 58.47 -0.27 -24.77
CA GLN J 148 57.73 0.61 -25.66
C GLN J 148 58.54 1.86 -25.98
N VAL J 149 58.38 2.37 -27.19
CA VAL J 149 59.08 3.54 -27.67
C VAL J 149 58.04 4.56 -28.11
N ARG J 150 57.87 5.62 -27.33
CA ARG J 150 56.97 6.71 -27.67
C ARG J 150 57.63 8.08 -27.61
N ASN J 151 58.87 8.18 -27.14
CA ASN J 151 59.55 9.45 -26.99
C ASN J 151 61.03 9.27 -27.32
N VAL J 152 61.76 10.38 -27.34
CA VAL J 152 63.18 10.33 -27.70
C VAL J 152 63.96 9.53 -26.65
N HIS J 153 63.57 9.65 -25.39
CA HIS J 153 64.28 8.94 -24.33
C HIS J 153 64.26 7.44 -24.55
N ASP J 154 63.09 6.88 -24.87
CA ASP J 154 63.00 5.46 -25.15
C ASP J 154 63.77 5.09 -26.40
N LEU J 155 63.73 5.94 -27.43
CA LEU J 155 64.41 5.63 -28.68
C LEU J 155 65.91 5.49 -28.45
N GLY J 156 66.50 6.38 -27.66
CA GLY J 156 67.92 6.28 -27.34
C GLY J 156 68.25 5.16 -26.38
N LEU J 157 67.26 4.66 -25.63
CA LEU J 157 67.51 3.58 -24.69
C LEU J 157 67.74 2.26 -25.42
N CYS J 158 67.00 2.02 -26.50
CA CYS J 158 67.08 0.77 -27.24
C CYS J 158 68.20 0.80 -28.26
N ASP J 159 68.70 -0.38 -28.59
CA ASP J 159 69.70 -0.54 -29.64
C ASP J 159 69.10 -0.85 -31.00
N GLY J 160 67.84 -1.27 -31.04
CA GLY J 160 67.14 -1.49 -32.29
C GLY J 160 65.78 -0.82 -32.28
N LEU J 161 64.90 -1.20 -33.22
CA LEU J 161 63.56 -0.64 -33.26
C LEU J 161 62.75 -1.40 -34.29
N VAL J 162 61.47 -1.62 -33.98
CA VAL J 162 60.53 -2.24 -34.91
C VAL J 162 59.27 -1.38 -34.92
N ILE J 163 58.89 -0.87 -36.09
CA ILE J 163 57.71 -0.03 -36.23
C ILE J 163 56.52 -0.94 -36.53
N PRO J 164 55.52 -1.01 -35.67
CA PRO J 164 54.38 -1.90 -35.93
C PRO J 164 53.53 -1.40 -37.07
N GLY J 165 52.74 -2.31 -37.63
CA GLY J 165 51.89 -2.00 -38.76
C GLY J 165 50.60 -1.29 -38.36
N GLY J 166 50.74 -0.16 -37.69
CA GLY J 166 49.58 0.65 -37.35
C GLY J 166 49.13 1.49 -38.53
N GLU J 167 48.77 2.74 -38.26
CA GLU J 167 48.39 3.67 -39.31
C GLU J 167 49.59 4.55 -39.66
N SER J 168 49.91 4.63 -40.95
CA SER J 168 51.03 5.46 -41.38
C SER J 168 50.78 6.93 -41.05
N THR J 169 49.57 7.42 -41.29
CA THR J 169 49.25 8.80 -40.98
C THR J 169 49.36 9.08 -39.49
N THR J 170 48.83 8.17 -38.67
CA THR J 170 48.88 8.38 -37.22
C THR J 170 50.32 8.41 -36.72
N VAL J 171 51.14 7.48 -37.22
CA VAL J 171 52.53 7.40 -36.76
C VAL J 171 53.26 8.68 -37.10
N ARG J 172 53.07 9.19 -38.32
CA ARG J 172 53.80 10.39 -38.74
C ARG J 172 53.36 11.61 -37.96
N ARG J 173 52.05 11.79 -37.77
CA ARG J 173 51.59 12.94 -37.00
C ARG J 173 52.09 12.87 -35.57
N CYS J 174 51.99 11.70 -34.94
CA CYS J 174 52.47 11.56 -33.57
C CYS J 174 53.98 11.69 -33.49
N CYS J 175 54.69 11.39 -34.58
CA CYS J 175 56.13 11.58 -34.64
C CYS J 175 56.52 13.02 -34.95
N ALA J 176 55.55 13.89 -35.21
CA ALA J 176 55.81 15.30 -35.52
C ALA J 176 55.37 16.21 -34.38
N TYR J 177 55.60 15.77 -33.14
CA TYR J 177 55.24 16.54 -31.96
C TYR J 177 56.42 17.39 -31.52
N GLU J 178 56.12 18.65 -31.18
CA GLU J 178 57.14 19.60 -30.73
C GLU J 178 58.22 19.77 -31.80
N GLN J 179 57.77 20.20 -32.99
CA GLN J 179 58.67 20.51 -34.10
C GLN J 179 59.50 19.29 -34.50
N ASP J 180 58.80 18.19 -34.80
CA ASP J 180 59.41 16.99 -35.34
C ASP J 180 60.52 16.47 -34.42
N THR J 181 60.32 16.58 -33.11
CA THR J 181 61.33 16.12 -32.17
C THR J 181 61.58 14.63 -32.31
N LEU J 182 60.50 13.82 -32.29
CA LEU J 182 60.66 12.38 -32.45
C LEU J 182 61.07 12.03 -33.88
N TYR J 183 60.51 12.71 -34.87
CA TYR J 183 60.84 12.42 -36.26
C TYR J 183 62.33 12.63 -36.52
N ASN J 184 62.88 13.74 -36.04
CA ASN J 184 64.30 13.99 -36.21
C ASN J 184 65.14 12.94 -35.48
N ALA J 185 64.69 12.53 -34.29
CA ALA J 185 65.42 11.52 -33.54
C ALA J 185 65.45 10.20 -34.30
N LEU J 186 64.32 9.78 -34.87
CA LEU J 186 64.29 8.57 -35.67
C LEU J 186 65.16 8.70 -36.91
N VAL J 187 65.09 9.85 -37.58
CA VAL J 187 65.96 10.09 -38.73
C VAL J 187 67.42 10.00 -38.30
N HIS J 188 67.75 10.63 -37.17
CA HIS J 188 69.11 10.54 -36.66
C HIS J 188 69.41 9.13 -36.16
N PHE J 189 68.36 8.37 -35.84
CA PHE J 189 68.57 6.98 -35.44
C PHE J 189 68.91 6.10 -36.63
N ILE J 190 68.26 6.34 -37.76
CA ILE J 190 68.42 5.48 -38.94
C ILE J 190 69.59 5.94 -39.81
N HIS J 191 69.72 7.25 -40.02
CA HIS J 191 70.66 7.78 -41.00
C HIS J 191 72.00 8.19 -40.39
N VAL J 192 72.19 8.06 -39.09
CA VAL J 192 73.46 8.44 -38.47
C VAL J 192 74.07 7.25 -37.75
N LEU J 193 73.38 6.75 -36.73
CA LEU J 193 73.88 5.56 -36.04
C LEU J 193 73.73 4.30 -36.87
N LYS J 194 72.86 4.31 -37.88
CA LYS J 194 72.65 3.16 -38.76
C LYS J 194 72.23 1.94 -37.97
N LYS J 195 71.52 2.16 -36.86
CA LYS J 195 71.11 1.06 -36.01
C LYS J 195 70.03 0.23 -36.68
N PRO J 196 69.91 -1.06 -36.31
CA PRO J 196 68.91 -1.91 -36.94
C PRO J 196 67.50 -1.36 -36.74
N ILE J 197 66.67 -1.52 -37.77
CA ILE J 197 65.28 -1.05 -37.71
C ILE J 197 64.44 -1.98 -38.59
N TRP J 198 63.17 -2.11 -38.23
CA TRP J 198 62.24 -2.98 -38.95
C TRP J 198 60.94 -2.21 -39.20
N GLY J 199 60.35 -2.45 -40.36
CA GLY J 199 59.07 -1.84 -40.71
C GLY J 199 58.10 -2.83 -41.32
N THR J 200 56.94 -3.00 -40.68
CA THR J 200 55.91 -3.89 -41.16
C THR J 200 54.69 -3.08 -41.60
N CYS J 201 54.05 -3.54 -42.67
CA CYS J 201 52.89 -2.84 -43.21
C CYS J 201 53.19 -1.35 -43.35
N ALA J 202 52.62 -0.51 -42.48
CA ALA J 202 52.92 0.91 -42.53
C ALA J 202 54.40 1.18 -42.30
N GLY J 203 55.11 0.26 -41.64
CA GLY J 203 56.54 0.45 -41.44
C GLY J 203 57.29 0.57 -42.74
N CYS J 204 56.96 -0.27 -43.72
CA CYS J 204 57.59 -0.16 -45.03
C CYS J 204 57.25 1.16 -45.70
N ILE J 205 56.02 1.64 -45.51
CA ILE J 205 55.63 2.92 -46.09
C ILE J 205 56.52 4.03 -45.54
N LEU J 206 56.76 4.02 -44.22
CA LEU J 206 57.60 5.05 -43.61
C LEU J 206 59.08 4.82 -43.88
N LEU J 207 59.52 3.57 -44.00
CA LEU J 207 60.91 3.26 -44.29
C LEU J 207 61.26 3.39 -45.77
N SER J 208 60.26 3.54 -46.64
CA SER J 208 60.52 3.64 -48.06
C SER J 208 61.08 5.02 -48.42
N LYS J 209 61.78 5.06 -49.56
CA LYS J 209 62.37 6.32 -50.01
C LYS J 209 61.29 7.37 -50.27
N ASN J 210 60.21 6.97 -50.93
CA ASN J 210 59.11 7.87 -51.22
C ASN J 210 57.94 7.07 -51.74
N VAL J 211 56.73 7.49 -51.38
CA VAL J 211 55.50 6.81 -51.77
C VAL J 211 54.65 7.78 -52.59
N GLU J 212 53.61 7.23 -53.21
CA GLU J 212 52.75 7.99 -54.10
C GLU J 212 51.30 7.56 -53.85
N ASN J 213 50.41 7.91 -54.77
CA ASN J 213 48.97 7.69 -54.60
C ASN J 213 48.42 8.51 -53.43
N ILE J 214 49.07 9.64 -53.14
CA ILE J 214 48.61 10.55 -52.10
C ILE J 214 47.91 11.69 -52.84
N LYS J 215 46.58 11.59 -52.94
CA LYS J 215 45.81 12.58 -53.68
C LYS J 215 45.92 13.96 -53.03
N LEU J 216 45.86 14.01 -51.71
CA LEU J 216 45.96 15.30 -51.01
C LEU J 216 47.37 15.85 -51.17
N TYR J 217 47.46 17.13 -51.54
CA TYR J 217 48.75 17.77 -51.80
C TYR J 217 49.34 18.24 -50.48
N SER J 218 49.89 17.30 -49.73
CA SER J 218 50.47 17.62 -48.44
C SER J 218 51.82 18.32 -48.62
N ASN J 219 52.10 19.26 -47.72
CA ASN J 219 53.38 19.97 -47.75
C ASN J 219 54.54 19.10 -47.30
N PHE J 220 54.27 17.91 -46.75
CA PHE J 220 55.36 17.03 -46.32
C PHE J 220 56.25 16.66 -47.50
N GLY J 221 55.65 16.31 -48.64
CA GLY J 221 56.45 15.90 -49.77
C GLY J 221 57.20 14.62 -49.47
N ASN J 222 58.51 14.63 -49.70
CA ASN J 222 59.34 13.45 -49.54
C ASN J 222 59.80 13.20 -48.11
N LYS J 223 59.58 14.15 -47.20
CA LYS J 223 59.97 13.97 -45.81
C LYS J 223 58.90 13.27 -44.98
N PHE J 224 57.76 12.92 -45.58
CA PHE J 224 56.75 12.16 -44.86
C PHE J 224 57.29 10.80 -44.44
N SER J 225 58.04 10.15 -45.32
CA SER J 225 58.60 8.83 -45.04
C SER J 225 59.98 8.98 -44.42
N PHE J 226 60.28 8.11 -43.44
CA PHE J 226 61.59 8.14 -42.81
C PHE J 226 62.69 7.87 -43.82
N GLY J 227 62.49 6.89 -44.69
CA GLY J 227 63.50 6.48 -45.64
C GLY J 227 64.37 5.36 -45.10
N GLY J 228 65.21 4.84 -45.99
CA GLY J 228 66.11 3.75 -45.64
C GLY J 228 66.06 2.62 -46.64
N LEU J 229 64.89 2.35 -47.19
CA LEU J 229 64.68 1.32 -48.20
C LEU J 229 64.41 2.02 -49.52
N ASP J 230 65.31 1.85 -50.49
CA ASP J 230 65.22 2.51 -51.78
C ASP J 230 64.17 1.78 -52.62
N ILE J 231 62.91 2.07 -52.33
CA ILE J 231 61.77 1.45 -53.01
C ILE J 231 60.61 2.43 -53.00
N THR J 232 59.59 2.13 -53.80
CA THR J 232 58.36 2.90 -53.85
C THR J 232 57.21 2.01 -53.38
N ILE J 233 56.27 2.61 -52.65
CA ILE J 233 55.20 1.87 -51.98
C ILE J 233 53.86 2.46 -52.38
N CYS J 234 52.91 1.60 -52.73
CA CYS J 234 51.52 1.97 -52.98
C CYS J 234 50.65 1.29 -51.93
N ARG J 235 50.20 2.07 -50.94
CA ARG J 235 49.39 1.49 -49.88
C ARG J 235 48.08 0.93 -50.41
N ASN J 236 47.43 1.64 -51.32
CA ASN J 236 46.17 1.19 -51.88
C ASN J 236 46.33 0.79 -53.34
N ASP J 243 41.02 -6.99 -49.65
CA ASP J 243 42.20 -6.24 -49.28
C ASP J 243 43.15 -7.09 -48.43
N SER J 244 42.68 -8.24 -47.97
CA SER J 244 43.46 -9.11 -47.10
C SER J 244 43.40 -10.54 -47.63
N PHE J 245 44.46 -11.29 -47.35
CA PHE J 245 44.55 -12.69 -47.75
C PHE J 245 45.80 -13.28 -47.13
N ILE J 246 45.95 -14.60 -47.25
CA ILE J 246 47.08 -15.32 -46.71
C ILE J 246 48.09 -15.55 -47.82
N CYS J 247 49.35 -15.18 -47.57
CA CYS J 247 50.40 -15.19 -48.58
C CYS J 247 51.46 -16.22 -48.20
N SER J 248 51.83 -17.05 -49.16
CA SER J 248 52.86 -18.08 -48.95
C SER J 248 54.24 -17.44 -49.13
N LEU J 249 55.10 -17.59 -48.12
CA LEU J 249 56.41 -16.94 -48.12
C LEU J 249 57.41 -17.85 -48.83
N ASN J 250 57.61 -17.58 -50.12
CA ASN J 250 58.63 -18.29 -50.90
C ASN J 250 59.96 -17.57 -50.70
N ILE J 251 60.60 -17.85 -49.57
CA ILE J 251 61.83 -17.16 -49.21
C ILE J 251 62.89 -17.44 -50.26
N ILE J 252 63.62 -16.39 -50.64
CA ILE J 252 64.68 -16.51 -51.63
C ILE J 252 66.03 -16.27 -50.99
N ALA J 264 51.91 -15.74 -43.72
CA ALA J 264 51.92 -14.29 -43.88
C ALA J 264 50.51 -13.75 -44.06
N ALA J 265 50.00 -13.08 -43.04
CA ALA J 265 48.66 -12.49 -43.08
C ALA J 265 48.81 -11.08 -43.64
N CYS J 266 48.62 -10.96 -44.95
CA CYS J 266 48.80 -9.68 -45.65
C CYS J 266 47.53 -8.85 -45.49
N ILE J 267 47.38 -8.29 -44.29
CA ILE J 267 46.21 -7.49 -43.95
C ILE J 267 46.39 -6.11 -44.57
N ARG J 268 45.70 -5.86 -45.68
CA ARG J 268 45.79 -4.58 -46.37
C ARG J 268 47.24 -4.22 -46.65
N ALA J 269 48.01 -5.23 -47.06
CA ALA J 269 49.44 -5.04 -47.22
C ALA J 269 49.73 -4.03 -48.33
N PRO J 270 50.66 -3.10 -48.12
CA PRO J 270 51.05 -2.19 -49.20
C PRO J 270 51.81 -2.91 -50.30
N TYR J 271 51.80 -2.31 -51.48
CA TYR J 271 52.43 -2.89 -52.66
C TYR J 271 53.66 -2.07 -53.03
N ILE J 272 54.78 -2.77 -53.23
CA ILE J 272 56.03 -2.14 -53.67
C ILE J 272 55.95 -2.01 -55.19
N ARG J 273 55.62 -0.80 -55.67
CA ARG J 273 55.43 -0.61 -57.11
C ARG J 273 56.72 -0.86 -57.87
N GLU J 274 57.84 -0.33 -57.37
CA GLU J 274 59.11 -0.47 -58.07
C GLU J 274 60.24 -0.33 -57.06
N ILE J 275 61.42 -0.82 -57.46
CA ILE J 275 62.61 -0.74 -56.61
C ILE J 275 63.38 0.53 -56.92
N LYS J 281 68.04 -5.41 -51.83
CA LYS J 281 68.10 -6.86 -51.68
C LYS J 281 66.80 -7.36 -51.06
N VAL J 282 66.31 -8.51 -51.53
CA VAL J 282 65.00 -9.03 -51.14
C VAL J 282 65.22 -10.36 -50.41
N LEU J 283 64.74 -10.43 -49.16
CA LEU J 283 64.85 -11.67 -48.40
C LEU J 283 63.92 -12.75 -48.94
N ALA J 284 62.66 -12.39 -49.20
CA ALA J 284 61.63 -13.37 -49.53
C ALA J 284 60.65 -12.76 -50.51
N THR J 285 59.85 -13.63 -51.13
CA THR J 285 58.85 -13.21 -52.10
C THR J 285 57.64 -14.15 -51.98
N PHE J 286 56.49 -13.65 -52.41
CA PHE J 286 55.26 -14.43 -52.41
C PHE J 286 54.52 -14.25 -53.73
N ILE J 296 57.41 -9.75 -54.17
CA ILE J 296 58.22 -9.27 -53.06
C ILE J 296 57.48 -9.47 -51.74
N ALA J 297 58.17 -10.06 -50.76
CA ALA J 297 57.61 -10.27 -49.43
C ALA J 297 58.41 -9.56 -48.35
N ALA J 298 59.71 -9.79 -48.29
CA ALA J 298 60.59 -9.18 -47.30
C ALA J 298 61.81 -8.60 -47.99
N VAL J 299 62.19 -7.38 -47.58
CA VAL J 299 63.31 -6.67 -48.18
C VAL J 299 64.19 -6.12 -47.07
N GLU J 300 65.48 -6.42 -47.13
CA GLU J 300 66.46 -5.87 -46.20
C GLU J 300 67.50 -5.08 -47.00
N GLN J 301 67.71 -3.82 -46.61
CA GLN J 301 68.71 -2.97 -47.25
C GLN J 301 69.50 -2.27 -46.16
N ASN J 302 70.79 -2.61 -46.07
CA ASN J 302 71.69 -2.06 -45.04
C ASN J 302 71.15 -2.45 -43.68
N ASN J 303 70.75 -1.52 -42.82
CA ASN J 303 70.26 -1.83 -41.49
C ASN J 303 68.75 -1.88 -41.40
N CYS J 304 68.04 -1.69 -42.52
CA CYS J 304 66.60 -1.58 -42.53
C CYS J 304 65.98 -2.86 -43.09
N LEU J 305 64.98 -3.38 -42.38
CA LEU J 305 64.21 -4.54 -42.82
C LEU J 305 62.77 -4.09 -43.09
N GLY J 306 62.17 -4.64 -44.13
CA GLY J 306 60.82 -4.26 -44.50
C GLY J 306 59.97 -5.43 -44.96
N THR J 307 58.81 -5.61 -44.33
CA THR J 307 57.89 -6.70 -44.66
C THR J 307 56.52 -6.10 -44.93
N VAL J 308 55.98 -6.38 -46.13
CA VAL J 308 54.65 -5.88 -46.46
C VAL J 308 53.56 -6.66 -45.74
N PHE J 309 53.89 -7.84 -45.21
CA PHE J 309 52.93 -8.67 -44.50
C PHE J 309 53.10 -8.48 -42.99
N ASN J 310 52.35 -9.27 -42.22
CA ASN J 310 52.31 -9.17 -40.76
C ASN J 310 52.77 -10.48 -40.14
N PRO J 311 54.07 -10.63 -39.85
CA PRO J 311 54.52 -11.85 -39.18
C PRO J 311 53.86 -12.08 -37.84
N GLU J 312 53.56 -11.01 -37.10
CA GLU J 312 53.05 -11.13 -35.75
C GLU J 312 51.63 -11.67 -35.68
N LEU J 313 50.94 -11.80 -36.82
CA LEU J 313 49.59 -12.34 -36.83
C LEU J 313 49.55 -13.86 -36.97
N LEU J 314 50.70 -14.52 -37.06
CA LEU J 314 50.77 -15.97 -37.18
C LEU J 314 51.52 -16.57 -35.99
N PRO J 315 51.23 -17.83 -35.64
CA PRO J 315 51.91 -18.42 -34.48
C PRO J 315 53.42 -18.43 -34.60
N HIS J 316 53.95 -18.71 -35.79
CA HIS J 316 55.40 -18.84 -35.93
C HIS J 316 56.09 -17.49 -35.73
N THR J 317 57.24 -17.52 -35.07
CA THR J 317 58.01 -16.32 -34.75
C THR J 317 59.38 -16.36 -35.40
N ALA J 318 59.45 -16.94 -36.61
CA ALA J 318 60.74 -17.05 -37.30
C ALA J 318 61.31 -15.68 -37.61
N PHE J 319 60.48 -14.75 -38.07
CA PHE J 319 60.98 -13.44 -38.46
C PHE J 319 61.35 -12.58 -37.26
N GLN J 320 60.65 -12.72 -36.14
CA GLN J 320 61.03 -11.99 -34.94
C GLN J 320 62.44 -12.37 -34.50
N GLN J 321 62.77 -13.66 -34.56
CA GLN J 321 64.13 -14.08 -34.28
C GLN J 321 65.10 -13.56 -35.33
N TYR J 322 64.66 -13.45 -36.58
CA TYR J 322 65.54 -12.98 -37.65
C TYR J 322 65.99 -11.55 -37.37
N PHE J 323 65.07 -10.68 -36.95
CA PHE J 323 65.46 -9.31 -36.61
C PHE J 323 66.31 -9.29 -35.35
N TYR J 324 66.02 -10.16 -34.39
CA TYR J 324 66.88 -10.25 -33.21
C TYR J 324 68.30 -10.62 -33.59
N GLU J 325 68.45 -11.59 -34.50
CA GLU J 325 69.78 -11.91 -35.03
C GLU J 325 70.36 -10.71 -35.76
N LYS J 326 69.54 -9.98 -36.51
CA LYS J 326 70.01 -8.76 -37.16
C LYS J 326 70.48 -7.74 -36.14
N VAL J 327 69.73 -7.57 -35.04
CA VAL J 327 70.15 -6.65 -34.00
C VAL J 327 71.45 -7.11 -33.36
N LYS J 328 71.56 -8.42 -33.09
CA LYS J 328 72.79 -8.95 -32.51
C LYS J 328 73.99 -8.68 -33.42
N ASN J 329 73.77 -8.67 -34.74
CA ASN J 329 74.86 -8.39 -35.67
C ASN J 329 75.45 -7.01 -35.43
N TYR J 330 74.59 -6.02 -35.21
CA TYR J 330 75.04 -4.65 -34.96
C TYR J 330 75.75 -4.56 -33.61
N THR K 119 -64.69 35.74 5.19
CA THR K 119 -63.37 35.43 4.66
C THR K 119 -62.47 36.65 4.69
N ILE K 120 -61.25 36.48 5.23
CA ILE K 120 -60.29 37.56 5.36
C ILE K 120 -58.97 37.08 4.78
N GLY K 121 -58.13 38.04 4.37
CA GLY K 121 -56.85 37.72 3.79
C GLY K 121 -55.75 38.57 4.38
N VAL K 122 -54.53 38.08 4.21
CA VAL K 122 -53.31 38.77 4.66
C VAL K 122 -52.44 39.02 3.44
N LEU K 123 -52.06 40.28 3.22
CA LEU K 123 -51.23 40.62 2.08
C LEU K 123 -49.87 39.96 2.25
N SER K 124 -49.61 38.93 1.45
CA SER K 124 -48.42 38.09 1.61
C SER K 124 -47.33 38.43 0.61
N LEU K 125 -47.22 39.69 0.21
CA LEU K 125 -46.12 40.15 -0.63
C LEU K 125 -44.93 40.63 0.20
N GLN K 126 -45.00 40.55 1.52
CA GLN K 126 -43.96 41.05 2.40
C GLN K 126 -43.80 40.02 3.53
N GLY K 127 -43.10 40.42 4.60
CA GLY K 127 -42.92 39.57 5.74
C GLY K 127 -43.96 39.82 6.82
N ASP K 128 -43.97 38.92 7.81
CA ASP K 128 -44.83 38.96 8.98
C ASP K 128 -46.27 38.53 8.68
N PHE K 129 -46.55 38.01 7.49
CA PHE K 129 -47.90 37.51 7.21
C PHE K 129 -48.19 36.23 7.99
N GLU K 130 -47.19 35.36 8.14
CA GLU K 130 -47.43 34.09 8.82
C GLU K 130 -47.89 34.29 10.26
N PRO K 131 -47.23 35.11 11.08
CA PRO K 131 -47.77 35.34 12.44
C PRO K 131 -49.20 35.88 12.44
N HIS K 132 -49.53 36.75 11.49
CA HIS K 132 -50.90 37.27 11.42
C HIS K 132 -51.89 36.15 11.12
N ILE K 133 -51.55 35.28 10.16
CA ILE K 133 -52.45 34.17 9.83
C ILE K 133 -52.57 33.21 11.01
N ASN K 134 -51.43 32.89 11.65
CA ASN K 134 -51.45 31.91 12.73
C ASN K 134 -52.32 32.39 13.88
N HIS K 135 -52.20 33.65 14.28
CA HIS K 135 -52.98 34.16 15.40
C HIS K 135 -54.45 34.30 15.05
N PHE K 136 -54.76 34.64 13.79
CA PHE K 136 -56.15 34.67 13.36
C PHE K 136 -56.76 33.28 13.45
N ILE K 137 -56.02 32.25 13.03
CA ILE K 137 -56.53 30.88 13.09
C ILE K 137 -56.69 30.43 14.54
N LYS K 138 -55.78 30.88 15.41
CA LYS K 138 -55.82 30.44 16.80
C LYS K 138 -57.15 30.76 17.47
N LEU K 139 -57.85 31.78 17.00
CA LEU K 139 -59.13 32.14 17.57
C LEU K 139 -60.15 31.01 17.46
N GLN K 140 -59.96 30.11 16.49
CA GLN K 140 -60.73 28.86 16.38
C GLN K 140 -62.23 29.16 16.25
N ILE K 141 -62.56 29.79 15.13
CA ILE K 141 -63.93 30.01 14.68
C ILE K 141 -64.09 29.31 13.34
N PRO K 142 -64.94 28.28 13.21
CA PRO K 142 -65.01 27.55 11.94
C PRO K 142 -65.43 28.42 10.76
N SER K 143 -66.31 29.40 10.99
CA SER K 143 -66.79 30.24 9.90
C SER K 143 -65.73 31.19 9.37
N LEU K 144 -64.61 31.33 10.07
CA LEU K 144 -63.57 32.29 9.70
C LEU K 144 -62.45 31.54 8.98
N ASN K 145 -62.14 31.98 7.76
CA ASN K 145 -61.07 31.39 6.96
C ASN K 145 -60.11 32.49 6.53
N ILE K 146 -58.83 32.13 6.42
CA ILE K 146 -57.77 33.07 6.11
C ILE K 146 -57.02 32.58 4.88
N ILE K 147 -56.73 33.50 3.96
CA ILE K 147 -55.99 33.21 2.74
C ILE K 147 -54.88 34.24 2.59
N GLN K 148 -54.03 34.02 1.58
CA GLN K 148 -52.94 34.92 1.27
C GLN K 148 -53.30 35.76 0.05
N VAL K 149 -53.12 37.07 0.16
CA VAL K 149 -53.47 38.01 -0.89
C VAL K 149 -52.18 38.51 -1.52
N ARG K 150 -51.97 38.16 -2.78
CA ARG K 150 -50.84 38.65 -3.55
C ARG K 150 -51.22 39.19 -4.92
N ASN K 151 -52.44 38.92 -5.39
CA ASN K 151 -52.88 39.33 -6.71
C ASN K 151 -54.31 39.86 -6.60
N VAL K 152 -54.78 40.46 -7.70
CA VAL K 152 -56.12 41.04 -7.71
C VAL K 152 -57.16 39.97 -7.44
N HIS K 153 -56.95 38.77 -7.97
CA HIS K 153 -57.92 37.69 -7.79
C HIS K 153 -58.15 37.39 -6.31
N ASP K 154 -57.06 37.27 -5.55
CA ASP K 154 -57.20 37.04 -4.12
C ASP K 154 -57.85 38.24 -3.43
N LEU K 155 -57.49 39.45 -3.85
CA LEU K 155 -58.07 40.66 -3.25
C LEU K 155 -59.59 40.63 -3.35
N GLY K 156 -60.12 40.24 -4.50
CA GLY K 156 -61.56 40.14 -4.66
C GLY K 156 -62.18 38.95 -3.95
N LEU K 157 -61.36 37.95 -3.60
CA LEU K 157 -61.89 36.77 -2.91
C LEU K 157 -62.21 37.07 -1.46
N CYS K 158 -61.45 37.94 -0.81
CA CYS K 158 -61.66 38.24 0.59
C CYS K 158 -62.74 39.30 0.77
N ASP K 159 -63.26 39.37 1.99
CA ASP K 159 -64.15 40.44 2.41
C ASP K 159 -63.44 41.49 3.26
N GLY K 160 -62.26 41.18 3.78
CA GLY K 160 -61.43 42.13 4.50
C GLY K 160 -59.99 42.03 4.06
N LEU K 161 -59.08 42.65 4.81
CA LEU K 161 -57.66 42.57 4.47
C LEU K 161 -56.85 43.16 5.60
N VAL K 162 -55.75 42.48 5.96
CA VAL K 162 -54.80 42.97 6.95
C VAL K 162 -53.42 43.01 6.30
N ILE K 163 -52.74 44.14 6.44
CA ILE K 163 -51.42 44.33 5.85
C ILE K 163 -50.38 43.97 6.91
N PRO K 164 -49.63 42.88 6.74
CA PRO K 164 -48.65 42.50 7.77
C PRO K 164 -47.53 43.51 7.89
N GLY K 165 -46.92 43.53 9.07
CA GLY K 165 -45.89 44.51 9.39
C GLY K 165 -44.54 44.18 8.79
N GLY K 166 -44.46 44.12 7.48
CA GLY K 166 -43.19 43.93 6.78
C GLY K 166 -42.56 45.25 6.42
N GLU K 167 -41.79 45.24 5.34
CA GLU K 167 -41.22 46.47 4.83
C GLU K 167 -42.30 47.30 4.14
N SER K 168 -42.18 48.62 4.26
CA SER K 168 -43.09 49.51 3.56
C SER K 168 -42.69 49.71 2.10
N THR K 169 -41.40 49.83 1.82
CA THR K 169 -40.94 49.96 0.45
C THR K 169 -41.25 48.70 -0.35
N THR K 170 -41.02 47.53 0.24
CA THR K 170 -41.25 46.28 -0.49
C THR K 170 -42.72 46.15 -0.89
N VAL K 171 -43.63 46.45 0.04
CA VAL K 171 -45.05 46.29 -0.25
C VAL K 171 -45.46 47.20 -1.40
N ARG K 172 -45.00 48.45 -1.38
CA ARG K 172 -45.41 49.39 -2.41
C ARG K 172 -44.85 48.99 -3.78
N ARG K 173 -43.59 48.59 -3.84
CA ARG K 173 -43.02 48.17 -5.12
C ARG K 173 -43.73 46.93 -5.64
N CYS K 174 -43.96 45.95 -4.77
CA CYS K 174 -44.65 44.73 -5.18
C CYS K 174 -46.11 44.99 -5.51
N CYS K 175 -46.68 46.10 -5.05
CA CYS K 175 -48.03 46.50 -5.39
C CYS K 175 -48.09 47.32 -6.68
N ALA K 176 -46.95 47.55 -7.33
CA ALA K 176 -46.86 48.34 -8.55
C ALA K 176 -46.41 47.47 -9.72
N TYR K 177 -46.95 46.26 -9.80
CA TYR K 177 -46.61 45.34 -10.88
C TYR K 177 -47.64 45.46 -12.00
N GLU K 178 -47.15 45.50 -13.23
CA GLU K 178 -47.99 45.64 -14.43
C GLU K 178 -48.86 46.90 -14.32
N GLN K 179 -48.18 48.05 -14.27
CA GLN K 179 -48.84 49.35 -14.27
C GLN K 179 -49.82 49.47 -13.10
N ASP K 180 -49.28 49.27 -11.90
CA ASP K 180 -50.05 49.47 -10.67
C ASP K 180 -51.34 48.66 -10.67
N THR K 181 -51.25 47.42 -11.16
CA THR K 181 -52.43 46.57 -11.22
C THR K 181 -52.98 46.30 -9.82
N LEU K 182 -52.11 45.89 -8.90
CA LEU K 182 -52.56 45.62 -7.54
C LEU K 182 -52.77 46.91 -6.75
N TYR K 183 -51.92 47.92 -6.96
CA TYR K 183 -52.07 49.17 -6.22
C TYR K 183 -53.43 49.81 -6.48
N ASN K 184 -53.80 49.93 -7.75
CA ASN K 184 -55.11 50.49 -8.08
C ASN K 184 -56.23 49.62 -7.51
N ALA K 185 -56.04 48.30 -7.53
CA ALA K 185 -57.05 47.41 -6.98
C ALA K 185 -57.26 47.68 -5.50
N LEU K 186 -56.18 47.82 -4.74
CA LEU K 186 -56.31 48.15 -3.32
C LEU K 186 -56.90 49.54 -3.12
N VAL K 187 -56.44 50.52 -3.90
CA VAL K 187 -56.94 51.89 -3.74
C VAL K 187 -58.43 51.93 -4.03
N HIS K 188 -58.85 51.34 -5.14
CA HIS K 188 -60.28 51.26 -5.44
C HIS K 188 -60.99 50.36 -4.44
N PHE K 189 -60.29 49.35 -3.93
CA PHE K 189 -60.90 48.44 -2.95
C PHE K 189 -61.28 49.19 -1.67
N ILE K 190 -60.38 50.03 -1.17
CA ILE K 190 -60.64 50.72 0.08
C ILE K 190 -61.57 51.91 -0.14
N HIS K 191 -61.38 52.64 -1.22
CA HIS K 191 -62.07 53.90 -1.45
C HIS K 191 -63.42 53.74 -2.14
N VAL K 192 -63.78 52.54 -2.57
CA VAL K 192 -65.07 52.33 -3.22
C VAL K 192 -65.86 51.28 -2.43
N LEU K 193 -65.33 50.04 -2.38
CA LEU K 193 -66.02 49.00 -1.64
C LEU K 193 -66.05 49.29 -0.14
N LYS K 194 -65.06 50.02 0.37
CA LYS K 194 -65.04 50.45 1.76
C LYS K 194 -65.13 49.26 2.71
N LYS K 195 -64.46 48.17 2.34
CA LYS K 195 -64.44 46.99 3.19
C LYS K 195 -63.45 47.17 4.33
N PRO K 196 -63.59 46.38 5.40
CA PRO K 196 -62.66 46.50 6.52
C PRO K 196 -61.23 46.23 6.08
N ILE K 197 -60.30 47.03 6.59
CA ILE K 197 -58.88 46.86 6.32
C ILE K 197 -58.10 47.19 7.59
N TRP K 198 -57.08 46.38 7.87
CA TRP K 198 -56.24 46.57 9.05
C TRP K 198 -54.79 46.75 8.60
N GLY K 199 -54.07 47.60 9.33
CA GLY K 199 -52.67 47.82 9.06
C GLY K 199 -51.82 48.00 10.29
N THR K 200 -50.80 47.18 10.44
CA THR K 200 -49.84 47.31 11.53
C THR K 200 -48.72 48.26 11.08
N CYS K 201 -47.57 48.22 11.75
CA CYS K 201 -46.48 49.14 11.48
C CYS K 201 -46.29 49.40 10.00
N ALA K 202 -46.27 48.34 9.18
CA ALA K 202 -46.21 48.52 7.74
C ALA K 202 -47.49 49.14 7.20
N GLY K 203 -48.64 48.62 7.64
CA GLY K 203 -49.90 49.15 7.16
C GLY K 203 -50.22 50.52 7.69
N CYS K 204 -49.64 50.88 8.85
CA CYS K 204 -49.85 52.22 9.38
C CYS K 204 -49.31 53.28 8.42
N ILE K 205 -48.14 53.02 7.84
CA ILE K 205 -47.57 53.94 6.86
C ILE K 205 -48.40 53.92 5.59
N LEU K 206 -48.79 52.73 5.12
CA LEU K 206 -49.51 52.63 3.87
C LEU K 206 -50.94 53.15 3.99
N LEU K 207 -51.61 52.85 5.12
CA LEU K 207 -52.97 53.32 5.34
C LEU K 207 -53.05 54.79 5.69
N SER K 208 -51.92 55.45 5.94
CA SER K 208 -51.92 56.85 6.34
C SER K 208 -52.17 57.75 5.13
N LYS K 209 -52.61 58.98 5.42
CA LYS K 209 -52.90 59.94 4.36
C LYS K 209 -51.64 60.28 3.57
N ASN K 210 -50.53 60.49 4.26
CA ASN K 210 -49.24 60.74 3.61
C ASN K 210 -48.15 60.73 4.67
N VAL K 211 -46.93 60.40 4.23
CA VAL K 211 -45.80 60.24 5.13
C VAL K 211 -44.59 60.96 4.55
N GLU K 212 -43.52 61.02 5.35
CA GLU K 212 -42.34 61.79 5.02
C GLU K 212 -41.10 60.99 5.44
N ASN K 213 -39.98 61.69 5.59
CA ASN K 213 -38.69 61.08 5.93
C ASN K 213 -38.12 60.23 4.80
N ILE K 214 -37.94 60.83 3.63
CA ILE K 214 -37.14 60.26 2.55
C ILE K 214 -36.22 61.36 2.05
N LYS K 215 -34.94 61.27 2.39
CA LYS K 215 -33.99 62.28 1.93
C LYS K 215 -33.91 62.30 0.42
N LEU K 216 -33.84 61.13 -0.20
CA LEU K 216 -33.89 61.02 -1.66
C LEU K 216 -35.35 61.11 -2.09
N TYR K 217 -35.63 60.78 -3.35
CA TYR K 217 -36.97 60.82 -3.90
C TYR K 217 -37.44 59.40 -4.23
N SER K 218 -38.62 59.05 -3.74
CA SER K 218 -39.26 57.79 -4.07
C SER K 218 -40.24 58.02 -5.21
N ASN K 219 -40.18 57.16 -6.23
CA ASN K 219 -40.98 57.38 -7.43
C ASN K 219 -42.46 57.51 -7.11
N PHE K 220 -42.91 56.84 -6.05
CA PHE K 220 -44.32 56.93 -5.66
C PHE K 220 -44.62 58.28 -5.03
N GLY K 221 -43.97 58.61 -3.92
CA GLY K 221 -44.18 59.88 -3.26
C GLY K 221 -45.58 60.05 -2.73
N ASN K 222 -46.36 60.93 -3.37
CA ASN K 222 -47.72 61.19 -2.91
C ASN K 222 -48.58 59.94 -3.00
N LYS K 223 -48.45 59.19 -4.09
CA LYS K 223 -49.23 57.97 -4.27
C LYS K 223 -48.69 56.79 -3.49
N PHE K 224 -47.57 56.96 -2.78
CA PHE K 224 -47.01 55.88 -1.98
C PHE K 224 -48.06 55.27 -1.06
N SER K 225 -48.61 56.07 -0.16
CA SER K 225 -49.58 55.58 0.81
C SER K 225 -50.93 55.34 0.13
N PHE K 226 -51.54 54.19 0.43
CA PHE K 226 -52.86 53.91 -0.10
C PHE K 226 -53.87 54.93 0.41
N GLY K 227 -53.80 55.27 1.68
CA GLY K 227 -54.73 56.19 2.31
C GLY K 227 -55.82 55.45 3.07
N GLY K 228 -56.59 56.23 3.84
CA GLY K 228 -57.67 55.69 4.63
C GLY K 228 -57.72 56.26 6.02
N LEU K 229 -56.56 56.59 6.58
CA LEU K 229 -56.45 57.19 7.91
C LEU K 229 -55.88 58.58 7.76
N ASP K 230 -56.60 59.57 8.31
CA ASP K 230 -56.19 60.98 8.22
C ASP K 230 -55.17 61.25 9.32
N ILE K 231 -53.92 60.89 9.04
CA ILE K 231 -52.83 61.01 10.00
C ILE K 231 -51.52 61.11 9.24
N THR K 232 -50.50 61.65 9.92
CA THR K 232 -49.16 61.76 9.37
C THR K 232 -48.23 60.83 10.15
N ILE K 233 -47.35 60.13 9.43
CA ILE K 233 -46.52 59.08 10.01
C ILE K 233 -45.05 59.40 9.74
N CYS K 234 -44.22 59.12 10.74
CA CYS K 234 -42.77 59.26 10.62
C CYS K 234 -42.16 57.91 11.03
N ARG K 235 -41.72 57.14 10.04
CA ARG K 235 -41.16 55.82 10.33
C ARG K 235 -39.90 55.93 11.18
N ASN K 236 -39.04 56.88 10.88
CA ASN K 236 -37.79 57.06 11.62
C ASN K 236 -38.02 57.88 12.89
N ASP K 243 -34.68 51.33 19.50
CA ASP K 243 -35.74 51.45 18.51
C ASP K 243 -36.89 50.49 18.79
N SER K 244 -36.65 49.53 19.69
CA SER K 244 -37.65 48.52 20.02
C SER K 244 -37.78 48.42 21.53
N PHE K 245 -39.00 48.12 21.98
CA PHE K 245 -39.32 48.04 23.41
C PHE K 245 -40.74 47.49 23.54
N ILE K 246 -41.20 47.41 24.78
CA ILE K 246 -42.53 46.89 25.11
C ILE K 246 -43.27 47.96 25.90
N CYS K 247 -44.53 48.21 25.52
CA CYS K 247 -45.36 49.22 26.17
C CYS K 247 -46.68 48.61 26.58
N SER K 248 -47.15 48.97 27.78
CA SER K 248 -48.49 48.58 28.20
C SER K 248 -49.52 49.40 27.47
N LEU K 249 -50.54 48.74 26.93
CA LEU K 249 -51.55 49.40 26.11
C LEU K 249 -52.64 49.96 27.02
N ASN K 250 -52.62 51.28 27.21
CA ASN K 250 -53.67 51.97 27.96
C ASN K 250 -54.78 52.38 26.99
N ILE K 251 -55.50 51.37 26.50
CA ILE K 251 -56.52 51.60 25.49
C ILE K 251 -57.57 52.55 26.05
N ILE K 252 -57.94 53.54 25.24
CA ILE K 252 -58.95 54.52 25.64
C ILE K 252 -60.31 54.08 25.11
N ALA K 264 -47.75 45.10 24.00
CA ALA K 264 -47.49 45.54 22.64
C ALA K 264 -45.99 45.62 22.37
N ALA K 265 -45.50 44.77 21.47
CA ALA K 265 -44.08 44.72 21.12
C ALA K 265 -43.84 45.67 19.96
N CYS K 266 -43.37 46.87 20.26
CA CYS K 266 -43.13 47.90 19.25
C CYS K 266 -41.78 47.66 18.62
N ILE K 267 -41.75 46.82 17.58
CA ILE K 267 -40.53 46.54 16.84
C ILE K 267 -40.36 47.62 15.77
N ARG K 268 -39.67 48.70 16.12
CA ARG K 268 -39.46 49.81 15.20
C ARG K 268 -40.80 50.43 14.80
N ALA K 269 -41.58 50.77 15.82
CA ALA K 269 -42.91 51.31 15.59
C ALA K 269 -42.83 52.72 15.03
N PRO K 270 -43.52 53.03 13.94
CA PRO K 270 -43.51 54.40 13.43
C PRO K 270 -44.19 55.37 14.39
N TYR K 271 -43.77 56.63 14.34
CA TYR K 271 -44.30 57.67 15.20
C TYR K 271 -45.22 58.57 14.40
N ILE K 272 -46.40 58.85 14.95
CA ILE K 272 -47.38 59.70 14.30
C ILE K 272 -47.17 61.13 14.78
N ARG K 273 -47.01 62.06 13.83
CA ARG K 273 -46.73 63.45 14.15
C ARG K 273 -48.02 64.28 14.19
N GLU K 274 -48.75 64.32 13.09
CA GLU K 274 -49.93 65.15 12.95
C GLU K 274 -51.15 64.28 12.70
N ILE K 275 -52.32 64.82 13.03
CA ILE K 275 -53.59 64.12 12.83
C ILE K 275 -54.42 64.85 11.80
N LYS K 281 -61.15 58.98 15.49
CA LYS K 281 -61.12 58.63 16.92
C LYS K 281 -59.95 57.70 17.22
N VAL K 282 -59.27 57.95 18.32
CA VAL K 282 -58.11 57.16 18.72
C VAL K 282 -58.61 55.97 19.54
N LEU K 283 -58.49 54.77 18.98
CA LEU K 283 -58.96 53.57 19.68
C LEU K 283 -58.14 53.32 20.94
N ALA K 284 -56.82 53.46 20.86
CA ALA K 284 -55.94 53.12 21.97
C ALA K 284 -54.81 54.13 22.07
N THR K 285 -54.23 54.22 23.26
CA THR K 285 -53.11 55.11 23.52
C THR K 285 -52.19 54.46 24.54
N PHE K 286 -50.93 54.88 24.52
CA PHE K 286 -49.94 54.36 25.46
C PHE K 286 -48.97 55.48 25.86
N ILE K 296 -50.48 57.97 21.46
CA ILE K 296 -51.37 57.20 20.59
C ILE K 296 -50.82 55.79 20.40
N ALA K 297 -51.72 54.81 20.38
CA ALA K 297 -51.36 53.41 20.16
C ALA K 297 -52.08 52.82 18.96
N ALA K 298 -53.41 52.93 18.90
CA ALA K 298 -54.19 52.42 17.80
C ALA K 298 -55.24 53.45 17.40
N VAL K 299 -55.63 53.41 16.12
CA VAL K 299 -56.62 54.32 15.58
C VAL K 299 -57.56 53.55 14.67
N GLU K 300 -58.82 53.96 14.66
CA GLU K 300 -59.84 53.33 13.83
C GLU K 300 -60.71 54.43 13.24
N GLN K 301 -60.47 54.75 11.96
CA GLN K 301 -61.25 55.74 11.22
C GLN K 301 -62.03 55.02 10.14
N ASN K 302 -63.35 55.00 10.27
CA ASN K 302 -64.22 54.32 9.30
C ASN K 302 -63.78 52.85 9.25
N ASN K 303 -63.78 52.22 8.07
CA ASN K 303 -63.42 50.81 7.96
C ASN K 303 -61.93 50.56 8.19
N CYS K 304 -61.11 51.62 8.25
CA CYS K 304 -59.66 51.46 8.36
C CYS K 304 -59.24 51.38 9.82
N LEU K 305 -58.45 50.36 10.14
CA LEU K 305 -57.87 50.18 11.46
C LEU K 305 -56.36 50.24 11.35
N GLY K 306 -55.73 51.05 12.20
CA GLY K 306 -54.29 51.24 12.14
C GLY K 306 -53.62 51.13 13.49
N THR K 307 -52.54 50.37 13.55
CA THR K 307 -51.77 50.16 14.78
C THR K 307 -50.29 50.39 14.51
N VAL K 308 -49.59 50.93 15.51
CA VAL K 308 -48.15 51.14 15.40
C VAL K 308 -47.35 50.01 16.01
N PHE K 309 -48.00 49.05 16.67
CA PHE K 309 -47.34 47.92 17.31
C PHE K 309 -47.63 46.65 16.54
N ASN K 310 -47.15 45.53 17.07
CA ASN K 310 -47.26 44.21 16.43
C ASN K 310 -48.00 43.27 17.37
N PRO K 311 -49.34 43.27 17.35
CA PRO K 311 -50.08 42.35 18.23
C PRO K 311 -49.74 40.90 17.99
N GLU K 312 -49.45 40.51 16.75
CA GLU K 312 -49.18 39.11 16.42
C GLU K 312 -47.87 38.60 17.01
N LEU K 313 -47.05 39.48 17.60
CA LEU K 313 -45.82 39.06 18.25
C LEU K 313 -46.01 38.70 19.71
N LEU K 314 -47.24 38.79 20.23
CA LEU K 314 -47.53 38.46 21.62
C LEU K 314 -48.58 37.35 21.69
N PRO K 315 -48.58 36.55 22.77
CA PRO K 315 -49.52 35.43 22.83
C PRO K 315 -50.98 35.83 22.70
N HIS K 316 -51.38 36.94 23.33
CA HIS K 316 -52.78 37.32 23.34
C HIS K 316 -53.23 37.69 21.93
N THR K 317 -54.44 37.26 21.57
CA THR K 317 -55.01 37.49 20.25
C THR K 317 -56.27 38.35 20.33
N ALA K 318 -56.31 39.26 21.30
CA ALA K 318 -57.49 40.11 21.45
C ALA K 318 -57.72 40.98 20.22
N PHE K 319 -56.65 41.57 19.68
CA PHE K 319 -56.81 42.47 18.54
C PHE K 319 -57.23 41.73 17.28
N GLN K 320 -56.74 40.50 17.09
CA GLN K 320 -57.16 39.73 15.91
C GLN K 320 -58.66 39.49 15.93
N GLN K 321 -59.21 39.17 17.11
CA GLN K 321 -60.66 39.04 17.24
C GLN K 321 -61.34 40.39 17.03
N TYR K 322 -60.70 41.48 17.45
CA TYR K 322 -61.31 42.79 17.33
C TYR K 322 -61.56 43.14 15.86
N PHE K 323 -60.57 42.86 15.00
CA PHE K 323 -60.77 43.08 13.57
C PHE K 323 -61.81 42.12 13.01
N TYR K 324 -61.82 40.86 13.47
CA TYR K 324 -62.84 39.92 13.03
C TYR K 324 -64.22 40.42 13.40
N GLU K 325 -64.39 40.93 14.62
CA GLU K 325 -65.65 41.53 15.02
C GLU K 325 -65.96 42.74 14.13
N LYS K 326 -64.95 43.53 13.81
CA LYS K 326 -65.15 44.67 12.90
C LYS K 326 -65.62 44.20 11.54
N VAL K 327 -65.01 43.12 11.03
CA VAL K 327 -65.43 42.58 9.74
C VAL K 327 -66.85 42.06 9.81
N LYS K 328 -67.19 41.35 10.90
CA LYS K 328 -68.55 40.85 11.05
C LYS K 328 -69.55 42.00 11.11
N ASN K 329 -69.22 43.06 11.84
CA ASN K 329 -70.12 44.20 11.94
C ASN K 329 -70.36 44.83 10.57
N TYR K 330 -69.30 44.99 9.78
CA TYR K 330 -69.45 45.53 8.43
C TYR K 330 -70.31 44.60 7.57
N LYS K 331 -70.09 43.30 7.67
CA LYS K 331 -70.84 42.32 6.90
C LYS K 331 -72.33 42.44 7.21
N ILE L 118 -53.91 -6.71 -53.63
CA ILE L 118 -54.19 -6.65 -52.20
C ILE L 118 -52.91 -6.28 -51.45
N THR L 119 -52.19 -5.30 -51.99
CA THR L 119 -50.94 -4.81 -51.40
C THR L 119 -51.06 -3.31 -51.19
N ILE L 120 -51.13 -2.89 -49.94
CA ILE L 120 -51.21 -1.48 -49.57
C ILE L 120 -49.91 -1.10 -48.88
N GLY L 121 -49.54 0.18 -49.01
CA GLY L 121 -48.30 0.67 -48.45
C GLY L 121 -48.54 1.88 -47.57
N VAL L 122 -47.56 2.15 -46.71
CA VAL L 122 -47.57 3.29 -45.80
C VAL L 122 -46.32 4.11 -46.07
N LEU L 123 -46.49 5.39 -46.36
CA LEU L 123 -45.34 6.27 -46.56
C LEU L 123 -44.50 6.30 -45.28
N SER L 124 -43.19 6.09 -45.44
CA SER L 124 -42.31 5.90 -44.30
C SER L 124 -41.16 6.91 -44.30
N LEU L 125 -41.36 8.07 -44.92
CA LEU L 125 -40.40 9.16 -44.83
C LEU L 125 -40.69 10.09 -43.66
N GLN L 126 -41.72 9.79 -42.86
CA GLN L 126 -42.13 10.62 -41.74
C GLN L 126 -42.41 9.69 -40.56
N GLY L 127 -43.04 10.24 -39.52
CA GLY L 127 -43.40 9.47 -38.35
C GLY L 127 -44.84 8.98 -38.41
N ASP L 128 -45.16 8.08 -37.47
CA ASP L 128 -46.47 7.48 -37.29
C ASP L 128 -46.80 6.43 -38.36
N PHE L 129 -45.80 5.96 -39.11
CA PHE L 129 -46.07 4.88 -40.07
C PHE L 129 -46.21 3.53 -39.38
N GLU L 130 -45.40 3.29 -38.34
CA GLU L 130 -45.47 2.00 -37.65
C GLU L 130 -46.84 1.74 -37.06
N PRO L 131 -47.45 2.66 -36.31
CA PRO L 131 -48.80 2.38 -35.80
C PRO L 131 -49.81 2.09 -36.91
N HIS L 132 -49.70 2.76 -38.05
CA HIS L 132 -50.60 2.49 -39.16
C HIS L 132 -50.40 1.07 -39.68
N ILE L 133 -49.14 0.65 -39.82
CA ILE L 133 -48.86 -0.71 -40.29
C ILE L 133 -49.34 -1.73 -39.27
N ASN L 134 -49.08 -1.48 -37.99
CA ASN L 134 -49.45 -2.46 -36.96
C ASN L 134 -50.95 -2.68 -36.92
N HIS L 135 -51.74 -1.61 -36.97
CA HIS L 135 -53.19 -1.75 -36.90
C HIS L 135 -53.77 -2.33 -38.20
N PHE L 136 -53.10 -2.11 -39.33
CA PHE L 136 -53.52 -2.78 -40.56
C PHE L 136 -53.26 -4.29 -40.47
N ILE L 137 -52.11 -4.67 -39.93
CA ILE L 137 -51.79 -6.09 -39.79
C ILE L 137 -52.72 -6.75 -38.77
N LYS L 138 -53.10 -6.02 -37.72
CA LYS L 138 -53.92 -6.60 -36.67
C LYS L 138 -55.24 -7.15 -37.22
N LEU L 139 -55.69 -6.63 -38.37
CA LEU L 139 -56.95 -7.11 -38.95
C LEU L 139 -56.86 -8.57 -39.34
N GLN L 140 -55.65 -9.13 -39.47
CA GLN L 140 -55.43 -10.56 -39.61
C GLN L 140 -56.14 -11.10 -40.86
N ILE L 141 -55.65 -10.65 -42.01
CA ILE L 141 -56.05 -11.16 -43.31
C ILE L 141 -54.80 -11.65 -44.04
N PRO L 142 -54.69 -12.94 -44.36
CA PRO L 142 -53.47 -13.40 -45.05
C PRO L 142 -53.26 -12.75 -46.40
N SER L 143 -54.33 -12.42 -47.12
CA SER L 143 -54.19 -11.83 -48.45
C SER L 143 -53.71 -10.39 -48.40
N LEU L 144 -53.84 -9.72 -47.26
CA LEU L 144 -53.45 -8.33 -47.13
C LEU L 144 -52.02 -8.24 -46.64
N ASN L 145 -51.17 -7.56 -47.39
CA ASN L 145 -49.77 -7.36 -47.05
C ASN L 145 -49.45 -5.87 -47.04
N ILE L 146 -48.59 -5.46 -46.11
CA ILE L 146 -48.24 -4.06 -45.93
C ILE L 146 -46.73 -3.91 -46.05
N ILE L 147 -46.30 -2.92 -46.83
CA ILE L 147 -44.88 -2.63 -47.03
C ILE L 147 -44.66 -1.14 -46.87
N GLN L 148 -43.43 -0.77 -46.54
CA GLN L 148 -43.06 0.63 -46.43
C GLN L 148 -42.87 1.24 -47.82
N VAL L 149 -43.17 2.53 -47.91
CA VAL L 149 -43.08 3.27 -49.17
C VAL L 149 -42.19 4.48 -48.93
N ARG L 150 -41.01 4.49 -49.54
CA ARG L 150 -40.11 5.63 -49.47
C ARG L 150 -39.54 6.04 -50.83
N ASN L 151 -39.78 5.27 -51.89
CA ASN L 151 -39.22 5.55 -53.20
C ASN L 151 -40.26 5.20 -54.26
N VAL L 152 -39.95 5.56 -55.51
CA VAL L 152 -40.89 5.30 -56.60
C VAL L 152 -41.11 3.81 -56.77
N HIS L 153 -40.08 3.00 -56.56
CA HIS L 153 -40.23 1.56 -56.73
C HIS L 153 -41.31 1.01 -55.81
N ASP L 154 -41.30 1.42 -54.54
CA ASP L 154 -42.36 0.98 -53.62
C ASP L 154 -43.71 1.55 -54.02
N LEU L 155 -43.73 2.79 -54.51
CA LEU L 155 -44.99 3.40 -54.91
C LEU L 155 -45.68 2.58 -55.99
N GLY L 156 -44.91 2.11 -56.99
CA GLY L 156 -45.48 1.27 -58.02
C GLY L 156 -45.78 -0.15 -57.59
N LEU L 157 -45.18 -0.59 -56.47
CA LEU L 157 -45.44 -1.94 -55.98
C LEU L 157 -46.80 -2.05 -55.30
N CYS L 158 -47.26 -0.99 -54.66
CA CYS L 158 -48.52 -1.02 -53.93
C CYS L 158 -49.68 -0.63 -54.83
N ASP L 159 -50.85 -1.19 -54.54
CA ASP L 159 -52.09 -0.78 -55.19
C ASP L 159 -52.80 0.34 -54.45
N GLY L 160 -52.29 0.72 -53.28
CA GLY L 160 -52.85 1.83 -52.51
C GLY L 160 -51.77 2.54 -51.75
N LEU L 161 -52.14 3.48 -50.87
CA LEU L 161 -51.15 4.21 -50.10
C LEU L 161 -51.87 5.01 -49.00
N VAL L 162 -51.31 4.98 -47.80
CA VAL L 162 -51.81 5.77 -46.68
C VAL L 162 -50.66 6.63 -46.17
N ILE L 163 -50.93 7.92 -46.00
CA ILE L 163 -49.92 8.87 -45.54
C ILE L 163 -50.06 9.00 -44.02
N PRO L 164 -49.09 8.53 -43.24
CA PRO L 164 -49.22 8.63 -41.78
C PRO L 164 -49.18 10.08 -41.32
N GLY L 165 -49.80 10.32 -40.18
CA GLY L 165 -49.92 11.66 -39.65
C GLY L 165 -48.66 12.16 -38.96
N GLY L 166 -47.55 12.19 -39.70
CA GLY L 166 -46.33 12.75 -39.16
C GLY L 166 -46.28 14.25 -39.39
N GLU L 167 -45.10 14.77 -39.73
CA GLU L 167 -44.97 16.16 -40.09
C GLU L 167 -45.37 16.36 -41.55
N SER L 168 -45.90 17.56 -41.84
CA SER L 168 -46.22 17.90 -43.22
C SER L 168 -45.02 18.47 -43.96
N THR L 169 -44.21 19.30 -43.28
CA THR L 169 -43.00 19.82 -43.90
C THR L 169 -42.02 18.70 -44.23
N THR L 170 -41.86 17.74 -43.30
CA THR L 170 -40.91 16.65 -43.52
C THR L 170 -41.30 15.83 -44.73
N VAL L 171 -42.58 15.50 -44.85
CA VAL L 171 -43.02 14.64 -45.95
C VAL L 171 -42.76 15.34 -47.29
N ARG L 172 -43.07 16.63 -47.38
CA ARG L 172 -42.91 17.32 -48.65
C ARG L 172 -41.45 17.50 -49.01
N ARG L 173 -40.61 17.88 -48.05
CA ARG L 173 -39.19 18.02 -48.35
C ARG L 173 -38.58 16.68 -48.75
N CYS L 174 -38.93 15.61 -48.02
CA CYS L 174 -38.44 14.28 -48.35
C CYS L 174 -39.07 13.73 -49.62
N CYS L 175 -40.16 14.32 -50.09
CA CYS L 175 -40.78 13.94 -51.36
C CYS L 175 -40.25 14.76 -52.53
N ALA L 176 -39.29 15.65 -52.29
CA ALA L 176 -38.70 16.50 -53.33
C ALA L 176 -37.23 16.17 -53.52
N TYR L 177 -36.91 14.88 -53.53
CA TYR L 177 -35.54 14.41 -53.72
C TYR L 177 -35.30 14.10 -55.19
N GLU L 178 -34.18 14.57 -55.71
CA GLU L 178 -33.82 14.39 -57.13
C GLU L 178 -34.91 14.98 -58.03
N GLN L 179 -35.14 16.28 -57.87
CA GLN L 179 -36.06 17.02 -58.72
C GLN L 179 -37.48 16.44 -58.65
N ASP L 180 -38.01 16.40 -57.43
CA ASP L 180 -39.40 16.00 -57.19
C ASP L 180 -39.70 14.63 -57.78
N THR L 181 -38.72 13.71 -57.68
CA THR L 181 -38.91 12.37 -58.23
C THR L 181 -40.07 11.67 -57.54
N LEU L 182 -40.09 11.70 -56.20
CA LEU L 182 -41.19 11.06 -55.47
C LEU L 182 -42.46 11.88 -55.54
N TYR L 183 -42.34 13.21 -55.44
CA TYR L 183 -43.53 14.06 -55.48
C TYR L 183 -44.28 13.88 -56.79
N ASN L 184 -43.55 13.90 -57.91
CA ASN L 184 -44.20 13.70 -59.21
C ASN L 184 -44.79 12.30 -59.31
N ALA L 185 -44.11 11.31 -58.72
CA ALA L 185 -44.62 9.95 -58.75
C ALA L 185 -45.96 9.86 -58.03
N LEU L 186 -46.07 10.47 -56.85
CA LEU L 186 -47.33 10.47 -56.13
C LEU L 186 -48.39 11.29 -56.86
N VAL L 187 -48.01 12.46 -57.36
CA VAL L 187 -48.97 13.31 -58.07
C VAL L 187 -49.50 12.59 -59.29
N HIS L 188 -48.61 11.99 -60.08
CA HIS L 188 -49.04 11.18 -61.21
C HIS L 188 -49.80 9.96 -60.73
N PHE L 189 -49.37 9.36 -59.62
CA PHE L 189 -50.03 8.18 -59.09
C PHE L 189 -51.51 8.43 -58.82
N ILE L 190 -51.80 9.51 -58.09
CA ILE L 190 -53.18 9.81 -57.72
C ILE L 190 -53.96 10.32 -58.93
N HIS L 191 -53.35 11.24 -59.69
CA HIS L 191 -54.09 11.93 -60.75
C HIS L 191 -54.46 10.97 -61.88
N VAL L 192 -53.56 10.09 -62.27
CA VAL L 192 -53.78 9.25 -63.45
C VAL L 192 -54.34 7.89 -63.03
N LEU L 193 -53.57 7.13 -62.26
CA LEU L 193 -54.00 5.79 -61.88
C LEU L 193 -55.22 5.82 -60.97
N LYS L 194 -55.47 6.94 -60.29
CA LYS L 194 -56.67 7.11 -59.48
C LYS L 194 -56.84 5.97 -58.48
N LYS L 195 -55.72 5.54 -57.90
CA LYS L 195 -55.75 4.43 -56.96
C LYS L 195 -56.15 4.93 -55.57
N PRO L 196 -56.63 4.04 -54.71
CA PRO L 196 -57.04 4.44 -53.37
C PRO L 196 -55.87 5.04 -52.59
N ILE L 197 -56.13 6.17 -51.93
CA ILE L 197 -55.14 6.83 -51.09
C ILE L 197 -55.83 7.34 -49.85
N TRP L 198 -55.09 7.37 -48.73
CA TRP L 198 -55.61 7.80 -47.45
C TRP L 198 -54.64 8.79 -46.82
N GLY L 199 -55.19 9.84 -46.21
CA GLY L 199 -54.37 10.83 -45.54
C GLY L 199 -54.90 11.19 -44.16
N THR L 200 -54.07 11.01 -43.13
CA THR L 200 -54.43 11.35 -41.77
C THR L 200 -53.57 12.51 -41.28
N CYS L 201 -54.18 13.37 -40.45
CA CYS L 201 -53.49 14.54 -39.94
C CYS L 201 -52.76 15.26 -41.07
N ALA L 202 -51.43 15.20 -41.11
CA ALA L 202 -50.69 15.84 -42.19
C ALA L 202 -51.10 15.28 -43.55
N GLY L 203 -51.63 14.05 -43.59
CA GLY L 203 -52.09 13.49 -44.84
C GLY L 203 -53.16 14.36 -45.49
N CYS L 204 -54.13 14.80 -44.70
CA CYS L 204 -55.15 15.71 -45.23
C CYS L 204 -54.54 17.02 -45.70
N ILE L 205 -53.55 17.53 -44.97
CA ILE L 205 -52.91 18.77 -45.36
C ILE L 205 -52.28 18.61 -46.74
N LEU L 206 -51.75 17.44 -47.05
CA LEU L 206 -51.14 17.18 -48.35
C LEU L 206 -52.14 16.69 -49.39
N LEU L 207 -53.33 16.28 -48.98
CA LEU L 207 -54.38 15.86 -49.90
C LEU L 207 -55.35 16.98 -50.25
N SER L 208 -55.17 18.17 -49.68
CA SER L 208 -56.05 19.30 -49.96
C SER L 208 -55.40 20.23 -50.98
N LYS L 209 -56.21 20.71 -51.92
CA LYS L 209 -55.69 21.58 -52.97
C LYS L 209 -55.17 22.89 -52.41
N ASN L 210 -55.88 23.49 -51.45
CA ASN L 210 -55.55 24.80 -50.92
C ASN L 210 -55.24 24.69 -49.44
N VAL L 211 -54.09 25.23 -49.03
CA VAL L 211 -53.69 25.31 -47.63
C VAL L 211 -53.17 26.72 -47.39
N GLU L 212 -53.58 27.32 -46.27
CA GLU L 212 -53.21 28.69 -45.93
C GLU L 212 -52.56 28.72 -44.55
N ASN L 213 -52.40 29.94 -44.03
CA ASN L 213 -51.73 30.16 -42.75
C ASN L 213 -50.24 29.82 -42.82
N ILE L 214 -49.67 29.96 -44.01
CA ILE L 214 -48.24 29.74 -44.23
C ILE L 214 -47.62 31.13 -44.32
N LYS L 215 -47.10 31.63 -43.19
CA LYS L 215 -46.56 32.98 -43.16
C LYS L 215 -45.36 33.13 -44.08
N LEU L 216 -44.47 32.13 -44.10
CA LEU L 216 -43.31 32.18 -44.96
C LEU L 216 -43.76 32.11 -46.42
N TYR L 217 -43.24 33.02 -47.25
CA TYR L 217 -43.64 33.11 -48.66
C TYR L 217 -42.80 32.12 -49.47
N SER L 218 -43.20 30.85 -49.39
CA SER L 218 -42.51 29.80 -50.12
C SER L 218 -42.85 29.86 -51.61
N ASN L 219 -41.86 29.54 -52.44
CA ASN L 219 -42.11 29.44 -53.89
C ASN L 219 -42.93 28.22 -54.24
N PHE L 220 -43.20 27.31 -53.29
CA PHE L 220 -43.99 26.13 -53.59
C PHE L 220 -45.39 26.51 -54.07
N GLY L 221 -46.01 27.49 -53.42
CA GLY L 221 -47.35 27.88 -53.82
C GLY L 221 -48.34 26.75 -53.65
N ASN L 222 -49.13 26.51 -54.70
CA ASN L 222 -50.19 25.50 -54.64
C ASN L 222 -49.69 24.09 -54.92
N LYS L 223 -48.44 23.92 -55.34
CA LYS L 223 -47.88 22.59 -55.59
C LYS L 223 -47.29 21.96 -54.34
N PHE L 224 -47.32 22.67 -53.19
CA PHE L 224 -46.86 22.07 -51.95
C PHE L 224 -47.70 20.85 -51.58
N SER L 225 -49.02 20.96 -51.75
CA SER L 225 -49.93 19.86 -51.44
C SER L 225 -50.15 19.00 -52.66
N PHE L 226 -50.25 17.68 -52.45
CA PHE L 226 -50.49 16.77 -53.56
C PHE L 226 -51.81 17.09 -54.25
N GLY L 227 -52.86 17.36 -53.47
CA GLY L 227 -54.17 17.60 -54.01
C GLY L 227 -55.00 16.33 -54.06
N GLY L 228 -56.27 16.53 -54.45
CA GLY L 228 -57.20 15.42 -54.55
C GLY L 228 -58.51 15.68 -53.84
N LEU L 229 -58.45 16.44 -52.75
CA LEU L 229 -59.63 16.81 -51.97
C LEU L 229 -59.89 18.29 -52.16
N ASP L 230 -61.10 18.63 -52.63
CA ASP L 230 -61.47 20.01 -52.89
C ASP L 230 -61.93 20.64 -51.58
N ILE L 231 -60.95 20.97 -50.73
CA ILE L 231 -61.20 21.52 -49.40
C ILE L 231 -60.03 22.42 -49.04
N THR L 232 -60.19 23.19 -47.96
CA THR L 232 -59.17 24.07 -47.43
C THR L 232 -58.86 23.65 -45.99
N ILE L 233 -57.58 23.62 -45.65
CA ILE L 233 -57.11 23.08 -44.38
C ILE L 233 -56.28 24.13 -43.67
N CYS L 234 -56.55 24.33 -42.38
CA CYS L 234 -55.76 25.21 -41.50
C CYS L 234 -55.15 24.34 -40.42
N ARG L 235 -53.85 24.10 -40.51
CA ARG L 235 -53.18 23.24 -39.54
C ARG L 235 -53.24 23.84 -38.14
N ASN L 236 -53.02 25.15 -38.02
CA ASN L 236 -53.05 25.81 -36.72
C ASN L 236 -54.41 26.44 -36.45
N ASP L 243 -54.71 21.83 -27.59
CA ASP L 243 -54.55 21.49 -29.00
C ASP L 243 -54.90 20.04 -29.26
N SER L 244 -55.02 19.25 -28.20
CA SER L 244 -55.31 17.83 -28.29
C SER L 244 -56.47 17.47 -27.38
N PHE L 245 -57.27 16.51 -27.82
CA PHE L 245 -58.44 16.04 -27.07
C PHE L 245 -58.98 14.79 -27.76
N ILE L 246 -60.06 14.26 -27.20
CA ILE L 246 -60.73 13.08 -27.74
C ILE L 246 -62.17 13.46 -28.07
N CYS L 247 -62.62 13.12 -29.28
CA CYS L 247 -63.95 13.44 -29.75
C CYS L 247 -64.67 12.17 -30.17
N SER L 248 -65.94 12.04 -29.77
CA SER L 248 -66.76 10.93 -30.23
C SER L 248 -67.12 11.14 -31.69
N LEU L 249 -66.96 10.08 -32.49
CA LEU L 249 -67.17 10.16 -33.94
C LEU L 249 -68.63 9.91 -34.24
N ASN L 250 -69.38 10.97 -34.51
CA ASN L 250 -70.77 10.87 -34.94
C ASN L 250 -70.80 10.73 -36.47
N ILE L 251 -70.33 9.57 -36.92
CA ILE L 251 -70.20 9.33 -38.37
C ILE L 251 -71.56 9.46 -39.02
N ILE L 252 -71.60 10.18 -40.14
CA ILE L 252 -72.84 10.37 -40.89
C ILE L 252 -72.93 9.33 -41.99
N ALA L 264 -61.39 8.82 -31.48
CA ALA L 264 -60.65 9.69 -32.39
C ALA L 264 -59.78 10.66 -31.61
N ALA L 265 -58.54 10.25 -31.34
CA ALA L 265 -57.60 11.08 -30.58
C ALA L 265 -57.05 12.15 -31.51
N CYS L 266 -57.67 13.33 -31.49
CA CYS L 266 -57.27 14.44 -32.34
C CYS L 266 -56.00 15.07 -31.77
N ILE L 267 -54.87 14.48 -32.12
CA ILE L 267 -53.57 15.00 -31.68
C ILE L 267 -53.17 16.12 -32.63
N ARG L 268 -53.53 17.36 -32.28
CA ARG L 268 -53.22 18.52 -33.09
C ARG L 268 -53.84 18.38 -34.48
N ALA L 269 -55.13 18.04 -34.48
CA ALA L 269 -55.85 17.83 -35.73
C ALA L 269 -56.04 19.14 -36.48
N PRO L 270 -55.78 19.17 -37.79
CA PRO L 270 -56.04 20.40 -38.55
C PRO L 270 -57.52 20.69 -38.66
N TYR L 271 -57.84 21.97 -38.86
CA TYR L 271 -59.21 22.44 -38.98
C TYR L 271 -59.49 22.80 -40.43
N ILE L 272 -60.61 22.31 -40.96
CA ILE L 272 -61.01 22.58 -42.34
C ILE L 272 -61.90 23.81 -42.35
N ARG L 273 -61.53 24.80 -43.17
CA ARG L 273 -62.25 26.06 -43.24
C ARG L 273 -63.30 26.06 -44.35
N GLU L 274 -62.88 25.81 -45.59
CA GLU L 274 -63.76 25.87 -46.75
C GLU L 274 -63.80 24.52 -47.44
N ILE L 275 -64.89 24.29 -48.17
CA ILE L 275 -65.06 23.06 -48.93
C ILE L 275 -65.06 23.37 -50.43
N LYS L 281 -68.39 14.23 -50.50
CA LYS L 281 -69.30 13.82 -49.44
C LYS L 281 -68.55 13.60 -48.13
N VAL L 282 -69.10 14.12 -47.04
CA VAL L 282 -68.47 14.02 -45.73
C VAL L 282 -68.80 12.64 -45.15
N LEU L 283 -67.78 11.79 -45.05
CA LEU L 283 -68.02 10.45 -44.52
C LEU L 283 -68.39 10.47 -43.05
N ALA L 284 -67.71 11.30 -42.26
CA ALA L 284 -67.93 11.34 -40.81
C ALA L 284 -67.88 12.77 -40.32
N THR L 285 -68.48 12.99 -39.15
CA THR L 285 -68.48 14.30 -38.51
C THR L 285 -68.60 14.11 -37.01
N PHE L 286 -68.15 15.13 -36.28
CA PHE L 286 -68.25 15.11 -34.82
C PHE L 286 -68.62 16.49 -34.30
N ILE L 296 -67.13 18.29 -39.16
CA ILE L 296 -66.53 17.34 -40.09
C ILE L 296 -65.45 16.54 -39.39
N ALA L 297 -65.45 15.22 -39.63
CA ALA L 297 -64.45 14.32 -39.09
C ALA L 297 -63.66 13.61 -40.17
N ALA L 298 -64.35 12.96 -41.11
CA ALA L 298 -63.70 12.26 -42.22
C ALA L 298 -64.40 12.62 -43.52
N VAL L 299 -63.61 12.75 -44.58
CA VAL L 299 -64.12 13.11 -45.89
C VAL L 299 -63.54 12.13 -46.91
N GLU L 300 -64.42 11.54 -47.72
CA GLU L 300 -64.02 10.61 -48.78
C GLU L 300 -64.54 11.14 -50.11
N GLN L 301 -63.64 11.66 -50.93
CA GLN L 301 -63.97 12.14 -52.27
C GLN L 301 -63.17 11.34 -53.28
N ASN L 302 -63.88 10.69 -54.21
CA ASN L 302 -63.24 9.84 -55.22
C ASN L 302 -62.41 8.79 -54.48
N ASN L 303 -61.22 8.45 -54.98
CA ASN L 303 -60.38 7.45 -54.33
C ASN L 303 -59.70 7.96 -53.07
N CYS L 304 -59.79 9.25 -52.78
CA CYS L 304 -59.04 9.87 -51.69
C CYS L 304 -59.89 9.90 -50.43
N LEU L 305 -59.35 9.34 -49.35
CA LEU L 305 -59.95 9.42 -48.03
C LEU L 305 -59.13 10.33 -47.14
N GLY L 306 -59.80 11.12 -46.31
CA GLY L 306 -59.12 12.06 -45.44
C GLY L 306 -59.71 12.16 -44.06
N THR L 307 -58.87 11.98 -43.03
CA THR L 307 -59.30 12.05 -41.65
C THR L 307 -58.41 13.01 -40.88
N VAL L 308 -59.02 13.95 -40.17
CA VAL L 308 -58.24 14.89 -39.37
C VAL L 308 -57.81 14.31 -38.03
N PHE L 309 -58.30 13.12 -37.68
CA PHE L 309 -57.94 12.46 -36.44
C PHE L 309 -56.93 11.35 -36.72
N ASN L 310 -56.60 10.59 -35.68
CA ASN L 310 -55.59 9.54 -35.73
C ASN L 310 -56.20 8.23 -35.28
N PRO L 311 -56.86 7.49 -36.19
CA PRO L 311 -57.47 6.21 -35.79
C PRO L 311 -56.47 5.22 -35.21
N GLU L 312 -55.23 5.23 -35.70
CA GLU L 312 -54.24 4.25 -35.26
C GLU L 312 -53.81 4.45 -33.82
N LEU L 313 -54.22 5.55 -33.18
CA LEU L 313 -53.89 5.77 -31.77
C LEU L 313 -54.91 5.15 -30.82
N LEU L 314 -55.96 4.53 -31.34
CA LEU L 314 -56.98 3.89 -30.52
C LEU L 314 -57.02 2.40 -30.80
N PRO L 315 -57.45 1.59 -29.83
CA PRO L 315 -57.43 0.12 -30.05
C PRO L 315 -58.25 -0.32 -31.26
N HIS L 316 -59.41 0.29 -31.48
CA HIS L 316 -60.29 -0.17 -32.57
C HIS L 316 -59.65 0.11 -33.92
N THR L 317 -59.76 -0.86 -34.83
CA THR L 317 -59.19 -0.78 -36.16
C THR L 317 -60.27 -0.75 -37.23
N ALA L 318 -61.41 -0.15 -36.91
CA ALA L 318 -62.51 -0.11 -37.88
C ALA L 318 -62.12 0.66 -39.13
N PHE L 319 -61.45 1.80 -38.97
CA PHE L 319 -61.10 2.62 -40.12
C PHE L 319 -60.05 1.95 -41.00
N GLN L 320 -59.12 1.21 -40.40
CA GLN L 320 -58.13 0.49 -41.20
C GLN L 320 -58.81 -0.52 -42.12
N GLN L 321 -59.81 -1.23 -41.60
CA GLN L 321 -60.60 -2.13 -42.45
C GLN L 321 -61.39 -1.34 -43.48
N TYR L 322 -61.86 -0.15 -43.11
CA TYR L 322 -62.67 0.65 -44.04
C TYR L 322 -61.88 1.00 -45.29
N PHE L 323 -60.62 1.43 -45.12
CA PHE L 323 -59.79 1.70 -46.27
C PHE L 323 -59.44 0.43 -47.03
N TYR L 324 -59.22 -0.67 -46.31
CA TYR L 324 -58.99 -1.96 -46.97
C TYR L 324 -60.19 -2.35 -47.82
N GLU L 325 -61.40 -2.15 -47.30
CA GLU L 325 -62.60 -2.38 -48.10
C GLU L 325 -62.63 -1.45 -49.31
N LYS L 326 -62.23 -0.20 -49.13
CA LYS L 326 -62.16 0.73 -50.24
C LYS L 326 -61.16 0.25 -51.28
N VAL L 327 -60.00 -0.23 -50.84
CA VAL L 327 -58.99 -0.75 -51.76
C VAL L 327 -59.52 -1.97 -52.50
N LYS L 328 -60.20 -2.88 -51.78
CA LYS L 328 -60.76 -4.05 -52.43
C LYS L 328 -61.83 -3.67 -53.43
N ASN L 329 -62.68 -2.70 -53.09
CA ASN L 329 -63.72 -2.27 -54.01
C ASN L 329 -63.12 -1.69 -55.29
N TYR L 330 -62.08 -0.87 -55.16
CA TYR L 330 -61.42 -0.32 -56.34
C TYR L 330 -60.82 -1.43 -57.19
N LYS L 331 -60.19 -2.40 -56.55
CA LYS L 331 -59.58 -3.52 -57.26
C LYS L 331 -60.62 -4.25 -58.11
N VAL M 124 -18.87 -38.91 -35.06
CA VAL M 124 -19.37 -38.31 -33.82
C VAL M 124 -20.89 -38.30 -33.83
N LEU M 125 -21.48 -38.32 -35.02
CA LEU M 125 -22.94 -38.28 -35.13
C LEU M 125 -23.58 -39.49 -34.46
N LEU M 126 -22.99 -40.67 -34.64
CA LEU M 126 -23.52 -41.87 -33.98
C LEU M 126 -23.39 -41.75 -32.47
N LYS M 127 -22.31 -41.14 -31.98
CA LYS M 127 -22.19 -40.88 -30.56
C LYS M 127 -23.29 -39.95 -30.07
N HIS M 128 -23.60 -38.92 -30.86
CA HIS M 128 -24.72 -38.04 -30.53
C HIS M 128 -26.04 -38.81 -30.56
N GLY M 129 -26.21 -39.70 -31.54
CA GLY M 129 -27.42 -40.50 -31.58
C GLY M 129 -27.58 -41.37 -30.36
N TRP M 130 -26.48 -41.99 -29.90
CA TRP M 130 -26.54 -42.74 -28.66
C TRP M 130 -26.87 -41.85 -27.47
N CYS M 131 -26.26 -40.67 -27.41
CA CYS M 131 -26.48 -39.80 -26.27
C CYS M 131 -27.90 -39.27 -26.23
N GLU M 132 -28.48 -38.92 -27.38
CA GLU M 132 -29.86 -38.45 -27.38
C GLU M 132 -30.81 -39.52 -26.87
N MET M 133 -30.42 -40.80 -26.99
CA MET M 133 -31.17 -41.88 -26.35
C MET M 133 -30.98 -41.87 -24.84
N LEU M 134 -30.00 -41.10 -24.35
CA LEU M 134 -29.68 -41.02 -22.93
C LEU M 134 -30.51 -39.97 -22.18
N LYS M 135 -31.39 -39.26 -22.88
CA LYS M 135 -32.09 -38.13 -22.28
C LYS M 135 -33.09 -38.58 -21.22
N GLY M 136 -33.26 -37.77 -20.20
CA GLY M 136 -34.28 -37.99 -19.20
C GLY M 136 -34.00 -39.10 -18.21
N GLY M 137 -32.73 -39.48 -18.03
CA GLY M 137 -32.37 -40.57 -17.16
C GLY M 137 -31.50 -40.14 -15.98
N VAL M 138 -31.18 -41.13 -15.15
CA VAL M 138 -30.41 -40.92 -13.93
C VAL M 138 -29.20 -41.85 -13.97
N ILE M 139 -28.03 -41.31 -13.67
CA ILE M 139 -26.79 -42.06 -13.63
C ILE M 139 -26.27 -42.02 -12.19
N MET M 140 -26.26 -43.17 -11.54
CA MET M 140 -25.84 -43.26 -10.14
C MET M 140 -24.39 -43.72 -10.07
N ASP M 141 -23.58 -43.01 -9.28
CA ASP M 141 -22.17 -43.33 -9.13
C ASP M 141 -22.03 -44.47 -8.14
N VAL M 142 -21.97 -45.69 -8.65
CA VAL M 142 -21.94 -46.88 -7.81
C VAL M 142 -20.49 -47.25 -7.52
N LYS M 143 -20.31 -48.09 -6.50
CA LYS M 143 -19.00 -48.48 -6.02
C LYS M 143 -18.72 -49.97 -6.09
N SER M 144 -19.71 -50.79 -6.43
CA SER M 144 -19.54 -52.24 -6.39
C SER M 144 -20.68 -52.88 -7.18
N VAL M 145 -20.68 -54.21 -7.20
CA VAL M 145 -21.71 -54.92 -7.95
C VAL M 145 -23.07 -54.80 -7.27
N GLU M 146 -23.09 -54.90 -5.94
CA GLU M 146 -24.37 -54.81 -5.23
C GLU M 146 -24.99 -53.44 -5.42
N GLN M 147 -24.19 -52.37 -5.34
CA GLN M 147 -24.71 -51.03 -5.60
C GLN M 147 -25.15 -50.89 -7.05
N ALA M 148 -24.38 -51.47 -7.98
CA ALA M 148 -24.75 -51.38 -9.39
C ALA M 148 -26.04 -52.14 -9.67
N LYS M 149 -26.25 -53.25 -8.97
CA LYS M 149 -27.51 -53.99 -9.12
C LYS M 149 -28.68 -53.21 -8.54
N ILE M 150 -28.47 -52.52 -7.42
CA ILE M 150 -29.53 -51.68 -6.86
C ILE M 150 -29.90 -50.59 -7.84
N ALA M 151 -28.90 -49.92 -8.42
CA ALA M 151 -29.17 -48.82 -9.34
C ALA M 151 -29.81 -49.31 -10.63
N GLU M 152 -29.58 -50.57 -11.01
CA GLU M 152 -30.25 -51.08 -12.21
C GLU M 152 -31.72 -51.34 -11.92
N GLU M 153 -32.02 -51.98 -10.79
CA GLU M 153 -33.41 -52.25 -10.44
C GLU M 153 -34.15 -50.96 -10.10
N ALA M 154 -33.45 -49.95 -9.56
CA ALA M 154 -34.07 -48.67 -9.28
C ALA M 154 -34.45 -47.91 -10.54
N GLY M 155 -34.02 -48.35 -11.70
CA GLY M 155 -34.41 -47.74 -12.96
C GLY M 155 -33.41 -46.79 -13.57
N ALA M 156 -32.17 -46.77 -13.09
CA ALA M 156 -31.17 -45.89 -13.67
C ALA M 156 -30.85 -46.34 -15.09
N ILE M 157 -30.35 -45.39 -15.89
CA ILE M 157 -29.92 -45.72 -17.24
C ILE M 157 -28.44 -46.08 -17.30
N GLY M 158 -27.64 -45.64 -16.34
CA GLY M 158 -26.23 -45.95 -16.33
C GLY M 158 -25.66 -45.83 -14.94
N VAL M 159 -24.49 -46.43 -14.75
CA VAL M 159 -23.81 -46.44 -13.46
C VAL M 159 -22.38 -45.98 -13.68
N MET M 160 -21.94 -45.00 -12.91
CA MET M 160 -20.56 -44.52 -12.96
C MET M 160 -19.76 -45.30 -11.94
N VAL M 161 -18.86 -46.16 -12.43
CA VAL M 161 -18.09 -47.01 -11.53
C VAL M 161 -17.07 -46.17 -10.78
N LEU M 162 -17.00 -46.36 -9.47
CA LEU M 162 -16.23 -45.53 -8.57
C LEU M 162 -15.15 -46.36 -7.88
N GLU M 163 -14.27 -45.66 -7.17
CA GLU M 163 -13.23 -46.31 -6.37
C GLU M 163 -13.77 -46.56 -4.97
N ASN M 164 -13.77 -47.83 -4.57
CA ASN M 164 -14.29 -48.24 -3.26
C ASN M 164 -13.27 -47.89 -2.20
N ILE M 165 -13.31 -46.65 -1.72
CA ILE M 165 -12.39 -46.19 -0.69
C ILE M 165 -13.05 -45.08 0.13
N GLY M 174 -2.47 -39.43 -1.40
CA GLY M 174 -3.73 -38.72 -1.50
C GLY M 174 -4.01 -38.26 -2.92
N VAL M 175 -3.80 -39.15 -3.88
CA VAL M 175 -4.02 -38.88 -5.29
C VAL M 175 -5.08 -39.84 -5.80
N ALA M 176 -6.15 -39.30 -6.38
CA ALA M 176 -7.23 -40.10 -6.94
C ALA M 176 -6.91 -40.45 -8.38
N ARG M 177 -6.90 -41.74 -8.69
CA ARG M 177 -6.57 -42.25 -10.00
C ARG M 177 -7.75 -43.02 -10.58
N SER M 178 -7.70 -43.28 -11.88
CA SER M 178 -8.74 -44.07 -12.51
C SER M 178 -8.87 -45.43 -11.84
N VAL M 179 -10.11 -45.86 -11.63
CA VAL M 179 -10.35 -47.12 -10.97
C VAL M 179 -9.71 -48.27 -11.76
N ASP M 180 -9.44 -49.36 -11.06
CA ASP M 180 -8.80 -50.51 -11.67
C ASP M 180 -9.73 -51.09 -12.74
N PRO M 181 -9.26 -51.29 -13.98
CA PRO M 181 -10.16 -51.80 -15.03
C PRO M 181 -10.76 -53.16 -14.73
N SER M 182 -10.18 -53.93 -13.81
CA SER M 182 -10.80 -55.21 -13.46
C SER M 182 -12.10 -54.99 -12.70
N LYS M 183 -12.19 -53.91 -11.93
CA LYS M 183 -13.46 -53.58 -11.26
C LYS M 183 -14.51 -53.16 -12.29
N VAL M 184 -14.12 -52.32 -13.23
CA VAL M 184 -15.07 -51.85 -14.24
C VAL M 184 -15.57 -53.01 -15.07
N GLU M 185 -14.72 -54.00 -15.34
CA GLU M 185 -15.15 -55.15 -16.13
C GLU M 185 -16.15 -56.01 -15.36
N GLU M 186 -15.96 -56.15 -14.06
CA GLU M 186 -16.87 -56.99 -13.27
C GLU M 186 -18.27 -56.39 -13.25
N ILE M 187 -18.37 -55.06 -13.08
CA ILE M 187 -19.67 -54.40 -13.10
C ILE M 187 -20.28 -54.48 -14.49
N LYS M 188 -19.47 -54.23 -15.52
CA LYS M 188 -19.99 -54.24 -16.89
C LYS M 188 -20.67 -55.55 -17.23
N LYS M 189 -20.21 -56.65 -16.63
CA LYS M 189 -20.77 -57.96 -16.91
C LYS M 189 -21.90 -58.34 -15.96
N CYS M 190 -22.18 -57.53 -14.94
CA CYS M 190 -23.23 -57.81 -13.98
C CYS M 190 -24.44 -56.87 -14.11
N VAL M 191 -24.40 -55.92 -15.03
CA VAL M 191 -25.50 -54.99 -15.24
C VAL M 191 -25.72 -54.83 -16.74
N SER M 192 -26.98 -54.76 -17.15
CA SER M 192 -27.34 -54.63 -18.55
C SER M 192 -27.51 -53.18 -18.98
N ILE M 193 -27.17 -52.23 -18.13
CA ILE M 193 -27.30 -50.81 -18.43
C ILE M 193 -25.90 -50.25 -18.70
N ASN M 194 -25.86 -49.00 -19.18
CA ASN M 194 -24.58 -48.39 -19.53
C ASN M 194 -23.67 -48.36 -18.31
N VAL M 195 -22.36 -48.46 -18.58
CA VAL M 195 -21.33 -48.36 -17.57
C VAL M 195 -20.38 -47.25 -17.97
N LEU M 196 -20.10 -46.36 -17.03
CA LEU M 196 -19.20 -45.24 -17.24
C LEU M 196 -17.99 -45.39 -16.35
N ALA M 197 -16.95 -44.62 -16.64
CA ALA M 197 -15.75 -44.63 -15.82
C ALA M 197 -15.07 -43.28 -15.92
N ARG M 198 -14.23 -43.00 -14.93
CA ARG M 198 -13.61 -41.69 -14.77
C ARG M 198 -12.14 -41.78 -15.08
N VAL M 199 -11.63 -40.80 -15.82
CA VAL M 199 -10.21 -40.70 -16.13
C VAL M 199 -9.76 -39.28 -15.83
N ARG M 200 -8.57 -39.16 -15.26
CA ARG M 200 -8.07 -37.86 -14.87
C ARG M 200 -8.00 -36.94 -16.07
N ILE M 201 -8.13 -35.63 -15.80
CA ILE M 201 -8.16 -34.64 -16.86
C ILE M 201 -6.81 -34.66 -17.58
N GLY M 202 -6.82 -35.03 -18.85
CA GLY M 202 -5.64 -35.02 -19.68
C GLY M 202 -4.94 -36.35 -19.80
N HIS M 203 -5.22 -37.30 -18.90
CA HIS M 203 -4.54 -38.58 -18.93
C HIS M 203 -5.08 -39.43 -20.07
N PHE M 204 -4.52 -39.27 -21.27
CA PHE M 204 -5.06 -39.94 -22.43
C PHE M 204 -4.77 -41.43 -22.46
N VAL M 205 -3.85 -41.92 -21.62
CA VAL M 205 -3.54 -43.35 -21.66
C VAL M 205 -4.50 -44.14 -20.78
N GLU M 206 -5.06 -43.52 -19.74
CA GLU M 206 -6.16 -44.19 -19.03
C GLU M 206 -7.36 -44.37 -19.94
N ALA M 207 -7.67 -43.34 -20.75
CA ALA M 207 -8.76 -43.46 -21.70
C ALA M 207 -8.50 -44.59 -22.70
N GLN M 208 -7.26 -44.71 -23.18
CA GLN M 208 -6.94 -45.77 -24.12
C GLN M 208 -7.16 -47.15 -23.50
N ILE M 209 -6.94 -47.27 -22.19
CA ILE M 209 -7.19 -48.54 -21.51
C ILE M 209 -8.68 -48.84 -21.49
N LEU M 210 -9.48 -47.85 -21.07
CA LEU M 210 -10.93 -48.03 -21.01
C LEU M 210 -11.53 -48.21 -22.40
N GLU M 211 -11.06 -47.41 -23.36
CA GLU M 211 -11.53 -47.56 -24.73
C GLU M 211 -11.28 -48.97 -25.22
N GLU M 212 -10.22 -49.61 -24.75
CA GLU M 212 -9.99 -51.03 -25.07
C GLU M 212 -10.89 -51.95 -24.27
N LEU M 213 -11.45 -51.48 -23.17
CA LEU M 213 -12.33 -52.29 -22.33
C LEU M 213 -13.76 -52.36 -22.87
N LYS M 214 -14.08 -51.59 -23.90
CA LYS M 214 -15.43 -51.56 -24.47
C LYS M 214 -16.42 -51.03 -23.46
N ILE M 215 -16.04 -49.96 -22.77
CA ILE M 215 -16.91 -49.28 -21.82
C ILE M 215 -17.93 -48.49 -22.63
N ASP M 216 -18.95 -47.94 -21.98
CA ASP M 216 -20.03 -47.25 -22.69
C ASP M 216 -19.85 -45.74 -22.77
N MET M 217 -19.16 -45.13 -21.82
CA MET M 217 -18.89 -43.70 -21.91
C MET M 217 -17.86 -43.30 -20.86
N ILE M 218 -16.82 -42.60 -21.27
CA ILE M 218 -15.74 -42.20 -20.38
C ILE M 218 -16.04 -40.81 -19.85
N ASP M 219 -15.50 -40.50 -18.68
CA ASP M 219 -15.80 -39.24 -17.99
C ASP M 219 -14.51 -38.56 -17.60
N GLU M 220 -14.12 -37.54 -18.33
CA GLU M 220 -12.91 -36.78 -18.03
C GLU M 220 -13.22 -35.86 -16.85
N SER M 221 -12.90 -36.32 -15.64
CA SER M 221 -13.48 -35.77 -14.43
C SER M 221 -12.48 -34.97 -13.62
N GLU M 222 -12.97 -33.86 -13.08
CA GLU M 222 -12.20 -33.00 -12.19
C GLU M 222 -12.21 -33.48 -10.75
N VAL M 223 -13.08 -34.43 -10.41
CA VAL M 223 -13.06 -35.02 -9.07
C VAL M 223 -11.73 -35.74 -8.85
N LEU M 224 -11.28 -36.50 -9.83
CA LEU M 224 -9.99 -37.13 -9.77
C LEU M 224 -8.88 -36.08 -9.93
N THR M 225 -7.69 -36.41 -9.43
CA THR M 225 -6.57 -35.50 -9.52
C THR M 225 -6.24 -35.21 -10.98
N ILE M 226 -5.83 -33.98 -11.26
CA ILE M 226 -5.57 -33.52 -12.62
C ILE M 226 -4.22 -34.06 -13.07
N ALA M 227 -4.20 -34.78 -14.20
CA ALA M 227 -2.94 -35.27 -14.74
C ALA M 227 -2.25 -34.21 -15.59
N ASP M 228 -3.00 -33.53 -16.44
CA ASP M 228 -2.49 -32.45 -17.29
C ASP M 228 -3.30 -31.20 -16.98
N GLU M 229 -2.72 -30.30 -16.18
CA GLU M 229 -3.43 -29.09 -15.80
C GLU M 229 -3.70 -28.19 -17.00
N MET M 230 -2.99 -28.40 -18.11
CA MET M 230 -3.04 -27.49 -19.24
C MET M 230 -3.90 -27.99 -20.39
N HIS M 231 -3.94 -29.30 -20.61
CA HIS M 231 -4.60 -29.88 -21.76
C HIS M 231 -5.76 -30.77 -21.34
N HIS M 232 -6.54 -31.18 -22.33
CA HIS M 232 -7.65 -32.09 -22.17
C HIS M 232 -7.55 -33.17 -23.24
N ILE M 233 -7.91 -34.40 -22.88
CA ILE M 233 -7.78 -35.50 -23.82
C ILE M 233 -8.32 -35.07 -25.17
N ASP M 234 -7.67 -35.53 -26.24
CA ASP M 234 -8.17 -35.29 -27.59
C ASP M 234 -9.23 -36.35 -27.88
N LYS M 235 -10.48 -36.02 -27.55
CA LYS M 235 -11.55 -36.99 -27.60
C LYS M 235 -11.97 -37.35 -29.01
N HIS M 236 -11.36 -36.75 -30.03
CA HIS M 236 -11.67 -37.11 -31.40
C HIS M 236 -11.06 -38.45 -31.80
N LYS M 237 -10.00 -38.88 -31.11
CA LYS M 237 -9.27 -40.09 -31.49
C LYS M 237 -9.90 -41.36 -30.95
N PHE M 238 -10.94 -41.26 -30.12
CA PHE M 238 -11.55 -42.41 -29.48
C PHE M 238 -12.91 -42.69 -30.09
N LYS M 239 -13.30 -43.96 -30.09
CA LYS M 239 -14.65 -44.33 -30.49
C LYS M 239 -15.63 -44.18 -29.35
N THR M 240 -15.15 -44.25 -28.12
CA THR M 240 -16.03 -44.20 -26.94
C THR M 240 -16.42 -42.76 -26.65
N PRO M 241 -17.72 -42.45 -26.52
CA PRO M 241 -18.11 -41.08 -26.24
C PRO M 241 -17.61 -40.60 -24.88
N PHE M 242 -17.32 -39.32 -24.79
CA PHE M 242 -16.80 -38.69 -23.59
C PHE M 242 -17.84 -37.75 -23.01
N VAL M 243 -17.80 -37.57 -21.69
CA VAL M 243 -18.60 -36.57 -21.00
C VAL M 243 -17.65 -35.73 -20.16
N CYS M 244 -17.80 -34.41 -20.23
CA CYS M 244 -16.87 -33.50 -19.58
C CYS M 244 -17.65 -32.44 -18.83
N GLY M 245 -17.04 -31.90 -17.78
CA GLY M 245 -17.69 -30.89 -16.98
C GLY M 245 -17.74 -29.54 -17.68
N CYS M 246 -18.46 -28.62 -17.04
CA CYS M 246 -18.62 -27.28 -17.61
C CYS M 246 -19.26 -26.39 -16.56
N THR M 247 -18.82 -25.13 -16.51
CA THR M 247 -19.38 -24.15 -15.62
C THR M 247 -19.98 -22.94 -16.33
N ASN M 248 -19.71 -22.78 -17.62
CA ASN M 248 -20.32 -21.70 -18.40
C ASN M 248 -20.45 -22.19 -19.84
N LEU M 249 -21.12 -21.38 -20.66
CA LEU M 249 -21.33 -21.77 -22.05
C LEU M 249 -20.01 -21.81 -22.81
N GLY M 250 -19.10 -20.89 -22.53
CA GLY M 250 -17.82 -20.90 -23.22
C GLY M 250 -17.06 -22.18 -22.98
N GLU M 251 -16.99 -22.61 -21.73
CA GLU M 251 -16.29 -23.84 -21.39
C GLU M 251 -16.99 -25.05 -21.98
N ALA M 252 -18.32 -25.07 -21.97
CA ALA M 252 -19.06 -26.17 -22.55
C ALA M 252 -18.84 -26.26 -24.06
N LEU M 253 -18.74 -25.11 -24.72
CA LEU M 253 -18.56 -25.11 -26.16
C LEU M 253 -17.13 -25.51 -26.54
N ARG M 254 -16.16 -25.17 -25.71
CA ARG M 254 -14.79 -25.59 -25.97
C ARG M 254 -14.66 -27.12 -25.92
N ARG M 255 -15.25 -27.74 -24.90
CA ARG M 255 -15.15 -29.18 -24.76
C ARG M 255 -15.91 -29.91 -25.87
N ILE M 256 -17.00 -29.34 -26.36
CA ILE M 256 -17.69 -29.95 -27.49
C ILE M 256 -16.84 -29.85 -28.74
N SER M 257 -16.05 -28.78 -28.86
CA SER M 257 -15.13 -28.66 -29.98
C SER M 257 -14.07 -29.75 -29.92
N GLU M 258 -13.54 -30.03 -28.73
CA GLU M 258 -12.53 -31.06 -28.58
C GLU M 258 -13.06 -32.46 -28.82
N GLY M 259 -14.36 -32.68 -28.67
CA GLY M 259 -14.97 -33.94 -29.05
C GLY M 259 -15.89 -34.53 -28.01
N ALA M 260 -16.21 -33.79 -26.96
CA ALA M 260 -17.12 -34.30 -25.94
C ALA M 260 -18.50 -34.54 -26.52
N SER M 261 -19.09 -35.70 -26.24
CA SER M 261 -20.40 -36.06 -26.73
C SER M 261 -21.50 -35.79 -25.72
N MET M 262 -21.18 -35.16 -24.60
CA MET M 262 -22.16 -34.89 -23.56
C MET M 262 -21.48 -34.02 -22.52
N ILE M 263 -22.28 -33.23 -21.81
CA ILE M 263 -21.76 -32.28 -20.84
C ILE M 263 -22.50 -32.46 -19.53
N ARG M 264 -21.88 -32.01 -18.45
CA ARG M 264 -22.52 -31.95 -17.15
C ARG M 264 -22.00 -30.75 -16.40
N THR M 265 -22.79 -30.24 -15.47
CA THR M 265 -22.39 -29.06 -14.71
C THR M 265 -21.54 -29.47 -13.52
N LYS M 266 -20.34 -28.89 -13.43
CA LYS M 266 -19.38 -29.31 -12.41
C LYS M 266 -20.02 -29.29 -11.02
N GLY M 267 -20.74 -28.22 -10.70
CA GLY M 267 -21.32 -28.13 -9.37
C GLY M 267 -20.26 -28.14 -8.29
N GLU M 268 -20.51 -28.92 -7.24
CA GLU M 268 -19.60 -29.04 -6.10
C GLU M 268 -19.77 -30.45 -5.54
N ALA M 269 -18.91 -31.37 -5.97
CA ALA M 269 -19.06 -32.77 -5.61
C ALA M 269 -18.69 -33.00 -4.15
N GLY M 270 -19.41 -33.92 -3.50
CA GLY M 270 -19.12 -34.33 -2.15
C GLY M 270 -19.74 -33.49 -1.06
N THR M 271 -20.39 -32.39 -1.41
CA THR M 271 -20.98 -31.49 -0.41
C THR M 271 -22.48 -31.68 -0.24
N GLY M 272 -23.18 -32.10 -1.29
CA GLY M 272 -24.63 -32.22 -1.25
C GLY M 272 -25.36 -30.90 -1.43
N ASN M 273 -24.65 -29.80 -1.64
CA ASN M 273 -25.26 -28.50 -1.81
C ASN M 273 -25.50 -28.25 -3.29
N ILE M 274 -26.75 -27.99 -3.65
CA ILE M 274 -27.16 -27.81 -5.03
C ILE M 274 -26.97 -26.35 -5.43
N ILE M 275 -26.29 -25.58 -4.59
CA ILE M 275 -26.13 -24.16 -4.87
C ILE M 275 -25.34 -23.96 -6.17
N GLU M 276 -24.25 -24.69 -6.33
CA GLU M 276 -23.40 -24.50 -7.50
C GLU M 276 -24.04 -25.09 -8.75
N ALA M 277 -24.68 -26.26 -8.63
CA ALA M 277 -25.32 -26.86 -9.80
C ALA M 277 -26.39 -25.95 -10.36
N ILE M 278 -27.21 -25.36 -9.48
CA ILE M 278 -28.26 -24.45 -9.94
C ILE M 278 -27.66 -23.17 -10.47
N LYS M 279 -26.61 -22.67 -9.82
CA LYS M 279 -25.96 -21.46 -10.31
C LYS M 279 -25.40 -21.66 -11.71
N HIS M 280 -24.80 -22.82 -11.96
CA HIS M 280 -24.23 -23.08 -13.28
C HIS M 280 -25.31 -23.35 -14.31
N ILE M 281 -26.38 -24.04 -13.92
CA ILE M 281 -27.47 -24.30 -14.86
C ILE M 281 -28.07 -22.99 -15.36
N ARG M 282 -28.29 -22.05 -14.45
CA ARG M 282 -28.83 -20.75 -14.85
C ARG M 282 -27.84 -20.01 -15.73
N THR M 283 -26.56 -20.00 -15.35
CA THR M 283 -25.57 -19.26 -16.12
C THR M 283 -25.52 -19.75 -17.56
N VAL M 284 -25.48 -21.06 -17.76
CA VAL M 284 -25.45 -21.60 -19.12
C VAL M 284 -26.75 -21.30 -19.83
N ASN M 285 -27.89 -21.44 -19.14
CA ASN M 285 -29.17 -21.20 -19.79
C ASN M 285 -29.34 -19.74 -20.17
N ASN M 286 -28.91 -18.83 -19.29
CA ASN M 286 -29.01 -17.41 -19.60
C ASN M 286 -28.16 -17.04 -20.81
N GLU M 287 -26.92 -17.55 -20.86
CA GLU M 287 -26.03 -17.20 -21.94
C GLU M 287 -26.55 -17.69 -23.28
N ILE M 288 -27.10 -18.90 -23.32
CA ILE M 288 -27.61 -19.43 -24.57
C ILE M 288 -28.76 -18.58 -25.09
N CYS M 289 -29.66 -18.17 -24.20
CA CYS M 289 -30.80 -17.35 -24.63
C CYS M 289 -30.36 -15.94 -24.98
N TYR M 290 -29.52 -15.32 -24.15
CA TYR M 290 -28.97 -14.01 -24.50
C TYR M 290 -28.31 -14.06 -25.86
N LEU M 291 -27.62 -15.15 -26.16
CA LEU M 291 -27.07 -15.36 -27.49
C LEU M 291 -28.16 -15.38 -28.55
N CYS M 292 -29.25 -16.12 -28.30
CA CYS M 292 -30.30 -16.22 -29.30
C CYS M 292 -30.97 -14.88 -29.57
N CYS M 293 -30.83 -13.93 -28.65
CA CYS M 293 -31.43 -12.61 -28.77
C CYS M 293 -30.48 -11.60 -29.42
N LEU M 294 -29.26 -12.01 -29.75
CA LEU M 294 -28.23 -11.11 -30.27
C LEU M 294 -28.43 -10.94 -31.78
N SER M 295 -27.45 -10.33 -32.44
CA SER M 295 -27.49 -10.09 -33.88
C SER M 295 -26.28 -10.72 -34.55
N ASP M 296 -26.33 -10.76 -35.88
CA ASP M 296 -25.31 -11.49 -36.64
C ASP M 296 -23.92 -10.89 -36.46
N SER M 297 -23.83 -9.55 -36.47
CA SER M 297 -22.53 -8.91 -36.30
C SER M 297 -22.05 -8.94 -34.86
N GLU M 298 -22.94 -9.10 -33.88
CA GLU M 298 -22.55 -9.13 -32.49
C GLU M 298 -22.11 -10.52 -32.05
N VAL M 299 -22.37 -11.56 -32.83
CA VAL M 299 -22.00 -12.90 -32.43
C VAL M 299 -20.49 -13.04 -32.37
N TYR M 300 -19.77 -12.39 -33.28
CA TYR M 300 -18.32 -12.54 -33.31
C TYR M 300 -17.69 -12.01 -32.03
N HIS M 301 -18.16 -10.87 -31.53
CA HIS M 301 -17.60 -10.36 -30.29
C HIS M 301 -17.95 -11.27 -29.11
N PHE M 302 -19.17 -11.82 -29.09
CA PHE M 302 -19.54 -12.72 -28.01
C PHE M 302 -18.62 -13.92 -27.97
N ALA M 303 -18.42 -14.57 -29.11
CA ALA M 303 -17.56 -15.74 -29.16
C ALA M 303 -16.20 -15.43 -28.56
N LYS M 304 -15.65 -14.26 -28.88
CA LYS M 304 -14.39 -13.86 -28.28
C LYS M 304 -14.52 -13.69 -26.76
N LYS M 305 -15.62 -13.09 -26.32
CA LYS M 305 -15.76 -12.82 -24.89
C LYS M 305 -15.85 -14.10 -24.08
N ILE M 306 -16.70 -15.04 -24.49
CA ILE M 306 -16.76 -16.34 -23.82
C ILE M 306 -15.61 -17.24 -24.23
N ASN M 307 -14.88 -16.90 -25.29
CA ASN M 307 -13.75 -17.68 -25.75
C ASN M 307 -14.20 -19.07 -26.21
N ALA M 308 -15.06 -19.08 -27.23
CA ALA M 308 -15.59 -20.31 -27.78
C ALA M 308 -15.47 -20.30 -29.29
N PRO M 309 -15.38 -21.46 -29.92
CA PRO M 309 -15.33 -21.50 -31.38
C PRO M 309 -16.57 -20.86 -31.99
N ILE M 310 -16.35 -20.11 -33.06
CA ILE M 310 -17.46 -19.39 -33.69
C ILE M 310 -18.46 -20.36 -34.30
N ASP M 311 -17.97 -21.48 -34.84
CA ASP M 311 -18.87 -22.42 -35.50
C ASP M 311 -19.91 -22.97 -34.54
N LEU M 312 -19.48 -23.37 -33.35
CA LEU M 312 -20.42 -23.87 -32.34
C LEU M 312 -21.31 -22.76 -31.82
N VAL M 313 -20.76 -21.56 -31.63
CA VAL M 313 -21.56 -20.44 -31.13
C VAL M 313 -22.75 -20.20 -32.03
N LEU M 314 -22.54 -20.27 -33.34
CA LEU M 314 -23.67 -20.14 -34.26
C LEU M 314 -24.59 -21.35 -34.17
N LEU M 315 -24.04 -22.54 -33.95
CA LEU M 315 -24.87 -23.74 -33.82
C LEU M 315 -25.75 -23.66 -32.58
N THR M 316 -25.21 -23.17 -31.47
CA THR M 316 -26.03 -22.98 -30.28
C THR M 316 -27.15 -21.99 -30.54
N LYS M 317 -26.84 -20.91 -31.26
CA LYS M 317 -27.87 -19.93 -31.61
C LYS M 317 -28.97 -20.56 -32.44
N LYS M 318 -28.59 -21.34 -33.46
CA LYS M 318 -29.59 -21.94 -34.33
C LYS M 318 -30.45 -22.94 -33.56
N LEU M 319 -29.84 -23.77 -32.72
CA LEU M 319 -30.56 -24.79 -31.98
C LEU M 319 -31.26 -24.24 -30.74
N LYS M 320 -30.82 -23.08 -30.25
CA LYS M 320 -31.36 -22.43 -29.06
C LYS M 320 -31.04 -23.19 -27.79
N ARG M 321 -30.19 -24.21 -27.85
CA ARG M 321 -29.77 -24.97 -26.68
C ARG M 321 -28.37 -25.51 -26.94
N LEU M 322 -27.81 -26.19 -25.94
CA LEU M 322 -26.48 -26.75 -26.10
C LEU M 322 -26.49 -27.80 -27.20
N PRO M 323 -25.50 -27.83 -28.07
CA PRO M 323 -25.55 -28.78 -29.20
C PRO M 323 -25.56 -30.24 -28.78
N VAL M 324 -25.16 -30.56 -27.55
CA VAL M 324 -25.03 -31.93 -27.09
C VAL M 324 -25.85 -32.12 -25.82
N VAL M 325 -26.14 -33.38 -25.51
CA VAL M 325 -26.91 -33.69 -24.30
C VAL M 325 -26.24 -33.03 -23.11
N ASN M 326 -27.07 -32.55 -22.18
CA ASN M 326 -26.60 -31.84 -21.00
C ASN M 326 -27.25 -32.44 -19.77
N PHE M 327 -26.42 -32.84 -18.82
CA PHE M 327 -26.87 -33.45 -17.57
C PHE M 327 -26.50 -32.55 -16.41
N ALA M 328 -27.09 -32.82 -15.25
CA ALA M 328 -26.84 -32.08 -14.03
C ALA M 328 -26.05 -32.96 -13.07
N ALA M 329 -25.01 -32.39 -12.47
CA ALA M 329 -24.15 -33.15 -11.59
C ALA M 329 -23.69 -32.30 -10.43
N GLY M 330 -23.68 -32.89 -9.23
CA GLY M 330 -23.12 -32.23 -8.07
C GLY M 330 -24.18 -31.60 -7.19
N GLY M 331 -24.51 -32.25 -6.09
CA GLY M 331 -25.47 -31.74 -5.14
C GLY M 331 -26.84 -32.38 -5.19
N VAL M 332 -27.16 -33.10 -6.26
CA VAL M 332 -28.48 -33.72 -6.36
C VAL M 332 -28.54 -34.86 -5.35
N ALA M 333 -29.28 -34.65 -4.26
CA ALA M 333 -29.38 -35.64 -3.19
C ALA M 333 -30.81 -35.98 -2.81
N THR M 334 -31.80 -35.25 -3.28
CA THR M 334 -33.19 -35.43 -2.88
C THR M 334 -34.07 -35.44 -4.13
N PRO M 335 -35.20 -36.13 -4.08
CA PRO M 335 -36.11 -36.08 -5.24
C PRO M 335 -36.47 -34.67 -5.66
N ALA M 336 -36.53 -33.74 -4.71
CA ALA M 336 -36.78 -32.35 -5.07
C ALA M 336 -35.60 -31.76 -5.83
N ASP M 337 -34.38 -32.08 -5.42
CA ASP M 337 -33.21 -31.56 -6.10
C ASP M 337 -33.14 -32.06 -7.53
N ALA M 338 -33.45 -33.34 -7.74
CA ALA M 338 -33.45 -33.88 -9.09
C ALA M 338 -34.49 -33.20 -9.97
N ALA M 339 -35.69 -33.00 -9.43
CA ALA M 339 -36.76 -32.40 -10.23
C ALA M 339 -36.50 -30.92 -10.48
N MET M 340 -35.86 -30.23 -9.54
CA MET M 340 -35.52 -28.83 -9.79
C MET M 340 -34.61 -28.70 -10.99
N CYS M 341 -33.59 -29.56 -11.07
CA CYS M 341 -32.64 -29.48 -12.19
C CYS M 341 -33.34 -29.73 -13.51
N MET M 342 -34.24 -30.72 -13.55
CA MET M 342 -34.96 -31.00 -14.78
C MET M 342 -35.95 -29.90 -15.12
N GLN M 343 -36.56 -29.27 -14.11
CA GLN M 343 -37.44 -28.14 -14.37
C GLN M 343 -36.68 -26.93 -14.87
N LEU M 344 -35.35 -26.93 -14.75
CA LEU M 344 -34.51 -25.87 -15.28
C LEU M 344 -33.92 -26.20 -16.65
N GLY M 345 -34.31 -27.32 -17.26
CA GLY M 345 -34.00 -27.63 -18.64
C GLY M 345 -33.15 -28.87 -18.83
N MET M 346 -32.23 -29.14 -17.90
CA MET M 346 -31.26 -30.23 -18.04
C MET M 346 -31.94 -31.49 -18.53
N ASP M 347 -31.18 -32.37 -19.20
CA ASP M 347 -31.73 -33.57 -19.80
C ASP M 347 -31.66 -34.79 -18.89
N GLY M 348 -31.06 -34.66 -17.72
CA GLY M 348 -30.91 -35.80 -16.83
C GLY M 348 -30.12 -35.36 -15.61
N VAL M 349 -29.85 -36.33 -14.75
CA VAL M 349 -29.20 -36.05 -13.47
C VAL M 349 -28.09 -37.06 -13.22
N PHE M 350 -26.94 -36.57 -12.77
CA PHE M 350 -25.88 -37.39 -12.21
C PHE M 350 -26.01 -37.37 -10.70
N VAL M 351 -26.14 -38.54 -10.10
CA VAL M 351 -26.40 -38.68 -8.67
C VAL M 351 -25.20 -39.33 -8.01
N GLY M 352 -24.69 -38.70 -6.95
CA GLY M 352 -23.52 -39.20 -6.27
C GLY M 352 -23.77 -40.46 -5.47
N SER M 353 -22.97 -40.68 -4.43
CA SER M 353 -23.07 -41.88 -3.61
C SER M 353 -23.97 -41.72 -2.40
N GLY M 354 -24.57 -40.54 -2.21
CA GLY M 354 -25.44 -40.34 -1.07
C GLY M 354 -26.62 -41.28 -1.05
N ILE M 355 -26.98 -41.85 -2.19
CA ILE M 355 -28.14 -42.73 -2.26
C ILE M 355 -27.90 -43.98 -1.41
N PHE M 356 -26.66 -44.45 -1.36
CA PHE M 356 -26.34 -45.70 -0.70
C PHE M 356 -25.79 -45.52 0.70
N GLU M 357 -25.35 -44.32 1.07
CA GLU M 357 -25.06 -44.00 2.46
C GLU M 357 -26.28 -43.42 3.16
N SER M 358 -27.41 -44.13 3.06
CA SER M 358 -28.66 -43.68 3.63
C SER M 358 -29.44 -44.91 4.11
N GLU M 359 -30.54 -44.64 4.81
CA GLU M 359 -31.30 -45.70 5.45
C GLU M 359 -31.74 -46.75 4.43
N ASN M 360 -32.56 -46.35 3.47
CA ASN M 360 -33.02 -47.25 2.42
C ASN M 360 -32.39 -46.85 1.09
N PRO M 361 -31.42 -47.60 0.56
CA PRO M 361 -30.85 -47.22 -0.73
C PRO M 361 -31.78 -47.50 -1.90
N ARG M 362 -32.50 -48.62 -1.87
CA ARG M 362 -33.37 -48.96 -2.99
C ARG M 362 -34.50 -47.96 -3.14
N LYS M 363 -35.11 -47.57 -2.02
CA LYS M 363 -36.23 -46.64 -2.09
C LYS M 363 -35.75 -45.23 -2.42
N MET M 364 -34.68 -44.77 -1.76
CA MET M 364 -34.19 -43.43 -2.06
C MET M 364 -33.70 -43.35 -3.50
N ALA M 365 -33.05 -44.41 -4.00
CA ALA M 365 -32.67 -44.44 -5.40
C ALA M 365 -33.91 -44.46 -6.30
N ALA M 366 -34.89 -45.28 -5.96
CA ALA M 366 -36.14 -45.33 -6.72
C ALA M 366 -36.82 -43.98 -6.71
N SER M 367 -36.73 -43.25 -5.60
CA SER M 367 -37.35 -41.93 -5.51
C SER M 367 -36.72 -40.95 -6.47
N ILE M 368 -35.39 -40.95 -6.57
CA ILE M 368 -34.70 -40.01 -7.44
C ILE M 368 -35.09 -40.25 -8.88
N VAL M 369 -35.24 -41.53 -9.27
CA VAL M 369 -35.58 -41.84 -10.65
C VAL M 369 -36.98 -41.37 -10.99
N SER M 370 -37.93 -41.59 -10.08
CA SER M 370 -39.31 -41.18 -10.33
C SER M 370 -39.42 -39.66 -10.39
N ALA M 371 -38.61 -38.96 -9.61
CA ALA M 371 -38.61 -37.50 -9.67
C ALA M 371 -38.19 -37.02 -11.05
N VAL M 372 -37.16 -37.63 -11.62
CA VAL M 372 -36.68 -37.21 -12.94
C VAL M 372 -37.69 -37.57 -14.01
N SER M 373 -38.33 -38.75 -13.89
CA SER M 373 -39.31 -39.13 -14.89
C SER M 373 -40.59 -38.31 -14.80
N ASN M 374 -40.92 -37.81 -13.60
CA ASN M 374 -42.15 -37.07 -13.35
C ASN M 374 -41.82 -35.73 -12.70
N PHE M 375 -40.85 -35.02 -13.26
CA PHE M 375 -40.36 -33.79 -12.64
C PHE M 375 -41.36 -32.66 -12.67
N ASN M 376 -42.45 -32.78 -13.44
CA ASN M 376 -43.44 -31.73 -13.56
C ASN M 376 -44.74 -32.08 -12.85
N ASN M 377 -44.74 -33.11 -12.02
CA ASN M 377 -45.96 -33.60 -11.37
C ASN M 377 -45.80 -33.44 -9.86
N PRO M 378 -46.29 -32.35 -9.27
CA PRO M 378 -46.09 -32.15 -7.82
C PRO M 378 -46.70 -33.25 -6.98
N LYS M 379 -47.76 -33.90 -7.45
CA LYS M 379 -48.37 -34.98 -6.67
C LYS M 379 -47.39 -36.13 -6.47
N ILE M 380 -46.70 -36.52 -7.54
CA ILE M 380 -45.74 -37.62 -7.44
C ILE M 380 -44.52 -37.19 -6.64
N LEU M 381 -44.05 -35.96 -6.85
CA LEU M 381 -42.89 -35.49 -6.11
C LEU M 381 -43.13 -35.52 -4.62
N LEU M 382 -44.34 -35.17 -4.19
CA LEU M 382 -44.69 -35.31 -2.78
C LEU M 382 -44.66 -36.77 -2.36
N ASP M 383 -45.21 -37.65 -3.19
CA ASP M 383 -45.32 -39.06 -2.81
C ASP M 383 -43.96 -39.66 -2.54
N VAL M 384 -42.99 -39.40 -3.43
CA VAL M 384 -41.66 -39.98 -3.26
C VAL M 384 -40.94 -39.36 -2.07
N SER M 385 -41.15 -38.06 -1.83
CA SER M 385 -40.43 -37.38 -0.75
C SER M 385 -40.89 -37.81 0.63
N MET M 386 -42.08 -38.43 0.74
CA MET M 386 -42.61 -38.79 2.04
C MET M 386 -41.99 -40.08 2.54
N ASN M 387 -41.58 -40.07 3.81
CA ASN M 387 -40.98 -41.23 4.45
C ASN M 387 -39.69 -41.64 3.75
N LEU M 388 -38.93 -40.65 3.28
CA LEU M 388 -37.66 -40.92 2.61
C LEU M 388 -36.54 -41.27 3.58
N GLY M 389 -36.74 -41.05 4.88
CA GLY M 389 -35.74 -41.37 5.87
C GLY M 389 -35.83 -42.80 6.36
N VAL N 124 -54.36 -12.92 -3.94
CA VAL N 124 -53.43 -12.50 -2.90
C VAL N 124 -54.18 -11.75 -1.80
N LEU N 125 -55.33 -11.17 -2.15
CA LEU N 125 -56.11 -10.44 -1.17
C LEU N 125 -56.54 -11.36 -0.03
N LEU N 126 -56.98 -12.57 -0.35
CA LEU N 126 -57.39 -13.50 0.69
C LEU N 126 -56.21 -13.92 1.55
N LYS N 127 -55.02 -14.05 0.95
CA LYS N 127 -53.83 -14.34 1.74
C LYS N 127 -53.53 -13.21 2.72
N HIS N 128 -53.67 -11.95 2.26
CA HIS N 128 -53.46 -10.82 3.15
C HIS N 128 -54.50 -10.78 4.25
N GLY N 129 -55.77 -11.03 3.90
CA GLY N 129 -56.81 -11.04 4.92
C GLY N 129 -56.60 -12.13 5.95
N TRP N 130 -56.18 -13.32 5.52
CA TRP N 130 -55.86 -14.38 6.46
C TRP N 130 -54.70 -13.98 7.36
N CYS N 131 -53.67 -13.37 6.80
CA CYS N 131 -52.53 -12.95 7.61
C CYS N 131 -52.93 -11.86 8.59
N GLU N 132 -53.76 -10.91 8.16
CA GLU N 132 -54.19 -9.85 9.06
C GLU N 132 -54.89 -10.43 10.28
N MET N 133 -55.60 -11.55 10.11
CA MET N 133 -56.15 -12.27 11.25
C MET N 133 -55.06 -12.93 12.08
N LEU N 134 -53.83 -12.95 11.60
CA LEU N 134 -52.71 -13.59 12.27
C LEU N 134 -51.94 -12.65 13.19
N LYS N 135 -52.41 -11.42 13.37
CA LYS N 135 -51.66 -10.43 14.12
C LYS N 135 -51.73 -10.71 15.62
N GLY N 136 -50.70 -10.25 16.34
CA GLY N 136 -50.68 -10.33 17.78
C GLY N 136 -50.45 -11.72 18.36
N GLY N 137 -49.87 -12.64 17.59
CA GLY N 137 -49.66 -14.00 18.03
C GLY N 137 -48.19 -14.38 18.10
N VAL N 138 -47.98 -15.61 18.57
CA VAL N 138 -46.65 -16.18 18.76
C VAL N 138 -46.56 -17.46 17.96
N ILE N 139 -45.50 -17.60 17.17
CA ILE N 139 -45.25 -18.79 16.36
C ILE N 139 -44.03 -19.49 16.92
N MET N 140 -44.22 -20.69 17.45
CA MET N 140 -43.16 -21.45 18.11
C MET N 140 -42.58 -22.49 17.17
N ASP N 141 -41.26 -22.47 17.01
CA ASP N 141 -40.58 -23.38 16.10
C ASP N 141 -40.42 -24.73 16.80
N VAL N 142 -41.34 -25.64 16.54
CA VAL N 142 -41.38 -26.93 17.21
C VAL N 142 -40.64 -27.96 16.38
N LYS N 143 -40.30 -29.08 17.03
CA LYS N 143 -39.51 -30.14 16.42
C LYS N 143 -40.20 -31.49 16.39
N SER N 144 -41.37 -31.63 17.00
CA SER N 144 -42.02 -32.93 17.10
C SER N 144 -43.49 -32.69 17.43
N VAL N 145 -44.19 -33.76 17.78
CA VAL N 145 -45.62 -33.66 18.08
C VAL N 145 -45.85 -33.24 19.53
N GLU N 146 -45.03 -33.73 20.46
CA GLU N 146 -45.17 -33.30 21.84
C GLU N 146 -44.87 -31.81 21.99
N GLN N 147 -43.83 -31.33 21.31
CA GLN N 147 -43.55 -29.89 21.33
C GLN N 147 -44.67 -29.12 20.67
N ALA N 148 -45.20 -29.63 19.54
CA ALA N 148 -46.30 -28.95 18.87
C ALA N 148 -47.54 -28.91 19.75
N LYS N 149 -47.77 -29.96 20.54
CA LYS N 149 -48.90 -29.95 21.46
C LYS N 149 -48.68 -28.95 22.58
N ILE N 150 -47.45 -28.85 23.09
CA ILE N 150 -47.15 -27.89 24.14
C ILE N 150 -47.43 -26.47 23.63
N ALA N 151 -46.95 -26.17 22.42
CA ALA N 151 -47.15 -24.84 21.87
C ALA N 151 -48.61 -24.55 21.56
N GLU N 152 -49.41 -25.58 21.34
CA GLU N 152 -50.84 -25.35 21.14
C GLU N 152 -51.53 -25.04 22.46
N GLU N 153 -51.22 -25.79 23.52
CA GLU N 153 -51.77 -25.48 24.83
C GLU N 153 -51.27 -24.14 25.34
N ALA N 154 -50.01 -23.81 25.06
CA ALA N 154 -49.45 -22.53 25.51
C ALA N 154 -50.13 -21.34 24.85
N GLY N 155 -50.92 -21.55 23.80
CA GLY N 155 -51.65 -20.49 23.17
C GLY N 155 -51.05 -19.92 21.92
N ALA N 156 -50.11 -20.62 21.30
CA ALA N 156 -49.53 -20.13 20.06
C ALA N 156 -50.58 -20.13 18.95
N ILE N 157 -50.35 -19.28 17.95
CA ILE N 157 -51.23 -19.28 16.78
C ILE N 157 -50.73 -20.23 15.70
N GLY N 158 -49.45 -20.55 15.68
CA GLY N 158 -48.93 -21.48 14.70
C GLY N 158 -47.62 -22.07 15.18
N VAL N 159 -47.26 -23.20 14.58
CA VAL N 159 -46.05 -23.93 14.92
C VAL N 159 -45.24 -24.12 13.66
N MET N 160 -43.97 -23.74 13.70
CA MET N 160 -43.07 -23.94 12.57
C MET N 160 -42.36 -25.27 12.73
N VAL N 161 -42.63 -26.20 11.84
CA VAL N 161 -42.07 -27.55 11.95
C VAL N 161 -40.60 -27.50 11.57
N LEU N 162 -39.76 -28.10 12.42
CA LEU N 162 -38.31 -28.04 12.30
C LEU N 162 -37.75 -29.43 12.11
N GLU N 163 -36.47 -29.48 11.72
CA GLU N 163 -35.75 -30.74 11.58
C GLU N 163 -35.20 -31.15 12.95
N ASN N 164 -35.60 -32.34 13.41
CA ASN N 164 -35.19 -32.83 14.73
C ASN N 164 -33.73 -33.27 14.66
N ILE N 165 -32.85 -32.28 14.66
CA ILE N 165 -31.41 -32.53 14.59
C ILE N 165 -31.09 -33.36 13.34
N GLY N 174 -22.28 -29.60 7.05
CA GLY N 174 -23.67 -30.03 6.99
C GLY N 174 -24.51 -29.13 6.10
N VAL N 175 -25.52 -29.72 5.46
CA VAL N 175 -26.44 -29.00 4.60
C VAL N 175 -27.84 -29.17 5.19
N ALA N 176 -28.49 -28.05 5.48
CA ALA N 176 -29.84 -28.06 6.04
C ALA N 176 -30.86 -27.96 4.91
N ARG N 177 -31.72 -28.97 4.81
CA ARG N 177 -32.73 -29.04 3.77
C ARG N 177 -34.11 -29.00 4.39
N SER N 178 -35.12 -28.82 3.53
CA SER N 178 -36.49 -28.82 4.01
C SER N 178 -36.80 -30.12 4.72
N VAL N 179 -37.51 -30.01 5.84
CA VAL N 179 -37.86 -31.18 6.63
C VAL N 179 -38.68 -32.15 5.78
N ASP N 180 -38.63 -33.42 6.16
CA ASP N 180 -39.33 -34.46 5.42
C ASP N 180 -40.84 -34.21 5.48
N PRO N 181 -41.54 -34.16 4.33
CA PRO N 181 -42.97 -33.84 4.38
C PRO N 181 -43.81 -34.81 5.20
N SER N 182 -43.31 -36.02 5.48
CA SER N 182 -44.07 -36.93 6.32
C SER N 182 -44.11 -36.44 7.76
N LYS N 183 -43.04 -35.76 8.21
CA LYS N 183 -43.05 -35.17 9.54
C LYS N 183 -44.00 -33.99 9.61
N VAL N 184 -43.94 -33.11 8.61
CA VAL N 184 -44.85 -31.96 8.59
C VAL N 184 -46.30 -32.42 8.54
N GLU N 185 -46.57 -33.51 7.82
CA GLU N 185 -47.92 -34.03 7.74
C GLU N 185 -48.35 -34.65 9.06
N GLU N 186 -47.39 -35.17 9.82
CA GLU N 186 -47.70 -35.73 11.14
C GLU N 186 -48.22 -34.65 12.07
N ILE N 187 -47.49 -33.53 12.17
CA ILE N 187 -47.88 -32.46 13.08
C ILE N 187 -49.16 -31.82 12.61
N LYS N 188 -49.33 -31.65 11.30
CA LYS N 188 -50.50 -30.96 10.77
C LYS N 188 -51.80 -31.63 11.18
N LYS N 189 -51.77 -32.91 11.52
CA LYS N 189 -52.97 -33.64 11.93
C LYS N 189 -53.08 -33.80 13.43
N CYS N 190 -52.13 -33.28 14.21
CA CYS N 190 -52.16 -33.36 15.66
C CYS N 190 -52.32 -32.01 16.33
N VAL N 191 -52.43 -30.93 15.56
CA VAL N 191 -52.64 -29.59 16.11
C VAL N 191 -53.65 -28.87 15.25
N SER N 192 -54.57 -28.15 15.90
CA SER N 192 -55.60 -27.40 15.20
C SER N 192 -55.16 -25.98 14.85
N ILE N 193 -53.91 -25.63 15.13
CA ILE N 193 -53.38 -24.32 14.83
C ILE N 193 -52.59 -24.40 13.54
N ASN N 194 -52.22 -23.24 12.99
CA ASN N 194 -51.50 -23.21 11.73
C ASN N 194 -50.20 -23.99 11.83
N VAL N 195 -49.75 -24.52 10.69
CA VAL N 195 -48.49 -25.24 10.59
C VAL N 195 -47.69 -24.58 9.47
N LEU N 196 -46.45 -24.23 9.77
CA LEU N 196 -45.55 -23.62 8.81
C LEU N 196 -44.41 -24.60 8.51
N ALA N 197 -43.69 -24.31 7.44
CA ALA N 197 -42.55 -25.14 7.07
C ALA N 197 -41.52 -24.29 6.35
N ARG N 198 -40.29 -24.79 6.34
CA ARG N 198 -39.13 -24.06 5.86
C ARG N 198 -38.69 -24.64 4.53
N VAL N 199 -38.40 -23.77 3.57
CA VAL N 199 -37.84 -24.18 2.29
C VAL N 199 -36.66 -23.28 1.99
N ARG N 200 -35.61 -23.87 1.43
CA ARG N 200 -34.39 -23.12 1.17
C ARG N 200 -34.67 -21.97 0.21
N ILE N 201 -33.83 -20.95 0.28
CA ILE N 201 -34.02 -19.74 -0.52
C ILE N 201 -33.84 -20.11 -1.98
N GLY N 202 -34.91 -20.06 -2.76
CA GLY N 202 -34.87 -20.30 -4.18
C GLY N 202 -35.33 -21.68 -4.60
N HIS N 203 -35.38 -22.63 -3.67
CA HIS N 203 -35.78 -23.98 -4.03
C HIS N 203 -37.28 -24.02 -4.28
N PHE N 204 -37.68 -23.87 -5.54
CA PHE N 204 -39.09 -23.77 -5.90
C PHE N 204 -39.75 -25.12 -6.09
N VAL N 205 -39.05 -26.22 -5.84
CA VAL N 205 -39.65 -27.54 -5.90
C VAL N 205 -39.92 -28.11 -4.51
N GLU N 206 -39.19 -27.67 -3.48
CA GLU N 206 -39.62 -27.96 -2.12
C GLU N 206 -40.94 -27.27 -1.83
N ALA N 207 -41.09 -26.03 -2.28
CA ALA N 207 -42.35 -25.32 -2.09
C ALA N 207 -43.50 -26.04 -2.79
N GLN N 208 -43.26 -26.53 -4.00
CA GLN N 208 -44.30 -27.26 -4.72
C GLN N 208 -44.71 -28.52 -3.98
N ILE N 209 -43.76 -29.15 -3.29
CA ILE N 209 -44.07 -30.34 -2.49
C ILE N 209 -44.96 -29.94 -1.31
N LEU N 210 -44.59 -28.88 -0.60
CA LEU N 210 -45.34 -28.45 0.57
C LEU N 210 -46.73 -27.95 0.18
N GLU N 211 -46.82 -27.17 -0.89
CA GLU N 211 -48.13 -26.68 -1.33
C GLU N 211 -49.06 -27.83 -1.66
N GLU N 212 -48.53 -28.94 -2.20
CA GLU N 212 -49.35 -30.13 -2.39
C GLU N 212 -49.76 -30.74 -1.05
N LEU N 213 -49.06 -30.41 0.02
CA LEU N 213 -49.37 -30.92 1.34
C LEU N 213 -50.47 -30.12 2.04
N LYS N 214 -50.91 -29.01 1.47
CA LYS N 214 -51.95 -28.17 2.06
C LYS N 214 -51.49 -27.61 3.40
N ILE N 215 -50.24 -27.17 3.46
CA ILE N 215 -49.67 -26.51 4.63
C ILE N 215 -50.30 -25.13 4.73
N ASP N 216 -50.11 -24.44 5.87
CA ASP N 216 -50.76 -23.17 6.08
C ASP N 216 -49.92 -21.96 5.68
N MET N 217 -48.59 -22.07 5.72
CA MET N 217 -47.75 -20.96 5.30
C MET N 217 -46.33 -21.45 5.21
N ILE N 218 -45.64 -21.07 4.15
CA ILE N 218 -44.28 -21.54 3.85
C ILE N 218 -43.32 -20.42 4.17
N ASP N 219 -42.15 -20.77 4.72
CA ASP N 219 -41.15 -19.78 5.09
C ASP N 219 -39.90 -20.02 4.25
N GLU N 220 -39.60 -19.07 3.37
CA GLU N 220 -38.40 -19.15 2.54
C GLU N 220 -37.24 -18.62 3.36
N SER N 221 -36.52 -19.51 4.02
CA SER N 221 -35.70 -19.16 5.17
C SER N 221 -34.21 -19.21 4.86
N GLU N 222 -33.47 -18.33 5.52
CA GLU N 222 -32.02 -18.27 5.44
C GLU N 222 -31.33 -19.08 6.52
N VAL N 223 -32.07 -19.64 7.47
CA VAL N 223 -31.48 -20.58 8.41
C VAL N 223 -31.07 -21.86 7.69
N LEU N 224 -31.84 -22.28 6.70
CA LEU N 224 -31.49 -23.41 5.86
C LEU N 224 -30.50 -22.97 4.80
N THR N 225 -29.73 -23.93 4.29
CA THR N 225 -28.74 -23.62 3.26
C THR N 225 -29.42 -23.06 2.03
N ILE N 226 -28.73 -22.13 1.37
CA ILE N 226 -29.29 -21.42 0.22
C ILE N 226 -29.20 -22.31 -1.01
N ALA N 227 -30.33 -22.53 -1.68
CA ALA N 227 -30.33 -23.32 -2.91
C ALA N 227 -29.99 -22.45 -4.11
N ASP N 228 -30.59 -21.26 -4.20
CA ASP N 228 -30.33 -20.31 -5.27
C ASP N 228 -29.89 -18.99 -4.62
N GLU N 229 -28.59 -18.74 -4.60
CA GLU N 229 -28.07 -17.53 -3.97
C GLU N 229 -28.45 -16.27 -4.74
N MET N 230 -28.97 -16.40 -5.95
CA MET N 230 -29.27 -15.27 -6.81
C MET N 230 -30.75 -14.95 -6.92
N HIS N 231 -31.62 -15.93 -6.72
CA HIS N 231 -33.05 -15.76 -6.94
C HIS N 231 -33.83 -16.19 -5.71
N HIS N 232 -35.09 -15.76 -5.67
CA HIS N 232 -36.05 -16.14 -4.66
C HIS N 232 -37.28 -16.72 -5.35
N ILE N 233 -37.88 -17.72 -4.72
CA ILE N 233 -39.04 -18.39 -5.30
C ILE N 233 -40.00 -17.34 -5.84
N ASP N 234 -40.62 -17.64 -6.98
CA ASP N 234 -41.65 -16.74 -7.53
C ASP N 234 -42.95 -17.06 -6.79
N LYS N 235 -43.14 -16.38 -5.67
CA LYS N 235 -44.23 -16.71 -4.76
C LYS N 235 -45.60 -16.34 -5.32
N HIS N 236 -45.67 -15.80 -6.54
CA HIS N 236 -46.95 -15.51 -7.17
C HIS N 236 -47.62 -16.75 -7.72
N LYS N 237 -46.86 -17.82 -7.98
CA LYS N 237 -47.38 -19.02 -8.61
C LYS N 237 -48.00 -19.98 -7.62
N PHE N 238 -47.92 -19.71 -6.33
CA PHE N 238 -48.40 -20.60 -5.29
C PHE N 238 -49.65 -20.02 -4.63
N LYS N 239 -50.56 -20.90 -4.24
CA LYS N 239 -51.73 -20.50 -3.46
C LYS N 239 -51.43 -20.38 -1.97
N THR N 240 -50.30 -20.88 -1.52
CA THR N 240 -49.94 -20.89 -0.11
C THR N 240 -49.15 -19.63 0.24
N PRO N 241 -49.57 -18.85 1.23
CA PRO N 241 -48.84 -17.62 1.56
C PRO N 241 -47.42 -17.92 2.03
N PHE N 242 -46.52 -17.01 1.68
CA PHE N 242 -45.10 -17.13 2.00
C PHE N 242 -44.71 -16.06 3.01
N VAL N 243 -43.76 -16.40 3.87
CA VAL N 243 -43.14 -15.43 4.77
C VAL N 243 -41.66 -15.41 4.47
N CYS N 244 -41.08 -14.22 4.45
CA CYS N 244 -39.69 -14.06 4.03
C CYS N 244 -39.00 -13.09 4.97
N GLY N 245 -37.69 -13.25 5.10
CA GLY N 245 -36.92 -12.40 5.97
C GLY N 245 -36.71 -11.01 5.38
N CYS N 246 -36.16 -10.13 6.21
CA CYS N 246 -35.90 -8.76 5.78
C CYS N 246 -35.05 -8.07 6.83
N THR N 247 -34.07 -7.29 6.37
CA THR N 247 -33.23 -6.51 7.25
C THR N 247 -33.38 -5.01 7.06
N ASN N 248 -34.07 -4.56 6.02
CA ASN N 248 -34.34 -3.15 5.82
C ASN N 248 -35.62 -3.01 5.01
N LEU N 249 -36.08 -1.77 4.86
CA LEU N 249 -37.33 -1.54 4.15
C LEU N 249 -37.19 -1.90 2.67
N GLY N 250 -36.03 -1.64 2.07
CA GLY N 250 -35.87 -1.99 0.67
C GLY N 250 -36.01 -3.48 0.43
N GLU N 251 -35.37 -4.28 1.28
CA GLU N 251 -35.47 -5.74 1.15
C GLU N 251 -36.88 -6.22 1.42
N ALA N 252 -37.55 -5.64 2.42
CA ALA N 252 -38.92 -6.04 2.72
C ALA N 252 -39.86 -5.71 1.57
N LEU N 253 -39.64 -4.57 0.91
CA LEU N 253 -40.52 -4.17 -0.19
C LEU N 253 -40.26 -5.01 -1.43
N ARG N 254 -39.03 -5.44 -1.65
CA ARG N 254 -38.74 -6.31 -2.78
C ARG N 254 -39.46 -7.64 -2.65
N ARG N 255 -39.38 -8.24 -1.45
CA ARG N 255 -40.01 -9.55 -1.25
C ARG N 255 -41.53 -9.46 -1.31
N ILE N 256 -42.10 -8.33 -0.92
CA ILE N 256 -43.55 -8.16 -1.06
C ILE N 256 -43.92 -8.03 -2.52
N SER N 257 -43.04 -7.46 -3.33
CA SER N 257 -43.27 -7.41 -4.78
C SER N 257 -43.28 -8.80 -5.38
N GLU N 258 -42.35 -9.65 -4.94
CA GLU N 258 -42.29 -11.02 -5.46
C GLU N 258 -43.49 -11.85 -5.03
N GLY N 259 -44.15 -11.50 -3.94
CA GLY N 259 -45.38 -12.17 -3.57
C GLY N 259 -45.47 -12.63 -2.12
N ALA N 260 -44.55 -12.16 -1.27
CA ALA N 260 -44.57 -12.55 0.13
C ALA N 260 -45.78 -11.94 0.83
N SER N 261 -46.52 -12.75 1.57
CA SER N 261 -47.70 -12.31 2.31
C SER N 261 -47.38 -11.93 3.75
N MET N 262 -46.13 -12.06 4.18
CA MET N 262 -45.74 -11.71 5.52
C MET N 262 -44.23 -11.50 5.52
N ILE N 263 -43.74 -10.77 6.51
CA ILE N 263 -42.32 -10.50 6.65
C ILE N 263 -41.92 -10.77 8.09
N ARG N 264 -40.62 -11.00 8.30
CA ARG N 264 -40.07 -11.11 9.64
C ARG N 264 -38.64 -10.64 9.60
N THR N 265 -38.21 -9.97 10.68
CA THR N 265 -36.86 -9.45 10.73
C THR N 265 -35.87 -10.58 10.96
N LYS N 266 -34.85 -10.66 10.09
CA LYS N 266 -33.93 -11.79 10.12
C LYS N 266 -33.31 -11.95 11.50
N GLY N 267 -32.85 -10.86 12.09
CA GLY N 267 -32.17 -10.96 13.37
C GLY N 267 -30.93 -11.81 13.26
N GLU N 268 -30.76 -12.72 14.23
CA GLU N 268 -29.61 -13.61 14.27
C GLU N 268 -30.07 -14.91 14.93
N ALA N 269 -30.42 -15.90 14.12
CA ALA N 269 -31.00 -17.13 14.65
C ALA N 269 -29.93 -17.96 15.37
N GLY N 270 -30.35 -18.60 16.46
CA GLY N 270 -29.50 -19.53 17.19
C GLY N 270 -28.64 -18.91 18.25
N THR N 271 -28.59 -17.58 18.35
CA THR N 271 -27.73 -16.89 19.30
C THR N 271 -28.47 -16.45 20.56
N GLY N 272 -29.76 -16.19 20.47
CA GLY N 272 -30.51 -15.68 21.59
C GLY N 272 -30.31 -14.21 21.86
N ASN N 273 -29.54 -13.51 21.03
CA ASN N 273 -29.27 -12.09 21.20
C ASN N 273 -30.29 -11.29 20.39
N ILE N 274 -30.99 -10.40 21.09
CA ILE N 274 -32.04 -9.59 20.48
C ILE N 274 -31.44 -8.33 19.90
N ILE N 275 -30.10 -8.28 19.84
CA ILE N 275 -29.43 -7.08 19.33
C ILE N 275 -29.80 -6.83 17.89
N GLU N 276 -29.76 -7.88 17.06
CA GLU N 276 -30.02 -7.70 15.63
C GLU N 276 -31.50 -7.48 15.36
N ALA N 277 -32.37 -8.22 16.07
CA ALA N 277 -33.80 -8.05 15.84
C ALA N 277 -34.24 -6.63 16.16
N ILE N 278 -33.74 -6.07 17.26
CA ILE N 278 -34.10 -4.70 17.62
C ILE N 278 -33.46 -3.72 16.65
N LYS N 279 -32.23 -3.99 16.22
CA LYS N 279 -31.59 -3.11 15.26
C LYS N 279 -32.37 -3.05 13.95
N HIS N 280 -32.84 -4.21 13.48
CA HIS N 280 -33.58 -4.24 12.22
C HIS N 280 -34.97 -3.64 12.39
N ILE N 281 -35.60 -3.86 13.54
CA ILE N 281 -36.93 -3.31 13.75
C ILE N 281 -36.88 -1.79 13.70
N ARG N 282 -35.88 -1.20 14.34
CA ARG N 282 -35.72 0.25 14.31
C ARG N 282 -35.42 0.74 12.90
N THR N 283 -34.50 0.05 12.21
CA THR N 283 -34.12 0.48 10.86
C THR N 283 -35.33 0.53 9.94
N VAL N 284 -36.14 -0.52 9.95
CA VAL N 284 -37.34 -0.54 9.10
C VAL N 284 -38.33 0.53 9.55
N ASN N 285 -38.51 0.68 10.87
CA ASN N 285 -39.46 1.65 11.37
C ASN N 285 -39.03 3.07 11.05
N ASN N 286 -37.72 3.37 11.18
CA ASN N 286 -37.23 4.69 10.86
C ASN N 286 -37.42 5.02 9.39
N GLU N 287 -37.10 4.07 8.51
CA GLU N 287 -37.19 4.32 7.08
C GLU N 287 -38.63 4.59 6.66
N ILE N 288 -39.58 3.83 7.20
CA ILE N 288 -40.97 4.02 6.82
C ILE N 288 -41.45 5.41 7.22
N CYS N 289 -41.09 5.84 8.43
CA CYS N 289 -41.54 7.16 8.89
C CYS N 289 -40.81 8.27 8.16
N TYR N 290 -39.50 8.13 7.96
CA TYR N 290 -38.76 9.12 7.18
C TYR N 290 -39.36 9.26 5.79
N LEU N 291 -39.72 8.14 5.18
CA LEU N 291 -40.47 8.15 3.93
C LEU N 291 -41.75 8.98 4.07
N CYS N 292 -42.53 8.73 5.12
CA CYS N 292 -43.79 9.43 5.27
C CYS N 292 -43.61 10.92 5.42
N CYS N 293 -42.43 11.36 5.82
CA CYS N 293 -42.12 12.77 6.03
C CYS N 293 -41.51 13.41 4.78
N LEU N 294 -41.33 12.65 3.70
CA LEU N 294 -40.69 13.12 2.48
C LEU N 294 -41.72 13.86 1.62
N SER N 295 -41.36 14.15 0.38
CA SER N 295 -42.22 14.85 -0.57
C SER N 295 -42.42 14.00 -1.82
N ASP N 296 -43.35 14.44 -2.66
CA ASP N 296 -43.74 13.64 -3.82
C ASP N 296 -42.61 13.47 -4.81
N SER N 297 -41.85 14.54 -5.08
CA SER N 297 -40.75 14.46 -6.02
C SER N 297 -39.53 13.73 -5.45
N GLU N 298 -39.41 13.65 -4.13
CA GLU N 298 -38.29 12.97 -3.50
C GLU N 298 -38.52 11.47 -3.35
N VAL N 299 -39.76 11.00 -3.51
CA VAL N 299 -40.02 9.58 -3.37
C VAL N 299 -39.31 8.79 -4.46
N TYR N 300 -39.22 9.35 -5.67
CA TYR N 300 -38.63 8.62 -6.78
C TYR N 300 -37.16 8.30 -6.55
N HIS N 301 -36.40 9.24 -5.99
CA HIS N 301 -35.02 8.95 -5.62
C HIS N 301 -34.93 7.96 -4.46
N PHE N 302 -35.82 8.08 -3.48
CA PHE N 302 -35.74 7.16 -2.34
C PHE N 302 -35.92 5.73 -2.79
N ALA N 303 -36.90 5.49 -3.65
CA ALA N 303 -37.10 4.14 -4.18
C ALA N 303 -35.82 3.62 -4.81
N LYS N 304 -35.13 4.46 -5.59
CA LYS N 304 -33.86 4.05 -6.16
C LYS N 304 -32.82 3.82 -5.06
N LYS N 305 -32.81 4.68 -4.05
CA LYS N 305 -31.82 4.57 -2.98
C LYS N 305 -31.94 3.23 -2.26
N ILE N 306 -33.16 2.89 -1.81
CA ILE N 306 -33.38 1.61 -1.15
C ILE N 306 -33.54 0.47 -2.15
N ASN N 307 -33.70 0.77 -3.43
CA ASN N 307 -33.85 -0.24 -4.46
C ASN N 307 -35.13 -1.04 -4.25
N ALA N 308 -36.26 -0.34 -4.31
CA ALA N 308 -37.56 -0.94 -4.12
C ALA N 308 -38.51 -0.48 -5.22
N PRO N 309 -39.51 -1.29 -5.56
CA PRO N 309 -40.49 -0.85 -6.56
C PRO N 309 -41.22 0.39 -6.11
N ILE N 310 -41.42 1.32 -7.04
CA ILE N 310 -42.00 2.61 -6.70
C ILE N 310 -43.44 2.44 -6.22
N ASP N 311 -44.17 1.47 -6.79
CA ASP N 311 -45.57 1.30 -6.42
C ASP N 311 -45.72 0.99 -4.94
N LEU N 312 -44.89 0.09 -4.42
CA LEU N 312 -44.96 -0.25 -3.00
C LEU N 312 -44.47 0.90 -2.14
N VAL N 313 -43.42 1.59 -2.57
CA VAL N 313 -42.89 2.71 -1.79
C VAL N 313 -43.97 3.75 -1.54
N LEU N 314 -44.80 4.01 -2.55
CA LEU N 314 -45.93 4.90 -2.35
C LEU N 314 -46.99 4.27 -1.45
N LEU N 315 -47.18 2.95 -1.57
CA LEU N 315 -48.15 2.27 -0.72
C LEU N 315 -47.73 2.31 0.74
N THR N 316 -46.44 2.12 1.01
CA THR N 316 -45.95 2.26 2.38
C THR N 316 -46.16 3.67 2.89
N LYS N 317 -45.92 4.67 2.02
CA LYS N 317 -46.16 6.05 2.40
C LYS N 317 -47.61 6.29 2.77
N LYS N 318 -48.54 5.78 1.98
CA LYS N 318 -49.96 6.00 2.25
C LYS N 318 -50.37 5.32 3.55
N LEU N 319 -50.00 4.05 3.71
CA LEU N 319 -50.38 3.30 4.90
C LEU N 319 -49.56 3.67 6.13
N LYS N 320 -48.37 4.23 5.93
CA LYS N 320 -47.45 4.62 6.99
C LYS N 320 -46.87 3.42 7.72
N ARG N 321 -47.05 2.21 7.19
CA ARG N 321 -46.46 1.01 7.77
C ARG N 321 -46.23 0.02 6.64
N LEU N 322 -45.59 -1.09 6.97
CA LEU N 322 -45.33 -2.10 5.95
C LEU N 322 -46.65 -2.62 5.40
N PRO N 323 -46.78 -2.78 4.07
CA PRO N 323 -48.08 -3.15 3.51
C PRO N 323 -48.57 -4.51 3.98
N VAL N 324 -47.71 -5.36 4.53
CA VAL N 324 -48.08 -6.72 4.91
C VAL N 324 -47.74 -6.93 6.38
N VAL N 325 -48.36 -7.96 6.96
CA VAL N 325 -48.09 -8.28 8.36
C VAL N 325 -46.59 -8.41 8.57
N ASN N 326 -46.12 -7.95 9.72
CA ASN N 326 -44.71 -7.96 10.05
C ASN N 326 -44.53 -8.58 11.43
N PHE N 327 -43.71 -9.62 11.50
CA PHE N 327 -43.41 -10.32 12.73
C PHE N 327 -41.95 -10.10 13.08
N ALA N 328 -41.58 -10.46 14.31
CA ALA N 328 -40.22 -10.35 14.79
C ALA N 328 -39.64 -11.73 15.01
N ALA N 329 -38.42 -11.95 14.53
CA ALA N 329 -37.80 -13.25 14.59
C ALA N 329 -36.33 -13.11 14.91
N GLY N 330 -35.83 -14.00 15.76
CA GLY N 330 -34.40 -14.07 16.04
C GLY N 330 -34.00 -13.37 17.30
N GLY N 331 -33.77 -14.13 18.37
CA GLY N 331 -33.33 -13.59 19.63
C GLY N 331 -34.39 -13.51 20.70
N VAL N 332 -35.66 -13.62 20.35
CA VAL N 332 -36.72 -13.52 21.35
C VAL N 332 -36.71 -14.77 22.21
N ALA N 333 -36.20 -14.66 23.44
CA ALA N 333 -36.08 -15.80 24.33
C ALA N 333 -36.73 -15.58 25.69
N THR N 334 -37.16 -14.37 26.02
CA THR N 334 -37.70 -14.04 27.33
C THR N 334 -38.99 -13.27 27.15
N PRO N 335 -39.90 -13.33 28.12
CA PRO N 335 -41.11 -12.49 28.02
C PRO N 335 -40.80 -11.02 27.83
N ALA N 336 -39.71 -10.53 28.41
CA ALA N 336 -39.32 -9.15 28.17
C ALA N 336 -38.91 -8.92 26.72
N ASP N 337 -38.18 -9.86 26.14
CA ASP N 337 -37.77 -9.72 24.75
C ASP N 337 -38.97 -9.69 23.83
N ALA N 338 -39.95 -10.56 24.07
CA ALA N 338 -41.14 -10.58 23.24
C ALA N 338 -41.91 -9.28 23.35
N ALA N 339 -42.07 -8.76 24.55
CA ALA N 339 -42.84 -7.53 24.74
C ALA N 339 -42.10 -6.32 24.20
N MET N 340 -40.78 -6.33 24.27
CA MET N 340 -40.02 -5.21 23.69
C MET N 340 -40.27 -5.11 22.20
N CYS N 341 -40.24 -6.24 21.50
CA CYS N 341 -40.49 -6.24 20.06
C CYS N 341 -41.90 -5.73 19.75
N MET N 342 -42.88 -6.18 20.51
CA MET N 342 -44.26 -5.73 20.31
C MET N 342 -44.39 -4.24 20.61
N GLN N 343 -43.70 -3.76 21.65
CA GLN N 343 -43.74 -2.34 21.97
C GLN N 343 -43.06 -1.48 20.91
N LEU N 344 -42.29 -2.10 20.02
CA LEU N 344 -41.64 -1.39 18.92
C LEU N 344 -42.44 -1.45 17.63
N GLY N 345 -43.65 -2.03 17.65
CA GLY N 345 -44.59 -1.93 16.56
C GLY N 345 -45.00 -3.25 15.95
N MET N 346 -44.12 -4.25 15.99
CA MET N 346 -44.35 -5.50 15.27
C MET N 346 -45.72 -6.09 15.60
N ASP N 347 -46.20 -6.98 14.73
CA ASP N 347 -47.52 -7.58 14.89
C ASP N 347 -47.48 -8.93 15.57
N GLY N 348 -46.31 -9.44 15.90
CA GLY N 348 -46.21 -10.75 16.51
C GLY N 348 -44.75 -11.12 16.69
N VAL N 349 -44.53 -12.35 17.13
CA VAL N 349 -43.19 -12.81 17.48
C VAL N 349 -42.98 -14.23 16.96
N PHE N 350 -41.79 -14.47 16.42
CA PHE N 350 -41.29 -15.81 16.13
C PHE N 350 -40.30 -16.19 17.21
N VAL N 351 -40.57 -17.29 17.92
CA VAL N 351 -39.73 -17.74 19.02
C VAL N 351 -39.14 -19.10 18.64
N GLY N 352 -37.83 -19.22 18.78
CA GLY N 352 -37.11 -20.42 18.37
C GLY N 352 -37.37 -21.60 19.27
N SER N 353 -36.39 -22.50 19.33
CA SER N 353 -36.50 -23.72 20.11
C SER N 353 -36.02 -23.55 21.55
N GLY N 354 -35.50 -22.37 21.92
CA GLY N 354 -35.07 -22.17 23.28
C GLY N 354 -36.17 -22.36 24.30
N ILE N 355 -37.43 -22.21 23.90
CA ILE N 355 -38.53 -22.36 24.84
C ILE N 355 -38.60 -23.79 25.35
N PHE N 356 -38.19 -24.76 24.54
CA PHE N 356 -38.29 -26.16 24.92
C PHE N 356 -36.99 -26.74 25.46
N GLU N 357 -35.87 -26.06 25.24
CA GLU N 357 -34.61 -26.43 25.88
C GLU N 357 -34.42 -25.66 27.18
N SER N 358 -35.44 -25.71 28.04
CA SER N 358 -35.42 -24.98 29.30
C SER N 358 -36.08 -25.83 30.37
N GLU N 359 -35.99 -25.36 31.61
CA GLU N 359 -36.46 -26.15 32.75
C GLU N 359 -37.94 -26.49 32.62
N ASN N 360 -38.77 -25.48 32.38
CA ASN N 360 -40.21 -25.69 32.19
C ASN N 360 -40.59 -25.19 30.80
N PRO N 361 -40.81 -26.09 29.82
CA PRO N 361 -41.18 -25.61 28.49
C PRO N 361 -42.60 -25.09 28.43
N ARG N 362 -43.54 -25.75 29.10
CA ARG N 362 -44.93 -25.30 29.05
C ARG N 362 -45.10 -23.95 29.72
N LYS N 363 -44.44 -23.72 30.86
CA LYS N 363 -44.59 -22.45 31.56
C LYS N 363 -43.90 -21.32 30.81
N MET N 364 -42.68 -21.54 30.33
CA MET N 364 -41.99 -20.50 29.59
C MET N 364 -42.76 -20.15 28.33
N ALA N 365 -43.35 -21.15 27.67
CA ALA N 365 -44.13 -20.90 26.46
C ALA N 365 -45.33 -20.03 26.77
N ALA N 366 -46.10 -20.39 27.79
CA ALA N 366 -47.27 -19.59 28.13
C ALA N 366 -46.87 -18.20 28.61
N SER N 367 -45.64 -18.06 29.10
CA SER N 367 -45.16 -16.74 29.51
C SER N 367 -44.95 -15.84 28.31
N ILE N 368 -44.30 -16.34 27.27
CA ILE N 368 -44.05 -15.53 26.09
C ILE N 368 -45.36 -15.22 25.37
N VAL N 369 -46.33 -16.13 25.45
CA VAL N 369 -47.64 -15.86 24.86
C VAL N 369 -48.33 -14.72 25.59
N SER N 370 -48.28 -14.73 26.93
CA SER N 370 -48.92 -13.67 27.71
C SER N 370 -48.19 -12.34 27.53
N ALA N 371 -46.87 -12.39 27.37
CA ALA N 371 -46.12 -11.16 27.15
C ALA N 371 -46.56 -10.46 25.88
N VAL N 372 -46.75 -11.23 24.80
CA VAL N 372 -47.18 -10.63 23.54
C VAL N 372 -48.61 -10.16 23.63
N SER N 373 -49.46 -10.91 24.34
CA SER N 373 -50.85 -10.50 24.49
C SER N 373 -51.00 -9.27 25.36
N ASN N 374 -50.11 -9.11 26.35
CA ASN N 374 -50.19 -8.00 27.30
C ASN N 374 -48.88 -7.22 27.32
N PHE N 375 -48.35 -6.88 26.14
CA PHE N 375 -47.04 -6.27 26.06
C PHE N 375 -46.99 -4.86 26.64
N ASN N 376 -48.14 -4.24 26.91
CA ASN N 376 -48.20 -2.89 27.45
C ASN N 376 -48.52 -2.85 28.93
N ASN N 377 -48.49 -4.00 29.62
CA ASN N 377 -48.91 -4.12 31.01
C ASN N 377 -47.71 -4.54 31.83
N PRO N 378 -46.99 -3.59 32.43
CA PRO N 378 -45.80 -3.98 33.21
C PRO N 378 -46.11 -4.91 34.37
N LYS N 379 -47.31 -4.82 34.95
CA LYS N 379 -47.66 -5.70 36.05
C LYS N 379 -47.67 -7.16 35.59
N ILE N 380 -48.25 -7.43 34.43
CA ILE N 380 -48.31 -8.80 33.93
C ILE N 380 -46.94 -9.26 33.47
N LEU N 381 -46.17 -8.37 32.84
CA LEU N 381 -44.84 -8.75 32.39
C LEU N 381 -43.97 -9.17 33.56
N LEU N 382 -44.07 -8.46 34.69
CA LEU N 382 -43.36 -8.88 35.89
C LEU N 382 -43.85 -10.25 36.35
N ASP N 383 -45.18 -10.44 36.36
CA ASP N 383 -45.75 -11.66 36.92
C ASP N 383 -45.26 -12.89 36.16
N VAL N 384 -45.22 -12.81 34.84
CA VAL N 384 -44.80 -13.96 34.03
C VAL N 384 -43.29 -14.13 34.04
N SER N 385 -42.53 -13.08 34.35
CA SER N 385 -41.07 -13.18 34.38
C SER N 385 -40.55 -13.78 35.67
N MET N 386 -41.37 -13.85 36.71
CA MET N 386 -40.91 -14.35 38.00
C MET N 386 -40.91 -15.87 38.00
N ASN N 387 -39.84 -16.44 38.55
CA ASN N 387 -39.71 -17.89 38.69
C ASN N 387 -39.76 -18.58 37.33
N LEU N 388 -39.15 -17.96 36.32
CA LEU N 388 -39.14 -18.50 34.97
C LEU N 388 -38.17 -19.67 34.81
N GLY N 389 -37.34 -19.94 35.81
CA GLY N 389 -36.40 -21.05 35.73
C GLY N 389 -35.44 -21.09 36.90
N VAL O 124 -36.73 14.66 39.06
CA VAL O 124 -35.38 14.12 39.11
C VAL O 124 -34.65 14.63 40.35
N LEU O 125 -35.10 15.77 40.87
CA LEU O 125 -34.45 16.34 42.05
C LEU O 125 -34.56 15.41 43.24
N LEU O 126 -35.72 14.77 43.41
CA LEU O 126 -35.88 13.81 44.50
C LEU O 126 -34.92 12.64 44.33
N LYS O 127 -34.74 12.17 43.10
CA LYS O 127 -33.75 11.13 42.84
C LYS O 127 -32.34 11.62 43.15
N HIS O 128 -32.03 12.87 42.80
CA HIS O 128 -30.73 13.43 43.12
C HIS O 128 -30.53 13.53 44.63
N GLY O 129 -31.56 13.97 45.36
CA GLY O 129 -31.45 14.08 46.80
C GLY O 129 -31.19 12.74 47.45
N TRP O 130 -31.93 11.70 47.03
CA TRP O 130 -31.69 10.38 47.56
C TRP O 130 -30.29 9.88 47.23
N CYS O 131 -29.84 10.10 45.99
CA CYS O 131 -28.52 9.64 45.60
C CYS O 131 -27.43 10.35 46.39
N GLU O 132 -27.60 11.65 46.63
CA GLU O 132 -26.60 12.39 47.39
C GLU O 132 -26.42 11.80 48.79
N MET O 133 -27.45 11.16 49.32
CA MET O 133 -27.33 10.43 50.57
C MET O 133 -26.52 9.14 50.41
N LEU O 134 -26.21 8.75 49.19
CA LEU O 134 -25.43 7.55 48.92
C LEU O 134 -23.93 7.83 48.84
N LYS O 135 -23.50 9.06 49.12
CA LYS O 135 -22.10 9.41 49.00
C LYS O 135 -21.26 8.70 50.05
N GLY O 136 -20.01 8.40 49.68
CA GLY O 136 -19.06 7.83 50.62
C GLY O 136 -19.34 6.40 51.01
N GLY O 137 -20.08 5.64 50.21
CA GLY O 137 -20.43 4.28 50.52
C GLY O 137 -19.86 3.27 49.54
N VAL O 138 -20.10 2.01 49.85
CA VAL O 138 -19.60 0.88 49.08
C VAL O 138 -20.79 0.04 48.62
N ILE O 139 -20.88 -0.21 47.32
CA ILE O 139 -21.90 -1.06 46.73
C ILE O 139 -21.19 -2.29 46.18
N MET O 140 -21.45 -3.46 46.76
CA MET O 140 -20.77 -4.68 46.38
C MET O 140 -21.74 -5.64 45.70
N ASP O 141 -21.31 -6.21 44.58
CA ASP O 141 -22.18 -7.00 43.71
C ASP O 141 -22.32 -8.39 44.29
N VAL O 142 -23.45 -8.66 44.93
CA VAL O 142 -23.70 -9.94 45.58
C VAL O 142 -24.44 -10.85 44.62
N LYS O 143 -24.37 -12.16 44.90
CA LYS O 143 -24.94 -13.18 44.04
C LYS O 143 -26.06 -13.98 44.69
N SER O 144 -26.27 -13.84 45.99
CA SER O 144 -27.25 -14.66 46.69
C SER O 144 -27.66 -13.92 47.96
N VAL O 145 -28.36 -14.62 48.85
CA VAL O 145 -28.83 -14.00 50.09
C VAL O 145 -27.77 -14.05 51.17
N GLU O 146 -26.98 -15.12 51.24
CA GLU O 146 -25.90 -15.15 52.21
C GLU O 146 -24.85 -14.08 51.90
N GLN O 147 -24.52 -13.89 50.63
CA GLN O 147 -23.60 -12.83 50.26
C GLN O 147 -24.20 -11.47 50.56
N ALA O 148 -25.49 -11.29 50.32
CA ALA O 148 -26.14 -10.03 50.62
C ALA O 148 -26.16 -9.77 52.13
N LYS O 149 -26.34 -10.82 52.93
CA LYS O 149 -26.30 -10.65 54.37
C LYS O 149 -24.90 -10.28 54.84
N ILE O 150 -23.87 -10.88 54.25
CA ILE O 150 -22.50 -10.49 54.55
C ILE O 150 -22.29 -9.02 54.21
N ALA O 151 -22.81 -8.59 53.05
CA ALA O 151 -22.64 -7.21 52.63
C ALA O 151 -23.33 -6.24 53.58
N GLU O 152 -24.51 -6.60 54.09
CA GLU O 152 -25.19 -5.69 55.00
C GLU O 152 -24.42 -5.55 56.30
N GLU O 153 -23.93 -6.66 56.86
CA GLU O 153 -23.18 -6.62 58.10
C GLU O 153 -21.82 -5.96 57.92
N ALA O 154 -21.23 -6.06 56.74
CA ALA O 154 -19.94 -5.44 56.47
C ALA O 154 -20.03 -3.92 56.33
N GLY O 155 -21.24 -3.36 56.31
CA GLY O 155 -21.41 -1.93 56.26
C GLY O 155 -21.66 -1.35 54.89
N ALA O 156 -21.93 -2.16 53.88
CA ALA O 156 -22.23 -1.64 52.56
C ALA O 156 -23.52 -0.84 52.60
N ILE O 157 -23.63 0.14 51.69
CA ILE O 157 -24.86 0.90 51.57
C ILE O 157 -25.85 0.24 50.60
N GLY O 158 -25.38 -0.57 49.68
CA GLY O 158 -26.26 -1.23 48.74
C GLY O 158 -25.61 -2.47 48.17
N VAL O 159 -26.44 -3.37 47.66
CA VAL O 159 -26.01 -4.63 47.08
C VAL O 159 -26.57 -4.71 45.67
N MET O 160 -25.71 -5.01 44.71
CA MET O 160 -26.12 -5.15 43.32
C MET O 160 -26.34 -6.63 43.04
N VAL O 161 -27.60 -7.02 42.83
CA VAL O 161 -27.93 -8.42 42.66
C VAL O 161 -27.41 -8.92 41.33
N LEU O 162 -26.78 -10.09 41.35
CA LEU O 162 -26.08 -10.67 40.21
C LEU O 162 -26.68 -12.03 39.86
N GLU O 163 -26.28 -12.54 38.70
CA GLU O 163 -26.70 -13.86 38.25
C GLU O 163 -25.75 -14.90 38.80
N ASN O 164 -26.29 -15.87 39.54
CA ASN O 164 -25.49 -16.90 40.20
C ASN O 164 -25.19 -18.02 39.19
N ILE O 165 -24.18 -17.77 38.37
CA ILE O 165 -23.71 -18.77 37.42
C ILE O 165 -22.51 -19.51 38.02
N GLY O 174 -22.73 -17.20 27.22
CA GLY O 174 -23.22 -16.84 25.91
C GLY O 174 -23.81 -15.44 25.88
N VAL O 175 -25.05 -15.32 26.32
CA VAL O 175 -25.76 -14.04 26.38
C VAL O 175 -26.17 -13.81 27.83
N ALA O 176 -25.78 -12.65 28.37
CA ALA O 176 -26.09 -12.28 29.74
C ALA O 176 -27.31 -11.38 29.77
N ARG O 177 -28.31 -11.76 30.56
CA ARG O 177 -29.57 -11.06 30.64
C ARG O 177 -29.84 -10.63 32.08
N SER O 178 -30.84 -9.78 32.24
CA SER O 178 -31.23 -9.35 33.57
C SER O 178 -31.65 -10.56 34.41
N VAL O 179 -31.27 -10.53 35.69
CA VAL O 179 -31.55 -11.67 36.56
C VAL O 179 -33.07 -11.86 36.69
N ASP O 180 -33.44 -13.04 37.15
CA ASP O 180 -34.84 -13.36 37.34
C ASP O 180 -35.42 -12.49 38.45
N PRO O 181 -36.46 -11.70 38.19
CA PRO O 181 -36.97 -10.81 39.24
C PRO O 181 -37.35 -11.50 40.54
N SER O 182 -37.46 -12.83 40.55
CA SER O 182 -37.73 -13.52 41.81
C SER O 182 -36.48 -13.54 42.69
N LYS O 183 -35.30 -13.60 42.07
CA LYS O 183 -34.06 -13.50 42.82
C LYS O 183 -33.91 -12.12 43.44
N VAL O 184 -34.17 -11.07 42.65
CA VAL O 184 -34.05 -9.71 43.16
C VAL O 184 -35.06 -9.48 44.28
N GLU O 185 -36.26 -10.07 44.17
CA GLU O 185 -37.25 -9.89 45.21
C GLU O 185 -36.84 -10.58 46.50
N GLU O 186 -36.22 -11.76 46.41
CA GLU O 186 -35.83 -12.46 47.63
C GLU O 186 -34.76 -11.70 48.39
N ILE O 187 -33.77 -11.16 47.67
CA ILE O 187 -32.73 -10.37 48.32
C ILE O 187 -33.32 -9.09 48.89
N LYS O 188 -34.17 -8.42 48.13
CA LYS O 188 -34.76 -7.16 48.59
C LYS O 188 -35.47 -7.33 49.93
N LYS O 189 -36.01 -8.52 50.19
CA LYS O 189 -36.76 -8.75 51.41
C LYS O 189 -35.88 -9.27 52.55
N CYS O 190 -34.62 -9.57 52.29
CA CYS O 190 -33.71 -10.09 53.30
C CYS O 190 -32.60 -9.11 53.68
N VAL O 191 -32.62 -7.90 53.14
CA VAL O 191 -31.63 -6.88 53.46
C VAL O 191 -32.34 -5.53 53.57
N SER O 192 -31.94 -4.73 54.54
CA SER O 192 -32.53 -3.42 54.75
C SER O 192 -31.79 -2.31 54.02
N ILE O 193 -30.78 -2.64 53.22
CA ILE O 193 -30.01 -1.67 52.48
C ILE O 193 -30.51 -1.65 51.05
N ASN O 194 -30.08 -0.64 50.29
CA ASN O 194 -30.53 -0.51 48.91
C ASN O 194 -30.22 -1.77 48.14
N VAL O 195 -31.07 -2.06 47.15
CA VAL O 195 -30.88 -3.19 46.25
C VAL O 195 -30.90 -2.65 44.82
N LEU O 196 -29.90 -3.02 44.05
CA LEU O 196 -29.77 -2.59 42.67
C LEU O 196 -29.88 -3.79 41.76
N ALA O 197 -30.05 -3.54 40.47
CA ALA O 197 -30.13 -4.60 39.49
C ALA O 197 -29.66 -4.07 38.15
N ARG O 198 -29.27 -4.99 37.27
CA ARG O 198 -28.64 -4.65 36.01
C ARG O 198 -29.59 -5.00 34.87
N VAL O 199 -29.69 -4.08 33.90
CA VAL O 199 -30.51 -4.30 32.71
C VAL O 199 -29.64 -3.98 31.50
N ARG O 200 -29.83 -4.75 30.44
CA ARG O 200 -28.99 -4.59 29.25
C ARG O 200 -29.17 -3.19 28.67
N ILE O 201 -28.11 -2.71 28.02
CA ILE O 201 -28.14 -1.36 27.46
C ILE O 201 -29.24 -1.29 26.41
N GLY O 202 -30.22 -0.44 26.67
CA GLY O 202 -31.30 -0.19 25.74
C GLY O 202 -32.54 -1.01 25.98
N HIS O 203 -32.46 -2.09 26.77
CA HIS O 203 -33.61 -2.94 26.98
C HIS O 203 -34.59 -2.25 27.92
N PHE O 204 -35.47 -1.44 27.35
CA PHE O 204 -36.38 -0.63 28.14
C PHE O 204 -37.56 -1.40 28.67
N VAL O 205 -37.61 -2.72 28.51
CA VAL O 205 -38.69 -3.52 29.06
C VAL O 205 -38.24 -4.37 30.25
N GLU O 206 -36.95 -4.67 30.38
CA GLU O 206 -36.45 -5.17 31.64
C GLU O 206 -36.56 -4.12 32.73
N ALA O 207 -36.30 -2.86 32.38
CA ALA O 207 -36.42 -1.78 33.35
C ALA O 207 -37.85 -1.66 33.88
N GLN O 208 -38.85 -1.80 32.99
CA GLN O 208 -40.23 -1.71 33.44
C GLN O 208 -40.59 -2.86 34.36
N ILE O 209 -39.98 -4.02 34.14
CA ILE O 209 -40.20 -5.16 35.04
C ILE O 209 -39.65 -4.84 36.42
N LEU O 210 -38.42 -4.29 36.46
CA LEU O 210 -37.78 -3.96 37.73
C LEU O 210 -38.48 -2.80 38.42
N GLU O 211 -38.85 -1.76 37.66
CA GLU O 211 -39.56 -0.65 38.26
C GLU O 211 -40.86 -1.10 38.91
N GLU O 212 -41.53 -2.08 38.30
CA GLU O 212 -42.71 -2.67 38.93
C GLU O 212 -42.36 -3.44 40.19
N LEU O 213 -41.10 -3.82 40.34
CA LEU O 213 -40.63 -4.56 41.52
C LEU O 213 -40.28 -3.66 42.68
N LYS O 214 -40.27 -2.33 42.50
CA LYS O 214 -39.94 -1.39 43.55
C LYS O 214 -38.51 -1.58 44.02
N ILE O 215 -37.61 -1.70 43.05
CA ILE O 215 -36.18 -1.79 43.32
C ILE O 215 -35.69 -0.40 43.69
N ASP O 216 -34.46 -0.29 44.17
CA ASP O 216 -33.95 1.00 44.64
C ASP O 216 -33.15 1.76 43.60
N MET O 217 -32.45 1.09 42.69
CA MET O 217 -31.79 1.77 41.59
C MET O 217 -31.45 0.75 40.53
N ILE O 218 -31.61 1.12 39.27
CA ILE O 218 -31.37 0.23 38.14
C ILE O 218 -30.04 0.61 37.52
N ASP O 219 -29.38 -0.37 36.92
CA ASP O 219 -28.04 -0.20 36.36
C ASP O 219 -28.05 -0.60 34.90
N GLU O 220 -27.91 0.36 34.01
CA GLU O 220 -27.86 0.09 32.58
C GLU O 220 -26.44 -0.34 32.26
N SER O 221 -26.21 -1.65 32.23
CA SER O 221 -24.88 -2.22 32.36
C SER O 221 -24.30 -2.65 31.03
N GLU O 222 -23.01 -2.35 30.86
CA GLU O 222 -22.23 -2.85 29.73
C GLU O 222 -21.63 -4.22 30.01
N VAL O 223 -21.71 -4.71 31.25
CA VAL O 223 -21.28 -6.07 31.53
C VAL O 223 -22.21 -7.07 30.86
N LEU O 224 -23.51 -6.79 30.88
CA LEU O 224 -24.49 -7.62 30.19
C LEU O 224 -24.47 -7.33 28.70
N THR O 225 -24.95 -8.28 27.92
CA THR O 225 -24.97 -8.11 26.47
C THR O 225 -25.85 -6.92 26.09
N ILE O 226 -25.46 -6.23 25.03
CA ILE O 226 -26.13 -5.00 24.62
C ILE O 226 -27.41 -5.36 23.86
N ALA O 227 -28.56 -4.97 24.41
CA ALA O 227 -29.82 -5.22 23.72
C ALA O 227 -30.01 -4.27 22.54
N ASP O 228 -29.68 -2.99 22.73
CA ASP O 228 -29.80 -1.98 21.69
C ASP O 228 -28.45 -1.30 21.55
N GLU O 229 -27.70 -1.67 20.51
CA GLU O 229 -26.37 -1.10 20.31
C GLU O 229 -26.42 0.39 20.01
N MET O 230 -27.59 0.94 19.68
CA MET O 230 -27.66 2.29 19.16
C MET O 230 -28.25 3.28 20.16
N HIS O 231 -29.14 2.82 21.04
CA HIS O 231 -29.89 3.68 21.96
C HIS O 231 -29.62 3.30 23.40
N HIS O 232 -30.08 4.16 24.30
CA HIS O 232 -30.05 3.94 25.73
C HIS O 232 -31.44 4.21 26.29
N ILE O 233 -31.83 3.43 27.29
CA ILE O 233 -33.15 3.57 27.87
C ILE O 233 -33.45 5.04 28.10
N ASP O 234 -34.69 5.44 27.85
CA ASP O 234 -35.12 6.82 28.14
C ASP O 234 -35.46 6.88 29.62
N LYS O 235 -34.45 7.21 30.43
CA LYS O 235 -34.58 7.12 31.87
C LYS O 235 -35.45 8.21 32.46
N HIS O 236 -36.01 9.10 31.63
CA HIS O 236 -36.94 10.10 32.14
C HIS O 236 -38.32 9.52 32.42
N LYS O 237 -38.65 8.39 31.82
CA LYS O 237 -39.97 7.81 31.93
C LYS O 237 -40.14 6.95 33.17
N PHE O 238 -39.08 6.75 33.95
CA PHE O 238 -39.09 5.87 35.11
C PHE O 238 -38.99 6.70 36.38
N LYS O 239 -39.65 6.23 37.44
CA LYS O 239 -39.46 6.83 38.76
C LYS O 239 -38.25 6.29 39.49
N THR O 240 -37.68 5.19 39.02
CA THR O 240 -36.54 4.57 39.69
C THR O 240 -35.24 5.16 39.16
N PRO O 241 -34.36 5.66 40.03
CA PRO O 241 -33.12 6.26 39.54
C PRO O 241 -32.25 5.23 38.83
N PHE O 242 -31.52 5.71 37.82
CA PHE O 242 -30.65 4.88 37.00
C PHE O 242 -29.20 5.26 37.27
N VAL O 243 -28.30 4.30 37.10
CA VAL O 243 -26.87 4.53 37.14
C VAL O 243 -26.28 3.98 35.85
N CYS O 244 -25.43 4.76 35.20
CA CYS O 244 -24.91 4.42 33.89
C CYS O 244 -23.40 4.61 33.87
N GLY O 245 -22.73 3.83 33.04
CA GLY O 245 -21.29 3.91 32.94
C GLY O 245 -20.84 5.17 32.21
N CYS O 246 -19.53 5.38 32.22
CA CYS O 246 -18.95 6.54 31.57
C CYS O 246 -17.44 6.38 31.52
N THR O 247 -16.84 6.88 30.45
CA THR O 247 -15.40 6.86 30.30
C THR O 247 -14.80 8.25 30.07
N ASN O 248 -15.62 9.26 29.80
CA ASN O 248 -15.15 10.63 29.66
C ASN O 248 -16.26 11.57 30.09
N LEU O 249 -15.94 12.85 30.19
CA LEU O 249 -16.94 13.82 30.60
C LEU O 249 -18.06 13.95 29.59
N GLY O 250 -17.75 13.86 28.30
CA GLY O 250 -18.81 13.95 27.29
C GLY O 250 -19.83 12.84 27.44
N GLU O 251 -19.35 11.60 27.62
CA GLU O 251 -20.25 10.48 27.79
C GLU O 251 -21.05 10.59 29.09
N ALA O 252 -20.42 11.05 30.17
CA ALA O 252 -21.12 11.21 31.43
C ALA O 252 -22.20 12.28 31.33
N LEU O 253 -21.93 13.34 30.58
CA LEU O 253 -22.91 14.41 30.45
C LEU O 253 -24.07 14.01 29.55
N ARG O 254 -23.80 13.17 28.55
CA ARG O 254 -24.88 12.68 27.70
C ARG O 254 -25.84 11.81 28.50
N ARG O 255 -25.30 10.90 29.31
CA ARG O 255 -26.15 10.02 30.11
C ARG O 255 -26.97 10.80 31.12
N ILE O 256 -26.38 11.86 31.69
CA ILE O 256 -27.15 12.69 32.61
C ILE O 256 -28.25 13.44 31.88
N SER O 257 -28.02 13.77 30.61
CA SER O 257 -29.08 14.36 29.80
C SER O 257 -30.22 13.38 29.61
N GLU O 258 -29.90 12.10 29.36
CA GLU O 258 -30.94 11.10 29.17
C GLU O 258 -31.74 10.88 30.43
N GLY O 259 -31.14 11.07 31.61
CA GLY O 259 -31.87 10.98 32.85
C GLY O 259 -31.19 10.18 33.94
N ALA O 260 -29.91 9.85 33.77
CA ALA O 260 -29.20 9.10 34.78
C ALA O 260 -29.02 9.93 36.05
N SER O 261 -29.28 9.31 37.19
CA SER O 261 -29.16 9.96 38.49
C SER O 261 -27.83 9.67 39.18
N MET O 262 -26.98 8.84 38.57
CA MET O 262 -25.68 8.51 39.12
C MET O 262 -24.81 8.04 37.96
N ILE O 263 -23.50 8.13 38.14
CA ILE O 263 -22.56 7.69 37.13
C ILE O 263 -21.53 6.81 37.79
N ARG O 264 -20.88 5.97 36.98
CA ARG O 264 -19.76 5.18 37.44
C ARG O 264 -18.79 4.99 36.28
N THR O 265 -17.52 4.84 36.60
CA THR O 265 -16.50 4.69 35.57
C THR O 265 -16.42 3.24 35.12
N LYS O 266 -16.63 3.00 33.83
CA LYS O 266 -16.71 1.63 33.33
C LYS O 266 -15.53 0.79 33.77
N GLY O 267 -14.33 1.37 33.70
CA GLY O 267 -13.15 0.60 34.06
C GLY O 267 -13.00 -0.63 33.19
N GLU O 268 -12.78 -1.78 33.83
CA GLU O 268 -12.59 -3.04 33.11
C GLU O 268 -13.05 -4.16 34.04
N ALA O 269 -14.28 -4.63 33.83
CA ALA O 269 -14.87 -5.60 34.75
C ALA O 269 -14.26 -6.98 34.55
N GLY O 270 -14.10 -7.70 35.67
CA GLY O 270 -13.65 -9.07 35.66
C GLY O 270 -12.15 -9.26 35.63
N THR O 271 -11.37 -8.19 35.51
CA THR O 271 -9.93 -8.28 35.43
C THR O 271 -9.23 -8.03 36.76
N GLY O 272 -9.80 -7.16 37.60
CA GLY O 272 -9.15 -6.78 38.84
C GLY O 272 -8.10 -5.72 38.69
N ASN O 273 -7.83 -5.25 37.47
CA ASN O 273 -6.83 -4.23 37.24
C ASN O 273 -7.50 -2.85 37.32
N ILE O 274 -6.96 -2.00 38.19
CA ILE O 274 -7.52 -0.69 38.45
C ILE O 274 -6.96 0.31 37.46
N ILE O 275 -6.27 -0.18 36.43
CA ILE O 275 -5.63 0.73 35.48
C ILE O 275 -6.68 1.56 34.76
N GLU O 276 -7.75 0.91 34.29
CA GLU O 276 -8.76 1.63 33.53
C GLU O 276 -9.58 2.55 34.41
N ALA O 277 -9.95 2.09 35.61
CA ALA O 277 -10.72 2.93 36.50
C ALA O 277 -9.96 4.19 36.87
N ILE O 278 -8.67 4.07 37.15
CA ILE O 278 -7.87 5.24 37.47
C ILE O 278 -7.68 6.12 36.24
N LYS O 279 -7.50 5.50 35.08
CA LYS O 279 -7.35 6.28 33.86
C LYS O 279 -8.59 7.09 33.57
N HIS O 280 -9.77 6.50 33.76
CA HIS O 280 -11.01 7.21 33.50
C HIS O 280 -11.29 8.27 34.55
N ILE O 281 -10.94 7.99 35.81
CA ILE O 281 -11.17 8.97 36.87
C ILE O 281 -10.37 10.23 36.60
N ARG O 282 -9.10 10.07 36.19
CA ARG O 282 -8.28 11.22 35.87
C ARG O 282 -8.81 11.96 34.64
N THR O 283 -9.19 11.21 33.61
CA THR O 283 -9.67 11.84 32.39
C THR O 283 -10.89 12.72 32.67
N VAL O 284 -11.85 12.21 33.43
CA VAL O 284 -13.03 12.99 33.75
C VAL O 284 -12.67 14.18 34.62
N ASN O 285 -11.79 13.96 35.60
CA ASN O 285 -11.40 15.05 36.50
C ASN O 285 -10.65 16.14 35.76
N ASN O 286 -9.74 15.75 34.86
CA ASN O 286 -8.99 16.75 34.11
C ASN O 286 -9.91 17.59 33.23
N GLU O 287 -10.84 16.93 32.52
CA GLU O 287 -11.73 17.65 31.63
C GLU O 287 -12.62 18.62 32.39
N ILE O 288 -13.12 18.21 33.55
CA ILE O 288 -13.99 19.10 34.31
C ILE O 288 -13.24 20.35 34.74
N CYS O 289 -12.00 20.19 35.21
CA CYS O 289 -11.23 21.34 35.65
C CYS O 289 -10.75 22.18 34.48
N TYR O 290 -10.23 21.53 33.43
CA TYR O 290 -9.90 22.26 32.21
C TYR O 290 -11.08 23.09 31.72
N LEU O 291 -12.28 22.52 31.80
CA LEU O 291 -13.48 23.27 31.48
C LEU O 291 -13.63 24.48 32.40
N CYS O 292 -13.38 24.29 33.69
CA CYS O 292 -13.57 25.40 34.64
C CYS O 292 -12.59 26.53 34.38
N CYS O 293 -11.48 26.24 33.71
CA CYS O 293 -10.43 27.21 33.46
C CYS O 293 -10.54 27.85 32.07
N LEU O 294 -11.74 27.89 31.51
CA LEU O 294 -12.01 28.39 30.16
C LEU O 294 -12.86 29.66 30.24
N SER O 295 -13.17 30.23 29.08
CA SER O 295 -13.97 31.43 28.96
C SER O 295 -15.32 31.10 28.34
N ASP O 296 -16.25 32.04 28.47
CA ASP O 296 -17.62 31.78 28.04
C ASP O 296 -17.73 31.57 26.54
N SER O 297 -16.83 32.16 25.76
CA SER O 297 -16.87 31.96 24.31
C SER O 297 -16.30 30.60 23.92
N GLU O 298 -15.33 30.08 24.67
CA GLU O 298 -14.74 28.79 24.34
C GLU O 298 -15.58 27.62 24.80
N VAL O 299 -16.54 27.84 25.69
CA VAL O 299 -17.36 26.73 26.19
C VAL O 299 -18.16 26.11 25.06
N TYR O 300 -18.60 26.92 24.10
CA TYR O 300 -19.47 26.40 23.04
C TYR O 300 -18.74 25.39 22.18
N HIS O 301 -17.48 25.66 21.84
CA HIS O 301 -16.72 24.70 21.06
C HIS O 301 -16.39 23.46 21.88
N PHE O 302 -16.08 23.64 23.16
CA PHE O 302 -15.77 22.49 24.00
C PHE O 302 -16.95 21.53 24.05
N ALA O 303 -18.15 22.04 24.27
CA ALA O 303 -19.33 21.19 24.27
C ALA O 303 -19.41 20.39 22.98
N LYS O 304 -19.15 21.04 21.85
CA LYS O 304 -19.17 20.34 20.58
C LYS O 304 -18.08 19.28 20.51
N LYS O 305 -16.89 19.59 21.02
CA LYS O 305 -15.77 18.66 20.90
C LYS O 305 -16.03 17.39 21.70
N ILE O 306 -16.44 17.54 22.97
CA ILE O 306 -16.80 16.37 23.76
C ILE O 306 -18.18 15.84 23.39
N ASN O 307 -18.96 16.60 22.64
CA ASN O 307 -20.29 16.17 22.19
C ASN O 307 -21.22 16.00 23.38
N ALA O 308 -21.44 17.09 24.10
CA ALA O 308 -22.31 17.09 25.26
C ALA O 308 -23.28 18.26 25.18
N PRO O 309 -24.44 18.14 25.83
CA PRO O 309 -25.38 19.27 25.85
C PRO O 309 -24.74 20.49 26.49
N ILE O 310 -25.00 21.66 25.89
CA ILE O 310 -24.40 22.89 26.38
C ILE O 310 -24.90 23.23 27.77
N ASP O 311 -26.17 22.92 28.05
CA ASP O 311 -26.74 23.28 29.34
C ASP O 311 -25.99 22.59 30.48
N LEU O 312 -25.71 21.29 30.33
CA LEU O 312 -24.97 20.58 31.36
C LEU O 312 -23.52 21.03 31.42
N VAL O 313 -22.91 21.30 30.27
CA VAL O 313 -21.51 21.74 30.25
C VAL O 313 -21.34 22.99 31.09
N LEU O 314 -22.29 23.92 31.00
CA LEU O 314 -22.25 25.10 31.86
C LEU O 314 -22.51 24.74 33.31
N LEU O 315 -23.38 23.76 33.56
CA LEU O 315 -23.65 23.34 34.93
C LEU O 315 -22.43 22.70 35.57
N THR O 316 -21.70 21.88 34.81
CA THR O 316 -20.45 21.31 35.33
C THR O 316 -19.46 22.42 35.66
N LYS O 317 -19.37 23.43 34.79
CA LYS O 317 -18.47 24.55 35.06
C LYS O 317 -18.86 25.29 36.33
N LYS O 318 -20.15 25.52 36.52
CA LYS O 318 -20.60 26.26 37.70
C LYS O 318 -20.32 25.48 38.97
N LEU O 319 -20.63 24.18 38.98
CA LEU O 319 -20.43 23.35 40.16
C LEU O 319 -19.01 22.85 40.31
N LYS O 320 -18.21 22.92 39.25
CA LYS O 320 -16.81 22.48 39.24
C LYS O 320 -16.66 20.97 39.42
N ARG O 321 -17.76 20.22 39.34
CA ARG O 321 -17.71 18.76 39.44
C ARG O 321 -18.89 18.21 38.63
N LEU O 322 -18.96 16.90 38.55
CA LEU O 322 -20.05 16.27 37.81
C LEU O 322 -21.38 16.61 38.47
N PRO O 323 -22.41 16.95 37.71
CA PRO O 323 -23.67 17.38 38.33
C PRO O 323 -24.33 16.33 39.20
N VAL O 324 -23.98 15.06 39.05
CA VAL O 324 -24.62 13.96 39.75
C VAL O 324 -23.58 13.14 40.49
N VAL O 325 -24.05 12.36 41.47
CA VAL O 325 -23.15 11.51 42.23
C VAL O 325 -22.31 10.67 41.28
N ASN O 326 -21.06 10.44 41.64
CA ASN O 326 -20.13 9.72 40.79
C ASN O 326 -19.42 8.66 41.64
N PHE O 327 -19.50 7.42 41.20
CA PHE O 327 -18.88 6.29 41.87
C PHE O 327 -17.78 5.72 40.99
N ALA O 328 -16.95 4.87 41.58
CA ALA O 328 -15.86 4.22 40.88
C ALA O 328 -16.15 2.73 40.79
N ALA O 329 -16.00 2.16 39.59
CA ALA O 329 -16.32 0.77 39.37
C ALA O 329 -15.28 0.13 38.48
N GLY O 330 -14.94 -1.11 38.78
CA GLY O 330 -14.07 -1.89 37.91
C GLY O 330 -12.63 -1.89 38.37
N GLY O 331 -12.20 -2.99 38.99
CA GLY O 331 -10.84 -3.15 39.44
C GLY O 331 -10.64 -2.95 40.93
N VAL O 332 -11.60 -2.33 41.62
CA VAL O 332 -11.44 -2.11 43.05
C VAL O 332 -11.52 -3.47 43.75
N ALA O 333 -10.37 -3.95 44.23
CA ALA O 333 -10.28 -5.27 44.85
C ALA O 333 -9.57 -5.28 46.18
N THR O 334 -8.90 -4.20 46.57
CA THR O 334 -8.10 -4.13 47.78
C THR O 334 -8.43 -2.85 48.52
N PRO O 335 -8.28 -2.83 49.85
CA PRO O 335 -8.53 -1.57 50.56
C PRO O 335 -7.71 -0.41 50.03
N ALA O 336 -6.51 -0.67 49.51
CA ALA O 336 -5.73 0.39 48.89
C ALA O 336 -6.39 0.88 47.61
N ASP O 337 -6.92 -0.04 46.80
CA ASP O 337 -7.58 0.35 45.57
C ASP O 337 -8.81 1.20 45.85
N ALA O 338 -9.60 0.83 46.85
CA ALA O 338 -10.78 1.62 47.19
C ALA O 338 -10.40 3.01 47.66
N ALA O 339 -9.37 3.12 48.50
CA ALA O 339 -8.99 4.42 49.03
C ALA O 339 -8.33 5.28 47.97
N MET O 340 -7.62 4.68 47.03
CA MET O 340 -7.03 5.45 45.94
C MET O 340 -8.11 6.14 45.13
N CYS O 341 -9.19 5.41 44.80
CA CYS O 341 -10.27 5.99 44.03
C CYS O 341 -10.94 7.12 44.80
N MET O 342 -11.14 6.94 46.10
CA MET O 342 -11.74 8.00 46.91
C MET O 342 -10.80 9.17 47.10
N GLN O 343 -9.49 8.94 47.05
CA GLN O 343 -8.54 10.04 47.15
C GLN O 343 -8.42 10.82 45.86
N LEU O 344 -8.92 10.27 44.76
CA LEU O 344 -8.97 10.98 43.48
C LEU O 344 -10.30 11.71 43.27
N GLY O 345 -11.16 11.75 44.28
CA GLY O 345 -12.33 12.58 44.25
C GLY O 345 -13.63 11.93 43.85
N MET O 346 -13.78 10.63 44.09
CA MET O 346 -15.05 9.97 43.86
C MET O 346 -15.90 10.00 45.12
N ASP O 347 -17.16 9.59 44.97
CA ASP O 347 -18.09 9.57 46.08
C ASP O 347 -18.31 8.17 46.66
N GLY O 348 -17.68 7.15 46.09
CA GLY O 348 -17.85 5.80 46.55
C GLY O 348 -17.25 4.84 45.55
N VAL O 349 -17.43 3.56 45.83
CA VAL O 349 -16.86 2.51 45.00
C VAL O 349 -17.87 1.41 44.77
N PHE O 350 -17.89 0.88 43.55
CA PHE O 350 -18.58 -0.35 43.21
C PHE O 350 -17.57 -1.48 43.29
N VAL O 351 -17.85 -2.49 44.11
CA VAL O 351 -16.93 -3.59 44.35
C VAL O 351 -17.53 -4.85 43.76
N GLY O 352 -16.73 -5.56 42.97
CA GLY O 352 -17.19 -6.76 42.30
C GLY O 352 -17.39 -7.93 43.24
N SER O 353 -17.26 -9.13 42.71
CA SER O 353 -17.45 -10.35 43.48
C SER O 353 -16.17 -10.90 44.08
N GLY O 354 -15.03 -10.24 43.87
CA GLY O 354 -13.78 -10.74 44.42
C GLY O 354 -13.78 -10.80 45.93
N ILE O 355 -14.68 -10.07 46.59
CA ILE O 355 -14.70 -10.05 48.05
C ILE O 355 -15.05 -11.42 48.59
N PHE O 356 -15.89 -12.16 47.87
CA PHE O 356 -16.40 -13.44 48.34
C PHE O 356 -15.66 -14.64 47.79
N GLU O 357 -14.85 -14.46 46.75
CA GLU O 357 -13.93 -15.50 46.29
C GLU O 357 -12.56 -15.31 46.95
N SER O 358 -12.59 -15.25 48.28
CA SER O 358 -11.38 -15.03 49.06
C SER O 358 -11.54 -15.72 50.41
N GLU O 359 -10.41 -15.89 51.10
CA GLU O 359 -10.39 -16.67 52.34
C GLU O 359 -11.43 -16.15 53.32
N ASN O 360 -11.40 -14.85 53.60
CA ASN O 360 -12.31 -14.24 54.56
C ASN O 360 -13.20 -13.24 53.84
N PRO O 361 -14.45 -13.60 53.54
CA PRO O 361 -15.32 -12.62 52.87
C PRO O 361 -15.78 -11.50 53.78
N ARG O 362 -16.11 -11.81 55.03
CA ARG O 362 -16.58 -10.78 55.95
C ARG O 362 -15.46 -9.80 56.28
N LYS O 363 -14.25 -10.31 56.56
CA LYS O 363 -13.15 -9.43 56.91
C LYS O 363 -12.71 -8.61 55.71
N MET O 364 -12.58 -9.24 54.54
CA MET O 364 -12.18 -8.49 53.36
C MET O 364 -13.23 -7.44 53.01
N ALA O 365 -14.51 -7.75 53.23
CA ALA O 365 -15.57 -6.79 52.95
C ALA O 365 -15.48 -5.59 53.89
N ALA O 366 -15.41 -5.84 55.19
CA ALA O 366 -15.32 -4.75 56.14
C ALA O 366 -14.05 -3.94 55.95
N SER O 367 -13.01 -4.55 55.36
CA SER O 367 -11.79 -3.82 55.06
C SER O 367 -12.02 -2.77 53.99
N ILE O 368 -12.70 -3.15 52.91
CA ILE O 368 -12.96 -2.19 51.83
C ILE O 368 -13.91 -1.11 52.30
N VAL O 369 -14.85 -1.47 53.19
CA VAL O 369 -15.77 -0.48 53.74
C VAL O 369 -15.01 0.54 54.59
N SER O 370 -14.09 0.07 55.44
CA SER O 370 -13.34 0.98 56.29
C SER O 370 -12.36 1.82 55.48
N ALA O 371 -11.83 1.26 54.40
CA ALA O 371 -10.94 2.03 53.54
C ALA O 371 -11.66 3.23 52.95
N VAL O 372 -12.89 3.03 52.48
CA VAL O 372 -13.65 4.14 51.89
C VAL O 372 -14.05 5.14 52.96
N SER O 373 -14.42 4.66 54.15
CA SER O 373 -14.80 5.57 55.22
C SER O 373 -13.61 6.36 55.73
N ASN O 374 -12.41 5.78 55.69
CA ASN O 374 -11.21 6.41 56.22
C ASN O 374 -10.12 6.48 55.16
N PHE O 375 -10.46 6.94 53.96
CA PHE O 375 -9.52 6.91 52.85
C PHE O 375 -8.36 7.88 53.03
N ASN O 376 -8.44 8.81 53.97
CA ASN O 376 -7.39 9.79 54.22
C ASN O 376 -6.53 9.46 55.41
N ASN O 377 -6.65 8.25 55.96
CA ASN O 377 -6.01 7.87 57.22
C ASN O 377 -5.07 6.71 56.95
N PRO O 378 -3.79 6.97 56.68
CA PRO O 378 -2.88 5.87 56.36
C PRO O 378 -2.74 4.86 57.48
N LYS O 379 -2.94 5.27 58.73
CA LYS O 379 -2.84 4.32 59.83
C LYS O 379 -3.92 3.25 59.72
N ILE O 380 -5.15 3.65 59.42
CA ILE O 380 -6.23 2.69 59.29
C ILE O 380 -6.08 1.86 58.04
N LEU O 381 -5.65 2.48 56.94
CA LEU O 381 -5.46 1.74 55.70
C LEU O 381 -4.44 0.62 55.89
N LEU O 382 -3.38 0.88 56.65
CA LEU O 382 -2.44 -0.18 56.97
C LEU O 382 -3.12 -1.27 57.79
N ASP O 383 -3.92 -0.88 58.78
CA ASP O 383 -4.53 -1.86 59.68
C ASP O 383 -5.40 -2.84 58.91
N VAL O 384 -6.24 -2.34 58.02
CA VAL O 384 -7.15 -3.20 57.29
C VAL O 384 -6.40 -4.07 56.28
N SER O 385 -5.28 -3.56 55.74
CA SER O 385 -4.54 -4.28 54.72
C SER O 385 -3.73 -5.45 55.28
N MET O 386 -3.51 -5.52 56.58
CA MET O 386 -2.70 -6.56 57.18
C MET O 386 -3.54 -7.80 57.43
N ASN O 387 -3.07 -8.94 56.92
CA ASN O 387 -3.77 -10.22 56.99
C ASN O 387 -5.06 -10.21 56.18
N LEU O 388 -5.16 -9.34 55.18
CA LEU O 388 -6.37 -9.26 54.37
C LEU O 388 -6.62 -10.56 53.60
N GLY O 389 -5.55 -11.24 53.19
CA GLY O 389 -5.66 -12.50 52.47
C GLY O 389 -5.45 -13.70 53.36
N VAL P 124 15.65 15.51 51.18
CA VAL P 124 16.09 14.47 50.25
C VAL P 124 17.57 14.17 50.48
N LEU P 125 18.29 15.12 51.09
CA LEU P 125 19.71 14.91 51.36
C LEU P 125 19.92 13.71 52.27
N LEU P 126 19.07 13.57 53.29
CA LEU P 126 19.17 12.41 54.16
C LEU P 126 18.97 11.11 53.39
N LYS P 127 18.02 11.10 52.46
CA LYS P 127 17.81 9.92 51.64
C LYS P 127 19.03 9.62 50.78
N HIS P 128 19.66 10.66 50.23
CA HIS P 128 20.88 10.46 49.46
C HIS P 128 22.01 9.96 50.36
N GLY P 129 22.13 10.51 51.56
CA GLY P 129 23.15 10.05 52.48
C GLY P 129 22.99 8.58 52.84
N TRP P 130 21.75 8.16 53.11
CA TRP P 130 21.50 6.74 53.34
C TRP P 130 21.85 5.90 52.12
N CYS P 131 21.44 6.35 50.93
CA CYS P 131 21.69 5.56 49.74
C CYS P 131 23.17 5.46 49.43
N GLU P 132 23.91 6.56 49.59
CA GLU P 132 25.35 6.50 49.33
C GLU P 132 26.03 5.48 50.25
N MET P 133 25.49 5.27 51.45
CA MET P 133 25.96 4.19 52.30
C MET P 133 25.58 2.83 51.73
N LEU P 134 24.74 2.79 50.71
CA LEU P 134 24.24 1.56 50.12
C LEU P 134 25.06 1.09 48.92
N LYS P 135 26.15 1.77 48.61
CA LYS P 135 26.94 1.45 47.43
C LYS P 135 27.67 0.13 47.59
N GLY P 136 27.86 -0.57 46.48
CA GLY P 136 28.70 -1.75 46.45
C GLY P 136 28.09 -2.99 47.07
N GLY P 137 26.78 -3.05 47.23
CA GLY P 137 26.12 -4.17 47.86
C GLY P 137 25.19 -4.91 46.91
N VAL P 138 24.59 -5.98 47.44
CA VAL P 138 23.71 -6.86 46.69
C VAL P 138 22.37 -6.91 47.42
N ILE P 139 21.28 -6.75 46.66
CA ILE P 139 19.92 -6.80 47.18
C ILE P 139 19.25 -8.02 46.58
N MET P 140 18.89 -8.97 47.43
CA MET P 140 18.31 -10.24 47.00
C MET P 140 16.79 -10.19 47.17
N ASP P 141 16.07 -10.52 46.10
CA ASP P 141 14.61 -10.51 46.11
C ASP P 141 14.13 -11.80 46.77
N VAL P 142 13.90 -11.73 48.07
CA VAL P 142 13.54 -12.90 48.86
C VAL P 142 12.02 -13.01 48.92
N LYS P 143 11.55 -14.21 49.28
CA LYS P 143 10.13 -14.53 49.29
C LYS P 143 9.60 -14.94 50.66
N SER P 144 10.45 -15.07 51.67
CA SER P 144 10.01 -15.59 52.97
C SER P 144 11.09 -15.28 53.99
N VAL P 145 10.86 -15.73 55.23
CA VAL P 145 11.81 -15.47 56.30
C VAL P 145 13.06 -16.30 56.11
N GLU P 146 12.92 -17.56 55.74
CA GLU P 146 14.10 -18.41 55.56
C GLU P 146 14.99 -17.89 54.44
N GLN P 147 14.39 -17.46 53.32
CA GLN P 147 15.18 -16.88 52.25
C GLN P 147 15.82 -15.57 52.71
N ALA P 148 15.09 -14.76 53.47
CA ALA P 148 15.65 -13.52 53.97
C ALA P 148 16.80 -13.78 54.92
N LYS P 149 16.69 -14.83 55.74
CA LYS P 149 17.80 -15.18 56.63
C LYS P 149 19.01 -15.65 55.85
N ILE P 150 18.79 -16.41 54.77
CA ILE P 150 19.91 -16.84 53.94
C ILE P 150 20.61 -15.62 53.34
N ALA P 151 19.84 -14.69 52.79
CA ALA P 151 20.43 -13.52 52.16
C ALA P 151 21.12 -12.61 53.16
N GLU P 152 20.70 -12.65 54.43
CA GLU P 152 21.40 -11.86 55.44
C GLU P 152 22.75 -12.49 55.78
N GLU P 153 22.78 -13.81 55.96
CA GLU P 153 24.04 -14.47 56.26
C GLU P 153 24.97 -14.49 55.06
N ALA P 154 24.41 -14.45 53.85
CA ALA P 154 25.21 -14.40 52.64
C ALA P 154 25.86 -13.05 52.42
N GLY P 155 25.54 -12.04 53.23
CA GLY P 155 26.18 -10.76 53.15
C GLY P 155 25.45 -9.70 52.36
N ALA P 156 24.19 -9.92 52.01
CA ALA P 156 23.44 -8.90 51.29
C ALA P 156 23.23 -7.68 52.17
N ILE P 157 23.05 -6.54 51.53
CA ILE P 157 22.75 -5.30 52.26
C ILE P 157 21.26 -5.12 52.46
N GLY P 158 20.43 -5.69 51.59
CA GLY P 158 18.99 -5.55 51.71
C GLY P 158 18.29 -6.67 51.01
N VAL P 159 17.01 -6.84 51.34
CA VAL P 159 16.18 -7.89 50.78
C VAL P 159 14.91 -7.27 50.26
N MET P 160 14.57 -7.56 49.02
CA MET P 160 13.32 -7.09 48.42
C MET P 160 12.26 -8.14 48.65
N VAL P 161 11.26 -7.82 49.49
CA VAL P 161 10.25 -8.79 49.84
C VAL P 161 9.32 -9.00 48.66
N LEU P 162 9.06 -10.26 48.33
CA LEU P 162 8.32 -10.66 47.14
C LEU P 162 7.04 -11.38 47.55
N GLU P 163 6.21 -11.66 46.56
CA GLU P 163 4.97 -12.42 46.75
C GLU P 163 5.28 -13.90 46.59
N ASN P 164 5.07 -14.65 47.67
CA ASN P 164 5.38 -16.08 47.69
C ASN P 164 4.30 -16.85 46.93
N ILE P 165 4.53 -17.00 45.63
CA ILE P 165 3.63 -17.79 44.79
C ILE P 165 4.35 -19.06 44.33
N GLY P 174 -2.47 -13.46 36.59
CA GLY P 174 -3.52 -12.47 36.72
C GLY P 174 -2.98 -11.06 36.85
N VAL P 175 -3.23 -10.45 38.00
CA VAL P 175 -2.75 -9.10 38.30
C VAL P 175 -1.85 -9.17 39.52
N ALA P 176 -0.64 -8.64 39.39
CA ALA P 176 0.33 -8.64 40.47
C ALA P 176 0.19 -7.35 41.27
N ARG P 177 -0.15 -7.47 42.55
CA ARG P 177 -0.32 -6.33 43.44
C ARG P 177 0.80 -6.31 44.47
N SER P 178 0.85 -5.23 45.23
CA SER P 178 1.82 -5.13 46.31
C SER P 178 1.60 -6.24 47.32
N VAL P 179 2.71 -6.80 47.81
CA VAL P 179 2.62 -7.90 48.77
C VAL P 179 1.89 -7.43 50.03
N ASP P 180 1.33 -8.40 50.74
CA ASP P 180 0.58 -8.10 51.95
C ASP P 180 1.50 -7.49 52.99
N PRO P 181 1.17 -6.33 53.56
CA PRO P 181 2.09 -5.70 54.53
C PRO P 181 2.38 -6.55 55.75
N SER P 182 1.56 -7.54 56.06
CA SER P 182 1.87 -8.41 57.18
C SER P 182 3.07 -9.29 56.87
N LYS P 183 3.26 -9.64 55.60
CA LYS P 183 4.45 -10.38 55.20
C LYS P 183 5.70 -9.51 55.30
N VAL P 184 5.62 -8.28 54.80
CA VAL P 184 6.75 -7.37 54.88
C VAL P 184 7.11 -7.09 56.33
N GLU P 185 6.11 -7.01 57.21
CA GLU P 185 6.37 -6.74 58.62
C GLU P 185 7.07 -7.92 59.28
N GLU P 186 6.75 -9.15 58.88
CA GLU P 186 7.36 -10.31 59.51
C GLU P 186 8.84 -10.40 59.14
N ILE P 187 9.17 -10.14 57.88
CA ILE P 187 10.57 -10.17 57.45
C ILE P 187 11.34 -9.03 58.10
N LYS P 188 10.76 -7.84 58.14
CA LYS P 188 11.45 -6.69 58.71
C LYS P 188 11.92 -6.95 60.14
N LYS P 189 11.19 -7.78 60.87
CA LYS P 189 11.54 -8.08 62.26
C LYS P 189 12.45 -9.29 62.39
N CYS P 190 12.71 -10.02 61.31
CA CYS P 190 13.57 -11.20 61.34
C CYS P 190 14.92 -10.98 60.69
N VAL P 191 15.20 -9.79 60.18
CA VAL P 191 16.48 -9.48 59.55
C VAL P 191 16.90 -8.08 59.98
N SER P 192 18.19 -7.92 60.25
CA SER P 192 18.74 -6.64 60.66
C SER P 192 19.21 -5.79 59.48
N ILE P 193 19.02 -6.25 58.26
CA ILE P 193 19.42 -5.52 57.08
C ILE P 193 18.19 -4.82 56.50
N ASN P 194 18.42 -3.94 55.53
CA ASN P 194 17.33 -3.16 54.97
C ASN P 194 16.29 -4.07 54.34
N VAL P 195 15.04 -3.62 54.35
CA VAL P 195 13.93 -4.32 53.74
C VAL P 195 13.27 -3.39 52.74
N LEU P 196 13.06 -3.88 51.52
CA LEU P 196 12.43 -3.13 50.46
C LEU P 196 11.09 -3.78 50.13
N ALA P 197 10.26 -3.06 49.39
CA ALA P 197 8.98 -3.58 48.95
C ALA P 197 8.58 -2.91 47.65
N ARG P 198 7.69 -3.56 46.93
CA ARG P 198 7.30 -3.15 45.59
C ARG P 198 5.88 -2.60 45.60
N VAL P 199 5.67 -1.52 44.88
CA VAL P 199 4.35 -0.92 44.73
C VAL P 199 4.13 -0.64 43.26
N ARG P 200 2.93 -0.94 42.78
CA ARG P 200 2.64 -0.76 41.36
C ARG P 200 2.91 0.67 40.94
N ILE P 201 3.22 0.86 39.66
CA ILE P 201 3.56 2.18 39.17
C ILE P 201 2.37 3.10 39.33
N GLY P 202 2.54 4.18 40.09
CA GLY P 202 1.51 5.18 40.22
C GLY P 202 0.53 4.94 41.34
N HIS P 203 0.55 3.77 41.98
CA HIS P 203 -0.39 3.47 43.05
C HIS P 203 0.13 4.12 44.33
N PHE P 204 -0.25 5.37 44.54
CA PHE P 204 0.32 6.12 45.66
C PHE P 204 -0.24 5.67 47.00
N VAL P 205 -1.35 4.93 47.03
CA VAL P 205 -1.91 4.53 48.31
C VAL P 205 -1.23 3.28 48.86
N GLU P 206 -0.71 2.42 47.99
CA GLU P 206 0.15 1.33 48.47
C GLU P 206 1.40 1.89 49.13
N ALA P 207 2.00 2.92 48.52
CA ALA P 207 3.16 3.55 49.12
C ALA P 207 2.84 4.15 50.48
N GLN P 208 1.66 4.76 50.63
CA GLN P 208 1.26 5.32 51.91
C GLN P 208 1.13 4.23 52.96
N ILE P 209 0.69 3.04 52.56
CA ILE P 209 0.59 1.92 53.49
C ILE P 209 1.97 1.49 53.95
N LEU P 210 2.90 1.36 53.00
CA LEU P 210 4.25 0.91 53.33
C LEU P 210 5.00 1.96 54.14
N GLU P 211 4.85 3.23 53.79
CA GLU P 211 5.49 4.28 54.56
C GLU P 211 5.05 4.24 56.01
N GLU P 212 3.77 3.95 56.26
CA GLU P 212 3.29 3.78 57.63
C GLU P 212 3.91 2.56 58.29
N LEU P 213 4.44 1.62 57.50
CA LEU P 213 5.06 0.42 58.03
C LEU P 213 6.51 0.62 58.44
N LYS P 214 7.09 1.79 58.16
CA LYS P 214 8.49 2.07 58.50
C LYS P 214 9.42 1.12 57.76
N ILE P 215 9.19 0.98 56.46
CA ILE P 215 10.04 0.17 55.59
C ILE P 215 11.27 0.99 55.28
N ASP P 216 12.28 0.38 54.65
CA ASP P 216 13.55 1.05 54.41
C ASP P 216 13.66 1.68 53.03
N MET P 217 12.99 1.14 52.02
CA MET P 217 13.00 1.75 50.70
C MET P 217 11.93 1.08 49.86
N ILE P 218 11.15 1.90 49.14
CA ILE P 218 10.03 1.42 48.34
C ILE P 218 10.47 1.38 46.89
N ASP P 219 9.95 0.42 46.14
CA ASP P 219 10.36 0.18 44.76
C ASP P 219 9.15 0.31 43.85
N GLU P 220 9.07 1.42 43.13
CA GLU P 220 7.98 1.64 42.18
C GLU P 220 8.28 0.81 40.94
N SER P 221 7.76 -0.42 40.90
CA SER P 221 8.27 -1.45 40.02
C SER P 221 7.35 -1.71 38.85
N GLU P 222 7.96 -1.97 37.69
CA GLU P 222 7.27 -2.34 36.47
C GLU P 222 7.01 -3.83 36.36
N VAL P 223 7.60 -4.63 37.24
CA VAL P 223 7.28 -6.06 37.28
C VAL P 223 5.82 -6.25 37.69
N LEU P 224 5.37 -5.50 38.69
CA LEU P 224 3.97 -5.52 39.07
C LEU P 224 3.12 -4.81 38.01
N THR P 225 1.84 -5.16 37.98
CA THR P 225 0.93 -4.56 37.02
C THR P 225 0.85 -3.05 37.25
N ILE P 226 0.76 -2.30 36.16
CA ILE P 226 0.75 -0.84 36.22
C ILE P 226 -0.61 -0.36 36.68
N ALA P 227 -0.63 0.45 37.75
CA ALA P 227 -1.87 1.02 38.25
C ALA P 227 -2.24 2.31 37.51
N ASP P 228 -1.27 3.19 37.31
CA ASP P 228 -1.45 4.44 36.58
C ASP P 228 -0.46 4.43 35.42
N GLU P 229 -0.93 4.09 34.23
CA GLU P 229 -0.05 4.02 33.07
C GLU P 229 0.54 5.37 32.70
N MET P 230 -0.06 6.45 33.18
CA MET P 230 0.29 7.78 32.72
C MET P 230 1.17 8.53 33.72
N HIS P 231 1.01 8.26 35.01
CA HIS P 231 1.67 9.01 36.07
C HIS P 231 2.59 8.10 36.88
N HIS P 232 3.39 8.73 37.72
CA HIS P 232 4.28 8.06 38.66
C HIS P 232 4.10 8.70 40.02
N ILE P 233 4.18 7.88 41.07
CA ILE P 233 3.97 8.39 42.42
C ILE P 233 4.75 9.67 42.60
N ASP P 234 4.17 10.63 43.32
CA ASP P 234 4.88 11.86 43.66
C ASP P 234 5.74 11.58 44.87
N LYS P 235 6.97 11.17 44.63
CA LYS P 235 7.84 10.67 45.68
C LYS P 235 8.38 11.77 46.59
N HIS P 236 8.03 13.03 46.34
CA HIS P 236 8.43 14.11 47.23
C HIS P 236 7.64 14.12 48.53
N LYS P 237 6.43 13.56 48.52
CA LYS P 237 5.55 13.62 49.68
C LYS P 237 5.85 12.54 50.71
N PHE P 238 6.80 11.66 50.44
CA PHE P 238 7.11 10.54 51.31
C PHE P 238 8.47 10.73 51.97
N LYS P 239 8.57 10.30 53.23
CA LYS P 239 9.85 10.27 53.90
C LYS P 239 10.69 9.07 53.50
N THR P 240 10.07 8.02 52.99
CA THR P 240 10.78 6.80 52.65
C THR P 240 11.40 6.92 51.26
N PRO P 241 12.71 6.65 51.11
CA PRO P 241 13.31 6.76 49.78
C PRO P 241 12.73 5.77 48.79
N PHE P 242 12.67 6.18 47.53
CA PHE P 242 12.13 5.39 46.45
C PHE P 242 13.23 4.98 45.49
N VAL P 243 13.07 3.83 44.86
CA VAL P 243 13.94 3.37 43.78
C VAL P 243 13.07 3.06 42.58
N CYS P 244 13.48 3.54 41.41
CA CYS P 244 12.67 3.45 40.21
C CYS P 244 13.52 2.96 39.05
N GLY P 245 12.89 2.31 38.10
CA GLY P 245 13.61 1.78 36.95
C GLY P 245 13.99 2.87 35.96
N CYS P 246 14.79 2.48 34.98
CA CYS P 246 15.26 3.41 33.97
C CYS P 246 15.93 2.64 32.85
N THR P 247 15.73 3.10 31.62
CA THR P 247 16.37 2.51 30.46
C THR P 247 17.26 3.48 29.69
N ASN P 248 17.20 4.77 30.00
CA ASN P 248 18.08 5.76 29.39
C ASN P 248 18.29 6.90 30.36
N LEU P 249 19.23 7.78 30.03
CA LEU P 249 19.51 8.91 30.91
C LEU P 249 18.32 9.84 31.04
N GLY P 250 17.58 10.05 29.97
CA GLY P 250 16.42 10.92 30.05
C GLY P 250 15.39 10.41 31.04
N GLU P 251 15.08 9.12 30.96
CA GLU P 251 14.13 8.52 31.89
C GLU P 251 14.66 8.51 33.32
N ALA P 252 15.96 8.25 33.49
CA ALA P 252 16.54 8.27 34.82
C ALA P 252 16.52 9.65 35.43
N LEU P 253 16.70 10.69 34.61
CA LEU P 253 16.71 12.05 35.12
C LEU P 253 15.29 12.53 35.43
N ARG P 254 14.30 12.05 34.70
CA ARG P 254 12.92 12.41 35.01
C ARG P 254 12.51 11.83 36.36
N ARG P 255 12.84 10.57 36.62
CA ARG P 255 12.46 9.95 37.88
C ARG P 255 13.16 10.63 39.05
N ILE P 256 14.41 11.08 38.86
CA ILE P 256 15.09 11.80 39.93
C ILE P 256 14.44 13.14 40.16
N SER P 257 13.88 13.74 39.12
CA SER P 257 13.10 14.97 39.29
C SER P 257 11.87 14.71 40.15
N GLU P 258 11.18 13.59 39.90
CA GLU P 258 9.99 13.27 40.68
C GLU P 258 10.32 13.03 42.14
N GLY P 259 11.53 12.54 42.43
CA GLY P 259 11.95 12.37 43.80
C GLY P 259 12.61 11.04 44.12
N ALA P 260 12.93 10.26 43.09
CA ALA P 260 13.57 8.97 43.32
C ALA P 260 14.96 9.17 43.91
N SER P 261 15.27 8.39 44.95
CA SER P 261 16.57 8.47 45.61
C SER P 261 17.56 7.43 45.10
N MET P 262 17.12 6.51 44.24
CA MET P 262 18.00 5.52 43.66
C MET P 262 17.41 5.12 42.33
N ILE P 263 18.25 4.57 41.45
CA ILE P 263 17.80 4.11 40.15
C ILE P 263 18.32 2.71 39.93
N ARG P 264 17.67 1.98 39.04
CA ARG P 264 18.14 0.68 38.59
C ARG P 264 17.75 0.49 37.15
N THR P 265 18.52 -0.33 36.44
CA THR P 265 18.26 -0.57 35.03
C THR P 265 17.20 -1.64 34.86
N LYS P 266 16.12 -1.30 34.16
CA LYS P 266 14.97 -2.20 34.06
C LYS P 266 15.40 -3.60 33.61
N GLY P 267 16.28 -3.68 32.61
CA GLY P 267 16.68 -4.98 32.12
C GLY P 267 15.50 -5.77 31.59
N GLU P 268 15.47 -7.06 31.93
CA GLU P 268 14.41 -7.97 31.50
C GLU P 268 14.22 -8.99 32.62
N ALA P 269 13.25 -8.75 33.49
CA ALA P 269 13.07 -9.59 34.67
C ALA P 269 12.48 -10.94 34.29
N GLY P 270 12.93 -11.98 34.98
CA GLY P 270 12.41 -13.32 34.82
C GLY P 270 13.04 -14.15 33.72
N THR P 271 13.90 -13.55 32.90
CA THR P 271 14.53 -14.26 31.80
C THR P 271 15.93 -14.75 32.12
N GLY P 272 16.65 -14.08 33.01
CA GLY P 272 18.02 -14.43 33.30
C GLY P 272 19.02 -13.99 32.27
N ASN P 273 18.58 -13.26 31.25
CA ASN P 273 19.46 -12.80 30.18
C ASN P 273 19.93 -11.39 30.51
N ILE P 274 21.25 -11.21 30.57
CA ILE P 274 21.86 -9.95 30.96
C ILE P 274 22.00 -9.05 29.74
N ILE P 275 21.39 -9.43 28.62
CA ILE P 275 21.56 -8.66 27.39
C ILE P 275 20.99 -7.25 27.58
N GLU P 276 19.80 -7.15 28.16
CA GLU P 276 19.15 -5.85 28.30
C GLU P 276 19.83 -5.02 29.38
N ALA P 277 20.19 -5.64 30.51
CA ALA P 277 20.84 -4.89 31.57
C ALA P 277 22.15 -4.27 31.09
N ILE P 278 22.95 -5.03 30.34
CA ILE P 278 24.20 -4.50 29.81
C ILE P 278 23.92 -3.46 28.73
N LYS P 279 22.89 -3.69 27.91
CA LYS P 279 22.54 -2.71 26.88
C LYS P 279 22.15 -1.38 27.51
N HIS P 280 21.39 -1.42 28.60
CA HIS P 280 20.96 -0.19 29.25
C HIS P 280 22.10 0.47 30.01
N ILE P 281 22.97 -0.32 30.64
CA ILE P 281 24.09 0.24 31.37
C ILE P 281 24.98 1.03 30.43
N ARG P 282 25.26 0.48 29.25
CA ARG P 282 26.08 1.18 28.27
C ARG P 282 25.38 2.44 27.77
N THR P 283 24.09 2.33 27.47
CA THR P 283 23.35 3.48 26.95
C THR P 283 23.41 4.66 27.92
N VAL P 284 23.15 4.40 29.20
CA VAL P 284 23.20 5.47 30.18
C VAL P 284 24.61 6.00 30.33
N ASN P 285 25.60 5.12 30.35
CA ASN P 285 26.99 5.56 30.51
C ASN P 285 27.45 6.37 29.31
N ASN P 286 27.07 5.95 28.11
CA ASN P 286 27.47 6.68 26.91
C ASN P 286 26.88 8.09 26.91
N GLU P 287 25.59 8.21 27.23
CA GLU P 287 24.94 9.51 27.20
C GLU P 287 25.53 10.45 28.24
N ILE P 288 25.83 9.94 29.43
CA ILE P 288 26.39 10.80 30.46
C ILE P 288 27.74 11.34 30.03
N CYS P 289 28.58 10.50 29.43
CA CYS P 289 29.89 10.96 28.99
C CYS P 289 29.79 11.86 27.77
N TYR P 290 28.98 11.46 26.78
CA TYR P 290 28.73 12.34 25.64
C TYR P 290 28.26 13.71 26.11
N LEU P 291 27.45 13.73 27.16
CA LEU P 291 27.03 14.99 27.78
C LEU P 291 28.24 15.77 28.28
N CYS P 292 29.13 15.11 29.02
CA CYS P 292 30.28 15.79 29.60
C CYS P 292 31.20 16.35 28.53
N CYS P 293 31.13 15.83 27.32
CA CYS P 293 31.97 16.25 26.22
C CYS P 293 31.32 17.35 25.37
N LEU P 294 30.12 17.79 25.75
CA LEU P 294 29.35 18.77 24.99
C LEU P 294 29.70 20.18 25.43
N SER P 295 29.19 21.15 24.67
CA SER P 295 29.43 22.56 24.96
C SER P 295 28.38 23.07 25.95
N ASP P 296 28.35 24.37 26.17
CA ASP P 296 27.41 24.96 27.12
C ASP P 296 26.11 25.42 26.47
N SER P 297 26.11 25.69 25.16
CA SER P 297 24.90 26.03 24.44
C SER P 297 24.21 24.82 23.84
N GLU P 298 24.93 23.70 23.71
CA GLU P 298 24.32 22.48 23.19
C GLU P 298 23.58 21.70 24.25
N VAL P 299 23.80 22.01 25.54
CA VAL P 299 23.13 21.27 26.60
C VAL P 299 21.62 21.47 26.50
N TYR P 300 21.18 22.68 26.13
CA TYR P 300 19.75 22.96 26.10
C TYR P 300 19.03 22.07 25.10
N HIS P 301 19.61 21.88 23.92
CA HIS P 301 18.96 21.01 22.95
C HIS P 301 19.04 19.55 23.35
N PHE P 302 20.13 19.14 23.99
CA PHE P 302 20.22 17.75 24.44
C PHE P 302 19.13 17.46 25.47
N ALA P 303 18.95 18.37 26.43
CA ALA P 303 17.90 18.18 27.43
C ALA P 303 16.55 17.99 26.76
N LYS P 304 16.26 18.80 25.74
CA LYS P 304 15.04 18.59 24.98
C LYS P 304 15.05 17.25 24.27
N LYS P 305 16.20 16.86 23.71
CA LYS P 305 16.28 15.61 22.96
C LYS P 305 15.95 14.42 23.85
N ILE P 306 16.63 14.31 25.00
CA ILE P 306 16.33 13.23 25.95
C ILE P 306 15.08 13.51 26.76
N ASN P 307 14.57 14.74 26.74
CA ASN P 307 13.37 15.10 27.48
C ASN P 307 13.61 14.97 28.99
N ALA P 308 14.57 15.74 29.48
CA ALA P 308 14.93 15.73 30.89
C ALA P 308 15.01 17.16 31.41
N PRO P 309 14.78 17.37 32.70
CA PRO P 309 14.91 18.72 33.25
C PRO P 309 16.32 19.25 33.08
N ILE P 310 16.40 20.54 32.75
CA ILE P 310 17.71 21.14 32.46
C ILE P 310 18.57 21.19 33.71
N ASP P 311 17.95 21.38 34.88
CA ASP P 311 18.73 21.52 36.11
C ASP P 311 19.51 20.25 36.39
N LEU P 312 18.87 19.09 36.26
CA LEU P 312 19.57 17.83 36.49
C LEU P 312 20.60 17.55 35.41
N VAL P 313 20.27 17.89 34.16
CA VAL P 313 21.21 17.67 33.06
C VAL P 313 22.53 18.37 33.34
N LEU P 314 22.46 19.60 33.83
CA LEU P 314 23.69 20.30 34.21
C LEU P 314 24.36 19.62 35.40
N LEU P 315 23.56 19.11 36.34
CA LEU P 315 24.13 18.44 37.50
C LEU P 315 24.82 17.14 37.09
N THR P 316 24.24 16.39 36.17
CA THR P 316 24.90 15.20 35.67
C THR P 316 26.22 15.55 34.99
N LYS P 317 26.24 16.64 34.22
CA LYS P 317 27.48 17.07 33.58
C LYS P 317 28.53 17.43 34.62
N LYS P 318 28.14 18.16 35.67
CA LYS P 318 29.10 18.58 36.68
C LYS P 318 29.67 17.37 37.42
N LEU P 319 28.80 16.42 37.77
CA LEU P 319 29.24 15.25 38.53
C LEU P 319 29.83 14.17 37.64
N LYS P 320 29.56 14.21 36.33
CA LYS P 320 30.06 13.24 35.36
C LYS P 320 29.43 11.86 35.54
N ARG P 321 28.44 11.72 36.41
CA ARG P 321 27.73 10.47 36.62
C ARG P 321 26.30 10.79 37.03
N LEU P 322 25.51 9.74 37.22
CA LEU P 322 24.12 9.95 37.62
C LEU P 322 24.08 10.60 39.00
N PRO P 323 23.21 11.59 39.22
CA PRO P 323 23.22 12.30 40.51
C PRO P 323 22.90 11.41 41.70
N VAL P 324 22.30 10.23 41.49
CA VAL P 324 21.86 9.37 42.57
C VAL P 324 22.46 7.98 42.38
N VAL P 325 22.48 7.22 43.48
CA VAL P 325 23.00 5.86 43.42
C VAL P 325 22.34 5.10 42.29
N ASN P 326 23.11 4.26 41.62
CA ASN P 326 22.62 3.50 40.47
C ASN P 326 22.98 2.04 40.65
N PHE P 327 21.98 1.17 40.56
CA PHE P 327 22.14 -0.26 40.73
C PHE P 327 21.80 -0.96 39.41
N ALA P 328 22.19 -2.22 39.32
CA ALA P 328 21.92 -3.05 38.15
C ALA P 328 20.87 -4.08 38.51
N ALA P 329 19.87 -4.24 37.65
CA ALA P 329 18.78 -5.15 37.92
C ALA P 329 18.35 -5.85 36.64
N GLY P 330 18.05 -7.14 36.75
CA GLY P 330 17.48 -7.88 35.64
C GLY P 330 18.51 -8.67 34.86
N GLY P 331 18.58 -9.98 35.11
CA GLY P 331 19.47 -10.85 34.40
C GLY P 331 20.69 -11.29 35.19
N VAL P 332 21.03 -10.61 36.28
CA VAL P 332 22.20 -10.99 37.05
C VAL P 332 21.91 -12.33 37.73
N ALA P 333 22.54 -13.40 37.26
CA ALA P 333 22.32 -14.73 37.79
C ALA P 333 23.58 -15.47 38.15
N THR P 334 24.76 -14.98 37.78
CA THR P 334 26.03 -15.66 37.97
C THR P 334 27.02 -14.68 38.56
N PRO P 335 28.01 -15.18 39.33
CA PRO P 335 29.05 -14.26 39.82
C PRO P 335 29.72 -13.46 38.72
N ALA P 336 29.84 -14.03 37.51
CA ALA P 336 30.39 -13.27 36.40
C ALA P 336 29.45 -12.15 35.98
N ASP P 337 28.14 -12.42 35.97
CA ASP P 337 27.18 -11.39 35.58
C ASP P 337 27.20 -10.22 36.56
N ALA P 338 27.28 -10.52 37.85
CA ALA P 338 27.34 -9.46 38.85
C ALA P 338 28.60 -8.63 38.69
N ALA P 339 29.75 -9.27 38.48
CA ALA P 339 31.00 -8.54 38.37
C ALA P 339 31.06 -7.74 37.07
N MET P 340 30.48 -8.27 35.99
CA MET P 340 30.43 -7.51 34.75
C MET P 340 29.69 -6.20 34.94
N CYS P 341 28.53 -6.26 35.60
CA CYS P 341 27.74 -5.04 35.82
C CYS P 341 28.52 -4.04 36.64
N MET P 342 29.20 -4.49 37.68
CA MET P 342 29.98 -3.60 38.52
C MET P 342 31.25 -3.11 37.83
N GLN P 343 31.78 -3.87 36.87
CA GLN P 343 32.91 -3.41 36.08
C GLN P 343 32.51 -2.36 35.05
N LEU P 344 31.21 -2.21 34.81
CA LEU P 344 30.69 -1.20 33.89
C LEU P 344 30.24 0.06 34.62
N GLY P 345 30.48 0.17 35.93
CA GLY P 345 30.28 1.40 36.68
C GLY P 345 29.25 1.29 37.79
N MET P 346 28.20 0.50 37.59
CA MET P 346 27.08 0.45 38.52
C MET P 346 27.54 0.35 39.95
N ASP P 347 26.74 0.83 40.90
CA ASP P 347 27.10 0.87 42.31
C ASP P 347 26.70 -0.39 43.07
N GLY P 348 26.00 -1.30 42.45
CA GLY P 348 25.52 -2.49 43.13
C GLY P 348 24.70 -3.32 42.18
N VAL P 349 24.12 -4.39 42.73
CA VAL P 349 23.38 -5.35 41.91
C VAL P 349 22.08 -5.73 42.61
N PHE P 350 21.01 -5.83 41.81
CA PHE P 350 19.76 -6.44 42.22
C PHE P 350 19.71 -7.85 41.64
N VAL P 351 19.65 -8.86 42.49
CA VAL P 351 19.63 -10.25 42.06
C VAL P 351 18.26 -10.83 42.36
N GLY P 352 17.65 -11.46 41.37
CA GLY P 352 16.30 -11.97 41.49
C GLY P 352 16.20 -13.20 42.37
N SER P 353 15.20 -14.04 42.11
CA SER P 353 14.95 -15.23 42.91
C SER P 353 15.69 -16.46 42.41
N GLY P 354 16.39 -16.36 41.28
CA GLY P 354 17.14 -17.50 40.79
C GLY P 354 18.19 -18.00 41.76
N ILE P 355 18.64 -17.14 42.68
CA ILE P 355 19.68 -17.55 43.63
C ILE P 355 19.17 -18.66 44.54
N PHE P 356 17.85 -18.75 44.72
CA PHE P 356 17.27 -19.71 45.64
C PHE P 356 16.65 -20.92 44.95
N GLU P 357 16.42 -20.85 43.64
CA GLU P 357 16.03 -22.02 42.85
C GLU P 357 17.26 -22.72 42.28
N SER P 358 18.23 -23.01 43.15
CA SER P 358 19.48 -23.64 42.74
C SER P 358 19.87 -24.68 43.78
N GLU P 359 20.85 -25.51 43.41
CA GLU P 359 21.23 -26.62 44.27
C GLU P 359 21.66 -26.14 45.65
N ASN P 360 22.51 -25.13 45.69
CA ASN P 360 22.95 -24.53 46.96
C ASN P 360 22.58 -23.05 46.96
N PRO P 361 21.55 -22.62 47.70
CA PRO P 361 21.23 -21.20 47.72
C PRO P 361 22.20 -20.37 48.53
N ARG P 362 22.68 -20.90 49.65
CA ARG P 362 23.62 -20.15 50.48
C ARG P 362 24.93 -19.91 49.74
N LYS P 363 25.42 -20.93 49.05
CA LYS P 363 26.69 -20.79 48.33
C LYS P 363 26.54 -19.91 47.10
N MET P 364 25.49 -20.15 46.30
CA MET P 364 25.28 -19.31 45.13
C MET P 364 25.03 -17.87 45.55
N ALA P 365 24.23 -17.67 46.61
CA ALA P 365 24.06 -16.33 47.15
C ALA P 365 25.36 -15.78 47.70
N ALA P 366 26.13 -16.63 48.39
CA ALA P 366 27.43 -16.19 48.88
C ALA P 366 28.35 -15.82 47.73
N SER P 367 28.27 -16.55 46.62
CA SER P 367 29.16 -16.30 45.48
C SER P 367 28.91 -14.93 44.87
N ILE P 368 27.65 -14.57 44.67
CA ILE P 368 27.35 -13.32 43.97
C ILE P 368 27.77 -12.12 44.80
N VAL P 369 27.62 -12.21 46.12
CA VAL P 369 28.01 -11.11 46.98
C VAL P 369 29.52 -10.88 46.91
N SER P 370 30.32 -11.96 46.92
CA SER P 370 31.76 -11.80 46.84
C SER P 370 32.19 -11.30 45.46
N ALA P 371 31.46 -11.66 44.40
CA ALA P 371 31.77 -11.13 43.09
C ALA P 371 31.63 -9.61 43.06
N VAL P 372 30.57 -9.09 43.68
CA VAL P 372 30.36 -7.65 43.72
C VAL P 372 31.41 -6.98 44.59
N SER P 373 31.79 -7.62 45.70
CA SER P 373 32.80 -7.05 46.57
C SER P 373 34.18 -7.06 45.93
N ASN P 374 34.47 -8.05 45.09
CA ASN P 374 35.78 -8.24 44.48
C ASN P 374 35.63 -8.32 42.96
N PHE P 375 34.89 -7.38 42.39
CA PHE P 375 34.56 -7.44 40.97
C PHE P 375 35.76 -7.22 40.06
N ASN P 376 36.89 -6.76 40.59
CA ASN P 376 38.07 -6.50 39.79
C ASN P 376 39.19 -7.50 40.04
N ASN P 377 38.88 -8.64 40.65
CA ASN P 377 39.88 -9.63 41.06
C ASN P 377 39.57 -10.93 40.34
N PRO P 378 40.18 -11.18 39.18
CA PRO P 378 39.85 -12.41 38.44
C PRO P 378 40.11 -13.68 39.21
N LYS P 379 41.09 -13.68 40.13
CA LYS P 379 41.37 -14.88 40.89
C LYS P 379 40.18 -15.26 41.76
N ILE P 380 39.58 -14.28 42.43
CA ILE P 380 38.42 -14.55 43.28
C ILE P 380 37.20 -14.91 42.45
N LEU P 381 37.02 -14.21 41.32
CA LEU P 381 35.87 -14.50 40.47
C LEU P 381 35.91 -15.95 39.98
N LEU P 382 37.10 -16.44 39.66
CA LEU P 382 37.22 -17.86 39.32
C LEU P 382 36.86 -18.74 40.50
N ASP P 383 37.33 -18.37 41.70
CA ASP P 383 37.13 -19.22 42.86
C ASP P 383 35.65 -19.42 43.15
N VAL P 384 34.87 -18.34 43.10
CA VAL P 384 33.44 -18.43 43.39
C VAL P 384 32.72 -19.21 42.30
N SER P 385 33.13 -19.04 41.04
CA SER P 385 32.43 -19.67 39.93
C SER P 385 32.62 -21.18 39.88
N MET P 386 33.63 -21.72 40.56
CA MET P 386 33.91 -23.15 40.48
C MET P 386 32.96 -23.92 41.39
N ASN P 387 32.41 -25.01 40.86
CA ASN P 387 31.53 -25.91 41.61
C ASN P 387 30.28 -25.18 42.09
N LEU P 388 29.76 -24.29 41.24
CA LEU P 388 28.55 -23.54 41.57
C LEU P 388 27.27 -24.34 41.34
N GLY P 389 27.37 -25.53 40.72
CA GLY P 389 26.21 -26.35 40.47
C GLY P 389 25.89 -27.27 41.63
N VAL Q 124 50.62 -10.68 20.04
CA VAL Q 124 49.63 -11.44 19.29
C VAL Q 124 50.35 -12.40 18.35
N LEU Q 125 51.55 -12.02 17.92
CA LEU Q 125 52.30 -12.87 16.99
C LEU Q 125 52.63 -14.22 17.60
N LEU Q 126 52.97 -14.24 18.90
CA LEU Q 126 53.26 -15.50 19.57
C LEU Q 126 52.02 -16.40 19.59
N LYS Q 127 50.83 -15.81 19.75
CA LYS Q 127 49.61 -16.59 19.68
C LYS Q 127 49.40 -17.16 18.29
N HIS Q 128 49.78 -16.40 17.25
CA HIS Q 128 49.66 -16.89 15.88
C HIS Q 128 50.61 -18.06 15.62
N GLY Q 129 51.79 -18.05 16.23
CA GLY Q 129 52.70 -19.18 16.08
C GLY Q 129 52.10 -20.47 16.60
N TRP Q 130 51.45 -20.41 17.76
CA TRP Q 130 50.75 -21.59 18.27
C TRP Q 130 49.59 -21.96 17.37
N CYS Q 131 48.87 -20.96 16.86
CA CYS Q 131 47.71 -21.24 16.02
C CYS Q 131 48.12 -21.95 14.73
N GLU Q 132 49.18 -21.47 14.07
CA GLU Q 132 49.58 -22.09 12.82
C GLU Q 132 50.03 -23.53 13.04
N MET Q 133 50.53 -23.84 14.23
CA MET Q 133 50.78 -25.23 14.59
C MET Q 133 49.49 -26.02 14.69
N LEU Q 134 48.34 -25.33 14.71
CA LEU Q 134 47.03 -25.95 14.84
C LEU Q 134 46.41 -26.30 13.49
N LYS Q 135 47.12 -26.07 12.39
CA LYS Q 135 46.55 -26.29 11.07
C LYS Q 135 46.33 -27.78 10.80
N GLY Q 136 45.30 -28.06 10.00
CA GLY Q 136 45.06 -29.41 9.53
C GLY Q 136 44.53 -30.38 10.55
N GLY Q 137 43.90 -29.90 11.62
CA GLY Q 137 43.39 -30.74 12.67
C GLY Q 137 41.88 -30.66 12.82
N VAL Q 138 41.37 -31.46 13.76
CA VAL Q 138 39.95 -31.57 14.04
C VAL Q 138 39.72 -31.26 15.51
N ILE Q 139 38.76 -30.39 15.78
CA ILE Q 139 38.39 -30.00 17.14
C ILE Q 139 36.99 -30.52 17.42
N MET Q 140 36.88 -31.47 18.34
CA MET Q 140 35.62 -32.12 18.66
C MET Q 140 34.99 -31.48 19.89
N ASP Q 141 33.73 -31.10 19.78
CA ASP Q 141 33.01 -30.45 20.88
C ASP Q 141 32.53 -31.53 21.84
N VAL Q 142 33.31 -31.78 22.89
CA VAL Q 142 33.02 -32.84 23.84
C VAL Q 142 32.21 -32.29 24.99
N LYS Q 143 31.58 -33.20 25.74
CA LYS Q 143 30.68 -32.85 26.83
C LYS Q 143 31.12 -33.39 28.17
N SER Q 144 32.15 -34.22 28.24
CA SER Q 144 32.53 -34.88 29.48
C SER Q 144 33.96 -35.37 29.34
N VAL Q 145 34.39 -36.21 30.28
CA VAL Q 145 35.76 -36.71 30.26
C VAL Q 145 35.88 -37.95 29.39
N GLU Q 146 34.86 -38.82 29.38
CA GLU Q 146 34.91 -39.98 28.50
C GLU Q 146 34.89 -39.55 27.04
N GLN Q 147 34.06 -38.56 26.70
CA GLN Q 147 34.07 -38.05 25.32
C GLN Q 147 35.39 -37.40 25.00
N ALA Q 148 35.96 -36.64 25.94
CA ALA Q 148 37.25 -36.01 25.71
C ALA Q 148 38.35 -37.05 25.51
N LYS Q 149 38.27 -38.16 26.24
CA LYS Q 149 39.24 -39.23 26.05
C LYS Q 149 39.08 -39.88 24.68
N ILE Q 150 37.83 -40.06 24.23
CA ILE Q 150 37.60 -40.60 22.90
C ILE Q 150 38.20 -39.69 21.84
N ALA Q 151 37.93 -38.39 21.95
CA ALA Q 151 38.44 -37.45 20.95
C ALA Q 151 39.96 -37.35 20.99
N GLU Q 152 40.59 -37.61 22.13
CA GLU Q 152 42.05 -37.61 22.17
C GLU Q 152 42.60 -38.84 21.47
N GLU Q 153 42.05 -40.01 21.75
CA GLU Q 153 42.50 -41.23 21.09
C GLU Q 153 42.17 -41.21 19.60
N ALA Q 154 41.06 -40.59 19.23
CA ALA Q 154 40.67 -40.49 17.83
C ALA Q 154 41.62 -39.60 17.03
N GLY Q 155 42.51 -38.85 17.69
CA GLY Q 155 43.48 -38.04 17.01
C GLY Q 155 43.13 -36.57 16.89
N ALA Q 156 42.16 -36.07 17.64
CA ALA Q 156 41.83 -34.66 17.59
C ALA Q 156 42.99 -33.84 18.12
N ILE Q 157 43.07 -32.59 17.67
CA ILE Q 157 44.07 -31.67 18.20
C ILE Q 157 43.56 -30.93 19.42
N GLY Q 158 42.25 -30.76 19.54
CA GLY Q 158 41.69 -30.07 20.68
C GLY Q 158 40.26 -30.47 20.89
N VAL Q 159 39.77 -30.25 22.11
CA VAL Q 159 38.41 -30.58 22.51
C VAL Q 159 37.75 -29.32 23.05
N MET Q 160 36.58 -29.00 22.53
CA MET Q 160 35.81 -27.87 23.01
C MET Q 160 34.87 -28.34 24.10
N VAL Q 161 35.08 -27.86 25.33
CA VAL Q 161 34.27 -28.31 26.45
C VAL Q 161 32.89 -27.68 26.36
N LEU Q 162 31.86 -28.51 26.50
CA LEU Q 162 30.49 -28.12 26.24
C LEU Q 162 29.64 -28.31 27.50
N GLU Q 163 28.45 -27.73 27.48
CA GLU Q 163 27.52 -27.85 28.59
C GLU Q 163 26.72 -29.15 28.44
N ASN Q 164 26.89 -30.06 29.41
CA ASN Q 164 26.23 -31.35 29.38
C ASN Q 164 24.81 -31.20 29.92
N ILE Q 165 23.90 -30.78 29.04
CA ILE Q 165 22.51 -30.58 29.41
C ILE Q 165 21.60 -30.96 28.25
N GLY Q 174 15.71 -20.40 29.52
CA GLY Q 174 16.41 -21.00 28.40
C GLY Q 174 17.54 -20.12 27.88
N VAL Q 175 18.52 -19.86 28.75
CA VAL Q 175 19.67 -19.04 28.40
C VAL Q 175 20.92 -19.90 28.55
N ALA Q 176 21.73 -19.95 27.50
CA ALA Q 176 22.95 -20.74 27.50
C ALA Q 176 24.11 -19.87 27.96
N ARG Q 177 24.70 -20.23 29.10
CA ARG Q 177 25.82 -19.50 29.67
C ARG Q 177 27.11 -20.30 29.48
N SER Q 178 28.22 -19.67 29.82
CA SER Q 178 29.50 -20.37 29.78
C SER Q 178 29.50 -21.54 30.75
N VAL Q 179 30.10 -22.65 30.32
CA VAL Q 179 30.14 -23.84 31.15
C VAL Q 179 30.86 -23.54 32.46
N ASP Q 180 30.53 -24.32 33.48
CA ASP Q 180 31.12 -24.12 34.80
C ASP Q 180 32.62 -24.37 34.75
N PRO Q 181 33.45 -23.43 35.22
CA PRO Q 181 34.91 -23.63 35.11
C PRO Q 181 35.41 -24.87 35.81
N SER Q 182 34.68 -25.43 36.78
CA SER Q 182 35.13 -26.66 37.41
C SER Q 182 35.07 -27.83 36.43
N LYS Q 183 34.14 -27.79 35.49
CA LYS Q 183 34.09 -28.83 34.46
C LYS Q 183 35.24 -28.68 33.47
N VAL Q 184 35.51 -27.45 33.03
CA VAL Q 184 36.58 -27.22 32.08
C VAL Q 184 37.92 -27.65 32.68
N GLU Q 185 38.11 -27.42 33.98
CA GLU Q 185 39.35 -27.84 34.61
C GLU Q 185 39.43 -29.36 34.75
N GLU Q 186 38.29 -30.01 34.90
CA GLU Q 186 38.28 -31.47 34.97
C GLU Q 186 38.82 -32.08 33.69
N ILE Q 187 38.33 -31.61 32.54
CA ILE Q 187 38.79 -32.12 31.27
C ILE Q 187 40.23 -31.71 31.01
N LYS Q 188 40.58 -30.46 31.33
CA LYS Q 188 41.92 -29.97 31.05
C LYS Q 188 42.98 -30.86 31.69
N LYS Q 189 42.67 -31.50 32.80
CA LYS Q 189 43.64 -32.33 33.51
C LYS Q 189 43.57 -33.80 33.11
N CYS Q 190 42.69 -34.16 32.19
CA CYS Q 190 42.55 -35.54 31.75
C CYS Q 190 42.88 -35.74 30.27
N VAL Q 191 43.25 -34.68 29.55
CA VAL Q 191 43.62 -34.79 28.15
C VAL Q 191 44.84 -33.91 27.91
N SER Q 192 45.81 -34.45 27.17
CA SER Q 192 47.01 -33.71 26.83
C SER Q 192 46.85 -32.82 25.61
N ILE Q 193 45.72 -32.90 24.92
CA ILE Q 193 45.45 -32.06 23.77
C ILE Q 193 44.86 -30.73 24.24
N ASN Q 194 44.79 -29.75 23.35
CA ASN Q 194 44.30 -28.44 23.72
C ASN Q 194 42.86 -28.53 24.21
N VAL Q 195 42.49 -27.61 25.09
CA VAL Q 195 41.14 -27.50 25.64
C VAL Q 195 40.63 -26.10 25.33
N LEU Q 196 39.44 -26.03 24.75
CA LEU Q 196 38.79 -24.77 24.42
C LEU Q 196 37.55 -24.61 25.28
N ALA Q 197 37.02 -23.39 25.31
CA ALA Q 197 35.81 -23.12 26.06
C ALA Q 197 35.07 -21.96 25.41
N ARG Q 198 33.80 -21.85 25.73
CA ARG Q 198 32.88 -20.95 25.06
C ARG Q 198 32.47 -19.85 26.03
N VAL Q 199 32.47 -18.61 25.54
CA VAL Q 199 32.01 -17.47 26.31
C VAL Q 199 31.05 -16.67 25.44
N ARG Q 200 29.99 -16.17 26.06
CA ARG Q 200 28.99 -15.43 25.32
C ARG Q 200 29.62 -14.21 24.65
N ILE Q 201 28.96 -13.73 23.60
CA ILE Q 201 29.49 -12.62 22.82
C ILE Q 201 29.45 -11.37 23.68
N GLY Q 202 30.62 -10.86 24.05
CA GLY Q 202 30.73 -9.62 24.79
C GLY Q 202 30.96 -9.78 26.27
N HIS Q 203 30.75 -10.97 26.83
CA HIS Q 203 30.91 -11.19 28.27
C HIS Q 203 32.39 -11.26 28.58
N PHE Q 204 32.98 -10.10 28.88
CA PHE Q 204 34.42 -10.05 29.11
C PHE Q 204 34.81 -10.55 30.49
N VAL Q 205 33.85 -10.84 31.36
CA VAL Q 205 34.19 -11.36 32.69
C VAL Q 205 34.17 -12.88 32.70
N GLU Q 206 33.39 -13.51 31.82
CA GLU Q 206 33.53 -14.94 31.62
C GLU Q 206 34.90 -15.26 31.05
N ALA Q 207 35.35 -14.48 30.07
CA ALA Q 207 36.68 -14.67 29.51
C ALA Q 207 37.75 -14.46 30.58
N GLN Q 208 37.57 -13.46 31.45
CA GLN Q 208 38.54 -13.21 32.50
C GLN Q 208 38.63 -14.39 33.45
N ILE Q 209 37.50 -15.09 33.66
CA ILE Q 209 37.52 -16.27 34.52
C ILE Q 209 38.30 -17.40 33.84
N LEU Q 210 38.04 -17.62 32.55
CA LEU Q 210 38.69 -18.70 31.83
C LEU Q 210 40.19 -18.46 31.69
N GLU Q 211 40.58 -17.22 31.38
CA GLU Q 211 41.99 -16.92 31.26
C GLU Q 211 42.73 -17.20 32.57
N GLU Q 212 42.09 -16.94 33.70
CA GLU Q 212 42.68 -17.32 34.98
C GLU Q 212 42.80 -18.82 35.12
N LEU Q 213 42.01 -19.57 34.36
CA LEU Q 213 42.04 -21.03 34.40
C LEU Q 213 43.18 -21.62 33.58
N LYS Q 214 43.92 -20.80 32.83
CA LYS Q 214 45.02 -21.27 32.00
C LYS Q 214 44.51 -22.24 30.94
N ILE Q 215 43.42 -21.85 30.29
CA ILE Q 215 42.82 -22.62 29.21
C ILE Q 215 43.68 -22.40 27.97
N ASP Q 216 43.45 -23.18 26.91
CA ASP Q 216 44.28 -23.09 25.71
C ASP Q 216 43.72 -22.16 24.64
N MET Q 217 42.40 -22.00 24.55
CA MET Q 217 41.86 -21.06 23.59
C MET Q 217 40.38 -20.81 23.86
N ILE Q 218 39.99 -19.56 23.97
CA ILE Q 218 38.61 -19.19 24.26
C ILE Q 218 37.89 -18.96 22.95
N ASP Q 219 36.57 -19.16 22.94
CA ASP Q 219 35.77 -19.04 21.72
C ASP Q 219 34.56 -18.17 22.02
N GLU Q 220 34.56 -16.95 21.51
CA GLU Q 220 33.45 -16.02 21.67
C GLU Q 220 32.36 -16.45 20.70
N SER Q 221 31.38 -17.19 21.20
CA SER Q 221 30.49 -17.97 20.35
C SER Q 221 29.08 -17.41 20.30
N GLU Q 222 28.48 -17.52 19.12
CA GLU Q 222 27.09 -17.14 18.89
C GLU Q 222 26.11 -18.24 19.24
N VAL Q 223 26.60 -19.47 19.45
CA VAL Q 223 25.72 -20.55 19.90
C VAL Q 223 25.14 -20.21 21.27
N LEU Q 224 25.98 -19.71 22.17
CA LEU Q 224 25.51 -19.25 23.47
C LEU Q 224 24.76 -17.93 23.31
N THR Q 225 23.90 -17.65 24.29
CA THR Q 225 23.11 -16.42 24.25
C THR Q 225 24.03 -15.22 24.27
N ILE Q 226 23.63 -14.17 23.56
CA ILE Q 226 24.45 -12.97 23.41
C ILE Q 226 24.35 -12.14 24.68
N ALA Q 227 25.50 -11.84 25.29
CA ALA Q 227 25.52 -10.99 26.48
C ALA Q 227 25.53 -9.51 26.11
N ASP Q 228 26.36 -9.12 25.14
CA ASP Q 228 26.40 -7.76 24.61
C ASP Q 228 26.10 -7.85 23.11
N GLU Q 229 24.87 -7.51 22.74
CA GLU Q 229 24.49 -7.58 21.33
C GLU Q 229 25.26 -6.60 20.48
N MET Q 230 25.91 -5.62 21.10
CA MET Q 230 26.44 -4.46 20.42
C MET Q 230 27.96 -4.53 20.28
N HIS Q 231 28.65 -5.11 21.25
CA HIS Q 231 30.11 -5.14 21.32
C HIS Q 231 30.63 -6.57 21.30
N HIS Q 232 31.95 -6.67 21.17
CA HIS Q 232 32.67 -7.94 21.23
C HIS Q 232 33.85 -7.76 22.19
N ILE Q 233 34.14 -8.80 22.95
CA ILE Q 233 35.22 -8.75 23.94
C ILE Q 233 36.43 -8.08 23.31
N ASP Q 234 37.13 -7.24 24.07
CA ASP Q 234 38.36 -6.63 23.59
C ASP Q 234 39.46 -7.66 23.78
N LYS Q 235 39.69 -8.47 22.75
CA LYS Q 235 40.57 -9.61 22.85
C LYS Q 235 42.03 -9.23 22.91
N HIS Q 236 42.36 -7.94 22.81
CA HIS Q 236 43.75 -7.52 22.97
C HIS Q 236 44.21 -7.56 24.42
N LYS Q 237 43.28 -7.54 25.37
CA LYS Q 237 43.64 -7.46 26.78
C LYS Q 237 43.93 -8.82 27.39
N PHE Q 238 43.75 -9.91 26.64
CA PHE Q 238 43.91 -11.26 27.15
C PHE Q 238 45.15 -11.90 26.54
N LYS Q 239 45.83 -12.71 27.35
CA LYS Q 239 46.92 -13.54 26.84
C LYS Q 239 46.43 -14.76 26.08
N THR Q 240 45.21 -15.22 26.36
CA THR Q 240 44.70 -16.44 25.77
C THR Q 240 44.14 -16.15 24.37
N PRO Q 241 44.58 -16.87 23.34
CA PRO Q 241 44.05 -16.63 22.00
C PRO Q 241 42.55 -16.91 21.91
N PHE Q 242 41.88 -16.12 21.08
CA PHE Q 242 40.44 -16.21 20.88
C PHE Q 242 40.15 -16.75 19.49
N VAL Q 243 38.94 -17.27 19.33
CA VAL Q 243 38.39 -17.63 18.02
C VAL Q 243 37.00 -17.06 17.93
N CYS Q 244 36.65 -16.54 16.75
CA CYS Q 244 35.37 -15.87 16.56
C CYS Q 244 34.77 -16.32 15.25
N GLY Q 245 33.46 -16.29 15.16
CA GLY Q 245 32.78 -16.68 13.95
C GLY Q 245 32.91 -15.62 12.86
N CYS Q 246 32.47 -15.99 11.66
CA CYS Q 246 32.54 -15.09 10.52
C CYS Q 246 31.70 -15.67 9.40
N THR Q 247 30.93 -14.80 8.74
CA THR Q 247 30.14 -15.20 7.58
C THR Q 247 30.61 -14.54 6.29
N ASN Q 248 31.52 -13.57 6.36
CA ASN Q 248 32.07 -12.95 5.17
C ASN Q 248 33.43 -12.35 5.53
N LEU Q 249 34.13 -11.89 4.50
CA LEU Q 249 35.47 -11.34 4.73
C LEU Q 249 35.42 -10.08 5.58
N GLY Q 250 34.33 -9.33 5.52
CA GLY Q 250 34.21 -8.14 6.36
C GLY Q 250 34.24 -8.48 7.83
N GLU Q 251 33.45 -9.47 8.24
CA GLU Q 251 33.41 -9.87 9.63
C GLU Q 251 34.75 -10.46 10.07
N ALA Q 252 35.35 -11.31 9.24
CA ALA Q 252 36.61 -11.94 9.61
C ALA Q 252 37.69 -10.89 9.82
N LEU Q 253 37.71 -9.86 8.99
CA LEU Q 253 38.74 -8.83 9.12
C LEU Q 253 38.48 -7.94 10.32
N ARG Q 254 37.20 -7.68 10.64
CA ARG Q 254 36.89 -6.90 11.83
C ARG Q 254 37.30 -7.62 13.09
N ARG Q 255 36.97 -8.91 13.19
CA ARG Q 255 37.32 -9.68 14.39
C ARG Q 255 38.82 -9.80 14.55
N ILE Q 256 39.55 -9.92 13.45
CA ILE Q 256 41.01 -9.97 13.55
C ILE Q 256 41.55 -8.63 14.00
N SER Q 257 40.87 -7.54 13.66
CA SER Q 257 41.25 -6.23 14.18
C SER Q 257 41.07 -6.19 15.70
N GLU Q 258 39.96 -6.74 16.19
CA GLU Q 258 39.71 -6.74 17.62
C GLU Q 258 40.72 -7.58 18.37
N GLY Q 259 41.29 -8.60 17.72
CA GLY Q 259 42.36 -9.38 18.32
C GLY Q 259 42.16 -10.88 18.25
N ALA Q 260 41.25 -11.35 17.41
CA ALA Q 260 41.04 -12.79 17.28
C ALA Q 260 42.23 -13.45 16.61
N SER Q 261 42.70 -14.54 17.19
CA SER Q 261 43.83 -15.29 16.66
C SER Q 261 43.41 -16.43 15.73
N MET Q 262 42.12 -16.66 15.57
CA MET Q 262 41.62 -17.69 14.68
C MET Q 262 40.21 -17.30 14.28
N ILE Q 263 39.74 -17.89 13.19
CA ILE Q 263 38.38 -17.64 12.71
C ILE Q 263 37.74 -18.97 12.37
N ARG Q 264 36.42 -18.99 12.37
CA ARG Q 264 35.67 -20.16 11.91
C ARG Q 264 34.39 -19.66 11.26
N THR Q 265 33.87 -20.43 10.31
CA THR Q 265 32.67 -20.04 9.59
C THR Q 265 31.44 -20.45 10.40
N LYS Q 266 30.60 -19.48 10.73
CA LYS Q 266 29.47 -19.75 11.63
C LYS Q 266 28.67 -20.95 11.15
N GLY Q 267 28.41 -21.04 9.85
CA GLY Q 267 27.59 -22.13 9.36
C GLY Q 267 26.21 -22.11 9.99
N GLU Q 268 25.77 -23.26 10.50
CA GLU Q 268 24.45 -23.38 11.10
C GLU Q 268 24.51 -24.52 12.11
N ALA Q 269 24.67 -24.17 13.39
CA ALA Q 269 24.87 -25.18 14.41
C ALA Q 269 23.57 -25.92 14.70
N GLY Q 270 23.69 -27.22 14.97
CA GLY Q 270 22.58 -28.08 15.32
C GLY Q 270 21.87 -28.72 14.15
N THR Q 271 21.69 -27.98 13.07
CA THR Q 271 20.95 -28.51 11.92
C THR Q 271 21.66 -29.70 11.30
N GLY Q 272 22.99 -29.66 11.25
CA GLY Q 272 23.75 -30.68 10.56
C GLY Q 272 23.88 -30.47 9.07
N ASN Q 273 23.30 -29.41 8.53
CA ASN Q 273 23.39 -29.11 7.11
C ASN Q 273 24.66 -28.32 6.84
N ILE Q 274 25.45 -28.79 5.88
CA ILE Q 274 26.71 -28.18 5.52
C ILE Q 274 26.46 -27.10 4.48
N ILE Q 275 25.19 -26.76 4.25
CA ILE Q 275 24.85 -25.79 3.21
C ILE Q 275 25.44 -24.43 3.57
N GLU Q 276 25.30 -24.01 4.83
CA GLU Q 276 25.76 -22.69 5.21
C GLU Q 276 27.28 -22.64 5.32
N ALA Q 277 27.90 -23.69 5.86
CA ALA Q 277 29.35 -23.70 5.96
C ALA Q 277 30.00 -23.60 4.59
N ILE Q 278 29.49 -24.33 3.61
CA ILE Q 278 30.04 -24.27 2.26
C ILE Q 278 29.73 -22.93 1.62
N LYS Q 279 28.55 -22.38 1.87
CA LYS Q 279 28.21 -21.07 1.32
C LYS Q 279 29.15 -19.99 1.86
N HIS Q 280 29.44 -20.04 3.15
CA HIS Q 280 30.32 -19.03 3.74
C HIS Q 280 31.77 -19.24 3.33
N ILE Q 281 32.20 -20.49 3.18
CA ILE Q 281 33.57 -20.75 2.75
C ILE Q 281 33.80 -20.17 1.37
N ARG Q 282 32.85 -20.37 0.46
CA ARG Q 282 32.98 -19.82 -0.88
C ARG Q 282 32.95 -18.30 -0.86
N THR Q 283 32.02 -17.73 -0.09
CA THR Q 283 31.91 -16.27 -0.03
C THR Q 283 33.21 -15.64 0.41
N VAL Q 284 33.82 -16.15 1.47
CA VAL Q 284 35.08 -15.60 1.94
C VAL Q 284 36.19 -15.83 0.92
N ASN Q 285 36.22 -17.02 0.31
CA ASN Q 285 37.27 -17.31 -0.67
C ASN Q 285 37.13 -16.44 -1.90
N ASN Q 286 35.90 -16.22 -2.37
CA ASN Q 286 35.69 -15.38 -3.54
C ASN Q 286 36.13 -13.95 -3.26
N GLU Q 287 35.77 -13.41 -2.11
CA GLU Q 287 36.09 -12.03 -1.78
C GLU Q 287 37.60 -11.83 -1.69
N ILE Q 288 38.32 -12.78 -1.08
CA ILE Q 288 39.76 -12.63 -0.94
C ILE Q 288 40.43 -12.62 -2.31
N CYS Q 289 39.99 -13.50 -3.21
CA CYS Q 289 40.61 -13.54 -4.53
C CYS Q 289 40.20 -12.34 -5.37
N TYR Q 290 38.92 -11.97 -5.36
CA TYR Q 290 38.49 -10.75 -6.03
C TYR Q 290 39.30 -9.56 -5.54
N LEU Q 291 39.55 -9.50 -4.23
CA LEU Q 291 40.43 -8.49 -3.67
C LEU Q 291 41.80 -8.54 -4.31
N CYS Q 292 42.37 -9.73 -4.43
CA CYS Q 292 43.71 -9.86 -4.99
C CYS Q 292 43.77 -9.41 -6.44
N CYS Q 293 42.62 -9.35 -7.11
CA CYS Q 293 42.55 -8.99 -8.51
C CYS Q 293 42.27 -7.51 -8.73
N LEU Q 294 42.11 -6.73 -7.66
CA LEU Q 294 41.79 -5.31 -7.74
C LEU Q 294 43.07 -4.50 -7.96
N SER Q 295 42.94 -3.18 -7.90
CA SER Q 295 44.07 -2.27 -8.04
C SER Q 295 44.24 -1.46 -6.76
N ASP Q 296 45.33 -0.70 -6.70
CA ASP Q 296 45.67 0.01 -5.46
C ASP Q 296 44.64 1.05 -5.11
N SER Q 297 44.14 1.80 -6.10
CA SER Q 297 43.13 2.82 -5.84
C SER Q 297 41.76 2.23 -5.57
N GLU Q 298 41.47 1.04 -6.07
CA GLU Q 298 40.17 0.41 -5.84
C GLU Q 298 40.07 -0.28 -4.48
N VAL Q 299 41.20 -0.52 -3.82
CA VAL Q 299 41.16 -1.19 -2.53
C VAL Q 299 40.45 -0.32 -1.50
N TYR Q 300 40.60 0.99 -1.60
CA TYR Q 300 40.07 1.86 -0.55
C TYR Q 300 38.56 1.79 -0.46
N HIS Q 301 37.86 1.73 -1.58
CA HIS Q 301 36.41 1.60 -1.51
C HIS Q 301 35.99 0.21 -1.08
N PHE Q 302 36.70 -0.82 -1.53
CA PHE Q 302 36.35 -2.18 -1.11
C PHE Q 302 36.36 -2.29 0.40
N ALA Q 303 37.41 -1.78 1.04
CA ALA Q 303 37.44 -1.76 2.50
C ALA Q 303 36.19 -1.09 3.05
N LYS Q 304 35.76 0.00 2.42
CA LYS Q 304 34.57 0.69 2.89
C LYS Q 304 33.32 -0.16 2.73
N LYS Q 305 33.16 -0.81 1.56
CA LYS Q 305 31.91 -1.51 1.31
C LYS Q 305 31.78 -2.77 2.15
N ILE Q 306 32.87 -3.52 2.32
CA ILE Q 306 32.85 -4.65 3.26
C ILE Q 306 32.96 -4.18 4.69
N ASN Q 307 33.34 -2.92 4.92
CA ASN Q 307 33.44 -2.35 6.26
C ASN Q 307 34.52 -3.07 7.07
N ALA Q 308 35.74 -2.99 6.58
CA ALA Q 308 36.89 -3.62 7.22
C ALA Q 308 38.03 -2.63 7.32
N PRO Q 309 38.92 -2.79 8.30
CA PRO Q 309 40.07 -1.90 8.39
C PRO Q 309 40.94 -2.01 7.14
N ILE Q 310 41.45 -0.87 6.69
CA ILE Q 310 42.22 -0.84 5.46
C ILE Q 310 43.53 -1.60 5.63
N ASP Q 311 44.11 -1.55 6.82
CA ASP Q 311 45.41 -2.19 7.03
C ASP Q 311 45.31 -3.70 6.80
N LEU Q 312 44.28 -4.34 7.34
CA LEU Q 312 44.11 -5.77 7.14
C LEU Q 312 43.75 -6.09 5.69
N VAL Q 313 42.92 -5.26 5.07
CA VAL Q 313 42.53 -5.50 3.68
C VAL Q 313 43.76 -5.59 2.80
N LEU Q 314 44.73 -4.71 3.02
CA LEU Q 314 45.98 -4.80 2.26
C LEU Q 314 46.77 -6.05 2.66
N LEU Q 315 46.71 -6.43 3.94
CA LEU Q 315 47.42 -7.63 4.38
C LEU Q 315 46.81 -8.88 3.76
N THR Q 316 45.49 -8.95 3.67
CA THR Q 316 44.85 -10.07 2.99
C THR Q 316 45.24 -10.11 1.52
N LYS Q 317 45.31 -8.95 0.88
CA LYS Q 317 45.73 -8.89 -0.52
C LYS Q 317 47.16 -9.40 -0.68
N LYS Q 318 48.06 -8.97 0.19
CA LYS Q 318 49.45 -9.40 0.07
C LYS Q 318 49.60 -10.90 0.29
N LEU Q 319 48.94 -11.44 1.32
CA LEU Q 319 49.05 -12.85 1.63
C LEU Q 319 48.15 -13.71 0.76
N LYS Q 320 47.13 -13.12 0.12
CA LYS Q 320 46.19 -13.81 -0.73
C LYS Q 320 45.28 -14.75 0.03
N ARG Q 321 45.30 -14.71 1.36
CA ARG Q 321 44.42 -15.53 2.18
C ARG Q 321 44.16 -14.79 3.48
N LEU Q 322 43.29 -15.36 4.31
CA LEU Q 322 42.97 -14.73 5.58
C LEU Q 322 44.24 -14.64 6.43
N PRO Q 323 44.50 -13.50 7.08
CA PRO Q 323 45.76 -13.36 7.81
C PRO Q 323 45.92 -14.34 8.95
N VAL Q 324 44.85 -14.98 9.42
CA VAL Q 324 44.88 -15.85 10.58
C VAL Q 324 44.33 -17.22 10.20
N VAL Q 325 44.68 -18.22 11.00
CA VAL Q 325 44.19 -19.57 10.76
C VAL Q 325 42.67 -19.54 10.62
N ASN Q 326 42.15 -20.36 9.70
CA ASN Q 326 40.73 -20.38 9.41
C ASN Q 326 40.26 -21.83 9.46
N PHE Q 327 39.25 -22.10 10.28
CA PHE Q 327 38.66 -23.41 10.43
C PHE Q 327 37.23 -23.40 9.93
N ALA Q 328 36.68 -24.58 9.71
CA ALA Q 328 35.31 -24.74 9.26
C ALA Q 328 34.45 -25.29 10.39
N ALA Q 329 33.29 -24.70 10.61
CA ALA Q 329 32.44 -25.08 11.71
C ALA Q 329 30.98 -25.05 11.28
N GLY Q 330 30.21 -26.03 11.73
CA GLY Q 330 28.78 -26.04 11.52
C GLY Q 330 28.35 -26.89 10.35
N GLY Q 331 27.85 -28.09 10.64
CA GLY Q 331 27.35 -28.99 9.63
C GLY Q 331 28.27 -30.14 9.29
N VAL Q 332 29.53 -30.09 9.67
CA VAL Q 332 30.46 -31.17 9.36
C VAL Q 332 30.07 -32.38 10.20
N ALA Q 333 29.48 -33.38 9.56
CA ALA Q 333 29.02 -34.57 10.26
C ALA Q 333 29.51 -35.88 9.66
N THR Q 334 30.12 -35.85 8.48
CA THR Q 334 30.52 -37.05 7.77
C THR Q 334 31.95 -36.88 7.28
N PRO Q 335 32.71 -37.97 7.11
CA PRO Q 335 34.04 -37.82 6.54
C PRO Q 335 34.06 -37.08 5.21
N ALA Q 336 33.01 -37.23 4.40
CA ALA Q 336 32.92 -36.48 3.16
C ALA Q 336 32.76 -34.99 3.43
N ASP Q 337 31.93 -34.64 4.42
CA ASP Q 337 31.73 -33.23 4.74
C ASP Q 337 33.03 -32.59 5.21
N ALA Q 338 33.79 -33.30 6.05
CA ALA Q 338 35.04 -32.76 6.53
C ALA Q 338 36.03 -32.55 5.39
N ALA Q 339 36.12 -33.52 4.49
CA ALA Q 339 37.09 -33.42 3.39
C ALA Q 339 36.67 -32.37 2.38
N MET Q 340 35.36 -32.19 2.17
CA MET Q 340 34.90 -31.15 1.27
C MET Q 340 35.33 -29.78 1.77
N CYS Q 341 35.17 -29.53 3.06
CA CYS Q 341 35.58 -28.25 3.63
C CYS Q 341 37.08 -28.04 3.48
N MET Q 342 37.87 -29.08 3.72
CA MET Q 342 39.31 -28.96 3.60
C MET Q 342 39.74 -28.85 2.14
N GLN Q 343 38.96 -29.41 1.22
CA GLN Q 343 39.26 -29.26 -0.20
C GLN Q 343 38.91 -27.87 -0.72
N LEU Q 344 38.17 -27.09 0.05
CA LEU Q 344 37.83 -25.72 -0.30
C LEU Q 344 38.77 -24.70 0.32
N GLY Q 345 39.82 -25.14 1.02
CA GLY Q 345 40.91 -24.27 1.44
C GLY Q 345 41.13 -24.23 2.94
N MET Q 346 40.08 -24.49 3.73
CA MET Q 346 40.16 -24.29 5.17
C MET Q 346 41.34 -25.05 5.77
N ASP Q 347 41.75 -24.65 6.98
CA ASP Q 347 42.90 -25.24 7.65
C ASP Q 347 42.51 -26.32 8.65
N GLY Q 348 41.24 -26.59 8.83
CA GLY Q 348 40.81 -27.58 9.80
C GLY Q 348 39.30 -27.59 9.88
N VAL Q 349 38.80 -28.37 10.83
CA VAL Q 349 37.37 -28.61 10.96
C VAL Q 349 36.97 -28.56 12.42
N PHE Q 350 35.84 -27.92 12.70
CA PHE Q 350 35.14 -28.00 13.97
C PHE Q 350 33.96 -28.95 13.80
N VAL Q 351 33.92 -30.00 14.61
CA VAL Q 351 32.88 -31.02 14.52
C VAL Q 351 32.09 -31.03 15.82
N GLY Q 352 30.77 -30.96 15.70
CA GLY Q 352 29.91 -30.86 16.87
C GLY Q 352 29.82 -32.15 17.65
N SER Q 353 28.68 -32.37 18.30
CA SER Q 353 28.47 -33.55 19.13
C SER Q 353 27.85 -34.72 18.37
N GLY Q 354 27.58 -34.56 17.08
CA GLY Q 354 27.02 -35.66 16.31
C GLY Q 354 27.89 -36.89 16.29
N ILE Q 355 29.20 -36.74 16.52
CA ILE Q 355 30.10 -37.88 16.50
C ILE Q 355 29.76 -38.84 17.62
N PHE Q 356 29.28 -38.34 18.75
CA PHE Q 356 29.04 -39.16 19.92
C PHE Q 356 27.60 -39.63 20.07
N GLU Q 357 26.67 -39.07 19.28
CA GLU Q 357 25.33 -39.63 19.15
C GLU Q 357 25.25 -40.57 17.97
N SER Q 358 26.14 -41.57 17.93
CA SER Q 358 26.20 -42.49 16.81
C SER Q 358 26.60 -43.88 17.33
N GLU Q 359 26.36 -44.88 16.49
CA GLU Q 359 26.60 -46.26 16.92
C GLU Q 359 28.02 -46.43 17.44
N ASN Q 360 29.01 -46.02 16.65
CA ASN Q 360 30.42 -46.11 17.04
C ASN Q 360 31.02 -44.72 17.06
N PRO Q 361 31.16 -44.09 18.22
CA PRO Q 361 31.76 -42.76 18.25
C PRO Q 361 33.28 -42.81 18.13
N ARG Q 362 33.88 -43.85 18.70
CA ARG Q 362 35.33 -43.98 18.64
C ARG Q 362 35.80 -44.28 17.22
N LYS Q 363 34.92 -44.75 16.35
CA LYS Q 363 35.24 -44.99 14.94
C LYS Q 363 34.79 -43.87 14.03
N MET Q 364 33.59 -43.34 14.25
CA MET Q 364 33.18 -42.16 13.48
C MET Q 364 34.14 -41.00 13.72
N ALA Q 365 34.66 -40.88 14.94
CA ALA Q 365 35.62 -39.82 15.25
C ALA Q 365 36.90 -40.01 14.46
N ALA Q 366 37.49 -41.21 14.52
CA ALA Q 366 38.71 -41.48 13.79
C ALA Q 366 38.50 -41.35 12.29
N SER Q 367 37.27 -41.57 11.83
CA SER Q 367 36.98 -41.40 10.41
C SER Q 367 37.10 -39.95 9.98
N ILE Q 368 36.52 -39.04 10.75
CA ILE Q 368 36.59 -37.63 10.41
C ILE Q 368 38.02 -37.11 10.54
N VAL Q 369 38.78 -37.66 11.48
CA VAL Q 369 40.18 -37.27 11.62
C VAL Q 369 40.97 -37.69 10.39
N SER Q 370 40.75 -38.92 9.92
CA SER Q 370 41.48 -39.40 8.74
C SER Q 370 41.04 -38.66 7.49
N ALA Q 371 39.77 -38.28 7.40
CA ALA Q 371 39.30 -37.52 6.26
C ALA Q 371 40.03 -36.20 6.15
N VAL Q 372 40.20 -35.49 7.28
CA VAL Q 372 40.87 -34.21 7.26
C VAL Q 372 42.36 -34.38 6.96
N SER Q 373 42.97 -35.44 7.47
CA SER Q 373 44.39 -35.67 7.21
C SER Q 373 44.63 -36.11 5.78
N ASN Q 374 43.67 -36.79 5.16
CA ASN Q 374 43.79 -37.32 3.80
C ASN Q 374 42.66 -36.83 2.94
N PHE Q 375 42.39 -35.53 2.98
CA PHE Q 375 41.24 -34.97 2.30
C PHE Q 375 41.37 -35.01 0.78
N ASN Q 376 42.55 -35.29 0.25
CA ASN Q 376 42.78 -35.32 -1.19
C ASN Q 376 42.95 -36.74 -1.72
N ASN Q 377 42.61 -37.75 -0.94
CA ASN Q 377 42.83 -39.16 -1.29
C ASN Q 377 41.48 -39.86 -1.36
N PRO Q 378 40.87 -39.95 -2.53
CA PRO Q 378 39.55 -40.58 -2.62
C PRO Q 378 39.53 -42.02 -2.14
N LYS Q 379 40.64 -42.75 -2.28
CA LYS Q 379 40.67 -44.12 -1.82
C LYS Q 379 40.46 -44.21 -0.31
N ILE Q 380 41.13 -43.34 0.44
CA ILE Q 380 41.00 -43.35 1.89
C ILE Q 380 39.62 -42.84 2.30
N LEU Q 381 39.13 -41.80 1.63
CA LEU Q 381 37.81 -41.27 1.96
C LEU Q 381 36.74 -42.33 1.80
N LEU Q 382 36.83 -43.14 0.76
CA LEU Q 382 35.90 -44.26 0.63
C LEU Q 382 36.08 -45.25 1.77
N ASP Q 383 37.33 -45.56 2.11
CA ASP Q 383 37.59 -46.59 3.11
C ASP Q 383 36.97 -46.22 4.45
N VAL Q 384 37.13 -44.97 4.86
CA VAL Q 384 36.59 -44.54 6.16
C VAL Q 384 35.09 -44.32 6.12
N SER Q 385 34.50 -44.12 4.94
CA SER Q 385 33.07 -43.91 4.82
C SER Q 385 32.28 -45.21 4.83
N MET Q 386 32.94 -46.34 4.63
CA MET Q 386 32.24 -47.63 4.57
C MET Q 386 31.98 -48.17 5.96
N ASN Q 387 30.76 -48.67 6.16
CA ASN Q 387 30.36 -49.28 7.43
C ASN Q 387 30.44 -48.26 8.57
N LEU Q 388 30.07 -47.02 8.28
CA LEU Q 388 30.12 -45.96 9.29
C LEU Q 388 29.00 -46.07 10.32
N GLY Q 389 28.02 -46.95 10.11
CA GLY Q 389 26.94 -47.13 11.05
C GLY Q 389 25.62 -47.45 10.37
N VAL R 124 33.49 -37.52 -23.21
CA VAL R 124 32.07 -37.56 -22.88
C VAL R 124 31.32 -38.42 -23.88
N LEU R 125 31.92 -38.59 -25.07
CA LEU R 125 31.25 -39.37 -26.11
C LEU R 125 31.02 -40.81 -25.68
N LEU R 126 32.01 -41.41 -25.01
CA LEU R 126 31.84 -42.78 -24.54
C LEU R 126 30.72 -42.88 -23.52
N LYS R 127 30.60 -41.89 -22.64
CA LYS R 127 29.50 -41.88 -21.68
C LYS R 127 28.15 -41.83 -22.38
N HIS R 128 28.04 -40.99 -23.42
CA HIS R 128 26.82 -40.95 -24.21
C HIS R 128 26.60 -42.27 -24.94
N GLY R 129 27.67 -42.87 -25.46
CA GLY R 129 27.54 -44.15 -26.12
C GLY R 129 26.96 -45.21 -25.20
N TRP R 130 27.37 -45.22 -23.94
CA TRP R 130 26.83 -46.17 -22.99
C TRP R 130 25.41 -45.79 -22.56
N CYS R 131 25.15 -44.49 -22.41
CA CYS R 131 23.84 -44.07 -21.94
C CYS R 131 22.76 -44.35 -22.98
N GLU R 132 23.11 -44.32 -24.27
CA GLU R 132 22.12 -44.61 -25.30
C GLU R 132 21.58 -46.03 -25.19
N MET R 133 22.27 -46.91 -24.46
CA MET R 133 21.74 -48.24 -24.19
C MET R 133 20.64 -48.22 -23.14
N LEU R 134 20.54 -47.14 -22.35
CA LEU R 134 19.50 -47.02 -21.34
C LEU R 134 18.14 -46.74 -21.94
N LYS R 135 18.05 -46.47 -23.24
CA LYS R 135 16.78 -46.07 -23.84
C LYS R 135 15.73 -47.16 -23.68
N GLY R 136 14.49 -46.71 -23.45
CA GLY R 136 13.38 -47.63 -23.33
C GLY R 136 13.43 -48.56 -22.14
N GLY R 137 13.99 -48.12 -21.01
CA GLY R 137 14.12 -48.94 -19.83
C GLY R 137 13.52 -48.27 -18.60
N VAL R 138 13.47 -49.04 -17.52
CA VAL R 138 12.88 -48.62 -16.26
C VAL R 138 13.94 -48.73 -15.17
N ILE R 139 14.10 -47.66 -14.40
CA ILE R 139 15.04 -47.62 -13.29
C ILE R 139 14.24 -47.53 -12.00
N MET R 140 14.37 -48.56 -11.15
CA MET R 140 13.57 -48.68 -9.95
C MET R 140 14.40 -48.26 -8.74
N ASP R 141 13.88 -47.32 -7.96
CA ASP R 141 14.58 -46.82 -6.78
C ASP R 141 14.39 -47.81 -5.65
N VAL R 142 15.37 -48.69 -5.47
CA VAL R 142 15.28 -49.77 -4.50
C VAL R 142 15.96 -49.34 -3.20
N LYS R 143 15.70 -50.10 -2.15
CA LYS R 143 16.18 -49.79 -0.81
C LYS R 143 17.02 -50.88 -0.17
N SER R 144 17.13 -52.05 -0.78
CA SER R 144 17.83 -53.17 -0.16
C SER R 144 18.16 -54.19 -1.25
N VAL R 145 18.60 -55.36 -0.82
CA VAL R 145 18.98 -56.39 -1.79
C VAL R 145 17.77 -57.20 -2.23
N GLU R 146 16.78 -57.39 -1.35
CA GLU R 146 15.56 -58.08 -1.76
C GLU R 146 14.81 -57.26 -2.80
N GLN R 147 14.69 -55.95 -2.58
CA GLN R 147 14.04 -55.10 -3.58
C GLN R 147 14.87 -55.04 -4.86
N ALA R 148 16.19 -54.96 -4.74
CA ALA R 148 17.03 -54.90 -5.92
C ALA R 148 16.92 -56.18 -6.74
N LYS R 149 16.73 -57.32 -6.07
CA LYS R 149 16.56 -58.57 -6.79
C LYS R 149 15.19 -58.63 -7.46
N ILE R 150 14.17 -58.08 -6.82
CA ILE R 150 12.85 -58.02 -7.44
C ILE R 150 12.91 -57.19 -8.71
N ALA R 151 13.54 -56.01 -8.63
CA ALA R 151 13.60 -55.13 -9.78
C ALA R 151 14.46 -55.70 -10.89
N GLU R 152 15.41 -56.57 -10.57
CA GLU R 152 16.20 -57.22 -11.62
C GLU R 152 15.36 -58.25 -12.35
N GLU R 153 14.63 -59.08 -11.60
CA GLU R 153 13.79 -60.09 -12.24
C GLU R 153 12.60 -59.46 -12.95
N ALA R 154 12.12 -58.32 -12.46
CA ALA R 154 11.02 -57.62 -13.11
C ALA R 154 11.43 -57.03 -14.45
N GLY R 155 12.72 -57.00 -14.77
CA GLY R 155 13.18 -56.52 -16.05
C GLY R 155 13.73 -55.11 -16.08
N ALA R 156 13.96 -54.50 -14.93
CA ALA R 156 14.53 -53.16 -14.90
C ALA R 156 15.93 -53.19 -15.49
N ILE R 157 16.36 -52.04 -16.01
CA ILE R 157 17.72 -51.92 -16.50
C ILE R 157 18.68 -51.41 -15.44
N GLY R 158 18.17 -50.75 -14.40
CA GLY R 158 19.02 -50.24 -13.35
C GLY R 158 18.23 -50.02 -12.09
N VAL R 159 18.95 -49.99 -10.97
CA VAL R 159 18.35 -49.79 -9.65
C VAL R 159 19.07 -48.63 -8.97
N MET R 160 18.30 -47.67 -8.49
CA MET R 160 18.85 -46.54 -7.75
C MET R 160 18.79 -46.86 -6.27
N VAL R 161 19.95 -46.95 -5.63
CA VAL R 161 20.02 -47.37 -4.24
C VAL R 161 19.61 -46.21 -3.34
N LEU R 162 18.75 -46.50 -2.38
CA LEU R 162 18.17 -45.51 -1.48
C LEU R 162 18.65 -45.73 -0.06
N GLU R 163 18.32 -44.77 0.81
CA GLU R 163 18.56 -44.90 2.24
C GLU R 163 17.35 -45.57 2.88
N ASN R 164 17.57 -46.74 3.49
CA ASN R 164 16.50 -47.53 4.08
C ASN R 164 16.10 -46.91 5.42
N ILE R 165 15.32 -45.85 5.33
CA ILE R 165 14.80 -45.18 6.52
C ILE R 165 13.38 -45.66 6.80
N GLY R 174 15.30 -35.21 8.85
CA GLY R 174 16.10 -34.02 9.09
C GLY R 174 16.90 -33.61 7.87
N VAL R 175 18.10 -34.18 7.73
CA VAL R 175 18.99 -33.92 6.60
C VAL R 175 19.23 -35.25 5.90
N ALA R 176 18.96 -35.28 4.60
CA ALA R 176 19.15 -36.48 3.79
C ALA R 176 20.51 -36.41 3.12
N ARG R 177 21.37 -37.39 3.40
CA ARG R 177 22.71 -37.45 2.85
C ARG R 177 22.84 -38.66 1.95
N SER R 178 23.97 -38.72 1.24
CA SER R 178 24.23 -39.86 0.38
C SER R 178 24.26 -41.15 1.19
N VAL R 179 23.69 -42.21 0.62
CA VAL R 179 23.61 -43.48 1.32
C VAL R 179 25.02 -44.00 1.62
N ASP R 180 25.11 -44.87 2.62
CA ASP R 180 26.38 -45.45 3.01
C ASP R 180 26.98 -46.25 1.86
N PRO R 181 28.23 -45.98 1.45
CA PRO R 181 28.81 -46.73 0.34
C PRO R 181 28.87 -48.23 0.57
N SER R 182 28.80 -48.69 1.82
CA SER R 182 28.76 -50.13 2.05
C SER R 182 27.44 -50.72 1.57
N LYS R 183 26.36 -49.96 1.68
CA LYS R 183 25.07 -50.40 1.14
C LYS R 183 25.11 -50.47 -0.38
N VAL R 184 25.63 -49.44 -1.02
CA VAL R 184 25.72 -49.43 -2.48
C VAL R 184 26.60 -50.56 -2.97
N GLU R 185 27.66 -50.87 -2.22
CA GLU R 185 28.57 -51.94 -2.63
C GLU R 185 27.91 -53.32 -2.48
N GLU R 186 27.06 -53.49 -1.47
CA GLU R 186 26.40 -54.77 -1.29
C GLU R 186 25.41 -55.05 -2.42
N ILE R 187 24.64 -54.03 -2.82
CA ILE R 187 23.69 -54.21 -3.91
C ILE R 187 24.43 -54.42 -5.23
N LYS R 188 25.50 -53.67 -5.45
CA LYS R 188 26.22 -53.78 -6.72
C LYS R 188 26.71 -55.20 -6.97
N LYS R 189 26.97 -55.97 -5.93
CA LYS R 189 27.48 -57.32 -6.08
C LYS R 189 26.39 -58.38 -6.12
N CYS R 190 25.13 -57.98 -5.96
CA CYS R 190 24.01 -58.92 -5.99
C CYS R 190 23.08 -58.70 -7.17
N VAL R 191 23.38 -57.78 -8.07
CA VAL R 191 22.57 -57.53 -9.25
C VAL R 191 23.49 -57.29 -10.42
N SER R 192 23.17 -57.86 -11.58
CA SER R 192 23.96 -57.71 -12.78
C SER R 192 23.54 -56.52 -13.62
N ILE R 193 22.60 -55.72 -13.15
CA ILE R 193 22.12 -54.56 -13.87
C ILE R 193 22.79 -53.32 -13.30
N ASN R 194 22.66 -52.20 -14.00
CA ASN R 194 23.28 -50.96 -13.55
C ASN R 194 22.87 -50.63 -12.13
N VAL R 195 23.78 -50.02 -11.39
CA VAL R 195 23.52 -49.54 -10.04
C VAL R 195 23.81 -48.05 -10.01
N LEU R 196 22.86 -47.27 -9.49
CA LEU R 196 22.99 -45.84 -9.40
C LEU R 196 22.97 -45.43 -7.94
N ALA R 197 23.41 -44.19 -7.68
CA ALA R 197 23.36 -43.64 -6.34
C ALA R 197 23.24 -42.13 -6.46
N ARG R 198 22.77 -41.51 -5.38
CA ARG R 198 22.47 -40.09 -5.39
C ARG R 198 23.40 -39.35 -4.46
N VAL R 199 23.82 -38.16 -4.89
CA VAL R 199 24.70 -37.30 -4.12
C VAL R 199 24.08 -35.92 -4.06
N ARG R 200 24.18 -35.28 -2.91
CA ARG R 200 23.56 -33.98 -2.74
C ARG R 200 24.05 -33.01 -3.81
N ILE R 201 23.22 -32.01 -4.11
CA ILE R 201 23.53 -31.07 -5.18
C ILE R 201 24.76 -30.26 -4.77
N GLY R 202 25.86 -30.46 -5.47
CA GLY R 202 27.07 -29.71 -5.23
C GLY R 202 28.10 -30.42 -4.41
N HIS R 203 27.73 -31.49 -3.71
CA HIS R 203 28.67 -32.19 -2.85
C HIS R 203 29.63 -32.99 -3.70
N PHE R 204 30.71 -32.36 -4.14
CA PHE R 204 31.65 -32.97 -5.05
C PHE R 204 32.59 -33.95 -4.38
N VAL R 205 32.39 -34.28 -3.11
CA VAL R 205 33.23 -35.26 -2.43
C VAL R 205 32.48 -36.55 -2.14
N GLU R 206 31.16 -36.54 -2.08
CA GLU R 206 30.42 -37.79 -2.13
C GLU R 206 30.59 -38.45 -3.50
N ALA R 207 30.61 -37.64 -4.56
CA ALA R 207 30.81 -38.19 -5.89
C ALA R 207 32.15 -38.90 -6.02
N GLN R 208 33.21 -38.32 -5.44
CA GLN R 208 34.52 -38.95 -5.51
C GLN R 208 34.54 -40.26 -4.74
N ILE R 209 33.75 -40.35 -3.67
CA ILE R 209 33.63 -41.60 -2.93
C ILE R 209 32.97 -42.66 -3.80
N LEU R 210 31.87 -42.28 -4.47
CA LEU R 210 31.15 -43.22 -5.33
C LEU R 210 31.96 -43.60 -6.55
N GLU R 211 32.61 -42.62 -7.18
CA GLU R 211 33.44 -42.92 -8.33
C GLU R 211 34.54 -43.92 -7.98
N GLU R 212 35.08 -43.82 -6.77
CA GLU R 212 36.04 -44.81 -6.31
C GLU R 212 35.39 -46.17 -6.11
N LEU R 213 34.07 -46.21 -5.99
CA LEU R 213 33.33 -47.44 -5.80
C LEU R 213 33.00 -48.15 -7.10
N LYS R 214 33.27 -47.53 -8.25
CA LYS R 214 32.99 -48.12 -9.55
C LYS R 214 31.49 -48.34 -9.74
N ILE R 215 30.71 -47.34 -9.34
CA ILE R 215 29.27 -47.33 -9.55
C ILE R 215 29.02 -47.12 -11.03
N ASP R 216 27.77 -47.29 -11.48
CA ASP R 216 27.47 -47.20 -12.90
C ASP R 216 26.96 -45.84 -13.33
N MET R 217 26.32 -45.08 -12.45
CA MET R 217 25.93 -43.72 -12.77
C MET R 217 25.52 -43.01 -11.48
N ILE R 218 25.99 -41.78 -11.33
CA ILE R 218 25.71 -40.98 -10.15
C ILE R 218 24.56 -40.05 -10.48
N ASP R 219 23.84 -39.61 -9.45
CA ASP R 219 22.62 -38.84 -9.62
C ASP R 219 22.66 -37.64 -8.68
N GLU R 220 22.83 -36.44 -9.23
CA GLU R 220 22.85 -35.23 -8.43
C GLU R 220 21.40 -34.91 -8.06
N SER R 221 20.91 -35.58 -7.02
CA SER R 221 19.49 -35.59 -6.72
C SER R 221 19.08 -34.39 -5.88
N GLU R 222 17.92 -33.84 -6.19
CA GLU R 222 17.34 -32.73 -5.44
C GLU R 222 16.40 -33.18 -4.33
N VAL R 223 16.13 -34.48 -4.22
CA VAL R 223 15.38 -34.98 -3.06
C VAL R 223 16.25 -34.99 -1.83
N LEU R 224 17.56 -35.13 -1.98
CA LEU R 224 18.50 -35.00 -0.89
C LEU R 224 18.76 -33.53 -0.60
N THR R 225 19.09 -33.24 0.65
CA THR R 225 19.34 -31.86 1.04
C THR R 225 20.47 -31.26 0.22
N ILE R 226 20.31 -30.00 -0.17
CA ILE R 226 21.29 -29.33 -1.02
C ILE R 226 22.54 -29.03 -0.21
N ALA R 227 23.70 -29.42 -0.73
CA ALA R 227 24.97 -29.12 -0.08
C ALA R 227 25.53 -27.78 -0.52
N ASP R 228 25.40 -27.44 -1.80
CA ASP R 228 25.86 -26.17 -2.35
C ASP R 228 24.71 -25.58 -3.16
N GLU R 229 24.02 -24.61 -2.58
CA GLU R 229 22.85 -24.03 -3.24
C GLU R 229 23.20 -23.25 -4.49
N MET R 230 24.47 -22.92 -4.68
CA MET R 230 24.88 -22.05 -5.77
C MET R 230 25.57 -22.81 -6.91
N HIS R 231 26.18 -23.94 -6.63
CA HIS R 231 26.99 -24.66 -7.60
C HIS R 231 26.49 -26.08 -7.79
N HIS R 232 26.87 -26.66 -8.92
CA HIS R 232 26.64 -28.05 -9.23
C HIS R 232 27.97 -28.73 -9.51
N ILE R 233 28.09 -29.99 -9.09
CA ILE R 233 29.35 -30.70 -9.26
C ILE R 233 29.89 -30.46 -10.66
N ASP R 234 31.19 -30.30 -10.77
CA ASP R 234 31.83 -30.17 -12.08
C ASP R 234 32.00 -31.57 -12.65
N LYS R 235 30.97 -32.03 -13.36
CA LYS R 235 30.89 -33.42 -13.78
C LYS R 235 31.87 -33.76 -14.88
N HIS R 236 32.67 -32.80 -15.34
CA HIS R 236 33.70 -33.11 -16.33
C HIS R 236 34.89 -33.82 -15.72
N LYS R 237 35.09 -33.72 -14.41
CA LYS R 237 36.26 -34.27 -13.75
C LYS R 237 36.10 -35.74 -13.40
N PHE R 238 34.93 -36.33 -13.63
CA PHE R 238 34.63 -37.69 -13.25
C PHE R 238 34.51 -38.57 -14.49
N LYS R 239 34.93 -39.83 -14.35
CA LYS R 239 34.70 -40.82 -15.38
C LYS R 239 33.30 -41.40 -15.34
N THR R 240 32.64 -41.33 -14.20
CA THR R 240 31.32 -41.92 -14.04
C THR R 240 30.25 -40.96 -14.57
N PRO R 241 29.36 -41.41 -15.45
CA PRO R 241 28.34 -40.51 -15.97
C PRO R 241 27.37 -40.05 -14.89
N PHE R 242 26.87 -38.83 -15.06
CA PHE R 242 25.96 -38.21 -14.12
C PHE R 242 24.60 -38.05 -14.76
N VAL R 243 23.56 -38.06 -13.92
CA VAL R 243 22.20 -37.74 -14.34
C VAL R 243 21.69 -36.62 -13.44
N CYS R 244 21.09 -35.61 -14.04
CA CYS R 244 20.70 -34.40 -13.33
C CYS R 244 19.26 -34.06 -13.67
N GLY R 245 18.58 -33.41 -12.74
CA GLY R 245 17.20 -33.01 -12.97
C GLY R 245 17.10 -31.84 -13.90
N CYS R 246 15.86 -31.53 -14.28
CA CYS R 246 15.61 -30.43 -15.20
C CYS R 246 14.10 -30.16 -15.24
N THR R 247 13.75 -28.88 -15.32
CA THR R 247 12.36 -28.48 -15.44
C THR R 247 12.06 -27.68 -16.71
N ASN R 248 13.09 -27.24 -17.43
CA ASN R 248 12.90 -26.56 -18.71
C ASN R 248 14.11 -26.86 -19.59
N LEU R 249 14.03 -26.43 -20.85
CA LEU R 249 15.12 -26.68 -21.78
C LEU R 249 16.37 -25.92 -21.37
N GLY R 250 16.23 -24.70 -20.86
CA GLY R 250 17.40 -23.94 -20.46
C GLY R 250 18.17 -24.63 -19.36
N GLU R 251 17.46 -25.11 -18.34
CA GLU R 251 18.10 -25.82 -17.24
C GLU R 251 18.72 -27.13 -17.70
N ALA R 252 18.04 -27.85 -18.59
CA ALA R 252 18.58 -29.09 -19.10
C ALA R 252 19.84 -28.85 -19.92
N LEU R 253 19.87 -27.75 -20.67
CA LEU R 253 21.04 -27.44 -21.49
C LEU R 253 22.21 -26.98 -20.65
N ARG R 254 21.94 -26.29 -19.54
CA ARG R 254 23.01 -25.88 -18.64
C ARG R 254 23.68 -27.10 -18.01
N ARG R 255 22.88 -28.06 -17.54
CA ARG R 255 23.44 -29.24 -16.90
C ARG R 255 24.24 -30.07 -17.90
N ILE R 256 23.82 -30.12 -19.15
CA ILE R 256 24.59 -30.84 -20.16
C ILE R 256 25.89 -30.10 -20.43
N SER R 257 25.91 -28.78 -20.30
CA SER R 257 27.15 -28.03 -20.39
C SER R 257 28.10 -28.42 -19.29
N GLU R 258 27.59 -28.54 -18.06
CA GLU R 258 28.44 -28.90 -16.93
C GLU R 258 29.02 -30.30 -17.08
N GLY R 259 28.32 -31.18 -17.79
CA GLY R 259 28.86 -32.51 -18.08
C GLY R 259 27.90 -33.65 -17.81
N ALA R 260 26.62 -33.36 -17.61
CA ALA R 260 25.65 -34.41 -17.37
C ALA R 260 25.48 -35.27 -18.61
N SER R 261 25.50 -36.59 -18.43
CA SER R 261 25.35 -37.53 -19.53
C SER R 261 23.93 -38.02 -19.70
N MET R 262 22.98 -37.49 -18.94
CA MET R 262 21.60 -37.90 -19.01
C MET R 262 20.79 -36.95 -18.15
N ILE R 263 19.51 -36.80 -18.49
CA ILE R 263 18.64 -35.85 -17.81
C ILE R 263 17.38 -36.58 -17.39
N ARG R 264 16.69 -36.00 -16.41
CA ARG R 264 15.37 -36.48 -16.02
C ARG R 264 14.56 -35.29 -15.55
N THR R 265 13.24 -35.40 -15.68
CA THR R 265 12.36 -34.30 -15.30
C THR R 265 12.08 -34.35 -13.81
N LYS R 266 12.38 -33.26 -13.11
CA LYS R 266 12.30 -33.25 -11.66
C LYS R 266 10.95 -33.76 -11.17
N GLY R 267 9.87 -33.32 -11.79
CA GLY R 267 8.55 -33.73 -11.35
C GLY R 267 8.29 -33.30 -9.92
N GLU R 268 7.70 -34.20 -9.14
CA GLU R 268 7.37 -33.95 -7.73
C GLU R 268 7.52 -35.28 -6.99
N ALA R 269 8.67 -35.47 -6.38
CA ALA R 269 8.98 -36.76 -5.76
C ALA R 269 8.17 -36.95 -4.47
N GLY R 270 7.72 -38.18 -4.26
CA GLY R 270 7.04 -38.57 -3.03
C GLY R 270 5.55 -38.32 -3.02
N THR R 271 5.00 -37.67 -4.04
CA THR R 271 3.58 -37.36 -4.09
C THR R 271 2.77 -38.34 -4.92
N GLY R 272 3.38 -38.98 -5.91
CA GLY R 272 2.66 -39.85 -6.80
C GLY R 272 1.85 -39.15 -7.86
N ASN R 273 1.92 -37.82 -7.92
CA ASN R 273 1.15 -37.04 -8.89
C ASN R 273 2.02 -36.81 -10.13
N ILE R 274 1.49 -37.22 -11.27
CA ILE R 274 2.20 -37.13 -12.54
C ILE R 274 1.96 -35.75 -13.15
N ILE R 275 1.37 -34.85 -12.37
CA ILE R 275 1.02 -33.53 -12.89
C ILE R 275 2.28 -32.77 -13.28
N GLU R 276 3.29 -32.78 -12.41
CA GLU R 276 4.50 -32.01 -12.68
C GLU R 276 5.35 -32.68 -13.76
N ALA R 277 5.46 -34.00 -13.73
CA ALA R 277 6.27 -34.68 -14.73
C ALA R 277 5.72 -34.43 -16.12
N ILE R 278 4.40 -34.49 -16.28
CA ILE R 278 3.80 -34.23 -17.58
C ILE R 278 3.93 -32.76 -17.96
N LYS R 279 3.80 -31.87 -16.98
CA LYS R 279 3.96 -30.45 -17.27
C LYS R 279 5.36 -30.15 -17.75
N HIS R 280 6.37 -30.75 -17.13
CA HIS R 280 7.75 -30.50 -17.52
C HIS R 280 8.07 -31.16 -18.85
N ILE R 281 7.52 -32.34 -19.10
CA ILE R 281 7.79 -33.02 -20.37
C ILE R 281 7.28 -32.19 -21.54
N ARG R 282 6.07 -31.64 -21.39
CA ARG R 282 5.52 -30.78 -22.44
C ARG R 282 6.34 -29.51 -22.60
N THR R 283 6.70 -28.88 -21.49
CA THR R 283 7.46 -27.63 -21.56
C THR R 283 8.76 -27.82 -22.32
N VAL R 284 9.51 -28.87 -22.00
CA VAL R 284 10.77 -29.13 -22.70
C VAL R 284 10.51 -29.47 -24.16
N ASN R 285 9.48 -30.28 -24.43
CA ASN R 285 9.20 -30.66 -25.81
C ASN R 285 8.76 -29.46 -26.64
N ASN R 286 7.92 -28.60 -26.06
CA ASN R 286 7.47 -27.41 -26.80
C ASN R 286 8.65 -26.50 -27.13
N GLU R 287 9.54 -26.27 -26.15
CA GLU R 287 10.65 -25.36 -26.38
C GLU R 287 11.59 -25.88 -27.45
N ILE R 288 11.86 -27.18 -27.45
CA ILE R 288 12.78 -27.74 -28.45
C ILE R 288 12.20 -27.57 -29.84
N CYS R 289 10.90 -27.85 -30.01
CA CYS R 289 10.30 -27.72 -31.33
C CYS R 289 10.14 -26.26 -31.72
N TYR R 290 9.73 -25.41 -30.78
CA TYR R 290 9.69 -23.98 -31.05
C TYR R 290 11.03 -23.48 -31.54
N LEU R 291 12.11 -23.95 -30.93
CA LEU R 291 13.45 -23.62 -31.39
C LEU R 291 13.68 -24.10 -32.81
N CYS R 292 13.26 -25.33 -33.11
CA CYS R 292 13.48 -25.87 -34.45
C CYS R 292 12.76 -25.07 -35.52
N CYS R 293 11.75 -24.31 -35.12
CA CYS R 293 10.95 -23.52 -36.04
C CYS R 293 11.47 -22.08 -36.18
N LEU R 294 12.56 -21.74 -35.49
CA LEU R 294 13.10 -20.39 -35.46
C LEU R 294 14.12 -20.21 -36.59
N SER R 295 14.70 -19.01 -36.67
CA SER R 295 15.71 -18.69 -37.66
C SER R 295 17.05 -18.46 -36.99
N ASP R 296 18.09 -18.35 -37.81
CA ASP R 296 19.45 -18.30 -37.27
C ASP R 296 19.72 -17.01 -36.51
N SER R 297 19.08 -15.91 -36.89
CA SER R 297 19.28 -14.66 -36.17
C SER R 297 18.54 -14.64 -34.84
N GLU R 298 17.42 -15.36 -34.73
CA GLU R 298 16.67 -15.39 -33.49
C GLU R 298 17.21 -16.40 -32.48
N VAL R 299 18.07 -17.32 -32.91
CA VAL R 299 18.59 -18.32 -31.99
C VAL R 299 19.40 -17.65 -30.89
N TYR R 300 20.15 -16.61 -31.24
CA TYR R 300 20.98 -15.94 -30.24
C TYR R 300 20.13 -15.32 -29.14
N HIS R 301 19.01 -14.69 -29.50
CA HIS R 301 18.16 -14.13 -28.46
C HIS R 301 17.47 -15.21 -27.65
N PHE R 302 17.09 -16.32 -28.30
CA PHE R 302 16.47 -17.42 -27.57
C PHE R 302 17.43 -17.99 -26.53
N ALA R 303 18.68 -18.21 -26.92
CA ALA R 303 19.67 -18.74 -25.98
C ALA R 303 19.76 -17.85 -24.75
N LYS R 304 19.80 -16.54 -24.95
CA LYS R 304 19.81 -15.62 -23.83
C LYS R 304 18.53 -15.72 -23.02
N LYS R 305 17.39 -15.87 -23.69
CA LYS R 305 16.11 -15.92 -22.99
C LYS R 305 16.04 -17.10 -22.04
N ILE R 306 16.34 -18.31 -22.54
CA ILE R 306 16.36 -19.49 -21.68
C ILE R 306 17.64 -19.58 -20.86
N ASN R 307 18.65 -18.76 -21.17
CA ASN R 307 19.91 -18.75 -20.43
C ASN R 307 20.64 -20.08 -20.58
N ALA R 308 20.96 -20.41 -21.82
CA ALA R 308 21.66 -21.65 -22.13
C ALA R 308 22.84 -21.36 -23.05
N PRO R 309 23.87 -22.20 -23.03
CA PRO R 309 24.99 -22.00 -23.95
C PRO R 309 24.53 -22.08 -25.40
N ILE R 310 25.07 -21.18 -26.23
CA ILE R 310 24.65 -21.10 -27.62
C ILE R 310 25.03 -22.37 -28.37
N ASP R 311 26.16 -22.98 -28.03
CA ASP R 311 26.62 -24.15 -28.75
C ASP R 311 25.61 -25.29 -28.64
N LEU R 312 25.11 -25.53 -27.43
CA LEU R 312 24.13 -26.60 -27.24
C LEU R 312 22.81 -26.24 -27.89
N VAL R 313 22.38 -24.99 -27.79
CA VAL R 313 21.09 -24.59 -28.35
C VAL R 313 21.07 -24.90 -29.85
N LEU R 314 22.16 -24.63 -30.54
CA LEU R 314 22.24 -25.00 -31.95
C LEU R 314 22.23 -26.52 -32.12
N LEU R 315 22.89 -27.24 -31.20
CA LEU R 315 22.90 -28.70 -31.28
C LEU R 315 21.50 -29.28 -31.07
N THR R 316 20.75 -28.71 -30.12
CA THR R 316 19.37 -29.15 -29.94
C THR R 316 18.54 -28.89 -31.19
N LYS R 317 18.72 -27.72 -31.80
CA LYS R 317 18.02 -27.40 -33.03
C LYS R 317 18.38 -28.39 -34.15
N LYS R 318 19.67 -28.71 -34.29
CA LYS R 318 20.08 -29.62 -35.34
C LYS R 318 19.52 -31.02 -35.12
N LEU R 319 19.59 -31.52 -33.89
CA LEU R 319 19.11 -32.86 -33.59
C LEU R 319 17.59 -32.91 -33.39
N LYS R 320 16.96 -31.77 -33.15
CA LYS R 320 15.52 -31.65 -32.94
C LYS R 320 15.07 -32.29 -31.63
N ARG R 321 16.00 -32.69 -30.77
CA ARG R 321 15.68 -33.26 -29.47
C ARG R 321 16.83 -32.96 -28.53
N LEU R 322 16.65 -33.31 -27.26
CA LEU R 322 17.69 -33.07 -26.27
C LEU R 322 18.96 -33.82 -26.67
N PRO R 323 20.13 -33.20 -26.56
CA PRO R 323 21.35 -33.87 -27.04
C PRO R 323 21.68 -35.15 -26.29
N VAL R 324 21.12 -35.37 -25.10
CA VAL R 324 21.46 -36.51 -24.25
C VAL R 324 20.19 -37.27 -23.90
N VAL R 325 20.36 -38.54 -23.50
CA VAL R 325 19.23 -39.36 -23.12
C VAL R 325 18.39 -38.60 -22.10
N ASN R 326 17.08 -38.76 -22.20
CA ASN R 326 16.13 -38.07 -21.34
C ASN R 326 15.15 -39.07 -20.77
N PHE R 327 15.03 -39.09 -19.45
CA PHE R 327 14.14 -39.98 -18.74
C PHE R 327 13.07 -39.16 -18.03
N ALA R 328 12.04 -39.84 -17.57
CA ALA R 328 10.94 -39.22 -16.85
C ALA R 328 10.95 -39.69 -15.41
N ALA R 329 10.82 -38.76 -14.47
CA ALA R 329 10.92 -39.09 -13.06
C ALA R 329 9.92 -38.27 -12.27
N GLY R 330 9.29 -38.90 -11.29
CA GLY R 330 8.43 -38.20 -10.36
C GLY R 330 6.97 -38.35 -10.69
N GLY R 331 6.28 -39.24 -9.96
CA GLY R 331 4.86 -39.45 -10.13
C GLY R 331 4.50 -40.71 -10.89
N VAL R 332 5.44 -41.34 -11.58
CA VAL R 332 5.13 -42.56 -12.33
C VAL R 332 4.84 -43.66 -11.32
N ALA R 333 3.57 -44.06 -11.21
CA ALA R 333 3.17 -45.07 -10.25
C ALA R 333 2.31 -46.18 -10.85
N THR R 334 1.83 -46.04 -12.07
CA THR R 334 0.92 -46.98 -12.69
C THR R 334 1.40 -47.28 -14.10
N PRO R 335 1.08 -48.47 -14.63
CA PRO R 335 1.47 -48.74 -16.02
C PRO R 335 0.96 -47.68 -16.99
N ALA R 336 -0.19 -47.07 -16.71
CA ALA R 336 -0.67 -45.99 -17.56
C ALA R 336 0.23 -44.77 -17.45
N ASP R 337 0.68 -44.44 -16.26
CA ASP R 337 1.57 -43.29 -16.09
C ASP R 337 2.88 -43.50 -16.82
N ALA R 338 3.44 -44.70 -16.74
CA ALA R 338 4.69 -44.98 -17.44
C ALA R 338 4.53 -44.85 -18.94
N ALA R 339 3.44 -45.39 -19.48
CA ALA R 339 3.23 -45.36 -20.92
C ALA R 339 2.90 -43.96 -21.41
N MET R 340 2.21 -43.18 -20.59
CA MET R 340 1.93 -41.79 -20.98
C MET R 340 3.22 -41.02 -21.17
N CYS R 341 4.17 -41.18 -20.25
CA CYS R 341 5.44 -40.48 -20.36
C CYS R 341 6.19 -40.90 -21.61
N MET R 342 6.19 -42.20 -21.92
CA MET R 342 6.87 -42.68 -23.11
C MET R 342 6.14 -42.28 -24.39
N GLN R 343 4.82 -42.11 -24.32
CA GLN R 343 4.07 -41.64 -25.48
C GLN R 343 4.28 -40.16 -25.73
N LEU R 344 4.79 -39.42 -24.75
CA LEU R 344 5.14 -38.01 -24.92
C LEU R 344 6.60 -37.84 -25.35
N GLY R 345 7.31 -38.91 -25.63
CA GLY R 345 8.61 -38.83 -26.26
C GLY R 345 9.80 -38.91 -25.34
N MET R 346 9.70 -39.62 -24.22
CA MET R 346 10.86 -39.85 -23.36
C MET R 346 11.55 -41.14 -23.74
N ASP R 347 12.75 -41.33 -23.22
CA ASP R 347 13.55 -42.51 -23.51
C ASP R 347 13.44 -43.57 -22.43
N GLY R 348 12.67 -43.34 -21.39
CA GLY R 348 12.59 -44.26 -20.28
C GLY R 348 11.90 -43.57 -19.12
N VAL R 349 11.83 -44.29 -18.01
CA VAL R 349 11.09 -43.80 -16.86
C VAL R 349 11.82 -44.17 -15.57
N PHE R 350 11.84 -43.24 -14.62
CA PHE R 350 12.33 -43.47 -13.27
C PHE R 350 11.12 -43.75 -12.38
N VAL R 351 11.15 -44.85 -11.65
CA VAL R 351 10.03 -45.28 -10.81
C VAL R 351 10.48 -45.29 -9.36
N GLY R 352 9.71 -44.63 -8.50
CA GLY R 352 10.05 -44.51 -7.10
C GLY R 352 9.88 -45.79 -6.33
N SER R 353 9.61 -45.68 -5.03
CA SER R 353 9.49 -46.85 -4.15
C SER R 353 8.06 -47.33 -3.99
N GLY R 354 7.09 -46.68 -4.65
CA GLY R 354 5.72 -47.12 -4.53
C GLY R 354 5.48 -48.52 -5.04
N ILE R 355 6.38 -49.05 -5.87
CA ILE R 355 6.19 -50.37 -6.44
C ILE R 355 6.24 -51.42 -5.34
N PHE R 356 7.06 -51.20 -4.32
CA PHE R 356 7.26 -52.18 -3.26
C PHE R 356 6.39 -51.95 -2.04
N GLU R 357 5.73 -50.80 -1.95
CA GLU R 357 4.71 -50.58 -0.92
C GLU R 357 3.33 -50.86 -1.51
N SER R 358 3.16 -52.08 -2.02
CA SER R 358 1.92 -52.48 -2.65
C SER R 358 1.77 -53.98 -2.52
N GLU R 359 0.54 -54.46 -2.75
CA GLU R 359 0.22 -55.87 -2.54
C GLU R 359 1.26 -56.78 -3.21
N ASN R 360 1.36 -56.69 -4.53
CA ASN R 360 2.31 -57.50 -5.28
C ASN R 360 3.42 -56.60 -5.83
N PRO R 361 4.63 -56.67 -5.30
CA PRO R 361 5.71 -55.84 -5.85
C PRO R 361 6.27 -56.40 -7.15
N ARG R 362 6.32 -57.73 -7.25
CA ARG R 362 6.86 -58.34 -8.46
C ARG R 362 5.94 -58.11 -9.65
N LYS R 363 4.63 -58.32 -9.46
CA LYS R 363 3.69 -58.12 -10.55
C LYS R 363 3.57 -56.64 -10.91
N MET R 364 3.48 -55.77 -9.91
CA MET R 364 3.39 -54.35 -10.20
C MET R 364 4.66 -53.87 -10.89
N ALA R 365 5.81 -54.41 -10.52
CA ALA R 365 7.06 -54.03 -11.17
C ALA R 365 7.09 -54.49 -12.62
N ALA R 366 6.79 -55.78 -12.86
CA ALA R 366 6.81 -56.29 -14.22
C ALA R 366 5.76 -55.62 -15.08
N SER R 367 4.70 -55.09 -14.45
CA SER R 367 3.67 -54.37 -15.20
C SER R 367 4.20 -53.05 -15.73
N ILE R 368 4.91 -52.29 -14.89
CA ILE R 368 5.46 -51.01 -15.34
C ILE R 368 6.55 -51.24 -16.37
N VAL R 369 7.30 -52.34 -16.26
CA VAL R 369 8.31 -52.66 -17.26
C VAL R 369 7.65 -52.94 -18.60
N SER R 370 6.56 -53.72 -18.60
CA SER R 370 5.89 -54.04 -19.85
C SER R 370 5.21 -52.83 -20.45
N ALA R 371 4.73 -51.91 -19.60
CA ALA R 371 4.11 -50.69 -20.10
C ALA R 371 5.11 -49.86 -20.90
N VAL R 372 6.34 -49.74 -20.39
CA VAL R 372 7.36 -48.96 -21.09
C VAL R 372 7.79 -49.67 -22.37
N SER R 373 7.90 -51.01 -22.31
CA SER R 373 8.31 -51.75 -23.49
C SER R 373 7.24 -51.72 -24.57
N ASN R 374 5.97 -51.67 -24.19
CA ASN R 374 4.83 -51.73 -25.11
C ASN R 374 3.93 -50.53 -24.90
N PHE R 375 4.51 -49.34 -24.84
CA PHE R 375 3.73 -48.14 -24.54
C PHE R 375 2.77 -47.75 -25.64
N ASN R 376 2.89 -48.32 -26.83
CA ASN R 376 2.02 -48.00 -27.96
C ASN R 376 0.96 -49.07 -28.21
N ASN R 377 0.80 -50.01 -27.29
CA ASN R 377 -0.06 -51.17 -27.49
C ASN R 377 -1.16 -51.14 -26.44
N PRO R 378 -2.32 -50.56 -26.75
CA PRO R 378 -3.38 -50.48 -25.73
C PRO R 378 -3.86 -51.81 -25.23
N LYS R 379 -3.75 -52.87 -26.03
CA LYS R 379 -4.16 -54.19 -25.58
C LYS R 379 -3.30 -54.66 -24.41
N ILE R 380 -1.99 -54.47 -24.52
CA ILE R 380 -1.10 -54.89 -23.44
C ILE R 380 -1.25 -53.98 -22.24
N LEU R 381 -1.40 -52.69 -22.46
CA LEU R 381 -1.58 -51.76 -21.35
C LEU R 381 -2.81 -52.12 -20.52
N LEU R 382 -3.88 -52.54 -21.18
CA LEU R 382 -5.04 -53.03 -20.44
C LEU R 382 -4.68 -54.29 -19.65
N ASP R 383 -3.95 -55.21 -20.27
CA ASP R 383 -3.66 -56.48 -19.62
C ASP R 383 -2.88 -56.27 -18.33
N VAL R 384 -1.85 -55.43 -18.37
CA VAL R 384 -1.02 -55.20 -17.19
C VAL R 384 -1.80 -54.46 -16.11
N SER R 385 -2.70 -53.55 -16.50
CA SER R 385 -3.43 -52.73 -15.55
C SER R 385 -4.49 -53.51 -14.78
N MET R 386 -4.84 -54.71 -15.21
CA MET R 386 -5.91 -55.46 -14.57
C MET R 386 -5.38 -56.22 -13.35
N ASN R 387 -6.13 -56.12 -12.26
CA ASN R 387 -5.81 -56.84 -11.02
C ASN R 387 -4.44 -56.43 -10.48
N LEU R 388 -4.19 -55.12 -10.47
CA LEU R 388 -2.93 -54.60 -9.93
C LEU R 388 -2.93 -54.51 -8.41
N GLY R 389 -4.06 -54.73 -7.76
CA GLY R 389 -4.14 -54.68 -6.31
C GLY R 389 -4.98 -55.80 -5.74
N ILE S 118 53.09 7.81 54.22
CA ILE S 118 51.89 8.63 54.21
C ILE S 118 50.90 8.03 53.22
N THR S 119 50.35 6.86 53.56
CA THR S 119 49.40 6.17 52.69
C THR S 119 48.31 5.57 53.58
N ILE S 120 47.09 6.09 53.44
CA ILE S 120 45.94 5.62 54.19
C ILE S 120 44.98 4.95 53.21
N GLY S 121 44.42 3.81 53.61
CA GLY S 121 43.52 3.06 52.77
C GLY S 121 42.09 3.07 53.26
N VAL S 122 41.14 2.85 52.35
CA VAL S 122 39.72 2.80 52.67
C VAL S 122 39.22 1.41 52.32
N LEU S 123 38.67 0.70 53.32
CA LEU S 123 38.10 -0.61 53.06
C LEU S 123 36.97 -0.48 52.05
N SER S 124 37.01 -1.29 50.99
CA SER S 124 36.11 -1.12 49.86
C SER S 124 35.35 -2.40 49.54
N LEU S 125 35.05 -3.21 50.55
CA LEU S 125 34.16 -4.34 50.39
C LEU S 125 32.71 -4.00 50.74
N GLN S 126 32.44 -2.72 51.01
CA GLN S 126 31.13 -2.27 51.45
C GLN S 126 30.82 -0.95 50.75
N GLY S 127 29.80 -0.25 51.25
CA GLY S 127 29.45 1.05 50.72
C GLY S 127 30.02 2.19 51.57
N ASP S 128 29.88 3.40 51.04
CA ASP S 128 30.30 4.65 51.67
C ASP S 128 31.81 4.84 51.63
N PHE S 129 32.55 4.02 50.87
CA PHE S 129 33.99 4.24 50.76
C PHE S 129 34.31 5.40 49.82
N GLU S 130 33.53 5.60 48.76
CA GLU S 130 33.80 6.69 47.83
C GLU S 130 33.70 8.05 48.51
N PRO S 131 32.65 8.37 49.27
CA PRO S 131 32.65 9.66 49.98
C PRO S 131 33.84 9.83 50.90
N HIS S 132 34.28 8.76 51.56
CA HIS S 132 35.44 8.85 52.43
C HIS S 132 36.70 9.20 51.63
N ILE S 133 36.87 8.55 50.47
CA ILE S 133 38.03 8.85 49.63
C ILE S 133 37.95 10.27 49.09
N ASN S 134 36.77 10.69 48.64
CA ASN S 134 36.63 12.01 48.04
C ASN S 134 37.01 13.10 49.04
N HIS S 135 36.48 13.03 50.26
CA HIS S 135 36.75 14.06 51.25
C HIS S 135 38.16 13.98 51.80
N PHE S 136 38.82 12.82 51.71
CA PHE S 136 40.23 12.73 52.06
C PHE S 136 41.09 13.41 51.00
N ILE S 137 40.76 13.21 49.73
CA ILE S 137 41.52 13.82 48.63
C ILE S 137 41.33 15.33 48.63
N LYS S 138 40.13 15.80 49.00
CA LYS S 138 39.86 17.23 48.96
C LYS S 138 40.82 18.01 49.84
N LEU S 139 41.44 17.37 50.81
CA LEU S 139 42.37 18.06 51.70
C LEU S 139 43.58 18.59 50.93
N GLN S 140 43.85 18.03 49.74
CA GLN S 140 44.88 18.54 48.83
C GLN S 140 46.27 18.48 49.46
N ILE S 141 46.72 17.27 49.76
CA ILE S 141 48.09 17.01 50.18
C ILE S 141 48.75 16.17 49.09
N PRO S 142 49.82 16.65 48.45
CA PRO S 142 50.49 15.81 47.45
C PRO S 142 51.06 14.52 48.02
N SER S 143 51.53 14.55 49.27
CA SER S 143 52.12 13.36 49.86
C SER S 143 51.06 12.33 50.25
N LEU S 144 49.84 12.79 50.54
CA LEU S 144 48.78 11.89 50.99
C LEU S 144 48.16 11.19 49.77
N ASN S 145 48.14 9.85 49.81
CA ASN S 145 47.58 9.04 48.75
C ASN S 145 46.59 8.04 49.36
N ILE S 146 45.47 7.85 48.68
CA ILE S 146 44.39 6.98 49.16
C ILE S 146 44.18 5.86 48.14
N ILE S 147 44.12 4.63 48.63
CA ILE S 147 43.90 3.46 47.80
C ILE S 147 42.81 2.60 48.43
N GLN S 148 42.11 1.85 47.58
CA GLN S 148 41.09 0.93 48.06
C GLN S 148 41.74 -0.28 48.74
N VAL S 149 41.05 -0.84 49.72
CA VAL S 149 41.53 -1.99 50.49
C VAL S 149 40.45 -3.05 50.44
N ARG S 150 40.70 -4.15 49.72
CA ARG S 150 39.79 -5.28 49.67
C ARG S 150 40.46 -6.61 49.92
N ASN S 151 41.79 -6.67 50.03
CA ASN S 151 42.51 -7.91 50.19
C ASN S 151 43.69 -7.67 51.12
N VAL S 152 44.35 -8.77 51.50
CA VAL S 152 45.48 -8.68 52.42
C VAL S 152 46.60 -7.85 51.80
N HIS S 153 46.78 -7.97 50.48
CA HIS S 153 47.85 -7.23 49.82
C HIS S 153 47.70 -5.72 50.02
N ASP S 154 46.48 -5.22 49.86
CA ASP S 154 46.24 -3.79 50.08
C ASP S 154 46.38 -3.42 51.56
N LEU S 155 46.03 -4.33 52.45
CA LEU S 155 46.14 -4.05 53.88
C LEU S 155 47.59 -3.78 54.27
N GLY S 156 48.52 -4.56 53.74
CA GLY S 156 49.93 -4.36 54.01
C GLY S 156 50.58 -3.24 53.24
N LEU S 157 49.86 -2.59 52.34
CA LEU S 157 50.39 -1.48 51.56
C LEU S 157 50.16 -0.14 52.22
N CYS S 158 49.11 -0.01 53.03
CA CYS S 158 48.78 1.25 53.68
C CYS S 158 49.29 1.26 55.11
N ASP S 159 49.62 2.46 55.59
CA ASP S 159 50.03 2.66 56.98
C ASP S 159 48.86 2.93 57.91
N GLY S 160 47.65 3.10 57.36
CA GLY S 160 46.46 3.28 58.16
C GLY S 160 45.28 2.57 57.53
N LEU S 161 44.06 2.85 58.02
CA LEU S 161 42.87 2.25 57.46
C LEU S 161 41.64 2.93 58.02
N VAL S 162 40.67 3.23 57.17
CA VAL S 162 39.39 3.80 57.57
C VAL S 162 38.29 2.86 57.09
N ILE S 163 37.40 2.49 58.00
CA ILE S 163 36.30 1.57 57.70
C ILE S 163 35.08 2.43 57.37
N PRO S 164 34.62 2.46 56.12
CA PRO S 164 33.46 3.29 55.79
C PRO S 164 32.19 2.75 56.44
N GLY S 165 31.24 3.65 56.64
CA GLY S 165 29.99 3.30 57.32
C GLY S 165 29.00 2.61 56.41
N GLY S 166 29.38 1.46 55.85
CA GLY S 166 28.45 0.67 55.08
C GLY S 166 27.68 -0.28 55.98
N GLU S 167 27.37 -1.47 55.48
CA GLU S 167 26.72 -2.47 56.31
C GLU S 167 27.74 -3.14 57.21
N SER S 168 27.30 -3.51 58.41
CA SER S 168 28.16 -4.26 59.33
C SER S 168 28.20 -5.74 58.98
N THR S 169 27.05 -6.31 58.62
CA THR S 169 27.02 -7.72 58.22
C THR S 169 27.85 -7.95 56.97
N THR S 170 27.73 -7.06 55.99
CA THR S 170 28.47 -7.23 54.75
C THR S 170 29.97 -7.16 54.99
N VAL S 171 30.41 -6.19 55.79
CA VAL S 171 31.85 -6.01 56.02
C VAL S 171 32.42 -7.23 56.73
N ARG S 172 31.76 -7.68 57.80
CA ARG S 172 32.31 -8.80 58.56
C ARG S 172 32.37 -10.07 57.73
N ARG S 173 31.32 -10.37 56.96
CA ARG S 173 31.38 -11.55 56.11
C ARG S 173 32.53 -11.44 55.12
N CYS S 174 32.57 -10.34 54.37
CA CYS S 174 33.56 -10.18 53.31
C CYS S 174 34.98 -10.15 53.86
N CYS S 175 35.15 -9.91 55.16
CA CYS S 175 36.42 -10.09 55.84
C CYS S 175 36.67 -11.54 56.23
N ALA S 176 35.71 -12.43 55.98
CA ALA S 176 35.79 -13.83 56.34
C ALA S 176 35.97 -14.72 55.10
N TYR S 177 36.77 -14.26 54.14
CA TYR S 177 37.02 -15.01 52.92
C TYR S 177 38.24 -15.91 53.09
N GLU S 178 38.15 -17.11 52.52
CA GLU S 178 39.22 -18.09 52.57
C GLU S 178 39.70 -18.30 54.00
N GLN S 179 38.78 -18.75 54.84
CA GLN S 179 39.06 -19.06 56.24
C GLN S 179 39.57 -17.82 56.98
N ASP S 180 38.76 -16.76 56.93
CA ASP S 180 39.03 -15.54 57.67
C ASP S 180 40.39 -14.94 57.30
N THR S 181 40.76 -15.07 56.02
CA THR S 181 42.05 -14.55 55.58
C THR S 181 42.14 -13.04 55.78
N LEU S 182 41.11 -12.31 55.36
CA LEU S 182 41.10 -10.86 55.56
C LEU S 182 40.82 -10.50 57.01
N TYR S 183 39.88 -11.21 57.65
CA TYR S 183 39.58 -10.94 59.05
C TYR S 183 40.81 -11.16 59.92
N ASN S 184 41.53 -12.25 59.69
CA ASN S 184 42.75 -12.51 60.45
C ASN S 184 43.79 -11.42 60.18
N ALA S 185 43.86 -10.94 58.95
CA ALA S 185 44.80 -9.87 58.63
C ALA S 185 44.46 -8.60 59.39
N LEU S 186 43.18 -8.25 59.46
CA LEU S 186 42.79 -7.01 60.14
C LEU S 186 42.97 -7.13 61.65
N VAL S 187 42.50 -8.22 62.25
CA VAL S 187 42.61 -8.37 63.70
C VAL S 187 44.08 -8.36 64.11
N HIS S 188 44.91 -9.09 63.38
CA HIS S 188 46.35 -9.03 63.61
C HIS S 188 46.89 -7.64 63.30
N PHE S 189 46.34 -6.99 62.26
CA PHE S 189 46.82 -5.66 61.88
C PHE S 189 46.63 -4.67 63.02
N ILE S 190 45.42 -4.63 63.59
CA ILE S 190 45.13 -3.66 64.65
C ILE S 190 45.84 -4.03 65.94
N HIS S 191 45.87 -5.31 66.28
CA HIS S 191 46.30 -5.77 67.59
C HIS S 191 47.79 -6.04 67.70
N VAL S 192 48.54 -5.94 66.60
CA VAL S 192 49.98 -6.18 66.65
C VAL S 192 50.72 -4.95 66.14
N LEU S 193 50.52 -4.61 64.87
CA LEU S 193 51.17 -3.41 64.33
C LEU S 193 50.64 -2.13 64.97
N LYS S 194 49.43 -2.18 65.53
CA LYS S 194 48.88 -1.04 66.27
C LYS S 194 48.90 0.23 65.42
N LYS S 195 48.58 0.07 64.15
CA LYS S 195 48.57 1.20 63.23
C LYS S 195 47.26 1.96 63.35
N PRO S 196 47.23 3.23 62.94
CA PRO S 196 46.00 4.02 63.06
C PRO S 196 44.85 3.37 62.30
N ILE S 197 43.67 3.38 62.92
CA ILE S 197 42.46 2.86 62.29
C ILE S 197 41.28 3.71 62.74
N TRP S 198 40.32 3.89 61.84
CA TRP S 198 39.13 4.69 62.10
C TRP S 198 37.91 3.94 61.64
N GLY S 199 36.84 4.00 62.43
CA GLY S 199 35.60 3.34 62.08
C GLY S 199 34.39 4.25 62.25
N THR S 200 33.62 4.43 61.18
CA THR S 200 32.42 5.24 61.20
C THR S 200 31.19 4.35 61.07
N CYS S 201 30.10 4.75 61.75
CA CYS S 201 28.88 3.97 61.75
C CYS S 201 29.18 2.50 62.00
N ALA S 202 29.07 1.65 60.97
CA ALA S 202 29.40 0.25 61.14
C ALA S 202 30.84 0.05 61.59
N GLY S 203 31.72 1.00 61.26
CA GLY S 203 33.10 0.90 61.69
C GLY S 203 33.22 0.81 63.20
N CYS S 204 32.43 1.62 63.91
CA CYS S 204 32.42 1.53 65.38
C CYS S 204 31.91 0.17 65.84
N ILE S 205 30.90 -0.37 65.17
CA ILE S 205 30.37 -1.68 65.55
C ILE S 205 31.47 -2.73 65.44
N LEU S 206 32.25 -2.69 64.36
CA LEU S 206 33.34 -3.64 64.19
C LEU S 206 34.53 -3.35 65.09
N LEU S 207 34.66 -2.12 65.58
CA LEU S 207 35.77 -1.74 66.45
C LEU S 207 35.45 -1.88 67.93
N SER S 208 34.25 -2.29 68.28
CA SER S 208 33.85 -2.48 69.68
C SER S 208 34.00 -3.94 70.07
N LYS S 209 34.51 -4.17 71.28
CA LYS S 209 34.74 -5.53 71.74
C LYS S 209 33.42 -6.28 71.95
N ASN S 210 32.39 -5.60 72.43
CA ASN S 210 31.11 -6.22 72.75
C ASN S 210 29.99 -5.48 72.05
N VAL S 211 29.13 -6.22 71.37
CA VAL S 211 27.93 -5.68 70.75
C VAL S 211 26.79 -6.67 70.97
N GLU S 212 25.61 -6.16 71.31
CA GLU S 212 24.46 -6.99 71.65
C GLU S 212 23.27 -6.59 70.76
N ASN S 213 22.09 -7.09 71.12
CA ASN S 213 20.87 -6.93 70.34
C ASN S 213 20.93 -7.75 69.05
N ILE S 214 21.72 -8.83 69.05
CA ILE S 214 21.81 -9.74 67.93
C ILE S 214 20.92 -10.93 68.28
N LYS S 215 19.66 -10.88 67.80
CA LYS S 215 18.71 -11.92 68.16
C LYS S 215 19.13 -13.28 67.64
N LEU S 216 19.65 -13.33 66.41
CA LEU S 216 20.10 -14.60 65.85
C LEU S 216 21.33 -15.09 66.62
N TYR S 217 21.30 -16.36 67.02
CA TYR S 217 22.37 -16.94 67.84
C TYR S 217 23.49 -17.41 66.91
N SER S 218 24.28 -16.45 66.45
CA SER S 218 25.41 -16.77 65.57
C SER S 218 26.54 -17.41 66.37
N ASN S 219 27.24 -18.35 65.73
CA ASN S 219 28.43 -18.94 66.34
C ASN S 219 29.60 -17.97 66.39
N PHE S 220 29.48 -16.80 65.75
CA PHE S 220 30.58 -15.84 65.76
C PHE S 220 30.91 -15.39 67.18
N GLY S 221 29.89 -15.12 67.99
CA GLY S 221 30.14 -14.70 69.35
C GLY S 221 30.88 -13.37 69.38
N ASN S 222 31.95 -13.32 70.17
CA ASN S 222 32.70 -12.09 70.37
C ASN S 222 33.73 -11.82 69.28
N LYS S 223 33.98 -12.78 68.38
CA LYS S 223 34.90 -12.58 67.28
C LYS S 223 34.24 -11.95 66.06
N PHE S 224 32.93 -11.66 66.13
CA PHE S 224 32.28 -10.94 65.04
C PHE S 224 32.88 -9.55 64.87
N SER S 225 33.16 -8.87 65.98
CA SER S 225 33.74 -7.54 65.94
C SER S 225 35.26 -7.62 66.00
N PHE S 226 35.93 -6.74 65.25
CA PHE S 226 37.39 -6.71 65.27
C PHE S 226 37.91 -6.41 66.67
N GLY S 227 37.28 -5.48 67.36
CA GLY S 227 37.74 -5.05 68.67
C GLY S 227 38.74 -3.91 68.58
N GLY S 228 39.11 -3.41 69.75
CA GLY S 228 40.05 -2.31 69.84
C GLY S 228 39.57 -1.19 70.73
N LEU S 229 38.27 -0.95 70.74
CA LEU S 229 37.65 0.06 71.59
C LEU S 229 36.87 -0.64 72.68
N ASP S 230 37.19 -0.34 73.94
CA ASP S 230 36.55 -0.96 75.09
C ASP S 230 35.22 -0.25 75.34
N ILE S 231 34.22 -0.65 74.56
CA ILE S 231 32.89 -0.04 74.63
C ILE S 231 31.87 -1.07 74.19
N THR S 232 30.62 -0.86 74.59
CA THR S 232 29.49 -1.70 74.20
C THR S 232 28.56 -0.86 73.34
N ILE S 233 28.18 -1.41 72.19
CA ILE S 233 27.44 -0.65 71.18
C ILE S 233 26.15 -1.39 70.84
N CYS S 234 25.08 -0.63 70.66
CA CYS S 234 23.79 -1.15 70.20
C CYS S 234 23.44 -0.44 68.90
N ARG S 235 23.43 -1.18 67.80
CA ARG S 235 23.16 -0.59 66.50
C ARG S 235 21.74 -0.03 66.43
N ASN S 236 20.77 -0.76 66.96
CA ASN S 236 19.38 -0.33 66.93
C ASN S 236 18.98 0.36 68.23
N ASP S 243 15.01 7.87 62.80
CA ASP S 243 16.26 7.16 62.99
C ASP S 243 17.46 7.99 62.56
N SER S 244 17.20 9.11 61.88
CA SER S 244 18.24 9.99 61.38
C SER S 244 17.93 11.43 61.73
N PHE S 245 18.98 12.22 61.88
CA PHE S 245 18.86 13.63 62.25
C PHE S 245 20.24 14.27 62.13
N ILE S 246 20.32 15.55 62.49
CA ILE S 246 21.56 16.31 62.46
C ILE S 246 21.81 16.85 63.87
N CYS S 247 23.04 16.69 64.35
CA CYS S 247 23.42 17.11 65.69
C CYS S 247 24.65 17.99 65.63
N SER S 248 24.62 19.11 66.36
CA SER S 248 25.81 19.93 66.50
C SER S 248 26.83 19.20 67.37
N LEU S 249 28.08 19.18 66.92
CA LEU S 249 29.14 18.44 67.60
C LEU S 249 29.76 19.34 68.66
N ASN S 250 29.42 19.08 69.92
CA ASN S 250 30.02 19.77 71.06
C ASN S 250 31.27 19.02 71.50
N ILE S 251 32.29 19.09 70.63
CA ILE S 251 33.51 18.33 70.86
C ILE S 251 34.14 18.77 72.17
N ILE S 252 34.52 17.80 73.00
CA ILE S 252 35.16 18.07 74.27
C ILE S 252 36.68 18.02 74.09
N ALA S 264 27.12 17.07 62.06
CA ALA S 264 27.22 15.62 62.00
C ALA S 264 25.90 15.00 61.58
N ALA S 265 25.89 14.36 60.42
CA ALA S 265 24.70 13.72 59.88
C ALA S 265 24.66 12.28 60.36
N CYS S 266 23.84 12.00 61.36
CA CYS S 266 23.73 10.66 61.94
C CYS S 266 22.72 9.86 61.13
N ILE S 267 23.23 9.11 60.16
CA ILE S 267 22.40 8.26 59.32
C ILE S 267 22.34 6.90 60.02
N ARG S 268 21.37 6.74 60.91
CA ARG S 268 21.20 5.51 61.67
C ARG S 268 22.44 5.22 62.52
N ALA S 269 22.83 6.24 63.27
CA ALA S 269 24.05 6.14 64.08
C ALA S 269 23.84 5.16 65.23
N PRO S 270 24.75 4.22 65.44
CA PRO S 270 24.61 3.30 66.59
C PRO S 270 24.74 4.04 67.91
N TYR S 271 24.09 3.49 68.93
CA TYR S 271 24.09 4.08 70.26
C TYR S 271 25.02 3.27 71.17
N ILE S 272 25.92 3.96 71.86
CA ILE S 272 26.84 3.32 72.78
C ILE S 272 26.15 3.14 74.13
N ARG S 273 26.12 1.90 74.63
CA ARG S 273 25.45 1.61 75.89
C ARG S 273 26.41 1.65 77.07
N GLU S 274 27.54 0.95 76.98
CA GLU S 274 28.50 0.85 78.06
C GLU S 274 29.88 1.27 77.57
N ILE S 275 30.76 1.55 78.53
CA ILE S 275 32.14 1.93 78.22
C ILE S 275 33.09 0.91 78.83
N LYS S 281 39.33 7.81 76.34
CA LYS S 281 38.97 9.22 76.41
C LYS S 281 38.00 9.57 75.27
N VAL S 282 36.94 10.30 75.61
CA VAL S 282 35.92 10.68 74.65
C VAL S 282 36.39 11.92 73.91
N LEU S 283 36.71 11.77 72.63
CA LEU S 283 37.18 12.90 71.83
C LEU S 283 36.08 13.95 71.66
N ALA S 284 34.85 13.52 71.37
CA ALA S 284 33.77 14.43 71.08
C ALA S 284 32.48 13.90 71.69
N THR S 285 31.54 14.82 71.90
CA THR S 285 30.22 14.48 72.42
C THR S 285 29.21 15.50 71.94
N PHE S 286 27.94 15.10 71.95
CA PHE S 286 26.86 15.99 71.55
C PHE S 286 25.65 15.80 72.47
N ILE S 296 27.85 10.99 73.82
CA ILE S 296 29.11 10.64 73.18
C ILE S 296 28.98 10.76 71.67
N ALA S 297 30.00 11.35 71.04
CA ALA S 297 30.03 11.52 69.59
C ALA S 297 31.22 10.82 68.96
N ALA S 298 32.43 11.10 69.42
CA ALA S 298 33.64 10.46 68.91
C ALA S 298 34.43 9.91 70.09
N VAL S 299 34.95 8.70 69.92
CA VAL S 299 35.72 8.01 70.95
C VAL S 299 37.06 7.61 70.34
N GLU S 300 38.15 8.02 70.97
CA GLU S 300 39.50 7.67 70.54
C GLU S 300 40.20 6.93 71.66
N GLN S 301 40.68 5.72 71.37
CA GLN S 301 41.41 4.90 72.33
C GLN S 301 42.62 4.31 71.62
N ASN S 302 43.80 4.73 72.03
CA ASN S 302 45.06 4.26 71.41
C ASN S 302 44.99 4.63 69.92
N ASN S 303 45.46 3.77 69.02
CA ASN S 303 45.44 4.07 67.60
C ASN S 303 44.05 4.05 67.01
N CYS S 304 43.04 3.59 67.74
CA CYS S 304 41.70 3.40 67.20
C CYS S 304 40.86 4.66 67.42
N LEU S 305 40.09 5.03 66.39
CA LEU S 305 39.16 6.14 66.45
C LEU S 305 37.79 5.65 66.03
N GLY S 306 36.75 6.18 66.69
CA GLY S 306 35.39 5.76 66.39
C GLY S 306 34.40 6.91 66.40
N THR S 307 33.61 7.05 65.34
CA THR S 307 32.64 8.12 65.20
C THR S 307 31.31 7.52 64.78
N VAL S 308 30.30 7.64 65.63
CA VAL S 308 28.97 7.11 65.31
C VAL S 308 28.28 7.90 64.20
N PHE S 309 28.82 9.06 63.82
CA PHE S 309 28.25 9.90 62.78
C PHE S 309 29.02 9.69 61.48
N ASN S 310 28.66 10.47 60.45
CA ASN S 310 29.21 10.35 59.12
C ASN S 310 29.80 11.68 58.68
N PRO S 311 31.05 11.97 59.04
CA PRO S 311 31.65 13.25 58.61
C PRO S 311 31.69 13.43 57.11
N GLU S 312 31.87 12.35 56.35
CA GLU S 312 32.00 12.46 54.90
C GLU S 312 30.71 12.89 54.22
N LEU S 313 29.58 12.93 54.93
CA LEU S 313 28.32 13.38 54.36
C LEU S 313 28.13 14.89 54.46
N LEU S 314 29.07 15.61 55.07
CA LEU S 314 28.99 17.05 55.21
C LEU S 314 30.16 17.72 54.50
N PRO S 315 29.99 18.97 54.04
CA PRO S 315 31.07 19.61 53.28
C PRO S 315 32.39 19.70 54.05
N HIS S 316 32.35 20.00 55.34
CA HIS S 316 33.58 20.18 56.09
C HIS S 316 34.34 18.86 56.22
N THR S 317 35.66 18.95 56.08
CA THR S 317 36.54 17.79 56.14
C THR S 317 37.50 17.88 57.32
N ALA S 318 37.06 18.49 58.42
CA ALA S 318 37.93 18.63 59.58
C ALA S 318 38.34 17.27 60.14
N PHE S 319 37.39 16.34 60.22
CA PHE S 319 37.69 15.03 60.80
C PHE S 319 38.60 14.20 59.90
N GLN S 320 38.51 14.38 58.58
CA GLN S 320 39.42 13.68 57.68
C GLN S 320 40.85 14.14 57.92
N GLN S 321 41.03 15.44 58.13
CA GLN S 321 42.36 15.95 58.49
C GLN S 321 42.78 15.44 59.85
N TYR S 322 41.83 15.31 60.79
CA TYR S 322 42.17 14.90 62.14
C TYR S 322 42.78 13.50 62.15
N PHE S 323 42.19 12.58 61.37
CA PHE S 323 42.76 11.24 61.28
C PHE S 323 44.10 11.26 60.54
N TYR S 324 44.23 12.11 59.52
CA TYR S 324 45.52 12.24 58.84
C TYR S 324 46.58 12.73 59.80
N GLU S 325 46.25 13.70 60.65
CA GLU S 325 47.19 14.13 61.68
C GLU S 325 47.52 12.99 62.62
N LYS S 326 46.52 12.18 62.98
CA LYS S 326 46.77 11.02 63.81
C LYS S 326 47.71 10.04 63.12
N VAL S 327 47.50 9.82 61.83
CA VAL S 327 48.38 8.92 61.08
C VAL S 327 49.80 9.50 61.01
N LYS S 328 49.91 10.79 60.75
CA LYS S 328 51.23 11.41 60.70
C LYS S 328 51.93 11.34 62.05
N ASN S 329 51.19 11.57 63.14
CA ASN S 329 51.79 11.50 64.46
C ASN S 329 52.31 10.09 64.75
N TYR S 330 51.53 9.07 64.40
CA TYR S 330 51.98 7.70 64.60
C TYR S 330 53.22 7.41 63.78
N LYS S 331 53.24 7.87 62.53
CA LYS S 331 54.37 7.66 61.64
C LYS S 331 55.66 8.18 62.27
N ILE T 118 67.57 -34.96 -4.82
CA ILE T 118 67.37 -33.69 -4.13
C ILE T 118 65.87 -33.45 -3.99
N THR T 119 65.20 -34.27 -3.19
CA THR T 119 63.77 -34.15 -2.96
C THR T 119 63.48 -34.45 -1.50
N ILE T 120 63.10 -33.41 -0.75
CA ILE T 120 62.79 -33.53 0.67
C ILE T 120 61.30 -33.31 0.85
N GLY T 121 60.71 -34.05 1.79
CA GLY T 121 59.29 -33.95 2.04
C GLY T 121 58.97 -33.49 3.45
N VAL T 122 57.73 -33.04 3.67
CA VAL T 122 57.26 -32.61 4.97
C VAL T 122 55.99 -33.39 5.28
N LEU T 123 55.99 -34.09 6.42
CA LEU T 123 54.80 -34.84 6.82
C LEU T 123 53.64 -33.87 6.97
N SER T 124 52.50 -34.22 6.36
CA SER T 124 51.37 -33.30 6.25
C SER T 124 50.08 -33.91 6.78
N LEU T 125 50.18 -34.79 7.78
CA LEU T 125 49.01 -35.26 8.51
C LEU T 125 48.76 -34.45 9.76
N GLN T 126 49.50 -33.36 9.97
CA GLN T 126 49.41 -32.54 11.16
C GLN T 126 49.49 -31.09 10.73
N GLY T 127 49.71 -30.20 11.70
CA GLY T 127 49.86 -28.78 11.43
C GLY T 127 51.32 -28.36 11.38
N ASP T 128 51.52 -27.11 10.94
CA ASP T 128 52.82 -26.46 10.85
C ASP T 128 53.64 -26.95 9.66
N PHE T 129 53.06 -27.75 8.76
CA PHE T 129 53.82 -28.17 7.58
C PHE T 129 54.00 -27.01 6.61
N GLU T 130 53.01 -26.13 6.51
CA GLU T 130 53.10 -25.02 5.56
C GLU T 130 54.28 -24.10 5.87
N PRO T 131 54.46 -23.61 7.10
CA PRO T 131 55.66 -22.79 7.36
C PRO T 131 56.96 -23.51 7.04
N HIS T 132 57.03 -24.82 7.30
CA HIS T 132 58.24 -25.56 6.97
C HIS T 132 58.49 -25.57 5.47
N ILE T 133 57.43 -25.81 4.68
CA ILE T 133 57.58 -25.81 3.23
C ILE T 133 57.95 -24.43 2.72
N ASN T 134 57.31 -23.39 3.25
CA ASN T 134 57.56 -22.04 2.76
C ASN T 134 59.03 -21.65 2.96
N HIS T 135 59.58 -21.92 4.14
CA HIS T 135 60.95 -21.53 4.44
C HIS T 135 61.97 -22.42 3.73
N PHE T 136 61.60 -23.65 3.38
CA PHE T 136 62.47 -24.45 2.53
C PHE T 136 62.51 -23.90 1.12
N ILE T 137 61.35 -23.49 0.59
CA ILE T 137 61.29 -22.95 -0.76
C ILE T 137 62.00 -21.60 -0.84
N LYS T 138 61.92 -20.80 0.22
CA LYS T 138 62.52 -19.47 0.20
C LYS T 138 64.01 -19.53 -0.08
N LEU T 139 64.65 -20.66 0.22
CA LEU T 139 66.08 -20.79 -0.01
C LEU T 139 66.43 -20.65 -1.49
N GLN T 140 65.45 -20.82 -2.39
CA GLN T 140 65.59 -20.50 -3.81
C GLN T 140 66.73 -21.31 -4.43
N ILE T 141 66.50 -22.61 -4.50
CA ILE T 141 67.36 -23.54 -5.22
C ILE T 141 66.50 -24.30 -6.22
N PRO T 142 66.76 -24.21 -7.53
CA PRO T 142 65.91 -24.93 -8.49
C PRO T 142 65.94 -26.44 -8.30
N SER T 143 67.09 -27.00 -7.89
CA SER T 143 67.19 -28.45 -7.75
C SER T 143 66.38 -28.96 -6.56
N LEU T 144 66.11 -28.10 -5.58
CA LEU T 144 65.39 -28.50 -4.37
C LEU T 144 63.90 -28.41 -4.62
N ASN T 145 63.19 -29.52 -4.38
CA ASN T 145 61.74 -29.58 -4.53
C ASN T 145 61.14 -30.16 -3.26
N ILE T 146 59.99 -29.62 -2.85
CA ILE T 146 59.32 -30.02 -1.63
C ILE T 146 57.92 -30.49 -1.97
N ILE T 147 57.54 -31.65 -1.41
CA ILE T 147 56.21 -32.21 -1.62
C ILE T 147 55.66 -32.67 -0.28
N GLN T 148 54.33 -32.67 -0.17
CA GLN T 148 53.68 -33.14 1.03
C GLN T 148 53.81 -34.66 1.14
N VAL T 149 53.85 -35.14 2.38
CA VAL T 149 54.01 -36.57 2.66
C VAL T 149 52.88 -36.98 3.60
N ARG T 150 51.90 -37.73 3.07
CA ARG T 150 50.81 -38.24 3.88
C ARG T 150 50.61 -39.75 3.73
N ASN T 151 51.27 -40.39 2.78
CA ASN T 151 51.08 -41.82 2.52
C ASN T 151 52.43 -42.45 2.22
N VAL T 152 52.43 -43.78 2.11
CA VAL T 152 53.67 -44.50 1.85
C VAL T 152 54.26 -44.10 0.51
N HIS T 153 53.41 -43.83 -0.49
CA HIS T 153 53.91 -43.46 -1.81
C HIS T 153 54.78 -42.22 -1.73
N ASP T 154 54.32 -41.19 -1.01
CA ASP T 154 55.11 -39.97 -0.87
C ASP T 154 56.39 -40.24 -0.09
N LEU T 155 56.32 -41.08 0.95
CA LEU T 155 57.51 -41.36 1.75
C LEU T 155 58.61 -41.95 0.90
N GLY T 156 58.28 -42.91 0.02
CA GLY T 156 59.27 -43.46 -0.88
C GLY T 156 59.77 -42.45 -1.88
N LEU T 157 58.91 -41.54 -2.33
CA LEU T 157 59.29 -40.56 -3.34
C LEU T 157 60.43 -39.67 -2.83
N CYS T 158 60.31 -39.19 -1.59
CA CYS T 158 61.29 -38.27 -1.04
C CYS T 158 62.54 -39.00 -0.59
N ASP T 159 63.69 -38.32 -0.71
CA ASP T 159 64.95 -38.82 -0.18
C ASP T 159 65.20 -38.38 1.25
N GLY T 160 64.37 -37.48 1.78
CA GLY T 160 64.46 -37.06 3.17
C GLY T 160 63.08 -36.86 3.75
N LEU T 161 62.98 -36.22 4.91
CA LEU T 161 61.68 -35.97 5.51
C LEU T 161 61.85 -35.03 6.70
N VAL T 162 60.87 -34.13 6.87
CA VAL T 162 60.82 -33.22 8.01
C VAL T 162 59.45 -33.37 8.66
N ILE T 163 59.44 -33.59 9.97
CA ILE T 163 58.21 -33.75 10.73
C ILE T 163 57.85 -32.40 11.33
N PRO T 164 56.80 -31.72 10.86
CA PRO T 164 56.46 -30.41 11.40
C PRO T 164 56.01 -30.51 12.85
N GLY T 165 56.17 -29.40 13.57
CA GLY T 165 55.85 -29.38 14.98
C GLY T 165 54.38 -29.16 15.26
N GLY T 166 53.54 -30.07 14.79
CA GLY T 166 52.13 -30.02 15.11
C GLY T 166 51.84 -30.80 16.38
N GLU T 167 50.70 -31.48 16.41
CA GLU T 167 50.37 -32.33 17.55
C GLU T 167 51.12 -33.65 17.45
N SER T 168 51.52 -34.18 18.61
CA SER T 168 52.16 -35.48 18.65
C SER T 168 51.13 -36.62 18.61
N THR T 169 50.01 -36.45 19.31
CA THR T 169 48.96 -37.46 19.27
C THR T 169 48.37 -37.58 17.87
N THR T 170 48.14 -36.45 17.20
CA THR T 170 47.53 -36.49 15.88
C THR T 170 48.43 -37.23 14.89
N VAL T 171 49.73 -36.94 14.93
CA VAL T 171 50.65 -37.56 13.98
C VAL T 171 50.66 -39.07 14.16
N ARG T 172 50.71 -39.54 15.41
CA ARG T 172 50.79 -40.98 15.64
C ARG T 172 49.48 -41.68 15.28
N ARG T 173 48.34 -41.09 15.66
CA ARG T 173 47.07 -41.70 15.31
C ARG T 173 46.89 -41.76 13.80
N CYS T 174 47.22 -40.66 13.11
CA CYS T 174 47.12 -40.61 11.66
C CYS T 174 48.20 -41.44 10.97
N CYS T 175 49.25 -41.83 11.69
CA CYS T 175 50.28 -42.71 11.16
C CYS T 175 49.96 -44.18 11.42
N ALA T 176 48.81 -44.49 12.02
CA ALA T 176 48.40 -45.85 12.33
C ALA T 176 47.15 -46.23 11.55
N TYR T 177 47.10 -45.84 10.27
CA TYR T 177 45.97 -46.15 9.41
C TYR T 177 46.25 -47.43 8.65
N GLU T 178 45.25 -48.32 8.59
CA GLU T 178 45.36 -49.61 7.95
C GLU T 178 46.51 -50.43 8.56
N GLN T 179 46.38 -50.69 9.85
CA GLN T 179 47.33 -51.54 10.58
C GLN T 179 48.75 -50.99 10.49
N ASP T 180 48.92 -49.76 10.96
CA ASP T 180 50.23 -49.12 11.06
C ASP T 180 50.95 -49.10 9.71
N THR T 181 50.20 -48.92 8.62
CA THR T 181 50.83 -48.91 7.30
C THR T 181 51.83 -47.78 7.18
N LEU T 182 51.45 -46.56 7.56
CA LEU T 182 52.38 -45.45 7.49
C LEU T 182 53.43 -45.53 8.60
N TYR T 183 53.01 -45.92 9.81
CA TYR T 183 53.95 -46.02 10.92
C TYR T 183 55.05 -47.03 10.60
N ASN T 184 54.67 -48.21 10.08
CA ASN T 184 55.66 -49.20 9.71
C ASN T 184 56.56 -48.67 8.59
N ALA T 185 55.99 -47.96 7.63
CA ALA T 185 56.79 -47.38 6.56
C ALA T 185 57.82 -46.40 7.10
N LEU T 186 57.40 -45.55 8.05
CA LEU T 186 58.32 -44.58 8.62
C LEU T 186 59.37 -45.25 9.48
N VAL T 187 58.96 -46.18 10.34
CA VAL T 187 59.92 -46.87 11.21
C VAL T 187 60.93 -47.63 10.37
N HIS T 188 60.45 -48.37 9.37
CA HIS T 188 61.36 -49.04 8.45
C HIS T 188 62.17 -48.03 7.65
N PHE T 189 61.56 -46.90 7.31
CA PHE T 189 62.27 -45.88 6.54
C PHE T 189 63.50 -45.37 7.28
N ILE T 190 63.33 -45.02 8.56
CA ILE T 190 64.43 -44.45 9.33
C ILE T 190 65.45 -45.52 9.70
N HIS T 191 64.99 -46.70 10.09
CA HIS T 191 65.86 -47.70 10.69
C HIS T 191 66.53 -48.62 9.67
N VAL T 192 66.19 -48.52 8.38
CA VAL T 192 66.80 -49.37 7.37
C VAL T 192 67.47 -48.51 6.31
N LEU T 193 66.67 -47.70 5.60
CA LEU T 193 67.24 -46.83 4.59
C LEU T 193 68.11 -45.74 5.21
N LYS T 194 67.90 -45.41 6.49
CA LYS T 194 68.76 -44.48 7.21
C LYS T 194 68.89 -43.15 6.46
N LYS T 195 67.78 -42.71 5.89
CA LYS T 195 67.76 -41.46 5.15
C LYS T 195 67.63 -40.28 6.10
N PRO T 196 68.04 -39.09 5.67
CA PRO T 196 67.93 -37.91 6.55
C PRO T 196 66.51 -37.67 6.99
N ILE T 197 66.33 -37.37 8.28
CA ILE T 197 65.04 -37.04 8.84
C ILE T 197 65.23 -35.94 9.87
N TRP T 198 64.22 -35.08 9.99
CA TRP T 198 64.25 -33.96 10.92
C TRP T 198 62.93 -33.91 11.70
N GLY T 199 63.03 -33.59 12.98
CA GLY T 199 61.84 -33.48 13.81
C GLY T 199 61.88 -32.25 14.70
N THR T 200 60.85 -31.40 14.59
CA THR T 200 60.74 -30.21 15.39
C THR T 200 59.56 -30.33 16.36
N CYS T 201 59.72 -29.74 17.54
CA CYS T 201 58.69 -29.81 18.57
C CYS T 201 58.20 -31.26 18.73
N ALA T 202 56.99 -31.57 18.26
CA ALA T 202 56.50 -32.94 18.33
C ALA T 202 57.42 -33.90 17.58
N GLY T 203 58.13 -33.39 16.57
CA GLY T 203 59.05 -34.26 15.84
C GLY T 203 60.08 -34.90 16.74
N CYS T 204 60.64 -34.11 17.67
CA CYS T 204 61.59 -34.67 18.63
C CYS T 204 60.92 -35.72 19.51
N ILE T 205 59.66 -35.48 19.91
CA ILE T 205 58.95 -36.45 20.72
C ILE T 205 58.83 -37.78 19.98
N LEU T 206 58.49 -37.72 18.69
CA LEU T 206 58.37 -38.94 17.90
C LEU T 206 59.72 -39.55 17.57
N LEU T 207 60.79 -38.76 17.58
CA LEU T 207 62.13 -39.23 17.25
C LEU T 207 62.90 -39.71 18.47
N SER T 208 62.33 -39.63 19.66
CA SER T 208 62.99 -40.08 20.88
C SER T 208 62.52 -41.48 21.24
N LYS T 209 63.46 -42.34 21.63
CA LYS T 209 63.11 -43.72 21.95
C LYS T 209 62.22 -43.80 23.18
N ASN T 210 62.47 -42.97 24.19
CA ASN T 210 61.74 -43.02 25.45
C ASN T 210 61.11 -41.67 25.74
N VAL T 211 59.82 -41.66 26.04
CA VAL T 211 59.11 -40.47 26.45
C VAL T 211 58.17 -40.85 27.59
N GLU T 212 58.10 -40.01 28.61
CA GLU T 212 57.32 -40.28 29.81
C GLU T 212 56.34 -39.13 30.07
N ASN T 213 55.74 -39.13 31.26
CA ASN T 213 54.69 -38.20 31.63
C ASN T 213 53.40 -38.47 30.86
N ILE T 214 53.21 -39.70 30.43
CA ILE T 214 51.98 -40.13 29.75
C ILE T 214 51.15 -40.83 30.81
N LYS T 215 50.25 -40.07 31.44
CA LYS T 215 49.45 -40.61 32.54
C LYS T 215 48.56 -41.75 32.07
N LEU T 216 47.94 -41.60 30.90
CA LEU T 216 47.10 -42.66 30.37
C LEU T 216 47.94 -43.88 30.03
N TYR T 217 47.49 -45.05 30.49
CA TYR T 217 48.25 -46.29 30.30
C TYR T 217 47.92 -46.87 28.93
N SER T 218 48.51 -46.27 27.91
CA SER T 218 48.30 -46.73 26.54
C SER T 218 49.04 -48.04 26.30
N ASN T 219 48.42 -48.92 25.49
CA ASN T 219 49.07 -50.15 25.09
C ASN T 219 50.23 -49.91 24.11
N PHE T 220 50.38 -48.69 23.60
CA PHE T 220 51.45 -48.41 22.65
C PHE T 220 52.82 -48.68 23.27
N GLY T 221 53.02 -48.24 24.51
CA GLY T 221 54.30 -48.45 25.15
C GLY T 221 55.40 -47.69 24.43
N ASN T 222 56.49 -48.39 24.11
CA ASN T 222 57.65 -47.77 23.49
C ASN T 222 57.53 -47.66 21.98
N LYS T 223 56.50 -48.23 21.36
CA LYS T 223 56.31 -48.11 19.93
C LYS T 223 55.53 -46.87 19.54
N PHE T 224 55.09 -46.07 20.52
CA PHE T 224 54.42 -44.81 20.19
C PHE T 224 55.36 -43.88 19.45
N SER T 225 56.62 -43.80 19.88
CA SER T 225 57.61 -42.94 19.24
C SER T 225 58.35 -43.71 18.15
N PHE T 226 58.65 -43.02 17.05
CA PHE T 226 59.39 -43.66 15.97
C PHE T 226 60.75 -44.11 16.44
N GLY T 227 61.43 -43.30 17.25
CA GLY T 227 62.77 -43.59 17.69
C GLY T 227 63.82 -43.06 16.74
N GLY T 228 65.07 -43.24 17.15
CA GLY T 228 66.19 -42.78 16.34
C GLY T 228 67.19 -41.96 17.14
N LEU T 229 66.68 -41.19 18.10
CA LEU T 229 67.51 -40.37 18.98
C LEU T 229 67.50 -40.99 20.37
N ASP T 230 68.69 -41.30 20.89
CA ASP T 230 68.82 -41.94 22.19
C ASP T 230 68.74 -40.86 23.26
N ILE T 231 67.51 -40.39 23.52
CA ILE T 231 67.25 -39.33 24.47
C ILE T 231 65.90 -39.58 25.12
N THR T 232 65.68 -38.98 26.28
CA THR T 232 64.41 -39.04 26.99
C THR T 232 63.82 -37.64 27.02
N ILE T 233 62.55 -37.51 26.62
CA ILE T 233 61.92 -36.22 26.44
C ILE T 233 60.64 -36.15 27.27
N CYS T 234 60.37 -34.97 27.82
CA CYS T 234 59.15 -34.69 28.57
C CYS T 234 58.47 -33.50 27.91
N ARG T 235 57.31 -33.74 27.31
CA ARG T 235 56.62 -32.67 26.59
C ARG T 235 56.17 -31.57 27.55
N ASN T 236 55.68 -31.93 28.73
CA ASN T 236 55.21 -30.95 29.69
C ASN T 236 56.31 -30.60 30.71
N ASP T 243 54.72 -20.65 29.03
CA ASP T 243 55.08 -21.86 28.29
C ASP T 243 55.78 -21.52 26.98
N SER T 244 55.79 -20.24 26.62
CA SER T 244 56.40 -19.79 25.38
C SER T 244 57.32 -18.62 25.66
N PHE T 245 58.39 -18.51 24.87
CA PHE T 245 59.38 -17.46 25.03
C PHE T 245 60.34 -17.53 23.84
N ILE T 246 61.34 -16.66 23.85
CA ILE T 246 62.36 -16.59 22.81
C ILE T 246 63.72 -16.76 23.47
N CYS T 247 64.54 -17.65 22.93
CA CYS T 247 65.87 -17.93 23.46
C CYS T 247 66.90 -17.76 22.36
N SER T 248 67.99 -17.05 22.68
CA SER T 248 69.11 -16.95 21.76
C SER T 248 69.79 -18.31 21.64
N LEU T 249 70.12 -18.71 20.41
CA LEU T 249 70.69 -20.03 20.15
C LEU T 249 72.21 -19.93 20.25
N ASN T 250 72.76 -20.43 21.36
CA ASN T 250 74.21 -20.51 21.54
C ASN T 250 74.70 -21.84 20.98
N ILE T 251 74.67 -21.94 19.65
CA ILE T 251 75.02 -23.19 18.99
C ILE T 251 76.46 -23.55 19.33
N ILE T 252 76.68 -24.80 19.71
CA ILE T 252 78.01 -25.28 20.06
C ILE T 252 78.64 -25.95 18.84
N ALA T 264 65.12 -18.32 18.25
CA ALA T 264 64.36 -19.55 18.36
C ALA T 264 63.09 -19.33 19.16
N ALA T 265 61.94 -19.46 18.51
CA ALA T 265 60.64 -19.26 19.14
C ALA T 265 60.18 -20.60 19.70
N CYS T 266 60.33 -20.80 21.01
CA CYS T 266 59.96 -22.05 21.67
C CYS T 266 58.48 -21.97 22.03
N ILE T 267 57.64 -22.44 21.11
CA ILE T 267 56.18 -22.47 21.34
C ILE T 267 55.88 -23.82 21.98
N ARG T 268 55.95 -23.86 23.30
CA ARG T 268 55.69 -25.08 24.06
C ARG T 268 56.72 -26.15 23.71
N ALA T 269 57.99 -25.76 23.79
CA ALA T 269 59.07 -26.66 23.41
C ALA T 269 59.22 -27.77 24.45
N PRO T 270 59.29 -29.04 24.04
CA PRO T 270 59.51 -30.11 25.02
C PRO T 270 60.88 -30.00 25.66
N TYR T 271 60.97 -30.50 26.89
CA TYR T 271 62.21 -30.46 27.66
C TYR T 271 62.86 -31.84 27.65
N ILE T 272 64.15 -31.87 27.31
CA ILE T 272 64.90 -33.13 27.28
C ILE T 272 65.39 -33.43 28.69
N ARG T 273 65.06 -34.62 29.19
CA ARG T 273 65.42 -35.02 30.55
C ARG T 273 66.73 -35.80 30.58
N GLU T 274 66.80 -36.90 29.83
CA GLU T 274 67.96 -37.79 29.84
C GLU T 274 68.52 -37.91 28.43
N ILE T 275 69.76 -38.41 28.36
CA ILE T 275 70.43 -38.62 27.08
C ILE T 275 70.76 -40.10 26.91
N LYS T 281 75.78 -36.42 19.55
CA LYS T 281 76.40 -35.12 19.74
C LYS T 281 75.35 -34.01 19.70
N VAL T 282 75.52 -33.02 20.57
CA VAL T 282 74.58 -31.90 20.66
C VAL T 282 74.99 -30.85 19.64
N LEU T 283 74.18 -30.67 18.61
CA LEU T 283 74.49 -29.69 17.57
C LEU T 283 74.42 -28.27 18.13
N ALA T 284 73.40 -27.97 18.94
CA ALA T 284 73.20 -26.62 19.44
C ALA T 284 72.69 -26.68 20.88
N THR T 285 72.86 -25.57 21.59
CA THR T 285 72.39 -25.45 22.96
C THR T 285 72.12 -23.98 23.26
N PHE T 286 71.31 -23.75 24.29
CA PHE T 286 71.00 -22.39 24.72
C PHE T 286 70.92 -22.33 26.24
N ILE T 296 70.09 -27.67 26.21
CA ILE T 296 70.16 -28.28 24.90
C ILE T 296 69.15 -27.63 23.96
N ALA T 297 69.57 -27.41 22.71
CA ALA T 297 68.73 -26.77 21.70
C ALA T 297 68.48 -27.67 20.50
N ALA T 298 69.53 -28.17 19.87
CA ALA T 298 69.42 -29.06 18.73
C ALA T 298 70.30 -30.29 18.95
N VAL T 299 69.75 -31.46 18.63
CA VAL T 299 70.45 -32.73 18.81
C VAL T 299 70.46 -33.44 17.47
N GLU T 300 71.65 -33.83 17.01
CA GLU T 300 71.83 -34.54 15.74
C GLU T 300 72.58 -35.83 16.02
N GLN T 301 71.90 -36.97 15.82
CA GLN T 301 72.49 -38.28 15.96
C GLN T 301 72.29 -39.06 14.67
N ASN T 302 73.38 -39.38 13.99
CA ASN T 302 73.31 -40.10 12.71
C ASN T 302 72.47 -39.25 11.76
N ASN T 303 71.63 -39.86 10.92
CA ASN T 303 70.81 -39.12 9.98
C ASN T 303 69.71 -38.31 10.65
N CYS T 304 69.45 -38.54 11.94
CA CYS T 304 68.33 -37.92 12.63
C CYS T 304 68.73 -36.59 13.23
N LEU T 305 67.87 -35.58 13.04
CA LEU T 305 68.06 -34.25 13.61
C LEU T 305 66.83 -33.88 14.42
N GLY T 306 67.04 -33.24 15.56
CA GLY T 306 65.95 -32.84 16.42
C GLY T 306 66.11 -31.46 17.01
N THR T 307 65.07 -30.64 16.91
CA THR T 307 65.09 -29.27 17.42
C THR T 307 63.82 -29.05 18.24
N VAL T 308 64.00 -28.74 19.53
CA VAL T 308 62.86 -28.49 20.40
C VAL T 308 62.19 -27.16 20.09
N PHE T 309 62.83 -26.30 19.29
CA PHE T 309 62.28 -25.00 18.94
C PHE T 309 61.64 -25.08 17.55
N ASN T 310 61.18 -23.92 17.06
CA ASN T 310 60.48 -23.80 15.79
C ASN T 310 61.22 -22.81 14.90
N PRO T 311 62.23 -23.25 14.15
CA PRO T 311 62.95 -22.33 13.27
C PRO T 311 62.05 -21.68 12.23
N GLU T 312 61.04 -22.40 11.75
CA GLU T 312 60.18 -21.88 10.68
C GLU T 312 59.31 -20.72 11.15
N LEU T 313 59.25 -20.43 12.44
CA LEU T 313 58.50 -19.29 12.93
C LEU T 313 59.29 -17.98 12.91
N LEU T 314 60.57 -18.03 12.49
CA LEU T 314 61.41 -16.86 12.44
C LEU T 314 61.87 -16.59 11.01
N PRO T 315 62.16 -15.34 10.66
CA PRO T 315 62.52 -15.04 9.26
C PRO T 315 63.72 -15.83 8.75
N HIS T 316 64.74 -16.01 9.58
CA HIS T 316 65.97 -16.65 9.12
C HIS T 316 65.72 -18.12 8.80
N THR T 317 66.30 -18.58 7.69
CA THR T 317 66.15 -19.96 7.22
C THR T 317 67.47 -20.71 7.29
N ALA T 318 68.31 -20.39 8.28
CA ALA T 318 69.61 -21.04 8.39
C ALA T 318 69.45 -22.54 8.62
N PHE T 319 68.53 -22.94 9.48
CA PHE T 319 68.36 -24.36 9.80
C PHE T 319 67.76 -25.13 8.64
N GLN T 320 66.87 -24.53 7.86
CA GLN T 320 66.35 -25.20 6.68
C GLN T 320 67.46 -25.52 5.71
N GLN T 321 68.38 -24.57 5.50
CA GLN T 321 69.55 -24.83 4.68
C GLN T 321 70.45 -25.88 5.32
N TYR T 322 70.53 -25.90 6.66
CA TYR T 322 71.38 -26.87 7.33
C TYR T 322 70.92 -28.29 7.06
N PHE T 323 69.61 -28.53 7.13
CA PHE T 323 69.09 -29.86 6.83
C PHE T 323 69.25 -30.20 5.35
N TYR T 324 69.07 -29.20 4.47
CA TYR T 324 69.31 -29.43 3.05
C TYR T 324 70.75 -29.83 2.81
N GLU T 325 71.69 -29.17 3.48
CA GLU T 325 73.09 -29.58 3.40
C GLU T 325 73.28 -31.01 3.92
N LYS T 326 72.58 -31.35 5.01
CA LYS T 326 72.65 -32.71 5.53
C LYS T 326 72.12 -33.70 4.51
N VAL T 327 71.00 -33.37 3.86
CA VAL T 327 70.44 -34.26 2.84
C VAL T 327 71.40 -34.40 1.67
N LYS T 328 71.98 -33.29 1.22
CA LYS T 328 72.93 -33.36 0.11
C LYS T 328 74.14 -34.20 0.48
N ASN T 329 74.64 -34.04 1.71
CA ASN T 329 75.80 -34.83 2.13
C ASN T 329 75.48 -36.32 2.13
N TYR T 330 74.30 -36.70 2.61
CA TYR T 330 73.90 -38.10 2.58
C TYR T 330 73.80 -38.60 1.15
N LYS T 331 73.22 -37.80 0.26
CA LYS T 331 73.06 -38.18 -1.14
C LYS T 331 74.42 -38.50 -1.76
N ILE U 118 -71.94 5.10 25.10
CA ILE U 118 -71.62 4.85 23.70
C ILE U 118 -70.14 4.53 23.57
N THR U 119 -69.73 3.42 24.19
CA THR U 119 -68.32 3.00 24.16
C THR U 119 -68.29 1.50 23.94
N ILE U 120 -67.80 1.08 22.77
CA ILE U 120 -67.68 -0.33 22.41
C ILE U 120 -66.20 -0.68 22.35
N GLY U 121 -65.87 -1.90 22.80
CA GLY U 121 -64.49 -2.34 22.85
C GLY U 121 -64.22 -3.54 21.95
N VAL U 122 -62.95 -3.74 21.61
CA VAL U 122 -62.52 -4.88 20.80
C VAL U 122 -61.52 -5.67 21.62
N LEU U 123 -61.76 -6.98 21.75
CA LEU U 123 -60.91 -7.83 22.57
C LEU U 123 -59.57 -7.99 21.86
N SER U 124 -58.57 -7.24 22.31
CA SER U 124 -57.27 -7.20 21.66
C SER U 124 -56.26 -8.11 22.36
N LEU U 125 -56.62 -9.39 22.45
CA LEU U 125 -55.69 -10.43 22.89
C LEU U 125 -55.37 -11.40 21.76
N GLN U 126 -55.86 -11.14 20.55
CA GLN U 126 -55.68 -12.02 19.40
C GLN U 126 -55.43 -11.13 18.19
N GLY U 127 -55.53 -11.71 16.99
CA GLY U 127 -55.42 -10.93 15.78
C GLY U 127 -56.76 -10.48 15.25
N ASP U 128 -56.70 -9.59 14.26
CA ASP U 128 -57.85 -9.04 13.54
C ASP U 128 -58.56 -7.95 14.33
N PHE U 129 -58.05 -7.52 15.48
CA PHE U 129 -58.71 -6.42 16.20
C PHE U 129 -58.56 -5.11 15.46
N GLU U 130 -57.40 -4.89 14.82
CA GLU U 130 -57.18 -3.62 14.14
C GLU U 130 -58.17 -3.38 13.01
N PRO U 131 -58.40 -4.32 12.09
CA PRO U 131 -59.44 -4.08 11.07
C PRO U 131 -60.81 -3.80 11.66
N HIS U 132 -61.16 -4.47 12.77
CA HIS U 132 -62.44 -4.21 13.41
C HIS U 132 -62.51 -2.77 13.93
N ILE U 133 -61.43 -2.32 14.57
CA ILE U 133 -61.40 -0.96 15.09
C ILE U 133 -61.44 0.05 13.95
N ASN U 134 -60.67 -0.20 12.89
CA ASN U 134 -60.60 0.75 11.79
C ASN U 134 -61.96 0.97 11.15
N HIS U 135 -62.69 -0.12 10.91
CA HIS U 135 -63.99 -0.01 10.24
C HIS U 135 -65.07 0.54 11.17
N PHE U 136 -64.94 0.33 12.48
CA PHE U 136 -65.85 0.99 13.41
C PHE U 136 -65.63 2.49 13.42
N ILE U 137 -64.36 2.92 13.39
CA ILE U 137 -64.04 4.34 13.38
C ILE U 137 -64.47 4.98 12.07
N LYS U 138 -64.34 4.24 10.96
CA LYS U 138 -64.67 4.79 9.64
C LYS U 138 -66.10 5.30 9.59
N LEU U 139 -66.98 4.76 10.42
CA LEU U 139 -68.37 5.21 10.41
C LEU U 139 -68.50 6.68 10.78
N GLN U 140 -67.48 7.26 11.41
CA GLN U 140 -67.39 8.70 11.63
C GLN U 140 -68.59 9.22 12.44
N ILE U 141 -68.62 8.78 13.70
CA ILE U 141 -69.56 9.29 14.68
C ILE U 141 -68.76 9.80 15.87
N PRO U 142 -68.85 11.09 16.22
CA PRO U 142 -68.06 11.60 17.35
C PRO U 142 -68.39 10.91 18.67
N SER U 143 -69.65 10.55 18.90
CA SER U 143 -70.03 9.95 20.17
C SER U 143 -69.47 8.55 20.32
N LEU U 144 -69.19 7.87 19.22
CA LEU U 144 -68.72 6.49 19.26
C LEU U 144 -67.20 6.48 19.46
N ASN U 145 -66.75 5.78 20.51
CA ASN U 145 -65.34 5.65 20.82
C ASN U 145 -65.00 4.17 20.98
N ILE U 146 -63.84 3.78 20.49
CA ILE U 146 -63.40 2.39 20.49
C ILE U 146 -62.08 2.29 21.25
N ILE U 147 -61.99 1.31 22.15
CA ILE U 147 -60.80 1.08 22.96
C ILE U 147 -60.47 -0.41 22.92
N GLN U 148 -59.19 -0.73 23.09
CA GLN U 148 -58.77 -2.11 23.19
C GLN U 148 -59.20 -2.71 24.53
N VAL U 149 -59.47 -4.00 24.52
CA VAL U 149 -59.93 -4.72 25.71
C VAL U 149 -59.02 -5.93 25.90
N ARG U 150 -58.15 -5.88 26.92
CA ARG U 150 -57.29 -6.99 27.25
C ARG U 150 -57.37 -7.40 28.72
N ASN U 151 -58.02 -6.63 29.57
CA ASN U 151 -58.07 -6.90 31.00
C ASN U 151 -59.47 -6.58 31.51
N VAL U 152 -59.71 -6.92 32.77
CA VAL U 152 -61.02 -6.71 33.36
C VAL U 152 -61.36 -5.23 33.41
N HIS U 153 -60.37 -4.37 33.65
CA HIS U 153 -60.62 -2.93 33.72
C HIS U 153 -61.22 -2.42 32.42
N ASP U 154 -60.65 -2.82 31.28
CA ASP U 154 -61.20 -2.41 29.99
C ASP U 154 -62.59 -3.01 29.78
N LEU U 155 -62.79 -4.25 30.22
CA LEU U 155 -64.10 -4.88 30.05
C LEU U 155 -65.20 -4.08 30.74
N GLY U 156 -64.93 -3.61 31.97
CA GLY U 156 -65.91 -2.80 32.67
C GLY U 156 -66.05 -1.40 32.13
N LEU U 157 -65.06 -0.92 31.37
CA LEU U 157 -65.13 0.42 30.81
C LEU U 157 -66.12 0.51 29.66
N CYS U 158 -66.17 -0.52 28.82
CA CYS U 158 -67.01 -0.49 27.63
C CYS U 158 -68.43 -0.98 27.95
N ASP U 159 -69.38 -0.50 27.16
CA ASP U 159 -70.75 -0.96 27.22
C ASP U 159 -71.05 -2.09 26.24
N GLY U 160 -70.08 -2.44 25.39
CA GLY U 160 -70.23 -3.55 24.48
C GLY U 160 -68.91 -4.26 24.27
N LEU U 161 -68.84 -5.20 23.34
CA LEU U 161 -67.61 -5.92 23.08
C LEU U 161 -67.75 -6.72 21.79
N VAL U 162 -66.71 -6.69 20.96
CA VAL U 162 -66.64 -7.50 19.75
C VAL U 162 -65.37 -8.33 19.81
N ILE U 163 -65.50 -9.62 19.54
CA ILE U 163 -64.37 -10.55 19.58
C ILE U 163 -63.82 -10.67 18.16
N PRO U 164 -62.63 -10.16 17.88
CA PRO U 164 -62.10 -10.25 16.51
C PRO U 164 -61.84 -11.69 16.11
N GLY U 165 -61.92 -11.94 14.80
CA GLY U 165 -61.77 -13.28 14.28
C GLY U 165 -60.33 -13.74 14.18
N GLY U 166 -59.63 -13.79 15.30
CA GLY U 166 -58.28 -14.33 15.32
C GLY U 166 -58.30 -15.82 15.60
N GLU U 167 -57.35 -16.30 16.40
CA GLU U 167 -57.35 -17.69 16.81
C GLU U 167 -58.33 -17.90 17.96
N SER U 168 -58.90 -19.10 18.03
CA SER U 168 -59.77 -19.46 19.14
C SER U 168 -58.98 -20.00 20.33
N THR U 169 -57.95 -20.80 20.07
CA THR U 169 -57.11 -21.29 21.16
C THR U 169 -56.39 -20.14 21.86
N THR U 170 -55.87 -19.18 21.09
CA THR U 170 -55.13 -18.08 21.69
C THR U 170 -56.02 -17.26 22.61
N VAL U 171 -57.25 -16.98 22.16
CA VAL U 171 -58.15 -16.15 22.96
C VAL U 171 -58.47 -16.83 24.29
N ARG U 172 -58.75 -18.13 24.24
CA ARG U 172 -59.14 -18.82 25.46
C ARG U 172 -57.97 -18.96 26.43
N ARG U 173 -56.79 -19.30 25.93
CA ARG U 173 -55.63 -19.39 26.81
C ARG U 173 -55.31 -18.03 27.41
N CYS U 174 -55.31 -16.98 26.59
CA CYS U 174 -55.05 -15.64 27.09
C CYS U 174 -56.18 -15.10 27.96
N CYS U 175 -57.36 -15.73 27.91
CA CYS U 175 -58.47 -15.36 28.78
C CYS U 175 -58.47 -16.16 30.08
N ALA U 176 -57.47 -17.02 30.30
CA ALA U 176 -57.36 -17.84 31.50
C ALA U 176 -56.12 -17.47 32.30
N TYR U 177 -55.87 -16.17 32.43
CA TYR U 177 -54.73 -15.66 33.17
C TYR U 177 -55.16 -15.35 34.60
N GLU U 178 -54.35 -15.78 35.57
CA GLU U 178 -54.65 -15.61 36.99
C GLU U 178 -56.00 -16.22 37.34
N GLN U 179 -56.09 -17.54 37.13
CA GLN U 179 -57.25 -18.32 37.52
C GLN U 179 -58.52 -17.79 36.84
N ASP U 180 -58.49 -17.77 35.51
CA ASP U 180 -59.65 -17.41 34.69
C ASP U 180 -60.20 -16.03 35.08
N THR U 181 -59.32 -15.10 35.41
CA THR U 181 -59.77 -13.77 35.81
C THR U 181 -60.53 -13.08 34.68
N LEU U 182 -59.96 -13.11 33.46
CA LEU U 182 -60.65 -12.51 32.33
C LEU U 182 -61.80 -13.37 31.85
N TYR U 183 -61.61 -14.69 31.83
CA TYR U 183 -62.67 -15.58 31.38
C TYR U 183 -63.91 -15.44 32.25
N ASN U 184 -63.71 -15.41 33.56
CA ASN U 184 -64.84 -15.22 34.46
C ASN U 184 -65.48 -13.86 34.25
N ALA U 185 -64.68 -12.83 34.01
CA ALA U 185 -65.22 -11.50 33.77
C ALA U 185 -66.10 -11.48 32.53
N LEU U 186 -65.63 -12.10 31.44
CA LEU U 186 -66.44 -12.15 30.23
C LEU U 186 -67.68 -13.00 30.42
N VAL U 187 -67.54 -14.18 31.03
CA VAL U 187 -68.68 -15.06 31.22
C VAL U 187 -69.72 -14.38 32.09
N HIS U 188 -69.30 -13.79 33.20
CA HIS U 188 -70.21 -13.02 34.03
C HIS U 188 -70.74 -11.80 33.27
N PHE U 189 -69.88 -11.19 32.46
CA PHE U 189 -70.29 -10.00 31.71
C PHE U 189 -71.46 -10.31 30.78
N ILE U 190 -71.36 -11.40 30.03
CA ILE U 190 -72.41 -11.73 29.06
C ILE U 190 -73.65 -12.28 29.76
N HIS U 191 -73.45 -13.14 30.76
CA HIS U 191 -74.56 -13.90 31.34
C HIS U 191 -75.28 -13.16 32.46
N VAL U 192 -74.78 -12.00 32.90
CA VAL U 192 -75.44 -11.25 33.95
C VAL U 192 -75.80 -9.86 33.45
N LEU U 193 -74.79 -9.07 33.08
CA LEU U 193 -75.05 -7.73 32.57
C LEU U 193 -75.78 -7.76 31.24
N LYS U 194 -75.67 -8.86 30.49
CA LYS U 194 -76.42 -9.05 29.25
C LYS U 194 -76.21 -7.88 28.30
N LYS U 195 -74.98 -7.40 28.23
CA LYS U 195 -74.64 -6.31 27.34
C LYS U 195 -74.39 -6.83 25.93
N PRO U 196 -74.51 -5.97 24.92
CA PRO U 196 -74.28 -6.41 23.54
C PRO U 196 -72.88 -6.98 23.37
N ILE U 197 -72.79 -8.10 22.65
CA ILE U 197 -71.51 -8.72 22.32
C ILE U 197 -71.59 -9.28 20.91
N TRP U 198 -70.46 -9.22 20.21
CA TRP U 198 -70.37 -9.69 18.84
C TRP U 198 -69.18 -10.63 18.70
N GLY U 199 -69.34 -11.68 17.92
CA GLY U 199 -68.27 -12.62 17.67
C GLY U 199 -68.16 -13.02 16.21
N THR U 200 -66.99 -12.80 15.62
CA THR U 200 -66.72 -13.16 14.23
C THR U 200 -65.72 -14.30 14.17
N CYS U 201 -65.88 -15.16 13.18
CA CYS U 201 -65.00 -16.32 13.03
C CYS U 201 -64.83 -17.02 14.37
N ALA U 202 -63.64 -16.91 14.98
CA ALA U 202 -63.44 -17.52 16.29
C ALA U 202 -64.42 -16.99 17.33
N GLY U 203 -64.92 -15.77 17.13
CA GLY U 203 -65.90 -15.23 18.06
C GLY U 203 -67.13 -16.10 18.18
N CYS U 204 -67.61 -16.60 17.04
CA CYS U 204 -68.74 -17.52 17.08
C CYS U 204 -68.39 -18.80 17.83
N ILE U 205 -67.18 -19.31 17.62
CA ILE U 205 -66.75 -20.52 18.31
C ILE U 205 -66.81 -20.30 19.82
N LEU U 206 -66.34 -19.15 20.30
CA LEU U 206 -66.37 -18.85 21.72
C LEU U 206 -67.77 -18.53 22.21
N LEU U 207 -68.65 -18.07 21.32
CA LEU U 207 -70.01 -17.70 21.69
C LEU U 207 -71.00 -18.86 21.58
N SER U 208 -70.56 -20.03 21.14
CA SER U 208 -71.43 -21.20 21.02
C SER U 208 -71.28 -22.09 22.25
N LYS U 209 -72.41 -22.57 22.75
CA LYS U 209 -72.39 -23.39 23.96
C LYS U 209 -71.67 -24.71 23.72
N ASN U 210 -71.85 -25.32 22.55
CA ASN U 210 -71.28 -26.63 22.24
C ASN U 210 -70.43 -26.52 20.98
N VAL U 211 -69.20 -27.01 21.07
CA VAL U 211 -68.30 -27.09 19.93
C VAL U 211 -67.60 -28.45 19.97
N GLU U 212 -67.47 -29.08 18.82
CA GLU U 212 -66.95 -30.44 18.71
C GLU U 212 -65.78 -30.47 17.73
N ASN U 213 -65.37 -31.69 17.36
CA ASN U 213 -64.21 -31.91 16.51
C ASN U 213 -62.91 -31.52 17.21
N ILE U 214 -62.90 -31.62 18.54
CA ILE U 214 -61.71 -31.35 19.34
C ILE U 214 -61.15 -32.71 19.72
N LYS U 215 -60.19 -33.20 18.92
CA LYS U 215 -59.65 -34.53 19.13
C LYS U 215 -58.96 -34.65 20.48
N LEU U 216 -58.21 -33.62 20.87
CA LEU U 216 -57.52 -33.65 22.15
C LEU U 216 -58.54 -33.58 23.29
N TYR U 217 -58.40 -34.46 24.27
CA TYR U 217 -59.35 -34.56 25.38
C TYR U 217 -58.96 -33.54 26.45
N SER U 218 -59.30 -32.29 26.18
CA SER U 218 -59.00 -31.22 27.13
C SER U 218 -59.95 -31.28 28.31
N ASN U 219 -59.43 -30.94 29.49
CA ASN U 219 -60.26 -30.87 30.69
C ASN U 219 -61.22 -29.69 30.68
N PHE U 220 -61.09 -28.78 29.71
CA PHE U 220 -61.99 -27.64 29.65
C PHE U 220 -63.44 -28.09 29.48
N GLY U 221 -63.68 -29.06 28.61
CA GLY U 221 -65.04 -29.51 28.39
C GLY U 221 -65.89 -28.40 27.79
N ASN U 222 -67.05 -28.17 28.40
CA ASN U 222 -68.00 -27.19 27.90
C ASN U 222 -67.71 -25.77 28.36
N LYS U 223 -66.74 -25.57 29.25
CA LYS U 223 -66.38 -24.23 29.69
C LYS U 223 -65.35 -23.58 28.79
N PHE U 224 -64.88 -24.28 27.76
CA PHE U 224 -63.95 -23.68 26.80
C PHE U 224 -64.61 -22.50 26.09
N SER U 225 -65.87 -22.65 25.70
CA SER U 225 -66.60 -21.60 25.01
C SER U 225 -67.34 -20.72 26.02
N PHE U 226 -67.37 -19.42 25.74
CA PHE U 226 -68.08 -18.50 26.63
C PHE U 226 -69.56 -18.85 26.70
N GLY U 227 -70.16 -19.18 25.56
CA GLY U 227 -71.58 -19.46 25.51
C GLY U 227 -72.39 -18.22 25.20
N GLY U 228 -73.69 -18.43 25.03
CA GLY U 228 -74.61 -17.35 24.71
C GLY U 228 -75.49 -17.65 23.52
N LEU U 229 -74.95 -18.37 22.55
CA LEU U 229 -75.70 -18.78 21.36
C LEU U 229 -75.95 -20.28 21.42
N ASP U 230 -77.23 -20.66 21.35
CA ASP U 230 -77.63 -22.06 21.43
C ASP U 230 -77.44 -22.70 20.06
N ILE U 231 -76.18 -23.01 19.74
CA ILE U 231 -75.82 -23.57 18.44
C ILE U 231 -74.62 -24.47 18.63
N THR U 232 -74.45 -25.41 17.69
CA THR U 232 -73.30 -26.32 17.66
C THR U 232 -72.46 -25.97 16.43
N ILE U 233 -71.16 -25.79 16.63
CA ILE U 233 -70.27 -25.30 15.58
C ILE U 233 -69.14 -26.28 15.37
N CYS U 234 -68.65 -26.32 14.13
CA CYS U 234 -67.49 -27.14 13.75
C CYS U 234 -66.52 -26.23 12.99
N ARG U 235 -65.38 -25.93 13.61
CA ARG U 235 -64.43 -25.03 12.99
C ARG U 235 -63.89 -25.60 11.67
N ASN U 236 -63.58 -26.90 11.66
CA ASN U 236 -63.04 -27.54 10.47
C ASN U 236 -64.15 -28.20 9.65
N ASP U 243 -60.60 -23.59 1.40
CA ASP U 243 -61.09 -23.26 2.73
C ASP U 243 -61.57 -21.82 2.82
N SER U 244 -61.26 -21.02 1.79
CA SER U 244 -61.62 -19.62 1.76
C SER U 244 -62.27 -19.30 0.42
N PHE U 245 -63.21 -18.35 0.45
CA PHE U 245 -63.96 -17.95 -0.72
C PHE U 245 -64.78 -16.72 -0.38
N ILE U 246 -65.58 -16.26 -1.34
CA ILE U 246 -66.45 -15.09 -1.19
C ILE U 246 -67.87 -15.52 -1.48
N CYS U 247 -68.80 -15.15 -0.59
CA CYS U 247 -70.20 -15.51 -0.73
C CYS U 247 -71.06 -14.25 -0.65
N SER U 248 -72.03 -14.15 -1.56
CA SER U 248 -73.01 -13.08 -1.48
C SER U 248 -73.94 -13.30 -0.30
N LEU U 249 -74.17 -12.26 0.49
CA LEU U 249 -74.97 -12.37 1.71
C LEU U 249 -76.43 -12.16 1.36
N ASN U 250 -77.20 -13.25 1.34
CA ASN U 250 -78.64 -13.19 1.14
C ASN U 250 -79.32 -13.06 2.50
N ILE U 251 -79.14 -11.88 3.10
CA ILE U 251 -79.64 -11.63 4.45
C ILE U 251 -81.15 -11.81 4.46
N ILE U 252 -81.64 -12.55 5.45
CA ILE U 252 -83.08 -12.78 5.60
C ILE U 252 -83.65 -11.73 6.54
N ALA U 264 -69.00 -11.01 1.66
CA ALA U 264 -68.52 -11.64 2.87
C ALA U 264 -67.33 -12.55 2.56
N ALA U 265 -66.15 -12.17 3.06
CA ALA U 265 -64.92 -12.93 2.83
C ALA U 265 -64.80 -13.97 3.94
N CYS U 266 -65.15 -15.21 3.62
CA CYS U 266 -65.11 -16.32 4.59
C CYS U 266 -63.69 -16.88 4.61
N ILE U 267 -62.87 -16.33 5.51
CA ILE U 267 -61.50 -16.79 5.68
C ILE U 267 -61.54 -17.91 6.71
N ARG U 268 -61.74 -19.14 6.23
CA ARG U 268 -61.81 -20.31 7.09
C ARG U 268 -62.99 -20.19 8.06
N ALA U 269 -64.15 -19.88 7.50
CA ALA U 269 -65.34 -19.65 8.31
C ALA U 269 -65.80 -20.96 8.94
N PRO U 270 -66.07 -20.99 10.24
CA PRO U 270 -66.59 -22.23 10.84
C PRO U 270 -67.98 -22.56 10.31
N TYR U 271 -68.29 -23.85 10.32
CA TYR U 271 -69.57 -24.36 9.84
C TYR U 271 -70.45 -24.73 11.02
N ILE U 272 -71.67 -24.19 11.04
CA ILE U 272 -72.62 -24.48 12.10
C ILE U 272 -73.33 -25.78 11.78
N ARG U 273 -73.28 -26.74 12.71
CA ARG U 273 -73.88 -28.05 12.50
C ARG U 273 -75.31 -28.12 13.03
N GLU U 274 -75.52 -27.79 14.30
CA GLU U 274 -76.82 -27.89 14.94
C GLU U 274 -77.24 -26.54 15.48
N ILE U 275 -78.53 -26.41 15.78
CA ILE U 275 -79.08 -25.18 16.34
C ILE U 275 -79.69 -25.48 17.72
N LYS U 281 -83.05 -16.51 16.29
CA LYS U 281 -83.43 -16.13 14.94
C LYS U 281 -82.19 -15.89 14.08
N VAL U 282 -82.23 -16.38 12.84
CA VAL U 282 -81.10 -16.26 11.92
C VAL U 282 -81.19 -14.88 11.24
N LEU U 283 -80.25 -14.00 11.57
CA LEU U 283 -80.26 -12.66 10.98
C LEU U 283 -79.97 -12.71 9.48
N ALA U 284 -79.00 -13.52 9.07
CA ALA U 284 -78.58 -13.56 7.67
C ALA U 284 -78.27 -15.00 7.28
N THR U 285 -78.32 -15.25 5.97
CA THR U 285 -77.99 -16.56 5.42
C THR U 285 -77.48 -16.38 3.99
N PHE U 286 -76.71 -17.38 3.54
CA PHE U 286 -76.20 -17.36 2.18
C PHE U 286 -76.28 -18.76 1.58
N ILE U 296 -76.63 -20.74 6.66
CA ILE U 296 -76.66 -19.68 7.66
C ILE U 296 -75.44 -18.76 7.50
N ALA U 297 -75.63 -17.47 7.73
CA ALA U 297 -74.56 -16.49 7.64
C ALA U 297 -74.35 -15.74 8.94
N ALA U 298 -75.41 -15.14 9.49
CA ALA U 298 -75.34 -14.40 10.74
C ALA U 298 -76.46 -14.86 11.66
N VAL U 299 -76.14 -15.01 12.95
CA VAL U 299 -77.10 -15.45 13.96
C VAL U 299 -77.09 -14.44 15.09
N GLU U 300 -78.26 -13.90 15.43
CA GLU U 300 -78.41 -12.94 16.52
C GLU U 300 -79.43 -13.50 17.51
N GLN U 301 -78.95 -13.83 18.71
CA GLN U 301 -79.81 -14.33 19.77
C GLN U 301 -79.58 -13.48 21.01
N ASN U 302 -80.65 -12.86 21.50
CA ASN U 302 -80.57 -11.96 22.67
C ASN U 302 -79.53 -10.88 22.33
N ASN U 303 -78.71 -10.46 23.29
CA ASN U 303 -77.71 -9.44 23.05
C ASN U 303 -76.53 -9.94 22.22
N CYS U 304 -76.44 -11.24 21.96
CA CYS U 304 -75.28 -11.83 21.29
C CYS U 304 -75.50 -11.86 19.78
N LEU U 305 -74.46 -11.50 19.03
CA LEU U 305 -74.46 -11.56 17.58
C LEU U 305 -73.28 -12.42 17.12
N GLY U 306 -73.52 -13.20 16.08
CA GLY U 306 -72.47 -14.08 15.56
C GLY U 306 -72.44 -14.12 14.05
N THR U 307 -71.24 -13.95 13.48
CA THR U 307 -71.05 -13.95 12.03
C THR U 307 -69.86 -14.83 11.69
N VAL U 308 -70.11 -15.91 10.95
CA VAL U 308 -69.03 -16.81 10.55
C VAL U 308 -68.09 -16.19 9.53
N PHE U 309 -68.45 -15.05 8.95
CA PHE U 309 -67.63 -14.37 7.97
C PHE U 309 -66.86 -13.22 8.62
N ASN U 310 -66.13 -12.47 7.80
CA ASN U 310 -65.27 -11.38 8.26
C ASN U 310 -65.69 -10.09 7.57
N PRO U 311 -66.68 -9.38 8.10
CA PRO U 311 -67.09 -8.12 7.46
C PRO U 311 -65.98 -7.09 7.38
N GLU U 312 -65.09 -7.07 8.38
CA GLU U 312 -64.03 -6.07 8.42
C GLU U 312 -63.01 -6.22 7.29
N LEU U 313 -63.04 -7.33 6.55
CA LEU U 313 -62.14 -7.54 5.44
C LEU U 313 -62.66 -6.95 4.14
N LEU U 314 -63.86 -6.37 4.14
CA LEU U 314 -64.45 -5.77 2.95
C LEU U 314 -64.68 -4.29 3.16
N PRO U 315 -64.67 -3.49 2.09
CA PRO U 315 -64.82 -2.03 2.26
C PRO U 315 -66.08 -1.62 2.99
N HIS U 316 -67.20 -2.27 2.72
CA HIS U 316 -68.47 -1.85 3.31
C HIS U 316 -68.47 -2.11 4.81
N THR U 317 -69.00 -1.15 5.56
CA THR U 317 -69.05 -1.22 7.02
C THR U 317 -70.50 -1.28 7.51
N ALA U 318 -71.38 -1.91 6.74
CA ALA U 318 -72.78 -1.99 7.13
C ALA U 318 -72.95 -2.75 8.44
N PHE U 319 -72.25 -3.86 8.59
CA PHE U 319 -72.40 -4.67 9.80
C PHE U 319 -71.82 -3.98 11.02
N GLN U 320 -70.74 -3.19 10.85
CA GLN U 320 -70.20 -2.44 11.97
C GLN U 320 -71.22 -1.46 12.52
N GLN U 321 -71.95 -0.80 11.63
CA GLN U 321 -73.03 0.08 12.06
C GLN U 321 -74.18 -0.72 12.67
N TYR U 322 -74.41 -1.93 12.17
CA TYR U 322 -75.51 -2.74 12.68
C TYR U 322 -75.31 -3.07 14.16
N PHE U 323 -74.09 -3.44 14.54
CA PHE U 323 -73.82 -3.69 15.95
C PHE U 323 -73.86 -2.40 16.76
N TYR U 324 -73.39 -1.30 16.19
CA TYR U 324 -73.50 -0.01 16.86
C TYR U 324 -74.96 0.35 17.12
N GLU U 325 -75.83 0.11 16.13
CA GLU U 325 -77.26 0.30 16.34
C GLU U 325 -77.77 -0.63 17.43
N LYS U 326 -77.30 -1.87 17.44
CA LYS U 326 -77.69 -2.80 18.50
C LYS U 326 -77.25 -2.30 19.86
N VAL U 327 -76.03 -1.77 19.95
CA VAL U 327 -75.53 -1.24 21.21
C VAL U 327 -76.36 -0.03 21.63
N LYS U 328 -76.67 0.85 20.69
CA LYS U 328 -77.48 2.02 21.01
C LYS U 328 -78.88 1.61 21.48
N ASN U 329 -79.47 0.62 20.82
CA ASN U 329 -80.79 0.15 21.22
C ASN U 329 -80.78 -0.41 22.63
N TYR U 330 -79.75 -1.19 22.96
CA TYR U 330 -79.63 -1.72 24.32
C TYR U 330 -79.47 -0.59 25.33
N LYS U 331 -78.65 0.40 25.00
CA LYS U 331 -78.41 1.54 25.88
C LYS U 331 -79.73 2.23 26.22
N ILE V 118 -16.60 27.80 69.20
CA ILE V 118 -17.54 27.88 68.09
C ILE V 118 -17.04 26.99 66.96
N THR V 119 -17.06 25.68 67.20
CA THR V 119 -16.59 24.71 66.20
C THR V 119 -17.53 23.52 66.23
N ILE V 120 -18.29 23.33 65.15
CA ILE V 120 -19.22 22.21 65.01
C ILE V 120 -18.67 21.28 63.94
N GLY V 121 -18.93 19.99 64.11
CA GLY V 121 -18.42 18.99 63.19
C GLY V 121 -19.51 18.14 62.57
N VAL V 122 -19.20 17.53 61.42
CA VAL V 122 -20.12 16.65 60.71
C VAL V 122 -19.49 15.27 60.64
N LEU V 123 -20.22 14.25 61.07
CA LEU V 123 -19.72 12.89 61.07
C LEU V 123 -19.61 12.41 59.63
N SER V 124 -18.41 12.44 59.08
CA SER V 124 -18.18 12.10 57.67
C SER V 124 -17.73 10.65 57.50
N LEU V 125 -18.50 9.71 58.06
CA LEU V 125 -18.33 8.29 57.78
C LEU V 125 -19.45 7.72 56.93
N GLN V 126 -20.45 8.51 56.62
CA GLN V 126 -21.61 8.12 55.82
C GLN V 126 -21.74 9.09 54.64
N GLY V 127 -22.87 9.00 53.94
CA GLY V 127 -23.19 9.99 52.93
C GLY V 127 -23.98 11.16 53.49
N ASP V 128 -24.14 12.18 52.66
CA ASP V 128 -24.91 13.38 52.95
C ASP V 128 -24.19 14.35 53.88
N PHE V 129 -22.91 14.13 54.19
CA PHE V 129 -22.20 15.09 55.04
C PHE V 129 -21.91 16.37 54.28
N GLU V 130 -21.64 16.28 52.98
CA GLU V 130 -21.30 17.47 52.21
C GLU V 130 -22.43 18.48 52.18
N PRO V 131 -23.68 18.11 51.87
CA PRO V 131 -24.76 19.11 51.96
C PRO V 131 -24.89 19.74 53.33
N HIS V 132 -24.68 18.96 54.39
CA HIS V 132 -24.75 19.52 55.74
C HIS V 132 -23.66 20.55 55.97
N ILE V 133 -22.43 20.23 55.54
CA ILE V 133 -21.33 21.18 55.69
C ILE V 133 -21.58 22.42 54.85
N ASN V 134 -22.02 22.22 53.60
CA ASN V 134 -22.21 23.36 52.70
C ASN V 134 -23.21 24.36 53.25
N HIS V 135 -24.37 23.87 53.71
CA HIS V 135 -25.41 24.76 54.20
C HIS V 135 -25.04 25.41 55.52
N PHE V 136 -24.23 24.75 56.35
CA PHE V 136 -23.71 25.42 57.54
C PHE V 136 -22.80 26.58 57.15
N ILE V 137 -21.96 26.37 56.13
CA ILE V 137 -21.06 27.43 55.68
C ILE V 137 -21.83 28.56 55.03
N LYS V 138 -22.93 28.24 54.34
CA LYS V 138 -23.69 29.28 53.65
C LYS V 138 -24.19 30.36 54.60
N LEU V 139 -24.29 30.04 55.89
CA LEU V 139 -24.72 31.03 56.86
C LEU V 139 -23.74 32.20 56.96
N GLN V 140 -22.50 32.02 56.51
CA GLN V 140 -21.51 33.10 56.40
C GLN V 140 -21.28 33.80 57.74
N ILE V 141 -20.69 33.05 58.66
CA ILE V 141 -20.22 33.57 59.93
C ILE V 141 -18.73 33.25 60.05
N PRO V 142 -17.85 34.24 60.17
CA PRO V 142 -16.42 33.93 60.27
C PRO V 142 -16.06 33.09 61.49
N SER V 143 -16.76 33.28 62.61
CA SER V 143 -16.43 32.55 63.83
C SER V 143 -16.84 31.08 63.74
N LEU V 144 -17.76 30.73 62.85
CA LEU V 144 -18.23 29.36 62.73
C LEU V 144 -17.35 28.60 61.76
N ASN V 145 -16.78 27.49 62.21
CA ASN V 145 -15.92 26.64 61.40
C ASN V 145 -16.43 25.21 61.47
N ILE V 146 -16.37 24.52 60.34
CA ILE V 146 -16.89 23.16 60.20
C ILE V 146 -15.77 22.25 59.75
N ILE V 147 -15.63 21.10 60.42
CA ILE V 147 -14.62 20.10 60.08
C ILE V 147 -15.27 18.73 60.03
N GLN V 148 -14.69 17.84 59.24
CA GLN V 148 -15.18 16.47 59.18
C GLN V 148 -14.81 15.72 60.45
N VAL V 149 -15.66 14.77 60.82
CA VAL V 149 -15.48 13.96 62.02
C VAL V 149 -15.54 12.49 61.62
N ARG V 150 -14.40 11.81 61.71
CA ARG V 150 -14.32 10.39 61.43
C ARG V 150 -13.58 9.59 62.49
N ASN V 151 -12.95 10.26 63.46
CA ASN V 151 -12.15 9.59 64.47
C ASN V 151 -12.34 10.30 65.80
N VAL V 152 -11.78 9.71 66.86
CA VAL V 152 -11.94 10.28 68.20
C VAL V 152 -11.29 11.66 68.27
N HIS V 153 -10.17 11.84 67.57
CA HIS V 153 -9.48 13.13 67.61
C HIS V 153 -10.38 14.25 67.13
N ASP V 154 -11.08 14.03 66.01
CA ASP V 154 -12.00 15.05 65.50
C ASP V 154 -13.16 15.27 66.46
N LEU V 155 -13.67 14.20 67.06
CA LEU V 155 -14.80 14.34 67.98
C LEU V 155 -14.45 15.24 69.15
N GLY V 156 -13.25 15.07 69.72
CA GLY V 156 -12.81 15.92 70.80
C GLY V 156 -12.44 17.32 70.37
N LEU V 157 -12.20 17.53 69.08
CA LEU V 157 -11.85 18.85 68.58
C LEU V 157 -13.06 19.77 68.48
N CYS V 158 -14.23 19.22 68.18
CA CYS V 158 -15.42 20.02 67.98
C CYS V 158 -16.21 20.13 69.29
N ASP V 159 -16.95 21.24 69.42
CA ASP V 159 -17.84 21.46 70.54
C ASP V 159 -19.26 20.96 70.26
N GLY V 160 -19.55 20.55 69.03
CA GLY V 160 -20.84 19.99 68.69
C GLY V 160 -20.69 18.86 67.69
N LEU V 161 -21.80 18.38 67.13
CA LEU V 161 -21.75 17.31 66.15
C LEU V 161 -23.11 17.16 65.51
N VAL V 162 -23.13 16.99 64.18
CA VAL V 162 -24.34 16.73 63.43
C VAL V 162 -24.13 15.44 62.64
N ILE V 163 -25.08 14.51 62.75
CA ILE V 163 -24.98 13.22 62.08
C ILE V 163 -25.75 13.33 60.76
N PRO V 164 -25.07 13.32 59.61
CA PRO V 164 -25.79 13.43 58.35
C PRO V 164 -26.66 12.21 58.07
N GLY V 165 -27.73 12.44 57.30
CA GLY V 165 -28.68 11.38 57.03
C GLY V 165 -28.26 10.44 55.93
N GLY V 166 -27.21 9.68 56.16
CA GLY V 166 -26.81 8.65 55.23
C GLY V 166 -27.43 7.32 55.60
N GLU V 167 -26.65 6.25 55.54
CA GLU V 167 -27.12 4.95 55.99
C GLU V 167 -26.96 4.82 57.50
N SER V 168 -27.84 4.04 58.12
CA SER V 168 -27.73 3.77 59.55
C SER V 168 -26.83 2.57 59.82
N THR V 169 -26.91 1.53 59.00
CA THR V 169 -26.04 0.37 59.16
C THR V 169 -24.59 0.75 58.95
N THR V 170 -24.31 1.57 57.93
CA THR V 170 -22.93 1.95 57.65
C THR V 170 -22.32 2.70 58.84
N VAL V 171 -23.08 3.64 59.42
CA VAL V 171 -22.55 4.47 60.49
C VAL V 171 -22.17 3.60 61.69
N ARG V 172 -23.07 2.69 62.07
CA ARG V 172 -22.80 1.87 63.25
C ARG V 172 -21.62 0.93 63.02
N ARG V 173 -21.55 0.32 61.83
CA ARG V 173 -20.41 -0.54 61.53
C ARG V 173 -19.11 0.25 61.53
N CYS V 174 -19.11 1.44 60.92
CA CYS V 174 -17.93 2.27 60.88
C CYS V 174 -17.66 2.95 62.22
N CYS V 175 -18.65 3.00 63.11
CA CYS V 175 -18.47 3.52 64.45
C CYS V 175 -18.03 2.45 65.44
N ALA V 176 -17.84 1.22 64.98
CA ALA V 176 -17.43 0.10 65.83
C ALA V 176 -16.03 -0.38 65.47
N TYR V 177 -15.13 0.57 65.20
CA TYR V 177 -13.76 0.25 64.82
C TYR V 177 -12.87 0.17 66.06
N GLU V 178 -11.95 -0.79 66.04
CA GLU V 178 -11.02 -1.01 67.15
C GLU V 178 -11.78 -1.12 68.48
N GLN V 179 -12.67 -2.10 68.53
CA GLN V 179 -13.44 -2.40 69.74
C GLN V 179 -14.28 -1.19 70.16
N ASP V 180 -15.12 -0.73 69.24
CA ASP V 180 -16.06 0.36 69.51
C ASP V 180 -15.36 1.61 69.99
N THR V 181 -14.17 1.90 69.45
CA THR V 181 -13.43 3.08 69.87
C THR V 181 -14.21 4.36 69.58
N LEU V 182 -14.76 4.47 68.37
CA LEU V 182 -15.54 5.65 68.02
C LEU V 182 -16.92 5.60 68.67
N TYR V 183 -17.55 4.43 68.70
CA TYR V 183 -18.88 4.31 69.31
C TYR V 183 -18.83 4.69 70.78
N ASN V 184 -17.81 4.19 71.50
CA ASN V 184 -17.66 4.56 72.90
C ASN V 184 -17.39 6.05 73.05
N ALA V 185 -16.59 6.62 72.13
CA ALA V 185 -16.29 8.04 72.19
C ALA V 185 -17.55 8.87 72.03
N LEU V 186 -18.40 8.51 71.06
CA LEU V 186 -19.64 9.25 70.86
C LEU V 186 -20.60 9.04 72.03
N VAL V 187 -20.75 7.79 72.49
CA VAL V 187 -21.68 7.51 73.59
C VAL V 187 -21.26 8.27 74.84
N HIS V 188 -19.97 8.20 75.18
CA HIS V 188 -19.47 8.98 76.30
C HIS V 188 -19.58 10.47 76.01
N PHE V 189 -19.36 10.87 74.76
CA PHE V 189 -19.44 12.28 74.39
C PHE V 189 -20.83 12.85 74.68
N ILE V 190 -21.87 12.14 74.26
CA ILE V 190 -23.23 12.64 74.44
C ILE V 190 -23.67 12.52 75.90
N HIS V 191 -23.38 11.38 76.52
CA HIS V 191 -23.94 11.05 77.83
C HIS V 191 -23.16 11.64 79.00
N VAL V 192 -21.99 12.23 78.76
CA VAL V 192 -21.21 12.83 79.85
C VAL V 192 -21.00 14.31 79.56
N LEU V 193 -20.30 14.62 78.46
CA LEU V 193 -20.07 16.01 78.12
C LEU V 193 -21.36 16.75 77.79
N LYS V 194 -22.39 16.02 77.37
CA LYS V 194 -23.71 16.61 77.13
C LYS V 194 -23.62 17.80 76.18
N LYS V 195 -22.78 17.66 75.16
CA LYS V 195 -22.61 18.72 74.18
C LYS V 195 -23.71 18.65 73.13
N PRO V 196 -24.00 19.76 72.45
CA PRO V 196 -25.07 19.75 71.45
C PRO V 196 -24.79 18.72 70.36
N ILE V 197 -25.83 17.97 69.99
CA ILE V 197 -25.75 16.99 68.92
C ILE V 197 -27.04 17.05 68.12
N TRP V 198 -26.94 16.71 66.83
CA TRP V 198 -28.07 16.74 65.92
C TRP V 198 -28.06 15.47 65.08
N GLY V 199 -29.24 14.93 64.83
CA GLY V 199 -29.36 13.75 63.99
C GLY V 199 -30.51 13.86 63.00
N THR V 200 -30.19 13.71 61.71
CA THR V 200 -31.17 13.77 60.65
C THR V 200 -31.32 12.39 60.01
N CYS V 201 -32.55 12.06 59.61
CA CYS V 201 -32.84 10.75 59.02
C CYS V 201 -32.22 9.65 59.87
N ALA V 202 -31.15 9.01 59.40
CA ALA V 202 -30.50 7.99 60.20
C ALA V 202 -30.02 8.53 61.53
N GLY V 203 -29.74 9.83 61.60
CA GLY V 203 -29.30 10.42 62.86
C GLY V 203 -30.32 10.21 63.97
N CYS V 204 -31.60 10.39 63.65
CA CYS V 204 -32.64 10.13 64.64
C CYS V 204 -32.66 8.66 65.03
N ILE V 205 -32.44 7.76 64.07
CA ILE V 205 -32.40 6.33 64.38
C ILE V 205 -31.31 6.04 65.39
N LEU V 206 -30.13 6.64 65.21
CA LEU V 206 -29.03 6.43 66.13
C LEU V 206 -29.21 7.20 67.43
N LEU V 207 -30.04 8.24 67.45
CA LEU V 207 -30.27 9.03 68.64
C LEU V 207 -31.46 8.56 69.45
N SER V 208 -32.16 7.52 69.02
CA SER V 208 -33.30 6.98 69.74
C SER V 208 -32.88 5.78 70.58
N LYS V 209 -33.39 5.71 71.81
CA LYS V 209 -33.01 4.63 72.71
C LYS V 209 -33.51 3.28 72.21
N ASN V 210 -34.70 3.23 71.61
CA ASN V 210 -35.31 1.98 71.17
C ASN V 210 -35.70 2.10 69.71
N VAL V 211 -35.27 1.13 68.91
CA VAL V 211 -35.65 1.04 67.50
C VAL V 211 -35.96 -0.42 67.20
N GLU V 212 -37.07 -0.66 66.48
CA GLU V 212 -37.52 -2.02 66.21
C GLU V 212 -37.72 -2.22 64.72
N ASN V 213 -38.36 -3.34 64.34
CA ASN V 213 -38.48 -3.77 62.95
C ASN V 213 -37.13 -4.24 62.39
N ILE V 214 -36.25 -4.71 63.28
CA ILE V 214 -34.96 -5.26 62.88
C ILE V 214 -35.14 -6.78 62.89
N LYS V 215 -35.45 -7.34 61.71
CA LYS V 215 -35.75 -8.77 61.63
C LYS V 215 -34.54 -9.61 62.02
N LEU V 216 -33.35 -9.22 61.57
CA LEU V 216 -32.15 -9.95 61.92
C LEU V 216 -31.87 -9.82 63.41
N TYR V 217 -31.61 -10.95 64.07
CA TYR V 217 -31.41 -10.97 65.52
C TYR V 217 -29.96 -10.66 65.83
N SER V 218 -29.63 -9.37 65.74
CA SER V 218 -28.28 -8.93 66.03
C SER V 218 -28.00 -8.95 67.53
N ASN V 219 -26.75 -9.28 67.89
CA ASN V 219 -26.34 -9.23 69.28
C ASN V 219 -26.21 -7.80 69.81
N PHE V 220 -26.31 -6.80 68.93
CA PHE V 220 -26.20 -5.42 69.38
C PHE V 220 -27.27 -5.08 70.40
N GLY V 221 -28.50 -5.51 70.15
CA GLY V 221 -29.59 -5.20 71.06
C GLY V 221 -29.82 -3.70 71.13
N ASN V 222 -29.87 -3.16 72.34
CA ASN V 222 -30.16 -1.76 72.57
C ASN V 222 -28.93 -0.86 72.44
N LYS V 223 -27.73 -1.43 72.30
CA LYS V 223 -26.53 -0.62 72.14
C LYS V 223 -26.25 -0.27 70.68
N PHE V 224 -27.09 -0.73 69.75
CA PHE V 224 -26.93 -0.33 68.35
C PHE V 224 -27.12 1.17 68.19
N SER V 225 -28.09 1.74 68.88
CA SER V 225 -28.36 3.17 68.82
C SER V 225 -27.59 3.91 69.91
N PHE V 226 -27.09 5.10 69.57
CA PHE V 226 -26.37 5.89 70.57
C PHE V 226 -27.27 6.25 71.74
N GLY V 227 -28.52 6.62 71.46
CA GLY V 227 -29.43 7.04 72.50
C GLY V 227 -29.38 8.54 72.73
N GLY V 228 -30.25 9.00 73.62
CA GLY V 228 -30.33 10.41 73.95
C GLY V 228 -31.74 10.96 73.86
N LEU V 229 -32.51 10.46 72.91
CA LEU V 229 -33.90 10.86 72.73
C LEU V 229 -34.80 9.70 73.15
N ASP V 230 -35.70 9.96 74.10
CA ASP V 230 -36.59 8.94 74.64
C ASP V 230 -37.78 8.80 73.68
N ILE V 231 -37.56 8.03 72.62
CA ILE V 231 -38.55 7.83 71.57
C ILE V 231 -38.30 6.48 70.91
N THR V 232 -39.34 5.94 70.29
CA THR V 232 -39.25 4.69 69.54
C THR V 232 -39.46 5.01 68.06
N ILE V 233 -38.56 4.52 67.21
CA ILE V 233 -38.52 4.91 65.81
C ILE V 233 -38.59 3.66 64.94
N CYS V 234 -39.35 3.76 63.85
CA CYS V 234 -39.44 2.73 62.83
C CYS V 234 -38.93 3.31 61.52
N ARG V 235 -37.85 2.73 61.00
CA ARG V 235 -37.25 3.26 59.77
C ARG V 235 -38.14 2.99 58.57
N ASN V 236 -38.75 1.81 58.50
CA ASN V 236 -39.61 1.46 57.38
C ASN V 236 -41.08 1.63 57.73
N ASP V 243 -42.41 6.59 49.03
CA ASP V 243 -41.57 6.65 50.22
C ASP V 243 -40.99 8.05 50.42
N SER V 244 -41.07 8.88 49.39
CA SER V 244 -40.54 10.23 49.42
C SER V 244 -41.63 11.23 49.03
N PHE V 245 -41.56 12.41 49.63
CA PHE V 245 -42.54 13.47 49.39
C PHE V 245 -42.04 14.75 50.05
N ILE V 246 -42.85 15.80 49.96
CA ILE V 246 -42.54 17.10 50.55
C ILE V 246 -43.68 17.47 51.48
N CYS V 247 -43.35 17.89 52.70
CA CYS V 247 -44.33 18.26 53.70
C CYS V 247 -44.04 19.66 54.21
N SER V 248 -45.08 20.49 54.30
CA SER V 248 -44.93 21.79 54.93
C SER V 248 -44.71 21.63 56.42
N LEU V 249 -43.75 22.36 56.98
CA LEU V 249 -43.38 22.24 58.38
C LEU V 249 -44.25 23.17 59.21
N ASN V 250 -45.23 22.60 59.90
CA ASN V 250 -46.07 23.36 60.84
C ASN V 250 -45.42 23.33 62.22
N ILE V 251 -44.29 24.04 62.31
CA ILE V 251 -43.50 24.04 63.54
C ILE V 251 -44.34 24.57 64.69
N ILE V 252 -44.33 23.84 65.80
CA ILE V 252 -45.07 24.24 67.00
C ILE V 252 -44.16 25.06 67.90
N ALA V 264 -39.69 20.72 53.78
CA ALA V 264 -38.96 19.56 54.28
C ALA V 264 -39.06 18.40 53.30
N ALA V 265 -37.92 18.00 52.74
CA ALA V 265 -37.87 16.91 51.77
C ALA V 265 -37.62 15.61 52.53
N CYS V 266 -38.68 14.84 52.73
CA CYS V 266 -38.60 13.58 53.48
C CYS V 266 -38.20 12.47 52.52
N ILE V 267 -36.89 12.25 52.40
CA ILE V 267 -36.35 11.19 51.56
C ILE V 267 -36.26 9.95 52.45
N ARG V 268 -37.33 9.17 52.47
CA ARG V 268 -37.39 7.95 53.28
C ARG V 268 -37.24 8.28 54.76
N ALA V 269 -38.07 9.21 55.21
CA ALA V 269 -38.00 9.69 56.59
C ALA V 269 -38.52 8.60 57.53
N PRO V 270 -37.78 8.28 58.60
CA PRO V 270 -38.30 7.28 59.56
C PRO V 270 -39.53 7.81 60.28
N TYR V 271 -40.39 6.89 60.70
CA TYR V 271 -41.62 7.21 61.40
C TYR V 271 -41.47 6.92 62.88
N ILE V 272 -41.79 7.91 63.71
CA ILE V 272 -41.72 7.75 65.17
C ILE V 272 -43.00 7.07 65.64
N ARG V 273 -42.84 5.96 66.38
CA ARG V 273 -43.97 5.20 66.87
C ARG V 273 -44.37 5.61 68.29
N GLU V 274 -43.43 5.56 69.22
CA GLU V 274 -43.69 5.84 70.62
C GLU V 274 -42.81 6.98 71.10
N ILE V 275 -43.18 7.55 72.24
CA ILE V 275 -42.42 8.64 72.84
C ILE V 275 -41.93 8.22 74.23
N LYS V 281 -39.79 17.64 74.53
CA LYS V 281 -40.71 18.55 73.88
C LYS V 281 -40.55 18.48 72.36
N VAL V 282 -41.67 18.51 71.65
CA VAL V 282 -41.66 18.42 70.18
C VAL V 282 -41.42 19.82 69.62
N LEU V 283 -40.24 20.02 69.03
CA LEU V 283 -39.92 21.33 68.46
C LEU V 283 -40.80 21.64 67.27
N ALA V 284 -41.03 20.67 66.39
CA ALA V 284 -41.77 20.89 65.16
C ALA V 284 -42.64 19.68 64.86
N THR V 285 -43.69 19.92 64.06
CA THR V 285 -44.58 18.86 63.63
C THR V 285 -45.20 19.24 62.30
N PHE V 286 -45.68 18.23 61.58
CA PHE V 286 -46.35 18.45 60.30
C PHE V 286 -47.55 17.53 60.17
N ILE V 296 -45.20 14.26 63.84
CA ILE V 296 -44.02 14.88 64.41
C ILE V 296 -42.97 15.15 63.34
N ALA V 297 -42.26 16.27 63.48
CA ALA V 297 -41.23 16.67 62.53
C ALA V 297 -39.86 16.80 63.18
N ALA V 298 -39.74 17.59 64.24
CA ALA V 298 -38.49 17.79 64.94
C ALA V 298 -38.72 17.59 66.44
N VAL V 299 -37.77 16.90 67.09
CA VAL V 299 -37.85 16.63 68.52
C VAL V 299 -36.53 17.06 69.14
N GLU V 300 -36.60 17.83 70.22
CA GLU V 300 -35.43 18.31 70.93
C GLU V 300 -35.53 17.92 72.40
N GLN V 301 -34.47 17.32 72.92
CA GLN V 301 -34.39 16.95 74.33
C GLN V 301 -33.01 17.34 74.85
N ASN V 302 -32.95 18.35 75.72
CA ASN V 302 -31.69 18.82 76.28
C ASN V 302 -30.75 19.25 75.16
N ASN V 303 -29.64 18.53 74.98
CA ASN V 303 -28.65 18.86 73.98
C ASN V 303 -28.85 18.10 72.66
N CYS V 304 -29.88 17.27 72.57
CA CYS V 304 -30.09 16.40 71.42
C CYS V 304 -31.23 16.94 70.57
N LEU V 305 -30.99 17.03 69.26
CA LEU V 305 -31.98 17.44 68.29
C LEU V 305 -32.16 16.34 67.26
N GLY V 306 -33.41 16.08 66.88
CA GLY V 306 -33.70 15.04 65.91
C GLY V 306 -34.74 15.45 64.90
N THR V 307 -34.40 15.33 63.61
CA THR V 307 -35.29 15.72 62.52
C THR V 307 -35.39 14.55 61.54
N VAL V 308 -36.61 14.02 61.37
CA VAL V 308 -36.82 12.92 60.44
C VAL V 308 -36.72 13.35 58.99
N PHE V 309 -36.64 14.65 58.72
CA PHE V 309 -36.54 15.17 57.37
C PHE V 309 -35.11 15.62 57.09
N ASN V 310 -34.89 16.15 55.89
CA ASN V 310 -33.56 16.54 55.42
C ASN V 310 -33.57 18.03 55.10
N PRO V 311 -33.31 18.90 56.08
CA PRO V 311 -33.28 20.34 55.79
C PRO V 311 -32.24 20.72 54.75
N GLU V 312 -31.09 20.03 54.72
CA GLU V 312 -30.01 20.39 53.83
C GLU V 312 -30.33 20.14 52.36
N LEU V 313 -31.45 19.47 52.07
CA LEU V 313 -31.87 19.26 50.69
C LEU V 313 -32.68 20.41 50.13
N LEU V 314 -32.95 21.44 50.93
CA LEU V 314 -33.73 22.59 50.51
C LEU V 314 -32.89 23.86 50.61
N PRO V 315 -33.18 24.88 49.78
CA PRO V 315 -32.34 26.09 49.80
C PRO V 315 -32.25 26.75 51.16
N HIS V 316 -33.35 26.81 51.90
CA HIS V 316 -33.36 27.53 53.17
C HIS V 316 -32.47 26.83 54.19
N THR V 317 -31.71 27.63 54.94
CA THR V 317 -30.78 27.12 55.95
C THR V 317 -31.21 27.54 57.35
N ALA V 318 -32.52 27.66 57.58
CA ALA V 318 -33.00 28.10 58.88
C ALA V 318 -32.61 27.11 59.98
N PHE V 319 -32.73 25.81 59.71
CA PHE V 319 -32.43 24.82 60.72
C PHE V 319 -30.95 24.75 61.04
N GLN V 320 -30.09 24.96 60.04
CA GLN V 320 -28.65 25.00 60.31
C GLN V 320 -28.32 26.13 61.28
N GLN V 321 -28.93 27.30 61.09
CA GLN V 321 -28.75 28.39 62.04
C GLN V 321 -29.35 28.04 63.39
N TYR V 322 -30.46 27.31 63.40
CA TYR V 322 -31.09 26.95 64.66
C TYR V 322 -30.16 26.10 65.53
N PHE V 323 -29.50 25.11 64.93
CA PHE V 323 -28.54 24.31 65.69
C PHE V 323 -27.32 25.14 66.09
N TYR V 324 -26.88 26.05 65.21
CA TYR V 324 -25.78 26.93 65.59
C TYR V 324 -26.15 27.79 66.79
N GLU V 325 -27.39 28.29 66.81
CA GLU V 325 -27.87 29.01 67.99
C GLU V 325 -27.88 28.11 69.21
N LYS V 326 -28.29 26.84 69.03
CA LYS V 326 -28.27 25.89 70.14
C LYS V 326 -26.84 25.69 70.65
N VAL V 327 -25.88 25.56 69.73
CA VAL V 327 -24.49 25.38 70.13
C VAL V 327 -23.98 26.62 70.86
N LYS V 328 -24.30 27.80 70.35
CA LYS V 328 -23.88 29.03 71.00
C LYS V 328 -24.48 29.15 72.39
N ASN V 329 -25.77 28.80 72.53
CA ASN V 329 -26.41 28.88 73.84
C ASN V 329 -25.75 27.94 74.83
N TYR V 330 -25.43 26.72 74.40
CA TYR V 330 -24.75 25.78 75.29
C TYR V 330 -23.37 26.32 75.68
N LYS V 331 -22.65 26.88 74.72
CA LYS V 331 -21.32 27.43 74.97
C LYS V 331 -21.37 28.48 76.08
N ILE W 118 12.58 -57.42 -48.74
CA ILE W 118 13.67 -56.58 -48.23
C ILE W 118 13.16 -55.77 -47.06
N THR W 119 12.78 -56.45 -45.98
CA THR W 119 12.25 -55.81 -44.78
C THR W 119 12.94 -56.41 -43.56
N ILE W 120 13.82 -55.63 -42.94
CA ILE W 120 14.54 -56.05 -41.74
C ILE W 120 14.01 -55.26 -40.57
N GLY W 121 13.87 -55.93 -39.41
CA GLY W 121 13.34 -55.29 -38.23
C GLY W 121 14.34 -55.22 -37.09
N VAL W 122 14.07 -54.34 -36.13
CA VAL W 122 14.91 -54.16 -34.96
C VAL W 122 14.05 -54.40 -33.72
N LEU W 123 14.47 -55.33 -32.88
CA LEU W 123 13.74 -55.64 -31.66
C LEU W 123 13.79 -54.42 -30.74
N SER W 124 12.65 -53.76 -30.56
CA SER W 124 12.59 -52.48 -29.85
C SER W 124 11.96 -52.61 -28.46
N LEU W 125 12.13 -53.75 -27.81
CA LEU W 125 11.74 -53.92 -26.42
C LEU W 125 12.83 -53.51 -25.46
N GLN W 126 14.01 -53.15 -25.98
CA GLN W 126 15.16 -52.76 -25.17
C GLN W 126 15.66 -51.40 -25.62
N GLY W 127 16.83 -50.98 -25.15
CA GLY W 127 17.47 -49.78 -25.65
C GLY W 127 18.39 -50.08 -26.81
N ASP W 128 18.87 -49.01 -27.43
CA ASP W 128 19.84 -49.01 -28.53
C ASP W 128 19.19 -49.37 -29.87
N PHE W 129 17.87 -49.56 -29.93
CA PHE W 129 17.24 -49.85 -31.22
C PHE W 129 17.34 -48.66 -32.16
N GLU W 130 17.17 -47.44 -31.64
CA GLU W 130 17.17 -46.26 -32.49
C GLU W 130 18.48 -46.09 -33.24
N PRO W 131 19.65 -46.16 -32.60
CA PRO W 131 20.90 -46.07 -33.38
C PRO W 131 20.99 -47.13 -34.47
N HIS W 132 20.53 -48.35 -34.20
CA HIS W 132 20.57 -49.40 -35.22
C HIS W 132 19.68 -49.04 -36.39
N ILE W 133 18.49 -48.51 -36.13
CA ILE W 133 17.60 -48.10 -37.20
C ILE W 133 18.18 -46.93 -37.98
N ASN W 134 18.76 -45.96 -37.26
CA ASN W 134 19.29 -44.77 -37.93
C ASN W 134 20.39 -45.14 -38.91
N HIS W 135 21.32 -46.00 -38.50
CA HIS W 135 22.44 -46.36 -39.36
C HIS W 135 22.02 -47.30 -40.49
N PHE W 136 20.98 -48.11 -40.29
CA PHE W 136 20.45 -48.89 -41.40
C PHE W 136 19.81 -47.99 -42.45
N ILE W 137 19.08 -46.98 -42.00
CA ILE W 137 18.43 -46.05 -42.94
C ILE W 137 19.48 -45.21 -43.65
N LYS W 138 20.55 -44.86 -42.97
CA LYS W 138 21.57 -43.99 -43.56
C LYS W 138 22.13 -44.59 -44.84
N LEU W 139 22.08 -45.92 -44.98
CA LEU W 139 22.60 -46.56 -46.18
C LEU W 139 21.86 -46.11 -47.44
N GLN W 140 20.65 -45.55 -47.29
CA GLN W 140 19.94 -44.88 -48.37
C GLN W 140 19.69 -45.83 -49.54
N ILE W 141 18.84 -46.83 -49.26
CA ILE W 141 18.33 -47.74 -50.28
C ILE W 141 16.81 -47.68 -50.23
N PRO W 142 16.14 -47.27 -51.31
CA PRO W 142 14.66 -47.20 -51.25
C PRO W 142 13.99 -48.53 -50.98
N SER W 143 14.56 -49.63 -51.47
CA SER W 143 13.93 -50.93 -51.30
C SER W 143 14.03 -51.43 -49.86
N LEU W 144 14.99 -50.95 -49.09
CA LEU W 144 15.19 -51.38 -47.71
C LEU W 144 14.31 -50.56 -46.78
N ASN W 145 13.50 -51.25 -45.97
CA ASN W 145 12.62 -50.61 -45.01
C ASN W 145 12.83 -51.25 -43.65
N ILE W 146 12.81 -50.42 -42.60
CA ILE W 146 13.07 -50.86 -41.23
C ILE W 146 11.85 -50.53 -40.38
N ILE W 147 11.41 -51.51 -39.58
CA ILE W 147 10.28 -51.34 -38.69
C ILE W 147 10.67 -51.88 -37.31
N GLN W 148 10.01 -51.35 -36.28
CA GLN W 148 10.23 -51.84 -34.93
C GLN W 148 9.56 -53.20 -34.75
N VAL W 149 10.16 -54.02 -33.88
CA VAL W 149 9.67 -55.36 -33.60
C VAL W 149 9.50 -55.49 -32.10
N ARG W 150 8.25 -55.60 -31.65
CA ARG W 150 7.94 -55.81 -30.24
C ARG W 150 6.94 -56.92 -29.99
N ASN W 151 6.30 -57.45 -31.02
CA ASN W 151 5.27 -58.47 -30.88
C ASN W 151 5.41 -59.49 -31.99
N VAL W 152 4.65 -60.58 -31.88
CA VAL W 152 4.71 -61.65 -32.87
C VAL W 152 4.33 -61.13 -34.24
N HIS W 153 3.35 -60.21 -34.30
CA HIS W 153 2.91 -59.68 -35.58
C HIS W 153 4.05 -59.02 -36.34
N ASP W 154 4.86 -58.21 -35.65
CA ASP W 154 5.99 -57.56 -36.31
C ASP W 154 7.05 -58.58 -36.70
N LEU W 155 7.24 -59.62 -35.88
CA LEU W 155 8.26 -60.62 -36.19
C LEU W 155 7.95 -61.31 -37.51
N GLY W 156 6.69 -61.63 -37.75
CA GLY W 156 6.31 -62.27 -39.00
C GLY W 156 6.22 -61.34 -40.19
N LEU W 157 6.37 -60.03 -39.97
CA LEU W 157 6.33 -59.06 -41.05
C LEU W 157 7.69 -58.82 -41.68
N CYS W 158 8.78 -59.04 -40.93
CA CYS W 158 10.12 -58.80 -41.43
C CYS W 158 10.77 -60.10 -41.87
N ASP W 159 11.66 -60.00 -42.86
CA ASP W 159 12.43 -61.14 -43.33
C ASP W 159 13.74 -61.31 -42.57
N GLY W 160 14.09 -60.37 -41.69
CA GLY W 160 15.26 -60.46 -40.86
C GLY W 160 15.00 -59.90 -39.48
N LEU W 161 16.05 -59.78 -38.67
CA LEU W 161 15.90 -59.22 -37.32
C LEU W 161 17.27 -58.96 -36.73
N VAL W 162 17.42 -57.80 -36.10
CA VAL W 162 18.64 -57.44 -35.40
C VAL W 162 18.27 -57.10 -33.96
N ILE W 163 19.00 -57.67 -33.01
CA ILE W 163 18.74 -57.46 -31.59
C ILE W 163 19.67 -56.34 -31.11
N PRO W 164 19.17 -55.15 -30.82
CA PRO W 164 20.06 -54.08 -30.38
C PRO W 164 20.68 -54.40 -29.03
N GLY W 165 21.89 -53.87 -28.82
CA GLY W 165 22.66 -54.19 -27.64
C GLY W 165 22.25 -53.42 -26.41
N GLY W 166 21.01 -53.61 -25.97
CA GLY W 166 20.57 -53.02 -24.73
C GLY W 166 20.87 -53.92 -23.55
N GLU W 167 19.89 -54.12 -22.67
CA GLU W 167 20.04 -55.06 -21.57
C GLU W 167 19.65 -56.46 -22.02
N SER W 168 20.30 -57.46 -21.44
CA SER W 168 19.95 -58.85 -21.70
C SER W 168 18.81 -59.32 -20.82
N THR W 169 18.80 -58.91 -19.54
CA THR W 169 17.70 -59.29 -18.67
C THR W 169 16.38 -58.70 -19.13
N THR W 170 16.40 -57.42 -19.55
CA THR W 170 15.17 -56.77 -19.99
C THR W 170 14.57 -57.49 -21.19
N VAL W 171 15.43 -57.84 -22.16
CA VAL W 171 14.93 -58.46 -23.39
C VAL W 171 14.25 -59.79 -23.07
N ARG W 172 14.88 -60.62 -22.24
CA ARG W 172 14.32 -61.93 -21.96
C ARG W 172 13.02 -61.83 -21.18
N ARG W 173 12.97 -60.94 -20.17
CA ARG W 173 11.73 -60.75 -19.44
C ARG W 173 10.62 -60.23 -20.35
N CYS W 174 10.95 -59.24 -21.19
CA CYS W 174 9.96 -58.70 -22.12
C CYS W 174 9.66 -59.66 -23.26
N CYS W 175 10.52 -60.66 -23.48
CA CYS W 175 10.27 -61.69 -24.48
C CYS W 175 9.51 -62.88 -23.90
N ALA W 176 9.14 -62.83 -22.63
CA ALA W 176 8.43 -63.92 -21.96
C ALA W 176 7.01 -63.49 -21.58
N TYR W 177 6.35 -62.77 -22.49
CA TYR W 177 5.00 -62.27 -22.25
C TYR W 177 3.96 -63.28 -22.74
N GLU W 178 2.87 -63.39 -21.99
CA GLU W 178 1.79 -64.32 -22.30
C GLU W 178 2.33 -65.72 -22.57
N GLN W 179 3.00 -66.27 -21.56
CA GLN W 179 3.55 -67.63 -21.61
C GLN W 179 4.54 -67.77 -22.77
N ASP W 180 5.56 -66.91 -22.74
CA ASP W 180 6.66 -66.96 -23.71
C ASP W 180 6.15 -66.87 -25.14
N THR W 181 5.12 -66.05 -25.37
CA THR W 181 4.57 -65.92 -26.72
C THR W 181 5.61 -65.36 -27.68
N LEU W 182 6.32 -64.30 -27.26
CA LEU W 182 7.36 -63.74 -28.13
C LEU W 182 8.61 -64.61 -28.14
N TYR W 183 9.00 -65.13 -26.98
CA TYR W 183 10.19 -65.99 -26.92
C TYR W 183 10.02 -67.21 -27.81
N ASN W 184 8.86 -67.86 -27.74
CA ASN W 184 8.60 -69.00 -28.61
C ASN W 184 8.60 -68.58 -30.08
N ALA W 185 8.04 -67.41 -30.37
CA ALA W 185 8.02 -66.92 -31.74
C ALA W 185 9.43 -66.74 -32.28
N LEU W 186 10.31 -66.12 -31.48
CA LEU W 186 11.69 -65.93 -31.92
C LEU W 186 12.44 -67.25 -32.01
N VAL W 187 12.28 -68.12 -31.01
CA VAL W 187 13.00 -69.40 -31.02
C VAL W 187 12.57 -70.22 -32.22
N HIS W 188 11.27 -70.32 -32.46
CA HIS W 188 10.78 -71.00 -33.66
C HIS W 188 11.22 -70.25 -34.91
N PHE W 189 11.24 -68.91 -34.85
CA PHE W 189 11.62 -68.11 -36.00
C PHE W 189 13.05 -68.44 -36.46
N ILE W 190 13.99 -68.49 -35.50
CA ILE W 190 15.38 -68.73 -35.87
C ILE W 190 15.61 -70.19 -36.21
N HIS W 191 15.03 -71.10 -35.43
CA HIS W 191 15.36 -72.52 -35.53
C HIS W 191 14.56 -73.27 -36.60
N VAL W 192 13.56 -72.63 -37.21
CA VAL W 192 12.78 -73.28 -38.26
C VAL W 192 12.88 -72.48 -39.55
N LEU W 193 12.40 -71.24 -39.53
CA LEU W 193 12.46 -70.40 -40.72
C LEU W 193 13.90 -70.09 -41.10
N LYS W 194 14.83 -70.12 -40.16
CA LYS W 194 16.26 -69.95 -40.44
C LYS W 194 16.51 -68.66 -41.21
N LYS W 195 15.80 -67.61 -40.83
CA LYS W 195 15.97 -66.32 -41.47
C LYS W 195 17.16 -65.58 -40.86
N PRO W 196 17.74 -64.63 -41.60
CA PRO W 196 18.90 -63.90 -41.07
C PRO W 196 18.56 -63.19 -39.77
N ILE W 197 19.48 -63.30 -38.81
CA ILE W 197 19.34 -62.63 -37.53
C ILE W 197 20.70 -62.09 -37.11
N TRP W 198 20.70 -60.98 -36.38
CA TRP W 198 21.92 -60.33 -35.93
C TRP W 198 21.78 -59.98 -34.46
N GLY W 199 22.88 -60.16 -33.71
CA GLY W 199 22.89 -59.83 -32.30
C GLY W 199 24.14 -59.09 -31.88
N THR W 200 23.98 -57.91 -31.30
CA THR W 200 25.09 -57.11 -30.81
C THR W 200 25.04 -57.02 -29.28
N CYS W 201 26.21 -56.99 -28.67
CA CYS W 201 26.31 -56.95 -27.22
C CYS W 201 25.38 -57.99 -26.59
N ALA W 202 24.28 -57.55 -25.99
CA ALA W 202 23.33 -58.50 -25.42
C ALA W 202 22.80 -59.46 -26.47
N GLY W 203 22.77 -59.04 -27.73
CA GLY W 203 22.31 -59.92 -28.79
C GLY W 203 23.12 -61.20 -28.86
N CYS W 204 24.44 -61.09 -28.71
CA CYS W 204 25.28 -62.28 -28.68
C CYS W 204 24.96 -63.15 -27.48
N ILE W 205 24.70 -62.54 -26.33
CA ILE W 205 24.37 -63.29 -25.13
C ILE W 205 23.11 -64.12 -25.37
N LEU W 206 22.10 -63.53 -26.01
CA LEU W 206 20.87 -64.24 -26.32
C LEU W 206 21.04 -65.23 -27.46
N LEU W 207 22.04 -65.04 -28.32
CA LEU W 207 22.27 -65.92 -29.46
C LEU W 207 23.23 -67.06 -29.15
N SER W 208 23.76 -67.13 -27.95
CA SER W 208 24.69 -68.19 -27.55
C SER W 208 23.94 -69.30 -26.83
N LYS W 209 24.31 -70.55 -27.14
CA LYS W 209 23.61 -71.68 -26.52
C LYS W 209 23.89 -71.78 -25.03
N ASN W 210 25.10 -71.41 -24.59
CA ASN W 210 25.50 -71.55 -23.20
C ASN W 210 26.06 -70.22 -22.70
N VAL W 211 25.54 -69.77 -21.56
CA VAL W 211 26.04 -68.57 -20.90
C VAL W 211 26.13 -68.87 -19.40
N GLU W 212 27.24 -68.49 -18.78
CA GLU W 212 27.50 -68.78 -17.38
C GLU W 212 27.81 -67.48 -16.64
N ASN W 213 28.29 -67.61 -15.40
CA ASN W 213 28.50 -66.49 -14.49
C ASN W 213 27.16 -65.89 -14.03
N ILE W 214 26.12 -66.71 -14.02
CA ILE W 214 24.80 -66.30 -13.53
C ILE W 214 24.68 -66.86 -12.12
N LYS W 215 25.03 -66.03 -11.13
CA LYS W 215 25.05 -66.49 -9.75
C LYS W 215 23.66 -66.91 -9.27
N LEU W 216 22.63 -66.15 -9.64
CA LEU W 216 21.28 -66.49 -9.25
C LEU W 216 20.84 -67.77 -9.97
N TYR W 217 20.29 -68.72 -9.21
CA TYR W 217 19.90 -70.01 -9.75
C TYR W 217 18.49 -69.90 -10.36
N SER W 218 18.44 -69.32 -11.54
CA SER W 218 17.17 -69.17 -12.24
C SER W 218 16.70 -70.51 -12.79
N ASN W 219 15.39 -70.71 -12.79
CA ASN W 219 14.81 -71.91 -13.40
C ASN W 219 14.89 -71.90 -14.92
N PHE W 220 15.31 -70.78 -15.51
CA PHE W 220 15.40 -70.71 -16.97
C PHE W 220 16.39 -71.74 -17.50
N GLY W 221 17.53 -71.88 -16.84
CA GLY W 221 18.53 -72.82 -17.32
C GLY W 221 19.04 -72.42 -18.69
N ASN W 222 19.03 -73.38 -19.62
CA ASN W 222 19.56 -73.16 -20.96
C ASN W 222 18.56 -72.51 -21.90
N LYS W 223 17.30 -72.35 -21.49
CA LYS W 223 16.32 -71.70 -22.34
C LYS W 223 16.30 -70.19 -22.18
N PHE W 224 17.15 -69.63 -21.31
CA PHE W 224 17.25 -68.18 -21.19
C PHE W 224 17.74 -67.57 -22.49
N SER W 225 18.72 -68.20 -23.13
CA SER W 225 19.26 -67.70 -24.39
C SER W 225 18.51 -68.32 -25.57
N PHE W 226 18.31 -67.51 -26.61
CA PHE W 226 17.63 -68.02 -27.80
C PHE W 226 18.42 -69.15 -28.44
N GLY W 227 19.74 -69.01 -28.51
CA GLY W 227 20.58 -69.99 -29.16
C GLY W 227 20.79 -69.67 -30.63
N GLY W 228 21.61 -70.50 -31.26
CA GLY W 228 21.92 -70.33 -32.67
C GLY W 228 23.41 -70.33 -32.96
N LEU W 229 24.19 -69.79 -32.03
CA LEU W 229 25.64 -69.74 -32.14
C LEU W 229 26.24 -70.70 -31.12
N ASP W 230 27.06 -71.64 -31.59
CA ASP W 230 27.66 -72.65 -30.72
C ASP W 230 28.90 -72.04 -30.07
N ILE W 231 28.66 -71.27 -29.01
CA ILE W 231 29.71 -70.56 -28.30
C ILE W 231 29.28 -70.36 -26.86
N THR W 232 30.26 -70.20 -25.97
CA THR W 232 30.02 -69.89 -24.57
C THR W 232 30.48 -68.46 -24.31
N ILE W 233 29.63 -67.67 -23.67
CA ILE W 233 29.86 -66.24 -23.51
C ILE W 233 29.80 -65.87 -22.03
N CYS W 234 30.70 -64.96 -21.63
CA CYS W 234 30.71 -64.40 -20.29
C CYS W 234 30.50 -62.89 -20.41
N ARG W 235 29.37 -62.41 -19.89
CA ARG W 235 29.06 -60.99 -20.01
C ARG W 235 30.04 -60.13 -19.21
N ASN W 236 30.41 -60.58 -18.01
CA ASN W 236 31.32 -59.82 -17.16
C ASN W 236 32.76 -60.29 -17.33
N ASP W 243 36.07 -50.96 -18.43
CA ASP W 243 35.09 -51.87 -19.04
C ASP W 243 34.79 -51.46 -20.47
N SER W 244 35.16 -50.24 -20.85
CA SER W 244 34.91 -49.72 -22.18
C SER W 244 36.21 -49.22 -22.79
N PHE W 245 36.32 -49.36 -24.11
CA PHE W 245 37.49 -48.94 -24.85
C PHE W 245 37.17 -49.02 -26.34
N ILE W 246 38.17 -48.73 -27.16
CA ILE W 246 38.05 -48.78 -28.62
C ILE W 246 39.11 -49.72 -29.15
N CYS W 247 38.71 -50.66 -30.01
CA CYS W 247 39.61 -51.66 -30.57
C CYS W 247 39.52 -51.63 -32.08
N SER W 248 40.69 -51.60 -32.74
CA SER W 248 40.72 -51.70 -34.20
C SER W 248 40.30 -53.09 -34.64
N LEU W 249 39.44 -53.16 -35.64
CA LEU W 249 38.88 -54.43 -36.10
C LEU W 249 39.80 -55.03 -37.15
N ASN W 250 40.57 -56.05 -36.76
CA ASN W 250 41.40 -56.80 -37.69
C ASN W 250 40.58 -57.97 -38.26
N ILE W 251 39.60 -57.61 -39.09
CA ILE W 251 38.68 -58.60 -39.62
C ILE W 251 39.46 -59.64 -40.42
N ILE W 252 39.17 -60.90 -40.17
CA ILE W 252 39.82 -62.00 -40.88
C ILE W 252 38.98 -62.40 -42.09
N ALA W 264 35.57 -50.05 -33.54
CA ALA W 264 34.59 -50.77 -32.76
C ALA W 264 34.58 -50.26 -31.32
N ALA W 265 33.47 -49.64 -30.91
CA ALA W 265 33.34 -49.09 -29.57
C ALA W 265 32.76 -50.18 -28.67
N CYS W 266 33.63 -50.88 -27.95
CA CYS W 266 33.23 -51.97 -27.08
C CYS W 266 32.75 -51.39 -25.76
N ILE W 267 31.45 -51.13 -25.68
CA ILE W 267 30.84 -50.60 -24.45
C ILE W 267 30.38 -51.81 -23.66
N ARG W 268 31.25 -52.29 -22.77
CA ARG W 268 30.95 -53.44 -21.93
C ARG W 268 30.69 -54.68 -22.79
N ALA W 269 31.62 -54.94 -23.71
CA ALA W 269 31.46 -56.04 -24.65
C ALA W 269 31.63 -57.37 -23.93
N PRO W 270 30.71 -58.32 -24.11
CA PRO W 270 30.89 -59.63 -23.48
C PRO W 270 32.10 -60.36 -24.05
N TYR W 271 32.69 -61.21 -23.23
CA TYR W 271 33.88 -61.98 -23.61
C TYR W 271 33.48 -63.41 -23.89
N ILE W 272 33.90 -63.92 -25.05
CA ILE W 272 33.61 -65.29 -25.45
C ILE W 272 34.65 -66.21 -24.82
N ARG W 273 34.19 -67.23 -24.09
CA ARG W 273 35.08 -68.14 -23.39
C ARG W 273 35.36 -69.40 -24.22
N GLU W 274 34.32 -70.08 -24.68
CA GLU W 274 34.44 -71.33 -25.41
C GLU W 274 33.74 -71.23 -26.75
N ILE W 275 34.09 -72.13 -27.66
CA ILE W 275 33.49 -72.19 -28.98
C ILE W 275 32.77 -73.52 -29.16
N LYS W 281 32.45 -70.23 -38.25
CA LYS W 281 33.61 -69.48 -38.74
C LYS W 281 33.62 -68.07 -38.14
N VAL W 282 34.81 -67.62 -37.75
CA VAL W 282 34.97 -66.30 -37.14
C VAL W 282 35.08 -65.26 -38.25
N LEU W 283 34.05 -64.42 -38.38
CA LEU W 283 34.07 -63.40 -39.42
C LEU W 283 35.15 -62.34 -39.15
N ALA W 284 35.28 -61.91 -37.90
CA ALA W 284 36.21 -60.85 -37.55
C ALA W 284 36.86 -61.14 -36.21
N THR W 285 38.01 -60.52 -36.00
CA THR W 285 38.75 -60.66 -34.75
C THR W 285 39.58 -59.40 -34.53
N PHE W 286 39.95 -59.16 -33.27
CA PHE W 286 40.79 -58.03 -32.91
C PHE W 286 41.80 -58.44 -31.86
N ILE W 296 38.43 -62.57 -30.54
CA ILE W 296 37.32 -62.67 -31.48
C ILE W 296 36.52 -61.37 -31.48
N ALA W 297 36.01 -60.98 -32.65
CA ALA W 297 35.21 -59.77 -32.79
C ALA W 297 33.82 -60.04 -33.33
N ALA W 298 33.71 -60.73 -34.46
CA ALA W 298 32.43 -61.07 -35.05
C ALA W 298 32.42 -62.55 -35.43
N VAL W 299 31.29 -63.20 -35.18
CA VAL W 299 31.12 -64.62 -35.46
C VAL W 299 29.83 -64.79 -36.25
N GLU W 300 29.90 -65.51 -37.36
CA GLU W 300 28.75 -65.78 -38.20
C GLU W 300 28.60 -67.29 -38.38
N GLN W 301 27.39 -67.79 -38.16
CA GLN W 301 27.08 -69.21 -38.34
C GLN W 301 25.73 -69.32 -39.03
N ASN W 302 25.74 -69.77 -40.29
CA ASN W 302 24.52 -69.96 -41.08
C ASN W 302 23.82 -68.61 -41.17
N ASN W 303 22.62 -68.46 -40.61
CA ASN W 303 21.87 -67.20 -40.70
C ASN W 303 22.11 -66.28 -39.51
N CYS W 304 22.96 -66.67 -38.56
CA CYS W 304 23.14 -65.93 -37.32
C CYS W 304 24.47 -65.17 -37.35
N LEU W 305 24.41 -63.89 -37.01
CA LEU W 305 25.59 -63.04 -36.92
C LEU W 305 25.69 -62.48 -35.50
N GLY W 306 26.90 -62.48 -34.95
CA GLY W 306 27.11 -62.00 -33.60
C GLY W 306 28.33 -61.12 -33.46
N THR W 307 28.15 -59.92 -32.92
CA THR W 307 29.22 -58.95 -32.75
C THR W 307 29.22 -58.47 -31.29
N VAL W 308 30.32 -58.71 -30.58
CA VAL W 308 30.43 -58.26 -29.20
C VAL W 308 30.59 -56.76 -29.07
N PHE W 309 30.81 -56.07 -30.19
CA PHE W 309 30.98 -54.62 -30.20
C PHE W 309 29.70 -53.96 -30.71
N ASN W 310 29.75 -52.63 -30.84
CA ASN W 310 28.59 -51.82 -31.19
C ASN W 310 28.90 -51.02 -32.46
N PRO W 311 28.67 -51.59 -33.64
CA PRO W 311 28.92 -50.84 -34.87
C PRO W 311 28.13 -49.54 -34.96
N GLU W 312 26.90 -49.53 -34.45
CA GLU W 312 26.03 -48.36 -34.59
C GLU W 312 26.51 -47.16 -33.79
N LEU W 313 27.50 -47.33 -32.92
CA LEU W 313 28.05 -46.21 -32.16
C LEU W 313 29.15 -45.46 -32.90
N LEU W 314 29.51 -45.90 -34.11
CA LEU W 314 30.55 -45.26 -34.90
C LEU W 314 29.97 -44.75 -36.22
N PRO W 315 30.54 -43.70 -36.81
CA PRO W 315 29.96 -43.14 -38.04
C PRO W 315 29.85 -44.15 -39.17
N HIS W 316 30.84 -45.00 -39.36
CA HIS W 316 30.84 -45.91 -40.49
C HIS W 316 29.71 -46.93 -40.35
N THR W 317 29.03 -47.20 -41.46
CA THR W 317 27.89 -48.11 -41.49
C THR W 317 28.18 -49.34 -42.34
N ALA W 318 29.45 -49.75 -42.39
CA ALA W 318 29.82 -50.91 -43.20
C ALA W 318 29.13 -52.18 -42.72
N PHE W 319 29.09 -52.39 -41.40
CA PHE W 319 28.52 -53.61 -40.86
C PHE W 319 27.01 -53.69 -41.09
N GLN W 320 26.31 -52.56 -41.02
CA GLN W 320 24.88 -52.57 -41.29
C GLN W 320 24.62 -53.01 -42.73
N GLN W 321 25.44 -52.55 -43.67
CA GLN W 321 25.31 -53.02 -45.04
C GLN W 321 25.66 -54.50 -45.13
N TYR W 322 26.58 -54.98 -44.31
CA TYR W 322 26.99 -56.38 -44.36
C TYR W 322 25.82 -57.29 -44.03
N PHE W 323 25.05 -56.95 -43.00
CA PHE W 323 23.87 -57.75 -42.68
C PHE W 323 22.80 -57.59 -43.75
N TYR W 324 22.66 -56.40 -44.33
CA TYR W 324 21.73 -56.21 -45.42
C TYR W 324 22.10 -57.10 -46.60
N GLU W 325 23.39 -57.18 -46.92
CA GLU W 325 23.85 -58.10 -47.95
C GLU W 325 23.54 -59.55 -47.56
N LYS W 326 23.71 -59.88 -46.29
CA LYS W 326 23.37 -61.22 -45.82
C LYS W 326 21.89 -61.50 -46.01
N VAL W 327 21.04 -60.52 -45.68
CA VAL W 327 19.61 -60.69 -45.85
C VAL W 327 19.26 -60.85 -47.33
N LYS W 328 19.86 -60.02 -48.18
CA LYS W 328 19.60 -60.14 -49.62
C LYS W 328 20.04 -61.49 -50.16
N ASN W 329 21.20 -61.97 -49.71
CA ASN W 329 21.68 -63.27 -50.18
C ASN W 329 20.73 -64.38 -49.77
N TYR W 330 20.24 -64.34 -48.52
CA TYR W 330 19.27 -65.34 -48.08
C TYR W 330 17.99 -65.26 -48.90
N LYS W 331 17.52 -64.05 -49.17
CA LYS W 331 16.30 -63.84 -49.94
C LYS W 331 16.42 -64.51 -51.31
N ILE X 118 -57.35 -37.33 -34.04
CA ILE X 118 -56.01 -37.24 -34.63
C ILE X 118 -55.04 -36.70 -33.60
N THR X 119 -54.78 -37.51 -32.56
CA THR X 119 -53.88 -37.11 -31.48
C THR X 119 -53.03 -38.31 -31.09
N ILE X 120 -51.74 -38.26 -31.42
CA ILE X 120 -50.79 -39.32 -31.09
C ILE X 120 -49.89 -38.83 -29.97
N GLY X 121 -49.51 -39.75 -29.08
CA GLY X 121 -48.67 -39.41 -27.96
C GLY X 121 -47.34 -40.14 -27.96
N VAL X 122 -46.36 -39.58 -27.25
CA VAL X 122 -45.03 -40.16 -27.13
C VAL X 122 -44.73 -40.35 -25.66
N LEU X 123 -44.42 -41.59 -25.26
CA LEU X 123 -44.08 -41.84 -23.87
C LEU X 123 -42.83 -41.06 -23.50
N SER X 124 -42.88 -40.36 -22.36
CA SER X 124 -41.84 -39.42 -21.97
C SER X 124 -41.29 -39.73 -20.59
N LEU X 125 -41.26 -41.00 -20.21
CA LEU X 125 -40.58 -41.44 -18.99
C LEU X 125 -39.17 -41.93 -19.27
N GLN X 126 -38.70 -41.79 -20.50
CA GLN X 126 -37.41 -42.31 -20.92
C GLN X 126 -36.75 -41.27 -21.83
N GLY X 127 -35.71 -41.68 -22.54
CA GLY X 127 -35.03 -40.82 -23.47
C GLY X 127 -35.49 -41.07 -24.91
N ASP X 128 -35.11 -40.14 -25.79
CA ASP X 128 -35.39 -40.18 -27.22
C ASP X 128 -36.82 -39.80 -27.55
N PHE X 129 -37.59 -39.26 -26.60
CA PHE X 129 -38.95 -38.82 -26.94
C PHE X 129 -38.93 -37.54 -27.75
N GLU X 130 -37.98 -36.64 -27.46
CA GLU X 130 -37.93 -35.37 -28.18
C GLU X 130 -37.71 -35.56 -29.67
N PRO X 131 -36.72 -36.34 -30.13
CA PRO X 131 -36.61 -36.57 -31.58
C PRO X 131 -37.86 -37.15 -32.20
N HIS X 132 -38.55 -38.05 -31.49
CA HIS X 132 -39.79 -38.62 -32.02
C HIS X 132 -40.86 -37.55 -32.18
N ILE X 133 -41.01 -36.68 -31.17
CA ILE X 133 -41.99 -35.62 -31.25
C ILE X 133 -41.61 -34.63 -32.35
N ASN X 134 -40.33 -34.26 -32.42
CA ASN X 134 -39.91 -33.26 -33.39
C ASN X 134 -40.18 -33.72 -34.82
N HIS X 135 -39.82 -34.95 -35.15
CA HIS X 135 -40.00 -35.45 -36.51
C HIS X 135 -41.46 -35.70 -36.85
N PHE X 136 -42.29 -36.00 -35.85
CA PHE X 136 -43.73 -36.05 -36.11
C PHE X 136 -44.26 -34.67 -36.47
N ILE X 137 -43.76 -33.63 -35.79
CA ILE X 137 -44.22 -32.27 -36.06
C ILE X 137 -43.72 -31.79 -37.41
N LYS X 138 -42.48 -32.15 -37.77
CA LYS X 138 -41.92 -31.70 -39.05
C LYS X 138 -42.80 -32.05 -40.24
N LEU X 139 -43.74 -32.99 -40.07
CA LEU X 139 -44.66 -33.31 -41.15
C LEU X 139 -45.60 -32.16 -41.47
N GLN X 140 -45.81 -31.24 -40.52
CA GLN X 140 -46.57 -30.00 -40.74
C GLN X 140 -47.99 -30.31 -41.23
N ILE X 141 -48.76 -30.93 -40.33
CA ILE X 141 -50.19 -31.13 -40.52
C ILE X 141 -50.91 -30.45 -39.36
N PRO X 142 -51.79 -29.47 -39.62
CA PRO X 142 -52.48 -28.80 -38.49
C PRO X 142 -53.32 -29.74 -37.65
N SER X 143 -53.94 -30.74 -38.26
CA SER X 143 -54.81 -31.65 -37.51
C SER X 143 -54.04 -32.57 -36.59
N LEU X 144 -52.76 -32.80 -36.86
CA LEU X 144 -51.95 -33.73 -36.06
C LEU X 144 -51.33 -32.97 -34.89
N ASN X 145 -51.60 -33.46 -33.68
CA ASN X 145 -51.07 -32.86 -32.46
C ASN X 145 -50.37 -33.95 -31.65
N ILE X 146 -49.26 -33.58 -31.01
CA ILE X 146 -48.43 -34.52 -30.26
C ILE X 146 -48.29 -34.01 -28.84
N ILE X 147 -48.49 -34.90 -27.86
CA ILE X 147 -48.37 -34.57 -26.45
C ILE X 147 -47.54 -35.65 -25.77
N GLN X 148 -46.90 -35.27 -24.67
CA GLN X 148 -46.13 -36.22 -23.88
C GLN X 148 -47.07 -37.14 -23.11
N VAL X 149 -46.60 -38.35 -22.84
CA VAL X 149 -47.37 -39.36 -22.12
C VAL X 149 -46.51 -39.88 -20.98
N ARG X 150 -46.92 -39.59 -19.75
CA ARG X 150 -46.24 -40.10 -18.56
C ARG X 150 -47.19 -40.65 -17.51
N ASN X 151 -48.50 -40.50 -17.68
CA ASN X 151 -49.48 -40.92 -16.70
C ASN X 151 -50.69 -41.47 -17.41
N VAL X 152 -51.61 -42.06 -16.63
CA VAL X 152 -52.80 -42.66 -17.21
C VAL X 152 -53.65 -41.59 -17.91
N HIS X 153 -53.67 -40.38 -17.35
CA HIS X 153 -54.45 -39.31 -17.96
C HIS X 153 -54.01 -39.08 -19.40
N ASP X 154 -52.71 -38.94 -19.63
CA ASP X 154 -52.22 -38.72 -20.99
C ASP X 154 -52.48 -39.94 -21.87
N LEU X 155 -52.43 -41.14 -21.30
CA LEU X 155 -52.69 -42.34 -22.08
C LEU X 155 -54.11 -42.33 -22.64
N GLY X 156 -55.08 -41.90 -21.84
CA GLY X 156 -56.45 -41.83 -22.28
C GLY X 156 -56.79 -40.64 -23.15
N LEU X 157 -55.84 -39.72 -23.36
CA LEU X 157 -56.07 -38.55 -24.20
C LEU X 157 -55.71 -38.80 -25.65
N CYS X 158 -54.70 -39.62 -25.92
CA CYS X 158 -54.24 -39.87 -27.27
C CYS X 158 -54.92 -41.11 -27.86
N ASP X 159 -55.11 -41.08 -29.18
CA ASP X 159 -55.64 -42.23 -29.90
C ASP X 159 -54.54 -43.19 -30.35
N GLY X 160 -53.28 -42.82 -30.16
CA GLY X 160 -52.17 -43.70 -30.48
C GLY X 160 -51.06 -43.56 -29.46
N LEU X 161 -49.91 -44.17 -29.71
CA LEU X 161 -48.78 -44.07 -28.78
C LEU X 161 -47.54 -44.64 -29.45
N VAL X 162 -46.41 -43.95 -29.29
CA VAL X 162 -45.12 -44.41 -29.77
C VAL X 162 -44.17 -44.44 -28.58
N ILE X 163 -43.46 -45.56 -28.41
CA ILE X 163 -42.53 -45.73 -27.29
C ILE X 163 -41.14 -45.37 -27.80
N PRO X 164 -40.55 -44.26 -27.36
CA PRO X 164 -39.23 -43.90 -27.84
C PRO X 164 -38.17 -44.90 -27.40
N GLY X 165 -37.13 -45.02 -28.21
CA GLY X 165 -36.09 -46.00 -27.95
C GLY X 165 -35.13 -45.58 -26.86
N GLY X 166 -35.64 -45.34 -25.66
CA GLY X 166 -34.77 -45.06 -24.54
C GLY X 166 -34.26 -46.34 -23.92
N GLU X 167 -34.15 -46.38 -22.60
CA GLU X 167 -33.80 -47.61 -21.92
C GLU X 167 -35.03 -48.49 -21.75
N SER X 168 -34.81 -49.81 -21.80
CA SER X 168 -35.90 -50.75 -21.57
C SER X 168 -36.18 -50.93 -20.09
N THR X 169 -35.12 -51.00 -19.26
CA THR X 169 -35.32 -51.12 -17.82
C THR X 169 -36.02 -49.89 -17.26
N THR X 170 -35.62 -48.70 -17.70
CA THR X 170 -36.22 -47.48 -17.17
C THR X 170 -37.69 -47.41 -17.53
N VAL X 171 -38.04 -47.73 -18.78
CA VAL X 171 -39.43 -47.61 -19.21
C VAL X 171 -40.32 -48.55 -18.42
N ARG X 172 -39.91 -49.82 -18.29
CA ARG X 172 -40.74 -50.79 -17.60
C ARG X 172 -40.89 -50.44 -16.13
N ARG X 173 -39.79 -50.05 -15.47
CA ARG X 173 -39.89 -49.65 -14.08
C ARG X 173 -40.83 -48.46 -13.91
N CYS X 174 -40.59 -47.39 -14.68
CA CYS X 174 -41.41 -46.19 -14.57
C CYS X 174 -42.86 -46.44 -14.94
N CYS X 175 -43.14 -47.53 -15.66
CA CYS X 175 -44.51 -47.96 -15.93
C CYS X 175 -45.09 -48.79 -14.79
N ALA X 176 -44.31 -49.04 -13.74
CA ALA X 176 -44.74 -49.85 -12.60
C ALA X 176 -44.95 -48.98 -11.35
N TYR X 177 -45.52 -47.80 -11.52
CA TYR X 177 -45.75 -46.89 -10.42
C TYR X 177 -47.14 -47.11 -9.82
N GLU X 178 -47.23 -46.99 -8.50
CA GLU X 178 -48.47 -47.18 -7.76
C GLU X 178 -49.15 -48.49 -8.16
N GLN X 179 -48.41 -49.58 -7.95
CA GLN X 179 -48.91 -50.93 -8.23
C GLN X 179 -49.28 -51.09 -9.71
N ASP X 180 -48.28 -50.84 -10.55
CA ASP X 180 -48.42 -51.06 -12.00
C ASP X 180 -49.58 -50.26 -12.57
N THR X 181 -49.80 -49.06 -12.04
CA THR X 181 -50.91 -48.24 -12.53
C THR X 181 -50.73 -47.89 -14.00
N LEU X 182 -49.53 -47.45 -14.39
CA LEU X 182 -49.29 -47.14 -15.79
C LEU X 182 -49.14 -48.41 -16.61
N TYR X 183 -48.44 -49.41 -16.08
CA TYR X 183 -48.28 -50.67 -16.81
C TYR X 183 -49.63 -51.31 -17.08
N ASN X 184 -50.50 -51.33 -16.08
CA ASN X 184 -51.84 -51.88 -16.29
C ASN X 184 -52.62 -51.08 -17.31
N ALA X 185 -52.44 -49.76 -17.31
CA ALA X 185 -53.12 -48.92 -18.29
C ALA X 185 -52.66 -49.24 -19.71
N LEU X 186 -51.34 -49.41 -19.89
CA LEU X 186 -50.82 -49.69 -21.22
C LEU X 186 -51.21 -51.08 -21.71
N VAL X 187 -51.03 -52.10 -20.86
CA VAL X 187 -51.34 -53.47 -21.28
C VAL X 187 -52.83 -53.58 -21.64
N HIS X 188 -53.69 -53.00 -20.81
CA HIS X 188 -55.11 -52.94 -21.13
C HIS X 188 -55.34 -52.08 -22.37
N PHE X 189 -54.58 -50.99 -22.51
CA PHE X 189 -54.74 -50.11 -23.66
C PHE X 189 -54.49 -50.84 -24.96
N ILE X 190 -53.42 -51.63 -25.02
CA ILE X 190 -53.06 -52.32 -26.25
C ILE X 190 -53.97 -53.53 -26.48
N HIS X 191 -54.23 -54.30 -25.42
CA HIS X 191 -54.89 -55.59 -25.55
C HIS X 191 -56.40 -55.52 -25.52
N VAL X 192 -56.98 -54.34 -25.29
CA VAL X 192 -58.44 -54.21 -25.29
C VAL X 192 -58.85 -53.16 -26.32
N LEU X 193 -58.41 -51.91 -26.11
CA LEU X 193 -58.76 -50.85 -27.05
C LEU X 193 -58.16 -51.10 -28.42
N LYS X 194 -57.05 -51.84 -28.49
CA LYS X 194 -56.40 -52.18 -29.75
C LYS X 194 -56.18 -50.93 -30.59
N LYS X 195 -55.57 -49.93 -29.99
CA LYS X 195 -55.25 -48.70 -30.69
C LYS X 195 -53.85 -48.77 -31.27
N PRO X 196 -53.56 -47.99 -32.31
CA PRO X 196 -52.23 -48.04 -32.93
C PRO X 196 -51.14 -47.71 -31.92
N ILE X 197 -50.10 -48.54 -31.91
CA ILE X 197 -48.95 -48.33 -31.05
C ILE X 197 -47.69 -48.61 -31.86
N TRP X 198 -46.61 -47.94 -31.48
CA TRP X 198 -45.32 -48.08 -32.17
C TRP X 198 -44.22 -48.22 -31.13
N GLY X 199 -43.25 -49.08 -31.42
CA GLY X 199 -42.11 -49.26 -30.54
C GLY X 199 -40.80 -49.34 -31.28
N THR X 200 -39.87 -48.44 -30.94
CA THR X 200 -38.56 -48.41 -31.54
C THR X 200 -37.50 -48.83 -30.52
N CYS X 201 -36.46 -49.51 -31.01
CA CYS X 201 -35.40 -50.01 -30.14
C CYS X 201 -36.00 -50.69 -28.91
N ALA X 202 -35.91 -50.05 -27.74
CA ALA X 202 -36.52 -50.63 -26.54
C ALA X 202 -38.01 -50.84 -26.72
N GLY X 203 -38.66 -50.06 -27.57
CA GLY X 203 -40.08 -50.25 -27.81
C GLY X 203 -40.40 -51.65 -28.29
N CYS X 204 -39.57 -52.17 -29.21
CA CYS X 204 -39.75 -53.54 -29.67
C CYS X 204 -39.56 -54.53 -28.52
N ILE X 205 -38.59 -54.28 -27.65
CA ILE X 205 -38.36 -55.16 -26.51
C ILE X 205 -39.61 -55.24 -25.65
N LEU X 206 -40.24 -54.08 -25.40
CA LEU X 206 -41.46 -54.05 -24.60
C LEU X 206 -42.67 -54.57 -25.35
N LEU X 207 -42.64 -54.55 -26.69
CA LEU X 207 -43.76 -55.01 -27.50
C LEU X 207 -43.66 -56.48 -27.88
N SER X 208 -42.59 -57.17 -27.47
CA SER X 208 -42.43 -58.58 -27.75
C SER X 208 -42.88 -59.41 -26.57
N LYS X 209 -43.59 -60.51 -26.85
CA LYS X 209 -44.11 -61.35 -25.78
C LYS X 209 -42.98 -62.04 -25.00
N ASN X 210 -41.93 -62.47 -25.70
CA ASN X 210 -40.84 -63.21 -25.08
C ASN X 210 -39.52 -62.51 -25.36
N VAL X 211 -38.74 -62.29 -24.31
CA VAL X 211 -37.40 -61.73 -24.43
C VAL X 211 -36.49 -62.49 -23.46
N GLU X 212 -35.29 -62.81 -23.92
CA GLU X 212 -34.35 -63.62 -23.15
C GLU X 212 -33.03 -62.88 -23.01
N ASN X 213 -32.00 -63.60 -22.55
CA ASN X 213 -30.70 -63.03 -22.23
C ASN X 213 -30.75 -62.12 -21.02
N ILE X 214 -31.71 -62.37 -20.12
CA ILE X 214 -31.84 -61.62 -18.87
C ILE X 214 -31.24 -62.53 -17.79
N LYS X 215 -29.95 -62.30 -17.50
CA LYS X 215 -29.25 -63.16 -16.55
C LYS X 215 -29.87 -63.07 -15.15
N LEU X 216 -30.22 -61.87 -14.72
CA LEU X 216 -30.84 -61.69 -13.42
C LEU X 216 -32.22 -62.34 -13.42
N TYR X 217 -32.50 -63.14 -12.38
CA TYR X 217 -33.76 -63.88 -12.29
C TYR X 217 -34.81 -62.98 -11.67
N SER X 218 -35.35 -62.09 -12.52
CA SER X 218 -36.38 -61.17 -12.06
C SER X 218 -37.72 -61.88 -11.91
N ASN X 219 -38.49 -61.47 -10.91
CA ASN X 219 -39.83 -62.02 -10.70
C ASN X 219 -40.82 -61.58 -11.76
N PHE X 220 -40.46 -60.62 -12.61
CA PHE X 220 -41.37 -60.17 -13.65
C PHE X 220 -41.73 -61.32 -14.59
N GLY X 221 -40.75 -62.12 -14.98
CA GLY X 221 -41.03 -63.20 -15.92
C GLY X 221 -41.49 -62.65 -17.25
N ASN X 222 -42.63 -63.16 -17.72
CA ASN X 222 -43.16 -62.77 -19.02
C ASN X 222 -43.98 -61.49 -18.98
N LYS X 223 -44.24 -60.93 -17.80
CA LYS X 223 -44.99 -59.69 -17.69
C LYS X 223 -44.08 -58.46 -17.73
N PHE X 224 -42.76 -58.65 -17.88
CA PHE X 224 -41.87 -57.52 -18.05
C PHE X 224 -42.20 -56.76 -19.34
N SER X 225 -42.48 -57.50 -20.41
CA SER X 225 -42.80 -56.90 -21.70
C SER X 225 -44.31 -56.70 -21.84
N PHE X 226 -44.70 -55.59 -22.46
CA PHE X 226 -46.12 -55.34 -22.68
C PHE X 226 -46.75 -56.42 -23.54
N GLY X 227 -46.05 -56.83 -24.60
CA GLY X 227 -46.58 -57.80 -25.52
C GLY X 227 -47.33 -57.15 -26.67
N GLY X 228 -47.75 -57.98 -27.61
CA GLY X 228 -48.46 -57.52 -28.78
C GLY X 228 -47.90 -58.07 -30.07
N LEU X 229 -46.58 -58.22 -30.12
CA LEU X 229 -45.89 -58.78 -31.28
C LEU X 229 -45.39 -60.18 -30.93
N ASP X 230 -45.81 -61.17 -31.71
CA ASP X 230 -45.45 -62.56 -31.46
C ASP X 230 -44.06 -62.81 -32.03
N ILE X 231 -43.06 -62.37 -31.27
CA ILE X 231 -41.66 -62.47 -31.68
C ILE X 231 -40.80 -62.63 -30.43
N THR X 232 -39.61 -63.20 -30.62
CA THR X 232 -38.62 -63.33 -29.56
C THR X 232 -37.44 -62.43 -29.90
N ILE X 233 -36.99 -61.64 -28.92
CA ILE X 233 -35.98 -60.62 -29.15
C ILE X 233 -34.80 -60.85 -28.21
N CYS X 234 -33.64 -60.37 -28.65
CA CYS X 234 -32.42 -60.41 -27.85
C CYS X 234 -31.75 -59.04 -27.97
N ARG X 235 -31.77 -58.28 -26.88
CA ARG X 235 -31.20 -56.93 -26.91
C ARG X 235 -29.71 -56.97 -27.19
N ASN X 236 -28.99 -57.90 -26.58
CA ASN X 236 -27.55 -58.01 -26.77
C ASN X 236 -27.20 -59.14 -27.75
N ASP X 243 -21.31 -52.04 -32.35
CA ASP X 243 -22.71 -52.20 -31.95
C ASP X 243 -23.62 -51.25 -32.72
N SER X 244 -23.03 -50.24 -33.36
CA SER X 244 -23.77 -49.24 -34.11
C SER X 244 -23.27 -49.19 -35.55
N PHE X 245 -24.19 -48.94 -36.47
CA PHE X 245 -23.87 -48.85 -37.89
C PHE X 245 -25.09 -48.29 -38.62
N ILE X 246 -24.97 -48.22 -39.94
CA ILE X 246 -26.05 -47.73 -40.80
C ILE X 246 -26.35 -48.81 -41.83
N CYS X 247 -27.63 -49.13 -41.99
CA CYS X 247 -28.09 -50.17 -42.91
C CYS X 247 -29.13 -49.61 -43.85
N SER X 248 -28.98 -49.90 -45.15
CA SER X 248 -29.99 -49.53 -46.12
C SER X 248 -31.25 -50.37 -45.90
N LEU X 249 -32.41 -49.71 -45.89
CA LEU X 249 -33.68 -50.39 -45.61
C LEU X 249 -34.23 -50.94 -46.91
N ASN X 250 -34.10 -52.26 -47.10
CA ASN X 250 -34.70 -52.94 -48.25
C ASN X 250 -36.12 -53.38 -47.88
N ILE X 251 -37.00 -52.38 -47.78
CA ILE X 251 -38.36 -52.62 -47.32
C ILE X 251 -39.05 -53.57 -48.28
N ILE X 252 -39.70 -54.60 -47.74
CA ILE X 252 -40.45 -55.56 -48.54
C ILE X 252 -41.90 -55.13 -48.61
N ALA X 264 -31.26 -46.09 -42.03
CA ALA X 264 -31.64 -46.51 -40.69
C ALA X 264 -30.42 -46.59 -39.79
N ALA X 265 -30.39 -45.75 -38.76
CA ALA X 265 -29.27 -45.69 -37.82
C ALA X 265 -29.58 -46.64 -36.67
N CYS X 266 -28.96 -47.82 -36.70
CA CYS X 266 -29.18 -48.85 -35.68
C CYS X 266 -28.23 -48.59 -34.52
N ILE X 267 -28.68 -47.77 -33.57
CA ILE X 267 -27.90 -47.46 -32.37
C ILE X 267 -28.22 -48.57 -31.36
N ARG X 268 -27.43 -49.63 -31.40
CA ARG X 268 -27.62 -50.78 -30.51
C ARG X 268 -28.99 -51.41 -30.73
N ALA X 269 -29.27 -51.70 -31.99
CA ALA X 269 -30.57 -52.25 -32.37
C ALA X 269 -30.69 -53.69 -31.86
N PRO X 270 -31.77 -54.04 -31.16
CA PRO X 270 -31.93 -55.43 -30.71
C PRO X 270 -32.08 -56.37 -31.89
N TYR X 271 -31.64 -57.61 -31.70
CA TYR X 271 -31.70 -58.64 -32.72
C TYR X 271 -32.88 -59.56 -32.44
N ILE X 272 -33.72 -59.75 -33.44
CA ILE X 272 -34.89 -60.64 -33.31
C ILE X 272 -34.43 -62.06 -33.60
N ARG X 273 -34.68 -62.97 -32.65
CA ARG X 273 -34.25 -64.36 -32.78
C ARG X 273 -35.33 -65.23 -33.41
N GLU X 274 -36.51 -65.27 -32.80
CA GLU X 274 -37.60 -66.14 -33.25
C GLU X 274 -38.81 -65.28 -33.62
N ILE X 275 -39.73 -65.91 -34.34
CA ILE X 275 -40.97 -65.25 -34.75
C ILE X 275 -42.16 -66.00 -34.15
N LYS X 281 -46.71 -60.11 -40.33
CA LYS X 281 -46.07 -59.83 -41.61
C LYS X 281 -44.93 -58.83 -41.44
N VAL X 282 -43.80 -59.12 -42.07
CA VAL X 282 -42.61 -58.27 -41.96
C VAL X 282 -42.80 -57.08 -42.90
N LEU X 283 -42.88 -55.88 -42.32
CA LEU X 283 -43.05 -54.68 -43.14
C LEU X 283 -41.77 -54.33 -43.88
N ALA X 284 -40.62 -54.43 -43.22
CA ALA X 284 -39.35 -54.04 -43.81
C ALA X 284 -38.27 -55.02 -43.40
N THR X 285 -37.20 -55.06 -44.20
CA THR X 285 -36.06 -55.92 -43.92
C THR X 285 -34.82 -55.30 -44.54
N PHE X 286 -33.66 -55.70 -44.02
CA PHE X 286 -32.39 -55.24 -44.54
C PHE X 286 -31.36 -56.36 -44.55
N ILE X 296 -34.96 -58.82 -41.31
CA ILE X 296 -36.15 -58.25 -40.70
C ILE X 296 -35.80 -56.91 -40.05
N ALA X 297 -36.46 -55.86 -40.52
CA ALA X 297 -36.21 -54.50 -40.04
C ALA X 297 -37.41 -53.90 -39.34
N ALA X 298 -38.58 -53.91 -39.98
CA ALA X 298 -39.81 -53.42 -39.40
C ALA X 298 -40.86 -54.52 -39.43
N VAL X 299 -41.53 -54.72 -38.29
CA VAL X 299 -42.54 -55.77 -38.14
C VAL X 299 -43.83 -55.11 -37.67
N GLU X 300 -44.92 -55.42 -38.36
CA GLU X 300 -46.24 -54.88 -38.04
C GLU X 300 -47.22 -56.02 -37.85
N GLN X 301 -47.98 -55.97 -36.75
CA GLN X 301 -49.02 -56.96 -36.47
C GLN X 301 -50.24 -56.23 -35.95
N ASN X 302 -51.30 -56.20 -36.75
CA ASN X 302 -52.54 -55.53 -36.36
C ASN X 302 -52.27 -54.05 -36.09
N ASN X 303 -52.41 -53.63 -34.83
CA ASN X 303 -52.22 -52.24 -34.45
C ASN X 303 -50.81 -51.94 -33.95
N CYS X 304 -49.94 -52.94 -33.91
CA CYS X 304 -48.61 -52.82 -33.32
C CYS X 304 -47.56 -52.74 -34.42
N LEU X 305 -46.67 -51.75 -34.31
CA LEU X 305 -45.55 -51.58 -35.22
C LEU X 305 -44.25 -51.63 -34.42
N GLY X 306 -43.26 -52.31 -34.97
CA GLY X 306 -41.97 -52.44 -34.29
C GLY X 306 -40.79 -52.27 -35.22
N THR X 307 -39.89 -51.35 -34.86
CA THR X 307 -38.70 -51.05 -35.68
C THR X 307 -37.48 -51.13 -34.78
N VAL X 308 -36.57 -52.07 -35.08
CA VAL X 308 -35.33 -52.18 -34.32
C VAL X 308 -34.39 -51.02 -34.55
N PHE X 309 -34.66 -50.17 -35.54
CA PHE X 309 -33.81 -49.04 -35.87
C PHE X 309 -34.42 -47.76 -35.27
N ASN X 310 -33.77 -46.62 -35.57
CA ASN X 310 -34.16 -45.32 -35.03
C ASN X 310 -34.41 -44.36 -36.19
N PRO X 311 -35.61 -44.38 -36.78
CA PRO X 311 -35.87 -43.44 -37.89
C PRO X 311 -35.70 -41.98 -37.51
N GLU X 312 -36.02 -41.62 -36.26
CA GLU X 312 -35.96 -40.23 -35.85
C GLU X 312 -34.54 -39.68 -35.82
N LEU X 313 -33.53 -40.53 -35.93
CA LEU X 313 -32.15 -40.08 -35.98
C LEU X 313 -31.69 -39.69 -37.38
N LEU X 314 -32.56 -39.82 -38.38
CA LEU X 314 -32.24 -39.47 -39.75
C LEU X 314 -33.17 -38.37 -40.25
N PRO X 315 -32.72 -37.55 -41.21
CA PRO X 315 -33.57 -36.43 -41.66
C PRO X 315 -34.93 -36.86 -42.17
N HIS X 316 -35.00 -37.96 -42.92
CA HIS X 316 -36.26 -38.35 -43.54
C HIS X 316 -37.27 -38.77 -42.47
N THR X 317 -38.52 -38.34 -42.66
CA THR X 317 -39.61 -38.62 -41.73
C THR X 317 -40.67 -39.51 -42.37
N ALA X 318 -40.25 -40.40 -43.27
CA ALA X 318 -41.21 -41.25 -43.97
C ALA X 318 -41.95 -42.16 -43.00
N PHE X 319 -41.24 -42.74 -42.03
CA PHE X 319 -41.87 -43.68 -41.11
C PHE X 319 -42.79 -42.97 -40.11
N GLN X 320 -42.48 -41.72 -39.76
CA GLN X 320 -43.39 -40.96 -38.91
C GLN X 320 -44.72 -40.77 -39.60
N GLN X 321 -44.69 -40.49 -40.91
CA GLN X 321 -45.92 -40.42 -41.69
C GLN X 321 -46.59 -41.79 -41.74
N TYR X 322 -45.80 -42.86 -41.84
CA TYR X 322 -46.38 -44.19 -42.00
C TYR X 322 -47.22 -44.56 -40.79
N PHE X 323 -46.73 -44.27 -39.58
CA PHE X 323 -47.54 -44.52 -38.39
C PHE X 323 -48.74 -43.59 -38.32
N TYR X 324 -48.57 -42.33 -38.75
CA TYR X 324 -49.71 -41.41 -38.81
C TYR X 324 -50.78 -41.93 -39.75
N GLU X 325 -50.38 -42.44 -40.92
CA GLU X 325 -51.33 -43.08 -41.82
C GLU X 325 -51.99 -44.28 -41.15
N LYS X 326 -51.20 -45.06 -40.41
CA LYS X 326 -51.76 -46.19 -39.67
C LYS X 326 -52.79 -45.71 -38.65
N VAL X 327 -52.48 -44.62 -37.94
CA VAL X 327 -53.42 -44.07 -36.97
C VAL X 327 -54.68 -43.56 -37.66
N LYS X 328 -54.51 -42.87 -38.78
CA LYS X 328 -55.68 -42.37 -39.51
C LYS X 328 -56.54 -43.52 -40.02
N ASN X 329 -55.91 -44.58 -40.53
CA ASN X 329 -56.67 -45.72 -41.03
C ASN X 329 -57.46 -46.38 -39.92
N TYR X 330 -56.86 -46.55 -38.75
CA TYR X 330 -57.58 -47.11 -37.62
C TYR X 330 -58.75 -46.23 -37.21
N LYS X 331 -58.53 -44.92 -37.18
CA LYS X 331 -59.56 -43.96 -36.80
C LYS X 331 -60.78 -44.13 -37.68
#